data_6E11
#
_entry.id   6E11
#
loop_
_entity.id
_entity.type
_entity.pdbx_description
1 polymer 'Unknown (Claw)'
2 polymer 'Heat shock protein 101'
3 polymer 'Exported protein 2'
4 polymer 'Endogenous cargo polypeptide'
5 polymer 'Translocon component PTEX150'
6 non-polymer 'PHOSPHOTHIOPHOSPHORIC ACID-ADENYLATE ESTER'
#
loop_
_entity_poly.entity_id
_entity_poly.type
_entity_poly.pdbx_seq_one_letter_code
_entity_poly.pdbx_strand_id
1 'polypeptide(L)'
;(UNK)(UNK)(UNK)(UNK)(UNK)(UNK)(UNK)(UNK)(UNK)(UNK)(UNK)(UNK)(UNK)(UNK)(UNK)(UNK)
(UNK)(UNK)(UNK)(UNK)(UNK)(UNK)(UNK)(UNK)(UNK)(UNK)(UNK)(UNK)(UNK)(UNK)(UNK)(UNK)
(UNK)(UNK)(UNK)(UNK)(UNK)(UNK)(UNK)(UNK)(UNK)(UNK)(UNK)(UNK)(UNK)(UNK)(UNK)(UNK)
(UNK)(UNK)(UNK)(UNK)(UNK)(UNK)(UNK)(UNK)(UNK)(UNK)(UNK)(UNK)
;
i,j,k,n,h,l,m
2 'polypeptide(L)'
;MTRRYLKYYIFVTLLFFVQVINNVLCAPDNKQEQGKYLNRTINILNAGKNIAKSYGHNKLKPIHILSALAKSDYGSTLFK
ENNVNAANLKEYIDIALEQTRAGAPLDNKSKIVNSAEVKETLALAEAAANKYKSPKVDVEHLLSGLSNDELVNEIFNEVY
LTDEAIKAILKRKFEKTKKDKDGKTGTLYIEQFGSNMNEKVRNGKLQGIYGRDEEIRAIIESLLRYNKNSPVLVGNPGTG
KTTIVEGLVYRIEKGDVPKELQGYTVISLNFRKFTSGTSYRGEFETRMKNIIKELKNKKNKIILFVDEIHLLLGAGKAEG
GTDAANLLKPVLSKGEIKLIGATTIAEYRKFIESCSAFERRFEKILVEPPSVDMTVKILRSLKSKYENFYGINITDKALV
AAAKISDRFIKDRYLPDKAIDLLNKACSFLQVQLSGKPRIIDVTERDIERLSYEISTLEKDVDKVSKKKYNKLIKEFEEK
KEQLKKYYEEYVITGERLKRKKEIEKKLNDLKELTQNYVYSNKEPPIELQNSLKEAQQKYLELYKETVAYVEAKTHNAMN
VDAVYQEHVSYIYLRDSGMPLGSLSFESSKGALKLYNSLSKSIIGNEDIIKSLSDAVVKAATGMKDPEKPIGTFLFLGPT
GVGKTELAKTLAIELFNSKDNLIRVNMSEFTEAHSVSKITGSPPGYVGFSDSGQLTEAVREKPHSVVLFDELEKAHADVF
KVLLQILGDGYINDNHRRNIDFSNTIIIMTSNLGAELFKKKLFFDADNSGTPEYKRVMEDVRLSLIKKCKKVFKPEFVNR
IDKIGVFEPLNKKNLHKIVALRFKKLEKRLEEKNIQVSVSEKAIDYIIDQSYDPELGARPTLIFIESVIMTKFAIMYLKK
ELVDDMDVFVDYNSKAKNLVINLSKT
;
1,2,3,4,5,6
3 'polypeptide(L)'
;MKVSYIFSFFLLFFVYKNTNTVVCDNGYGDLAATSALTTVIKDPISLTIKDIYEHGVKNPFTKIIHKLKKFIRYRKVLRW
SRMWWVLLVREIVGDNTIEKKTEKALREIWDQCTIAVYNNTLNAVESKPLLFLHGILNECRNNFATKLRQDPSLIVAKID
QIIKSQIYRFWVSEPYLKIGRSHTLYTHITPDAVPQLPKECTLKHLSSYMEEKLKSMESKKNIESGKYEFDVDSSETDST
KDDGKPDDDDDDDDNFDDDDNFDDDTVEEEDASGDLFKNEKKDENKE
;
C,D,E,B,A,G,F
4 'polypeptide(L)' (UNK)(UNK)(UNK)(UNK)(UNK)(UNK) 0
5 'polypeptide(L)'
;MRIIILALLIVCTIINYYCAVQNNGNKSLNVMPTCSMPGNDSDSNDNETGDVDNDKNNELGNANDNNEMNNENAESKNMQ
GENSNNQEQLNENVHANDDAMYEGTPSSDNPPQENVDANNNEQEYGPPQEEPVSENNVENVEVATDDSGNDNINNNDNFN
NNDNYNDNDNFNEEPPSDDGNKNEDELTEGNQSDDKPMNEEEATINEMGKITNPFEDMLKGKVDDMDIGKMMNKDNLQSF
LSSLTGNKDGSGKNPLSDMMNIFGVPQTGKEGAEGGVNKENQMKQINELKDKLETMLKGAGVNVDKIKDSIKNNDLLKNK
QLLKEAISKLTLDPSMMNMLNNKDGANGKPFDINPDSMMKMFNALSNENGNLDDLKMKPTDGSFDSFNDGVDNNLVPSNP
KGQNNNEEDDEEGGDDDDYDDKSFVVNSKYADNSFEDKFNTFDEKDDDVKYELFGENEEAEELNNNTTTASSKGDANNSV
NTQEGEGEEESFSANEENINNNNNHNNKNYNNYNTSQQEEDDNSFNENDEPLISSSQFDNNKKNKMSVSTHNKKSKNLMD
SLDLESTNYGSNSSSSMSNNYNSKNKNSKKNNKKKSSQKDYIRTDGKVSFDMATLQKTIKNFGGADNEIVQNILKKYVTI
DNDDDNDADEDEDEDDDDDDDLDEDEFSVKDIKKLIEEGILDYEDLTENELRKLAKPDDNFYELSPYASDEKDLSLNETS
GLTNEQLKNFLGQNGTYHMSYDSKSIDYAKQKKSEKKEDQQEDDDGFYDAYKQIKNSYDGIPNNFNHEAPQLIGNNYVFT
SIYDTKENLIKFLKKNSEYDLYDDDDKEGGNFKSPLYDKYGGKLQKFKRQRAFNILKQWRAKEKKLKEKKKKEEMEENKE
FDFSKNYNFSSKNDGGVTMFSKDQLEDMVKNFGGKPSAHVTDSFSRKENPFVPTNTKNNSNDDDDMDNGYVTFDGKNKVS
ENDDDEKGNNNDDENDNDDSNDEEELDEEEDDN
;
d,c,b,a,g,f,e
#
loop_
_chem_comp.id
_chem_comp.type
_chem_comp.name
_chem_comp.formula
AGS non-polymer 'PHOSPHOTHIOPHOSPHORIC ACID-ADENYLATE ESTER' 'C10 H16 N5 O12 P3 S'
#
# COMPACT_ATOMS: atom_id res chain seq x y z
N UNK A 1 43.75 70.13 -32.12
CA UNK A 1 42.40 70.32 -32.67
C UNK A 1 42.35 69.82 -34.12
N UNK A 2 43.36 70.24 -34.87
CA UNK A 2 43.51 69.88 -36.28
C UNK A 2 43.55 68.35 -36.44
N UNK A 3 44.37 67.75 -35.59
CA UNK A 3 44.56 66.30 -35.55
C UNK A 3 43.22 65.60 -35.33
N UNK A 4 42.50 66.12 -34.34
CA UNK A 4 41.19 65.59 -33.96
C UNK A 4 40.23 65.63 -35.15
N UNK A 5 40.25 66.77 -35.81
CA UNK A 5 39.41 67.02 -36.98
C UNK A 5 39.71 65.98 -38.07
N UNK A 6 40.98 65.79 -38.29
CA UNK A 6 41.49 64.84 -39.29
C UNK A 6 40.97 63.43 -38.98
N UNK A 7 41.08 63.08 -37.72
CA UNK A 7 40.65 61.77 -37.20
C UNK A 7 39.16 61.56 -37.49
N UNK A 8 38.41 62.60 -37.18
CA UNK A 8 36.95 62.63 -37.38
C UNK A 8 36.62 62.37 -38.85
N UNK A 9 37.34 63.09 -39.69
CA UNK A 9 37.18 63.00 -41.15
C UNK A 9 37.41 61.55 -41.62
N UNK A 10 38.48 60.99 -41.11
CA UNK A 10 38.90 59.62 -41.41
C UNK A 10 37.78 58.65 -41.05
N UNK A 11 37.26 58.85 -39.85
CA UNK A 11 36.18 58.03 -39.30
C UNK A 11 34.95 58.08 -40.23
N UNK A 12 34.63 59.29 -40.63
CA UNK A 12 33.50 59.56 -41.53
C UNK A 12 33.66 58.80 -42.83
N UNK A 13 34.87 58.89 -43.36
CA UNK A 13 35.25 58.23 -44.62
C UNK A 13 35.03 56.72 -44.50
N UNK A 14 35.51 56.19 -43.39
CA UNK A 14 35.41 54.76 -43.07
C UNK A 14 33.94 54.33 -43.06
N UNK A 15 33.15 55.14 -42.40
CA UNK A 15 31.70 54.90 -42.26
C UNK A 15 31.05 54.84 -43.65
N UNK A 16 31.43 55.81 -44.46
CA UNK A 16 30.93 55.93 -45.84
C UNK A 16 31.24 54.66 -46.63
N UNK A 17 32.49 54.24 -46.49
CA UNK A 17 33.00 53.03 -47.16
C UNK A 17 32.16 51.82 -46.76
N UNK A 18 31.94 51.72 -45.47
CA UNK A 18 31.16 50.62 -44.88
C UNK A 18 29.75 50.59 -45.49
N UNK A 19 29.16 51.77 -45.54
CA UNK A 19 27.82 51.97 -46.10
C UNK A 19 27.76 51.47 -47.55
N UNK A 20 28.78 51.83 -48.32
CA UNK A 20 28.87 51.44 -49.72
C UNK A 20 28.99 49.92 -49.86
N UNK A 21 29.76 49.30 -48.97
CA UNK A 21 29.93 47.85 -49.00
C UNK A 21 28.61 47.14 -48.78
N UNK A 22 27.81 47.66 -47.85
CA UNK A 22 26.51 47.10 -47.55
C UNK A 22 25.57 47.19 -48.75
N UNK A 23 25.23 48.40 -49.15
CA UNK A 23 24.31 48.47 -50.29
C UNK A 23 24.82 47.62 -51.49
N UNK A 24 26.13 47.53 -51.73
CA UNK A 24 26.62 46.71 -52.85
C UNK A 24 26.25 45.21 -52.69
N UNK A 25 26.36 44.73 -51.48
CA UNK A 25 25.94 43.37 -51.15
C UNK A 25 24.42 43.23 -51.33
N UNK A 26 23.67 44.26 -50.93
CA UNK A 26 22.20 44.23 -51.00
C UNK A 26 21.65 44.09 -52.43
N UNK A 27 22.21 44.86 -53.37
CA UNK A 27 21.82 44.72 -54.76
C UNK A 27 22.34 43.39 -55.37
N UNK A 28 23.53 42.91 -54.99
CA UNK A 28 24.02 41.64 -55.55
C UNK A 28 23.10 40.44 -55.21
N UNK A 29 22.68 40.35 -53.96
CA UNK A 29 21.71 39.39 -53.47
C UNK A 29 20.41 39.46 -54.29
N UNK A 30 11.84 6.56 -82.16
CA UNK A 30 12.10 5.70 -81.01
C UNK A 30 13.56 5.27 -80.97
N UNK A 31 14.30 5.76 -79.98
CA UNK A 31 15.72 5.41 -79.83
C UNK A 31 15.95 4.15 -78.98
N UNK A 32 14.88 3.44 -78.62
CA UNK A 32 14.93 2.24 -77.78
C UNK A 32 15.65 1.00 -78.34
N UNK A 33 15.96 0.07 -77.44
CA UNK A 33 16.56 -1.19 -77.84
C UNK A 33 17.93 -1.11 -78.50
N UNK A 34 18.00 -1.61 -79.74
CA UNK A 34 19.21 -1.73 -80.55
C UNK A 34 20.14 -2.61 -79.75
N UNK A 35 19.52 -3.52 -79.02
CA UNK A 35 20.20 -4.50 -78.19
C UNK A 35 21.14 -5.34 -79.02
N UNK A 36 22.25 -5.72 -78.39
CA UNK A 36 23.32 -6.51 -78.99
C UNK A 36 23.85 -5.76 -80.21
N UNK A 37 23.77 -4.44 -80.14
CA UNK A 37 24.31 -3.59 -81.20
C UNK A 37 25.15 -2.45 -80.61
N UNK A 38 25.05 -2.28 -79.30
CA UNK A 38 25.79 -1.25 -78.58
C UNK A 38 27.30 -1.47 -78.68
N UNK A 39 27.71 -2.73 -78.63
CA UNK A 39 29.11 -3.10 -78.71
C UNK A 39 29.73 -2.66 -80.03
N UNK A 40 28.97 -2.79 -81.12
CA UNK A 40 29.44 -2.39 -82.43
C UNK A 40 29.71 -0.89 -82.46
N UNK A 41 28.85 -0.10 -81.82
CA UNK A 41 29.01 1.34 -81.77
C UNK A 41 30.31 1.70 -81.05
N UNK A 42 30.61 0.98 -79.96
CA UNK A 42 31.83 1.23 -79.21
C UNK A 42 33.02 1.11 -80.13
N UNK A 43 33.18 -0.07 -80.74
CA UNK A 43 34.24 -0.32 -81.69
C UNK A 43 34.46 0.77 -82.75
N UNK A 44 33.39 1.35 -83.29
CA UNK A 44 33.45 2.30 -84.40
C UNK A 44 34.20 3.63 -84.25
N UNK A 45 34.15 4.24 -83.09
CA UNK A 45 34.76 5.57 -82.88
C UNK A 45 36.27 5.76 -83.07
N UNK A 46 37.10 4.80 -82.66
CA UNK A 46 38.55 5.01 -82.72
C UNK A 46 38.95 5.48 -84.11
N UNK B 1 76.21 33.87 16.48
CA UNK B 1 75.84 34.54 15.21
C UNK B 1 76.45 33.79 14.03
N UNK B 2 77.73 33.50 14.18
CA UNK B 2 78.52 32.79 13.16
C UNK B 2 77.87 31.43 12.86
N UNK B 3 77.54 30.74 13.93
CA UNK B 3 76.91 29.41 13.87
C UNK B 3 75.61 29.50 13.07
N UNK B 4 74.83 30.50 13.42
CA UNK B 4 73.53 30.77 12.78
C UNK B 4 73.70 30.96 11.28
N UNK B 5 74.69 31.77 10.96
CA UNK B 5 75.04 32.09 9.57
C UNK B 5 75.37 30.82 8.80
N UNK B 6 76.19 30.00 9.44
CA UNK B 6 76.64 28.72 8.88
C UNK B 6 75.43 27.83 8.57
N UNK B 7 74.53 27.77 9.54
CA UNK B 7 73.30 26.98 9.45
C UNK B 7 72.48 27.44 8.25
N UNK B 8 72.36 28.75 8.14
CA UNK B 8 71.61 29.40 7.05
C UNK B 8 72.18 28.98 5.70
N UNK B 9 73.50 29.06 5.63
CA UNK B 9 74.27 28.71 4.43
C UNK B 9 73.97 27.27 4.02
N UNK B 10 74.03 26.41 5.02
CA UNK B 10 73.77 24.97 4.85
C UNK B 10 72.39 24.75 4.26
N UNK B 11 71.43 25.44 4.85
CA UNK B 11 70.02 25.38 4.43
C UNK B 11 69.89 25.77 2.96
N UNK B 12 70.54 26.86 2.63
CA UNK B 12 70.55 27.41 1.27
C UNK B 12 71.08 26.36 0.29
N UNK B 13 72.19 25.76 0.68
CA UNK B 13 72.86 24.72 -0.10
C UNK B 13 71.90 23.57 -0.38
N UNK B 14 71.24 23.15 0.69
CA UNK B 14 70.26 22.05 0.65
C UNK B 14 69.15 22.37 -0.36
N UNK B 15 68.66 23.58 -0.26
CA UNK B 15 67.60 24.10 -1.12
C UNK B 15 68.02 24.01 -2.59
N UNK B 16 69.24 24.47 -2.82
CA UNK B 16 69.85 24.48 -4.15
C UNK B 16 69.90 23.06 -4.72
N UNK B 17 70.35 22.15 -3.88
CA UNK B 17 70.48 20.73 -4.22
C UNK B 17 69.11 20.18 -4.64
N UNK B 18 68.12 20.50 -3.83
CA UNK B 18 66.74 20.07 -4.06
C UNK B 18 66.25 20.55 -5.43
N UNK B 19 66.53 21.82 -5.68
CA UNK B 19 66.16 22.48 -6.94
C UNK B 19 66.77 21.73 -8.12
N UNK B 20 68.04 21.39 -8.00
CA UNK B 20 68.76 20.68 -9.06
C UNK B 20 68.13 19.32 -9.34
N UNK B 21 67.74 18.63 -8.28
CA UNK B 21 67.11 17.32 -8.42
C UNK B 21 65.80 17.43 -9.20
N UNK B 22 65.02 18.46 -8.90
CA UNK B 22 63.75 18.70 -9.56
C UNK B 22 63.95 18.94 -11.06
N UNK B 23 64.91 19.82 -11.37
CA UNK B 23 65.21 20.16 -12.76
C UNK B 23 65.81 19.03 -13.61
N UNK B 24 66.77 18.31 -13.06
CA UNK B 24 67.40 17.20 -13.77
C UNK B 24 66.37 16.11 -14.02
N UNK B 25 65.54 15.87 -13.01
CA UNK B 25 64.49 14.86 -13.10
C UNK B 25 63.45 15.18 -14.17
N UNK B 26 63.07 16.45 -14.26
CA UNK B 26 62.08 16.88 -15.24
C UNK B 26 62.58 16.65 -16.67
N UNK B 27 63.86 16.93 -16.88
CA UNK B 27 64.49 16.76 -18.19
C UNK B 27 64.43 15.31 -18.65
N UNK B 28 64.65 14.38 -17.73
CA UNK B 28 64.61 12.97 -18.07
C UNK B 28 63.23 12.57 -18.57
N UNK B 29 62.19 13.09 -17.91
CA UNK B 29 60.82 12.80 -18.30
C UNK B 29 60.52 13.33 -19.70
N UNK B 30 61.03 14.52 -20.01
CA UNK B 30 60.83 15.11 -21.32
C UNK B 30 61.49 14.25 -22.39
N UNK B 31 62.69 13.74 -22.09
CA UNK B 31 63.44 12.90 -23.01
C UNK B 31 62.69 11.60 -23.31
N UNK B 32 62.12 11.01 -22.27
CA UNK B 32 61.37 9.76 -22.40
C UNK B 32 60.15 9.95 -23.30
N UNK B 33 64.94 0.96 -45.41
CA UNK B 33 63.71 0.91 -46.10
C UNK B 33 63.75 -0.02 -47.28
N UNK B 34 62.73 -0.84 -47.43
CA UNK B 34 62.69 -1.76 -48.57
C UNK B 34 61.52 -1.38 -49.47
N UNK B 35 61.81 -1.14 -50.74
CA UNK B 35 60.77 -0.77 -51.70
C UNK B 35 59.77 -1.91 -51.83
N UNK B 36 60.28 -3.13 -51.89
CA UNK B 36 59.45 -4.31 -52.00
C UNK B 36 60.05 -5.44 -51.16
N UNK B 37 59.20 -6.37 -50.72
CA UNK B 37 59.67 -7.55 -50.04
C UNK B 37 59.24 -8.72 -50.94
N UNK B 38 60.18 -9.37 -51.62
CA UNK B 38 59.82 -10.46 -52.54
C UNK B 38 60.76 -11.67 -52.65
N UNK B 39 60.83 -12.50 -51.62
CA UNK B 39 61.69 -13.69 -51.68
C UNK B 39 61.20 -14.77 -50.71
N UNK B 40 61.60 -16.01 -50.92
CA UNK B 40 61.13 -17.09 -50.05
C UNK B 40 62.09 -17.42 -48.90
N UNK B 41 61.55 -17.39 -47.68
CA UNK B 41 62.30 -17.70 -46.48
C UNK B 41 61.62 -18.90 -45.81
N UNK B 42 62.40 -19.91 -45.46
CA UNK B 42 61.82 -21.11 -44.85
C UNK B 42 62.67 -21.79 -43.78
N UNK B 43 62.02 -22.76 -43.14
CA UNK B 43 62.59 -23.67 -42.17
C UNK B 43 62.05 -25.01 -42.69
N UNK B 44 62.48 -25.36 -43.90
CA UNK B 44 62.02 -26.52 -44.64
C UNK B 44 61.44 -27.64 -43.78
N UNK B 45 62.26 -28.61 -43.45
CA UNK B 45 61.82 -29.73 -42.64
C UNK B 45 62.85 -30.05 -41.59
N UNK B 46 62.39 -30.49 -40.44
CA UNK B 46 63.30 -30.83 -39.37
C UNK B 46 64.54 -29.98 -39.59
N UNK B 47 64.38 -28.73 -40.05
CA UNK B 47 65.58 -27.91 -40.25
C UNK B 47 66.18 -27.54 -38.89
N UNK B 48 65.30 -27.09 -38.02
CA UNK B 48 65.66 -26.68 -36.66
C UNK B 48 66.36 -27.83 -35.93
N UNK B 49 65.75 -29.01 -36.00
CA UNK B 49 66.31 -30.18 -35.33
C UNK B 49 67.69 -30.51 -35.88
N UNK B 50 67.84 -30.43 -37.19
CA UNK B 50 69.12 -30.71 -37.81
C UNK B 50 70.17 -29.70 -37.35
N UNK B 51 69.78 -28.43 -37.28
CA UNK B 51 70.68 -27.37 -36.84
C UNK B 51 71.12 -27.57 -35.39
N UNK B 52 70.17 -27.93 -34.54
CA UNK B 52 70.46 -28.15 -33.13
C UNK B 52 71.42 -29.32 -32.96
N UNK B 53 71.18 -30.38 -33.73
CA UNK B 53 72.01 -31.57 -33.67
C UNK B 53 73.45 -31.26 -34.10
N UNK B 54 73.58 -30.53 -35.21
CA UNK B 54 74.89 -30.17 -35.72
C UNK B 54 75.64 -29.28 -34.74
N UNK B 55 74.93 -28.35 -34.11
CA UNK B 55 75.52 -27.44 -33.14
C UNK B 55 76.25 -28.21 -32.05
N UNK C 1 51.30 -1.35 69.93
CA UNK C 1 52.23 -2.35 69.42
C UNK C 1 51.50 -3.48 68.71
N UNK C 2 50.45 -3.99 69.35
CA UNK C 2 49.66 -5.07 68.79
C UNK C 2 49.08 -4.68 67.42
N UNK C 3 48.51 -3.48 67.35
CA UNK C 3 47.92 -2.99 66.09
C UNK C 3 48.98 -2.97 64.98
N UNK C 4 50.13 -2.44 65.35
CA UNK C 4 51.28 -2.31 64.46
C UNK C 4 51.69 -3.69 63.93
N UNK C 5 51.77 -4.62 64.88
CA UNK C 5 52.14 -6.01 64.60
C UNK C 5 51.17 -6.63 63.58
N UNK C 6 49.90 -6.39 63.85
CA UNK C 6 48.81 -6.88 63.01
C UNK C 6 48.97 -6.37 61.58
N UNK C 7 49.24 -5.08 61.51
CA UNK C 7 49.42 -4.37 60.24
C UNK C 7 50.57 -5.01 59.44
N UNK C 8 51.65 -5.24 60.17
CA UNK C 8 52.87 -5.85 59.61
C UNK C 8 52.54 -7.22 59.02
N UNK C 9 51.80 -7.98 59.80
CA UNK C 9 51.38 -9.34 59.42
C UNK C 9 50.58 -9.30 58.12
N UNK C 10 49.65 -8.34 58.08
CA UNK C 10 48.77 -8.12 56.93
C UNK C 10 49.61 -7.85 55.68
N UNK C 11 50.57 -6.96 55.87
CA UNK C 11 51.49 -6.54 54.80
C UNK C 11 52.24 -7.76 54.24
N UNK C 12 52.73 -8.56 55.18
CA UNK C 12 53.48 -9.78 54.85
C UNK C 12 52.61 -10.72 53.99
N UNK C 13 51.38 -10.88 54.45
CA UNK C 13 50.38 -11.73 53.78
C UNK C 13 50.18 -11.26 52.34
N UNK C 14 50.01 -9.95 52.22
CA UNK C 14 49.81 -9.29 50.92
C UNK C 14 50.97 -9.59 49.98
N UNK C 15 52.16 -9.44 50.53
CA UNK C 15 53.41 -9.68 49.80
C UNK C 15 53.45 -11.11 49.27
N UNK C 16 53.11 -12.02 50.17
CA UNK C 16 53.07 -13.45 49.87
C UNK C 16 52.12 -13.73 48.70
N UNK C 17 50.95 -13.12 48.80
CA UNK C 17 49.89 -13.24 47.78
C UNK C 17 50.43 -12.79 46.42
N UNK C 18 51.08 -11.64 46.46
CA UNK C 18 51.67 -11.02 45.26
C UNK C 18 52.66 -11.98 44.62
N UNK C 19 53.51 -12.54 45.46
CA UNK C 19 54.54 -13.49 45.05
C UNK C 19 53.91 -14.69 44.34
N UNK C 20 52.87 -15.19 44.97
CA UNK C 20 52.10 -16.34 44.46
C UNK C 20 51.55 -16.03 43.07
N UNK C 21 50.98 -14.85 42.96
CA UNK C 21 50.40 -14.36 41.70
C UNK C 21 51.45 -14.34 40.59
N UNK C 22 52.60 -13.79 40.97
CA UNK C 22 53.76 -13.68 40.07
C UNK C 22 54.16 -15.06 39.55
N UNK C 23 54.21 -16.03 40.45
CA UNK C 23 54.61 -17.39 40.07
C UNK C 23 53.62 -17.98 39.07
N UNK C 24 52.33 -17.72 39.27
CA UNK C 24 51.31 -18.23 38.37
C UNK C 24 51.46 -17.63 36.97
N UNK C 25 51.76 -16.34 36.92
CA UNK C 25 51.94 -15.64 35.64
C UNK C 25 53.11 -16.19 34.87
N UNK C 26 54.20 -16.48 35.57
CA UNK C 26 55.41 -17.02 34.96
C UNK C 26 55.15 -18.40 34.36
N UNK C 27 55.01 -19.41 35.21
CA UNK C 27 54.87 -20.76 34.69
C UNK C 27 53.79 -20.77 33.61
N UNK C 28 52.76 -19.95 33.78
CA UNK C 28 51.73 -19.89 32.75
C UNK C 28 52.30 -19.41 31.40
N UNK C 29 53.20 -18.43 31.45
CA UNK C 29 53.88 -17.97 30.26
C UNK C 29 54.79 -19.05 29.66
N UNK C 30 55.48 -19.80 30.52
CA UNK C 30 56.42 -20.83 30.08
C UNK C 30 55.81 -22.01 29.29
N UNK C 31 54.69 -22.52 29.80
CA UNK C 31 53.96 -23.59 29.14
C UNK C 31 53.43 -23.08 27.80
N UNK C 32 52.95 -21.83 27.80
CA UNK C 32 52.39 -21.22 26.60
C UNK C 32 53.42 -21.10 25.48
N UNK C 33 54.64 -20.70 25.84
CA UNK C 33 55.72 -20.60 24.83
C UNK C 33 56.05 -21.97 24.23
N UNK C 34 56.14 -22.97 25.09
CA UNK C 34 56.45 -24.33 24.64
C UNK C 34 55.51 -24.78 23.54
N UNK C 35 54.21 -24.57 23.75
CA UNK C 35 53.20 -24.96 22.77
C UNK C 35 53.44 -24.25 21.44
N UNK C 36 64.21 -36.01 10.52
CA UNK C 36 65.58 -35.64 10.89
C UNK C 36 66.58 -36.21 9.88
N UNK C 37 66.33 -37.44 9.48
CA UNK C 37 67.18 -38.15 8.53
C UNK C 37 66.33 -38.56 7.35
N UNK C 38 66.83 -38.32 6.14
CA UNK C 38 66.03 -38.67 4.97
C UNK C 38 66.60 -39.70 4.00
N UNK C 39 65.79 -40.72 3.75
CA UNK C 39 66.04 -41.77 2.77
C UNK C 39 64.87 -42.73 2.67
N UNK C 40 65.15 -43.96 2.23
CA UNK C 40 64.12 -44.98 2.09
C UNK C 40 64.40 -46.17 3.00
N UNK C 41 63.38 -46.58 3.75
CA UNK C 41 63.51 -47.70 4.67
C UNK C 41 62.61 -48.86 4.28
N UNK C 42 63.19 -50.06 4.23
CA UNK C 42 62.44 -51.25 3.86
C UNK C 42 61.22 -51.44 4.74
N UNK C 43 61.38 -51.15 6.02
CA UNK C 43 60.27 -51.28 6.98
C UNK C 43 58.89 -51.10 6.35
N UNK C 44 58.55 -52.06 5.50
CA UNK C 44 57.27 -52.17 4.81
C UNK C 44 56.86 -53.64 4.86
N UNK C 45 57.17 -54.30 5.99
CA UNK C 45 56.93 -55.74 6.18
C UNK C 45 55.48 -56.23 6.13
N UNK C 46 54.57 -55.44 6.71
CA UNK C 46 53.12 -55.72 6.76
C UNK C 46 52.68 -56.98 7.54
N UNK C 47 53.48 -57.36 8.54
CA UNK C 47 53.15 -58.46 9.44
C UNK C 47 51.65 -58.62 9.73
N UNK C 48 50.83 -57.74 9.15
CA UNK C 48 49.38 -57.70 9.41
C UNK C 48 48.49 -58.89 9.03
N UNK C 49 48.69 -59.48 7.84
CA UNK C 49 47.85 -60.58 7.38
C UNK C 49 47.98 -61.87 8.20
N UNK C 50 46.87 -62.58 8.39
CA UNK C 50 46.91 -63.85 9.14
C UNK C 50 48.07 -63.94 10.17
N UNK C 51 49.06 -63.12 9.92
CA UNK C 51 50.28 -62.98 10.72
C UNK C 51 49.93 -62.61 12.17
N UNK C 52 49.05 -61.64 12.26
CA UNK C 52 48.56 -61.13 13.56
C UNK C 52 47.93 -62.27 14.36
N UNK C 53 47.09 -63.01 13.67
CA UNK C 53 46.38 -64.16 14.26
C UNK C 53 47.38 -65.18 14.82
N UNK C 54 48.38 -65.45 14.00
CA UNK C 54 49.44 -66.40 14.34
C UNK C 54 50.15 -65.96 15.62
N UNK C 55 50.47 -64.67 15.64
CA UNK C 55 51.15 -64.03 16.77
C UNK C 55 50.33 -64.21 18.05
N UNK C 56 49.05 -63.94 17.91
CA UNK C 56 48.08 -64.06 19.01
C UNK C 56 48.08 -65.48 19.56
N UNK C 57 48.03 -66.42 18.64
CA UNK C 57 48.03 -67.86 18.95
C UNK C 57 49.27 -68.22 19.77
N UNK C 58 50.41 -67.56 19.35
CA UNK C 58 51.71 -67.96 19.90
C UNK C 58 51.92 -67.30 21.27
N UNK C 59 51.64 -66.02 21.29
CA UNK C 59 51.77 -65.20 22.51
C UNK C 59 50.90 -65.78 23.63
N UNK C 60 49.66 -66.08 23.26
CA UNK C 60 48.67 -66.65 24.18
C UNK C 60 49.20 -67.96 24.77
N LEU D 188 13.90 -36.68 -67.48
CA LEU D 188 12.51 -36.26 -67.61
C LEU D 188 11.74 -36.53 -66.32
N TYR D 189 11.86 -35.60 -65.37
CA TYR D 189 11.16 -35.76 -64.10
C TYR D 189 9.67 -35.56 -64.29
N ILE D 190 8.89 -36.22 -63.42
CA ILE D 190 7.45 -36.28 -63.57
C ILE D 190 6.83 -34.91 -63.33
N GLU D 191 7.21 -34.26 -62.23
CA GLU D 191 6.83 -32.90 -61.77
C GLU D 191 5.36 -32.84 -61.34
N GLN D 192 4.62 -33.95 -61.50
CA GLN D 192 3.28 -34.06 -60.97
C GLN D 192 3.26 -34.13 -59.45
N PHE D 193 4.40 -34.44 -58.82
CA PHE D 193 4.49 -34.37 -57.37
C PHE D 193 4.37 -32.95 -56.87
N GLY D 194 5.01 -32.01 -57.57
CA GLY D 194 4.73 -30.60 -57.35
C GLY D 194 3.68 -30.17 -58.35
N SER D 195 4.00 -29.14 -59.13
CA SER D 195 3.15 -28.78 -60.26
C SER D 195 4.02 -28.12 -61.31
N ASN D 196 3.59 -28.25 -62.57
CA ASN D 196 4.27 -27.61 -63.68
C ASN D 196 4.18 -26.10 -63.55
N MET D 197 5.19 -25.41 -64.01
CA MET D 197 5.08 -23.97 -63.89
C MET D 197 5.39 -23.24 -65.19
N ASN D 198 6.35 -23.71 -65.97
CA ASN D 198 6.76 -22.99 -67.17
C ASN D 198 5.70 -23.08 -68.25
N GLU D 199 5.05 -24.24 -68.37
CA GLU D 199 4.09 -24.46 -69.44
C GLU D 199 2.81 -23.67 -69.26
N LYS D 200 2.55 -23.15 -68.05
CA LYS D 200 1.38 -22.31 -67.82
C LYS D 200 1.45 -21.02 -68.64
N VAL D 201 2.64 -20.44 -68.74
CA VAL D 201 2.81 -19.26 -69.58
C VAL D 201 2.85 -19.68 -71.04
N ARG D 202 3.34 -20.89 -71.32
CA ARG D 202 3.18 -21.47 -72.65
C ARG D 202 1.71 -21.72 -72.96
N ASN D 203 0.90 -22.00 -71.93
CA ASN D 203 -0.55 -22.16 -72.10
C ASN D 203 -1.29 -20.83 -72.12
N GLY D 204 -0.60 -19.72 -71.91
CA GLY D 204 -1.25 -18.42 -71.95
C GLY D 204 -1.96 -18.02 -70.69
N LYS D 205 -1.76 -18.74 -69.60
CA LYS D 205 -2.49 -18.44 -68.37
C LYS D 205 -1.88 -17.30 -67.59
N LEU D 206 -0.62 -16.93 -67.87
CA LEU D 206 0.07 -15.88 -67.14
C LEU D 206 0.76 -14.88 -68.06
N GLN D 207 0.30 -14.77 -69.31
CA GLN D 207 0.96 -13.90 -70.28
C GLN D 207 0.65 -12.45 -69.99
N GLY D 208 1.68 -11.69 -69.62
CA GLY D 208 1.51 -10.27 -69.37
C GLY D 208 1.35 -9.99 -67.90
N ILE D 209 2.45 -9.57 -67.27
CA ILE D 209 2.47 -9.23 -65.85
C ILE D 209 3.19 -7.91 -65.69
N TYR D 210 2.59 -7.00 -64.92
CA TYR D 210 3.27 -5.74 -64.61
C TYR D 210 4.53 -6.01 -63.81
N GLY D 211 5.66 -5.70 -64.41
CA GLY D 211 6.93 -5.99 -63.80
C GLY D 211 7.24 -5.09 -62.63
N ARG D 212 8.30 -5.47 -61.92
CA ARG D 212 8.73 -4.74 -60.73
C ARG D 212 10.25 -4.90 -60.65
N ASP D 213 10.96 -3.95 -61.25
CA ASP D 213 12.35 -4.18 -61.64
C ASP D 213 13.30 -4.16 -60.45
N GLU D 214 12.99 -3.37 -59.42
CA GLU D 214 13.79 -3.40 -58.21
C GLU D 214 13.65 -4.73 -57.47
N GLU D 215 12.54 -5.42 -57.65
CA GLU D 215 12.29 -6.69 -56.99
C GLU D 215 12.83 -7.87 -57.77
N ILE D 216 12.82 -7.80 -59.10
CA ILE D 216 13.20 -8.93 -59.92
C ILE D 216 14.70 -9.19 -59.82
N ARG D 217 15.50 -8.14 -59.86
CA ARG D 217 16.94 -8.31 -59.79
C ARG D 217 17.41 -8.75 -58.43
N ALA D 218 16.66 -8.43 -57.38
CA ALA D 218 16.97 -8.96 -56.06
C ALA D 218 16.81 -10.47 -56.02
N ILE D 219 15.89 -11.01 -56.83
CA ILE D 219 15.84 -12.45 -56.99
C ILE D 219 17.01 -12.93 -57.82
N ILE D 220 17.30 -12.22 -58.92
CA ILE D 220 18.31 -12.68 -59.88
C ILE D 220 19.71 -12.63 -59.27
N GLU D 221 20.03 -11.51 -58.61
CA GLU D 221 21.37 -11.39 -58.01
C GLU D 221 21.55 -12.28 -56.80
N SER D 222 20.48 -12.81 -56.24
CA SER D 222 20.63 -13.85 -55.24
C SER D 222 21.02 -15.17 -55.89
N LEU D 223 20.59 -15.39 -57.13
CA LEU D 223 20.68 -16.70 -57.73
C LEU D 223 22.07 -17.05 -58.23
N LEU D 224 22.86 -16.07 -58.64
CA LEU D 224 24.00 -16.37 -59.48
C LEU D 224 25.33 -16.37 -58.74
N ARG D 225 25.34 -16.26 -57.42
CA ARG D 225 26.59 -16.10 -56.72
C ARG D 225 27.28 -17.44 -56.55
N TYR D 226 28.54 -17.37 -56.09
CA TYR D 226 29.33 -18.56 -55.84
C TYR D 226 28.77 -19.37 -54.68
N ASN D 227 28.29 -18.69 -53.66
CA ASN D 227 27.81 -19.33 -52.43
C ASN D 227 26.32 -19.61 -52.57
N LYS D 228 25.64 -19.81 -51.42
CA LYS D 228 24.24 -20.21 -51.36
C LYS D 228 23.34 -19.31 -52.17
N ASN D 229 22.29 -19.91 -52.71
CA ASN D 229 21.50 -19.33 -53.79
C ASN D 229 20.03 -19.43 -53.45
N SER D 230 19.66 -18.96 -52.27
CA SER D 230 18.34 -19.17 -51.69
C SER D 230 17.65 -17.84 -51.41
N PRO D 231 16.93 -17.30 -52.39
CA PRO D 231 16.08 -16.13 -52.12
C PRO D 231 14.75 -16.53 -51.51
N VAL D 232 14.26 -15.69 -50.61
CA VAL D 232 12.94 -15.83 -50.00
C VAL D 232 12.25 -14.49 -50.07
N LEU D 233 11.02 -14.48 -50.58
CA LEU D 233 10.23 -13.26 -50.61
C LEU D 233 9.59 -13.03 -49.25
N VAL D 234 10.03 -11.98 -48.57
CA VAL D 234 9.50 -11.59 -47.26
C VAL D 234 8.86 -10.22 -47.41
N GLY D 235 7.62 -10.11 -46.98
CA GLY D 235 6.97 -8.80 -47.04
C GLY D 235 5.57 -8.87 -46.48
N ASN D 236 4.83 -7.82 -46.83
CA ASN D 236 3.46 -7.64 -46.39
C ASN D 236 2.58 -8.77 -46.96
N PRO D 237 1.70 -9.37 -46.14
CA PRO D 237 0.69 -10.29 -46.71
C PRO D 237 -0.19 -9.64 -47.77
N GLY D 238 -0.55 -8.37 -47.58
CA GLY D 238 -1.40 -7.68 -48.53
C GLY D 238 -0.73 -7.39 -49.86
N THR D 239 0.60 -7.44 -49.91
CA THR D 239 1.29 -7.29 -51.17
C THR D 239 1.28 -8.60 -51.96
N GLY D 240 1.68 -8.50 -53.22
CA GLY D 240 1.81 -9.69 -54.04
C GLY D 240 3.03 -10.48 -53.65
N LYS D 241 2.83 -11.74 -53.24
CA LYS D 241 4.04 -12.57 -53.16
C LYS D 241 4.21 -13.45 -54.38
N THR D 242 3.21 -14.28 -54.69
CA THR D 242 3.37 -15.27 -55.74
C THR D 242 3.52 -14.64 -57.12
N THR D 243 2.88 -13.50 -57.35
CA THR D 243 2.81 -12.91 -58.68
C THR D 243 4.14 -12.36 -59.16
N ILE D 244 5.08 -12.12 -58.25
CA ILE D 244 6.40 -11.67 -58.65
C ILE D 244 7.17 -12.79 -59.34
N VAL D 245 7.14 -13.98 -58.76
CA VAL D 245 7.83 -15.14 -59.34
C VAL D 245 7.14 -15.58 -60.60
N GLU D 246 5.83 -15.40 -60.67
CA GLU D 246 5.12 -15.62 -61.91
C GLU D 246 5.55 -14.64 -62.99
N GLY D 247 5.98 -13.44 -62.57
CA GLY D 247 6.58 -12.53 -63.52
C GLY D 247 7.92 -13.01 -64.05
N LEU D 248 8.64 -13.80 -63.25
CA LEU D 248 9.97 -14.25 -63.64
C LEU D 248 9.93 -15.20 -64.83
N VAL D 249 8.89 -16.05 -64.88
CA VAL D 249 8.77 -17.03 -65.96
C VAL D 249 8.55 -16.32 -67.28
N TYR D 250 7.77 -15.24 -67.26
CA TYR D 250 7.58 -14.43 -68.45
C TYR D 250 8.86 -13.71 -68.85
N ARG D 251 9.73 -13.45 -67.88
CA ARG D 251 11.01 -12.83 -68.20
C ARG D 251 11.97 -13.83 -68.83
N ILE D 252 11.79 -15.11 -68.54
CA ILE D 252 12.66 -16.14 -69.10
C ILE D 252 12.29 -16.41 -70.55
N GLU D 253 10.99 -16.56 -70.84
CA GLU D 253 10.56 -16.95 -72.18
C GLU D 253 10.81 -15.86 -73.22
N LYS D 254 10.86 -14.60 -72.79
CA LYS D 254 11.19 -13.53 -73.71
C LYS D 254 12.69 -13.24 -73.77
N GLY D 255 13.48 -13.91 -72.95
CA GLY D 255 14.92 -13.74 -73.01
C GLY D 255 15.47 -12.53 -72.29
N ASP D 256 14.70 -11.94 -71.37
CA ASP D 256 15.22 -10.85 -70.54
C ASP D 256 15.87 -11.36 -69.27
N VAL D 257 16.78 -12.31 -69.46
CA VAL D 257 17.53 -12.95 -68.37
C VAL D 257 18.98 -13.06 -68.80
N PRO D 258 19.90 -13.13 -67.84
CA PRO D 258 21.30 -13.39 -68.20
C PRO D 258 21.49 -14.82 -68.68
N LYS D 259 22.67 -15.06 -69.26
CA LYS D 259 22.98 -16.33 -69.89
C LYS D 259 22.96 -17.48 -68.91
N GLU D 260 23.36 -17.24 -67.67
CA GLU D 260 23.34 -18.26 -66.63
C GLU D 260 21.94 -18.59 -66.13
N LEU D 261 20.89 -17.95 -66.65
CA LEU D 261 19.53 -18.20 -66.20
C LEU D 261 18.59 -18.51 -67.36
N GLN D 262 19.12 -18.92 -68.49
CA GLN D 262 18.28 -19.16 -69.66
C GLN D 262 17.83 -20.61 -69.68
N GLY D 263 16.57 -20.81 -70.08
CA GLY D 263 16.05 -22.13 -70.33
C GLY D 263 15.46 -22.86 -69.15
N TYR D 264 15.82 -22.47 -67.92
CA TYR D 264 15.40 -23.16 -66.72
C TYR D 264 13.88 -23.11 -66.53
N THR D 265 13.38 -24.04 -65.73
CA THR D 265 11.94 -24.14 -65.45
C THR D 265 11.70 -24.04 -63.96
N VAL D 266 10.75 -23.21 -63.58
CA VAL D 266 10.31 -23.14 -62.20
C VAL D 266 9.50 -24.39 -61.89
N ILE D 267 9.57 -24.86 -60.66
CA ILE D 267 8.71 -25.93 -60.18
C ILE D 267 8.01 -25.43 -58.93
N SER D 268 6.70 -25.27 -59.00
CA SER D 268 5.89 -25.00 -57.83
C SER D 268 5.45 -26.32 -57.20
N LEU D 269 5.22 -26.29 -55.89
CA LEU D 269 5.09 -27.52 -55.11
C LEU D 269 3.66 -27.68 -54.59
N ASN D 270 3.05 -28.82 -54.88
CA ASN D 270 1.77 -29.18 -54.29
C ASN D 270 2.03 -29.84 -52.94
N PHE D 271 1.71 -29.12 -51.87
CA PHE D 271 2.00 -29.58 -50.51
C PHE D 271 1.13 -30.73 -50.06
N ARG D 272 0.02 -30.99 -50.74
CA ARG D 272 -0.84 -32.11 -50.39
C ARG D 272 -0.15 -33.44 -50.64
N LYS D 273 0.68 -33.52 -51.68
CA LYS D 273 1.20 -34.79 -52.15
C LYS D 273 2.34 -35.33 -51.30
N PHE D 274 2.82 -34.57 -50.31
CA PHE D 274 3.80 -35.12 -49.38
C PHE D 274 3.15 -36.13 -48.45
N THR D 275 2.22 -35.68 -47.62
CA THR D 275 1.64 -36.52 -46.58
C THR D 275 0.60 -37.50 -47.13
N SER D 276 -0.20 -37.07 -48.11
CA SER D 276 -1.20 -37.95 -48.69
C SER D 276 -0.59 -39.04 -49.55
N GLY D 277 0.63 -38.82 -50.07
CA GLY D 277 1.33 -39.85 -50.81
C GLY D 277 1.91 -40.96 -49.96
N THR D 278 1.92 -40.79 -48.64
CA THR D 278 2.44 -41.82 -47.73
C THR D 278 1.36 -42.87 -47.48
N SER D 279 1.19 -43.74 -48.48
CA SER D 279 0.31 -44.89 -48.30
C SER D 279 0.96 -45.93 -47.41
N TYR D 280 2.27 -46.10 -47.54
CA TYR D 280 3.06 -46.91 -46.63
C TYR D 280 4.34 -46.15 -46.34
N ARG D 281 5.03 -46.57 -45.28
CA ARG D 281 6.19 -45.84 -44.80
C ARG D 281 7.37 -45.92 -45.76
N GLY D 282 7.61 -47.10 -46.34
CA GLY D 282 8.73 -47.26 -47.24
C GLY D 282 8.53 -46.72 -48.63
N GLU D 283 7.38 -46.12 -48.91
CA GLU D 283 7.06 -45.67 -50.25
C GLU D 283 7.22 -44.16 -50.46
N PHE D 284 7.49 -43.40 -49.40
CA PHE D 284 7.62 -41.96 -49.59
C PHE D 284 9.06 -41.54 -49.89
N GLU D 285 10.02 -42.01 -49.10
CA GLU D 285 11.37 -41.44 -49.10
C GLU D 285 12.16 -41.79 -50.34
N THR D 286 11.68 -42.72 -51.18
CA THR D 286 12.30 -42.90 -52.49
C THR D 286 12.05 -41.70 -53.38
N ARG D 287 10.90 -41.04 -53.23
CA ARG D 287 10.65 -39.78 -53.92
C ARG D 287 11.56 -38.68 -53.40
N MET D 288 11.87 -38.70 -52.10
CA MET D 288 12.87 -37.80 -51.55
C MET D 288 14.24 -38.03 -52.19
N LYS D 289 14.56 -39.28 -52.52
CA LYS D 289 15.76 -39.53 -53.30
C LYS D 289 15.56 -39.11 -54.76
N ASN D 290 14.32 -39.20 -55.26
CA ASN D 290 14.06 -38.83 -56.64
C ASN D 290 14.15 -37.33 -56.85
N ILE D 291 13.85 -36.54 -55.82
CA ILE D 291 13.96 -35.10 -55.94
C ILE D 291 15.39 -34.65 -55.80
N ILE D 292 16.06 -35.07 -54.72
CA ILE D 292 17.29 -34.43 -54.30
C ILE D 292 18.48 -34.90 -55.13
N LYS D 293 18.42 -36.11 -55.70
CA LYS D 293 19.42 -36.49 -56.68
C LYS D 293 19.26 -35.68 -57.97
N GLU D 294 18.07 -35.17 -58.25
CA GLU D 294 17.90 -34.18 -59.28
C GLU D 294 18.15 -32.76 -58.79
N LEU D 295 18.49 -32.59 -57.52
CA LEU D 295 18.80 -31.25 -57.03
C LEU D 295 20.29 -30.97 -57.03
N LYS D 296 21.13 -31.96 -56.74
CA LYS D 296 22.54 -31.72 -56.49
C LYS D 296 23.38 -31.81 -57.77
N ASN D 297 23.40 -32.98 -58.39
CA ASN D 297 24.27 -33.24 -59.53
C ASN D 297 23.49 -33.34 -60.85
N LYS D 298 22.32 -32.71 -60.92
CA LYS D 298 21.56 -32.77 -62.17
C LYS D 298 22.14 -31.81 -63.20
N LYS D 299 22.44 -30.58 -62.78
CA LYS D 299 23.06 -29.54 -63.60
C LYS D 299 22.23 -29.25 -64.85
N ASN D 300 20.92 -29.13 -64.67
CA ASN D 300 19.98 -29.02 -65.78
C ASN D 300 18.94 -27.98 -65.38
N LYS D 301 17.79 -27.98 -66.05
CA LYS D 301 16.73 -27.02 -65.77
C LYS D 301 16.16 -27.18 -64.38
N ILE D 302 16.52 -26.30 -63.46
CA ILE D 302 16.14 -26.47 -62.07
C ILE D 302 15.90 -25.11 -61.41
N ILE D 303 14.63 -24.84 -61.06
CA ILE D 303 14.23 -23.69 -60.25
C ILE D 303 13.11 -24.17 -59.34
N LEU D 304 13.24 -23.96 -58.04
CA LEU D 304 12.25 -24.43 -57.08
C LEU D 304 11.48 -23.26 -56.50
N PHE D 305 10.19 -23.49 -56.28
CA PHE D 305 9.31 -22.47 -55.72
C PHE D 305 8.55 -23.05 -54.55
N VAL D 306 8.35 -22.23 -53.51
CA VAL D 306 7.58 -22.61 -52.34
C VAL D 306 6.50 -21.58 -52.13
N ASP D 307 5.24 -22.03 -52.07
CA ASP D 307 4.13 -21.15 -51.73
C ASP D 307 4.30 -20.59 -50.32
N GLU D 308 4.36 -21.47 -49.33
CA GLU D 308 4.51 -21.09 -47.93
C GLU D 308 5.55 -21.99 -47.29
N ILE D 309 6.62 -21.39 -46.79
CA ILE D 309 7.65 -22.16 -46.09
C ILE D 309 7.15 -22.66 -44.75
N HIS D 310 6.10 -22.02 -44.22
CA HIS D 310 5.41 -22.50 -43.03
C HIS D 310 4.83 -23.89 -43.23
N LEU D 311 4.44 -24.23 -44.45
CA LEU D 311 4.00 -25.59 -44.74
C LEU D 311 5.15 -26.57 -44.85
N LEU D 312 6.40 -26.09 -44.81
CA LEU D 312 7.55 -26.99 -44.78
C LEU D 312 8.15 -27.12 -43.39
N LEU D 313 8.35 -25.99 -42.70
CA LEU D 313 9.00 -26.02 -41.41
C LEU D 313 8.05 -25.84 -40.24
N GLY D 314 7.01 -25.03 -40.39
CA GLY D 314 6.05 -24.86 -39.31
C GLY D 314 5.15 -26.07 -39.17
N ALA D 315 4.83 -26.70 -40.30
CA ALA D 315 4.04 -27.92 -40.34
C ALA D 315 4.84 -29.04 -40.99
N GLY D 316 4.41 -30.27 -40.74
CA GLY D 316 5.06 -31.40 -41.34
C GLY D 316 5.63 -32.39 -40.35
N LYS D 317 5.18 -33.64 -40.44
CA LYS D 317 5.73 -34.73 -39.65
C LYS D 317 7.14 -35.04 -40.12
N ALA D 318 7.97 -35.55 -39.21
CA ALA D 318 9.28 -36.08 -39.60
C ALA D 318 9.14 -37.26 -40.57
N GLU D 319 8.11 -38.09 -40.38
CA GLU D 319 7.84 -39.22 -41.26
C GLU D 319 6.99 -38.86 -42.46
N GLY D 320 6.40 -37.67 -42.49
CA GLY D 320 5.60 -37.23 -43.62
C GLY D 320 6.33 -36.34 -44.59
N GLY D 321 7.64 -36.17 -44.43
CA GLY D 321 8.39 -35.29 -45.30
C GLY D 321 9.35 -34.39 -44.54
N THR D 322 9.63 -33.22 -45.11
CA THR D 322 10.57 -32.30 -44.49
C THR D 322 9.91 -31.59 -43.32
N ASP D 323 10.55 -31.64 -42.17
CA ASP D 323 10.17 -30.85 -41.02
C ASP D 323 11.33 -29.94 -40.63
N ALA D 324 11.23 -29.35 -39.44
CA ALA D 324 12.37 -28.63 -38.86
C ALA D 324 13.56 -29.53 -38.57
N ALA D 325 13.34 -30.85 -38.45
CA ALA D 325 14.37 -31.80 -38.12
C ALA D 325 14.90 -32.59 -39.31
N ASN D 326 14.47 -32.28 -40.53
CA ASN D 326 14.93 -33.02 -41.70
C ASN D 326 16.19 -32.36 -42.26
N LEU D 327 16.58 -32.75 -43.47
CA LEU D 327 17.76 -32.26 -44.16
C LEU D 327 17.46 -30.89 -44.77
N LEU D 328 18.33 -30.47 -45.69
CA LEU D 328 18.47 -29.17 -46.33
C LEU D 328 18.98 -28.09 -45.38
N LYS D 329 19.19 -28.41 -44.11
CA LYS D 329 19.85 -27.43 -43.24
C LYS D 329 21.35 -27.35 -43.56
N PRO D 330 22.17 -28.42 -43.51
CA PRO D 330 23.57 -28.23 -43.87
C PRO D 330 23.81 -28.28 -45.38
N VAL D 331 22.77 -28.44 -46.19
CA VAL D 331 22.93 -28.37 -47.64
C VAL D 331 22.88 -26.93 -48.12
N LEU D 332 21.99 -26.12 -47.56
CA LEU D 332 21.81 -24.75 -48.03
C LEU D 332 22.89 -23.79 -47.56
N SER D 333 23.95 -24.27 -46.90
CA SER D 333 25.21 -23.52 -46.91
C SER D 333 25.72 -23.39 -48.33
N LYS D 334 25.79 -24.51 -49.04
CA LYS D 334 26.34 -24.54 -50.38
C LYS D 334 25.34 -24.01 -51.39
N GLY D 335 25.86 -23.57 -52.53
CA GLY D 335 25.01 -23.08 -53.61
C GLY D 335 24.62 -24.20 -54.56
N GLU D 336 24.16 -25.31 -54.01
CA GLU D 336 23.81 -26.46 -54.83
C GLU D 336 22.36 -26.39 -55.28
N ILE D 337 21.45 -26.02 -54.38
CA ILE D 337 20.02 -26.10 -54.61
C ILE D 337 19.45 -24.69 -54.58
N LYS D 338 18.59 -24.38 -55.55
CA LYS D 338 18.11 -23.03 -55.78
C LYS D 338 16.60 -23.01 -55.64
N LEU D 339 16.10 -22.63 -54.47
CA LEU D 339 14.67 -22.50 -54.26
C LEU D 339 14.30 -21.03 -54.13
N ILE D 340 13.02 -20.74 -54.33
CA ILE D 340 12.49 -19.39 -54.17
C ILE D 340 11.24 -19.48 -53.29
N GLY D 341 11.30 -18.88 -52.10
CA GLY D 341 10.23 -18.97 -51.14
C GLY D 341 9.37 -17.71 -51.10
N ALA D 342 8.36 -17.78 -50.25
CA ALA D 342 7.43 -16.67 -50.07
C ALA D 342 6.83 -16.77 -48.68
N THR D 343 7.17 -15.82 -47.80
CA THR D 343 6.60 -15.77 -46.46
C THR D 343 6.21 -14.33 -46.12
N THR D 344 5.43 -14.22 -45.05
CA THR D 344 5.02 -12.92 -44.52
C THR D 344 5.79 -12.63 -43.24
N ILE D 345 5.95 -11.34 -42.95
CA ILE D 345 7.01 -10.86 -42.06
C ILE D 345 6.82 -11.36 -40.64
N ALA D 346 5.67 -11.03 -40.04
CA ALA D 346 5.42 -11.36 -38.64
C ALA D 346 5.34 -12.86 -38.41
N GLU D 347 4.98 -13.61 -39.44
CA GLU D 347 5.04 -15.06 -39.37
C GLU D 347 6.44 -15.58 -39.67
N TYR D 348 7.22 -14.86 -40.47
CA TYR D 348 8.63 -15.21 -40.67
C TYR D 348 9.44 -15.03 -39.40
N ARG D 349 8.96 -14.23 -38.45
CA ARG D 349 9.62 -14.12 -37.15
C ARG D 349 9.54 -15.41 -36.34
N LYS D 350 8.67 -16.35 -36.71
CA LYS D 350 8.69 -17.66 -36.05
C LYS D 350 9.93 -18.46 -36.42
N PHE D 351 10.46 -18.26 -37.63
CA PHE D 351 11.67 -18.97 -38.04
C PHE D 351 12.88 -18.50 -37.26
N ILE D 352 12.89 -17.23 -36.86
CA ILE D 352 14.01 -16.71 -36.10
C ILE D 352 13.98 -17.27 -34.68
N GLU D 353 12.80 -17.30 -34.07
CA GLU D 353 12.65 -17.79 -32.70
C GLU D 353 12.55 -19.31 -32.63
N SER D 354 12.50 -20.01 -33.76
CA SER D 354 12.38 -21.47 -33.72
C SER D 354 13.67 -22.12 -33.24
N CYS D 355 14.75 -21.95 -34.00
CA CYS D 355 16.05 -22.45 -33.59
C CYS D 355 17.19 -21.49 -33.91
N SER D 356 16.92 -20.38 -34.60
CA SER D 356 17.92 -19.40 -35.04
C SER D 356 19.05 -20.03 -35.85
N ALA D 357 18.68 -20.89 -36.80
CA ALA D 357 19.64 -21.52 -37.69
C ALA D 357 19.30 -21.36 -39.16
N PHE D 358 18.03 -21.19 -39.52
CA PHE D 358 17.65 -20.86 -40.88
C PHE D 358 17.89 -19.39 -41.20
N GLU D 359 18.22 -18.60 -40.19
CA GLU D 359 18.36 -17.15 -40.32
C GLU D 359 19.47 -16.78 -41.29
N ARG D 360 20.54 -17.55 -41.30
CA ARG D 360 21.67 -17.31 -42.18
C ARG D 360 21.74 -18.30 -43.33
N ARG D 361 20.67 -19.07 -43.54
CA ARG D 361 20.64 -19.93 -44.72
C ARG D 361 19.73 -19.38 -45.80
N PHE D 362 18.58 -18.83 -45.40
CA PHE D 362 17.71 -18.15 -46.34
C PHE D 362 18.06 -16.67 -46.38
N GLU D 363 17.43 -15.94 -47.30
CA GLU D 363 17.74 -14.53 -47.51
C GLU D 363 16.49 -13.68 -47.39
N LYS D 364 16.52 -12.72 -46.46
CA LYS D 364 15.42 -11.76 -46.32
C LYS D 364 15.52 -10.79 -47.49
N ILE D 365 14.67 -10.98 -48.48
CA ILE D 365 14.45 -9.96 -49.50
C ILE D 365 13.15 -9.25 -49.13
N LEU D 366 13.26 -8.00 -48.68
CA LEU D 366 12.10 -7.26 -48.24
C LEU D 366 11.23 -6.89 -49.43
N VAL D 367 9.97 -7.29 -49.39
CA VAL D 367 9.00 -6.92 -50.41
C VAL D 367 8.27 -5.68 -49.93
N GLU D 368 8.31 -4.64 -50.73
CA GLU D 368 7.78 -3.34 -50.34
C GLU D 368 6.29 -3.25 -50.68
N PRO D 369 5.56 -2.38 -49.97
CA PRO D 369 4.22 -2.03 -50.44
C PRO D 369 4.31 -1.23 -51.73
N PRO D 370 3.33 -1.37 -52.62
CA PRO D 370 3.48 -0.89 -53.99
C PRO D 370 3.04 0.55 -54.24
N SER D 371 2.83 1.38 -53.21
CA SER D 371 2.83 2.85 -53.34
C SER D 371 1.80 3.42 -54.30
N VAL D 372 0.56 3.61 -53.82
CA VAL D 372 -0.74 3.67 -54.48
C VAL D 372 -0.75 4.20 -55.91
N ASP D 373 0.01 5.28 -56.15
CA ASP D 373 0.11 5.85 -57.50
C ASP D 373 0.74 4.88 -58.50
N MET D 374 1.47 3.87 -58.03
CA MET D 374 1.90 2.81 -58.92
C MET D 374 0.78 1.79 -59.16
N THR D 375 -0.10 1.58 -58.17
CA THR D 375 -1.20 0.65 -58.38
C THR D 375 -2.22 1.18 -59.36
N VAL D 376 -2.30 2.51 -59.48
CA VAL D 376 -3.02 3.10 -60.60
C VAL D 376 -2.42 2.65 -61.91
N LYS D 377 -1.09 2.71 -62.01
CA LYS D 377 -0.41 2.23 -63.20
C LYS D 377 -0.51 0.72 -63.35
N ILE D 378 -0.70 -0.02 -62.26
CA ILE D 378 -0.92 -1.46 -62.38
C ILE D 378 -2.29 -1.75 -62.98
N LEU D 379 -3.33 -1.15 -62.39
CA LEU D 379 -4.69 -1.39 -62.86
C LEU D 379 -4.92 -0.81 -64.24
N ARG D 380 -4.22 0.27 -64.58
CA ARG D 380 -4.32 0.83 -65.92
C ARG D 380 -3.74 -0.13 -66.95
N SER D 381 -2.71 -0.88 -66.58
CA SER D 381 -2.23 -1.95 -67.45
C SER D 381 -3.20 -3.13 -67.50
N LEU D 382 -4.07 -3.25 -66.49
CA LEU D 382 -5.05 -4.33 -66.43
C LEU D 382 -6.40 -3.94 -67.01
N LYS D 383 -6.47 -2.83 -67.76
CA LYS D 383 -7.73 -2.46 -68.40
C LYS D 383 -8.10 -3.42 -69.52
N SER D 384 -7.09 -4.04 -70.15
CA SER D 384 -7.36 -4.93 -71.26
C SER D 384 -7.95 -6.26 -70.79
N LYS D 385 -7.66 -6.66 -69.56
CA LYS D 385 -7.99 -8.02 -69.14
C LYS D 385 -9.39 -8.11 -68.52
N TYR D 386 -9.73 -7.19 -67.62
CA TYR D 386 -11.04 -7.25 -66.99
C TYR D 386 -12.15 -6.87 -67.95
N GLU D 387 -11.89 -5.89 -68.83
CA GLU D 387 -12.86 -5.53 -69.86
C GLU D 387 -13.04 -6.64 -70.89
N ASN D 388 -12.05 -7.51 -71.05
CA ASN D 388 -12.24 -8.69 -71.86
C ASN D 388 -12.64 -9.90 -71.03
N PHE D 389 -12.60 -9.79 -69.71
CA PHE D 389 -13.05 -10.89 -68.88
C PHE D 389 -14.56 -11.01 -68.90
N TYR D 390 -15.26 -9.90 -68.70
CA TYR D 390 -16.71 -9.93 -68.58
C TYR D 390 -17.42 -8.83 -69.35
N GLY D 391 -16.71 -7.89 -69.97
CA GLY D 391 -17.25 -7.06 -71.03
C GLY D 391 -17.60 -5.64 -70.61
N ILE D 392 -17.97 -5.45 -69.34
CA ILE D 392 -18.55 -4.18 -68.90
C ILE D 392 -17.47 -3.11 -68.86
N ASN D 393 -17.76 -1.97 -69.49
CA ASN D 393 -16.80 -0.88 -69.60
C ASN D 393 -16.52 -0.27 -68.23
N ILE D 394 -15.26 0.06 -68.00
CA ILE D 394 -14.80 0.56 -66.71
C ILE D 394 -14.30 1.99 -66.92
N THR D 395 -14.90 2.93 -66.19
CA THR D 395 -14.47 4.31 -66.26
C THR D 395 -13.08 4.48 -65.65
N ASP D 396 -12.42 5.55 -66.03
CA ASP D 396 -11.06 5.78 -65.59
C ASP D 396 -10.98 6.73 -64.39
N LYS D 397 -12.09 7.40 -64.07
CA LYS D 397 -12.18 8.10 -62.79
C LYS D 397 -12.17 7.10 -61.65
N ALA D 398 -12.96 6.03 -61.78
CA ALA D 398 -13.17 5.11 -60.67
C ALA D 398 -11.95 4.24 -60.42
N LEU D 399 -11.09 4.06 -61.44
CA LEU D 399 -9.88 3.28 -61.27
C LEU D 399 -8.91 3.96 -60.31
N VAL D 400 -8.74 5.26 -60.45
CA VAL D 400 -8.01 6.03 -59.45
C VAL D 400 -8.76 5.99 -58.13
N ALA D 401 -10.09 6.11 -58.19
CA ALA D 401 -10.90 6.11 -56.99
C ALA D 401 -10.99 4.74 -56.33
N ALA D 402 -10.69 3.67 -57.08
CA ALA D 402 -10.65 2.35 -56.45
C ALA D 402 -9.45 2.21 -55.54
N ALA D 403 -8.40 2.99 -55.77
CA ALA D 403 -7.18 2.86 -54.99
C ALA D 403 -7.12 3.86 -53.83
N LYS D 404 -7.42 5.13 -54.12
CA LYS D 404 -7.26 6.17 -53.11
C LYS D 404 -8.29 6.07 -52.00
N ILE D 405 -9.49 5.62 -52.32
CA ILE D 405 -10.48 5.41 -51.28
C ILE D 405 -10.17 4.14 -50.50
N SER D 406 -9.42 3.22 -51.10
CA SER D 406 -9.01 2.03 -50.36
C SER D 406 -7.96 2.34 -49.29
N ASP D 407 -7.23 3.46 -49.44
CA ASP D 407 -6.20 3.84 -48.48
C ASP D 407 -6.79 4.21 -47.13
N ARG D 408 -7.56 5.29 -47.12
CA ARG D 408 -7.98 5.94 -45.89
C ARG D 408 -9.02 5.15 -45.12
N PHE D 409 -9.50 4.04 -45.66
CA PHE D 409 -10.61 3.35 -45.05
C PHE D 409 -10.30 1.89 -44.71
N ILE D 410 -9.72 1.13 -45.63
CA ILE D 410 -9.43 -0.27 -45.36
C ILE D 410 -7.99 -0.38 -44.88
N LYS D 411 -7.80 -1.10 -43.77
CA LYS D 411 -6.51 -1.22 -43.12
C LYS D 411 -5.93 -2.63 -43.16
N ASP D 412 -6.76 -3.67 -42.97
CA ASP D 412 -6.22 -5.02 -42.82
C ASP D 412 -5.73 -5.58 -44.15
N ARG D 413 -6.45 -5.30 -45.23
CA ARG D 413 -5.90 -5.56 -46.55
C ARG D 413 -4.96 -4.42 -46.94
N TYR D 414 -4.20 -4.62 -48.01
CA TYR D 414 -3.20 -3.64 -48.41
C TYR D 414 -3.30 -3.43 -49.92
N LEU D 415 -2.34 -2.65 -50.44
CA LEU D 415 -2.56 -1.88 -51.66
C LEU D 415 -2.92 -2.69 -52.92
N PRO D 416 -2.21 -3.77 -53.30
CA PRO D 416 -2.65 -4.46 -54.52
C PRO D 416 -3.86 -5.35 -54.29
N ASP D 417 -4.07 -5.86 -53.08
CA ASP D 417 -5.28 -6.63 -52.83
C ASP D 417 -6.51 -5.73 -52.82
N LYS D 418 -6.40 -4.55 -52.23
CA LYS D 418 -7.51 -3.62 -52.21
C LYS D 418 -7.83 -3.12 -53.62
N ALA D 419 -6.80 -2.88 -54.42
CA ALA D 419 -7.00 -2.29 -55.73
C ALA D 419 -7.57 -3.28 -56.74
N ILE D 420 -7.45 -4.58 -56.50
CA ILE D 420 -7.79 -5.59 -57.48
C ILE D 420 -9.07 -6.34 -57.08
N ASP D 421 -9.27 -6.59 -55.79
CA ASP D 421 -10.46 -7.29 -55.34
C ASP D 421 -11.72 -6.48 -55.59
N LEU D 422 -11.65 -5.16 -55.43
CA LEU D 422 -12.82 -4.31 -55.61
C LEU D 422 -13.29 -4.30 -57.05
N LEU D 423 -12.38 -4.39 -58.01
CA LEU D 423 -12.80 -4.50 -59.41
C LEU D 423 -13.38 -5.88 -59.68
N ASN D 424 -12.91 -6.90 -58.98
CA ASN D 424 -13.57 -8.19 -59.05
C ASN D 424 -14.82 -8.21 -58.18
N LYS D 425 -14.88 -7.36 -57.16
CA LYS D 425 -16.14 -7.11 -56.49
C LYS D 425 -17.00 -6.10 -57.25
N ALA D 426 -16.44 -5.40 -58.24
CA ALA D 426 -17.26 -4.64 -59.16
C ALA D 426 -17.98 -5.54 -60.14
N CYS D 427 -17.51 -6.78 -60.29
CA CYS D 427 -18.20 -7.75 -61.13
C CYS D 427 -19.57 -8.09 -60.54
N SER D 428 -19.58 -8.61 -59.32
CA SER D 428 -20.78 -9.14 -58.66
C SER D 428 -21.82 -8.09 -58.36
N PHE D 429 -21.49 -6.81 -58.47
CA PHE D 429 -22.53 -5.78 -58.48
C PHE D 429 -23.04 -5.54 -59.89
N LEU D 430 -22.16 -5.55 -60.89
CA LEU D 430 -22.56 -5.24 -62.24
C LEU D 430 -23.04 -6.46 -63.01
N GLN D 431 -22.40 -7.62 -62.82
CA GLN D 431 -22.79 -8.81 -63.55
C GLN D 431 -24.16 -9.31 -63.14
N VAL D 432 -24.53 -9.13 -61.88
CA VAL D 432 -25.86 -9.54 -61.44
C VAL D 432 -26.92 -8.62 -62.01
N GLN D 433 -26.67 -7.33 -61.98
CA GLN D 433 -27.72 -6.37 -62.33
C GLN D 433 -27.83 -6.17 -63.83
N LEU D 434 -26.71 -6.14 -64.55
CA LEU D 434 -26.79 -5.88 -65.98
C LEU D 434 -27.18 -7.11 -66.79
N SER D 435 -26.99 -8.31 -66.26
CA SER D 435 -27.52 -9.51 -66.88
C SER D 435 -28.94 -9.71 -66.39
N GLY D 436 -29.89 -9.68 -67.32
CA GLY D 436 -31.28 -9.87 -66.95
C GLY D 436 -31.86 -8.65 -66.26
N LYS D 437 -32.97 -8.90 -65.57
CA LYS D 437 -33.62 -7.84 -64.82
C LYS D 437 -32.81 -7.50 -63.57
N PRO D 438 -32.75 -6.23 -63.18
CA PRO D 438 -32.02 -5.86 -61.97
C PRO D 438 -32.81 -6.22 -60.72
N ARG D 439 -32.16 -6.01 -59.57
CA ARG D 439 -32.70 -6.46 -58.30
C ARG D 439 -33.82 -5.56 -57.79
N ILE D 440 -33.77 -4.26 -58.13
CA ILE D 440 -34.75 -3.29 -57.65
C ILE D 440 -36.14 -3.66 -58.11
N ILE D 441 -36.25 -4.09 -59.36
CA ILE D 441 -37.53 -4.52 -59.92
C ILE D 441 -38.02 -5.79 -59.22
N ASP D 442 -37.08 -6.66 -58.83
CA ASP D 442 -37.45 -7.87 -58.09
C ASP D 442 -37.91 -7.53 -56.67
N VAL D 443 -37.32 -6.50 -56.06
CA VAL D 443 -37.75 -6.07 -54.72
C VAL D 443 -39.17 -5.54 -54.75
N THR D 444 -39.50 -4.76 -55.78
CA THR D 444 -40.84 -4.19 -55.91
C THR D 444 -41.88 -5.24 -56.26
N GLU D 445 -41.48 -6.35 -56.87
CA GLU D 445 -42.43 -7.42 -57.15
C GLU D 445 -42.78 -8.23 -55.92
N ARG D 446 -41.98 -8.15 -54.86
CA ARG D 446 -42.25 -8.91 -53.66
C ARG D 446 -43.43 -8.33 -52.90
N ASP D 447 -43.61 -7.01 -52.94
CA ASP D 447 -44.64 -6.34 -52.17
C ASP D 447 -46.04 -6.54 -52.72
N ILE D 448 -46.17 -7.12 -53.92
CA ILE D 448 -47.50 -7.38 -54.47
C ILE D 448 -48.14 -8.55 -53.75
N GLU D 449 -47.40 -9.64 -53.57
CA GLU D 449 -47.97 -10.86 -53.00
C GLU D 449 -47.87 -10.92 -51.50
N ARG D 450 -46.85 -10.29 -50.91
CA ARG D 450 -46.71 -10.31 -49.45
C ARG D 450 -47.78 -9.46 -48.80
N LEU D 451 -48.05 -8.29 -49.36
CA LEU D 451 -48.90 -7.31 -48.69
C LEU D 451 -50.38 -7.59 -48.95
N SER D 452 -50.73 -7.97 -50.18
CA SER D 452 -52.12 -8.26 -50.53
C SER D 452 -52.58 -9.61 -50.01
N TYR D 453 -51.70 -10.41 -49.41
CA TYR D 453 -52.08 -11.70 -48.86
C TYR D 453 -52.99 -11.56 -47.64
N GLU D 454 -52.87 -10.47 -46.91
CA GLU D 454 -53.58 -10.31 -45.65
C GLU D 454 -55.05 -9.92 -45.82
N ILE D 455 -55.47 -9.55 -47.02
CA ILE D 455 -56.88 -9.27 -47.28
C ILE D 455 -57.70 -10.53 -47.15
N SER D 456 -57.17 -11.65 -47.66
CA SER D 456 -57.84 -12.93 -47.54
C SER D 456 -57.84 -13.46 -46.10
N THR D 457 -56.92 -13.00 -45.26
CA THR D 457 -56.79 -13.57 -43.92
C THR D 457 -57.76 -12.99 -42.91
N LEU D 458 -58.59 -12.02 -43.29
CA LEU D 458 -59.60 -11.45 -42.39
C LEU D 458 -60.94 -11.45 -43.13
N GLU D 459 -61.69 -12.53 -43.00
CA GLU D 459 -63.01 -12.64 -43.61
C GLU D 459 -64.10 -12.86 -42.58
N LYS D 460 -63.89 -13.78 -41.64
CA LYS D 460 -64.86 -14.06 -40.59
C LYS D 460 -64.16 -13.72 -39.26
N ASP D 461 -63.58 -12.53 -39.23
CA ASP D 461 -62.71 -12.10 -38.14
C ASP D 461 -63.20 -10.79 -37.54
N VAL D 462 -64.49 -10.77 -37.15
CA VAL D 462 -65.19 -9.63 -36.57
C VAL D 462 -64.65 -9.16 -35.22
N ASP D 463 -63.57 -9.77 -34.74
CA ASP D 463 -62.82 -9.31 -33.59
C ASP D 463 -62.19 -7.92 -33.84
N LYS D 464 -61.46 -7.44 -32.84
CA LYS D 464 -61.11 -6.03 -32.68
C LYS D 464 -60.04 -5.52 -33.65
N VAL D 465 -59.38 -4.42 -33.28
CA VAL D 465 -58.90 -3.28 -34.07
C VAL D 465 -58.45 -3.58 -35.51
N SER D 466 -57.88 -4.77 -35.75
CA SER D 466 -57.19 -5.17 -36.99
C SER D 466 -57.93 -4.85 -38.30
N LYS D 467 -59.25 -4.66 -38.28
CA LYS D 467 -59.98 -4.16 -39.44
C LYS D 467 -59.78 -2.67 -39.69
N LYS D 468 -59.07 -1.95 -38.81
CA LYS D 468 -58.65 -0.58 -39.09
C LYS D 468 -57.64 -0.53 -40.22
N LYS D 469 -56.96 -1.64 -40.51
CA LYS D 469 -56.05 -1.72 -41.63
C LYS D 469 -56.75 -1.55 -42.97
N TYR D 470 -58.05 -1.83 -43.04
CA TYR D 470 -58.78 -1.60 -44.29
C TYR D 470 -58.92 -0.11 -44.59
N ASN D 471 -58.90 0.73 -43.56
CA ASN D 471 -58.73 2.16 -43.78
C ASN D 471 -57.32 2.49 -44.26
N LYS D 472 -56.34 1.63 -43.98
CA LYS D 472 -54.95 1.86 -44.31
C LYS D 472 -54.49 1.10 -45.55
N LEU D 473 -54.72 -0.23 -45.59
CA LEU D 473 -54.08 -1.09 -46.58
C LEU D 473 -54.48 -0.76 -48.01
N ILE D 474 -55.72 -0.30 -48.22
CA ILE D 474 -56.10 0.18 -49.55
C ILE D 474 -55.35 1.45 -49.89
N LYS D 475 -55.23 2.37 -48.91
CA LYS D 475 -54.44 3.57 -49.12
C LYS D 475 -52.94 3.27 -49.10
N GLU D 476 -52.52 2.25 -48.34
CA GLU D 476 -51.12 1.87 -48.36
C GLU D 476 -50.73 1.21 -49.68
N PHE D 477 -51.67 0.53 -50.34
CA PHE D 477 -51.35 -0.03 -51.66
C PHE D 477 -51.28 1.06 -52.71
N GLU D 478 -52.06 2.14 -52.53
CA GLU D 478 -51.91 3.32 -53.37
C GLU D 478 -50.58 4.03 -53.11
N GLU D 479 -49.98 3.83 -51.94
CA GLU D 479 -48.62 4.31 -51.71
C GLU D 479 -47.60 3.39 -52.39
N LYS D 480 -47.85 2.09 -52.37
CA LYS D 480 -46.90 1.15 -52.95
C LYS D 480 -46.94 1.15 -54.47
N LYS D 481 -48.14 1.12 -55.06
CA LYS D 481 -48.26 0.85 -56.49
C LYS D 481 -47.93 2.05 -57.35
N GLU D 482 -47.88 3.26 -56.78
CA GLU D 482 -47.39 4.40 -57.55
C GLU D 482 -45.89 4.32 -57.77
N GLN D 483 -45.17 3.70 -56.83
CA GLN D 483 -43.74 3.45 -57.05
C GLN D 483 -43.53 2.38 -58.11
N LEU D 484 -44.49 1.47 -58.27
CA LEU D 484 -44.40 0.44 -59.29
C LEU D 484 -44.44 1.05 -60.68
N LYS D 485 -45.36 2.00 -60.89
CA LYS D 485 -45.62 2.52 -62.24
C LYS D 485 -44.47 3.38 -62.75
N LYS D 486 -43.71 4.00 -61.86
CA LYS D 486 -42.62 4.85 -62.31
C LYS D 486 -41.39 4.07 -62.71
N TYR D 487 -41.14 2.93 -62.05
CA TYR D 487 -39.86 2.24 -62.22
C TYR D 487 -39.76 1.56 -63.57
N TYR D 488 -40.85 0.94 -64.02
CA TYR D 488 -40.84 0.27 -65.32
C TYR D 488 -40.78 1.27 -66.46
N GLU D 489 -41.34 2.47 -66.26
CA GLU D 489 -41.22 3.51 -67.26
C GLU D 489 -39.80 4.07 -67.31
N GLU D 490 -39.17 4.23 -66.15
CA GLU D 490 -37.80 4.72 -66.13
C GLU D 490 -36.82 3.66 -66.60
N TYR D 491 -37.14 2.38 -66.40
CA TYR D 491 -36.26 1.30 -66.83
C TYR D 491 -36.10 1.28 -68.34
N VAL D 492 -37.19 1.55 -69.05
CA VAL D 492 -37.15 1.55 -70.51
C VAL D 492 -36.32 2.73 -71.01
N ILE D 493 -36.49 3.90 -70.39
CA ILE D 493 -35.75 5.11 -70.77
C ILE D 493 -34.26 4.92 -70.60
N THR D 494 -33.86 4.31 -69.48
CA THR D 494 -32.47 3.92 -69.29
C THR D 494 -32.05 2.82 -70.24
N GLY D 495 -32.96 1.88 -70.54
CA GLY D 495 -32.69 0.90 -71.57
C GLY D 495 -32.65 1.51 -72.96
N GLU D 496 -33.39 2.61 -73.17
CA GLU D 496 -33.28 3.34 -74.43
C GLU D 496 -31.91 3.99 -74.58
N ARG D 497 -31.27 4.36 -73.48
CA ARG D 497 -29.90 4.84 -73.55
C ARG D 497 -28.95 3.72 -73.93
N LEU D 498 -29.24 2.50 -73.48
CA LEU D 498 -28.47 1.34 -73.93
C LEU D 498 -28.63 1.08 -75.41
N LYS D 499 -29.83 1.33 -75.94
CA LYS D 499 -30.06 1.22 -77.37
C LYS D 499 -29.31 2.29 -78.16
N ARG D 500 -29.01 3.41 -77.51
CA ARG D 500 -28.29 4.49 -78.20
C ARG D 500 -26.78 4.27 -78.09
N LYS D 501 -26.29 4.02 -76.87
CA LYS D 501 -24.85 3.95 -76.64
C LYS D 501 -24.20 2.78 -77.36
N LYS D 502 -24.83 1.61 -77.30
CA LYS D 502 -24.21 0.38 -77.79
C LYS D 502 -24.11 0.34 -79.31
N GLU D 503 -24.86 1.18 -80.01
CA GLU D 503 -24.80 1.24 -81.46
C GLU D 503 -23.91 2.37 -81.96
N ILE D 504 -23.89 3.50 -81.26
CA ILE D 504 -23.13 4.65 -81.72
C ILE D 504 -21.63 4.45 -81.48
N GLU D 505 -21.27 3.64 -80.47
CA GLU D 505 -19.88 3.24 -80.30
C GLU D 505 -19.39 2.34 -81.42
N LYS D 506 -20.29 1.64 -82.11
CA LYS D 506 -19.90 0.82 -83.26
C LYS D 506 -19.53 1.68 -84.46
N LYS D 507 -20.09 2.90 -84.54
CA LYS D 507 -19.77 3.82 -85.61
C LYS D 507 -18.35 4.37 -85.50
N LEU D 508 -17.70 4.24 -84.34
CA LEU D 508 -16.35 4.76 -84.17
C LEU D 508 -15.33 3.92 -84.94
N ASN D 509 -15.65 2.65 -85.20
CA ASN D 509 -14.73 1.80 -85.96
C ASN D 509 -14.69 2.19 -87.42
N ASP D 510 -15.81 2.68 -87.96
CA ASP D 510 -15.84 3.19 -89.33
C ASP D 510 -15.02 4.47 -89.45
N LEU D 511 -15.17 5.36 -88.47
CA LEU D 511 -14.62 6.72 -88.58
C LEU D 511 -13.12 6.77 -88.38
N LYS D 512 -12.50 5.70 -87.89
CA LYS D 512 -11.10 5.74 -87.49
C LYS D 512 -10.21 4.83 -88.33
N GLU D 513 -10.62 3.58 -88.55
CA GLU D 513 -9.75 2.57 -89.16
C GLU D 513 -9.37 2.91 -90.59
N LEU D 514 -10.25 3.61 -91.31
CA LEU D 514 -9.91 4.10 -92.65
C LEU D 514 -8.77 5.11 -92.57
N THR D 515 -8.75 5.91 -91.52
CA THR D 515 -7.70 6.89 -91.33
C THR D 515 -6.45 6.31 -90.69
N GLN D 516 -6.51 5.12 -90.11
CA GLN D 516 -5.39 4.57 -89.35
C GLN D 516 -4.24 4.08 -90.24
N ASN D 517 -4.41 4.03 -91.55
CA ASN D 517 -3.37 3.52 -92.45
C ASN D 517 -3.12 4.55 -93.55
N TYR D 518 -2.20 5.48 -93.26
CA TYR D 518 -1.62 6.51 -94.14
C TYR D 518 -2.61 7.59 -94.57
N VAL D 519 -3.89 7.47 -94.20
CA VAL D 519 -4.80 8.57 -94.39
C VAL D 519 -4.63 9.56 -93.25
N TYR D 520 -4.12 9.11 -92.10
CA TYR D 520 -3.77 10.03 -91.02
C TYR D 520 -2.63 10.96 -91.43
N SER D 521 -1.73 10.50 -92.29
CA SER D 521 -0.71 11.37 -92.85
C SER D 521 -1.21 12.16 -94.05
N ASN D 522 -2.47 12.00 -94.44
CA ASN D 522 -2.99 12.68 -95.62
C ASN D 522 -4.36 13.32 -95.46
N LYS D 523 -5.10 13.02 -94.38
CA LYS D 523 -6.44 13.55 -94.02
C LYS D 523 -7.42 13.58 -95.20
N GLU D 524 -7.52 12.42 -95.86
CA GLU D 524 -8.16 12.32 -97.17
C GLU D 524 -9.66 12.59 -97.17
N PRO D 525 -10.46 12.23 -96.15
CA PRO D 525 -11.74 12.93 -95.96
C PRO D 525 -11.59 14.12 -95.04
N PRO D 526 -11.82 15.35 -95.53
CA PRO D 526 -12.17 16.47 -94.65
C PRO D 526 -13.68 16.61 -94.47
N ILE D 527 -14.36 15.50 -94.21
CA ILE D 527 -15.82 15.48 -94.16
C ILE D 527 -16.28 14.94 -92.82
N GLU D 528 -15.99 13.68 -92.55
CA GLU D 528 -16.47 13.03 -91.34
C GLU D 528 -15.49 13.15 -90.18
N LEU D 529 -14.25 13.56 -90.46
CA LEU D 529 -13.27 13.70 -89.39
C LEU D 529 -13.52 14.93 -88.53
N GLN D 530 -14.35 15.86 -88.99
CA GLN D 530 -14.77 17.00 -88.19
C GLN D 530 -16.23 16.96 -87.83
N ASN D 531 -17.09 16.48 -88.73
CA ASN D 531 -18.53 16.54 -88.51
C ASN D 531 -19.01 15.41 -87.63
N SER D 532 -18.85 14.16 -88.09
CA SER D 532 -19.44 13.02 -87.40
C SER D 532 -18.70 12.68 -86.11
N LEU D 533 -17.41 13.02 -86.03
CA LEU D 533 -16.64 12.71 -84.83
C LEU D 533 -17.03 13.60 -83.66
N LYS D 534 -17.15 14.90 -83.91
CA LYS D 534 -17.50 15.84 -82.83
C LYS D 534 -18.92 15.60 -82.36
N GLU D 535 -19.83 15.28 -83.28
CA GLU D 535 -21.20 14.97 -82.90
C GLU D 535 -21.29 13.67 -82.11
N ALA D 536 -20.42 12.71 -82.42
CA ALA D 536 -20.32 11.51 -81.58
C ALA D 536 -19.83 11.87 -80.19
N GLN D 537 -18.86 12.79 -80.11
CA GLN D 537 -18.46 13.32 -78.82
C GLN D 537 -19.57 14.12 -78.17
N GLN D 538 -20.39 14.81 -78.97
CA GLN D 538 -21.53 15.53 -78.43
C GLN D 538 -22.57 14.58 -77.84
N LYS D 539 -22.61 13.34 -78.32
CA LYS D 539 -23.47 12.35 -77.70
C LYS D 539 -22.94 11.91 -76.35
N TYR D 540 -21.61 11.90 -76.17
CA TYR D 540 -21.07 11.77 -74.84
C TYR D 540 -21.27 13.05 -74.04
N LEU D 541 -21.41 14.18 -74.71
CA LEU D 541 -21.75 15.43 -74.05
C LEU D 541 -23.26 15.60 -73.87
N GLU D 542 -24.08 14.72 -74.45
CA GLU D 542 -25.51 14.79 -74.21
C GLU D 542 -26.08 13.50 -73.63
N LEU D 543 -25.85 12.35 -74.25
CA LEU D 543 -26.48 11.13 -73.76
C LEU D 543 -25.76 10.57 -72.55
N TYR D 544 -24.44 10.77 -72.47
CA TYR D 544 -23.68 10.27 -71.33
C TYR D 544 -23.78 11.18 -70.12
N LYS D 545 -23.89 12.49 -70.33
CA LYS D 545 -24.05 13.40 -69.20
C LYS D 545 -25.42 13.24 -68.55
N GLU D 546 -26.42 12.76 -69.30
CA GLU D 546 -27.67 12.36 -68.67
C GLU D 546 -27.45 11.15 -67.77
N THR D 547 -26.52 10.27 -68.15
CA THR D 547 -26.19 9.17 -67.28
C THR D 547 -25.33 9.62 -66.12
N VAL D 548 -24.52 10.66 -66.33
CA VAL D 548 -23.92 11.36 -65.21
C VAL D 548 -25.01 11.96 -64.34
N ALA D 549 -26.03 12.56 -64.98
CA ALA D 549 -27.19 13.06 -64.25
C ALA D 549 -28.07 11.95 -63.70
N TYR D 550 -27.90 10.71 -64.17
CA TYR D 550 -28.64 9.59 -63.63
C TYR D 550 -28.13 9.18 -62.25
N VAL D 551 -26.90 9.54 -61.93
CA VAL D 551 -26.25 9.03 -60.72
C VAL D 551 -26.84 9.66 -59.47
N GLU D 552 -27.17 10.94 -59.51
CA GLU D 552 -27.46 11.66 -58.28
C GLU D 552 -28.83 11.31 -57.69
N ALA D 553 -29.68 10.60 -58.44
CA ALA D 553 -30.90 10.01 -57.90
C ALA D 553 -30.84 8.49 -57.86
N LYS D 554 -29.81 7.89 -58.45
CA LYS D 554 -29.58 6.46 -58.44
C LYS D 554 -28.17 6.25 -57.87
N THR D 555 -28.02 6.78 -56.65
CA THR D 555 -26.73 6.96 -55.99
C THR D 555 -25.92 5.68 -55.90
N HIS D 556 -26.55 4.60 -55.47
CA HIS D 556 -25.81 3.39 -55.21
C HIS D 556 -26.17 2.22 -56.11
N ASN D 557 -27.38 2.19 -56.62
CA ASN D 557 -27.77 1.15 -57.57
C ASN D 557 -27.53 1.64 -58.99
N ALA D 558 -27.97 0.83 -59.95
CA ALA D 558 -27.86 1.15 -61.38
C ALA D 558 -28.82 0.23 -62.12
N MET D 559 -29.81 0.81 -62.81
CA MET D 559 -30.77 -0.03 -63.51
C MET D 559 -30.26 -0.43 -64.89
N ASN D 560 -29.91 0.55 -65.73
CA ASN D 560 -29.26 0.27 -67.01
C ASN D 560 -28.06 1.20 -67.14
N VAL D 561 -26.94 0.80 -66.53
CA VAL D 561 -25.71 1.59 -66.53
C VAL D 561 -24.54 0.64 -66.76
N ASP D 562 -23.80 0.86 -67.84
CA ASP D 562 -22.61 0.07 -68.12
C ASP D 562 -21.33 0.75 -67.69
N ALA D 563 -21.40 1.99 -67.20
CA ALA D 563 -20.22 2.65 -66.68
C ALA D 563 -19.92 2.15 -65.26
N VAL D 564 -18.80 2.62 -64.73
CA VAL D 564 -18.43 2.36 -63.35
C VAL D 564 -18.27 3.71 -62.68
N TYR D 565 -19.29 4.15 -61.94
CA TYR D 565 -19.17 5.41 -61.24
C TYR D 565 -18.52 5.18 -59.88
N GLN D 566 -17.97 6.26 -59.34
CA GLN D 566 -17.20 6.18 -58.10
C GLN D 566 -18.07 5.83 -56.90
N GLU D 567 -19.34 6.22 -56.93
CA GLU D 567 -20.25 5.87 -55.85
C GLU D 567 -20.60 4.39 -55.88
N HIS D 568 -20.59 3.78 -57.07
CA HIS D 568 -20.77 2.34 -57.15
C HIS D 568 -19.56 1.60 -56.64
N VAL D 569 -18.37 2.21 -56.75
CA VAL D 569 -17.18 1.63 -56.15
C VAL D 569 -17.26 1.72 -54.64
N SER D 570 -17.62 2.90 -54.12
CA SER D 570 -17.69 3.09 -52.68
C SER D 570 -18.87 2.38 -52.05
N TYR D 571 -19.87 1.98 -52.84
CA TYR D 571 -20.96 1.17 -52.29
C TYR D 571 -20.46 -0.21 -51.92
N ILE D 572 -19.48 -0.72 -52.65
CA ILE D 572 -18.84 -1.99 -52.31
C ILE D 572 -18.11 -1.84 -50.99
N TYR D 573 -17.55 -0.65 -50.70
CA TYR D 573 -17.03 -0.39 -49.37
C TYR D 573 -18.13 -0.41 -48.33
N LEU D 574 -19.29 0.17 -48.66
CA LEU D 574 -20.42 0.10 -47.74
C LEU D 574 -20.92 -1.33 -47.60
N ARG D 575 -20.84 -2.10 -48.70
CA ARG D 575 -21.28 -3.48 -48.67
C ARG D 575 -20.34 -4.35 -47.87
N ASP D 576 -19.04 -4.03 -47.88
CA ASP D 576 -18.06 -4.89 -47.24
C ASP D 576 -17.69 -4.44 -45.84
N SER D 577 -17.45 -3.15 -45.64
CA SER D 577 -17.01 -2.67 -44.34
C SER D 577 -18.18 -2.61 -43.36
N GLY D 578 -17.88 -2.19 -42.14
CA GLY D 578 -18.88 -2.15 -41.09
C GLY D 578 -19.87 -1.02 -41.26
N MET D 579 -20.73 -1.14 -42.27
CA MET D 579 -21.75 -0.15 -42.53
C MET D 579 -23.12 -0.75 -42.30
N PRO D 580 -23.96 -0.15 -41.47
CA PRO D 580 -25.35 -0.59 -41.37
C PRO D 580 -26.15 -0.14 -42.58
N LEU D 581 -27.45 -0.40 -42.58
CA LEU D 581 -28.30 -0.02 -43.69
C LEU D 581 -28.60 1.48 -43.64
N GLY D 582 -29.59 1.88 -44.45
CA GLY D 582 -29.81 3.24 -44.96
C GLY D 582 -29.53 4.41 -44.04
N SER D 583 -28.57 5.23 -44.45
CA SER D 583 -27.86 6.08 -43.52
C SER D 583 -27.47 7.37 -44.24
N LEU D 584 -26.45 8.03 -43.70
CA LEU D 584 -25.85 9.22 -44.30
C LEU D 584 -25.46 9.00 -45.75
N SER D 585 -24.59 8.02 -45.99
CA SER D 585 -23.99 7.85 -47.30
C SER D 585 -24.94 7.23 -48.32
N PHE D 586 -25.99 6.54 -47.86
CA PHE D 586 -26.89 5.91 -48.80
C PHE D 586 -27.77 6.93 -49.52
N GLU D 587 -27.93 8.12 -48.93
CA GLU D 587 -28.56 9.25 -49.62
C GLU D 587 -27.45 10.21 -50.00
N SER D 588 -26.85 9.96 -51.15
CA SER D 588 -25.65 10.68 -51.56
C SER D 588 -26.02 12.03 -52.15
N SER D 589 -25.47 13.10 -51.55
CA SER D 589 -25.33 14.45 -52.10
C SER D 589 -26.63 15.23 -52.29
N LYS D 590 -27.77 14.59 -52.06
CA LYS D 590 -29.05 15.28 -52.18
C LYS D 590 -29.85 15.26 -50.89
N GLY D 591 -29.91 14.13 -50.21
CA GLY D 591 -30.51 14.12 -48.90
C GLY D 591 -29.68 14.76 -47.82
N ALA D 592 -28.39 14.97 -48.09
CA ALA D 592 -27.48 15.54 -47.11
C ALA D 592 -27.88 16.96 -46.74
N LEU D 593 -28.38 17.73 -47.70
CA LEU D 593 -28.90 19.05 -47.38
C LEU D 593 -30.18 18.97 -46.57
N LYS D 594 -30.97 17.90 -46.78
CA LYS D 594 -32.20 17.70 -46.05
C LYS D 594 -31.97 17.14 -44.65
N LEU D 595 -30.74 16.74 -44.33
CA LEU D 595 -30.44 16.22 -43.00
C LEU D 595 -30.51 17.30 -41.93
N TYR D 596 -30.37 18.57 -42.32
CA TYR D 596 -30.57 19.65 -41.36
C TYR D 596 -32.01 19.72 -40.89
N ASN D 597 -32.95 19.33 -41.76
CA ASN D 597 -34.37 19.41 -41.40
C ASN D 597 -34.73 18.37 -40.35
N SER D 598 -34.28 17.13 -40.54
CA SER D 598 -34.63 16.06 -39.63
C SER D 598 -33.99 16.28 -38.26
N LEU D 599 -32.76 16.79 -38.24
CA LEU D 599 -32.11 17.08 -36.98
C LEU D 599 -32.75 18.28 -36.29
N SER D 600 -33.36 19.18 -37.07
CA SER D 600 -34.13 20.26 -36.47
C SER D 600 -35.46 19.77 -35.91
N LYS D 601 -35.85 18.53 -36.17
CA LYS D 601 -37.08 17.95 -35.63
C LYS D 601 -36.78 17.31 -34.29
N SER D 602 -35.54 17.36 -33.81
CA SER D 602 -35.24 16.89 -32.47
C SER D 602 -35.18 18.08 -31.52
N ILE D 603 -34.07 18.82 -31.58
CA ILE D 603 -33.99 20.07 -30.82
C ILE D 603 -34.20 21.34 -31.61
N ILE D 604 -35.34 21.99 -31.41
CA ILE D 604 -35.67 23.20 -32.17
C ILE D 604 -34.63 24.24 -31.82
N GLY D 605 -34.39 24.39 -30.52
CA GLY D 605 -33.44 25.35 -30.01
C GLY D 605 -31.96 25.05 -30.22
N ASN D 606 -31.21 26.11 -30.46
CA ASN D 606 -29.75 26.05 -30.63
C ASN D 606 -29.38 25.72 -32.08
N GLU D 607 -29.73 26.68 -32.94
CA GLU D 607 -29.46 26.56 -34.36
C GLU D 607 -27.96 26.60 -34.65
N ASP D 608 -27.24 27.55 -34.04
CA ASP D 608 -25.82 27.78 -34.30
C ASP D 608 -24.97 26.56 -33.95
N ILE D 609 -25.45 25.74 -33.03
CA ILE D 609 -24.80 24.46 -32.76
C ILE D 609 -25.04 23.49 -33.91
N ILE D 610 -26.30 23.39 -34.35
CA ILE D 610 -26.64 22.40 -35.37
C ILE D 610 -26.16 22.86 -36.75
N LYS D 611 -26.01 24.17 -36.95
CA LYS D 611 -25.45 24.68 -38.21
C LYS D 611 -24.03 24.20 -38.42
N SER D 612 -23.21 24.24 -37.37
CA SER D 612 -21.89 23.63 -37.46
C SER D 612 -21.98 22.12 -37.57
N LEU D 613 -23.00 21.51 -36.95
CA LEU D 613 -23.22 20.08 -37.13
C LEU D 613 -23.69 19.78 -38.55
N SER D 614 -24.38 20.74 -39.17
CA SER D 614 -24.87 20.52 -40.53
C SER D 614 -23.73 20.47 -41.53
N ASP D 615 -22.71 21.30 -41.34
CA ASP D 615 -21.63 21.38 -42.31
C ASP D 615 -20.72 20.17 -42.25
N ALA D 616 -20.60 19.55 -41.07
CA ALA D 616 -19.64 18.47 -40.89
C ALA D 616 -20.02 17.23 -41.69
N VAL D 617 -21.31 16.91 -41.73
CA VAL D 617 -21.78 15.82 -42.58
C VAL D 617 -21.57 16.18 -44.05
N VAL D 618 -21.75 17.45 -44.39
CA VAL D 618 -21.51 17.92 -45.75
C VAL D 618 -20.02 17.87 -46.07
N LYS D 619 -19.16 18.01 -45.06
CA LYS D 619 -17.74 17.77 -45.30
C LYS D 619 -17.43 16.30 -45.52
N ALA D 620 -18.24 15.39 -44.98
CA ALA D 620 -17.84 14.01 -44.81
C ALA D 620 -18.39 13.10 -45.91
N ALA D 621 -19.71 13.02 -46.04
CA ALA D 621 -20.32 12.05 -46.93
C ALA D 621 -20.43 12.55 -48.35
N THR D 622 -19.88 13.72 -48.66
CA THR D 622 -20.02 14.32 -49.97
C THR D 622 -18.73 14.28 -50.77
N GLY D 623 -17.81 13.39 -50.41
CA GLY D 623 -16.57 13.27 -51.15
C GLY D 623 -15.63 14.45 -51.01
N MET D 624 -15.79 15.23 -49.96
CA MET D 624 -14.96 16.41 -49.75
C MET D 624 -13.76 16.03 -48.89
N LYS D 625 -13.08 17.04 -48.35
CA LYS D 625 -11.86 16.81 -47.59
C LYS D 625 -12.14 16.03 -46.30
N ASP D 626 -11.60 14.82 -46.25
CA ASP D 626 -11.55 13.99 -45.05
C ASP D 626 -10.10 14.03 -44.59
N PRO D 627 -9.75 14.92 -43.67
CA PRO D 627 -8.37 14.96 -43.18
C PRO D 627 -8.08 13.81 -42.22
N GLU D 628 -6.86 13.82 -41.67
CA GLU D 628 -6.58 12.97 -40.53
C GLU D 628 -7.26 13.47 -39.26
N LYS D 629 -7.72 14.72 -39.27
CA LYS D 629 -8.68 15.16 -38.26
C LYS D 629 -9.97 14.36 -38.43
N PRO D 630 -10.49 13.77 -37.37
CA PRO D 630 -11.78 13.10 -37.47
C PRO D 630 -12.89 14.11 -37.69
N ILE D 631 -13.85 13.74 -38.53
CA ILE D 631 -14.88 14.69 -38.93
C ILE D 631 -16.00 14.68 -37.91
N GLY D 632 -16.24 15.83 -37.29
CA GLY D 632 -17.39 15.99 -36.43
C GLY D 632 -17.05 16.16 -34.97
N THR D 633 -15.90 16.75 -34.67
CA THR D 633 -15.49 16.92 -33.27
C THR D 633 -16.10 18.20 -32.73
N PHE D 634 -16.91 18.09 -31.69
CA PHE D 634 -17.62 19.24 -31.16
C PHE D 634 -17.74 19.15 -29.65
N LEU D 635 -17.43 20.25 -28.97
CA LEU D 635 -17.68 20.37 -27.54
C LEU D 635 -19.08 20.91 -27.31
N PHE D 636 -19.76 20.39 -26.30
CA PHE D 636 -21.13 20.79 -26.00
C PHE D 636 -21.23 21.20 -24.55
N LEU D 637 -21.78 22.39 -24.30
CA LEU D 637 -21.89 22.93 -22.96
C LEU D 637 -23.31 23.44 -22.73
N GLY D 638 -23.79 23.25 -21.51
CA GLY D 638 -25.10 23.73 -21.13
C GLY D 638 -25.44 23.29 -19.73
N PRO D 639 -26.59 23.72 -19.22
CA PRO D 639 -27.00 23.29 -17.88
C PRO D 639 -27.51 21.86 -17.93
N THR D 640 -27.48 21.23 -16.75
CA THR D 640 -27.95 19.86 -16.64
C THR D 640 -29.46 19.81 -16.87
N GLY D 641 -29.86 19.17 -17.96
CA GLY D 641 -31.26 19.10 -18.28
C GLY D 641 -31.56 19.36 -19.72
N VAL D 642 -30.81 20.27 -20.35
CA VAL D 642 -31.08 20.61 -21.74
C VAL D 642 -30.60 19.49 -22.64
N GLY D 643 -30.94 19.60 -23.92
CA GLY D 643 -30.67 18.51 -24.82
C GLY D 643 -29.23 18.44 -25.30
N LYS D 644 -28.34 18.19 -24.35
CA LYS D 644 -26.92 18.00 -24.62
C LYS D 644 -26.62 16.66 -25.32
N THR D 645 -27.22 15.58 -24.84
CA THR D 645 -26.99 14.25 -25.43
C THR D 645 -28.25 13.94 -26.30
N GLU D 646 -29.33 14.75 -26.24
CA GLU D 646 -30.49 14.56 -27.17
C GLU D 646 -30.05 14.59 -28.72
N LEU D 647 -29.45 15.74 -29.04
CA LEU D 647 -28.67 15.89 -30.28
C LEU D 647 -27.90 14.59 -30.77
N ALA D 648 -27.04 14.14 -29.84
CA ALA D 648 -26.33 12.88 -29.95
C ALA D 648 -27.05 11.56 -30.21
N LYS D 649 -28.16 11.29 -29.52
CA LYS D 649 -28.88 10.07 -29.80
C LYS D 649 -29.47 10.11 -31.20
N THR D 650 -30.10 11.23 -31.56
CA THR D 650 -30.72 11.40 -32.87
C THR D 650 -29.72 11.36 -34.01
N LEU D 651 -28.45 11.65 -33.74
CA LEU D 651 -27.42 11.51 -34.76
C LEU D 651 -27.14 10.06 -35.12
N ALA D 652 -27.63 9.11 -34.33
CA ALA D 652 -27.64 7.71 -34.72
C ALA D 652 -29.03 7.18 -35.00
N ILE D 653 -30.05 7.74 -34.34
CA ILE D 653 -31.42 7.29 -34.56
C ILE D 653 -31.91 7.77 -35.92
N GLU D 654 -31.62 9.01 -36.28
CA GLU D 654 -32.13 9.57 -37.52
C GLU D 654 -31.14 9.51 -38.66
N LEU D 655 -29.85 9.71 -38.39
CA LEU D 655 -28.89 9.68 -39.48
C LEU D 655 -28.65 8.26 -39.96
N PHE D 656 -28.12 7.42 -39.09
CA PHE D 656 -27.79 6.06 -39.50
C PHE D 656 -29.02 5.15 -39.53
N ASN D 657 -30.11 5.57 -38.89
CA ASN D 657 -31.38 4.83 -38.80
C ASN D 657 -31.17 3.46 -38.18
N SER D 658 -30.23 3.34 -37.26
CA SER D 658 -29.81 2.03 -36.76
C SER D 658 -29.68 1.93 -35.25
N LYS D 659 -29.48 3.04 -34.53
CA LYS D 659 -29.25 3.10 -33.09
C LYS D 659 -28.06 2.28 -32.62
N ASP D 660 -27.15 1.89 -33.52
CA ASP D 660 -26.07 0.98 -33.21
C ASP D 660 -24.71 1.62 -33.31
N ASN D 661 -24.60 2.73 -34.02
CA ASN D 661 -23.36 3.48 -34.08
C ASN D 661 -23.12 4.30 -32.83
N LEU D 662 -24.06 4.31 -31.89
CA LEU D 662 -23.89 5.05 -30.65
C LEU D 662 -22.97 4.30 -29.71
N ILE D 663 -22.00 5.00 -29.13
CA ILE D 663 -21.08 4.43 -28.15
C ILE D 663 -21.13 5.31 -26.92
N ARG D 664 -21.91 4.91 -25.92
CA ARG D 664 -21.93 5.64 -24.66
C ARG D 664 -20.64 5.37 -23.90
N VAL D 665 -19.99 6.44 -23.46
CA VAL D 665 -18.77 6.33 -22.66
C VAL D 665 -19.00 7.10 -21.37
N ASN D 666 -19.23 6.37 -20.28
CA ASN D 666 -19.38 6.99 -18.97
C ASN D 666 -18.02 7.46 -18.50
N MET D 667 -17.75 8.75 -18.67
CA MET D 667 -16.46 9.28 -18.23
C MET D 667 -16.39 9.47 -16.73
N SER D 668 -17.50 9.31 -16.02
CA SER D 668 -17.45 9.17 -14.57
C SER D 668 -17.09 7.75 -14.13
N GLU D 669 -16.95 6.81 -15.07
CA GLU D 669 -16.34 5.53 -14.75
C GLU D 669 -14.83 5.56 -14.93
N PHE D 670 -14.28 6.67 -15.39
CA PHE D 670 -12.85 6.83 -15.58
C PHE D 670 -12.27 7.82 -14.59
N THR D 671 -12.74 7.78 -13.34
CA THR D 671 -12.23 8.71 -12.34
C THR D 671 -10.86 8.31 -11.81
N GLU D 672 -10.41 7.10 -12.10
CA GLU D 672 -9.14 6.64 -11.58
C GLU D 672 -7.98 7.08 -12.47
N ALA D 673 -6.79 7.14 -11.86
CA ALA D 673 -5.58 7.37 -12.65
C ALA D 673 -5.17 6.13 -13.43
N HIS D 674 -5.55 4.95 -12.94
CA HIS D 674 -5.27 3.71 -13.66
C HIS D 674 -6.20 3.51 -14.86
N SER D 675 -7.31 4.23 -14.90
CA SER D 675 -8.37 4.04 -15.90
C SER D 675 -7.97 4.45 -17.30
N VAL D 676 -6.78 5.02 -17.48
CA VAL D 676 -6.24 5.31 -18.80
C VAL D 676 -6.13 4.05 -19.64
N SER D 677 -5.73 2.94 -19.01
CA SER D 677 -5.50 1.69 -19.71
C SER D 677 -6.79 1.06 -20.23
N LYS D 678 -7.96 1.50 -19.75
CA LYS D 678 -9.22 0.95 -20.22
C LYS D 678 -9.52 1.33 -21.66
N ILE D 679 -8.86 2.37 -22.19
CA ILE D 679 -9.09 2.76 -23.57
C ILE D 679 -8.01 2.18 -24.45
N THR D 680 -6.75 2.48 -24.16
CA THR D 680 -5.65 2.07 -25.02
C THR D 680 -5.22 0.62 -24.84
N GLY D 681 -5.82 -0.11 -23.90
CA GLY D 681 -5.38 -1.45 -23.61
C GLY D 681 -4.32 -1.48 -22.53
N SER D 682 -3.91 -2.63 -22.21
CA SER D 682 -2.95 -2.79 -21.14
C SER D 682 -1.55 -3.03 -21.70
N PRO D 683 -0.51 -2.61 -20.98
CA PRO D 683 0.86 -2.87 -21.44
C PRO D 683 1.18 -4.35 -21.43
N PRO D 684 2.11 -4.80 -22.28
CA PRO D 684 2.26 -6.25 -22.54
C PRO D 684 2.77 -7.05 -21.36
N GLY D 685 2.40 -8.32 -21.37
CA GLY D 685 2.68 -9.23 -20.28
C GLY D 685 1.79 -9.06 -19.06
N TYR D 686 0.93 -8.05 -19.03
CA TYR D 686 0.19 -7.68 -17.83
C TYR D 686 -1.27 -8.08 -17.99
N VAL D 687 -2.07 -7.75 -16.97
CA VAL D 687 -3.45 -8.23 -16.86
C VAL D 687 -4.30 -7.62 -17.97
N GLY D 688 -4.91 -8.47 -18.78
CA GLY D 688 -5.78 -8.01 -19.84
C GLY D 688 -5.10 -7.68 -21.13
N PHE D 689 -3.92 -8.24 -21.40
CA PHE D 689 -3.27 -7.99 -22.67
C PHE D 689 -3.94 -8.75 -23.81
N SER D 690 -4.70 -9.80 -23.49
CA SER D 690 -5.51 -10.45 -24.51
C SER D 690 -6.64 -9.55 -24.97
N ASP D 691 -7.10 -8.65 -24.11
CA ASP D 691 -7.97 -7.58 -24.56
C ASP D 691 -7.18 -6.56 -25.37
N SER D 692 -7.90 -5.70 -26.07
CA SER D 692 -7.28 -4.69 -26.91
C SER D 692 -7.57 -3.28 -26.43
N GLY D 693 -8.39 -3.13 -25.40
CA GLY D 693 -8.88 -1.82 -25.01
C GLY D 693 -10.38 -1.77 -25.28
N GLN D 694 -11.13 -1.10 -24.41
CA GLN D 694 -12.58 -1.16 -24.50
C GLN D 694 -13.10 -0.33 -25.66
N LEU D 695 -12.55 0.87 -25.86
CA LEU D 695 -13.02 1.74 -26.93
C LEU D 695 -12.28 1.54 -28.24
N THR D 696 -11.07 1.00 -28.19
CA THR D 696 -10.39 0.62 -29.43
C THR D 696 -11.10 -0.55 -30.10
N GLU D 697 -11.68 -1.45 -29.32
CA GLU D 697 -12.29 -2.64 -29.89
C GLU D 697 -13.61 -2.31 -30.59
N ALA D 698 -14.40 -1.42 -29.99
CA ALA D 698 -15.71 -1.11 -30.54
C ALA D 698 -15.59 -0.32 -31.85
N VAL D 699 -14.50 0.42 -32.04
CA VAL D 699 -14.35 1.17 -33.27
C VAL D 699 -13.98 0.24 -34.42
N ARG D 700 -13.24 -0.85 -34.14
CA ARG D 700 -12.94 -1.80 -35.21
C ARG D 700 -14.17 -2.56 -35.67
N GLU D 701 -15.11 -2.80 -34.77
CA GLU D 701 -16.34 -3.47 -35.16
C GLU D 701 -17.24 -2.53 -35.96
N LYS D 702 -17.19 -1.23 -35.68
CA LYS D 702 -18.04 -0.24 -36.34
C LYS D 702 -17.20 0.97 -36.69
N PRO D 703 -16.51 0.94 -37.84
CA PRO D 703 -15.58 2.03 -38.17
C PRO D 703 -16.24 3.34 -38.57
N HIS D 704 -17.57 3.38 -38.73
CA HIS D 704 -18.29 4.60 -39.04
C HIS D 704 -19.39 4.76 -38.01
N SER D 705 -19.13 5.56 -36.98
CA SER D 705 -20.02 5.59 -35.84
C SER D 705 -19.95 6.97 -35.18
N VAL D 706 -20.76 7.15 -34.15
CA VAL D 706 -20.77 8.37 -33.35
C VAL D 706 -20.27 8.03 -31.95
N VAL D 707 -19.46 8.90 -31.37
CA VAL D 707 -18.75 8.60 -30.14
C VAL D 707 -19.15 9.62 -29.09
N LEU D 708 -19.74 9.13 -28.00
CA LEU D 708 -20.07 9.95 -26.85
C LEU D 708 -18.91 10.02 -25.88
N PHE D 709 -18.93 11.05 -25.05
CA PHE D 709 -18.16 11.10 -23.81
C PHE D 709 -19.06 11.83 -22.83
N ASP D 710 -19.66 11.08 -21.91
CA ASP D 710 -20.88 11.54 -21.26
C ASP D 710 -20.61 12.60 -20.19
N GLU D 711 -19.89 12.24 -19.14
CA GLU D 711 -19.74 13.10 -17.97
C GLU D 711 -18.26 13.43 -17.81
N LEU D 712 -17.81 14.47 -18.52
CA LEU D 712 -16.41 14.80 -18.57
C LEU D 712 -15.93 15.53 -17.33
N GLU D 713 -16.81 16.19 -16.59
CA GLU D 713 -16.37 16.99 -15.46
C GLU D 713 -15.89 16.14 -14.29
N LYS D 714 -16.26 14.87 -14.24
CA LYS D 714 -15.74 13.98 -13.23
C LYS D 714 -14.55 13.15 -13.70
N ALA D 715 -14.22 13.21 -14.99
CA ALA D 715 -13.21 12.31 -15.55
C ALA D 715 -11.82 12.68 -15.08
N HIS D 716 -10.97 11.67 -14.96
CA HIS D 716 -9.63 11.87 -14.44
C HIS D 716 -8.77 12.66 -15.42
N ALA D 717 -7.91 13.52 -14.88
CA ALA D 717 -7.20 14.52 -15.68
C ALA D 717 -6.21 13.89 -16.65
N ASP D 718 -5.75 12.68 -16.38
CA ASP D 718 -4.81 12.05 -17.28
C ASP D 718 -5.50 11.28 -18.40
N VAL D 719 -6.80 11.02 -18.29
CA VAL D 719 -7.53 10.47 -19.42
C VAL D 719 -7.72 11.54 -20.47
N PHE D 720 -7.84 12.79 -20.05
CA PHE D 720 -7.86 13.92 -20.97
C PHE D 720 -6.55 14.05 -21.72
N LYS D 721 -5.46 13.56 -21.15
CA LYS D 721 -4.20 13.55 -21.85
C LYS D 721 -4.21 12.59 -23.04
N VAL D 722 -5.08 11.58 -23.02
CA VAL D 722 -5.16 10.67 -24.14
C VAL D 722 -5.94 11.30 -25.29
N LEU D 723 -7.06 11.94 -24.97
CA LEU D 723 -7.97 12.49 -25.98
C LEU D 723 -7.34 13.60 -26.81
N LEU D 724 -6.26 14.22 -26.32
CA LEU D 724 -5.66 15.31 -27.07
C LEU D 724 -4.93 14.81 -28.32
N GLN D 725 -4.63 13.51 -28.40
CA GLN D 725 -4.16 12.96 -29.66
C GLN D 725 -5.25 12.28 -30.45
N ILE D 726 -6.37 11.97 -29.83
CA ILE D 726 -7.48 11.35 -30.55
C ILE D 726 -8.18 12.37 -31.41
N LEU D 727 -8.38 13.58 -30.88
CA LEU D 727 -8.94 14.64 -31.69
C LEU D 727 -7.92 15.19 -32.67
N GLY D 728 -6.65 15.16 -32.30
CA GLY D 728 -5.60 15.69 -33.15
C GLY D 728 -5.31 14.81 -34.34
N ASP D 729 -5.12 13.52 -34.11
CA ASP D 729 -4.83 12.57 -35.18
C ASP D 729 -5.78 11.39 -35.06
N GLY D 730 -5.95 10.68 -36.17
CA GLY D 730 -6.77 9.49 -36.13
C GLY D 730 -6.13 8.35 -35.37
N TYR D 731 -4.81 8.24 -35.42
CA TYR D 731 -4.15 7.02 -35.03
C TYR D 731 -4.05 6.87 -33.52
N ILE D 732 -4.41 5.67 -33.05
CA ILE D 732 -4.10 5.21 -31.70
C ILE D 732 -3.44 3.86 -31.84
N ASN D 733 -2.19 3.76 -31.42
CA ASN D 733 -1.54 2.46 -31.43
C ASN D 733 -2.05 1.63 -30.25
N ASP D 734 -1.98 0.31 -30.41
CA ASP D 734 -2.60 -0.59 -29.45
C ASP D 734 -1.67 -1.70 -28.99
N ASN D 735 -2.27 -2.70 -28.33
CA ASN D 735 -1.56 -3.90 -27.93
C ASN D 735 -0.97 -4.65 -29.12
N HIS D 736 -1.62 -4.57 -30.27
CA HIS D 736 -1.13 -5.08 -31.53
C HIS D 736 -0.24 -4.07 -32.25
N ARG D 737 -0.20 -2.83 -31.74
CA ARG D 737 0.24 -1.64 -32.49
C ARG D 737 -0.54 -1.49 -33.79
N ARG D 738 -1.81 -1.84 -33.75
CA ARG D 738 -2.67 -1.70 -34.90
C ARG D 738 -3.06 -0.24 -35.05
N ASN D 739 -3.30 0.16 -36.29
CA ASN D 739 -3.68 1.52 -36.59
C ASN D 739 -5.19 1.61 -36.66
N ILE D 740 -5.77 2.50 -35.87
CA ILE D 740 -7.19 2.79 -35.92
C ILE D 740 -7.36 4.19 -36.47
N ASP D 741 -8.22 4.34 -37.45
CA ASP D 741 -8.60 5.66 -37.93
C ASP D 741 -9.94 6.05 -37.33
N PHE D 742 -10.18 7.36 -37.27
CA PHE D 742 -11.47 7.87 -36.84
C PHE D 742 -12.08 8.75 -37.92
N SER D 743 -11.71 8.49 -39.17
CA SER D 743 -12.31 9.19 -40.29
C SER D 743 -13.79 8.85 -40.40
N ASN D 744 -14.59 9.88 -40.70
CA ASN D 744 -16.06 9.80 -40.78
C ASN D 744 -16.66 9.28 -39.48
N THR D 745 -16.11 9.71 -38.35
CA THR D 745 -16.64 9.36 -37.03
C THR D 745 -16.89 10.65 -36.27
N ILE D 746 -18.14 10.90 -35.93
CA ILE D 746 -18.49 12.11 -35.20
C ILE D 746 -18.20 11.89 -33.73
N ILE D 747 -17.27 12.68 -33.18
CA ILE D 747 -16.90 12.60 -31.78
C ILE D 747 -17.62 13.70 -31.02
N ILE D 748 -18.33 13.31 -29.97
CA ILE D 748 -19.21 14.23 -29.24
C ILE D 748 -18.72 14.36 -27.80
N MET D 749 -18.70 15.58 -27.31
CA MET D 749 -17.99 15.97 -26.09
C MET D 749 -18.92 16.66 -25.12
N THR D 750 -20.05 16.01 -24.80
CA THR D 750 -20.98 16.57 -23.83
C THR D 750 -20.35 16.60 -22.44
N SER D 751 -20.60 17.70 -21.73
CA SER D 751 -20.11 17.88 -20.37
C SER D 751 -20.97 18.95 -19.72
N ASN D 752 -21.00 18.96 -18.39
CA ASN D 752 -21.94 19.87 -17.76
C ASN D 752 -21.37 21.27 -17.70
N LEU D 753 -20.40 21.51 -16.81
CA LEU D 753 -19.54 22.70 -16.77
C LEU D 753 -20.24 24.06 -16.75
N GLY D 754 -21.56 24.09 -16.58
CA GLY D 754 -22.30 25.33 -16.77
C GLY D 754 -23.14 25.72 -15.59
N ALA D 755 -23.55 24.74 -14.77
CA ALA D 755 -24.34 25.01 -13.58
C ALA D 755 -23.55 25.79 -12.54
N GLU D 756 -22.22 25.76 -12.63
CA GLU D 756 -21.37 26.64 -11.84
C GLU D 756 -21.28 28.04 -12.42
N LEU D 757 -21.81 28.28 -13.62
CA LEU D 757 -21.71 29.61 -14.22
C LEU D 757 -23.09 30.14 -14.63
N PHE D 758 -24.06 29.24 -14.82
CA PHE D 758 -25.44 29.60 -15.14
C PHE D 758 -26.22 29.87 -13.88
N LYS D 759 -25.54 30.47 -12.92
CA LYS D 759 -25.62 30.13 -11.52
C LYS D 759 -26.88 30.66 -10.87
N LYS D 760 -27.14 31.95 -11.03
CA LYS D 760 -28.23 32.66 -10.42
C LYS D 760 -29.41 32.82 -11.35
N LYS D 761 -29.48 31.87 -12.30
CA LYS D 761 -30.48 31.82 -13.35
C LYS D 761 -30.39 33.10 -14.18
N LEU D 762 -29.22 33.30 -14.77
CA LEU D 762 -28.94 34.44 -15.64
C LEU D 762 -29.81 34.51 -16.89
N PHE D 763 -30.06 33.33 -17.47
CA PHE D 763 -30.87 33.16 -18.66
C PHE D 763 -32.32 32.77 -18.33
N PHE D 764 -32.72 33.01 -17.09
CA PHE D 764 -34.07 32.68 -16.65
C PHE D 764 -35.00 33.53 -17.50
N ASP D 765 -36.08 32.93 -17.96
CA ASP D 765 -37.08 33.59 -18.80
C ASP D 765 -36.48 34.21 -20.07
N ALA D 766 -35.55 33.50 -20.69
CA ALA D 766 -34.91 33.99 -21.89
C ALA D 766 -35.89 33.79 -23.03
N ASP D 767 -37.16 33.66 -22.68
CA ASP D 767 -38.20 33.45 -23.68
C ASP D 767 -38.18 34.55 -24.74
N ASN D 768 -37.90 35.78 -24.32
CA ASN D 768 -37.83 36.88 -25.27
C ASN D 768 -36.53 36.86 -26.08
N SER D 769 -35.53 36.10 -25.64
CA SER D 769 -34.31 35.72 -26.36
C SER D 769 -33.31 36.86 -26.51
N GLY D 770 -33.73 38.09 -26.18
CA GLY D 770 -32.89 39.24 -25.94
C GLY D 770 -31.87 39.64 -26.98
N THR D 771 -32.36 40.14 -28.11
CA THR D 771 -31.52 40.87 -29.04
C THR D 771 -30.64 41.95 -28.40
N PRO D 772 -31.11 42.83 -27.45
CA PRO D 772 -30.17 43.81 -26.88
C PRO D 772 -29.16 43.25 -25.89
N GLU D 773 -29.60 42.38 -24.98
CA GLU D 773 -28.77 41.96 -23.86
C GLU D 773 -28.40 40.49 -23.92
N TYR D 774 -29.42 39.64 -24.00
CA TYR D 774 -29.27 38.19 -24.04
C TYR D 774 -28.17 37.76 -24.99
N LYS D 775 -28.19 38.32 -26.19
CA LYS D 775 -27.18 37.97 -27.19
C LYS D 775 -25.79 38.26 -26.67
N ARG D 776 -25.58 39.44 -26.11
CA ARG D 776 -24.28 39.81 -25.59
C ARG D 776 -23.91 39.03 -24.33
N VAL D 777 -24.91 38.51 -23.61
CA VAL D 777 -24.64 37.58 -22.52
C VAL D 777 -24.05 36.30 -23.06
N MET D 778 -24.56 35.81 -24.20
CA MET D 778 -24.04 34.61 -24.82
C MET D 778 -22.61 34.81 -25.32
N GLU D 779 -22.23 36.05 -25.65
CA GLU D 779 -20.84 36.33 -25.88
C GLU D 779 -20.06 36.31 -24.58
N ASP D 780 -20.63 36.92 -23.53
CA ASP D 780 -19.93 37.03 -22.25
C ASP D 780 -19.82 35.70 -21.55
N VAL D 781 -20.83 34.85 -21.70
CA VAL D 781 -20.81 33.54 -21.05
C VAL D 781 -19.79 32.63 -21.71
N ARG D 782 -19.81 32.57 -23.05
CA ARG D 782 -19.05 31.54 -23.76
C ARG D 782 -17.55 31.77 -23.66
N LEU D 783 -17.12 33.03 -23.65
CA LEU D 783 -15.72 33.32 -23.41
C LEU D 783 -15.29 32.92 -22.00
N SER D 784 -16.19 33.05 -21.03
CA SER D 784 -15.90 32.59 -19.68
C SER D 784 -15.94 31.08 -19.56
N LEU D 785 -16.58 30.39 -20.49
CA LEU D 785 -16.53 28.93 -20.50
C LEU D 785 -15.25 28.42 -21.14
N ILE D 786 -14.73 29.17 -22.12
CA ILE D 786 -13.40 28.90 -22.65
C ILE D 786 -12.35 29.09 -21.56
N LYS D 787 -12.60 30.01 -20.63
CA LYS D 787 -11.75 30.16 -19.46
C LYS D 787 -11.77 28.89 -18.60
N LYS D 788 -12.93 28.27 -18.45
CA LYS D 788 -12.98 26.98 -17.76
C LYS D 788 -12.34 25.89 -18.60
N CYS D 789 -12.38 26.02 -19.93
CA CYS D 789 -11.61 25.13 -20.78
C CYS D 789 -10.12 25.39 -20.67
N LYS D 790 -9.74 26.59 -20.27
CA LYS D 790 -8.35 26.81 -19.91
C LYS D 790 -8.03 26.28 -18.54
N LYS D 791 -9.04 26.11 -17.67
CA LYS D 791 -8.79 25.79 -16.26
C LYS D 791 -8.76 24.30 -15.95
N VAL D 792 -9.64 23.50 -16.53
CA VAL D 792 -9.73 22.10 -16.16
C VAL D 792 -8.95 21.28 -17.17
N PHE D 793 -8.85 21.80 -18.38
CA PHE D 793 -8.51 20.95 -19.52
C PHE D 793 -7.09 21.14 -20.04
N LYS D 794 -6.33 22.15 -19.55
CA LYS D 794 -5.02 22.55 -20.09
C LYS D 794 -5.17 22.86 -21.58
N PRO D 795 -5.53 24.10 -21.93
CA PRO D 795 -6.46 24.41 -23.02
C PRO D 795 -6.17 23.94 -24.45
N GLU D 796 -5.23 23.01 -24.67
CA GLU D 796 -5.00 22.43 -25.99
C GLU D 796 -6.24 21.85 -26.66
N PHE D 797 -7.26 21.44 -25.88
CA PHE D 797 -8.54 20.99 -26.41
C PHE D 797 -9.21 22.05 -27.29
N VAL D 798 -9.01 23.33 -26.97
CA VAL D 798 -9.51 24.41 -27.81
C VAL D 798 -8.88 24.34 -29.19
N ASN D 799 -7.59 24.02 -29.25
CA ASN D 799 -6.95 23.82 -30.54
C ASN D 799 -7.39 22.52 -31.19
N ARG D 800 -7.78 21.54 -30.39
CA ARG D 800 -8.17 20.26 -30.97
C ARG D 800 -9.60 20.30 -31.51
N ILE D 801 -10.52 20.84 -30.73
CA ILE D 801 -11.94 20.79 -31.08
C ILE D 801 -12.21 21.75 -32.22
N ASP D 802 -12.98 21.27 -33.21
CA ASP D 802 -13.39 22.12 -34.33
C ASP D 802 -14.22 23.29 -33.87
N LYS D 803 -15.26 23.02 -33.08
CA LYS D 803 -16.23 24.07 -32.75
C LYS D 803 -16.89 23.74 -31.43
N ILE D 804 -16.93 24.71 -30.54
CA ILE D 804 -17.54 24.58 -29.23
C ILE D 804 -18.93 25.18 -29.29
N GLY D 805 -19.93 24.39 -28.92
CA GLY D 805 -21.31 24.86 -28.86
C GLY D 805 -21.77 25.01 -27.43
N VAL D 806 -22.60 26.02 -27.21
CA VAL D 806 -23.16 26.30 -25.88
C VAL D 806 -24.67 26.28 -26.00
N PHE D 807 -25.32 25.46 -25.19
CA PHE D 807 -26.76 25.35 -25.21
C PHE D 807 -27.42 26.41 -24.35
N GLU D 808 -28.36 27.14 -24.93
CA GLU D 808 -29.29 27.93 -24.15
C GLU D 808 -30.22 27.00 -23.37
N PRO D 809 -30.72 27.43 -22.22
CA PRO D 809 -31.78 26.66 -21.56
C PRO D 809 -33.10 26.84 -22.27
N LEU D 810 -34.04 25.96 -21.95
CA LEU D 810 -35.26 25.84 -22.71
C LEU D 810 -36.21 27.00 -22.40
N ASN D 811 -36.75 27.62 -23.44
CA ASN D 811 -37.75 28.64 -23.25
C ASN D 811 -39.15 28.01 -23.32
N LYS D 812 -40.14 28.77 -22.89
CA LYS D 812 -41.50 28.25 -22.91
C LYS D 812 -42.06 28.15 -24.31
N LYS D 813 -41.62 29.03 -25.23
CA LYS D 813 -41.91 28.83 -26.64
C LYS D 813 -41.27 27.56 -27.17
N ASN D 814 -40.10 27.20 -26.65
CA ASN D 814 -39.52 25.91 -27.01
C ASN D 814 -40.33 24.79 -26.39
N LEU D 815 -40.79 24.98 -25.15
CA LEU D 815 -41.48 23.91 -24.42
C LEU D 815 -42.87 23.62 -24.98
N HIS D 816 -43.42 24.47 -25.84
CA HIS D 816 -44.67 24.13 -26.52
C HIS D 816 -44.48 22.94 -27.44
N LYS D 817 -43.57 23.08 -28.42
CA LYS D 817 -43.41 22.08 -29.45
C LYS D 817 -42.59 20.88 -28.98
N ILE D 818 -41.67 21.10 -28.05
CA ILE D 818 -40.73 20.06 -27.64
C ILE D 818 -41.41 19.00 -26.79
N VAL D 819 -42.25 19.42 -25.85
CA VAL D 819 -43.01 18.47 -25.04
C VAL D 819 -44.02 17.73 -25.92
N ALA D 820 -44.52 18.39 -26.98
CA ALA D 820 -45.47 17.77 -27.89
C ALA D 820 -44.88 16.62 -28.70
N LEU D 821 -43.54 16.56 -28.83
CA LEU D 821 -42.94 15.50 -29.61
C LEU D 821 -43.03 14.16 -28.91
N ARG D 822 -43.08 14.16 -27.57
CA ARG D 822 -43.22 12.91 -26.84
C ARG D 822 -44.59 12.28 -27.06
N PHE D 823 -45.60 13.10 -27.33
CA PHE D 823 -46.93 12.57 -27.62
C PHE D 823 -47.03 12.00 -29.02
N LYS D 824 -46.10 12.33 -29.92
CA LYS D 824 -46.06 11.66 -31.20
C LYS D 824 -45.48 10.25 -31.06
N LYS D 825 -44.43 10.11 -30.25
CA LYS D 825 -43.87 8.80 -29.98
C LYS D 825 -44.67 8.03 -28.94
N LEU D 826 -45.60 8.70 -28.24
CA LEU D 826 -46.47 8.01 -27.29
C LEU D 826 -47.40 7.05 -28.01
N GLU D 827 -47.86 7.43 -29.20
CA GLU D 827 -48.79 6.60 -29.95
C GLU D 827 -48.10 5.43 -30.66
N LYS D 828 -46.77 5.42 -30.69
CA LYS D 828 -46.06 4.30 -31.30
C LYS D 828 -46.03 3.09 -30.39
N ARG D 829 -45.80 3.28 -29.09
CA ARG D 829 -45.81 2.17 -28.16
C ARG D 829 -47.22 1.79 -27.71
N LEU D 830 -48.19 2.70 -27.83
CA LEU D 830 -49.53 2.48 -27.30
C LEU D 830 -50.58 2.32 -28.39
N GLU D 831 -50.19 1.99 -29.61
CA GLU D 831 -51.19 1.67 -30.63
C GLU D 831 -51.74 0.27 -30.45
N GLU D 832 -51.03 -0.60 -29.74
CA GLU D 832 -51.64 -1.85 -29.25
C GLU D 832 -52.74 -1.55 -28.26
N LYS D 833 -52.48 -0.60 -27.35
CA LYS D 833 -53.49 -0.20 -26.38
C LYS D 833 -54.62 0.58 -27.03
N ASN D 834 -54.30 1.32 -28.11
CA ASN D 834 -55.26 2.08 -28.92
C ASN D 834 -56.02 3.11 -28.07
N ILE D 835 -55.31 3.73 -27.14
CA ILE D 835 -55.75 4.97 -26.51
C ILE D 835 -54.94 6.11 -27.12
N GLN D 836 -55.61 6.96 -27.88
CA GLN D 836 -54.96 8.07 -28.57
C GLN D 836 -55.19 9.32 -27.73
N VAL D 837 -54.15 9.73 -27.00
CA VAL D 837 -54.25 10.88 -26.11
C VAL D 837 -54.08 12.16 -26.93
N SER D 838 -55.07 13.04 -26.85
CA SER D 838 -55.02 14.34 -27.50
C SER D 838 -54.69 15.40 -26.48
N VAL D 839 -53.75 16.28 -26.82
CA VAL D 839 -53.25 17.31 -25.93
C VAL D 839 -53.69 18.66 -26.49
N SER D 840 -54.62 19.30 -25.81
CA SER D 840 -54.96 20.68 -26.14
C SER D 840 -53.87 21.61 -25.64
N GLU D 841 -53.94 22.88 -26.07
CA GLU D 841 -52.98 23.86 -25.62
C GLU D 841 -53.18 24.21 -24.15
N LYS D 842 -54.39 23.97 -23.62
CA LYS D 842 -54.63 24.15 -22.19
C LYS D 842 -53.84 23.15 -21.37
N ALA D 843 -53.62 21.95 -21.91
CA ALA D 843 -52.83 20.94 -21.22
C ALA D 843 -51.34 21.22 -21.24
N ILE D 844 -50.90 22.19 -22.02
CA ILE D 844 -49.46 22.46 -22.15
C ILE D 844 -48.93 23.15 -20.90
N ASP D 845 -49.55 24.28 -20.53
CA ASP D 845 -49.01 25.12 -19.47
C ASP D 845 -49.28 24.56 -18.08
N TYR D 846 -50.23 23.64 -17.94
CA TYR D 846 -50.44 22.98 -16.65
C TYR D 846 -49.25 22.10 -16.30
N ILE D 847 -48.67 21.44 -17.30
CA ILE D 847 -47.50 20.61 -17.08
C ILE D 847 -46.28 21.48 -16.77
N ILE D 848 -46.14 22.58 -17.49
CA ILE D 848 -44.92 23.37 -17.42
C ILE D 848 -44.85 24.16 -16.12
N ASP D 849 -45.93 24.88 -15.79
CA ASP D 849 -45.89 25.91 -14.76
C ASP D 849 -45.86 25.35 -13.34
N GLN D 850 -45.98 24.04 -13.17
CA GLN D 850 -45.82 23.42 -11.87
C GLN D 850 -44.51 22.65 -11.74
N SER D 851 -43.73 22.55 -12.81
CA SER D 851 -42.60 21.64 -12.84
C SER D 851 -41.31 22.27 -13.36
N TYR D 852 -41.40 23.26 -14.23
CA TYR D 852 -40.24 23.74 -14.95
C TYR D 852 -39.37 24.66 -14.09
N ASP D 853 -38.06 24.54 -14.27
CA ASP D 853 -37.11 25.57 -13.86
C ASP D 853 -35.94 25.54 -14.83
N PRO D 854 -35.19 26.63 -14.94
CA PRO D 854 -33.97 26.58 -15.76
C PRO D 854 -32.84 25.78 -15.14
N GLU D 855 -32.93 25.45 -13.85
CA GLU D 855 -31.93 24.58 -13.22
C GLU D 855 -31.95 23.20 -13.85
N LEU D 856 -33.04 22.47 -13.67
CA LEU D 856 -33.12 21.07 -14.07
C LEU D 856 -33.40 20.91 -15.55
N GLY D 857 -33.58 22.01 -16.28
CA GLY D 857 -33.60 21.99 -17.73
C GLY D 857 -34.74 21.21 -18.34
N ALA D 858 -35.93 21.30 -17.74
CA ALA D 858 -37.13 20.56 -18.15
C ALA D 858 -36.90 19.05 -18.17
N ARG D 859 -36.07 18.54 -17.28
CA ARG D 859 -35.94 17.08 -17.21
C ARG D 859 -37.12 16.43 -16.48
N PRO D 860 -37.52 16.85 -15.27
CA PRO D 860 -38.65 16.15 -14.65
C PRO D 860 -40.01 16.60 -15.17
N THR D 861 -40.06 17.50 -16.15
CA THR D 861 -41.35 17.89 -16.71
C THR D 861 -41.97 16.73 -17.46
N LEU D 862 -41.15 15.95 -18.16
CA LEU D 862 -41.62 14.73 -18.78
C LEU D 862 -41.91 13.66 -17.73
N ILE D 863 -41.20 13.72 -16.60
CA ILE D 863 -41.55 12.89 -15.46
C ILE D 863 -42.82 13.41 -14.80
N PHE D 864 -43.03 14.74 -14.83
CA PHE D 864 -44.29 15.30 -14.33
C PHE D 864 -45.47 14.87 -15.19
N ILE D 865 -45.24 14.60 -16.48
CA ILE D 865 -46.24 13.89 -17.26
C ILE D 865 -46.40 12.48 -16.72
N GLU D 866 -45.30 11.81 -16.39
CA GLU D 866 -45.39 10.41 -16.02
C GLU D 866 -45.88 10.18 -14.60
N SER D 867 -45.80 11.18 -13.72
CA SER D 867 -46.02 10.95 -12.30
C SER D 867 -47.46 11.15 -11.85
N VAL D 868 -48.30 11.82 -12.64
CA VAL D 868 -49.69 12.09 -12.27
C VAL D 868 -50.66 11.33 -13.16
N ILE D 869 -50.54 11.48 -14.49
CA ILE D 869 -51.50 10.84 -15.38
C ILE D 869 -51.04 9.46 -15.87
N MET D 870 -49.74 9.26 -16.08
CA MET D 870 -49.31 8.06 -16.79
C MET D 870 -49.29 6.82 -15.92
N THR D 871 -49.32 6.97 -14.59
CA THR D 871 -49.33 5.78 -13.74
C THR D 871 -50.71 5.12 -13.72
N LYS D 872 -51.77 5.90 -13.91
CA LYS D 872 -53.12 5.35 -13.75
C LYS D 872 -53.69 4.77 -15.04
N PHE D 873 -52.92 4.74 -16.14
CA PHE D 873 -53.39 4.04 -17.32
C PHE D 873 -53.33 2.52 -17.15
N ALA D 874 -52.42 2.04 -16.29
CA ALA D 874 -52.31 0.60 -16.05
C ALA D 874 -53.51 0.09 -15.27
N ILE D 875 -54.04 0.89 -14.36
CA ILE D 875 -55.22 0.47 -13.59
C ILE D 875 -56.47 0.53 -14.47
N MET D 876 -56.61 1.60 -15.26
CA MET D 876 -57.77 1.76 -16.14
C MET D 876 -57.79 0.73 -17.27
N TYR D 877 -56.64 0.18 -17.63
CA TYR D 877 -56.59 -0.86 -18.64
C TYR D 877 -57.04 -2.22 -18.09
N LEU D 878 -56.94 -2.43 -16.77
CA LEU D 878 -57.31 -3.71 -16.18
C LEU D 878 -58.81 -3.96 -16.30
N LYS D 879 -59.62 -3.05 -15.75
CA LYS D 879 -61.06 -3.13 -15.94
C LYS D 879 -61.42 -2.58 -17.32
N LYS D 880 -62.66 -2.85 -17.73
CA LYS D 880 -63.08 -2.65 -19.13
C LYS D 880 -63.78 -1.31 -19.28
N GLU D 881 -62.99 -0.24 -19.31
CA GLU D 881 -63.52 1.10 -19.61
C GLU D 881 -62.86 1.72 -20.84
N LEU D 882 -61.54 1.83 -20.86
CA LEU D 882 -60.83 2.54 -21.91
C LEU D 882 -59.94 1.58 -22.70
N VAL D 883 -60.44 0.37 -22.94
CA VAL D 883 -59.55 -0.71 -23.36
C VAL D 883 -59.18 -0.59 -24.83
N ASP D 884 -60.17 -0.51 -25.72
CA ASP D 884 -59.87 -0.66 -27.15
C ASP D 884 -60.13 0.59 -27.96
N ASP D 885 -61.35 1.11 -28.01
CA ASP D 885 -61.66 2.24 -28.91
C ASP D 885 -62.33 3.33 -28.09
N MET D 886 -61.50 4.16 -27.44
CA MET D 886 -61.98 5.23 -26.57
C MET D 886 -61.04 6.41 -26.74
N ASP D 887 -61.53 7.49 -27.34
CA ASP D 887 -60.71 8.69 -27.59
C ASP D 887 -60.67 9.52 -26.32
N VAL D 888 -59.57 9.42 -25.58
CA VAL D 888 -59.42 10.22 -24.36
C VAL D 888 -59.06 11.64 -24.74
N PHE D 889 -59.94 12.58 -24.42
CA PHE D 889 -59.68 14.00 -24.62
C PHE D 889 -59.17 14.56 -23.29
N VAL D 890 -57.87 14.80 -23.23
CA VAL D 890 -57.23 15.34 -22.03
C VAL D 890 -57.29 16.86 -22.10
N ASP D 891 -57.82 17.48 -21.05
CA ASP D 891 -57.96 18.93 -21.04
C ASP D 891 -58.01 19.40 -19.60
N TYR D 892 -57.66 20.66 -19.40
CA TYR D 892 -57.82 21.36 -18.13
C TYR D 892 -58.62 22.62 -18.37
N ASN D 893 -59.69 22.79 -17.60
CA ASN D 893 -60.50 24.00 -17.62
C ASN D 893 -60.19 24.85 -16.39
N SER D 894 -58.89 24.91 -16.06
CA SER D 894 -58.38 25.37 -14.77
C SER D 894 -59.08 24.64 -13.62
N LYS D 895 -59.16 23.32 -13.75
CA LYS D 895 -59.86 22.47 -12.80
C LYS D 895 -58.96 21.46 -12.12
N ALA D 896 -57.68 21.38 -12.53
CA ALA D 896 -56.62 20.63 -11.83
C ALA D 896 -56.89 19.13 -11.77
N LYS D 897 -57.52 18.60 -12.81
CA LYS D 897 -57.79 17.17 -12.89
C LYS D 897 -57.93 16.78 -14.35
N ASN D 898 -57.32 15.64 -14.71
CA ASN D 898 -57.49 15.10 -16.05
C ASN D 898 -58.93 14.62 -16.23
N LEU D 899 -59.44 14.79 -17.44
CA LEU D 899 -60.83 14.54 -17.73
C LEU D 899 -61.01 13.18 -18.40
N VAL D 900 -62.17 12.57 -18.14
CA VAL D 900 -62.53 11.26 -18.67
C VAL D 900 -63.65 11.53 -19.68
N ILE D 901 -63.59 12.71 -20.31
CA ILE D 901 -64.45 13.00 -21.44
C ILE D 901 -63.94 12.21 -22.63
N ASN D 902 -64.78 11.32 -23.16
CA ASN D 902 -64.35 10.34 -24.13
C ASN D 902 -65.28 10.33 -25.33
N LEU D 903 -64.73 9.98 -26.49
CA LEU D 903 -65.43 10.05 -27.76
C LEU D 903 -65.32 8.72 -28.47
N SER D 904 -65.79 8.69 -29.72
CA SER D 904 -65.78 7.48 -30.53
C SER D 904 -64.42 7.26 -31.19
N LEU E 188 38.03 -51.65 -45.84
CA LEU E 188 37.18 -52.76 -46.25
C LEU E 188 35.71 -52.34 -46.30
N TYR E 189 35.34 -51.43 -45.41
CA TYR E 189 33.96 -50.98 -45.32
C TYR E 189 33.60 -50.09 -46.51
N ILE E 190 32.31 -50.07 -46.83
CA ILE E 190 31.77 -49.29 -47.95
C ILE E 190 32.11 -47.82 -47.79
N GLU E 191 32.00 -47.30 -46.55
CA GLU E 191 32.39 -45.98 -46.05
C GLU E 191 31.42 -44.89 -46.53
N GLN E 192 30.52 -45.19 -47.47
CA GLN E 192 29.59 -44.19 -48.00
C GLN E 192 28.24 -44.23 -47.32
N PHE E 193 28.18 -44.64 -46.05
CA PHE E 193 26.91 -44.55 -45.34
C PHE E 193 26.56 -43.10 -45.01
N GLY E 194 27.57 -42.29 -44.72
CA GLY E 194 27.35 -40.87 -44.60
C GLY E 194 27.78 -40.21 -45.88
N SER E 195 28.94 -39.55 -45.86
CA SER E 195 29.60 -39.14 -47.09
C SER E 195 31.10 -39.06 -46.82
N ASN E 196 31.88 -39.35 -47.85
CA ASN E 196 33.32 -39.23 -47.72
C ASN E 196 33.72 -37.78 -47.67
N MET E 197 34.77 -37.50 -46.94
CA MET E 197 35.23 -36.14 -46.77
C MET E 197 36.63 -35.93 -47.29
N ASN E 198 37.47 -36.95 -47.21
CA ASN E 198 38.83 -36.83 -47.71
C ASN E 198 38.84 -36.74 -49.23
N GLU E 199 38.09 -37.61 -49.91
CA GLU E 199 38.21 -37.74 -51.36
C GLU E 199 37.61 -36.54 -52.10
N LYS E 200 36.71 -35.80 -51.45
CA LYS E 200 36.17 -34.61 -52.08
C LYS E 200 37.15 -33.46 -52.08
N VAL E 201 38.04 -33.41 -51.07
CA VAL E 201 39.10 -32.41 -51.08
C VAL E 201 40.29 -32.92 -51.90
N ARG E 202 40.41 -34.24 -52.05
CA ARG E 202 41.34 -34.79 -53.03
C ARG E 202 40.98 -34.39 -54.45
N ASN E 203 39.69 -34.21 -54.72
CA ASN E 203 39.25 -33.62 -55.97
C ASN E 203 39.59 -32.13 -56.05
N GLY E 204 39.90 -31.50 -54.93
CA GLY E 204 40.26 -30.10 -54.93
C GLY E 204 39.12 -29.14 -54.78
N LYS E 205 37.96 -29.63 -54.31
CA LYS E 205 36.79 -28.75 -54.24
C LYS E 205 36.89 -27.78 -53.08
N LEU E 206 37.59 -28.13 -52.01
CA LEU E 206 37.62 -27.33 -50.80
C LEU E 206 39.04 -26.99 -50.39
N GLN E 207 39.91 -26.72 -51.36
CA GLN E 207 41.29 -26.41 -51.06
C GLN E 207 41.42 -25.02 -50.45
N GLY E 208 42.49 -24.84 -49.67
CA GLY E 208 42.93 -23.53 -49.25
C GLY E 208 42.01 -22.81 -48.28
N ILE E 209 41.95 -23.28 -47.04
CA ILE E 209 41.11 -22.66 -46.02
C ILE E 209 41.99 -21.79 -45.14
N TYR E 210 41.63 -20.50 -45.05
CA TYR E 210 42.27 -19.62 -44.09
C TYR E 210 41.97 -20.10 -42.69
N GLY E 211 43.00 -20.17 -41.88
CA GLY E 211 42.88 -20.94 -40.66
C GLY E 211 43.04 -20.18 -39.38
N ARG E 212 42.29 -20.62 -38.37
CA ARG E 212 42.52 -20.19 -36.99
C ARG E 212 43.31 -21.31 -36.33
N ASP E 213 44.63 -21.12 -36.27
CA ASP E 213 45.52 -22.22 -35.91
C ASP E 213 45.41 -22.59 -34.44
N GLU E 214 45.06 -21.63 -33.58
CA GLU E 214 44.81 -21.96 -32.18
C GLU E 214 43.55 -22.78 -32.04
N GLU E 215 42.60 -22.60 -32.95
CA GLU E 215 41.36 -23.37 -32.92
C GLU E 215 41.58 -24.78 -33.43
N ILE E 216 42.43 -24.94 -34.44
CA ILE E 216 42.67 -26.25 -35.03
C ILE E 216 43.39 -27.16 -34.05
N ARG E 217 44.40 -26.62 -33.36
CA ARG E 217 45.14 -27.41 -32.39
C ARG E 217 44.34 -27.71 -31.15
N ALA E 218 43.31 -26.91 -30.87
CA ALA E 218 42.41 -27.26 -29.79
C ALA E 218 41.68 -28.56 -30.08
N ILE E 219 41.38 -28.82 -31.35
CA ILE E 219 40.78 -30.09 -31.72
C ILE E 219 41.79 -31.22 -31.55
N ILE E 220 42.99 -31.02 -32.11
CA ILE E 220 43.99 -32.09 -32.23
C ILE E 220 44.46 -32.55 -30.85
N GLU E 221 44.59 -31.62 -29.92
CA GLU E 221 44.97 -32.00 -28.56
C GLU E 221 43.83 -32.69 -27.83
N SER E 222 42.59 -32.43 -28.21
CA SER E 222 41.50 -33.23 -27.68
C SER E 222 41.41 -34.57 -28.39
N LEU E 223 42.06 -34.68 -29.55
CA LEU E 223 41.98 -35.92 -30.32
C LEU E 223 42.98 -36.97 -29.87
N LEU E 224 44.00 -36.60 -29.11
CA LEU E 224 45.08 -37.53 -28.79
C LEU E 224 45.02 -38.03 -27.36
N ARG E 225 43.95 -37.73 -26.64
CA ARG E 225 43.88 -38.06 -25.22
C ARG E 225 43.51 -39.53 -25.05
N TYR E 226 44.01 -40.13 -23.97
CA TYR E 226 43.62 -41.51 -23.65
C TYR E 226 42.14 -41.61 -23.31
N ASN E 227 41.61 -40.68 -22.54
CA ASN E 227 40.25 -40.82 -22.02
C ASN E 227 39.19 -40.13 -22.88
N LYS E 228 39.25 -38.82 -23.02
CA LYS E 228 38.22 -38.07 -23.71
C LYS E 228 38.65 -37.84 -25.15
N ASN E 229 37.81 -38.26 -26.09
CA ASN E 229 38.16 -38.16 -27.50
C ASN E 229 37.00 -37.63 -28.32
N SER E 230 36.40 -36.53 -27.88
CA SER E 230 35.23 -36.00 -28.57
C SER E 230 35.10 -34.50 -28.35
N PRO E 231 35.69 -33.70 -29.23
CA PRO E 231 35.45 -32.25 -29.19
C PRO E 231 34.13 -31.90 -29.85
N VAL E 232 33.59 -30.76 -29.44
CA VAL E 232 32.41 -30.16 -30.07
C VAL E 232 32.70 -28.70 -30.33
N LEU E 233 32.51 -28.26 -31.58
CA LEU E 233 32.63 -26.86 -31.94
C LEU E 233 31.33 -26.14 -31.60
N VAL E 234 31.18 -25.77 -30.34
CA VAL E 234 30.11 -24.86 -29.97
C VAL E 234 30.49 -23.47 -30.45
N GLY E 235 29.56 -22.80 -31.11
CA GLY E 235 29.86 -21.45 -31.58
C GLY E 235 28.63 -20.66 -31.91
N ASN E 236 28.80 -19.34 -31.81
CA ASN E 236 27.94 -18.32 -32.39
C ASN E 236 27.59 -18.68 -33.82
N PRO E 237 26.30 -18.89 -34.15
CA PRO E 237 25.92 -19.65 -35.37
C PRO E 237 26.43 -19.13 -36.70
N GLY E 238 26.82 -17.86 -36.77
CA GLY E 238 27.27 -17.31 -38.03
C GLY E 238 28.63 -17.81 -38.46
N THR E 239 29.48 -18.17 -37.52
CA THR E 239 30.88 -18.39 -37.80
C THR E 239 31.09 -19.71 -38.53
N GLY E 240 32.35 -19.95 -38.90
CA GLY E 240 32.70 -21.22 -39.51
C GLY E 240 32.72 -22.32 -38.48
N LYS E 241 31.97 -23.39 -38.73
CA LYS E 241 32.07 -24.60 -37.94
C LYS E 241 32.51 -25.75 -38.83
N THR E 242 31.79 -25.95 -39.94
CA THR E 242 32.19 -26.94 -40.93
C THR E 242 33.55 -26.59 -41.52
N THR E 243 33.78 -25.30 -41.77
CA THR E 243 35.02 -24.85 -42.40
C THR E 243 36.22 -25.08 -41.52
N ILE E 244 36.04 -25.15 -40.19
CA ILE E 244 37.13 -25.57 -39.32
C ILE E 244 37.40 -27.06 -39.51
N VAL E 245 36.35 -27.87 -39.52
CA VAL E 245 36.50 -29.31 -39.72
C VAL E 245 36.97 -29.61 -41.13
N GLU E 246 36.49 -28.86 -42.11
CA GLU E 246 37.04 -28.94 -43.44
C GLU E 246 38.48 -28.45 -43.48
N GLY E 247 38.84 -27.54 -42.56
CA GLY E 247 40.22 -27.12 -42.45
C GLY E 247 41.13 -28.24 -41.97
N LEU E 248 40.59 -29.20 -41.23
CA LEU E 248 41.39 -30.34 -40.79
C LEU E 248 41.81 -31.20 -41.97
N VAL E 249 40.91 -31.38 -42.93
CA VAL E 249 41.17 -32.25 -44.07
C VAL E 249 42.32 -31.71 -44.90
N TYR E 250 42.35 -30.40 -45.07
CA TYR E 250 43.46 -29.77 -45.78
C TYR E 250 44.77 -29.91 -45.02
N ARG E 251 44.71 -29.98 -43.69
CA ARG E 251 45.91 -30.25 -42.92
C ARG E 251 46.35 -31.70 -43.08
N ILE E 252 45.42 -32.59 -43.41
CA ILE E 252 45.77 -34.01 -43.55
C ILE E 252 46.36 -34.29 -44.92
N GLU E 253 45.70 -33.79 -45.98
CA GLU E 253 46.15 -34.07 -47.33
C GLU E 253 47.50 -33.44 -47.62
N LYS E 254 47.72 -32.23 -47.11
CA LYS E 254 49.04 -31.65 -47.18
C LYS E 254 49.99 -32.21 -46.13
N GLY E 255 49.48 -33.00 -45.19
CA GLY E 255 50.32 -33.64 -44.22
C GLY E 255 50.81 -32.76 -43.10
N ASP E 256 50.12 -31.67 -42.80
CA ASP E 256 50.51 -30.80 -41.69
C ASP E 256 49.80 -31.21 -40.40
N VAL E 257 49.87 -32.49 -40.08
CA VAL E 257 49.27 -33.05 -38.88
C VAL E 257 50.34 -33.90 -38.20
N PRO E 258 50.21 -34.16 -36.90
CA PRO E 258 51.17 -35.07 -36.25
C PRO E 258 51.01 -36.49 -36.75
N LYS E 259 52.07 -37.28 -36.50
CA LYS E 259 52.23 -38.59 -37.12
C LYS E 259 51.14 -39.57 -36.70
N GLU E 260 50.68 -39.47 -35.46
CA GLU E 260 49.68 -40.41 -34.96
C GLU E 260 48.29 -40.13 -35.49
N LEU E 261 48.08 -39.00 -36.16
CA LEU E 261 46.82 -38.70 -36.82
C LEU E 261 46.89 -38.81 -38.33
N GLN E 262 48.05 -39.16 -38.87
CA GLN E 262 48.20 -39.23 -40.31
C GLN E 262 47.49 -40.45 -40.87
N GLY E 263 46.98 -40.30 -42.07
CA GLY E 263 46.32 -41.40 -42.74
C GLY E 263 44.81 -41.33 -42.65
N TYR E 264 44.29 -40.98 -41.47
CA TYR E 264 42.87 -41.10 -41.15
C TYR E 264 42.00 -40.23 -42.07
N THR E 265 40.81 -40.73 -42.35
CA THR E 265 39.88 -40.04 -43.22
C THR E 265 38.68 -39.55 -42.42
N VAL E 266 38.24 -38.35 -42.73
CA VAL E 266 37.05 -37.81 -42.11
C VAL E 266 35.85 -38.42 -42.80
N ILE E 267 34.81 -38.73 -42.03
CA ILE E 267 33.55 -39.21 -42.59
C ILE E 267 32.46 -38.27 -42.09
N SER E 268 31.97 -37.43 -42.99
CA SER E 268 30.80 -36.63 -42.68
C SER E 268 29.54 -37.49 -42.79
N LEU E 269 28.54 -37.15 -42.00
CA LEU E 269 27.38 -38.03 -41.79
C LEU E 269 26.09 -37.34 -42.20
N ASN E 270 25.56 -37.73 -43.36
CA ASN E 270 24.34 -37.13 -43.87
C ASN E 270 23.11 -37.79 -43.26
N PHE E 271 22.26 -36.98 -42.66
CA PHE E 271 21.05 -37.49 -42.01
C PHE E 271 19.94 -37.82 -42.99
N ARG E 272 20.19 -37.63 -44.29
CA ARG E 272 19.39 -38.29 -45.32
C ARG E 272 19.47 -39.80 -45.18
N LYS E 273 20.64 -40.33 -44.81
CA LYS E 273 20.90 -41.75 -44.95
C LYS E 273 20.82 -42.53 -43.65
N PHE E 274 20.63 -41.88 -42.50
CA PHE E 274 20.45 -42.63 -41.26
C PHE E 274 19.06 -43.24 -41.18
N THR E 275 18.04 -42.47 -41.50
CA THR E 275 16.67 -42.96 -41.53
C THR E 275 16.30 -43.53 -42.87
N SER E 276 17.27 -43.72 -43.77
CA SER E 276 16.97 -44.29 -45.08
C SER E 276 16.76 -45.80 -45.00
N GLY E 277 17.46 -46.49 -44.10
CA GLY E 277 17.39 -47.93 -44.06
C GLY E 277 16.56 -48.50 -42.92
N THR E 278 15.56 -47.75 -42.47
CA THR E 278 14.70 -48.20 -41.38
C THR E 278 13.48 -48.94 -41.93
N SER E 279 13.75 -50.04 -42.64
CA SER E 279 12.65 -50.79 -43.25
C SER E 279 11.94 -51.70 -42.26
N TYR E 280 12.62 -52.11 -41.19
CA TYR E 280 12.00 -52.90 -40.14
C TYR E 280 12.39 -52.30 -38.79
N ARG E 281 11.99 -53.00 -37.72
CA ARG E 281 12.21 -52.47 -36.37
C ARG E 281 13.66 -52.61 -35.94
N GLY E 282 14.25 -53.79 -36.12
CA GLY E 282 15.60 -54.01 -35.64
C GLY E 282 16.67 -53.37 -36.48
N GLU E 283 16.33 -52.91 -37.69
CA GLU E 283 17.34 -52.58 -38.68
C GLU E 283 18.05 -51.25 -38.43
N PHE E 284 17.57 -50.41 -37.52
CA PHE E 284 18.27 -49.16 -37.27
C PHE E 284 19.53 -49.39 -36.45
N GLU E 285 19.39 -49.93 -35.25
CA GLU E 285 20.49 -49.95 -34.30
C GLU E 285 21.53 -51.02 -34.62
N THR E 286 21.19 -51.98 -35.48
CA THR E 286 22.19 -52.92 -35.94
C THR E 286 23.21 -52.27 -36.86
N ARG E 287 22.82 -51.18 -37.54
CA ARG E 287 23.78 -50.43 -38.34
C ARG E 287 24.78 -49.72 -37.46
N MET E 288 24.34 -49.23 -36.30
CA MET E 288 25.23 -48.53 -35.39
C MET E 288 26.21 -49.48 -34.73
N LYS E 289 25.78 -50.71 -34.48
CA LYS E 289 26.70 -51.72 -33.98
C LYS E 289 27.71 -52.13 -35.03
N ASN E 290 27.36 -52.01 -36.31
CA ASN E 290 28.31 -52.30 -37.38
C ASN E 290 29.43 -51.27 -37.41
N ILE E 291 29.13 -50.03 -37.03
CA ILE E 291 30.13 -48.97 -37.12
C ILE E 291 31.16 -49.12 -36.01
N ILE E 292 30.69 -49.37 -34.79
CA ILE E 292 31.56 -49.39 -33.61
C ILE E 292 32.55 -50.55 -33.67
N LYS E 293 32.10 -51.69 -34.18
CA LYS E 293 32.98 -52.85 -34.33
C LYS E 293 34.10 -52.58 -35.32
N GLU E 294 33.84 -51.76 -36.33
CA GLU E 294 34.86 -51.44 -37.31
C GLU E 294 35.83 -50.38 -36.82
N LEU E 295 35.49 -49.67 -35.76
CA LEU E 295 36.44 -48.73 -35.19
C LEU E 295 37.29 -49.38 -34.11
N LYS E 296 36.98 -50.62 -33.74
CA LYS E 296 37.89 -51.43 -32.95
C LYS E 296 39.05 -51.96 -33.78
N ASN E 297 38.89 -52.02 -35.10
CA ASN E 297 39.90 -52.62 -35.96
C ASN E 297 41.18 -51.81 -35.99
N LYS E 298 41.04 -50.47 -36.03
CA LYS E 298 42.09 -49.44 -35.94
C LYS E 298 42.95 -49.38 -37.21
N LYS E 299 42.86 -50.42 -38.05
CA LYS E 299 43.29 -50.33 -39.43
C LYS E 299 42.31 -49.52 -40.23
N ASN E 300 41.05 -49.48 -39.80
CA ASN E 300 40.11 -48.52 -40.32
C ASN E 300 40.53 -47.11 -39.89
N LYS E 301 40.04 -46.13 -40.64
CA LYS E 301 40.40 -44.75 -40.42
C LYS E 301 39.22 -44.02 -39.79
N ILE E 302 39.45 -43.49 -38.60
CA ILE E 302 38.39 -43.05 -37.71
C ILE E 302 38.55 -41.55 -37.47
N ILE E 303 37.82 -40.76 -38.25
CA ILE E 303 37.48 -39.39 -37.92
C ILE E 303 36.02 -39.24 -38.28
N LEU E 304 35.16 -39.16 -37.28
CA LEU E 304 33.74 -38.97 -37.52
C LEU E 304 33.39 -37.50 -37.42
N PHE E 305 32.44 -37.07 -38.23
CA PHE E 305 31.87 -35.76 -38.09
C PHE E 305 30.37 -35.85 -38.02
N VAL E 306 29.78 -35.04 -37.14
CA VAL E 306 28.34 -34.92 -37.03
C VAL E 306 27.98 -33.47 -37.32
N ASP E 307 27.02 -33.28 -38.23
CA ASP E 307 26.52 -31.93 -38.50
C ASP E 307 25.84 -31.34 -37.27
N GLU E 308 24.80 -32.01 -36.78
CA GLU E 308 24.10 -31.58 -35.58
C GLU E 308 23.85 -32.79 -34.71
N ILE E 309 24.30 -32.71 -33.46
CA ILE E 309 24.19 -33.83 -32.53
C ILE E 309 22.76 -34.02 -32.05
N HIS E 310 21.87 -33.05 -32.31
CA HIS E 310 20.46 -33.16 -31.96
C HIS E 310 19.79 -34.31 -32.69
N LEU E 311 20.20 -34.55 -33.92
CA LEU E 311 19.56 -35.60 -34.70
C LEU E 311 20.00 -36.99 -34.27
N LEU E 312 21.02 -37.09 -33.40
CA LEU E 312 21.22 -38.32 -32.65
C LEU E 312 20.05 -38.55 -31.69
N LEU E 313 19.64 -37.52 -30.97
CA LEU E 313 18.55 -37.67 -30.01
C LEU E 313 17.20 -37.76 -30.68
N GLY E 314 17.08 -37.31 -31.92
CA GLY E 314 15.82 -37.40 -32.64
C GLY E 314 15.60 -38.69 -33.40
N ALA E 315 16.63 -39.52 -33.54
CA ALA E 315 16.52 -40.76 -34.28
C ALA E 315 16.06 -41.87 -33.34
N GLY E 316 16.14 -43.12 -33.82
CA GLY E 316 15.66 -44.23 -33.03
C GLY E 316 14.16 -44.41 -33.06
N LYS E 317 13.52 -44.06 -34.18
CA LYS E 317 12.08 -44.14 -34.27
C LYS E 317 11.61 -45.58 -34.42
N ALA E 318 10.28 -45.74 -34.46
CA ALA E 318 9.52 -46.96 -34.76
C ALA E 318 9.64 -48.06 -33.72
N GLU E 319 10.41 -47.88 -32.65
CA GLU E 319 10.45 -48.87 -31.58
C GLU E 319 10.42 -48.26 -30.18
N GLY E 320 10.49 -46.94 -30.06
CA GLY E 320 10.53 -46.30 -28.76
C GLY E 320 11.91 -46.21 -28.14
N GLY E 321 12.96 -46.48 -28.90
CA GLY E 321 14.29 -46.52 -28.35
C GLY E 321 15.07 -45.24 -28.65
N THR E 322 15.56 -44.61 -27.60
CA THR E 322 16.45 -43.46 -27.75
C THR E 322 17.81 -43.96 -28.21
N ASP E 323 18.38 -43.28 -29.20
CA ASP E 323 19.70 -43.65 -29.72
C ASP E 323 20.78 -43.40 -28.67
N ALA E 324 20.94 -42.15 -28.26
CA ALA E 324 22.12 -41.78 -27.50
C ALA E 324 21.94 -41.96 -26.00
N ALA E 325 20.74 -42.29 -25.52
CA ALA E 325 20.61 -42.79 -24.15
C ALA E 325 20.81 -44.29 -24.09
N ASN E 326 20.85 -44.95 -25.25
CA ASN E 326 21.31 -46.33 -25.42
C ASN E 326 22.80 -46.23 -25.73
N LEU E 327 23.36 -47.27 -26.37
CA LEU E 327 24.75 -47.36 -26.84
C LEU E 327 25.26 -46.09 -27.52
N LEU E 328 26.59 -45.92 -27.49
CA LEU E 328 27.45 -44.74 -27.62
C LEU E 328 27.58 -43.99 -26.31
N LYS E 329 26.92 -44.41 -25.24
CA LYS E 329 27.30 -43.79 -23.98
C LYS E 329 28.62 -44.35 -23.42
N PRO E 330 28.78 -45.65 -23.12
CA PRO E 330 30.00 -46.04 -22.41
C PRO E 330 31.23 -46.14 -23.29
N VAL E 331 31.09 -45.89 -24.58
CA VAL E 331 32.21 -45.94 -25.50
C VAL E 331 32.90 -44.59 -25.60
N LEU E 332 32.13 -43.50 -25.48
CA LEU E 332 32.72 -42.17 -25.54
C LEU E 332 33.60 -41.89 -24.34
N SER E 333 33.33 -42.53 -23.20
CA SER E 333 34.28 -42.48 -22.10
C SER E 333 35.54 -43.24 -22.43
N LYS E 334 35.42 -44.35 -23.14
CA LYS E 334 36.59 -45.10 -23.54
C LYS E 334 37.33 -44.37 -24.66
N GLY E 335 38.58 -44.74 -24.85
CA GLY E 335 39.38 -44.14 -25.89
C GLY E 335 39.23 -44.86 -27.22
N GLU E 336 38.01 -45.01 -27.71
CA GLU E 336 37.79 -45.68 -28.98
C GLU E 336 37.32 -44.73 -30.07
N ILE E 337 36.20 -44.05 -29.88
CA ILE E 337 35.60 -43.30 -30.97
C ILE E 337 36.19 -41.90 -31.01
N LYS E 338 36.55 -41.45 -32.20
CA LYS E 338 36.96 -40.08 -32.46
C LYS E 338 35.87 -39.45 -33.32
N LEU E 339 35.05 -38.59 -32.73
CA LEU E 339 34.10 -37.82 -33.51
C LEU E 339 34.29 -36.34 -33.22
N ILE E 340 33.71 -35.50 -34.07
CA ILE E 340 33.76 -34.06 -33.91
C ILE E 340 32.36 -33.52 -34.13
N GLY E 341 31.86 -32.75 -33.17
CA GLY E 341 30.56 -32.13 -33.32
C GLY E 341 30.63 -30.63 -33.54
N ALA E 342 29.57 -30.05 -34.06
CA ALA E 342 29.51 -28.61 -34.24
C ALA E 342 28.06 -28.16 -34.19
N THR E 343 27.61 -27.74 -33.02
CA THR E 343 26.30 -27.13 -32.88
C THR E 343 26.48 -25.68 -32.47
N THR E 344 25.37 -25.01 -32.20
CA THR E 344 25.40 -23.63 -31.75
C THR E 344 24.99 -23.56 -30.29
N ILE E 345 25.13 -22.36 -29.73
CA ILE E 345 25.08 -22.19 -28.28
C ILE E 345 23.69 -22.43 -27.75
N ALA E 346 22.69 -21.78 -28.36
CA ALA E 346 21.30 -22.02 -27.99
C ALA E 346 20.88 -23.44 -28.30
N GLU E 347 21.46 -24.04 -29.33
CA GLU E 347 21.27 -25.46 -29.55
C GLU E 347 22.02 -26.28 -28.50
N TYR E 348 23.19 -25.83 -28.08
CA TYR E 348 23.97 -26.58 -27.09
C TYR E 348 23.30 -26.58 -25.73
N ARG E 349 22.45 -25.59 -25.44
CA ARG E 349 21.70 -25.57 -24.19
C ARG E 349 20.73 -26.72 -24.06
N LYS E 350 20.30 -27.32 -25.18
CA LYS E 350 19.36 -28.44 -25.11
C LYS E 350 20.06 -29.76 -24.82
N PHE E 351 21.37 -29.78 -24.66
CA PHE E 351 22.03 -30.94 -24.07
C PHE E 351 22.20 -30.77 -22.58
N ILE E 352 22.24 -29.52 -22.11
CA ILE E 352 22.20 -29.24 -20.68
C ILE E 352 20.85 -29.66 -20.12
N GLU E 353 19.78 -29.21 -20.76
CA GLU E 353 18.43 -29.52 -20.33
C GLU E 353 17.99 -30.95 -20.66
N SER E 354 18.79 -31.71 -21.41
CA SER E 354 18.34 -33.02 -21.87
C SER E 354 18.37 -34.04 -20.75
N CYS E 355 19.55 -34.41 -20.31
CA CYS E 355 19.73 -35.28 -19.16
C CYS E 355 20.91 -34.87 -18.29
N SER E 356 21.70 -33.86 -18.72
CA SER E 356 22.92 -33.40 -18.06
C SER E 356 23.92 -34.53 -17.81
N ALA E 357 24.03 -35.43 -18.80
CA ALA E 357 24.82 -36.65 -18.62
C ALA E 357 25.81 -36.85 -19.77
N PHE E 358 25.55 -36.22 -20.92
CA PHE E 358 26.60 -36.03 -21.92
C PHE E 358 27.55 -34.92 -21.55
N GLU E 359 27.26 -34.23 -20.45
CA GLU E 359 27.77 -32.90 -20.20
C GLU E 359 29.25 -32.93 -19.88
N ARG E 360 29.74 -34.08 -19.43
CA ARG E 360 31.15 -34.32 -19.25
C ARG E 360 31.74 -35.19 -20.33
N ARG E 361 30.92 -35.67 -21.27
CA ARG E 361 31.44 -36.52 -22.33
C ARG E 361 32.07 -35.70 -23.44
N PHE E 362 31.35 -34.70 -23.92
CA PHE E 362 31.84 -33.84 -24.98
C PHE E 362 32.60 -32.67 -24.37
N GLU E 363 33.36 -31.98 -25.21
CA GLU E 363 34.16 -30.85 -24.74
C GLU E 363 33.75 -29.55 -25.43
N LYS E 364 33.64 -28.49 -24.62
CA LYS E 364 33.32 -27.16 -25.12
C LYS E 364 34.58 -26.54 -25.68
N ILE E 365 34.82 -26.74 -26.97
CA ILE E 365 35.84 -25.96 -27.66
C ILE E 365 35.11 -24.84 -28.40
N LEU E 366 35.14 -23.65 -27.80
CA LEU E 366 34.27 -22.57 -28.23
C LEU E 366 34.84 -21.89 -29.46
N VAL E 367 34.03 -21.80 -30.49
CA VAL E 367 34.36 -20.98 -31.65
C VAL E 367 34.05 -19.54 -31.31
N GLU E 368 35.00 -18.67 -31.51
CA GLU E 368 34.77 -17.26 -31.27
C GLU E 368 34.56 -16.54 -32.59
N PRO E 369 33.86 -15.40 -32.58
CA PRO E 369 33.75 -14.62 -33.80
C PRO E 369 35.09 -14.09 -34.24
N PRO E 370 35.31 -13.91 -35.53
CA PRO E 370 36.67 -13.75 -36.04
C PRO E 370 37.22 -12.33 -36.05
N SER E 371 36.63 -11.39 -35.29
CA SER E 371 37.26 -10.11 -34.92
C SER E 371 37.61 -9.27 -36.16
N VAL E 372 36.55 -8.67 -36.71
CA VAL E 372 36.35 -8.21 -38.09
C VAL E 372 37.57 -7.60 -38.78
N ASP E 373 38.44 -6.92 -38.03
CA ASP E 373 39.71 -6.46 -38.58
C ASP E 373 40.58 -7.62 -39.06
N MET E 374 40.41 -8.81 -38.47
CA MET E 374 41.04 -9.99 -39.02
C MET E 374 40.30 -10.57 -40.21
N THR E 375 39.01 -10.26 -40.37
CA THR E 375 38.28 -10.81 -41.51
C THR E 375 38.61 -10.11 -42.81
N VAL E 376 39.30 -8.98 -42.74
CA VAL E 376 39.88 -8.39 -43.95
C VAL E 376 40.88 -9.35 -44.57
N LYS E 377 41.69 -10.00 -43.73
CA LYS E 377 42.59 -11.05 -44.21
C LYS E 377 41.84 -12.28 -44.68
N ILE E 378 40.63 -12.52 -44.17
CA ILE E 378 39.86 -13.68 -44.62
C ILE E 378 39.32 -13.44 -46.01
N LEU E 379 38.74 -12.27 -46.26
CA LEU E 379 38.25 -11.93 -47.59
C LEU E 379 39.38 -11.86 -48.60
N ARG E 380 40.51 -11.30 -48.18
CA ARG E 380 41.64 -11.11 -49.08
C ARG E 380 42.21 -12.45 -49.52
N SER E 381 42.13 -13.46 -48.66
CA SER E 381 42.53 -14.80 -49.07
C SER E 381 41.56 -15.41 -50.07
N LEU E 382 40.33 -14.90 -50.16
CA LEU E 382 39.32 -15.52 -51.00
C LEU E 382 39.07 -14.79 -52.29
N LYS E 383 39.86 -13.75 -52.59
CA LYS E 383 39.58 -12.88 -53.74
C LYS E 383 39.73 -13.63 -55.05
N SER E 384 40.70 -14.55 -55.13
CA SER E 384 40.86 -15.35 -56.33
C SER E 384 39.70 -16.30 -56.53
N LYS E 385 39.06 -16.74 -55.45
CA LYS E 385 37.90 -17.59 -55.60
C LYS E 385 36.66 -16.83 -56.07
N TYR E 386 36.71 -15.51 -56.12
CA TYR E 386 35.64 -14.71 -56.71
C TYR E 386 36.04 -14.09 -58.02
N GLU E 387 37.29 -13.66 -58.14
CA GLU E 387 37.74 -13.06 -59.40
C GLU E 387 37.83 -14.11 -60.49
N ASN E 388 38.33 -15.29 -60.18
CA ASN E 388 38.42 -16.35 -61.19
C ASN E 388 37.09 -17.03 -61.45
N PHE E 389 36.08 -16.79 -60.61
CA PHE E 389 34.85 -17.55 -60.76
C PHE E 389 34.05 -17.10 -61.96
N TYR E 390 33.98 -15.79 -62.19
CA TYR E 390 33.15 -15.29 -63.29
C TYR E 390 33.77 -14.19 -64.12
N GLY E 391 34.76 -13.44 -63.62
CA GLY E 391 35.54 -12.59 -64.51
C GLY E 391 35.83 -11.16 -64.07
N ILE E 392 35.05 -10.62 -63.15
CA ILE E 392 35.11 -9.20 -62.84
C ILE E 392 36.05 -8.99 -61.67
N ASN E 393 36.96 -8.02 -61.82
CA ASN E 393 37.89 -7.68 -60.76
C ASN E 393 37.17 -7.04 -59.58
N ILE E 394 37.76 -7.19 -58.40
CA ILE E 394 37.24 -6.60 -57.17
C ILE E 394 38.33 -5.74 -56.57
N THR E 395 38.04 -4.46 -56.36
CA THR E 395 39.03 -3.57 -55.81
C THR E 395 39.22 -3.80 -54.32
N ASP E 396 40.42 -3.47 -53.84
CA ASP E 396 40.71 -3.63 -52.42
C ASP E 396 40.07 -2.54 -51.58
N LYS E 397 39.62 -1.45 -52.20
CA LYS E 397 38.94 -0.41 -51.45
C LYS E 397 37.57 -0.87 -50.98
N ALA E 398 36.92 -1.74 -51.75
CA ALA E 398 35.60 -2.22 -51.37
C ALA E 398 35.65 -3.30 -50.29
N LEU E 399 36.81 -3.91 -50.09
CA LEU E 399 36.95 -4.95 -49.07
C LEU E 399 36.83 -4.36 -47.66
N VAL E 400 37.61 -3.31 -47.40
CA VAL E 400 37.65 -2.69 -46.09
C VAL E 400 36.30 -2.07 -45.77
N ALA E 401 35.64 -1.51 -46.78
CA ALA E 401 34.30 -1.00 -46.58
C ALA E 401 33.29 -2.14 -46.40
N ALA E 402 33.56 -3.32 -46.97
CA ALA E 402 32.66 -4.44 -46.77
C ALA E 402 32.73 -4.95 -45.34
N ALA E 403 33.86 -4.77 -44.68
CA ALA E 403 33.96 -5.14 -43.27
C ALA E 403 33.21 -4.15 -42.38
N LYS E 404 33.36 -2.86 -42.67
CA LYS E 404 32.83 -1.84 -41.78
C LYS E 404 31.31 -1.72 -41.84
N ILE E 405 30.68 -2.30 -42.87
CA ILE E 405 29.23 -2.34 -42.89
C ILE E 405 28.72 -3.48 -42.03
N SER E 406 29.51 -4.55 -41.89
CA SER E 406 29.12 -5.66 -41.03
C SER E 406 29.11 -5.26 -39.56
N ASP E 407 30.04 -4.38 -39.15
CA ASP E 407 30.06 -3.89 -37.78
C ASP E 407 28.88 -2.98 -37.50
N ARG E 408 28.84 -1.85 -38.20
CA ARG E 408 28.02 -0.72 -37.79
C ARG E 408 26.54 -0.97 -38.02
N PHE E 409 26.19 -1.83 -38.96
CA PHE E 409 24.83 -1.81 -39.49
C PHE E 409 24.03 -3.07 -39.21
N ILE E 410 24.48 -4.23 -39.67
CA ILE E 410 23.70 -5.46 -39.48
C ILE E 410 24.19 -6.12 -38.21
N LYS E 411 23.25 -6.56 -37.38
CA LYS E 411 23.59 -7.18 -36.11
C LYS E 411 22.98 -8.55 -35.87
N ASP E 412 22.04 -9.00 -36.71
CA ASP E 412 21.42 -10.29 -36.42
C ASP E 412 22.27 -11.44 -36.92
N ARG E 413 22.76 -11.37 -38.16
CA ARG E 413 23.75 -12.31 -38.62
C ARG E 413 25.11 -11.95 -38.06
N TYR E 414 26.07 -12.83 -38.23
CA TYR E 414 27.30 -12.67 -37.50
C TYR E 414 28.47 -12.42 -38.45
N LEU E 415 29.67 -12.37 -37.88
CA LEU E 415 30.74 -11.58 -38.47
C LEU E 415 31.33 -12.14 -39.77
N PRO E 416 31.76 -13.41 -39.88
CA PRO E 416 32.39 -13.83 -41.14
C PRO E 416 31.40 -14.08 -42.25
N ASP E 417 30.11 -14.08 -41.95
CA ASP E 417 29.11 -14.16 -43.02
C ASP E 417 28.98 -12.84 -43.72
N LYS E 418 28.77 -11.77 -42.95
CA LYS E 418 28.35 -10.49 -43.49
C LYS E 418 29.45 -9.85 -44.32
N ALA E 419 30.71 -10.14 -43.97
CA ALA E 419 31.80 -9.71 -44.82
C ALA E 419 31.82 -10.48 -46.13
N ILE E 420 31.43 -11.74 -46.12
CA ILE E 420 31.38 -12.52 -47.34
C ILE E 420 30.09 -12.28 -48.11
N ASP E 421 28.96 -12.18 -47.41
CA ASP E 421 27.67 -12.18 -48.09
C ASP E 421 27.39 -10.87 -48.80
N LEU E 422 28.02 -9.77 -48.37
CA LEU E 422 27.90 -8.54 -49.15
C LEU E 422 28.69 -8.64 -50.44
N LEU E 423 29.90 -9.19 -50.38
CA LEU E 423 30.71 -9.37 -51.58
C LEU E 423 30.11 -10.39 -52.51
N ASN E 424 29.44 -11.40 -51.95
CA ASN E 424 28.63 -12.30 -52.75
C ASN E 424 27.57 -11.53 -53.51
N LYS E 425 26.92 -10.58 -52.84
CA LYS E 425 25.98 -9.74 -53.55
C LYS E 425 26.70 -8.74 -54.44
N ALA E 426 27.94 -8.39 -54.10
CA ALA E 426 28.72 -7.57 -55.02
C ALA E 426 29.16 -8.34 -56.25
N CYS E 427 29.22 -9.67 -56.16
CA CYS E 427 29.56 -10.46 -57.33
C CYS E 427 28.45 -10.39 -58.37
N SER E 428 27.28 -10.90 -58.02
CA SER E 428 26.19 -11.02 -58.98
C SER E 428 25.54 -9.68 -59.32
N PHE E 429 25.91 -8.60 -58.62
CA PHE E 429 25.44 -7.29 -59.02
C PHE E 429 26.02 -6.87 -60.36
N LEU E 430 27.34 -6.94 -60.49
CA LEU E 430 27.97 -6.51 -61.73
C LEU E 430 27.78 -7.51 -62.86
N GLN E 431 27.46 -8.77 -62.54
CA GLN E 431 27.17 -9.75 -63.58
C GLN E 431 25.91 -9.36 -64.34
N VAL E 432 24.94 -8.75 -63.65
CA VAL E 432 23.74 -8.27 -64.31
C VAL E 432 24.07 -7.18 -65.30
N GLN E 433 24.99 -6.29 -64.94
CA GLN E 433 25.36 -5.22 -65.84
C GLN E 433 26.19 -5.74 -67.01
N LEU E 434 27.29 -6.42 -66.71
CA LEU E 434 28.26 -6.71 -67.76
C LEU E 434 27.85 -7.89 -68.62
N SER E 435 27.22 -8.89 -68.04
CA SER E 435 26.72 -10.03 -68.82
C SER E 435 25.25 -9.86 -69.16
N GLY E 436 24.85 -8.63 -69.43
CA GLY E 436 23.50 -8.37 -69.88
C GLY E 436 23.34 -6.91 -70.21
N LYS E 437 22.11 -6.44 -70.12
CA LYS E 437 21.86 -5.01 -70.22
C LYS E 437 22.32 -4.33 -68.95
N PRO E 438 22.79 -3.09 -69.04
CA PRO E 438 23.06 -2.32 -67.81
C PRO E 438 21.79 -1.88 -67.08
N ARG E 439 21.96 -1.13 -65.99
CA ARG E 439 20.83 -0.77 -65.12
C ARG E 439 19.82 0.09 -65.85
N ILE E 440 20.23 1.29 -66.26
CA ILE E 440 19.28 2.35 -66.60
C ILE E 440 18.61 2.07 -67.94
N ILE E 441 19.37 1.57 -68.92
CA ILE E 441 18.84 1.28 -70.24
C ILE E 441 17.77 0.20 -70.16
N ASP E 442 17.96 -0.76 -69.27
CA ASP E 442 16.97 -1.81 -69.11
C ASP E 442 15.71 -1.28 -68.42
N VAL E 443 15.87 -0.38 -67.45
CA VAL E 443 14.72 0.10 -66.70
C VAL E 443 13.92 1.13 -67.51
N THR E 444 14.61 2.13 -68.05
CA THR E 444 13.91 3.26 -68.65
C THR E 444 13.20 2.90 -69.95
N GLU E 445 13.71 1.92 -70.70
CA GLU E 445 13.04 1.51 -71.92
C GLU E 445 11.71 0.83 -71.64
N ARG E 446 11.56 0.25 -70.46
CA ARG E 446 10.31 -0.41 -70.13
C ARG E 446 9.24 0.60 -69.76
N ASP E 447 9.62 1.65 -69.03
CA ASP E 447 8.68 2.72 -68.74
C ASP E 447 8.24 3.44 -70.00
N ILE E 448 9.09 3.49 -71.02
CA ILE E 448 8.64 3.91 -72.34
C ILE E 448 7.60 2.95 -72.87
N GLU E 449 7.83 1.66 -72.70
CA GLU E 449 6.87 0.69 -73.20
C GLU E 449 5.65 0.56 -72.30
N ARG E 450 5.81 0.75 -70.98
CA ARG E 450 4.67 0.59 -70.09
C ARG E 450 3.70 1.76 -70.18
N LEU E 451 4.22 2.98 -70.25
CA LEU E 451 3.33 4.13 -70.34
C LEU E 451 2.69 4.22 -71.72
N SER E 452 3.41 3.79 -72.76
CA SER E 452 2.79 3.71 -74.08
C SER E 452 1.79 2.58 -74.14
N TYR E 453 1.96 1.54 -73.33
CA TYR E 453 0.90 0.56 -73.20
C TYR E 453 -0.33 1.17 -72.54
N GLU E 454 -0.11 2.06 -71.58
CA GLU E 454 -1.23 2.64 -70.85
C GLU E 454 -2.00 3.65 -71.69
N ILE E 455 -1.30 4.33 -72.61
CA ILE E 455 -1.99 5.11 -73.63
C ILE E 455 -2.80 4.19 -74.53
N SER E 456 -2.24 3.03 -74.87
CA SER E 456 -2.95 2.07 -75.71
C SER E 456 -4.12 1.41 -74.98
N THR E 457 -4.15 1.49 -73.65
CA THR E 457 -5.36 1.12 -72.95
C THR E 457 -6.42 2.20 -73.06
N LEU E 458 -6.01 3.47 -73.15
CA LEU E 458 -7.00 4.55 -73.14
C LEU E 458 -7.60 4.74 -74.53
N GLU E 459 -6.82 5.31 -75.46
CA GLU E 459 -7.06 5.46 -76.90
C GLU E 459 -8.29 6.29 -77.29
N LYS E 460 -9.18 6.56 -76.33
CA LYS E 460 -10.27 7.51 -76.37
C LYS E 460 -10.82 7.55 -74.95
N ASP E 461 -11.02 8.74 -74.42
CA ASP E 461 -11.57 8.91 -73.08
C ASP E 461 -12.64 9.99 -73.17
N VAL E 462 -13.24 10.29 -72.03
CA VAL E 462 -13.94 11.55 -71.89
C VAL E 462 -12.90 12.63 -71.65
N ASP E 463 -13.29 13.86 -71.88
CA ASP E 463 -12.41 15.01 -71.64
C ASP E 463 -12.51 15.41 -70.17
N LYS E 464 -12.03 16.62 -69.85
CA LYS E 464 -12.32 17.40 -68.65
C LYS E 464 -11.65 16.85 -67.39
N VAL E 465 -11.14 15.63 -67.44
CA VAL E 465 -10.37 15.05 -66.34
C VAL E 465 -9.08 14.49 -66.90
N SER E 466 -9.22 13.61 -67.91
CA SER E 466 -8.08 12.91 -68.47
C SER E 466 -7.23 13.78 -69.38
N LYS E 467 -7.70 15.00 -69.67
CA LYS E 467 -6.92 15.98 -70.46
C LYS E 467 -5.54 16.19 -69.88
N LYS E 468 -5.46 16.33 -68.56
CA LYS E 468 -4.17 16.45 -67.90
C LYS E 468 -3.41 15.14 -67.96
N LYS E 469 -4.12 14.02 -67.93
CA LYS E 469 -3.44 12.72 -67.98
C LYS E 469 -2.89 12.43 -69.36
N TYR E 470 -3.56 12.92 -70.42
CA TYR E 470 -2.92 12.94 -71.73
C TYR E 470 -1.70 13.85 -71.72
N ASN E 471 -1.76 14.93 -70.96
CA ASN E 471 -0.66 15.88 -70.86
C ASN E 471 0.39 15.46 -69.84
N LYS E 472 0.29 14.26 -69.29
CA LYS E 472 1.33 13.71 -68.42
C LYS E 472 2.15 12.63 -69.11
N LEU E 473 1.48 11.62 -69.64
CA LEU E 473 2.18 10.45 -70.14
C LEU E 473 2.84 10.73 -71.47
N ILE E 474 2.16 11.50 -72.33
CA ILE E 474 2.65 11.73 -73.68
C ILE E 474 3.88 12.65 -73.65
N LYS E 475 3.90 13.62 -72.74
CA LYS E 475 4.97 14.60 -72.72
C LYS E 475 6.28 14.03 -72.21
N GLU E 476 6.22 12.94 -71.44
CA GLU E 476 7.44 12.37 -70.91
C GLU E 476 8.21 11.56 -71.96
N PHE E 477 7.55 11.16 -73.05
CA PHE E 477 8.22 10.31 -74.02
C PHE E 477 9.31 11.07 -74.77
N GLU E 478 9.07 12.35 -75.04
CA GLU E 478 10.14 13.21 -75.53
C GLU E 478 11.22 13.39 -74.48
N GLU E 479 10.83 13.38 -73.20
CA GLU E 479 11.81 13.55 -72.14
C GLU E 479 12.63 12.28 -71.92
N LYS E 480 11.97 11.11 -71.93
CA LYS E 480 12.67 9.86 -71.69
C LYS E 480 13.66 9.54 -72.81
N LYS E 481 13.26 9.78 -74.05
CA LYS E 481 14.10 9.42 -75.18
C LYS E 481 15.29 10.36 -75.31
N GLU E 482 15.14 11.62 -74.89
CA GLU E 482 16.30 12.51 -74.85
C GLU E 482 17.25 12.14 -73.72
N GLN E 483 16.71 11.58 -72.64
CA GLN E 483 17.58 11.01 -71.61
C GLN E 483 18.36 9.83 -72.15
N LEU E 484 17.72 9.02 -73.01
CA LEU E 484 18.37 7.87 -73.61
C LEU E 484 19.52 8.27 -74.50
N LYS E 485 19.35 9.35 -75.27
CA LYS E 485 20.40 9.83 -76.16
C LYS E 485 21.65 10.22 -75.42
N LYS E 486 21.52 10.61 -74.16
CA LYS E 486 22.68 10.75 -73.30
C LYS E 486 23.10 9.40 -72.72
N TYR E 487 22.15 8.51 -72.46
CA TYR E 487 22.45 7.23 -71.82
C TYR E 487 23.27 6.33 -72.74
N TYR E 488 22.89 6.27 -74.01
CA TYR E 488 23.61 5.40 -74.94
C TYR E 488 25.02 5.91 -75.19
N GLU E 489 25.20 7.23 -75.22
CA GLU E 489 26.52 7.81 -75.40
C GLU E 489 27.42 7.53 -74.21
N GLU E 490 26.89 7.70 -72.99
CA GLU E 490 27.65 7.35 -71.80
C GLU E 490 27.91 5.86 -71.72
N TYR E 491 27.04 5.09 -72.36
CA TYR E 491 27.23 3.65 -72.43
C TYR E 491 28.41 3.41 -73.38
N VAL E 492 28.51 4.22 -74.42
CA VAL E 492 29.60 4.06 -75.37
C VAL E 492 30.91 4.55 -74.78
N ILE E 493 30.90 5.76 -74.22
CA ILE E 493 32.14 6.43 -73.81
C ILE E 493 32.78 5.71 -72.64
N THR E 494 31.99 5.34 -71.63
CA THR E 494 32.52 4.51 -70.57
C THR E 494 32.82 3.10 -71.06
N GLY E 495 32.06 2.62 -72.06
CA GLY E 495 32.35 1.32 -72.63
C GLY E 495 33.66 1.28 -73.39
N GLU E 496 34.03 2.40 -74.02
CA GLU E 496 35.32 2.46 -74.68
C GLU E 496 36.47 2.56 -73.69
N ARG E 497 36.20 2.99 -72.46
CA ARG E 497 37.24 3.05 -71.45
C ARG E 497 37.70 1.65 -71.06
N LEU E 498 36.76 0.71 -70.98
CA LEU E 498 37.14 -0.69 -70.76
C LEU E 498 37.89 -1.22 -71.97
N LYS E 499 37.53 -0.70 -73.13
CA LYS E 499 38.18 -1.06 -74.38
C LYS E 499 39.62 -0.60 -74.28
N ARG E 500 39.83 0.61 -73.76
CA ARG E 500 41.16 1.16 -73.57
C ARG E 500 41.96 0.32 -72.58
N LYS E 501 41.37 0.05 -71.41
CA LYS E 501 42.12 -0.55 -70.31
C LYS E 501 42.51 -1.99 -70.59
N LYS E 502 41.63 -2.73 -71.26
CA LYS E 502 41.96 -4.12 -71.62
C LYS E 502 43.10 -4.18 -72.61
N GLU E 503 43.19 -3.19 -73.50
CA GLU E 503 44.38 -3.08 -74.34
C GLU E 503 45.60 -2.70 -73.52
N ILE E 504 45.42 -1.92 -72.46
CA ILE E 504 46.54 -1.55 -71.60
C ILE E 504 47.00 -2.75 -70.78
N GLU E 505 46.05 -3.54 -70.27
CA GLU E 505 46.41 -4.67 -69.42
C GLU E 505 47.11 -5.78 -70.20
N LYS E 506 46.83 -5.89 -71.50
CA LYS E 506 47.60 -6.81 -72.33
C LYS E 506 49.02 -6.32 -72.52
N LYS E 507 49.23 -5.00 -72.53
CA LYS E 507 50.59 -4.48 -72.64
C LYS E 507 51.38 -4.73 -71.37
N LEU E 508 50.73 -4.56 -70.21
CA LEU E 508 51.46 -4.57 -68.95
C LEU E 508 51.93 -5.96 -68.58
N ASN E 509 51.08 -6.96 -68.75
CA ASN E 509 51.45 -8.33 -68.41
C ASN E 509 52.50 -8.87 -69.38
N ASP E 510 52.55 -8.33 -70.59
CA ASP E 510 53.68 -8.60 -71.48
C ASP E 510 54.95 -7.99 -70.93
N LEU E 511 54.91 -6.70 -70.59
CA LEU E 511 56.10 -5.97 -70.21
C LEU E 511 56.56 -6.27 -68.79
N LYS E 512 55.85 -7.11 -68.05
CA LYS E 512 56.27 -7.48 -66.71
C LYS E 512 56.55 -8.97 -66.55
N GLU E 513 55.68 -9.84 -67.06
CA GLU E 513 55.90 -11.27 -66.88
C GLU E 513 56.97 -11.82 -67.81
N LEU E 514 57.35 -11.07 -68.85
CA LEU E 514 58.34 -11.53 -69.81
C LEU E 514 59.67 -10.80 -69.64
N THR E 515 59.65 -9.48 -69.52
CA THR E 515 60.86 -8.70 -69.40
C THR E 515 61.29 -8.53 -67.94
N GLN E 516 60.35 -8.16 -67.08
CA GLN E 516 60.70 -7.80 -65.71
C GLN E 516 61.00 -9.03 -64.85
N ASN E 517 60.27 -10.12 -65.05
CA ASN E 517 60.44 -11.30 -64.21
C ASN E 517 61.40 -12.29 -64.86
N TYR E 518 62.30 -12.87 -64.03
CA TYR E 518 63.24 -13.95 -64.32
C TYR E 518 64.40 -13.51 -65.23
N VAL E 519 64.34 -12.30 -65.76
CA VAL E 519 65.39 -11.75 -66.61
C VAL E 519 66.05 -10.53 -65.94
N TYR E 520 65.41 -9.97 -64.90
CA TYR E 520 65.93 -8.85 -64.09
C TYR E 520 67.31 -9.10 -63.52
N SER E 521 67.66 -10.37 -63.27
CA SER E 521 69.00 -10.70 -62.79
C SER E 521 70.08 -10.42 -63.83
N ASN E 522 69.71 -10.34 -65.11
CA ASN E 522 70.65 -9.95 -66.16
C ASN E 522 70.28 -8.64 -66.83
N LYS E 523 69.11 -8.06 -66.51
CA LYS E 523 68.56 -6.79 -67.04
C LYS E 523 68.69 -6.66 -68.56
N GLU E 524 68.45 -7.76 -69.27
CA GLU E 524 68.37 -7.73 -70.72
C GLU E 524 67.31 -6.79 -71.31
N PRO E 525 66.12 -6.59 -70.75
CA PRO E 525 65.29 -5.49 -71.23
C PRO E 525 65.91 -4.15 -70.91
N PRO E 526 65.90 -3.22 -71.87
CA PRO E 526 66.37 -1.85 -71.58
C PRO E 526 65.47 -1.11 -70.62
N ILE E 527 65.94 0.07 -70.19
CA ILE E 527 65.21 0.88 -69.24
C ILE E 527 63.99 1.51 -69.91
N GLU E 528 64.04 1.66 -71.25
CA GLU E 528 62.93 2.21 -72.01
C GLU E 528 61.67 1.37 -71.90
N LEU E 529 61.82 0.05 -71.75
CA LEU E 529 60.67 -0.81 -71.53
C LEU E 529 60.04 -0.56 -70.17
N GLN E 530 60.86 -0.22 -69.17
CA GLN E 530 60.31 0.26 -67.90
C GLN E 530 59.78 1.67 -68.02
N ASN E 531 60.30 2.45 -68.98
CA ASN E 531 59.71 3.74 -69.26
C ASN E 531 58.40 3.61 -70.02
N SER E 532 58.26 2.55 -70.83
CA SER E 532 56.99 2.28 -71.48
C SER E 532 55.95 1.75 -70.50
N LEU E 533 56.38 1.27 -69.33
CA LEU E 533 55.44 0.90 -68.28
C LEU E 533 54.69 2.13 -67.78
N LYS E 534 55.41 3.22 -67.51
CA LYS E 534 54.81 4.41 -66.95
C LYS E 534 53.91 5.11 -67.95
N GLU E 535 54.19 4.94 -69.24
CA GLU E 535 53.35 5.52 -70.30
C GLU E 535 51.96 4.92 -70.25
N ALA E 536 51.85 3.65 -69.89
CA ALA E 536 50.56 3.08 -69.57
C ALA E 536 50.09 3.51 -68.19
N GLN E 537 51.02 3.68 -67.24
CA GLN E 537 50.62 4.03 -65.89
C GLN E 537 50.14 5.48 -65.78
N GLN E 538 50.58 6.34 -66.71
CA GLN E 538 50.01 7.68 -66.77
C GLN E 538 48.57 7.65 -67.26
N LYS E 539 48.19 6.60 -67.99
CA LYS E 539 46.77 6.41 -68.27
C LYS E 539 46.03 5.90 -67.04
N TYR E 540 46.70 5.17 -66.16
CA TYR E 540 46.09 4.92 -64.86
C TYR E 540 46.08 6.19 -64.02
N LEU E 541 47.04 7.08 -64.25
CA LEU E 541 46.96 8.41 -63.69
C LEU E 541 45.94 9.29 -64.41
N GLU E 542 45.42 8.86 -65.55
CA GLU E 542 44.33 9.60 -66.18
C GLU E 542 43.04 8.79 -66.31
N LEU E 543 43.05 7.68 -67.04
CA LEU E 543 41.81 7.03 -67.43
C LEU E 543 41.20 6.22 -66.30
N TYR E 544 42.05 5.65 -65.43
CA TYR E 544 41.54 5.03 -64.24
C TYR E 544 40.92 6.06 -63.31
N LYS E 545 41.58 7.21 -63.15
CA LYS E 545 41.06 8.26 -62.29
C LYS E 545 39.80 8.88 -62.86
N GLU E 546 39.67 8.91 -64.19
CA GLU E 546 38.42 9.34 -64.79
C GLU E 546 37.29 8.36 -64.47
N THR E 547 37.60 7.07 -64.40
CA THR E 547 36.60 6.12 -63.96
C THR E 547 36.36 6.21 -62.47
N VAL E 548 37.38 6.59 -61.69
CA VAL E 548 37.18 6.87 -60.27
C VAL E 548 36.33 8.11 -60.09
N ALA E 549 36.64 9.17 -60.84
CA ALA E 549 35.84 10.39 -60.80
C ALA E 549 34.45 10.17 -61.39
N TYR E 550 34.29 9.15 -62.23
CA TYR E 550 32.97 8.79 -62.74
C TYR E 550 32.05 8.28 -61.62
N VAL E 551 32.63 7.75 -60.54
CA VAL E 551 31.84 7.08 -59.51
C VAL E 551 30.96 8.05 -58.76
N GLU E 552 31.50 9.22 -58.39
CA GLU E 552 30.80 10.07 -57.43
C GLU E 552 29.58 10.75 -58.03
N ALA E 553 29.56 10.93 -59.35
CA ALA E 553 28.36 11.45 -60.00
C ALA E 553 27.44 10.35 -60.50
N LYS E 554 27.89 9.10 -60.46
CA LYS E 554 27.18 7.93 -60.97
C LYS E 554 27.22 6.81 -59.96
N THR E 555 26.80 7.13 -58.73
CA THR E 555 27.11 6.35 -57.53
C THR E 555 26.63 4.91 -57.61
N HIS E 556 25.39 4.71 -58.02
CA HIS E 556 24.81 3.39 -57.98
C HIS E 556 24.54 2.82 -59.36
N ASN E 557 24.70 3.62 -60.40
CA ASN E 557 24.55 3.16 -61.77
C ASN E 557 25.76 3.64 -62.55
N ALA E 558 26.58 2.70 -63.01
CA ALA E 558 27.85 3.04 -63.66
C ALA E 558 27.99 2.44 -65.04
N MET E 559 27.47 1.23 -65.24
CA MET E 559 27.04 0.63 -66.50
C MET E 559 28.15 0.18 -67.43
N ASN E 560 29.41 0.56 -67.20
CA ASN E 560 30.55 -0.08 -67.86
C ASN E 560 31.70 0.00 -66.85
N VAL E 561 31.77 -0.98 -65.94
CA VAL E 561 32.77 -0.98 -64.88
C VAL E 561 33.17 -2.41 -64.57
N ASP E 562 34.45 -2.75 -64.76
CA ASP E 562 34.97 -4.08 -64.46
C ASP E 562 35.50 -4.20 -63.04
N ALA E 563 35.05 -3.38 -62.12
CA ALA E 563 35.61 -3.34 -60.78
C ALA E 563 34.50 -3.18 -59.74
N VAL E 564 34.75 -3.68 -58.54
CA VAL E 564 33.83 -3.49 -57.44
C VAL E 564 34.36 -2.32 -56.62
N TYR E 565 33.72 -1.17 -56.77
CA TYR E 565 34.09 -0.03 -55.96
C TYR E 565 33.31 -0.04 -54.65
N GLN E 566 33.61 0.93 -53.79
CA GLN E 566 33.02 1.01 -52.47
C GLN E 566 31.53 1.29 -52.56
N GLU E 567 31.13 2.10 -53.52
CA GLU E 567 29.73 2.50 -53.59
C GLU E 567 28.86 1.45 -54.22
N HIS E 568 29.44 0.40 -54.82
CA HIS E 568 28.63 -0.74 -55.22
C HIS E 568 28.14 -1.50 -53.99
N VAL E 569 29.01 -1.66 -52.99
CA VAL E 569 28.66 -2.39 -51.78
C VAL E 569 27.59 -1.63 -51.01
N SER E 570 27.76 -0.31 -50.92
CA SER E 570 26.79 0.50 -50.21
C SER E 570 25.47 0.60 -50.93
N TYR E 571 25.44 0.31 -52.24
CA TYR E 571 24.14 0.17 -52.90
C TYR E 571 23.39 -1.02 -52.31
N ILE E 572 24.10 -2.12 -52.09
CA ILE E 572 23.47 -3.38 -51.71
C ILE E 572 22.92 -3.32 -50.30
N TYR E 573 23.61 -2.60 -49.40
CA TYR E 573 23.10 -2.43 -48.06
C TYR E 573 21.78 -1.66 -48.07
N LEU E 574 21.72 -0.60 -48.87
CA LEU E 574 20.46 0.11 -49.04
C LEU E 574 19.45 -0.76 -49.76
N ARG E 575 19.91 -1.55 -50.73
CA ARG E 575 19.02 -2.45 -51.45
C ARG E 575 18.47 -3.53 -50.54
N ASP E 576 19.23 -3.91 -49.51
CA ASP E 576 18.76 -4.93 -48.58
C ASP E 576 18.00 -4.32 -47.41
N SER E 577 18.45 -3.19 -46.88
CA SER E 577 17.69 -2.55 -45.82
C SER E 577 16.47 -1.85 -46.40
N GLY E 578 15.61 -1.36 -45.51
CA GLY E 578 14.37 -0.78 -45.98
C GLY E 578 14.53 0.58 -46.61
N MET E 579 15.19 0.66 -47.75
CA MET E 579 15.37 1.93 -48.43
C MET E 579 14.41 2.04 -49.60
N PRO E 580 13.50 2.97 -49.55
CA PRO E 580 12.51 3.14 -50.62
C PRO E 580 13.08 3.78 -51.88
N LEU E 581 12.16 4.25 -52.74
CA LEU E 581 12.46 5.02 -53.94
C LEU E 581 13.41 6.18 -53.68
N GLY E 582 14.05 6.68 -54.75
CA GLY E 582 15.34 7.35 -54.67
C GLY E 582 15.44 8.51 -53.72
N SER E 583 16.06 8.22 -52.59
CA SER E 583 16.13 9.08 -51.43
C SER E 583 17.41 9.89 -51.48
N LEU E 584 17.75 10.48 -50.33
CA LEU E 584 19.03 11.10 -50.01
C LEU E 584 20.22 10.30 -50.51
N SER E 585 20.22 9.00 -50.17
CA SER E 585 21.34 8.15 -50.50
C SER E 585 21.45 7.93 -52.00
N PHE E 586 20.30 7.83 -52.68
CA PHE E 586 20.34 7.77 -54.13
C PHE E 586 20.62 9.13 -54.73
N GLU E 587 20.31 10.20 -54.02
CA GLU E 587 20.70 11.55 -54.46
C GLU E 587 22.02 11.97 -53.83
N SER E 588 23.02 11.09 -53.90
CA SER E 588 24.29 11.38 -53.24
C SER E 588 25.12 12.27 -54.14
N SER E 589 25.77 13.27 -53.52
CA SER E 589 26.64 14.28 -54.13
C SER E 589 25.93 15.20 -55.12
N LYS E 590 24.62 15.06 -55.28
CA LYS E 590 23.81 15.93 -56.12
C LYS E 590 22.57 16.46 -55.42
N GLY E 591 21.92 15.65 -54.60
CA GLY E 591 20.65 16.02 -54.02
C GLY E 591 20.73 16.33 -52.54
N ALA E 592 21.76 15.82 -51.86
CA ALA E 592 21.85 16.05 -50.42
C ALA E 592 22.20 17.50 -50.08
N LEU E 593 22.72 18.26 -51.04
CA LEU E 593 22.85 19.69 -50.84
C LEU E 593 21.56 20.44 -51.11
N LYS E 594 20.58 19.80 -51.74
CA LYS E 594 19.31 20.44 -52.07
C LYS E 594 18.26 20.27 -51.00
N LEU E 595 18.66 20.04 -49.76
CA LEU E 595 17.69 19.73 -48.72
C LEU E 595 17.12 20.96 -48.08
N TYR E 596 17.98 21.93 -47.77
CA TYR E 596 17.57 23.12 -47.06
C TYR E 596 16.59 23.94 -47.87
N ASN E 597 16.73 23.92 -49.19
CA ASN E 597 15.73 24.54 -50.04
C ASN E 597 14.50 23.67 -50.20
N SER E 598 14.61 22.35 -49.99
CA SER E 598 13.46 21.49 -50.13
C SER E 598 12.50 21.66 -48.96
N LEU E 599 13.03 21.60 -47.74
CA LEU E 599 12.20 21.79 -46.56
C LEU E 599 11.67 23.21 -46.44
N SER E 600 12.36 24.19 -47.03
CA SER E 600 11.83 25.54 -47.08
C SER E 600 10.57 25.61 -47.93
N LYS E 601 10.47 24.79 -48.96
CA LYS E 601 9.27 24.76 -49.78
C LYS E 601 8.12 24.10 -49.05
N SER E 602 8.40 23.21 -48.11
CA SER E 602 7.33 22.61 -47.33
C SER E 602 7.05 23.40 -46.06
N ILE E 603 8.09 23.82 -45.35
CA ILE E 603 7.95 24.51 -44.07
C ILE E 603 8.72 25.81 -44.11
N ILE E 604 8.04 26.90 -43.78
CA ILE E 604 8.59 28.22 -43.98
C ILE E 604 9.01 28.89 -42.66
N GLY E 605 8.29 28.65 -41.58
CA GLY E 605 8.72 29.18 -40.30
C GLY E 605 9.94 28.46 -39.75
N ASN E 606 10.79 29.23 -39.07
CA ASN E 606 11.88 28.76 -38.21
C ASN E 606 12.91 27.95 -39.00
N GLU E 607 13.55 28.63 -39.95
CA GLU E 607 14.52 27.95 -40.81
C GLU E 607 15.85 27.72 -40.11
N ASP E 608 16.11 28.37 -38.98
CA ASP E 608 17.40 28.22 -38.32
C ASP E 608 17.53 26.87 -37.63
N ILE E 609 16.40 26.28 -37.24
CA ILE E 609 16.45 24.90 -36.75
C ILE E 609 16.75 23.95 -37.90
N ILE E 610 16.23 24.26 -39.09
CA ILE E 610 16.36 23.39 -40.24
C ILE E 610 17.81 23.33 -40.71
N LYS E 611 18.57 24.41 -40.49
CA LYS E 611 20.01 24.35 -40.71
C LYS E 611 20.67 23.29 -39.85
N SER E 612 20.23 23.16 -38.58
CA SER E 612 20.74 22.09 -37.75
C SER E 612 20.19 20.75 -38.18
N LEU E 613 18.98 20.74 -38.75
CA LEU E 613 18.47 19.51 -39.33
C LEU E 613 19.24 19.16 -40.60
N SER E 614 19.60 20.16 -41.39
CA SER E 614 20.35 19.91 -42.61
C SER E 614 21.74 19.40 -42.31
N ASP E 615 22.36 19.91 -41.26
CA ASP E 615 23.70 19.47 -40.89
C ASP E 615 23.72 18.05 -40.37
N ALA E 616 22.63 17.59 -39.77
CA ALA E 616 22.59 16.21 -39.30
C ALA E 616 22.43 15.22 -40.44
N VAL E 617 21.73 15.61 -41.51
CA VAL E 617 21.51 14.69 -42.61
C VAL E 617 22.77 14.50 -43.44
N VAL E 618 23.53 15.58 -43.63
CA VAL E 618 24.74 15.51 -44.43
C VAL E 618 25.81 14.69 -43.73
N LYS E 619 25.74 14.59 -42.40
CA LYS E 619 26.57 13.62 -41.68
C LYS E 619 26.26 12.19 -42.09
N ALA E 620 25.00 11.90 -42.39
CA ALA E 620 24.64 10.54 -42.75
C ALA E 620 25.12 10.20 -44.15
N ALA E 621 24.61 10.93 -45.15
CA ALA E 621 24.72 10.50 -46.54
C ALA E 621 26.13 10.62 -47.07
N THR E 622 26.96 11.44 -46.46
CA THR E 622 28.37 11.52 -46.83
C THR E 622 29.20 10.42 -46.21
N GLY E 623 28.62 9.61 -45.34
CA GLY E 623 29.40 8.58 -44.68
C GLY E 623 30.39 9.14 -43.69
N MET E 624 30.08 10.27 -43.08
CA MET E 624 30.90 10.83 -42.02
C MET E 624 30.62 10.12 -40.70
N LYS E 625 31.03 10.74 -39.60
CA LYS E 625 31.00 10.09 -38.30
C LYS E 625 29.59 9.76 -37.86
N ASP E 626 29.26 8.47 -37.97
CA ASP E 626 28.08 7.85 -37.38
C ASP E 626 28.59 6.96 -36.26
N PRO E 627 28.67 7.46 -35.04
CA PRO E 627 28.96 6.59 -33.89
C PRO E 627 27.79 5.72 -33.50
N GLU E 628 27.91 5.11 -32.31
CA GLU E 628 26.76 4.52 -31.65
C GLU E 628 25.67 5.53 -31.34
N LYS E 629 25.99 6.83 -31.34
CA LYS E 629 24.97 7.87 -31.37
C LYS E 629 24.09 7.69 -32.61
N PRO E 630 22.78 7.74 -32.46
CA PRO E 630 21.92 7.81 -33.65
C PRO E 630 22.06 9.17 -34.29
N ILE E 631 21.83 9.20 -35.60
CA ILE E 631 22.12 10.41 -36.37
C ILE E 631 21.04 11.44 -36.11
N GLY E 632 21.45 12.59 -35.59
CA GLY E 632 20.54 13.70 -35.46
C GLY E 632 19.46 13.57 -34.40
N THR E 633 19.85 13.67 -33.14
CA THR E 633 18.86 13.74 -32.06
C THR E 633 18.36 15.16 -31.93
N PHE E 634 17.04 15.33 -31.84
CA PHE E 634 16.48 16.67 -31.80
C PHE E 634 15.34 16.76 -30.80
N LEU E 635 15.34 17.84 -30.02
CA LEU E 635 14.24 18.21 -29.15
C LEU E 635 13.61 19.47 -29.69
N PHE E 636 12.29 19.48 -29.80
CA PHE E 636 11.57 20.64 -30.32
C PHE E 636 10.65 21.17 -29.25
N LEU E 637 10.69 22.48 -29.05
CA LEU E 637 9.82 23.14 -28.09
C LEU E 637 9.19 24.35 -28.76
N GLY E 638 8.07 24.78 -28.20
CA GLY E 638 7.41 25.96 -28.69
C GLY E 638 5.99 26.05 -28.19
N PRO E 639 5.26 27.06 -28.65
CA PRO E 639 3.86 27.19 -28.27
C PRO E 639 3.04 26.14 -28.98
N THR E 640 1.93 25.77 -28.35
CA THR E 640 1.04 24.80 -28.94
C THR E 640 0.37 25.41 -30.16
N GLY E 641 0.40 24.69 -31.27
CA GLY E 641 -0.22 25.19 -32.48
C GLY E 641 0.72 25.34 -33.65
N VAL E 642 1.96 25.74 -33.40
CA VAL E 642 2.91 25.90 -34.50
C VAL E 642 3.32 24.52 -34.99
N GLY E 643 3.97 24.47 -36.15
CA GLY E 643 4.27 23.20 -36.76
C GLY E 643 5.38 22.42 -36.11
N LYS E 644 5.19 22.01 -34.86
CA LYS E 644 6.18 21.20 -34.19
C LYS E 644 6.23 19.80 -34.77
N THR E 645 5.10 19.27 -35.22
CA THR E 645 5.07 17.99 -35.92
C THR E 645 4.65 18.19 -37.37
N GLU E 646 4.99 19.37 -37.91
CA GLU E 646 4.97 19.59 -39.35
C GLU E 646 6.24 19.03 -39.97
N LEU E 647 7.37 19.22 -39.28
CA LEU E 647 8.63 18.57 -39.61
C LEU E 647 8.53 17.06 -39.55
N ALA E 648 7.64 16.55 -38.70
CA ALA E 648 7.40 15.12 -38.59
C ALA E 648 7.00 14.52 -39.92
N LYS E 649 6.10 15.18 -40.62
CA LYS E 649 5.68 14.66 -41.92
C LYS E 649 6.73 14.90 -42.97
N THR E 650 7.25 16.14 -43.05
CA THR E 650 8.01 16.58 -44.21
C THR E 650 9.37 15.91 -44.34
N LEU E 651 9.90 15.33 -43.27
CA LEU E 651 11.10 14.52 -43.45
C LEU E 651 10.76 13.25 -44.20
N ALA E 652 9.71 12.56 -43.76
CA ALA E 652 9.30 11.34 -44.44
C ALA E 652 8.78 11.61 -45.85
N ILE E 653 8.25 12.81 -46.08
CA ILE E 653 7.86 13.17 -47.44
C ILE E 653 9.09 13.49 -48.29
N GLU E 654 10.16 14.03 -47.69
CA GLU E 654 11.24 14.55 -48.51
C GLU E 654 12.60 13.96 -48.25
N LEU E 655 12.84 13.31 -47.11
CA LEU E 655 14.07 12.53 -47.00
C LEU E 655 13.87 11.11 -47.49
N PHE E 656 12.78 10.49 -47.04
CA PHE E 656 12.50 9.10 -47.37
C PHE E 656 11.40 8.94 -48.39
N ASN E 657 10.69 10.02 -48.74
CA ASN E 657 9.77 10.08 -49.89
C ASN E 657 8.60 9.11 -49.77
N SER E 658 8.25 8.68 -48.56
CA SER E 658 7.28 7.58 -48.48
C SER E 658 6.19 7.72 -47.44
N LYS E 659 6.39 8.49 -46.35
CA LYS E 659 5.54 8.54 -45.15
C LYS E 659 5.40 7.22 -44.40
N ASP E 660 6.09 6.17 -44.85
CA ASP E 660 6.03 4.89 -44.18
C ASP E 660 7.23 4.66 -43.29
N ASN E 661 8.34 5.31 -43.60
CA ASN E 661 9.45 5.36 -42.67
C ASN E 661 9.13 6.24 -41.46
N LEU E 662 8.10 7.06 -41.56
CA LEU E 662 7.58 7.75 -40.40
C LEU E 662 6.98 6.74 -39.42
N ILE E 663 7.37 6.85 -38.17
CA ILE E 663 6.85 6.00 -37.10
C ILE E 663 6.21 6.93 -36.09
N ARG E 664 4.90 7.13 -36.22
CA ARG E 664 4.17 7.93 -35.24
C ARG E 664 4.11 7.17 -33.93
N VAL E 665 4.53 7.82 -32.85
CA VAL E 665 4.52 7.20 -31.54
C VAL E 665 3.65 8.05 -30.64
N ASN E 666 2.51 7.51 -30.26
CA ASN E 666 1.59 8.19 -29.36
C ASN E 666 2.22 8.24 -27.98
N MET E 667 2.85 9.35 -27.64
CA MET E 667 3.48 9.48 -26.34
C MET E 667 2.52 9.90 -25.25
N SER E 668 1.25 10.05 -25.57
CA SER E 668 0.24 10.28 -24.54
C SER E 668 -0.16 9.00 -23.82
N GLU E 669 0.19 7.84 -24.36
CA GLU E 669 -0.21 6.58 -23.75
C GLU E 669 0.68 6.16 -22.62
N PHE E 670 1.86 6.78 -22.50
CA PHE E 670 2.88 6.35 -21.54
C PHE E 670 2.84 7.16 -20.27
N THR E 671 1.64 7.62 -19.88
CA THR E 671 1.48 8.33 -18.61
C THR E 671 1.77 7.42 -17.42
N GLU E 672 1.59 6.12 -17.60
CA GLU E 672 1.86 5.17 -16.53
C GLU E 672 3.35 4.89 -16.44
N ALA E 673 3.82 4.72 -15.20
CA ALA E 673 5.03 3.94 -14.96
C ALA E 673 4.79 2.47 -15.24
N HIS E 674 3.54 2.03 -15.18
CA HIS E 674 3.14 0.66 -15.46
C HIS E 674 3.30 0.31 -16.93
N SER E 675 3.47 1.30 -17.80
CA SER E 675 3.45 1.11 -19.24
C SER E 675 4.84 1.18 -19.87
N VAL E 676 5.89 1.00 -19.09
CA VAL E 676 7.25 1.13 -19.63
C VAL E 676 7.60 -0.06 -20.49
N SER E 677 7.18 -1.26 -20.06
CA SER E 677 7.46 -2.49 -20.79
C SER E 677 6.75 -2.58 -22.14
N LYS E 678 5.94 -1.58 -22.49
CA LYS E 678 5.47 -1.44 -23.86
C LYS E 678 6.63 -1.35 -24.82
N ILE E 679 7.59 -0.47 -24.56
CA ILE E 679 8.64 -0.19 -25.53
C ILE E 679 9.59 -1.38 -25.65
N THR E 680 10.24 -1.76 -24.56
CA THR E 680 11.25 -2.80 -24.63
C THR E 680 10.68 -4.20 -24.68
N GLY E 681 9.37 -4.36 -24.53
CA GLY E 681 8.75 -5.66 -24.63
C GLY E 681 8.41 -6.24 -23.28
N SER E 682 7.54 -7.24 -23.33
CA SER E 682 7.24 -8.02 -22.13
C SER E 682 8.49 -8.76 -21.70
N PRO E 683 8.75 -8.86 -20.40
CA PRO E 683 9.82 -9.73 -19.91
C PRO E 683 9.46 -11.18 -20.16
N PRO E 684 10.43 -12.10 -20.16
CA PRO E 684 10.09 -13.49 -20.45
C PRO E 684 9.29 -14.14 -19.33
N GLY E 685 8.49 -15.12 -19.72
CA GLY E 685 7.51 -15.69 -18.83
C GLY E 685 6.17 -15.00 -18.86
N TYR E 686 5.86 -14.28 -19.92
CA TYR E 686 4.65 -13.47 -20.01
C TYR E 686 4.12 -13.66 -21.44
N VAL E 687 3.23 -12.76 -21.87
CA VAL E 687 2.50 -13.02 -23.10
C VAL E 687 3.35 -12.74 -24.33
N GLY E 688 3.96 -11.56 -24.40
CA GLY E 688 4.61 -11.14 -25.63
C GLY E 688 5.93 -11.81 -25.95
N PHE E 689 5.93 -12.68 -26.95
CA PHE E 689 7.16 -13.15 -27.57
C PHE E 689 7.13 -13.05 -29.07
N SER E 690 6.00 -13.32 -29.71
CA SER E 690 5.83 -12.94 -31.10
C SER E 690 5.87 -11.43 -31.24
N ASP E 691 5.32 -10.72 -30.26
CA ASP E 691 5.52 -9.29 -30.10
C ASP E 691 6.71 -9.11 -29.18
N SER E 692 7.86 -8.75 -29.74
CA SER E 692 9.06 -8.55 -28.95
C SER E 692 9.10 -7.18 -28.30
N GLY E 693 8.20 -6.29 -28.66
CA GLY E 693 8.16 -4.96 -28.10
C GLY E 693 7.56 -3.99 -29.10
N GLN E 694 7.24 -2.80 -28.60
CA GLN E 694 6.52 -1.88 -29.44
C GLN E 694 7.46 -1.12 -30.37
N LEU E 695 8.41 -0.37 -29.83
CA LEU E 695 9.31 0.36 -30.71
C LEU E 695 10.45 -0.50 -31.19
N THR E 696 10.68 -1.64 -30.56
CA THR E 696 11.81 -2.47 -30.92
C THR E 696 11.63 -3.13 -32.28
N GLU E 697 10.46 -3.70 -32.50
CA GLU E 697 10.27 -4.49 -33.72
C GLU E 697 10.11 -3.60 -34.93
N ALA E 698 9.61 -2.37 -34.74
CA ALA E 698 9.43 -1.47 -35.87
C ALA E 698 10.76 -1.00 -36.41
N VAL E 699 11.75 -0.78 -35.55
CA VAL E 699 13.05 -0.32 -36.01
C VAL E 699 13.79 -1.45 -36.71
N ARG E 700 13.58 -2.69 -36.26
CA ARG E 700 14.17 -3.83 -36.99
C ARG E 700 13.54 -3.97 -38.37
N GLU E 701 12.25 -3.67 -38.48
CA GLU E 701 11.60 -3.74 -39.77
C GLU E 701 11.97 -2.55 -40.64
N LYS E 702 12.22 -1.40 -40.03
CA LYS E 702 12.58 -0.19 -40.78
C LYS E 702 13.76 0.51 -40.11
N PRO E 703 14.99 0.07 -40.38
CA PRO E 703 16.15 0.70 -39.75
C PRO E 703 16.50 2.07 -40.30
N HIS E 704 15.82 2.50 -41.35
CA HIS E 704 15.96 3.85 -41.88
C HIS E 704 14.61 4.54 -41.70
N SER E 705 14.53 5.40 -40.69
CA SER E 705 13.23 5.88 -40.26
C SER E 705 13.41 7.22 -39.56
N VAL E 706 12.28 7.85 -39.28
CA VAL E 706 12.23 9.05 -38.46
C VAL E 706 11.29 8.76 -37.30
N VAL E 707 11.86 8.42 -36.16
CA VAL E 707 11.07 7.97 -35.04
C VAL E 707 10.51 9.18 -34.30
N LEU E 708 9.20 9.29 -34.27
CA LEU E 708 8.56 10.41 -33.60
C LEU E 708 8.45 10.18 -32.11
N PHE E 709 8.32 11.28 -31.38
CA PHE E 709 7.93 11.26 -29.98
C PHE E 709 7.05 12.48 -29.79
N ASP E 710 5.74 12.27 -29.77
CA ASP E 710 4.80 13.36 -30.01
C ASP E 710 4.65 14.26 -28.81
N GLU E 711 4.35 13.70 -27.64
CA GLU E 711 4.02 14.49 -26.45
C GLU E 711 4.77 13.95 -25.25
N LEU E 712 5.98 14.48 -25.02
CA LEU E 712 6.84 13.99 -23.96
C LEU E 712 6.35 14.40 -22.58
N GLU E 713 5.77 15.60 -22.45
CA GLU E 713 5.32 16.15 -21.17
C GLU E 713 4.25 15.31 -20.48
N LYS E 714 3.65 14.36 -21.18
CA LYS E 714 2.67 13.45 -20.62
C LYS E 714 3.23 12.07 -20.29
N ALA E 715 4.33 11.67 -20.90
CA ALA E 715 4.90 10.35 -20.62
C ALA E 715 5.50 10.33 -19.23
N HIS E 716 5.49 9.14 -18.61
CA HIS E 716 5.98 9.02 -17.26
C HIS E 716 7.50 9.01 -17.25
N ALA E 717 8.08 9.45 -16.12
CA ALA E 717 9.53 9.58 -15.96
C ALA E 717 10.27 8.27 -16.15
N ASP E 718 9.63 7.13 -15.92
CA ASP E 718 10.28 5.85 -16.13
C ASP E 718 10.37 5.50 -17.60
N VAL E 719 9.44 5.98 -18.43
CA VAL E 719 9.55 5.80 -19.87
C VAL E 719 10.75 6.55 -20.39
N PHE E 720 11.06 7.69 -19.78
CA PHE E 720 12.23 8.46 -20.15
C PHE E 720 13.53 7.74 -19.83
N LYS E 721 13.50 6.83 -18.86
CA LYS E 721 14.69 6.06 -18.55
C LYS E 721 15.04 5.10 -19.68
N VAL E 722 14.05 4.69 -20.47
CA VAL E 722 14.35 3.88 -21.66
C VAL E 722 15.00 4.74 -22.73
N LEU E 723 14.52 5.97 -22.91
CA LEU E 723 15.09 6.88 -23.88
C LEU E 723 16.46 7.39 -23.51
N LEU E 724 16.92 7.17 -22.28
CA LEU E 724 18.25 7.59 -21.87
C LEU E 724 19.33 6.87 -22.66
N GLN E 725 19.10 5.62 -23.02
CA GLN E 725 20.09 4.89 -23.78
C GLN E 725 19.95 5.12 -25.28
N ILE E 726 18.73 5.37 -25.76
CA ILE E 726 18.50 5.53 -27.19
C ILE E 726 19.18 6.79 -27.71
N LEU E 727 19.00 7.89 -26.99
CA LEU E 727 19.74 9.09 -27.34
C LEU E 727 21.22 8.93 -27.00
N GLY E 728 21.54 8.05 -26.05
CA GLY E 728 22.91 7.72 -25.73
C GLY E 728 23.57 6.84 -26.77
N ASP E 729 23.03 5.65 -27.00
CA ASP E 729 23.64 4.69 -27.90
C ASP E 729 22.56 4.09 -28.78
N GLY E 730 22.95 3.20 -29.67
CA GLY E 730 21.90 2.54 -30.43
C GLY E 730 21.22 1.42 -29.70
N TYR E 731 21.73 1.02 -28.55
CA TYR E 731 21.43 -0.31 -28.03
C TYR E 731 20.19 -0.31 -27.16
N ILE E 732 19.21 -1.11 -27.57
CA ILE E 732 18.21 -1.68 -26.69
C ILE E 732 18.18 -3.17 -26.96
N ASN E 733 18.32 -3.98 -25.92
CA ASN E 733 18.21 -5.40 -26.17
C ASN E 733 16.75 -5.83 -26.14
N ASP E 734 16.52 -7.10 -26.41
CA ASP E 734 15.17 -7.63 -26.45
C ASP E 734 15.06 -8.89 -25.60
N ASN E 735 13.96 -9.63 -25.80
CA ASN E 735 13.83 -10.95 -25.18
C ASN E 735 14.97 -11.86 -25.59
N HIS E 736 15.31 -11.87 -26.87
CA HIS E 736 16.47 -12.58 -27.37
C HIS E 736 17.70 -11.66 -27.46
N ARG E 737 17.68 -10.54 -26.71
CA ARG E 737 18.82 -9.63 -26.53
C ARG E 737 19.32 -9.08 -27.87
N ARG E 738 18.38 -8.63 -28.70
CA ARG E 738 18.72 -8.17 -30.03
C ARG E 738 19.46 -6.85 -29.97
N ASN E 739 20.59 -6.77 -30.66
CA ASN E 739 21.31 -5.52 -30.74
C ASN E 739 20.66 -4.67 -31.81
N ILE E 740 19.60 -3.95 -31.39
CA ILE E 740 19.01 -2.92 -32.21
C ILE E 740 20.04 -1.82 -32.43
N ASP E 741 20.11 -1.31 -33.65
CA ASP E 741 20.80 -0.07 -33.92
C ASP E 741 19.78 1.01 -34.24
N PHE E 742 20.07 2.23 -33.84
CA PHE E 742 19.31 3.38 -34.32
C PHE E 742 20.10 4.18 -35.33
N SER E 743 20.99 3.53 -36.08
CA SER E 743 21.74 4.21 -37.11
C SER E 743 20.82 4.66 -38.23
N ASN E 744 21.12 5.84 -38.77
CA ASN E 744 20.33 6.48 -39.83
C ASN E 744 18.89 6.71 -39.41
N THR E 745 18.67 7.01 -38.13
CA THR E 745 17.34 7.28 -37.61
C THR E 745 17.36 8.63 -36.92
N ILE E 746 16.73 9.63 -37.53
CA ILE E 746 16.60 10.93 -36.89
C ILE E 746 15.52 10.80 -35.83
N ILE E 747 15.89 11.04 -34.58
CA ILE E 747 14.95 11.01 -33.46
C ILE E 747 14.39 12.41 -33.26
N ILE E 748 13.07 12.50 -33.23
CA ILE E 748 12.39 13.77 -33.04
C ILE E 748 11.64 13.72 -31.72
N MET E 749 11.97 14.65 -30.84
CA MET E 749 11.40 14.75 -29.51
C MET E 749 10.62 16.07 -29.48
N THR E 750 9.31 15.98 -29.33
CA THR E 750 8.51 17.20 -29.20
C THR E 750 7.72 17.16 -27.91
N SER E 751 7.69 18.31 -27.23
CA SER E 751 6.81 18.50 -26.08
C SER E 751 6.47 19.98 -26.02
N ASN E 752 5.46 20.31 -25.24
CA ASN E 752 4.99 21.68 -25.26
C ASN E 752 5.81 22.57 -24.35
N LEU E 753 5.65 22.40 -23.03
CA LEU E 753 6.37 23.10 -21.97
C LEU E 753 6.32 24.62 -22.01
N GLY E 754 5.51 25.20 -22.91
CA GLY E 754 5.65 26.60 -23.22
C GLY E 754 4.79 27.48 -22.35
N ALA E 755 3.66 26.93 -21.91
CA ALA E 755 2.85 27.58 -20.89
C ALA E 755 3.67 27.78 -19.62
N GLU E 756 3.26 28.80 -18.86
CA GLU E 756 3.94 29.38 -17.70
C GLU E 756 5.30 30.01 -18.04
N LEU E 757 5.67 30.07 -19.33
CA LEU E 757 6.78 30.90 -19.79
C LEU E 757 6.30 31.75 -20.96
N PHE E 758 5.43 31.17 -21.78
CA PHE E 758 4.76 31.95 -22.82
C PHE E 758 3.57 32.66 -22.18
N LYS E 759 3.91 33.71 -21.44
CA LYS E 759 2.94 34.69 -20.99
C LYS E 759 2.66 35.64 -22.14
N LYS E 760 2.11 36.80 -21.81
CA LYS E 760 1.80 37.79 -22.81
C LYS E 760 3.10 38.22 -23.47
N LYS E 761 4.21 38.08 -22.75
CA LYS E 761 5.49 38.47 -23.30
C LYS E 761 5.72 37.59 -24.52
N LEU E 762 6.07 38.27 -25.62
CA LEU E 762 6.31 37.71 -26.97
C LEU E 762 5.07 37.31 -27.80
N PHE E 763 3.89 37.70 -27.33
CA PHE E 763 2.63 37.47 -28.01
C PHE E 763 1.83 38.78 -28.02
N PHE E 764 2.11 39.63 -27.04
CA PHE E 764 1.46 40.94 -26.93
C PHE E 764 1.95 41.75 -28.13
N ASP E 765 3.23 41.60 -28.45
CA ASP E 765 3.83 42.26 -29.59
C ASP E 765 4.56 41.13 -30.28
N ALA E 766 3.76 40.21 -30.82
CA ALA E 766 4.29 39.07 -31.53
C ALA E 766 4.23 39.47 -32.98
N ASP E 767 3.68 40.65 -33.23
CA ASP E 767 3.57 41.11 -34.61
C ASP E 767 4.94 41.46 -35.19
N ASN E 768 5.61 42.46 -34.63
CA ASN E 768 6.97 42.77 -35.04
C ASN E 768 7.93 41.68 -34.59
N SER E 769 7.78 41.24 -33.35
CA SER E 769 8.49 40.15 -32.67
C SER E 769 9.98 40.40 -32.51
N GLY E 770 10.52 41.51 -32.98
CA GLY E 770 11.74 42.07 -32.44
C GLY E 770 13.01 41.54 -33.05
N THR E 771 13.70 42.37 -33.81
CA THR E 771 15.06 41.99 -34.16
C THR E 771 16.06 42.40 -33.06
N PRO E 772 16.11 43.67 -32.53
CA PRO E 772 17.06 43.89 -31.42
C PRO E 772 16.63 43.29 -30.10
N GLU E 773 15.41 43.58 -29.66
CA GLU E 773 15.08 43.45 -28.24
C GLU E 773 14.45 42.13 -27.88
N TYR E 774 13.55 41.65 -28.73
CA TYR E 774 12.87 40.39 -28.45
C TYR E 774 13.80 39.19 -28.51
N LYS E 775 14.75 39.22 -29.43
CA LYS E 775 15.71 38.13 -29.52
C LYS E 775 16.43 37.95 -28.19
N ARG E 776 16.64 39.05 -27.46
CA ARG E 776 17.10 38.95 -26.09
C ARG E 776 16.06 38.28 -25.21
N VAL E 777 14.78 38.48 -25.50
CA VAL E 777 13.75 37.75 -24.78
C VAL E 777 13.73 36.29 -25.20
N MET E 778 13.98 36.03 -26.50
CA MET E 778 14.08 34.66 -27.00
C MET E 778 15.17 33.86 -26.29
N GLU E 779 16.30 34.51 -25.99
CA GLU E 779 17.33 33.85 -25.21
C GLU E 779 16.88 33.66 -23.77
N ASP E 780 16.15 34.64 -23.23
CA ASP E 780 15.67 34.52 -21.86
C ASP E 780 14.60 33.45 -21.73
N VAL E 781 13.81 33.24 -22.77
CA VAL E 781 12.85 32.15 -22.73
C VAL E 781 13.56 30.82 -22.81
N ARG E 782 14.55 30.70 -23.70
CA ARG E 782 15.19 29.42 -23.95
C ARG E 782 15.98 28.96 -22.74
N LEU E 783 16.64 29.88 -22.04
CA LEU E 783 17.34 29.53 -20.81
C LEU E 783 16.35 29.16 -19.72
N SER E 784 15.15 29.73 -19.75
CA SER E 784 14.14 29.30 -18.79
C SER E 784 13.57 27.94 -19.16
N LEU E 785 13.63 27.57 -20.44
CA LEU E 785 13.19 26.23 -20.84
C LEU E 785 14.15 25.17 -20.35
N ILE E 786 15.45 25.45 -20.46
CA ILE E 786 16.46 24.47 -20.09
C ILE E 786 16.49 24.27 -18.59
N LYS E 787 16.14 25.29 -17.82
CA LYS E 787 15.97 25.10 -16.39
C LYS E 787 14.75 24.25 -16.07
N LYS E 788 13.78 24.18 -16.98
CA LYS E 788 12.68 23.24 -16.81
C LYS E 788 13.03 21.87 -17.35
N CYS E 789 13.89 21.80 -18.36
CA CYS E 789 14.33 20.52 -18.89
C CYS E 789 15.31 19.81 -17.96
N LYS E 790 15.80 20.48 -16.93
CA LYS E 790 16.58 19.78 -15.94
C LYS E 790 15.75 19.38 -14.73
N LYS E 791 14.55 19.94 -14.60
CA LYS E 791 13.63 19.45 -13.57
C LYS E 791 12.79 18.29 -14.09
N VAL E 792 12.03 18.53 -15.14
CA VAL E 792 11.14 17.52 -15.69
C VAL E 792 11.92 16.40 -16.37
N PHE E 793 12.93 16.78 -17.15
CA PHE E 793 13.67 15.84 -17.98
C PHE E 793 15.09 15.61 -17.47
N LYS E 794 15.30 15.45 -16.14
CA LYS E 794 16.34 14.60 -15.55
C LYS E 794 17.72 14.75 -16.18
N PRO E 795 18.52 15.75 -15.80
CA PRO E 795 19.34 16.54 -16.75
C PRO E 795 20.19 15.85 -17.81
N GLU E 796 20.24 14.52 -17.84
CA GLU E 796 20.94 13.80 -18.90
C GLU E 796 20.31 14.04 -20.27
N PHE E 797 19.02 14.36 -20.32
CA PHE E 797 18.40 14.66 -21.61
C PHE E 797 18.93 15.94 -22.20
N VAL E 798 19.33 16.89 -21.36
CA VAL E 798 20.00 18.09 -21.84
C VAL E 798 21.33 17.71 -22.48
N ASN E 799 21.99 16.69 -21.94
CA ASN E 799 23.22 16.18 -22.52
C ASN E 799 23.01 15.41 -23.81
N ARG E 800 22.08 14.47 -23.83
CA ARG E 800 22.04 13.51 -24.92
C ARG E 800 21.51 14.12 -26.21
N ILE E 801 20.63 15.10 -26.10
CA ILE E 801 20.02 15.69 -27.29
C ILE E 801 20.99 16.67 -27.92
N ASP E 802 21.14 16.58 -29.24
CA ASP E 802 22.08 17.45 -29.94
C ASP E 802 21.57 18.88 -30.00
N LYS E 803 20.38 19.09 -30.56
CA LYS E 803 19.91 20.45 -30.80
C LYS E 803 18.51 20.60 -30.26
N ILE E 804 18.34 21.52 -29.32
CA ILE E 804 17.03 21.85 -28.78
C ILE E 804 16.52 23.05 -29.57
N GLY E 805 15.67 22.79 -30.56
CA GLY E 805 15.08 23.86 -31.31
C GLY E 805 13.88 24.42 -30.58
N VAL E 806 13.74 25.73 -30.61
CA VAL E 806 12.64 26.43 -29.97
C VAL E 806 11.90 27.23 -31.04
N PHE E 807 10.63 26.93 -31.23
CA PHE E 807 9.85 27.56 -32.28
C PHE E 807 9.28 28.89 -31.82
N GLU E 808 9.39 29.90 -32.68
CA GLU E 808 8.72 31.15 -32.42
C GLU E 808 7.22 31.00 -32.63
N PRO E 809 6.43 31.87 -32.01
CA PRO E 809 5.05 32.03 -32.48
C PRO E 809 5.05 32.69 -33.85
N LEU E 810 3.94 32.51 -34.55
CA LEU E 810 3.91 32.83 -35.97
C LEU E 810 3.70 34.32 -36.18
N ASN E 811 4.62 34.95 -36.90
CA ASN E 811 4.37 36.30 -37.37
C ASN E 811 3.35 36.28 -38.50
N LYS E 812 2.77 37.44 -38.76
CA LYS E 812 1.80 37.53 -39.84
C LYS E 812 2.46 37.48 -41.20
N LYS E 813 3.76 37.81 -41.29
CA LYS E 813 4.46 37.72 -42.56
C LYS E 813 4.61 36.28 -43.03
N ASN E 814 4.66 35.33 -42.09
CA ASN E 814 4.73 33.94 -42.46
C ASN E 814 3.37 33.43 -42.93
N LEU E 815 2.30 33.93 -42.33
CA LEU E 815 0.97 33.41 -42.59
C LEU E 815 0.44 33.77 -43.97
N HIS E 816 1.03 34.77 -44.63
CA HIS E 816 0.72 34.98 -46.04
C HIS E 816 1.20 33.83 -46.90
N LYS E 817 2.16 33.07 -46.42
CA LYS E 817 2.67 31.89 -47.10
C LYS E 817 2.12 30.59 -46.54
N ILE E 818 1.99 30.50 -45.21
CA ILE E 818 1.58 29.25 -44.57
C ILE E 818 0.14 28.92 -44.91
N VAL E 819 -0.74 29.93 -44.89
CA VAL E 819 -2.10 29.76 -45.36
C VAL E 819 -2.11 29.45 -46.85
N ALA E 820 -1.22 30.11 -47.60
CA ALA E 820 -1.13 29.87 -49.04
C ALA E 820 -0.65 28.48 -49.37
N LEU E 821 0.18 27.88 -48.51
CA LEU E 821 0.56 26.49 -48.70
C LEU E 821 -0.59 25.52 -48.54
N ARG E 822 -1.59 25.88 -47.74
CA ARG E 822 -2.65 24.94 -47.45
C ARG E 822 -3.66 24.82 -48.58
N PHE E 823 -3.74 25.85 -49.42
CA PHE E 823 -4.63 25.73 -50.57
C PHE E 823 -3.99 24.82 -51.59
N LYS E 824 -2.66 24.80 -51.66
CA LYS E 824 -1.98 23.85 -52.53
C LYS E 824 -2.15 22.43 -52.01
N LYS E 825 -2.13 22.25 -50.69
CA LYS E 825 -2.48 20.96 -50.12
C LYS E 825 -3.99 20.72 -50.19
N LEU E 826 -4.78 21.78 -50.34
CA LEU E 826 -6.20 21.58 -50.58
C LEU E 826 -6.46 21.17 -52.02
N GLU E 827 -5.61 21.62 -52.95
CA GLU E 827 -5.68 21.15 -54.33
C GLU E 827 -5.41 19.66 -54.43
N LYS E 828 -4.54 19.13 -53.57
CA LYS E 828 -4.24 17.71 -53.56
C LYS E 828 -5.42 16.87 -53.11
N ARG E 829 -6.36 17.46 -52.37
CA ARG E 829 -7.58 16.77 -52.02
C ARG E 829 -8.73 17.08 -52.96
N LEU E 830 -8.50 17.94 -53.95
CA LEU E 830 -9.45 18.17 -55.03
C LEU E 830 -8.79 17.94 -56.38
N GLU E 831 -7.66 17.25 -56.42
CA GLU E 831 -7.00 16.93 -57.67
C GLU E 831 -7.76 15.87 -58.47
N GLU E 832 -8.58 15.07 -57.80
CA GLU E 832 -9.54 14.26 -58.55
C GLU E 832 -10.60 15.14 -59.19
N LYS E 833 -11.07 16.14 -58.46
CA LYS E 833 -12.16 16.97 -58.93
C LYS E 833 -11.73 18.01 -59.95
N ASN E 834 -10.42 18.27 -60.04
CA ASN E 834 -9.79 19.25 -60.96
C ASN E 834 -10.31 20.67 -60.74
N ILE E 835 -10.62 21.03 -59.50
CA ILE E 835 -10.90 22.41 -59.17
C ILE E 835 -9.64 23.04 -58.60
N GLN E 836 -9.12 24.05 -59.29
CA GLN E 836 -7.88 24.72 -58.92
C GLN E 836 -8.23 25.98 -58.15
N VAL E 837 -8.09 25.93 -56.83
CA VAL E 837 -8.43 27.04 -55.96
C VAL E 837 -7.22 27.95 -55.86
N SER E 838 -7.37 29.21 -56.27
CA SER E 838 -6.30 30.19 -56.22
C SER E 838 -6.71 31.32 -55.29
N VAL E 839 -5.85 31.64 -54.34
CA VAL E 839 -6.13 32.64 -53.31
C VAL E 839 -5.03 33.69 -53.36
N SER E 840 -5.43 34.96 -53.43
CA SER E 840 -4.48 36.06 -53.40
C SER E 840 -4.42 36.70 -52.03
N GLU E 841 -3.43 37.58 -51.86
CA GLU E 841 -3.22 38.26 -50.58
C GLU E 841 -4.34 39.23 -50.24
N LYS E 842 -5.10 39.68 -51.24
CA LYS E 842 -6.32 40.43 -50.97
C LYS E 842 -7.39 39.57 -50.33
N ALA E 843 -7.27 38.25 -50.41
CA ALA E 843 -8.15 37.36 -49.67
C ALA E 843 -7.54 36.90 -48.36
N ILE E 844 -6.22 36.90 -48.25
CA ILE E 844 -5.56 36.38 -47.05
C ILE E 844 -5.75 37.35 -45.89
N ASP E 845 -5.79 38.64 -46.17
CA ASP E 845 -5.83 39.66 -45.13
C ASP E 845 -7.14 39.64 -44.37
N TYR E 846 -8.24 39.29 -45.04
CA TYR E 846 -9.51 39.15 -44.33
C TYR E 846 -9.50 37.93 -43.43
N ILE E 847 -8.73 36.90 -43.79
CA ILE E 847 -8.70 35.69 -43.00
C ILE E 847 -7.93 35.93 -41.71
N ILE E 848 -6.74 36.53 -41.80
CA ILE E 848 -5.86 36.69 -40.65
C ILE E 848 -6.48 37.59 -39.60
N ASP E 849 -7.12 38.68 -40.03
CA ASP E 849 -7.71 39.63 -39.11
C ASP E 849 -8.85 39.03 -38.30
N GLN E 850 -9.52 38.01 -38.83
CA GLN E 850 -10.67 37.42 -38.16
C GLN E 850 -10.50 35.93 -37.94
N SER E 851 -9.25 35.46 -37.88
CA SER E 851 -8.98 34.10 -37.42
C SER E 851 -7.78 33.95 -36.51
N TYR E 852 -6.90 34.93 -36.41
CA TYR E 852 -5.58 34.72 -35.83
C TYR E 852 -5.46 35.34 -34.45
N ASP E 853 -5.32 34.50 -33.45
CA ASP E 853 -4.58 35.03 -32.33
C ASP E 853 -3.17 34.44 -32.35
N PRO E 854 -2.18 35.12 -31.80
CA PRO E 854 -0.84 34.51 -31.72
C PRO E 854 -0.76 33.39 -30.73
N GLU E 855 -1.62 33.41 -29.70
CA GLU E 855 -1.43 32.56 -28.54
C GLU E 855 -1.72 31.10 -28.86
N LEU E 856 -2.56 30.84 -29.85
CA LEU E 856 -2.83 29.47 -30.23
C LEU E 856 -1.99 28.99 -31.40
N GLY E 857 -1.19 29.87 -32.00
CA GLY E 857 -0.28 29.44 -33.06
C GLY E 857 -0.94 28.99 -34.34
N ALA E 858 -2.02 29.65 -34.74
CA ALA E 858 -2.65 29.53 -36.07
C ALA E 858 -3.21 28.14 -36.34
N ARG E 859 -3.61 27.44 -35.31
CA ARG E 859 -4.53 26.35 -35.57
C ARG E 859 -5.92 26.84 -35.97
N PRO E 860 -6.59 27.78 -35.25
CA PRO E 860 -7.98 28.10 -35.64
C PRO E 860 -8.10 28.85 -36.95
N THR E 861 -7.00 29.43 -37.43
CA THR E 861 -7.01 30.04 -38.73
C THR E 861 -7.26 28.87 -39.68
N LEU E 862 -6.60 27.75 -39.41
CA LEU E 862 -6.76 26.53 -40.20
C LEU E 862 -8.20 26.06 -40.05
N ILE E 863 -8.72 26.12 -38.81
CA ILE E 863 -10.11 25.77 -38.59
C ILE E 863 -11.01 26.74 -39.34
N PHE E 864 -10.62 28.02 -39.39
CA PHE E 864 -11.45 29.04 -40.04
C PHE E 864 -11.57 28.80 -41.53
N ILE E 865 -10.53 28.26 -42.16
CA ILE E 865 -10.65 27.90 -43.56
C ILE E 865 -11.59 26.72 -43.72
N GLU E 866 -11.30 25.63 -43.02
CA GLU E 866 -12.08 24.41 -43.19
C GLU E 866 -13.48 24.55 -42.65
N SER E 867 -13.63 24.97 -41.39
CA SER E 867 -14.95 24.95 -40.79
C SER E 867 -15.85 26.10 -41.23
N VAL E 868 -15.35 27.06 -42.02
CA VAL E 868 -16.25 28.13 -42.44
C VAL E 868 -16.29 28.30 -43.95
N ILE E 869 -15.17 28.65 -44.58
CA ILE E 869 -15.29 29.01 -45.99
C ILE E 869 -15.32 27.75 -46.84
N MET E 870 -14.71 26.65 -46.37
CA MET E 870 -14.79 25.38 -47.08
C MET E 870 -16.15 24.72 -46.97
N THR E 871 -17.09 25.29 -46.20
CA THR E 871 -18.38 24.65 -46.01
C THR E 871 -19.21 24.65 -47.28
N LYS E 872 -19.34 25.80 -47.94
CA LYS E 872 -20.11 25.82 -49.16
C LYS E 872 -19.24 25.92 -50.42
N PHE E 873 -17.98 25.53 -50.32
CA PHE E 873 -17.39 24.84 -51.46
C PHE E 873 -17.99 23.45 -51.57
N ALA E 874 -18.34 22.86 -50.43
CA ALA E 874 -18.96 21.54 -50.46
C ALA E 874 -20.43 21.62 -50.85
N ILE E 875 -21.13 22.69 -50.45
CA ILE E 875 -22.56 22.76 -50.70
C ILE E 875 -22.85 23.05 -52.15
N MET E 876 -22.10 23.98 -52.75
CA MET E 876 -22.34 24.37 -54.14
C MET E 876 -21.95 23.28 -55.12
N TYR E 877 -21.17 22.30 -54.69
CA TYR E 877 -20.87 21.16 -55.52
C TYR E 877 -22.01 20.15 -55.55
N LEU E 878 -22.90 20.16 -54.54
CA LEU E 878 -23.92 19.12 -54.42
C LEU E 878 -24.93 19.20 -55.54
N LYS E 879 -25.55 20.36 -55.72
CA LYS E 879 -26.33 20.58 -56.92
C LYS E 879 -25.40 21.13 -58.00
N LYS E 880 -25.93 21.32 -59.20
CA LYS E 880 -25.12 21.68 -60.37
C LYS E 880 -24.76 23.16 -60.33
N GLU E 881 -23.85 23.50 -59.42
CA GLU E 881 -23.28 24.85 -59.38
C GLU E 881 -21.78 24.89 -59.43
N LEU E 882 -21.08 23.79 -59.25
CA LEU E 882 -19.63 23.78 -59.36
C LEU E 882 -19.22 22.88 -60.51
N VAL E 883 -18.85 23.50 -61.62
CA VAL E 883 -18.28 22.80 -62.75
C VAL E 883 -16.90 22.30 -62.36
N ASP E 884 -16.58 21.07 -62.76
CA ASP E 884 -15.36 20.42 -62.32
C ASP E 884 -14.08 21.03 -62.91
N ASP E 885 -14.19 21.94 -63.87
CA ASP E 885 -13.04 22.71 -64.36
C ASP E 885 -13.35 24.20 -64.29
N MET E 886 -13.11 24.83 -63.13
CA MET E 886 -13.23 26.27 -62.99
C MET E 886 -12.04 26.79 -62.20
N ASP E 887 -11.46 27.90 -62.68
CA ASP E 887 -10.35 28.56 -61.97
C ASP E 887 -10.95 29.35 -60.82
N VAL E 888 -11.10 28.67 -59.68
CA VAL E 888 -11.79 29.21 -58.53
C VAL E 888 -10.89 30.21 -57.81
N PHE E 889 -11.39 31.42 -57.60
CA PHE E 889 -10.62 32.51 -57.04
C PHE E 889 -11.40 33.19 -55.92
N VAL E 890 -10.69 33.63 -54.89
CA VAL E 890 -11.28 34.23 -53.71
C VAL E 890 -10.78 35.67 -53.60
N ASP E 891 -11.70 36.60 -53.31
CA ASP E 891 -11.38 38.02 -53.33
C ASP E 891 -12.31 38.76 -52.38
N TYR E 892 -11.90 39.98 -52.02
CA TYR E 892 -12.71 40.88 -51.21
C TYR E 892 -12.68 42.27 -51.85
N ASN E 893 -13.87 42.84 -52.03
CA ASN E 893 -14.00 44.21 -52.55
C ASN E 893 -14.03 45.24 -51.43
N SER E 894 -13.43 44.92 -50.29
CA SER E 894 -13.51 45.70 -49.04
C SER E 894 -14.96 45.97 -48.65
N LYS E 895 -15.82 44.97 -48.88
CA LYS E 895 -17.23 45.08 -48.58
C LYS E 895 -17.63 44.32 -47.34
N ALA E 896 -16.65 43.78 -46.59
CA ALA E 896 -16.85 42.78 -45.54
C ALA E 896 -17.68 41.60 -46.06
N LYS E 897 -17.42 41.22 -47.30
CA LYS E 897 -18.24 40.25 -48.01
C LYS E 897 -17.34 39.58 -49.03
N ASN E 898 -17.53 38.29 -49.19
CA ASN E 898 -16.65 37.48 -50.02
C ASN E 898 -17.30 37.17 -51.36
N LEU E 899 -16.46 37.17 -52.40
CA LEU E 899 -16.81 36.66 -53.71
C LEU E 899 -15.90 35.47 -54.00
N VAL E 900 -16.48 34.34 -54.33
CA VAL E 900 -15.72 33.24 -54.92
C VAL E 900 -15.94 33.26 -56.42
N ILE E 901 -14.87 33.47 -57.17
CA ILE E 901 -14.97 33.78 -58.59
C ILE E 901 -14.75 32.51 -59.39
N ASN E 902 -15.75 32.12 -60.17
CA ASN E 902 -15.69 30.95 -61.03
C ASN E 902 -15.44 31.41 -62.46
N LEU E 903 -14.32 31.00 -63.03
CA LEU E 903 -13.97 31.31 -64.41
C LEU E 903 -13.38 30.05 -65.04
N SER E 904 -13.88 29.69 -66.23
CA SER E 904 -13.46 28.45 -66.86
C SER E 904 -12.11 28.63 -67.54
N LEU F 188 29.17 -71.68 -15.57
CA LEU F 188 29.35 -70.44 -16.34
C LEU F 188 28.10 -70.08 -17.10
N TYR F 189 27.67 -68.83 -16.97
CA TYR F 189 26.56 -68.33 -17.78
C TYR F 189 27.02 -68.15 -19.23
N ILE F 190 26.04 -68.00 -20.12
CA ILE F 190 26.16 -67.65 -21.54
C ILE F 190 27.19 -66.55 -21.79
N GLU F 191 27.17 -65.52 -20.93
CA GLU F 191 28.12 -64.41 -20.78
C GLU F 191 27.98 -63.38 -21.90
N GLN F 192 27.21 -63.69 -22.94
CA GLN F 192 27.11 -62.76 -24.06
C GLN F 192 26.09 -61.67 -23.78
N PHE F 193 25.04 -61.98 -23.03
CA PHE F 193 24.19 -60.88 -22.58
C PHE F 193 24.65 -60.34 -21.24
N GLY F 194 24.98 -61.22 -20.30
CA GLY F 194 25.56 -60.75 -19.07
C GLY F 194 27.07 -60.65 -19.19
N SER F 195 27.56 -59.45 -19.50
CA SER F 195 28.98 -59.26 -19.77
C SER F 195 29.77 -59.25 -18.47
N ASN F 196 30.77 -60.12 -18.39
CA ASN F 196 31.52 -60.24 -17.15
C ASN F 196 32.42 -59.04 -16.94
N MET F 197 32.26 -58.43 -15.78
CA MET F 197 33.19 -57.43 -15.27
C MET F 197 34.54 -58.05 -14.93
N ASN F 198 34.57 -59.36 -14.68
CA ASN F 198 35.75 -60.04 -14.19
C ASN F 198 36.86 -60.12 -15.23
N GLU F 199 36.50 -60.21 -16.51
CA GLU F 199 37.47 -60.57 -17.54
C GLU F 199 38.47 -59.44 -17.82
N LYS F 200 38.07 -58.19 -17.58
CA LYS F 200 38.91 -57.09 -17.96
C LYS F 200 40.07 -56.89 -17.00
N VAL F 201 39.93 -57.34 -15.75
CA VAL F 201 41.08 -57.42 -14.87
C VAL F 201 42.01 -58.52 -15.35
N ARG F 202 41.45 -59.63 -15.82
CA ARG F 202 42.27 -60.65 -16.48
C ARG F 202 42.77 -60.17 -17.83
N ASN F 203 42.08 -59.20 -18.43
CA ASN F 203 42.65 -58.48 -19.56
C ASN F 203 43.61 -57.39 -19.12
N GLY F 204 43.60 -57.04 -17.83
CA GLY F 204 44.49 -56.03 -17.33
C GLY F 204 44.12 -54.64 -17.79
N LYS F 205 42.83 -54.32 -17.74
CA LYS F 205 42.36 -52.98 -18.06
C LYS F 205 42.03 -52.18 -16.81
N LEU F 206 41.97 -52.83 -15.65
CA LEU F 206 41.37 -52.26 -14.45
C LEU F 206 42.30 -52.28 -13.25
N GLN F 207 43.61 -52.42 -13.48
CA GLN F 207 44.56 -52.46 -12.39
C GLN F 207 44.72 -51.07 -11.79
N GLY F 208 45.19 -51.04 -10.54
CA GLY F 208 45.58 -49.82 -9.87
C GLY F 208 44.47 -48.82 -9.66
N ILE F 209 43.42 -49.23 -8.96
CA ILE F 209 42.30 -48.36 -8.65
C ILE F 209 42.55 -47.80 -7.26
N TYR F 210 42.70 -46.48 -7.18
CA TYR F 210 42.92 -45.82 -5.90
C TYR F 210 41.65 -45.96 -5.08
N GLY F 211 41.77 -46.68 -3.98
CA GLY F 211 40.61 -47.00 -3.20
C GLY F 211 40.17 -45.87 -2.30
N ARG F 212 38.88 -45.86 -2.06
CA ARG F 212 38.29 -45.05 -1.00
C ARG F 212 37.91 -46.08 0.07
N ASP F 213 38.78 -46.23 1.07
CA ASP F 213 38.76 -47.39 1.96
C ASP F 213 37.49 -47.45 2.79
N GLU F 214 37.12 -46.34 3.42
CA GLU F 214 35.90 -46.30 4.22
C GLU F 214 34.65 -46.26 3.36
N GLU F 215 34.78 -46.13 2.05
CA GLU F 215 33.64 -46.14 1.15
C GLU F 215 33.35 -47.52 0.59
N ILE F 216 34.39 -48.30 0.30
CA ILE F 216 34.20 -49.66 -0.19
C ILE F 216 33.58 -50.52 0.89
N ARG F 217 33.94 -50.27 2.15
CA ARG F 217 33.36 -50.97 3.28
C ARG F 217 31.88 -50.72 3.40
N ALA F 218 31.42 -49.54 3.00
CA ALA F 218 30.00 -49.27 2.96
C ALA F 218 29.30 -50.10 1.89
N ILE F 219 30.03 -50.61 0.90
CA ILE F 219 29.45 -51.56 -0.03
C ILE F 219 29.68 -52.99 0.45
N ILE F 220 30.84 -53.24 1.06
CA ILE F 220 31.18 -54.56 1.58
C ILE F 220 30.20 -54.97 2.66
N GLU F 221 30.03 -54.13 3.69
CA GLU F 221 29.13 -54.46 4.78
C GLU F 221 27.68 -54.36 4.36
N SER F 222 27.38 -53.69 3.26
CA SER F 222 25.99 -53.64 2.82
C SER F 222 25.53 -54.97 2.26
N LEU F 223 26.41 -55.69 1.57
CA LEU F 223 25.99 -56.87 0.85
C LEU F 223 25.73 -58.06 1.75
N LEU F 224 26.18 -58.02 3.00
CA LEU F 224 26.01 -59.14 3.88
C LEU F 224 24.97 -58.92 4.95
N ARG F 225 24.25 -57.81 4.90
CA ARG F 225 23.19 -57.63 5.88
C ARG F 225 22.01 -58.52 5.53
N TYR F 226 21.19 -58.78 6.52
CA TYR F 226 20.03 -59.64 6.39
C TYR F 226 18.83 -58.83 5.91
N ASN F 227 17.95 -59.51 5.18
CA ASN F 227 16.67 -59.06 4.62
C ASN F 227 16.77 -58.07 3.47
N LYS F 228 17.94 -57.51 3.19
CA LYS F 228 18.06 -56.57 2.09
C LYS F 228 19.43 -56.75 1.45
N ASN F 229 19.48 -56.59 0.13
CA ASN F 229 20.65 -57.07 -0.60
C ASN F 229 21.00 -56.14 -1.77
N SER F 230 20.58 -54.88 -1.72
CA SER F 230 20.68 -53.98 -2.87
C SER F 230 21.05 -52.56 -2.48
N PRO F 231 22.34 -52.28 -2.27
CA PRO F 231 22.78 -50.90 -2.06
C PRO F 231 23.02 -50.17 -3.36
N VAL F 232 22.84 -48.85 -3.32
CA VAL F 232 22.98 -48.00 -4.50
C VAL F 232 23.83 -46.80 -4.12
N LEU F 233 24.81 -46.49 -4.96
CA LEU F 233 25.57 -45.26 -4.81
C LEU F 233 24.77 -44.08 -5.34
N VAL F 234 24.70 -43.03 -4.54
CA VAL F 234 23.96 -41.81 -4.87
C VAL F 234 25.02 -40.72 -4.94
N GLY F 235 26.10 -41.01 -5.62
CA GLY F 235 27.20 -40.07 -5.68
C GLY F 235 27.03 -38.97 -6.72
N ASN F 236 27.85 -37.94 -6.55
CA ASN F 236 28.00 -36.89 -7.54
C ASN F 236 28.60 -37.49 -8.81
N PRO F 237 28.05 -37.22 -9.99
CA PRO F 237 28.49 -37.93 -11.21
C PRO F 237 29.89 -37.60 -11.69
N GLY F 238 30.67 -36.81 -10.97
CA GLY F 238 32.04 -36.65 -11.36
C GLY F 238 32.95 -37.41 -10.44
N THR F 239 32.45 -37.71 -9.23
CA THR F 239 33.29 -38.27 -8.18
C THR F 239 33.43 -39.79 -8.34
N GLY F 240 33.81 -40.20 -9.53
CA GLY F 240 34.00 -41.59 -9.87
C GLY F 240 32.78 -42.46 -9.70
N LYS F 241 31.74 -42.35 -10.54
CA LYS F 241 30.78 -43.42 -10.31
C LYS F 241 31.27 -44.67 -11.01
N THR F 242 30.78 -45.82 -10.55
CA THR F 242 31.10 -47.14 -11.08
C THR F 242 32.57 -47.53 -10.96
N THR F 243 33.44 -46.64 -10.49
CA THR F 243 34.87 -46.91 -10.37
C THR F 243 35.20 -47.48 -9.01
N ILE F 244 34.45 -47.10 -7.99
CA ILE F 244 34.44 -47.84 -6.75
C ILE F 244 33.88 -49.23 -7.00
N VAL F 245 32.91 -49.34 -7.91
CA VAL F 245 32.42 -50.63 -8.35
C VAL F 245 33.49 -51.36 -9.15
N GLU F 246 34.25 -50.63 -9.98
CA GLU F 246 35.48 -51.21 -10.54
C GLU F 246 36.46 -51.55 -9.44
N GLY F 247 36.51 -50.72 -8.39
CA GLY F 247 37.41 -50.99 -7.28
C GLY F 247 37.04 -52.22 -6.49
N LEU F 248 35.76 -52.60 -6.50
CA LEU F 248 35.34 -53.86 -5.88
C LEU F 248 35.98 -55.05 -6.58
N VAL F 249 35.99 -55.04 -7.91
CA VAL F 249 36.45 -56.18 -8.68
C VAL F 249 37.95 -56.33 -8.57
N TYR F 250 38.66 -55.21 -8.40
CA TYR F 250 40.08 -55.27 -8.09
C TYR F 250 40.32 -55.87 -6.72
N ARG F 251 39.37 -55.75 -5.79
CA ARG F 251 39.52 -56.39 -4.50
C ARG F 251 39.21 -57.88 -4.56
N ILE F 252 38.40 -58.30 -5.53
CA ILE F 252 37.93 -59.69 -5.54
C ILE F 252 39.00 -60.62 -6.07
N GLU F 253 39.45 -60.40 -7.31
CA GLU F 253 40.34 -61.34 -7.96
C GLU F 253 41.75 -61.30 -7.43
N LYS F 254 42.11 -60.29 -6.65
CA LYS F 254 43.34 -60.37 -5.88
C LYS F 254 43.15 -61.12 -4.57
N GLY F 255 41.96 -61.65 -4.31
CA GLY F 255 41.68 -62.34 -3.07
C GLY F 255 41.52 -61.41 -1.88
N ASP F 256 41.44 -60.11 -2.11
CA ASP F 256 41.54 -59.10 -1.05
C ASP F 256 40.14 -58.73 -0.56
N VAL F 257 39.40 -59.77 -0.21
CA VAL F 257 38.05 -59.72 0.34
C VAL F 257 38.06 -60.77 1.45
N PRO F 258 37.09 -60.83 2.36
CA PRO F 258 37.04 -61.94 3.31
C PRO F 258 36.56 -63.23 2.67
N LYS F 259 36.59 -64.30 3.48
CA LYS F 259 36.33 -65.65 2.97
C LYS F 259 34.91 -65.81 2.51
N GLU F 260 33.96 -65.14 3.15
CA GLU F 260 32.59 -65.10 2.65
C GLU F 260 32.49 -64.35 1.33
N LEU F 261 33.45 -63.49 1.03
CA LEU F 261 33.32 -62.59 -0.10
C LEU F 261 34.15 -63.01 -1.31
N GLN F 262 34.62 -64.23 -1.34
CA GLN F 262 35.45 -64.70 -2.44
C GLN F 262 34.60 -65.38 -3.50
N GLY F 263 35.12 -65.41 -4.72
CA GLY F 263 34.58 -66.23 -5.77
C GLY F 263 33.29 -65.75 -6.40
N TYR F 264 32.89 -64.51 -6.18
CA TYR F 264 31.68 -64.02 -6.82
C TYR F 264 31.96 -63.64 -8.27
N THR F 265 30.89 -63.29 -8.98
CA THR F 265 30.99 -62.78 -10.34
C THR F 265 30.20 -61.48 -10.43
N VAL F 266 30.92 -60.37 -10.55
CA VAL F 266 30.29 -59.09 -10.80
C VAL F 266 29.95 -59.01 -12.28
N ILE F 267 28.72 -58.60 -12.58
CA ILE F 267 28.27 -58.41 -13.96
C ILE F 267 27.54 -57.09 -14.04
N SER F 268 28.04 -56.19 -14.88
CA SER F 268 27.35 -54.94 -15.17
C SER F 268 26.43 -55.15 -16.37
N LEU F 269 25.16 -54.78 -16.21
CA LEU F 269 24.19 -55.01 -17.27
C LEU F 269 24.37 -53.99 -18.39
N ASN F 270 24.59 -54.48 -19.59
CA ASN F 270 24.64 -53.64 -20.77
C ASN F 270 23.26 -53.64 -21.41
N PHE F 271 22.84 -52.48 -21.92
CA PHE F 271 21.45 -52.28 -22.29
C PHE F 271 21.20 -52.67 -23.74
N ARG F 272 21.84 -53.76 -24.14
CA ARG F 272 21.76 -54.23 -25.51
C ARG F 272 20.38 -54.78 -25.84
N LYS F 273 19.88 -55.76 -25.07
CA LYS F 273 18.62 -56.41 -25.42
C LYS F 273 17.49 -56.20 -24.42
N PHE F 274 17.63 -55.28 -23.47
CA PHE F 274 16.58 -55.15 -22.46
C PHE F 274 15.29 -54.58 -23.05
N THR F 275 15.39 -53.44 -23.71
CA THR F 275 14.22 -52.80 -24.31
C THR F 275 14.32 -52.72 -25.82
N SER F 276 15.44 -53.12 -26.40
CA SER F 276 15.68 -52.99 -27.83
C SER F 276 15.68 -54.32 -28.57
N GLY F 277 16.13 -55.39 -27.93
CA GLY F 277 16.17 -56.66 -28.61
C GLY F 277 14.94 -57.53 -28.50
N THR F 278 13.88 -57.06 -27.85
CA THR F 278 12.74 -57.93 -27.59
C THR F 278 11.79 -58.00 -28.78
N SER F 279 11.10 -56.89 -29.07
CA SER F 279 10.18 -56.65 -30.19
C SER F 279 8.90 -57.49 -30.19
N TYR F 280 8.78 -58.45 -29.26
CA TYR F 280 7.57 -59.25 -29.07
C TYR F 280 7.68 -59.92 -27.71
N ARG F 281 6.74 -60.82 -27.42
CA ARG F 281 6.55 -61.35 -26.07
C ARG F 281 7.26 -62.68 -25.85
N GLY F 282 8.44 -62.88 -26.43
CA GLY F 282 9.05 -64.20 -26.46
C GLY F 282 10.02 -64.57 -25.35
N GLU F 283 10.80 -63.61 -24.83
CA GLU F 283 11.89 -63.94 -23.92
C GLU F 283 11.84 -63.12 -22.64
N PHE F 284 10.63 -62.77 -22.19
CA PHE F 284 10.46 -61.82 -21.09
C PHE F 284 10.96 -62.41 -19.77
N GLU F 285 10.39 -63.52 -19.34
CA GLU F 285 10.77 -64.10 -18.06
C GLU F 285 12.05 -64.92 -18.13
N THR F 286 12.52 -65.23 -19.35
CA THR F 286 13.52 -66.28 -19.55
C THR F 286 14.87 -65.89 -18.95
N ARG F 287 15.43 -64.78 -19.40
CA ARG F 287 16.67 -64.28 -18.80
C ARG F 287 16.42 -63.74 -17.40
N MET F 288 15.19 -63.36 -17.07
CA MET F 288 14.86 -62.95 -15.72
C MET F 288 14.97 -64.12 -14.75
N LYS F 289 14.35 -65.24 -15.10
CA LYS F 289 14.44 -66.43 -14.26
C LYS F 289 15.82 -67.06 -14.29
N ASN F 290 16.58 -66.85 -15.37
CA ASN F 290 17.99 -67.28 -15.38
C ASN F 290 18.79 -66.57 -14.31
N ILE F 291 18.46 -65.31 -14.04
CA ILE F 291 19.06 -64.59 -12.93
C ILE F 291 18.56 -65.15 -11.60
N ILE F 292 17.24 -65.29 -11.49
CA ILE F 292 16.62 -65.48 -10.18
C ILE F 292 16.83 -66.91 -9.68
N LYS F 293 16.79 -67.90 -10.59
CA LYS F 293 16.96 -69.29 -10.18
C LYS F 293 18.38 -69.59 -9.72
N GLU F 294 19.36 -68.82 -10.20
CA GLU F 294 20.70 -68.94 -9.65
C GLU F 294 20.79 -68.35 -8.26
N LEU F 295 19.86 -67.47 -7.91
CA LEU F 295 19.92 -66.72 -6.67
C LEU F 295 19.10 -67.34 -5.55
N LYS F 296 18.21 -68.28 -5.85
CA LYS F 296 17.54 -69.02 -4.77
C LYS F 296 18.51 -69.99 -4.10
N ASN F 297 19.53 -70.44 -4.85
CA ASN F 297 20.61 -71.24 -4.30
C ASN F 297 21.78 -70.40 -3.83
N LYS F 298 21.89 -69.17 -4.37
CA LYS F 298 23.16 -68.46 -4.54
C LYS F 298 24.17 -69.36 -5.26
N LYS F 299 23.67 -70.08 -6.26
CA LYS F 299 24.52 -70.71 -7.26
C LYS F 299 25.11 -69.62 -8.13
N ASN F 300 26.36 -69.86 -8.59
CA ASN F 300 27.19 -69.04 -9.47
C ASN F 300 27.77 -67.83 -8.73
N LYS F 301 27.29 -67.59 -7.50
CA LYS F 301 27.64 -66.44 -6.67
C LYS F 301 27.57 -65.13 -7.45
N ILE F 302 26.47 -64.94 -8.15
CA ILE F 302 26.43 -63.91 -9.17
C ILE F 302 26.10 -62.56 -8.54
N ILE F 303 26.75 -61.50 -9.03
CA ILE F 303 26.50 -60.14 -8.53
C ILE F 303 26.14 -59.26 -9.72
N LEU F 304 24.98 -58.63 -9.65
CA LEU F 304 24.50 -57.77 -10.72
C LEU F 304 24.95 -56.33 -10.49
N PHE F 305 25.01 -55.58 -11.58
CA PHE F 305 25.30 -54.16 -11.49
C PHE F 305 24.55 -53.41 -12.58
N VAL F 306 24.00 -52.26 -12.24
CA VAL F 306 23.23 -51.43 -13.14
C VAL F 306 23.95 -50.11 -13.33
N ASP F 307 23.96 -49.61 -14.57
CA ASP F 307 24.49 -48.28 -14.85
C ASP F 307 23.67 -47.19 -14.15
N GLU F 308 22.37 -47.16 -14.43
CA GLU F 308 21.43 -46.27 -13.76
C GLU F 308 20.11 -46.99 -13.56
N ILE F 309 19.58 -46.95 -12.33
CA ILE F 309 18.26 -47.50 -12.09
C ILE F 309 17.19 -46.65 -12.77
N HIS F 310 17.51 -45.37 -13.03
CA HIS F 310 16.63 -44.50 -13.79
C HIS F 310 16.41 -44.99 -15.22
N LEU F 311 17.41 -45.68 -15.78
CA LEU F 311 17.24 -46.29 -17.09
C LEU F 311 16.27 -47.45 -17.05
N LEU F 312 15.98 -48.00 -15.89
CA LEU F 312 14.96 -49.04 -15.74
C LEU F 312 13.58 -48.47 -15.46
N LEU F 313 13.42 -47.15 -15.46
CA LEU F 313 12.10 -46.55 -15.30
C LEU F 313 11.51 -46.03 -16.61
N GLY F 314 12.01 -46.50 -17.75
CA GLY F 314 11.55 -46.01 -19.03
C GLY F 314 10.58 -46.93 -19.73
N ALA F 315 11.10 -47.72 -20.67
CA ALA F 315 10.28 -48.57 -21.53
C ALA F 315 9.91 -49.86 -20.80
N GLY F 316 9.45 -50.86 -21.56
CA GLY F 316 8.89 -52.07 -20.98
C GLY F 316 7.49 -52.35 -21.48
N LYS F 317 7.18 -51.94 -22.70
CA LYS F 317 5.82 -52.04 -23.24
C LYS F 317 5.49 -53.49 -23.62
N ALA F 318 4.30 -53.67 -24.20
CA ALA F 318 3.79 -54.94 -24.75
C ALA F 318 3.64 -56.04 -23.70
N GLU F 319 3.44 -55.67 -22.43
CA GLU F 319 3.02 -56.66 -21.45
C GLU F 319 1.97 -56.15 -20.46
N GLY F 320 1.75 -54.85 -20.34
CA GLY F 320 0.80 -54.32 -19.37
C GLY F 320 1.42 -53.51 -18.24
N GLY F 321 2.75 -53.44 -18.18
CA GLY F 321 3.41 -52.65 -17.16
C GLY F 321 4.90 -52.53 -17.43
N THR F 322 5.53 -51.61 -16.70
CA THR F 322 6.95 -51.34 -16.85
C THR F 322 7.76 -52.54 -16.35
N ASP F 323 8.91 -52.78 -16.99
CA ASP F 323 9.76 -53.93 -16.67
C ASP F 323 10.21 -53.92 -15.21
N ALA F 324 10.68 -52.78 -14.72
CA ALA F 324 11.17 -52.74 -13.35
C ALA F 324 10.12 -52.28 -12.36
N ALA F 325 9.17 -51.44 -12.77
CA ALA F 325 8.17 -50.95 -11.84
C ALA F 325 7.12 -52.00 -11.51
N ASN F 326 7.02 -53.05 -12.32
CA ASN F 326 6.21 -54.21 -11.95
C ASN F 326 7.07 -55.24 -11.21
N LEU F 327 8.13 -55.71 -11.87
CA LEU F 327 8.90 -56.83 -11.35
C LEU F 327 9.77 -56.39 -10.18
N LEU F 328 10.30 -57.40 -9.48
CA LEU F 328 11.28 -57.27 -8.40
C LEU F 328 10.75 -56.50 -7.20
N LYS F 329 9.44 -56.34 -7.08
CA LYS F 329 8.94 -55.56 -5.96
C LYS F 329 8.91 -56.39 -4.67
N PRO F 330 8.38 -57.63 -4.62
CA PRO F 330 8.64 -58.44 -3.42
C PRO F 330 9.94 -59.19 -3.48
N VAL F 331 10.60 -59.20 -4.63
CA VAL F 331 11.87 -59.91 -4.75
C VAL F 331 12.98 -59.12 -4.08
N LEU F 332 13.05 -57.82 -4.36
CA LEU F 332 14.03 -56.97 -3.71
C LEU F 332 13.61 -56.59 -2.29
N SER F 333 12.39 -56.94 -1.88
CA SER F 333 12.00 -56.74 -0.49
C SER F 333 12.82 -57.62 0.43
N LYS F 334 13.04 -58.86 0.04
CA LYS F 334 13.88 -59.79 0.77
C LYS F 334 15.27 -59.83 0.14
N GLY F 335 16.20 -60.43 0.87
CA GLY F 335 17.56 -60.49 0.37
C GLY F 335 17.80 -61.69 -0.51
N GLU F 336 17.66 -61.51 -1.82
CA GLU F 336 17.97 -62.56 -2.77
C GLU F 336 19.03 -62.15 -3.78
N ILE F 337 18.88 -60.99 -4.39
CA ILE F 337 19.68 -60.58 -5.53
C ILE F 337 20.84 -59.75 -5.03
N LYS F 338 22.03 -59.99 -5.56
CA LYS F 338 23.25 -59.30 -5.13
C LYS F 338 23.48 -57.99 -5.88
N LEU F 339 22.39 -57.29 -6.16
CA LEU F 339 22.42 -56.08 -6.98
C LEU F 339 23.20 -54.97 -6.32
N ILE F 340 23.91 -54.22 -7.13
CA ILE F 340 24.54 -52.96 -6.76
C ILE F 340 24.13 -51.94 -7.81
N GLY F 341 23.70 -50.76 -7.36
CA GLY F 341 23.26 -49.71 -8.26
C GLY F 341 24.08 -48.45 -8.13
N ALA F 342 23.85 -47.53 -9.06
CA ALA F 342 24.51 -46.23 -9.05
C ALA F 342 23.62 -45.26 -9.79
N THR F 343 23.33 -44.11 -9.17
CA THR F 343 22.49 -43.10 -9.78
C THR F 343 23.08 -41.71 -9.58
N THR F 344 22.75 -40.82 -10.51
CA THR F 344 22.96 -39.39 -10.32
C THR F 344 22.09 -38.88 -9.19
N ILE F 345 22.67 -38.01 -8.35
CA ILE F 345 21.92 -37.38 -7.26
C ILE F 345 20.73 -36.60 -7.79
N ALA F 346 20.96 -35.81 -8.83
CA ALA F 346 19.90 -34.97 -9.39
C ALA F 346 18.82 -35.80 -10.07
N GLU F 347 19.19 -36.95 -10.63
CA GLU F 347 18.16 -37.89 -11.07
C GLU F 347 17.40 -38.46 -9.89
N TYR F 348 18.12 -38.79 -8.80
CA TYR F 348 17.66 -39.66 -7.72
C TYR F 348 16.39 -39.17 -7.02
N ARG F 349 16.05 -37.88 -7.16
CA ARG F 349 14.89 -37.31 -6.50
C ARG F 349 13.58 -37.95 -6.94
N LYS F 350 13.55 -38.56 -8.13
CA LYS F 350 12.32 -39.14 -8.63
C LYS F 350 11.93 -40.40 -7.86
N PHE F 351 12.91 -41.12 -7.31
CA PHE F 351 12.55 -42.24 -6.45
C PHE F 351 12.01 -41.77 -5.11
N ILE F 352 12.56 -40.68 -4.58
CA ILE F 352 12.13 -40.20 -3.27
C ILE F 352 10.79 -39.48 -3.39
N GLU F 353 10.73 -38.47 -4.26
CA GLU F 353 9.51 -37.68 -4.40
C GLU F 353 8.46 -38.42 -5.21
N SER F 354 8.78 -38.74 -6.47
CA SER F 354 7.75 -39.16 -7.42
C SER F 354 7.30 -40.60 -7.19
N CYS F 355 8.25 -41.53 -7.08
CA CYS F 355 7.83 -42.92 -6.89
C CYS F 355 7.50 -43.20 -5.43
N SER F 356 8.40 -42.81 -4.52
CA SER F 356 8.22 -42.79 -3.07
C SER F 356 7.93 -44.17 -2.46
N ALA F 357 8.30 -45.25 -3.15
CA ALA F 357 8.10 -46.59 -2.62
C ALA F 357 9.39 -47.37 -2.48
N PHE F 358 10.37 -47.13 -3.34
CA PHE F 358 11.64 -47.84 -3.29
C PHE F 358 12.63 -47.24 -2.31
N GLU F 359 12.26 -46.16 -1.61
CA GLU F 359 13.17 -45.43 -0.75
C GLU F 359 13.66 -46.25 0.43
N ARG F 360 12.91 -47.29 0.82
CA ARG F 360 13.36 -48.24 1.82
C ARG F 360 13.90 -49.51 1.19
N ARG F 361 13.67 -49.72 -0.10
CA ARG F 361 14.16 -50.93 -0.76
C ARG F 361 15.66 -50.87 -0.98
N PHE F 362 16.17 -49.74 -1.42
CA PHE F 362 17.59 -49.54 -1.64
C PHE F 362 18.15 -48.70 -0.51
N GLU F 363 19.45 -48.46 -0.54
CA GLU F 363 20.12 -47.73 0.54
C GLU F 363 20.95 -46.59 -0.03
N LYS F 364 20.66 -45.38 0.43
CA LYS F 364 21.40 -44.21 -0.01
C LYS F 364 22.79 -44.22 0.58
N ILE F 365 23.77 -44.69 -0.18
CA ILE F 365 25.16 -44.64 0.22
C ILE F 365 25.80 -43.48 -0.54
N LEU F 366 25.93 -42.34 0.13
CA LEU F 366 26.43 -41.15 -0.52
C LEU F 366 27.93 -41.24 -0.72
N VAL F 367 28.35 -41.08 -1.97
CA VAL F 367 29.77 -40.96 -2.27
C VAL F 367 30.18 -39.54 -1.95
N GLU F 368 31.13 -39.40 -1.04
CA GLU F 368 31.64 -38.09 -0.66
C GLU F 368 32.43 -37.49 -1.83
N PRO F 369 32.60 -36.17 -1.83
CA PRO F 369 33.54 -35.55 -2.76
C PRO F 369 34.97 -35.97 -2.44
N PRO F 370 35.87 -35.93 -3.42
CA PRO F 370 37.20 -36.50 -3.22
C PRO F 370 38.19 -35.61 -2.50
N SER F 371 37.80 -34.41 -2.04
CA SER F 371 38.52 -33.65 -1.01
C SER F 371 39.95 -33.26 -1.37
N VAL F 372 40.11 -32.12 -2.06
CA VAL F 372 41.22 -31.65 -2.90
C VAL F 372 42.61 -32.14 -2.53
N ASP F 373 42.93 -32.14 -1.24
CA ASP F 373 44.20 -32.69 -0.77
C ASP F 373 44.36 -34.16 -1.14
N MET F 374 43.27 -34.91 -1.11
CA MET F 374 43.34 -36.30 -1.54
C MET F 374 43.43 -36.43 -3.05
N THR F 375 42.96 -35.43 -3.81
CA THR F 375 43.03 -35.53 -5.25
C THR F 375 44.46 -35.39 -5.75
N VAL F 376 45.31 -34.68 -5.00
CA VAL F 376 46.74 -34.72 -5.28
C VAL F 376 47.27 -36.12 -5.03
N LYS F 377 46.84 -36.74 -3.93
CA LYS F 377 47.21 -38.13 -3.66
C LYS F 377 46.63 -39.09 -4.67
N ILE F 378 45.52 -38.74 -5.31
CA ILE F 378 45.05 -39.55 -6.43
C ILE F 378 45.94 -39.36 -7.63
N LEU F 379 46.13 -38.11 -8.05
CA LEU F 379 46.83 -37.83 -9.31
C LEU F 379 48.29 -38.22 -9.24
N ARG F 380 48.92 -38.08 -8.07
CA ARG F 380 50.29 -38.54 -7.92
C ARG F 380 50.37 -40.04 -8.06
N SER F 381 49.33 -40.74 -7.66
CA SER F 381 49.21 -42.17 -7.94
C SER F 381 48.71 -42.45 -9.35
N LEU F 382 48.53 -41.43 -10.18
CA LEU F 382 48.13 -41.65 -11.56
C LEU F 382 49.20 -41.30 -12.56
N LYS F 383 50.35 -40.78 -12.11
CA LYS F 383 51.39 -40.29 -13.02
C LYS F 383 51.94 -41.40 -13.90
N SER F 384 52.15 -42.58 -13.31
CA SER F 384 52.73 -43.69 -14.05
C SER F 384 51.79 -44.22 -15.11
N LYS F 385 50.48 -44.00 -14.97
CA LYS F 385 49.59 -44.37 -16.06
C LYS F 385 49.72 -43.41 -17.23
N TYR F 386 50.08 -42.16 -16.97
CA TYR F 386 50.25 -41.22 -18.07
C TYR F 386 51.67 -41.25 -18.60
N GLU F 387 52.66 -41.30 -17.71
CA GLU F 387 54.06 -41.33 -18.15
C GLU F 387 54.37 -42.59 -18.95
N ASN F 388 53.77 -43.72 -18.61
CA ASN F 388 53.90 -44.90 -19.45
C ASN F 388 53.05 -44.82 -20.70
N PHE F 389 52.07 -43.92 -20.75
CA PHE F 389 51.20 -43.92 -21.91
C PHE F 389 51.88 -43.31 -23.12
N TYR F 390 52.59 -42.21 -22.94
CA TYR F 390 53.15 -41.54 -24.09
C TYR F 390 54.62 -41.12 -23.94
N GLY F 391 55.09 -40.77 -22.74
CA GLY F 391 56.52 -40.56 -22.57
C GLY F 391 57.01 -39.34 -21.81
N ILE F 392 56.33 -38.21 -21.93
CA ILE F 392 56.82 -36.96 -21.37
C ILE F 392 56.67 -36.98 -19.86
N ASN F 393 57.71 -36.56 -19.14
CA ASN F 393 57.64 -36.43 -17.70
C ASN F 393 56.64 -35.35 -17.32
N ILE F 394 56.02 -35.53 -16.15
CA ILE F 394 55.07 -34.58 -15.60
C ILE F 394 55.60 -34.17 -14.24
N THR F 395 55.84 -32.88 -14.07
CA THR F 395 56.33 -32.40 -12.79
C THR F 395 55.22 -32.47 -11.76
N ASP F 396 55.61 -32.67 -10.50
CA ASP F 396 54.62 -32.65 -9.43
C ASP F 396 54.17 -31.24 -9.10
N LYS F 397 54.92 -30.24 -9.57
CA LYS F 397 54.44 -28.86 -9.50
C LYS F 397 53.23 -28.67 -10.38
N ALA F 398 53.12 -29.43 -11.46
CA ALA F 398 51.89 -29.43 -12.25
C ALA F 398 50.74 -30.04 -11.47
N LEU F 399 51.04 -31.06 -10.65
CA LEU F 399 49.99 -31.69 -9.85
C LEU F 399 49.50 -30.75 -8.76
N VAL F 400 50.36 -29.86 -8.27
CA VAL F 400 49.90 -28.78 -7.41
C VAL F 400 48.97 -27.87 -8.18
N ALA F 401 49.35 -27.54 -9.41
CA ALA F 401 48.51 -26.68 -10.23
C ALA F 401 47.30 -27.44 -10.76
N ALA F 402 47.39 -28.76 -10.88
CA ALA F 402 46.26 -29.53 -11.37
C ALA F 402 45.12 -29.59 -10.36
N ALA F 403 45.39 -29.34 -9.10
CA ALA F 403 44.33 -29.26 -8.11
C ALA F 403 43.87 -27.83 -7.88
N LYS F 404 44.82 -26.93 -7.69
CA LYS F 404 44.48 -25.60 -7.20
C LYS F 404 43.87 -24.74 -8.30
N ILE F 405 44.37 -24.84 -9.52
CA ILE F 405 43.75 -24.08 -10.60
C ILE F 405 42.46 -24.74 -11.04
N SER F 406 42.28 -26.01 -10.70
CA SER F 406 41.03 -26.69 -11.04
C SER F 406 39.95 -26.49 -9.99
N ASP F 407 40.23 -26.82 -8.73
CA ASP F 407 39.17 -26.82 -7.72
C ASP F 407 38.82 -25.42 -7.28
N ARG F 408 39.81 -24.64 -6.87
CA ARG F 408 39.66 -23.20 -6.92
C ARG F 408 39.65 -22.79 -8.40
N PHE F 409 38.98 -21.66 -8.69
CA PHE F 409 38.86 -20.99 -9.99
C PHE F 409 37.91 -21.69 -10.97
N ILE F 410 37.43 -22.90 -10.65
CA ILE F 410 36.30 -23.51 -11.35
C ILE F 410 35.37 -24.05 -10.27
N LYS F 411 34.21 -23.44 -10.10
CA LYS F 411 33.30 -23.85 -9.05
C LYS F 411 32.12 -24.65 -9.56
N ASP F 412 32.01 -24.87 -10.87
CA ASP F 412 30.91 -25.66 -11.38
C ASP F 412 31.29 -27.15 -11.38
N ARG F 413 30.66 -27.92 -12.26
CA ARG F 413 30.11 -29.27 -12.07
C ARG F 413 30.77 -30.25 -11.11
N TYR F 414 32.00 -30.69 -11.38
CA TYR F 414 32.42 -31.94 -10.77
C TYR F 414 33.82 -31.80 -10.20
N LEU F 415 34.04 -32.44 -9.06
CA LEU F 415 35.19 -32.16 -8.22
C LEU F 415 36.50 -32.87 -8.54
N PRO F 416 36.57 -34.19 -8.89
CA PRO F 416 37.87 -34.74 -9.26
C PRO F 416 38.18 -34.68 -10.75
N ASP F 417 37.15 -34.51 -11.58
CA ASP F 417 37.39 -34.49 -13.02
C ASP F 417 38.16 -33.26 -13.42
N LYS F 418 37.90 -32.13 -12.73
CA LYS F 418 38.63 -30.89 -12.95
C LYS F 418 40.13 -31.09 -12.82
N ALA F 419 40.54 -31.87 -11.84
CA ALA F 419 41.95 -32.19 -11.72
C ALA F 419 42.39 -33.14 -12.82
N ILE F 420 41.56 -34.12 -13.16
CA ILE F 420 41.99 -35.10 -14.15
C ILE F 420 41.91 -34.51 -15.55
N ASP F 421 40.94 -33.65 -15.83
CA ASP F 421 40.77 -33.16 -17.19
C ASP F 421 41.80 -32.12 -17.58
N LEU F 422 42.46 -31.49 -16.63
CA LEU F 422 43.54 -30.58 -17.01
C LEU F 422 44.79 -31.35 -17.38
N LEU F 423 45.11 -32.40 -16.61
CA LEU F 423 46.09 -33.36 -17.07
C LEU F 423 45.61 -34.09 -18.29
N ASN F 424 44.30 -34.26 -18.40
CA ASN F 424 43.80 -34.74 -19.68
C ASN F 424 43.80 -33.73 -20.75
N LYS F 425 44.36 -32.55 -20.59
CA LYS F 425 44.69 -31.71 -21.72
C LYS F 425 46.12 -31.20 -21.71
N ALA F 426 46.83 -31.26 -20.58
CA ALA F 426 48.17 -30.72 -20.52
C ALA F 426 49.14 -31.56 -21.32
N CYS F 427 48.94 -32.88 -21.34
CA CYS F 427 49.90 -33.78 -21.96
C CYS F 427 49.92 -33.63 -23.46
N SER F 428 48.74 -33.64 -24.07
CA SER F 428 48.59 -33.48 -25.51
C SER F 428 49.00 -32.08 -25.95
N PHE F 429 49.01 -31.11 -25.05
CA PHE F 429 49.58 -29.81 -25.38
C PHE F 429 51.08 -29.91 -25.60
N LEU F 430 51.74 -30.87 -24.96
CA LEU F 430 53.15 -31.06 -25.22
C LEU F 430 53.42 -32.03 -26.36
N GLN F 431 52.50 -32.95 -26.65
CA GLN F 431 52.73 -33.88 -27.76
C GLN F 431 52.73 -33.16 -29.09
N VAL F 432 51.80 -32.22 -29.27
CA VAL F 432 51.72 -31.47 -30.50
C VAL F 432 52.95 -30.57 -30.65
N GLN F 433 53.48 -30.08 -29.54
CA GLN F 433 54.71 -29.31 -29.62
C GLN F 433 55.92 -30.19 -29.94
N LEU F 434 56.01 -31.37 -29.32
CA LEU F 434 57.19 -32.18 -29.53
C LEU F 434 57.13 -32.95 -30.84
N SER F 435 55.98 -33.51 -31.18
CA SER F 435 55.81 -34.14 -32.48
C SER F 435 55.60 -33.05 -33.50
N GLY F 436 56.69 -32.48 -34.00
CA GLY F 436 56.62 -31.43 -34.99
C GLY F 436 57.10 -30.10 -34.46
N LYS F 437 56.70 -29.05 -35.17
CA LYS F 437 57.01 -27.72 -34.74
C LYS F 437 56.17 -27.33 -33.52
N PRO F 438 56.74 -26.56 -32.60
CA PRO F 438 55.96 -26.02 -31.49
C PRO F 438 55.11 -24.83 -31.96
N ARG F 439 54.45 -24.21 -30.99
CA ARG F 439 53.36 -23.28 -31.30
C ARG F 439 53.87 -21.97 -31.90
N ILE F 440 55.02 -21.48 -31.46
CA ILE F 440 55.48 -20.16 -31.89
C ILE F 440 55.92 -20.19 -33.34
N ILE F 441 56.60 -21.27 -33.75
CA ILE F 441 57.17 -21.33 -35.10
C ILE F 441 56.07 -21.45 -36.14
N ASP F 442 55.17 -22.40 -35.95
CA ASP F 442 54.25 -22.78 -37.01
C ASP F 442 53.17 -21.73 -37.25
N VAL F 443 52.79 -20.99 -36.21
CA VAL F 443 51.96 -19.82 -36.41
C VAL F 443 52.72 -18.78 -37.22
N THR F 444 53.95 -18.48 -36.81
CA THR F 444 54.78 -17.56 -37.56
C THR F 444 55.29 -18.16 -38.87
N GLU F 445 55.26 -19.49 -39.03
CA GLU F 445 55.49 -20.06 -40.36
C GLU F 445 54.41 -19.62 -41.32
N ARG F 446 53.17 -19.64 -40.88
CA ARG F 446 52.07 -19.38 -41.79
C ARG F 446 51.87 -17.90 -42.02
N ASP F 447 52.25 -17.08 -41.03
CA ASP F 447 51.99 -15.64 -41.08
C ASP F 447 52.63 -15.00 -42.29
N ILE F 448 53.91 -15.30 -42.54
CA ILE F 448 54.54 -14.84 -43.77
C ILE F 448 53.90 -15.50 -44.97
N GLU F 449 53.65 -16.82 -44.87
CA GLU F 449 53.09 -17.55 -46.00
C GLU F 449 51.67 -17.13 -46.30
N ARG F 450 50.94 -16.62 -45.31
CA ARG F 450 49.63 -16.04 -45.59
C ARG F 450 49.79 -14.66 -46.23
N LEU F 451 50.56 -13.78 -45.58
CA LEU F 451 50.65 -12.39 -46.02
C LEU F 451 51.37 -12.26 -47.36
N SER F 452 52.28 -13.18 -47.67
CA SER F 452 52.95 -13.16 -48.97
C SER F 452 51.95 -13.46 -50.08
N TYR F 453 50.97 -14.33 -49.80
CA TYR F 453 49.86 -14.47 -50.73
C TYR F 453 49.02 -13.20 -50.78
N GLU F 454 48.96 -12.46 -49.67
CA GLU F 454 48.02 -11.35 -49.60
C GLU F 454 48.51 -10.13 -50.36
N ILE F 455 49.79 -9.79 -50.23
CA ILE F 455 50.33 -8.63 -50.93
C ILE F 455 50.37 -8.89 -52.43
N SER F 456 50.47 -10.16 -52.83
CA SER F 456 50.32 -10.52 -54.23
C SER F 456 48.90 -10.22 -54.74
N THR F 457 47.90 -10.27 -53.86
CA THR F 457 46.58 -9.82 -54.26
C THR F 457 46.46 -8.31 -54.22
N LEU F 458 47.37 -7.62 -53.54
CA LEU F 458 47.41 -6.17 -53.56
C LEU F 458 48.25 -5.62 -54.68
N GLU F 459 48.80 -6.47 -55.55
CA GLU F 459 49.85 -6.05 -56.47
C GLU F 459 49.35 -5.07 -57.51
N LYS F 460 48.11 -5.23 -57.97
CA LYS F 460 47.62 -4.44 -59.08
C LYS F 460 46.53 -3.46 -58.63
N ASP F 461 46.38 -2.38 -59.42
CA ASP F 461 45.26 -1.43 -59.37
C ASP F 461 45.12 -0.77 -58.00
N VAL F 462 46.23 -0.26 -57.48
CA VAL F 462 46.27 0.29 -56.14
C VAL F 462 46.72 1.75 -56.19
N ASP F 463 45.93 2.62 -55.57
CA ASP F 463 46.17 4.06 -55.60
C ASP F 463 45.89 4.66 -54.22
N LYS F 464 46.96 5.08 -53.55
CA LYS F 464 46.97 6.17 -52.57
C LYS F 464 46.33 5.83 -51.23
N VAL F 465 45.62 4.70 -51.12
CA VAL F 465 45.12 4.29 -49.81
C VAL F 465 45.62 2.88 -49.52
N SER F 466 45.92 2.13 -50.58
CA SER F 466 46.53 0.83 -50.38
C SER F 466 48.00 0.95 -50.08
N LYS F 467 48.60 2.09 -50.40
CA LYS F 467 50.03 2.29 -50.18
C LYS F 467 50.38 2.28 -48.71
N LYS F 468 49.46 2.72 -47.86
CA LYS F 468 49.67 2.58 -46.42
C LYS F 468 49.64 1.12 -45.99
N LYS F 469 48.83 0.30 -46.67
CA LYS F 469 48.82 -1.12 -46.38
C LYS F 469 50.08 -1.80 -46.89
N TYR F 470 50.68 -1.25 -47.95
CA TYR F 470 52.05 -1.62 -48.27
C TYR F 470 53.00 -1.16 -47.17
N ASN F 471 52.76 0.04 -46.64
CA ASN F 471 53.67 0.59 -45.64
C ASN F 471 53.54 -0.09 -44.29
N LYS F 472 52.59 -1.00 -44.11
CA LYS F 472 52.47 -1.77 -42.89
C LYS F 472 52.79 -3.24 -43.06
N LEU F 473 52.25 -3.87 -44.11
CA LEU F 473 52.41 -5.31 -44.25
C LEU F 473 53.82 -5.68 -44.68
N ILE F 474 54.45 -4.86 -45.51
CA ILE F 474 55.85 -5.06 -45.83
C ILE F 474 56.71 -4.79 -44.61
N LYS F 475 56.29 -3.84 -43.78
CA LYS F 475 56.96 -3.62 -42.49
C LYS F 475 56.78 -4.83 -41.57
N GLU F 476 55.69 -5.56 -41.72
CA GLU F 476 55.54 -6.81 -40.99
C GLU F 476 56.49 -7.88 -41.51
N PHE F 477 56.77 -7.88 -42.81
CA PHE F 477 57.80 -8.79 -43.32
C PHE F 477 59.17 -8.42 -42.76
N GLU F 478 59.42 -7.13 -42.61
CA GLU F 478 60.58 -6.63 -41.87
C GLU F 478 60.41 -6.75 -40.37
N GLU F 479 59.30 -7.33 -39.90
CA GLU F 479 59.13 -7.63 -38.49
C GLU F 479 59.10 -9.13 -38.22
N LYS F 480 58.34 -9.88 -39.01
CA LYS F 480 58.15 -11.30 -38.72
C LYS F 480 59.39 -12.11 -39.04
N LYS F 481 60.02 -11.82 -40.20
CA LYS F 481 61.20 -12.58 -40.61
C LYS F 481 62.38 -12.31 -39.70
N GLU F 482 62.44 -11.12 -39.09
CA GLU F 482 63.47 -10.85 -38.09
C GLU F 482 63.26 -11.72 -36.86
N GLN F 483 62.01 -11.91 -36.46
CA GLN F 483 61.74 -12.73 -35.29
C GLN F 483 61.98 -14.20 -35.56
N LEU F 484 61.80 -14.63 -36.82
CA LEU F 484 62.13 -15.99 -37.20
C LEU F 484 63.60 -16.29 -36.94
N LYS F 485 64.47 -15.39 -37.39
CA LYS F 485 65.91 -15.53 -37.18
C LYS F 485 66.29 -15.49 -35.71
N LYS F 486 65.42 -14.94 -34.86
CA LYS F 486 65.54 -15.22 -33.44
C LYS F 486 65.02 -16.62 -33.12
N TYR F 487 63.83 -16.95 -33.63
CA TYR F 487 63.08 -18.10 -33.12
C TYR F 487 63.68 -19.42 -33.55
N TYR F 488 64.24 -19.49 -34.76
CA TYR F 488 64.91 -20.72 -35.16
C TYR F 488 66.17 -20.94 -34.32
N GLU F 489 66.87 -19.87 -33.97
CA GLU F 489 68.05 -20.00 -33.13
C GLU F 489 67.68 -20.39 -31.71
N GLU F 490 66.58 -19.84 -31.20
CA GLU F 490 66.12 -20.20 -29.86
C GLU F 490 65.64 -21.63 -29.81
N TYR F 491 65.16 -22.16 -30.93
CA TYR F 491 64.79 -23.56 -30.99
C TYR F 491 65.99 -24.46 -30.82
N VAL F 492 67.13 -24.05 -31.36
CA VAL F 492 68.32 -24.89 -31.31
C VAL F 492 68.94 -24.86 -29.92
N ILE F 493 69.04 -23.67 -29.33
CA ILE F 493 69.78 -23.47 -28.09
C ILE F 493 69.08 -24.18 -26.93
N THR F 494 67.76 -24.02 -26.83
CA THR F 494 67.00 -24.83 -25.90
C THR F 494 66.84 -26.26 -26.38
N GLY F 495 66.92 -26.50 -27.69
CA GLY F 495 66.92 -27.87 -28.18
C GLY F 495 68.09 -28.77 -27.87
N GLU F 496 69.31 -28.20 -27.80
CA GLU F 496 70.44 -28.99 -27.31
C GLU F 496 70.52 -29.09 -25.76
N ARG F 497 69.64 -28.33 -25.10
CA ARG F 497 69.48 -28.45 -23.66
C ARG F 497 68.80 -29.80 -23.49
N LEU F 498 67.94 -30.18 -24.44
CA LEU F 498 67.31 -31.49 -24.38
C LEU F 498 68.19 -32.73 -24.51
N LYS F 499 69.18 -32.68 -25.39
CA LYS F 499 70.13 -33.81 -25.49
C LYS F 499 71.24 -33.87 -24.39
N ARG F 500 71.33 -32.74 -23.68
CA ARG F 500 72.29 -32.67 -22.58
C ARG F 500 71.58 -33.39 -21.46
N LYS F 501 70.27 -33.20 -21.31
CA LYS F 501 69.55 -33.77 -20.18
C LYS F 501 69.39 -35.27 -20.31
N LYS F 502 69.12 -35.76 -21.52
CA LYS F 502 68.88 -37.17 -21.74
C LYS F 502 70.10 -38.01 -21.43
N GLU F 503 71.29 -37.46 -21.68
CA GLU F 503 72.52 -38.21 -21.44
C GLU F 503 72.80 -38.32 -19.94
N ILE F 504 72.60 -37.22 -19.21
CA ILE F 504 72.99 -37.23 -17.80
C ILE F 504 71.94 -37.93 -16.95
N GLU F 505 70.69 -37.96 -17.41
CA GLU F 505 69.70 -38.82 -16.76
C GLU F 505 70.02 -40.29 -16.97
N LYS F 506 70.61 -40.64 -18.12
CA LYS F 506 71.13 -41.98 -18.30
C LYS F 506 72.33 -42.25 -17.41
N LYS F 507 73.08 -41.20 -17.06
CA LYS F 507 74.12 -41.37 -16.07
C LYS F 507 73.52 -41.62 -14.69
N LEU F 508 72.53 -40.82 -14.31
CA LEU F 508 71.85 -41.05 -13.04
C LEU F 508 70.98 -42.31 -13.07
N ASN F 509 70.64 -42.79 -14.26
CA ASN F 509 70.16 -44.16 -14.38
C ASN F 509 71.22 -45.14 -13.89
N ASP F 510 72.47 -44.94 -14.32
CA ASP F 510 73.52 -45.90 -14.02
C ASP F 510 74.14 -45.68 -12.66
N LEU F 511 74.22 -44.42 -12.21
CA LEU F 511 74.90 -44.13 -10.94
C LEU F 511 74.10 -44.64 -9.76
N LYS F 512 72.77 -44.53 -9.82
CA LYS F 512 71.98 -44.85 -8.64
C LYS F 512 71.67 -46.33 -8.53
N GLU F 513 71.52 -47.03 -9.66
CA GLU F 513 71.18 -48.45 -9.64
C GLU F 513 72.32 -49.30 -9.08
N LEU F 514 73.56 -48.80 -9.17
CA LEU F 514 74.66 -49.45 -8.46
C LEU F 514 74.50 -49.24 -6.95
N THR F 515 74.13 -48.03 -6.54
CA THR F 515 74.14 -47.67 -5.13
C THR F 515 72.94 -48.21 -4.36
N GLN F 516 71.87 -48.61 -5.04
CA GLN F 516 70.70 -49.10 -4.32
C GLN F 516 70.89 -50.49 -3.73
N ASN F 517 71.86 -51.26 -4.22
CA ASN F 517 72.08 -52.62 -3.76
C ASN F 517 73.47 -52.74 -3.18
N TYR F 518 73.54 -53.03 -1.89
CA TYR F 518 74.70 -53.44 -1.10
C TYR F 518 75.72 -52.33 -0.86
N VAL F 519 75.57 -51.15 -1.46
CA VAL F 519 76.50 -50.06 -1.20
C VAL F 519 76.24 -49.44 0.18
N TYR F 520 74.99 -49.48 0.64
CA TYR F 520 74.70 -49.10 2.02
C TYR F 520 75.27 -50.08 3.04
N SER F 521 75.62 -51.30 2.62
CA SER F 521 76.18 -52.32 3.50
C SER F 521 77.67 -52.56 3.27
N ASN F 522 78.14 -52.48 2.04
CA ASN F 522 79.52 -52.85 1.71
C ASN F 522 80.43 -51.64 1.46
N LYS F 523 79.96 -50.64 0.72
CA LYS F 523 80.79 -49.66 0.01
C LYS F 523 81.75 -50.40 -0.92
N GLU F 524 81.18 -50.97 -1.96
CA GLU F 524 82.01 -51.36 -3.09
C GLU F 524 82.47 -50.21 -4.01
N PRO F 525 81.73 -49.12 -4.27
CA PRO F 525 82.35 -48.05 -5.06
C PRO F 525 83.13 -47.09 -4.18
N PRO F 526 84.28 -46.61 -4.64
CA PRO F 526 84.98 -45.57 -3.88
C PRO F 526 84.37 -44.20 -4.05
N ILE F 527 85.05 -43.19 -3.53
CA ILE F 527 84.57 -41.80 -3.59
C ILE F 527 84.59 -41.20 -4.98
N GLU F 528 85.21 -41.88 -5.96
CA GLU F 528 85.21 -41.40 -7.33
C GLU F 528 83.81 -41.44 -7.93
N LEU F 529 83.12 -42.57 -7.79
CA LEU F 529 81.73 -42.63 -8.23
C LEU F 529 80.82 -41.86 -7.31
N GLN F 530 81.21 -41.71 -6.04
CA GLN F 530 80.44 -40.87 -5.13
C GLN F 530 80.65 -39.39 -5.46
N ASN F 531 81.77 -39.05 -6.08
CA ASN F 531 81.95 -37.72 -6.64
C ASN F 531 81.01 -37.51 -7.83
N SER F 532 80.77 -38.56 -8.61
CA SER F 532 80.05 -38.44 -9.87
C SER F 532 78.57 -38.09 -9.66
N LEU F 533 78.02 -38.42 -8.50
CA LEU F 533 76.70 -37.91 -8.14
C LEU F 533 76.75 -36.40 -7.94
N LYS F 534 77.74 -35.93 -7.19
CA LYS F 534 77.92 -34.50 -6.96
C LYS F 534 78.33 -33.78 -8.23
N GLU F 535 78.95 -34.47 -9.17
CA GLU F 535 79.18 -33.86 -10.49
C GLU F 535 77.88 -33.76 -11.26
N ALA F 536 77.02 -34.76 -11.15
CA ALA F 536 75.80 -34.80 -11.95
C ALA F 536 74.74 -33.87 -11.38
N GLN F 537 74.49 -33.95 -10.08
CA GLN F 537 73.36 -33.23 -9.48
C GLN F 537 73.56 -31.73 -9.50
N GLN F 538 74.81 -31.27 -9.43
CA GLN F 538 75.07 -29.84 -9.56
C GLN F 538 74.89 -29.37 -11.00
N LYS F 539 74.92 -30.28 -11.97
CA LYS F 539 74.50 -29.90 -13.30
C LYS F 539 72.98 -29.83 -13.40
N TYR F 540 72.27 -30.52 -12.52
CA TYR F 540 70.84 -30.29 -12.39
C TYR F 540 70.53 -29.10 -11.49
N LEU F 541 71.54 -28.58 -10.79
CA LEU F 541 71.45 -27.22 -10.32
C LEU F 541 71.70 -26.22 -11.43
N GLU F 542 72.16 -26.68 -12.60
CA GLU F 542 72.41 -25.83 -13.75
C GLU F 542 71.47 -26.13 -14.91
N LEU F 543 71.47 -27.35 -15.43
CA LEU F 543 70.73 -27.65 -16.65
C LEU F 543 69.24 -27.66 -16.41
N TYR F 544 68.84 -28.10 -15.22
CA TYR F 544 67.41 -28.08 -14.91
C TYR F 544 66.94 -26.66 -14.65
N LYS F 545 67.67 -25.90 -13.85
CA LYS F 545 67.18 -24.61 -13.39
C LYS F 545 67.21 -23.56 -14.48
N GLU F 546 68.19 -23.64 -15.40
CA GLU F 546 68.23 -22.67 -16.48
C GLU F 546 67.12 -22.92 -17.48
N THR F 547 66.60 -24.14 -17.56
CA THR F 547 65.36 -24.36 -18.30
C THR F 547 64.17 -23.83 -17.52
N VAL F 548 64.17 -23.98 -16.19
CA VAL F 548 63.09 -23.44 -15.38
C VAL F 548 63.09 -21.91 -15.46
N ALA F 549 64.28 -21.30 -15.38
CA ALA F 549 64.39 -19.87 -15.56
C ALA F 549 64.00 -19.41 -16.96
N TYR F 550 64.15 -20.29 -17.95
CA TYR F 550 63.70 -19.99 -19.31
C TYR F 550 62.18 -19.91 -19.41
N VAL F 551 61.45 -20.60 -18.53
CA VAL F 551 60.01 -20.68 -18.61
C VAL F 551 59.34 -19.35 -18.22
N GLU F 552 59.98 -18.52 -17.41
CA GLU F 552 59.35 -17.25 -17.11
C GLU F 552 59.62 -16.20 -18.19
N ALA F 553 60.87 -16.14 -18.69
CA ALA F 553 61.17 -15.19 -19.75
C ALA F 553 60.48 -15.56 -21.05
N LYS F 554 60.41 -16.85 -21.35
CA LYS F 554 59.61 -17.36 -22.45
C LYS F 554 58.50 -18.18 -21.81
N THR F 555 57.32 -17.60 -21.73
CA THR F 555 56.17 -18.24 -21.11
C THR F 555 55.60 -19.29 -22.07
N HIS F 556 54.37 -19.72 -21.81
CA HIS F 556 53.81 -21.07 -22.01
C HIS F 556 54.43 -21.90 -23.11
N ASN F 557 54.65 -21.28 -24.27
CA ASN F 557 55.33 -21.95 -25.36
C ASN F 557 56.83 -21.71 -25.20
N ALA F 558 57.50 -22.66 -24.55
CA ALA F 558 58.95 -22.63 -24.39
C ALA F 558 59.67 -23.58 -25.33
N MET F 559 58.93 -24.38 -26.09
CA MET F 559 59.26 -25.00 -27.37
C MET F 559 60.20 -26.19 -27.29
N ASN F 560 60.86 -26.46 -26.17
CA ASN F 560 61.85 -27.52 -26.11
C ASN F 560 61.75 -28.21 -24.76
N VAL F 561 60.54 -28.56 -24.35
CA VAL F 561 60.25 -28.87 -22.96
C VAL F 561 59.70 -30.29 -22.86
N ASP F 562 60.28 -31.09 -21.96
CA ASP F 562 59.80 -32.43 -21.67
C ASP F 562 59.14 -32.52 -20.30
N ALA F 563 58.44 -31.48 -19.87
CA ALA F 563 57.87 -31.45 -18.54
C ALA F 563 56.64 -30.55 -18.50
N VAL F 564 55.52 -31.09 -18.01
CA VAL F 564 54.37 -30.23 -17.77
C VAL F 564 54.70 -29.35 -16.56
N TYR F 565 54.89 -28.06 -16.80
CA TYR F 565 55.09 -27.16 -15.68
C TYR F 565 53.77 -26.55 -15.26
N GLN F 566 53.86 -25.62 -14.30
CA GLN F 566 52.66 -24.97 -13.76
C GLN F 566 52.00 -24.08 -14.80
N GLU F 567 52.75 -23.60 -15.77
CA GLU F 567 52.18 -22.78 -16.82
C GLU F 567 51.25 -23.57 -17.71
N HIS F 568 51.65 -24.79 -18.07
CA HIS F 568 50.87 -25.61 -18.98
C HIS F 568 49.54 -26.03 -18.39
N VAL F 569 49.43 -26.07 -17.07
CA VAL F 569 48.11 -26.13 -16.45
C VAL F 569 47.39 -24.81 -16.63
N SER F 570 48.04 -23.71 -16.24
CA SER F 570 47.38 -22.41 -16.27
C SER F 570 47.21 -21.88 -17.68
N TYR F 571 47.89 -22.44 -18.66
CA TYR F 571 47.60 -22.10 -20.05
C TYR F 571 46.21 -22.59 -20.44
N ILE F 572 46.03 -23.92 -20.38
CA ILE F 572 44.83 -24.56 -20.89
C ILE F 572 43.63 -24.22 -20.05
N TYR F 573 43.86 -23.85 -18.79
CA TYR F 573 42.82 -23.25 -17.96
C TYR F 573 42.18 -22.06 -18.64
N LEU F 574 42.98 -21.24 -19.29
CA LEU F 574 42.47 -20.09 -20.00
C LEU F 574 42.15 -20.39 -21.46
N ARG F 575 42.69 -21.49 -21.99
CA ARG F 575 42.34 -21.88 -23.35
C ARG F 575 40.91 -22.38 -23.42
N ASP F 576 40.46 -23.09 -22.38
CA ASP F 576 39.10 -23.61 -22.37
C ASP F 576 38.09 -22.62 -21.84
N SER F 577 38.50 -21.72 -20.97
CA SER F 577 37.58 -20.68 -20.51
C SER F 577 37.49 -19.62 -21.60
N GLY F 578 36.66 -18.62 -21.37
CA GLY F 578 36.37 -17.68 -22.43
C GLY F 578 37.42 -16.60 -22.64
N MET F 579 38.68 -16.92 -22.50
CA MET F 579 39.71 -15.93 -22.75
C MET F 579 39.86 -15.71 -24.24
N PRO F 580 39.89 -14.48 -24.68
CA PRO F 580 40.21 -14.19 -26.09
C PRO F 580 41.70 -14.23 -26.33
N LEU F 581 42.11 -13.76 -27.50
CA LEU F 581 43.53 -13.58 -27.81
C LEU F 581 44.22 -12.68 -26.79
N GLY F 582 45.55 -12.77 -26.79
CA GLY F 582 46.40 -12.26 -25.73
C GLY F 582 46.25 -10.81 -25.34
N SER F 583 45.72 -10.61 -24.14
CA SER F 583 45.61 -9.28 -23.56
C SER F 583 46.44 -9.13 -22.30
N LEU F 584 46.21 -10.01 -21.32
CA LEU F 584 46.99 -9.99 -20.09
C LEU F 584 47.73 -11.29 -19.85
N SER F 585 47.01 -12.41 -19.83
CA SER F 585 47.58 -13.64 -19.30
C SER F 585 48.45 -14.35 -20.31
N PHE F 586 48.19 -14.15 -21.60
CA PHE F 586 48.99 -14.78 -22.62
C PHE F 586 50.30 -14.05 -22.86
N GLU F 587 50.37 -12.78 -22.46
CA GLU F 587 51.65 -12.11 -22.24
C GLU F 587 51.88 -12.10 -20.74
N SER F 588 52.25 -13.28 -20.22
CA SER F 588 52.13 -13.58 -18.80
C SER F 588 53.08 -12.75 -17.96
N SER F 589 52.56 -12.25 -16.82
CA SER F 589 53.28 -11.42 -15.85
C SER F 589 53.87 -10.16 -16.47
N LYS F 590 53.25 -9.66 -17.54
CA LYS F 590 53.74 -8.46 -18.20
C LYS F 590 52.57 -7.52 -18.43
N GLY F 591 51.37 -8.10 -18.62
CA GLY F 591 50.24 -7.32 -19.04
C GLY F 591 49.72 -6.37 -17.99
N ALA F 592 49.82 -6.76 -16.71
CA ALA F 592 49.32 -5.91 -15.64
C ALA F 592 50.15 -4.66 -15.47
N LEU F 593 51.43 -4.72 -15.84
CA LEU F 593 52.30 -3.57 -15.69
C LEU F 593 52.05 -2.48 -16.73
N LYS F 594 51.35 -2.80 -17.82
CA LYS F 594 51.12 -1.84 -18.88
C LYS F 594 49.76 -1.17 -18.82
N LEU F 595 48.91 -1.56 -17.89
CA LEU F 595 47.53 -1.08 -17.91
C LEU F 595 47.43 0.37 -17.48
N TYR F 596 48.14 0.73 -16.42
CA TYR F 596 48.04 2.08 -15.88
C TYR F 596 48.56 3.12 -16.87
N ASN F 597 49.51 2.74 -17.70
CA ASN F 597 49.92 3.64 -18.76
C ASN F 597 48.97 3.58 -19.95
N SER F 598 48.36 2.42 -20.21
CA SER F 598 47.46 2.33 -21.34
C SER F 598 46.11 2.95 -21.03
N LEU F 599 45.65 2.85 -19.78
CA LEU F 599 44.41 3.50 -19.40
C LEU F 599 44.56 5.02 -19.39
N SER F 600 45.74 5.50 -18.98
CA SER F 600 45.98 6.93 -18.94
C SER F 600 46.04 7.54 -20.33
N LYS F 601 46.36 6.73 -21.34
CA LYS F 601 46.31 7.23 -22.72
C LYS F 601 44.87 7.43 -23.18
N SER F 602 43.92 6.73 -22.56
CA SER F 602 42.55 6.76 -23.02
C SER F 602 41.61 7.52 -22.10
N ILE F 603 41.87 7.57 -20.80
CA ILE F 603 41.12 8.40 -19.88
C ILE F 603 42.13 9.16 -19.03
N ILE F 604 41.91 10.45 -18.87
CA ILE F 604 42.88 11.34 -18.26
C ILE F 604 42.67 11.48 -16.76
N GLY F 605 41.44 11.80 -16.35
CA GLY F 605 41.22 12.18 -14.97
C GLY F 605 41.14 11.01 -14.01
N ASN F 606 41.30 11.34 -12.73
CA ASN F 606 41.06 10.46 -11.60
C ASN F 606 41.97 9.22 -11.61
N GLU F 607 43.27 9.49 -11.47
CA GLU F 607 44.26 8.43 -11.46
C GLU F 607 44.13 7.52 -10.25
N ASP F 608 43.58 8.03 -9.15
CA ASP F 608 43.40 7.19 -7.97
C ASP F 608 42.34 6.13 -8.19
N ILE F 609 41.36 6.41 -9.05
CA ILE F 609 40.38 5.38 -9.39
C ILE F 609 41.00 4.37 -10.35
N ILE F 610 41.85 4.86 -11.26
CA ILE F 610 42.46 4.00 -12.26
C ILE F 610 43.45 3.04 -11.63
N LYS F 611 44.17 3.50 -10.60
CA LYS F 611 45.07 2.60 -9.87
C LYS F 611 44.30 1.49 -9.18
N SER F 612 43.14 1.81 -8.61
CA SER F 612 42.32 0.79 -7.97
C SER F 612 41.75 -0.19 -8.97
N LEU F 613 41.56 0.23 -10.22
CA LEU F 613 41.22 -0.73 -11.26
C LEU F 613 42.41 -1.63 -11.57
N SER F 614 43.61 -1.04 -11.66
CA SER F 614 44.78 -1.80 -12.05
C SER F 614 45.17 -2.79 -10.98
N ASP F 615 44.99 -2.41 -9.71
CA ASP F 615 45.44 -3.25 -8.60
C ASP F 615 44.66 -4.55 -8.52
N ALA F 616 43.36 -4.51 -8.81
CA ALA F 616 42.57 -5.74 -8.80
C ALA F 616 42.99 -6.68 -9.92
N VAL F 617 43.42 -6.13 -11.05
CA VAL F 617 43.95 -6.96 -12.11
C VAL F 617 45.29 -7.56 -11.71
N VAL F 618 46.09 -6.78 -10.99
CA VAL F 618 47.32 -7.29 -10.40
C VAL F 618 47.00 -8.36 -9.35
N LYS F 619 45.88 -8.21 -8.65
CA LYS F 619 45.38 -9.31 -7.84
C LYS F 619 44.82 -10.47 -8.67
N ALA F 620 44.56 -10.26 -9.95
CA ALA F 620 43.92 -11.28 -10.76
C ALA F 620 44.91 -12.09 -11.58
N ALA F 621 45.74 -11.42 -12.37
CA ALA F 621 46.59 -12.12 -13.33
C ALA F 621 47.77 -12.82 -12.68
N THR F 622 47.99 -12.64 -11.39
CA THR F 622 49.17 -13.12 -10.72
C THR F 622 48.90 -14.27 -9.76
N GLY F 623 47.70 -14.83 -9.78
CA GLY F 623 47.38 -15.89 -8.85
C GLY F 623 47.25 -15.42 -7.42
N MET F 624 46.88 -14.16 -7.22
CA MET F 624 46.63 -13.67 -5.87
C MET F 624 45.24 -14.06 -5.40
N LYS F 625 44.79 -13.40 -4.35
CA LYS F 625 43.62 -13.80 -3.59
C LYS F 625 42.33 -13.75 -4.40
N ASP F 626 41.79 -14.93 -4.68
CA ASP F 626 40.52 -15.06 -5.37
C ASP F 626 39.70 -16.13 -4.65
N PRO F 627 38.94 -15.73 -3.64
CA PRO F 627 37.85 -16.60 -3.16
C PRO F 627 36.67 -16.59 -4.11
N GLU F 628 35.52 -17.07 -3.65
CA GLU F 628 34.29 -16.96 -4.44
C GLU F 628 33.85 -15.51 -4.67
N LYS F 629 34.44 -14.55 -3.97
CA LYS F 629 34.27 -13.14 -4.32
C LYS F 629 34.85 -12.88 -5.71
N PRO F 630 34.10 -12.24 -6.60
CA PRO F 630 34.67 -11.83 -7.89
C PRO F 630 35.67 -10.72 -7.68
N ILE F 631 36.53 -10.55 -8.67
CA ILE F 631 37.68 -9.67 -8.53
C ILE F 631 37.29 -8.26 -8.94
N GLY F 632 37.33 -7.34 -7.99
CA GLY F 632 37.08 -5.95 -8.30
C GLY F 632 35.65 -5.59 -8.64
N THR F 633 34.78 -5.59 -7.64
CA THR F 633 33.51 -4.90 -7.79
C THR F 633 33.76 -3.41 -7.68
N PHE F 634 32.98 -2.62 -8.42
CA PHE F 634 33.18 -1.18 -8.41
C PHE F 634 31.84 -0.47 -8.52
N LEU F 635 31.75 0.66 -7.83
CA LEU F 635 30.56 1.49 -7.81
C LEU F 635 31.00 2.89 -8.20
N PHE F 636 30.67 3.31 -9.41
CA PHE F 636 31.14 4.60 -9.90
C PHE F 636 30.07 5.66 -9.72
N LEU F 637 30.47 6.80 -9.19
CA LEU F 637 29.58 7.90 -8.93
C LEU F 637 30.18 9.18 -9.48
N GLY F 638 29.35 10.01 -10.08
CA GLY F 638 29.82 11.29 -10.53
C GLY F 638 28.75 12.07 -11.24
N PRO F 639 29.05 13.32 -11.56
CA PRO F 639 28.09 14.13 -12.28
C PRO F 639 27.95 13.66 -13.71
N THR F 640 26.77 13.92 -14.27
CA THR F 640 26.48 13.51 -15.63
C THR F 640 27.32 14.33 -16.58
N GLY F 641 28.19 13.67 -17.32
CA GLY F 641 29.15 14.31 -18.19
C GLY F 641 30.51 13.63 -18.19
N VAL F 642 30.95 13.12 -17.05
CA VAL F 642 32.35 12.75 -16.87
C VAL F 642 32.52 11.27 -17.17
N GLY F 643 33.77 10.83 -17.19
CA GLY F 643 34.13 9.52 -17.71
C GLY F 643 33.74 8.36 -16.81
N LYS F 644 32.45 8.08 -16.73
CA LYS F 644 31.99 7.00 -15.87
C LYS F 644 31.71 5.72 -16.62
N THR F 645 31.06 5.79 -17.78
CA THR F 645 30.94 4.59 -18.59
C THR F 645 32.25 4.24 -19.28
N GLU F 646 32.88 5.22 -19.92
CA GLU F 646 33.96 4.88 -20.85
C GLU F 646 35.30 4.62 -20.19
N LEU F 647 35.36 4.52 -18.87
CA LEU F 647 36.42 3.70 -18.29
C LEU F 647 36.24 2.27 -18.74
N ALA F 648 35.02 1.77 -18.63
CA ALA F 648 34.77 0.35 -18.77
C ALA F 648 34.84 -0.09 -20.22
N LYS F 649 34.47 0.78 -21.16
CA LYS F 649 34.58 0.41 -22.57
C LYS F 649 36.03 0.30 -22.99
N THR F 650 36.91 1.06 -22.34
CA THR F 650 38.32 0.91 -22.59
C THR F 650 38.91 -0.28 -21.86
N LEU F 651 38.20 -0.85 -20.89
CA LEU F 651 38.68 -2.08 -20.28
C LEU F 651 38.57 -3.24 -21.26
N ALA F 652 37.43 -3.38 -21.93
CA ALA F 652 37.25 -4.45 -22.91
C ALA F 652 38.18 -4.28 -24.10
N ILE F 653 38.56 -3.04 -24.42
CA ILE F 653 39.59 -2.83 -25.43
C ILE F 653 40.95 -3.22 -24.88
N GLU F 654 41.18 -3.07 -23.58
CA GLU F 654 42.53 -3.28 -23.06
C GLU F 654 42.69 -4.52 -22.21
N LEU F 655 41.71 -4.89 -21.39
CA LEU F 655 41.83 -6.14 -20.65
C LEU F 655 41.52 -7.35 -21.51
N PHE F 656 40.91 -7.15 -22.67
CA PHE F 656 40.51 -8.28 -23.48
C PHE F 656 40.75 -8.13 -24.98
N ASN F 657 41.04 -6.92 -25.47
CA ASN F 657 41.36 -6.65 -26.88
C ASN F 657 40.26 -7.07 -27.85
N SER F 658 39.01 -7.05 -27.41
CA SER F 658 37.96 -7.61 -28.26
C SER F 658 36.77 -6.67 -28.43
N LYS F 659 36.40 -5.97 -27.35
CA LYS F 659 35.26 -5.05 -27.19
C LYS F 659 33.94 -5.82 -27.14
N ASP F 660 33.95 -7.10 -27.48
CA ASP F 660 32.75 -7.91 -27.39
C ASP F 660 32.71 -8.73 -26.12
N ASN F 661 33.74 -8.63 -25.29
CA ASN F 661 33.63 -9.11 -23.92
C ASN F 661 32.91 -8.10 -23.03
N LEU F 662 32.57 -6.93 -23.55
CA LEU F 662 31.82 -5.97 -22.76
C LEU F 662 30.37 -6.39 -22.69
N ILE F 663 29.84 -6.52 -21.49
CA ILE F 663 28.47 -6.93 -21.29
C ILE F 663 27.74 -5.77 -20.65
N ARG F 664 27.07 -4.97 -21.47
CA ARG F 664 26.14 -4.00 -20.95
C ARG F 664 24.88 -4.73 -20.55
N VAL F 665 24.50 -4.59 -19.29
CA VAL F 665 23.14 -4.88 -18.88
C VAL F 665 22.42 -3.54 -18.84
N ASN F 666 21.55 -3.33 -19.82
CA ASN F 666 20.78 -2.11 -19.94
C ASN F 666 19.86 -1.98 -18.74
N MET F 667 20.14 -1.03 -17.87
CA MET F 667 19.37 -0.90 -16.64
C MET F 667 17.95 -0.39 -16.91
N SER F 668 17.75 0.25 -18.06
CA SER F 668 16.44 0.77 -18.43
C SER F 668 15.34 -0.27 -18.53
N GLU F 669 15.68 -1.53 -18.81
CA GLU F 669 14.63 -2.53 -18.93
C GLU F 669 14.19 -3.11 -17.61
N PHE F 670 14.81 -2.69 -16.51
CA PHE F 670 14.54 -3.27 -15.22
C PHE F 670 13.80 -2.33 -14.30
N THR F 671 13.07 -1.36 -14.89
CA THR F 671 12.34 -0.38 -14.09
C THR F 671 11.16 -1.00 -13.37
N GLU F 672 10.49 -1.94 -13.99
CA GLU F 672 9.31 -2.53 -13.38
C GLU F 672 9.71 -3.70 -12.48
N ALA F 673 8.80 -4.04 -11.58
CA ALA F 673 9.09 -5.05 -10.55
C ALA F 673 9.21 -6.44 -11.16
N HIS F 674 8.40 -6.74 -12.17
CA HIS F 674 8.36 -8.05 -12.78
C HIS F 674 9.34 -8.19 -13.92
N SER F 675 10.42 -7.43 -13.88
CA SER F 675 11.47 -7.44 -14.88
C SER F 675 12.70 -8.20 -14.44
N VAL F 676 12.69 -8.76 -13.23
CA VAL F 676 13.82 -9.55 -12.70
C VAL F 676 14.06 -10.77 -13.57
N SER F 677 13.01 -11.31 -14.18
CA SER F 677 13.07 -12.48 -15.04
C SER F 677 13.89 -12.29 -16.31
N LYS F 678 14.42 -11.11 -16.60
CA LYS F 678 15.43 -11.02 -17.64
C LYS F 678 16.81 -11.41 -17.13
N ILE F 679 17.01 -11.42 -15.82
CA ILE F 679 18.30 -11.82 -15.29
C ILE F 679 18.39 -13.34 -15.19
N THR F 680 17.46 -13.95 -14.48
CA THR F 680 17.49 -15.39 -14.24
C THR F 680 16.57 -16.16 -15.15
N GLY F 681 16.16 -15.57 -16.27
CA GLY F 681 15.27 -16.23 -17.19
C GLY F 681 13.84 -16.29 -16.67
N SER F 682 12.97 -16.83 -17.51
CA SER F 682 11.60 -17.03 -17.10
C SER F 682 11.53 -18.20 -16.12
N PRO F 683 10.66 -18.14 -15.11
CA PRO F 683 10.52 -19.26 -14.19
C PRO F 683 9.89 -20.44 -14.90
N PRO F 684 10.21 -21.67 -14.49
CA PRO F 684 9.80 -22.84 -15.26
C PRO F 684 8.31 -23.11 -15.11
N GLY F 685 7.75 -23.73 -16.15
CA GLY F 685 6.33 -23.98 -16.21
C GLY F 685 5.52 -22.86 -16.84
N TYR F 686 6.17 -21.87 -17.43
CA TYR F 686 5.50 -20.75 -18.08
C TYR F 686 5.86 -20.74 -19.55
N VAL F 687 5.36 -19.73 -20.27
CA VAL F 687 5.71 -19.56 -21.68
C VAL F 687 7.13 -19.03 -21.77
N GLY F 688 8.01 -19.79 -22.40
CA GLY F 688 9.41 -19.43 -22.49
C GLY F 688 10.33 -20.56 -22.09
N PHE F 689 11.28 -20.25 -21.20
CA PHE F 689 12.21 -21.16 -20.52
C PHE F 689 13.30 -21.72 -21.47
N SER F 690 13.14 -21.52 -22.76
CA SER F 690 14.26 -21.70 -23.66
C SER F 690 15.12 -20.45 -23.61
N ASP F 691 16.42 -20.64 -23.87
CA ASP F 691 17.46 -19.65 -23.59
C ASP F 691 17.36 -19.22 -22.12
N SER F 692 17.70 -20.20 -21.26
CA SER F 692 17.19 -20.29 -19.89
C SER F 692 17.56 -19.09 -19.02
N GLY F 693 18.60 -18.35 -19.39
CA GLY F 693 18.82 -17.02 -18.84
C GLY F 693 19.22 -16.10 -19.96
N GLN F 694 19.09 -14.81 -19.71
CA GLN F 694 19.49 -13.80 -20.68
C GLN F 694 20.75 -13.09 -20.24
N LEU F 695 20.75 -12.58 -19.03
CA LEU F 695 21.95 -12.64 -18.22
C LEU F 695 22.10 -14.08 -17.75
N THR F 696 23.31 -14.43 -17.31
CA THR F 696 23.76 -15.79 -16.97
C THR F 696 23.61 -16.79 -18.10
N GLU F 697 23.48 -16.33 -19.35
CA GLU F 697 23.89 -17.12 -20.49
C GLU F 697 25.14 -16.50 -21.12
N ALA F 698 25.10 -15.18 -21.32
CA ALA F 698 26.27 -14.47 -21.81
C ALA F 698 27.40 -14.50 -20.80
N VAL F 699 27.07 -14.56 -19.51
CA VAL F 699 28.11 -14.75 -18.50
C VAL F 699 28.71 -16.14 -18.62
N ARG F 700 27.89 -17.14 -18.89
CA ARG F 700 28.43 -18.48 -19.11
C ARG F 700 29.17 -18.58 -20.43
N GLU F 701 28.75 -17.82 -21.45
CA GLU F 701 29.48 -17.80 -22.70
C GLU F 701 30.86 -17.18 -22.52
N LYS F 702 30.94 -16.08 -21.76
CA LYS F 702 32.19 -15.36 -21.57
C LYS F 702 32.41 -15.11 -20.08
N PRO F 703 32.92 -16.09 -19.34
CA PRO F 703 33.16 -15.89 -17.91
C PRO F 703 34.42 -15.09 -17.60
N HIS F 704 35.02 -14.44 -18.57
CA HIS F 704 36.07 -13.45 -18.35
C HIS F 704 35.64 -12.21 -19.11
N SER F 705 35.02 -11.29 -18.39
CA SER F 705 34.33 -10.18 -19.01
C SER F 705 34.10 -9.13 -17.96
N VAL F 706 33.80 -7.92 -18.40
CA VAL F 706 33.37 -6.85 -17.52
C VAL F 706 31.89 -6.61 -17.76
N VAL F 707 31.12 -6.66 -16.69
CA VAL F 707 29.67 -6.63 -16.76
C VAL F 707 29.21 -5.23 -16.41
N LEU F 708 28.55 -4.57 -17.33
CA LEU F 708 28.09 -3.21 -17.08
C LEU F 708 26.68 -3.18 -16.54
N PHE F 709 26.40 -2.11 -15.83
CA PHE F 709 25.06 -1.74 -15.43
C PHE F 709 24.99 -0.23 -15.64
N ASP F 710 24.18 0.19 -16.61
CA ASP F 710 24.30 1.54 -17.17
C ASP F 710 23.95 2.60 -16.14
N GLU F 711 22.78 2.52 -15.57
CA GLU F 711 22.49 3.26 -14.36
C GLU F 711 22.23 2.26 -13.25
N LEU F 712 21.83 2.76 -12.09
CA LEU F 712 21.33 1.88 -11.05
C LEU F 712 20.02 2.43 -10.50
N GLU F 713 19.85 3.75 -10.55
CA GLU F 713 18.66 4.37 -10.03
C GLU F 713 17.41 3.99 -10.81
N LYS F 714 17.57 3.48 -12.04
CA LYS F 714 16.46 3.07 -12.87
C LYS F 714 15.70 1.88 -12.31
N ALA F 715 16.39 0.93 -11.70
CA ALA F 715 15.81 -0.37 -11.44
C ALA F 715 14.83 -0.37 -10.28
N HIS F 716 13.87 -1.28 -10.36
CA HIS F 716 13.03 -1.61 -9.23
C HIS F 716 13.86 -2.32 -8.17
N ALA F 717 13.42 -2.22 -6.91
CA ALA F 717 14.17 -2.78 -5.80
C ALA F 717 14.23 -4.29 -5.80
N ASP F 718 13.38 -4.97 -6.58
CA ASP F 718 13.45 -6.42 -6.68
C ASP F 718 14.70 -6.86 -7.43
N VAL F 719 15.16 -6.05 -8.39
CA VAL F 719 16.34 -6.39 -9.16
C VAL F 719 17.58 -6.39 -8.27
N PHE F 720 17.63 -5.48 -7.30
CA PHE F 720 18.80 -5.33 -6.45
C PHE F 720 19.01 -6.50 -5.51
N LYS F 721 17.96 -7.27 -5.23
CA LYS F 721 18.13 -8.46 -4.41
C LYS F 721 18.90 -9.54 -5.15
N VAL F 722 18.85 -9.52 -6.48
CA VAL F 722 19.67 -10.43 -7.25
C VAL F 722 21.14 -10.02 -7.16
N LEU F 723 21.41 -8.72 -7.26
CA LEU F 723 22.79 -8.23 -7.23
C LEU F 723 23.43 -8.37 -5.87
N LEU F 724 22.64 -8.50 -4.80
CA LEU F 724 23.20 -8.81 -3.49
C LEU F 724 23.83 -10.19 -3.48
N GLN F 725 23.22 -11.14 -4.20
CA GLN F 725 23.77 -12.49 -4.26
C GLN F 725 25.10 -12.51 -5.01
N ILE F 726 25.25 -11.67 -6.02
CA ILE F 726 26.52 -11.54 -6.70
C ILE F 726 27.56 -10.94 -5.77
N LEU F 727 27.16 -10.04 -4.90
CA LEU F 727 28.09 -9.55 -3.90
C LEU F 727 28.31 -10.55 -2.77
N GLY F 728 27.42 -11.51 -2.61
CA GLY F 728 27.70 -12.60 -1.71
C GLY F 728 28.78 -13.48 -2.29
N ASP F 729 28.43 -14.23 -3.33
CA ASP F 729 29.33 -15.15 -3.99
C ASP F 729 29.14 -14.99 -5.49
N GLY F 730 29.76 -15.87 -6.27
CA GLY F 730 29.44 -15.86 -7.68
C GLY F 730 28.09 -16.44 -8.03
N TYR F 731 27.44 -17.09 -7.07
CA TYR F 731 26.29 -17.94 -7.36
C TYR F 731 25.06 -17.12 -7.67
N ILE F 732 24.64 -17.13 -8.92
CA ILE F 732 23.23 -17.03 -9.28
C ILE F 732 22.84 -18.38 -9.87
N ASN F 733 21.88 -19.04 -9.25
CA ASN F 733 21.27 -20.18 -9.89
C ASN F 733 20.14 -19.70 -10.77
N ASP F 734 19.97 -20.35 -11.92
CA ASP F 734 18.95 -19.97 -12.87
C ASP F 734 17.58 -20.42 -12.39
N ASN F 735 16.60 -20.32 -13.28
CA ASN F 735 15.34 -21.01 -13.07
C ASN F 735 15.42 -22.47 -13.48
N HIS F 736 16.58 -22.90 -13.97
CA HIS F 736 17.00 -24.29 -14.03
C HIS F 736 17.75 -24.73 -12.78
N ARG F 737 18.17 -23.78 -11.93
CA ARG F 737 19.03 -24.00 -10.77
C ARG F 737 20.35 -24.65 -11.15
N ARG F 738 21.04 -24.05 -12.12
CA ARG F 738 22.41 -24.45 -12.44
C ARG F 738 23.39 -23.45 -11.84
N ASN F 739 24.51 -23.96 -11.35
CA ASN F 739 25.49 -23.12 -10.67
C ASN F 739 26.27 -22.31 -11.70
N ILE F 740 26.34 -21.00 -11.49
CA ILE F 740 26.95 -20.06 -12.43
C ILE F 740 27.84 -19.12 -11.63
N ASP F 741 29.05 -18.86 -12.16
CA ASP F 741 30.06 -18.09 -11.46
C ASP F 741 30.27 -16.74 -12.11
N PHE F 742 30.50 -15.72 -11.28
CA PHE F 742 31.04 -14.45 -11.73
C PHE F 742 32.49 -14.29 -11.36
N SER F 743 33.16 -15.39 -11.02
CA SER F 743 34.57 -15.33 -10.68
C SER F 743 35.39 -14.94 -11.89
N ASN F 744 36.54 -14.31 -11.63
CA ASN F 744 37.45 -13.76 -12.63
C ASN F 744 36.77 -12.74 -13.54
N THR F 745 35.83 -11.99 -13.02
CA THR F 745 35.19 -10.91 -13.75
C THR F 745 35.29 -9.63 -12.93
N ILE F 746 35.34 -8.50 -13.61
CA ILE F 746 35.33 -7.19 -12.97
C ILE F 746 33.93 -6.63 -13.17
N ILE F 747 33.15 -6.61 -12.12
CA ILE F 747 31.75 -6.19 -12.20
C ILE F 747 31.67 -4.71 -11.85
N ILE F 748 31.02 -3.95 -12.72
CA ILE F 748 31.08 -2.50 -12.70
C ILE F 748 29.68 -1.95 -12.57
N MET F 749 29.46 -1.16 -11.53
CA MET F 749 28.20 -0.48 -11.28
C MET F 749 28.39 1.01 -11.51
N THR F 750 27.55 1.60 -12.35
CA THR F 750 27.55 3.04 -12.56
C THR F 750 26.18 3.60 -12.23
N SER F 751 26.14 4.76 -11.59
CA SER F 751 24.90 5.45 -11.30
C SER F 751 25.21 6.91 -11.03
N ASN F 752 24.19 7.75 -11.11
CA ASN F 752 24.46 9.17 -10.94
C ASN F 752 24.53 9.59 -9.48
N LEU F 753 23.36 9.68 -8.84
CA LEU F 753 23.17 9.97 -7.42
C LEU F 753 23.84 11.23 -6.88
N GLY F 754 24.40 12.06 -7.76
CA GLY F 754 25.22 13.17 -7.35
C GLY F 754 24.74 14.42 -8.03
N ALA F 755 23.91 14.21 -9.05
CA ALA F 755 23.13 15.29 -9.59
C ALA F 755 22.24 15.87 -8.51
N GLU F 756 22.06 17.19 -8.56
CA GLU F 756 21.46 18.01 -7.50
C GLU F 756 22.17 17.82 -6.16
N LEU F 757 23.48 17.58 -6.18
CA LEU F 757 24.35 17.77 -5.03
C LEU F 757 25.52 18.71 -5.35
N PHE F 758 26.21 18.49 -6.46
CA PHE F 758 27.25 19.40 -6.91
C PHE F 758 26.62 20.74 -7.29
N LYS F 759 26.82 21.76 -6.48
CA LYS F 759 26.08 23.02 -6.65
C LYS F 759 27.05 24.19 -6.67
N LYS F 760 27.62 24.47 -7.85
CA LYS F 760 28.32 25.70 -8.21
C LYS F 760 29.51 26.08 -7.32
N LYS F 761 29.92 25.19 -6.43
CA LYS F 761 31.24 25.24 -5.84
C LYS F 761 32.15 24.25 -6.53
N LEU F 762 31.55 23.37 -7.31
CA LEU F 762 32.12 22.07 -7.61
C LEU F 762 32.38 21.83 -9.08
N PHE F 763 31.52 22.30 -9.97
CA PHE F 763 31.89 22.47 -11.36
C PHE F 763 32.62 23.76 -11.60
N PHE F 764 32.34 24.73 -10.76
CA PHE F 764 32.47 26.13 -11.14
C PHE F 764 33.84 26.66 -10.80
N ASP F 765 34.25 26.48 -9.55
CA ASP F 765 35.64 26.65 -9.14
C ASP F 765 36.39 25.31 -9.18
N ALA F 766 36.01 24.43 -10.11
CA ALA F 766 36.70 23.17 -10.29
C ALA F 766 38.09 23.34 -10.87
N ASP F 767 38.33 24.43 -11.61
CA ASP F 767 39.55 24.58 -12.39
C ASP F 767 40.80 24.70 -11.53
N ASN F 768 40.65 24.99 -10.24
CA ASN F 768 41.81 25.05 -9.36
C ASN F 768 42.34 23.68 -8.97
N SER F 769 41.77 22.59 -9.49
CA SER F 769 42.31 21.23 -9.43
C SER F 769 42.43 20.69 -8.02
N GLY F 770 41.64 21.21 -7.09
CA GLY F 770 41.59 20.62 -5.78
C GLY F 770 42.74 20.95 -4.87
N THR F 771 43.51 21.99 -5.18
CA THR F 771 44.54 22.43 -4.23
C THR F 771 43.94 22.98 -2.93
N PRO F 772 43.10 24.07 -2.93
CA PRO F 772 42.80 24.69 -1.63
C PRO F 772 41.90 23.88 -0.70
N GLU F 773 40.72 23.49 -1.18
CA GLU F 773 39.64 23.07 -0.30
C GLU F 773 39.00 21.77 -0.74
N TYR F 774 39.10 21.38 -2.01
CA TYR F 774 38.43 20.20 -2.52
C TYR F 774 39.00 18.91 -2.00
N LYS F 775 40.20 18.96 -1.40
CA LYS F 775 40.61 17.90 -0.49
C LYS F 775 39.53 17.65 0.57
N ARG F 776 39.06 18.71 1.22
CA ARG F 776 37.98 18.57 2.19
C ARG F 776 36.65 19.03 1.65
N VAL F 777 36.41 18.87 0.35
CA VAL F 777 35.07 18.94 -0.18
C VAL F 777 34.69 17.65 -0.87
N MET F 778 35.56 17.15 -1.75
CA MET F 778 35.28 15.92 -2.48
C MET F 778 35.18 14.72 -1.56
N GLU F 779 35.92 14.73 -0.45
CA GLU F 779 35.67 13.74 0.59
C GLU F 779 34.30 13.95 1.22
N ASP F 780 33.96 15.21 1.52
CA ASP F 780 32.72 15.50 2.21
C ASP F 780 31.51 15.39 1.30
N VAL F 781 31.68 15.53 0.00
CA VAL F 781 30.60 15.17 -0.91
C VAL F 781 30.42 13.66 -0.93
N ARG F 782 31.54 12.94 -0.94
CA ARG F 782 31.49 11.49 -1.11
C ARG F 782 30.89 10.79 0.10
N LEU F 783 31.03 11.39 1.28
CA LEU F 783 30.30 10.89 2.44
C LEU F 783 28.80 11.01 2.22
N SER F 784 28.36 12.15 1.69
CA SER F 784 26.95 12.34 1.43
C SER F 784 26.46 11.46 0.29
N LEU F 785 27.35 11.14 -0.66
CA LEU F 785 26.98 10.25 -1.75
C LEU F 785 26.73 8.84 -1.25
N ILE F 786 27.52 8.40 -0.27
CA ILE F 786 27.26 7.12 0.37
C ILE F 786 25.97 7.19 1.18
N LYS F 787 25.67 8.35 1.76
CA LYS F 787 24.44 8.53 2.52
C LYS F 787 23.20 8.45 1.65
N LYS F 788 23.32 8.63 0.34
CA LYS F 788 22.20 8.37 -0.54
C LYS F 788 22.19 6.94 -1.06
N CYS F 789 23.37 6.31 -1.20
CA CYS F 789 23.41 4.90 -1.53
C CYS F 789 22.84 4.07 -0.40
N LYS F 790 22.96 4.54 0.83
CA LYS F 790 22.39 3.82 1.95
C LYS F 790 20.87 3.95 2.03
N LYS F 791 20.26 4.87 1.28
CA LYS F 791 18.81 5.02 1.29
C LYS F 791 18.15 4.53 0.02
N VAL F 792 18.79 4.70 -1.13
CA VAL F 792 18.21 4.22 -2.38
C VAL F 792 18.26 2.71 -2.46
N PHE F 793 19.27 2.08 -1.87
CA PHE F 793 19.64 0.72 -2.21
C PHE F 793 19.47 -0.32 -1.12
N LYS F 794 18.87 0.01 0.05
CA LYS F 794 18.90 -0.82 1.24
C LYS F 794 20.35 -1.12 1.64
N PRO F 795 20.96 -0.26 2.49
CA PRO F 795 22.40 0.07 2.43
C PRO F 795 23.46 -1.00 2.26
N GLU F 796 23.13 -2.27 2.39
CA GLU F 796 24.17 -3.29 2.53
C GLU F 796 24.86 -3.65 1.23
N PHE F 797 24.67 -2.90 0.14
CA PHE F 797 25.65 -2.90 -0.94
C PHE F 797 26.96 -2.31 -0.47
N VAL F 798 26.88 -1.23 0.32
CA VAL F 798 28.05 -0.42 0.66
C VAL F 798 28.99 -1.20 1.55
N ASN F 799 28.47 -2.12 2.36
CA ASN F 799 29.34 -3.01 3.09
C ASN F 799 29.96 -4.08 2.20
N ARG F 800 29.37 -4.36 1.03
CA ARG F 800 29.87 -5.37 0.12
C ARG F 800 30.77 -4.83 -0.96
N ILE F 801 30.50 -3.62 -1.45
CA ILE F 801 31.22 -3.10 -2.61
C ILE F 801 32.62 -2.67 -2.18
N ASP F 802 33.62 -3.13 -2.93
CA ASP F 802 35.01 -2.91 -2.56
C ASP F 802 35.41 -1.45 -2.72
N LYS F 803 35.33 -0.93 -3.94
CA LYS F 803 35.84 0.40 -4.20
C LYS F 803 34.75 1.26 -4.83
N ILE F 804 34.54 2.44 -4.25
CA ILE F 804 33.61 3.41 -4.77
C ILE F 804 34.43 4.62 -5.21
N GLY F 805 34.79 4.65 -6.48
CA GLY F 805 35.45 5.82 -7.03
C GLY F 805 34.42 6.88 -7.35
N VAL F 806 34.75 8.12 -7.02
CA VAL F 806 33.87 9.25 -7.29
C VAL F 806 34.64 10.24 -8.14
N PHE F 807 34.02 10.66 -9.25
CA PHE F 807 34.72 11.36 -10.30
C PHE F 807 34.77 12.86 -10.07
N GLU F 808 35.94 13.43 -10.30
CA GLU F 808 36.06 14.87 -10.34
C GLU F 808 35.41 15.40 -11.60
N PRO F 809 34.64 16.50 -11.50
CA PRO F 809 34.21 17.19 -12.71
C PRO F 809 35.40 17.82 -13.43
N LEU F 810 35.17 18.12 -14.70
CA LEU F 810 36.29 18.26 -15.62
C LEU F 810 36.93 19.63 -15.60
N ASN F 811 38.21 19.66 -15.91
CA ASN F 811 38.96 20.89 -16.02
C ASN F 811 39.27 21.18 -17.49
N LYS F 812 39.54 22.46 -17.76
CA LYS F 812 40.01 22.84 -19.08
C LYS F 812 41.33 22.17 -19.41
N LYS F 813 42.19 21.99 -18.40
CA LYS F 813 43.43 21.25 -18.56
C LYS F 813 43.18 19.81 -18.95
N ASN F 814 42.06 19.24 -18.52
CA ASN F 814 41.70 17.91 -18.97
C ASN F 814 41.12 17.95 -20.37
N LEU F 815 40.32 18.98 -20.67
CA LEU F 815 39.66 19.06 -21.97
C LEU F 815 40.61 19.28 -23.12
N HIS F 816 41.80 19.82 -22.85
CA HIS F 816 42.84 19.85 -23.88
C HIS F 816 43.20 18.45 -24.33
N LYS F 817 43.21 17.51 -23.39
CA LYS F 817 43.53 16.14 -23.76
C LYS F 817 42.32 15.39 -24.27
N ILE F 818 41.13 15.68 -23.72
CA ILE F 818 39.93 14.95 -24.09
C ILE F 818 39.53 15.23 -25.53
N VAL F 819 39.57 16.51 -25.91
CA VAL F 819 39.28 16.88 -27.29
C VAL F 819 40.37 16.35 -28.21
N ALA F 820 41.61 16.32 -27.74
CA ALA F 820 42.71 15.79 -28.54
C ALA F 820 42.57 14.31 -28.82
N LEU F 821 41.97 13.56 -27.91
CA LEU F 821 41.73 12.15 -28.19
C LEU F 821 40.55 11.95 -29.12
N ARG F 822 39.67 12.94 -29.25
CA ARG F 822 38.55 12.80 -30.16
C ARG F 822 39.01 12.86 -31.61
N PHE F 823 40.01 13.68 -31.89
CA PHE F 823 40.51 13.75 -33.25
C PHE F 823 41.31 12.52 -33.62
N LYS F 824 41.99 11.92 -32.64
CA LYS F 824 42.59 10.61 -32.88
C LYS F 824 41.53 9.55 -33.06
N LYS F 825 40.37 9.71 -32.42
CA LYS F 825 39.23 8.87 -32.76
C LYS F 825 38.64 9.27 -34.10
N LEU F 826 38.75 10.54 -34.46
CA LEU F 826 38.13 11.02 -35.68
C LEU F 826 38.90 10.58 -36.91
N GLU F 827 40.20 10.32 -36.74
CA GLU F 827 40.98 9.74 -37.83
C GLU F 827 40.45 8.37 -38.20
N LYS F 828 40.08 7.57 -37.21
CA LYS F 828 39.64 6.21 -37.44
C LYS F 828 38.22 6.11 -37.98
N ARG F 829 37.53 7.24 -38.15
CA ARG F 829 36.30 7.26 -38.91
C ARG F 829 36.47 7.95 -40.25
N LEU F 830 37.64 8.53 -40.49
CA LEU F 830 37.99 9.02 -41.81
C LEU F 830 39.18 8.28 -42.39
N GLU F 831 39.73 7.29 -41.69
CA GLU F 831 40.77 6.45 -42.25
C GLU F 831 40.26 5.60 -43.40
N GLU F 832 38.95 5.36 -43.48
CA GLU F 832 38.36 4.75 -44.66
C GLU F 832 38.57 5.64 -45.87
N LYS F 833 38.23 6.91 -45.74
CA LYS F 833 38.42 7.84 -46.85
C LYS F 833 39.84 8.37 -46.91
N ASN F 834 40.64 8.15 -45.86
CA ASN F 834 41.99 8.69 -45.69
C ASN F 834 41.98 10.22 -45.78
N ILE F 835 41.29 10.83 -44.81
CA ILE F 835 41.45 12.25 -44.49
C ILE F 835 42.10 12.32 -43.12
N GLN F 836 43.38 12.68 -43.08
CA GLN F 836 44.06 12.79 -41.81
C GLN F 836 43.84 14.18 -41.22
N VAL F 837 43.55 14.22 -39.92
CA VAL F 837 43.11 15.44 -39.25
C VAL F 837 44.00 15.68 -38.04
N SER F 838 44.54 16.89 -37.93
CA SER F 838 45.30 17.30 -36.75
C SER F 838 44.95 18.74 -36.42
N VAL F 839 45.04 19.07 -35.13
CA VAL F 839 44.47 20.30 -34.57
C VAL F 839 45.54 21.01 -33.73
N SER F 840 45.69 22.32 -33.94
CA SER F 840 46.61 23.10 -33.13
C SER F 840 46.12 23.17 -31.69
N GLU F 841 47.06 23.36 -30.77
CA GLU F 841 46.69 23.52 -29.37
C GLU F 841 46.05 24.87 -29.12
N LYS F 842 46.35 25.86 -29.95
CA LYS F 842 45.60 27.11 -29.90
C LYS F 842 44.19 26.92 -30.44
N ALA F 843 44.03 26.02 -31.41
CA ALA F 843 42.73 25.77 -31.99
C ALA F 843 41.81 25.01 -31.06
N ILE F 844 42.37 24.29 -30.08
CA ILE F 844 41.54 23.60 -29.11
C ILE F 844 40.84 24.60 -28.20
N ASP F 845 41.57 25.62 -27.75
CA ASP F 845 41.07 26.57 -26.78
C ASP F 845 39.92 27.39 -27.35
N TYR F 846 39.95 27.65 -28.65
CA TYR F 846 38.82 28.30 -29.30
C TYR F 846 37.61 27.40 -29.30
N ILE F 847 37.80 26.10 -29.41
CA ILE F 847 36.69 25.17 -29.34
C ILE F 847 36.23 25.01 -27.90
N ILE F 848 37.16 25.10 -26.95
CA ILE F 848 36.78 25.04 -25.54
C ILE F 848 35.94 26.25 -25.16
N ASP F 849 36.50 27.45 -25.35
CA ASP F 849 35.94 28.67 -24.78
C ASP F 849 34.58 29.04 -25.35
N GLN F 850 34.24 28.53 -26.53
CA GLN F 850 32.90 28.72 -27.04
C GLN F 850 31.98 27.55 -26.70
N SER F 851 32.52 26.47 -26.17
CA SER F 851 31.69 25.33 -25.80
C SER F 851 31.86 24.88 -24.37
N TYR F 852 32.61 25.62 -23.54
CA TYR F 852 32.97 25.13 -22.22
C TYR F 852 31.76 25.10 -21.32
N ASP F 853 31.42 23.89 -20.91
CA ASP F 853 30.34 23.63 -19.96
C ASP F 853 30.92 22.74 -18.88
N PRO F 854 31.26 23.32 -17.73
CA PRO F 854 31.66 22.47 -16.60
C PRO F 854 30.49 21.69 -16.06
N GLU F 855 29.31 22.33 -15.97
CA GLU F 855 28.15 21.80 -15.25
C GLU F 855 27.65 20.50 -15.87
N LEU F 856 27.89 20.32 -17.16
CA LEU F 856 27.58 19.08 -17.81
C LEU F 856 28.80 18.35 -18.32
N GLY F 857 30.00 18.83 -18.02
CA GLY F 857 31.25 18.07 -18.13
C GLY F 857 31.56 17.43 -19.45
N ALA F 858 31.94 18.22 -20.46
CA ALA F 858 32.34 17.75 -21.78
C ALA F 858 31.27 16.97 -22.53
N ARG F 859 30.02 17.16 -22.20
CA ARG F 859 29.08 16.74 -23.22
C ARG F 859 28.93 17.84 -24.28
N PRO F 860 28.68 19.12 -23.96
CA PRO F 860 28.50 20.06 -25.07
C PRO F 860 29.80 20.54 -25.68
N THR F 861 30.95 20.22 -25.08
CA THR F 861 32.18 20.51 -25.80
C THR F 861 32.35 19.56 -26.96
N LEU F 862 31.76 18.38 -26.84
CA LEU F 862 31.88 17.37 -27.87
C LEU F 862 30.69 17.33 -28.80
N ILE F 863 29.57 17.92 -28.40
CA ILE F 863 28.51 18.18 -29.35
C ILE F 863 28.94 19.27 -30.31
N PHE F 864 29.61 20.31 -29.78
CA PHE F 864 30.03 21.46 -30.59
C PHE F 864 31.02 21.06 -31.68
N ILE F 865 31.81 20.02 -31.42
CA ILE F 865 32.63 19.47 -32.49
C ILE F 865 31.76 18.87 -33.58
N GLU F 866 30.92 17.89 -33.23
CA GLU F 866 30.17 17.17 -34.24
C GLU F 866 28.99 17.95 -34.79
N SER F 867 28.70 19.14 -34.26
CA SER F 867 27.62 19.93 -34.81
C SER F 867 28.09 21.17 -35.54
N VAL F 868 29.34 21.59 -35.35
CA VAL F 868 29.79 22.80 -36.03
C VAL F 868 31.02 22.52 -36.88
N ILE F 869 32.12 22.11 -36.24
CA ILE F 869 33.38 21.99 -36.97
C ILE F 869 33.47 20.71 -37.75
N MET F 870 32.55 19.78 -37.53
CA MET F 870 32.50 18.56 -38.32
C MET F 870 31.59 18.65 -39.51
N THR F 871 30.69 19.64 -39.54
CA THR F 871 29.73 19.71 -40.63
C THR F 871 30.41 20.15 -41.92
N LYS F 872 31.25 21.16 -41.85
CA LYS F 872 31.87 21.66 -43.06
C LYS F 872 33.03 20.83 -43.54
N PHE F 873 33.34 19.72 -42.87
CA PHE F 873 33.94 18.63 -43.62
C PHE F 873 32.93 18.10 -44.62
N ALA F 874 31.80 17.61 -44.11
CA ALA F 874 30.79 16.99 -44.96
C ALA F 874 30.10 18.00 -45.88
N ILE F 875 29.95 19.24 -45.42
CA ILE F 875 29.36 20.26 -46.28
C ILE F 875 30.30 20.58 -47.42
N MET F 876 31.59 20.75 -47.13
CA MET F 876 32.56 20.94 -48.20
C MET F 876 33.00 19.64 -48.83
N TYR F 877 32.39 18.51 -48.45
CA TYR F 877 32.72 17.26 -49.11
C TYR F 877 31.88 17.04 -50.35
N LEU F 878 30.57 17.32 -50.27
CA LEU F 878 29.76 17.22 -51.46
C LEU F 878 30.11 18.33 -52.44
N LYS F 879 30.44 19.50 -51.91
CA LYS F 879 31.16 20.50 -52.66
C LYS F 879 32.53 19.95 -53.03
N LYS F 880 33.05 20.40 -54.16
CA LYS F 880 34.19 19.72 -54.77
C LYS F 880 35.52 20.06 -54.12
N GLU F 881 35.55 20.92 -53.11
CA GLU F 881 36.82 21.40 -52.55
C GLU F 881 37.51 20.40 -51.66
N LEU F 882 36.94 19.21 -51.43
CA LEU F 882 37.60 18.19 -50.64
C LEU F 882 37.81 16.95 -51.50
N VAL F 883 39.03 16.84 -52.04
CA VAL F 883 39.52 15.56 -52.52
C VAL F 883 39.56 14.60 -51.34
N ASP F 884 39.28 13.32 -51.61
CA ASP F 884 39.23 12.29 -50.57
C ASP F 884 40.53 12.14 -49.79
N ASP F 885 41.67 12.52 -50.36
CA ASP F 885 42.94 12.35 -49.68
C ASP F 885 43.60 13.71 -49.54
N MET F 886 43.19 14.42 -48.50
CA MET F 886 43.80 15.67 -48.10
C MET F 886 44.29 15.51 -46.67
N ASP F 887 45.14 16.43 -46.26
CA ASP F 887 45.64 16.45 -44.89
C ASP F 887 45.11 17.72 -44.22
N VAL F 888 44.18 17.55 -43.29
CA VAL F 888 43.47 18.67 -42.69
C VAL F 888 44.20 19.12 -41.44
N PHE F 889 44.49 20.41 -41.37
CA PHE F 889 45.14 21.01 -40.21
C PHE F 889 44.30 22.19 -39.75
N VAL F 890 44.17 22.34 -38.44
CA VAL F 890 43.26 23.29 -37.82
C VAL F 890 44.06 24.30 -37.01
N ASP F 891 43.75 25.59 -37.17
CA ASP F 891 44.41 26.68 -36.45
C ASP F 891 43.51 27.90 -36.55
N TYR F 892 43.71 28.88 -35.66
CA TYR F 892 42.93 30.12 -35.68
C TYR F 892 43.80 31.33 -35.34
N ASN F 893 43.59 32.43 -36.07
CA ASN F 893 44.40 33.63 -35.93
C ASN F 893 43.80 34.65 -34.96
N SER F 894 42.71 34.28 -34.27
CA SER F 894 42.08 35.09 -33.21
C SER F 894 41.64 36.46 -33.71
N LYS F 895 41.03 36.48 -34.89
CA LYS F 895 40.42 37.70 -35.42
C LYS F 895 38.93 37.51 -35.63
N ALA F 896 38.32 36.60 -34.86
CA ALA F 896 37.17 35.79 -35.29
C ALA F 896 37.43 35.18 -36.66
N LYS F 897 38.68 34.79 -36.89
CA LYS F 897 39.18 34.30 -38.16
C LYS F 897 39.26 32.79 -38.02
N ASN F 898 39.12 32.11 -39.16
CA ASN F 898 38.50 30.80 -39.16
C ASN F 898 39.20 29.95 -40.22
N LEU F 899 40.20 29.18 -39.80
CA LEU F 899 41.15 28.58 -40.73
C LEU F 899 41.07 27.06 -40.67
N VAL F 900 40.96 26.44 -41.84
CA VAL F 900 41.19 25.02 -42.03
C VAL F 900 42.30 24.90 -43.06
N ILE F 901 43.41 24.27 -42.68
CA ILE F 901 44.59 24.20 -43.55
C ILE F 901 44.64 22.83 -44.19
N ASN F 902 44.82 22.80 -45.51
CA ASN F 902 44.67 21.58 -46.31
C ASN F 902 45.87 21.38 -47.23
N LEU F 903 46.80 20.52 -46.81
CA LEU F 903 47.87 20.07 -47.68
C LEU F 903 47.45 18.79 -48.39
N SER F 904 47.96 18.61 -49.61
CA SER F 904 47.66 17.40 -50.37
C SER F 904 48.69 16.32 -50.08
N LEU G 188 -9.51 -79.53 -6.00
CA LEU G 188 -8.74 -78.38 -5.54
C LEU G 188 -8.16 -77.60 -6.71
N TYR G 189 -8.19 -76.28 -6.62
CA TYR G 189 -7.57 -75.43 -7.63
C TYR G 189 -6.06 -75.54 -7.53
N ILE G 190 -5.39 -75.14 -8.62
CA ILE G 190 -3.92 -75.14 -8.71
C ILE G 190 -3.33 -74.30 -7.59
N GLU G 191 -3.92 -73.13 -7.31
CA GLU G 191 -3.82 -72.30 -6.12
C GLU G 191 -2.48 -71.53 -6.12
N GLN G 192 -1.54 -71.83 -7.00
CA GLN G 192 -0.27 -71.13 -7.05
C GLN G 192 -0.27 -70.03 -8.10
N PHE G 193 -1.45 -69.52 -8.47
CA PHE G 193 -1.52 -68.36 -9.35
C PHE G 193 -0.98 -67.12 -8.66
N GLY G 194 -1.03 -67.07 -7.34
CA GLY G 194 -0.20 -66.17 -6.58
C GLY G 194 0.89 -66.98 -5.93
N SER G 195 0.88 -67.06 -4.60
CA SER G 195 1.76 -67.96 -3.87
C SER G 195 1.09 -68.29 -2.55
N ASN G 196 1.16 -69.57 -2.17
CA ASN G 196 0.58 -70.01 -0.92
C ASN G 196 1.38 -69.48 0.26
N MET G 197 0.70 -69.29 1.38
CA MET G 197 1.32 -68.71 2.55
C MET G 197 1.35 -69.67 3.73
N ASN G 198 0.34 -70.53 3.86
CA ASN G 198 0.32 -71.51 4.93
C ASN G 198 1.43 -72.53 4.74
N GLU G 199 1.63 -72.99 3.51
CA GLU G 199 2.65 -73.99 3.22
C GLU G 199 4.07 -73.44 3.36
N LYS G 200 4.24 -72.13 3.21
CA LYS G 200 5.56 -71.55 3.42
C LYS G 200 5.93 -71.52 4.91
N VAL G 201 4.94 -71.40 5.79
CA VAL G 201 5.19 -71.49 7.22
C VAL G 201 5.23 -72.95 7.64
N ARG G 202 4.64 -73.85 6.83
CA ARG G 202 4.90 -75.27 7.00
C ARG G 202 6.34 -75.63 6.70
N ASN G 203 7.06 -74.80 5.94
CA ASN G 203 8.48 -74.99 5.70
C ASN G 203 9.36 -74.47 6.84
N GLY G 204 8.77 -74.08 7.96
CA GLY G 204 9.55 -73.63 9.09
C GLY G 204 10.21 -72.29 8.90
N LYS G 205 9.70 -71.48 7.98
CA LYS G 205 10.31 -70.17 7.74
C LYS G 205 9.94 -69.18 8.84
N LEU G 206 8.70 -69.18 9.26
CA LEU G 206 8.17 -68.14 10.12
C LEU G 206 7.74 -68.68 11.48
N GLN G 207 8.54 -69.57 12.04
CA GLN G 207 8.28 -70.06 13.38
C GLN G 207 8.81 -69.05 14.39
N GLY G 208 7.90 -68.45 15.14
CA GLY G 208 8.27 -67.43 16.09
C GLY G 208 8.00 -66.04 15.54
N ILE G 209 6.87 -65.46 15.92
CA ILE G 209 6.46 -64.14 15.48
C ILE G 209 6.03 -63.36 16.70
N TYR G 210 6.58 -62.16 16.87
CA TYR G 210 6.11 -61.30 17.95
C TYR G 210 4.70 -60.84 17.65
N GLY G 211 3.81 -61.11 18.58
CA GLY G 211 2.40 -60.87 18.35
C GLY G 211 1.98 -59.46 18.68
N ARG G 212 0.76 -59.14 18.25
CA ARG G 212 0.18 -57.83 18.48
C ARG G 212 -1.33 -58.08 18.64
N ASP G 213 -1.74 -58.32 19.89
CA ASP G 213 -2.94 -59.11 20.13
C ASP G 213 -4.21 -58.33 19.85
N GLU G 214 -4.23 -57.04 20.17
CA GLU G 214 -5.40 -56.23 19.90
C GLU G 214 -5.54 -55.88 18.42
N GLU G 215 -4.52 -56.17 17.62
CA GLU G 215 -4.56 -55.93 16.19
C GLU G 215 -4.88 -57.19 15.40
N ILE G 216 -4.38 -58.34 15.85
CA ILE G 216 -4.63 -59.61 15.18
C ILE G 216 -6.11 -59.97 15.25
N ARG G 217 -6.73 -59.79 16.43
CA ARG G 217 -8.11 -60.17 16.64
C ARG G 217 -9.08 -59.28 15.87
N ALA G 218 -8.64 -58.08 15.49
CA ALA G 218 -9.43 -57.26 14.58
C ALA G 218 -9.62 -57.98 13.25
N ILE G 219 -8.56 -58.60 12.74
CA ILE G 219 -8.67 -59.35 11.51
C ILE G 219 -9.39 -60.67 11.75
N ILE G 220 -9.21 -61.26 12.94
CA ILE G 220 -9.94 -62.48 13.29
C ILE G 220 -11.43 -62.20 13.36
N GLU G 221 -11.81 -61.09 13.96
CA GLU G 221 -13.20 -60.70 13.98
C GLU G 221 -13.62 -59.97 12.72
N SER G 222 -12.70 -59.69 11.81
CA SER G 222 -13.10 -59.11 10.53
C SER G 222 -13.86 -60.12 9.69
N LEU G 223 -13.44 -61.38 9.75
CA LEU G 223 -13.95 -62.41 8.85
C LEU G 223 -15.13 -63.16 9.44
N LEU G 224 -15.71 -62.68 10.53
CA LEU G 224 -16.77 -63.39 11.22
C LEU G 224 -18.07 -62.61 11.25
N ARG G 225 -18.36 -61.84 10.21
CA ARG G 225 -19.59 -61.09 10.14
C ARG G 225 -20.43 -61.57 8.95
N TYR G 226 -21.66 -61.07 8.89
CA TYR G 226 -22.49 -61.22 7.70
C TYR G 226 -22.26 -60.10 6.72
N ASN G 227 -21.31 -59.22 7.04
CA ASN G 227 -20.89 -58.10 6.21
C ASN G 227 -19.97 -58.56 5.10
N LYS G 228 -19.21 -57.60 4.58
CA LYS G 228 -18.17 -57.83 3.60
C LYS G 228 -17.18 -58.94 4.00
N ASN G 229 -16.87 -59.05 5.31
CA ASN G 229 -15.71 -59.76 5.82
C ASN G 229 -14.46 -59.40 5.01
N SER G 230 -14.16 -58.11 4.95
CA SER G 230 -13.12 -57.58 4.08
C SER G 230 -12.29 -56.52 4.79
N PRO G 231 -11.29 -56.91 5.55
CA PRO G 231 -10.40 -55.93 6.17
C PRO G 231 -9.32 -55.45 5.24
N VAL G 232 -8.82 -54.25 5.52
CA VAL G 232 -7.66 -53.68 4.87
C VAL G 232 -6.74 -53.14 5.95
N LEU G 233 -5.46 -53.50 5.89
CA LEU G 233 -4.47 -52.90 6.78
C LEU G 233 -4.01 -51.57 6.18
N VAL G 234 -4.80 -50.54 6.44
CA VAL G 234 -4.35 -49.17 6.24
C VAL G 234 -3.44 -48.80 7.39
N GLY G 235 -2.31 -48.17 7.09
CA GLY G 235 -1.44 -47.75 8.18
C GLY G 235 -0.11 -47.26 7.69
N ASN G 236 0.80 -47.17 8.65
CA ASN G 236 2.10 -46.56 8.48
C ASN G 236 2.97 -47.41 7.55
N PRO G 237 3.63 -46.81 6.56
CA PRO G 237 4.47 -47.63 5.64
C PRO G 237 5.62 -48.34 6.31
N GLY G 238 6.28 -47.71 7.27
CA GLY G 238 7.40 -48.35 7.93
C GLY G 238 7.01 -49.50 8.84
N THR G 239 5.79 -49.49 9.36
CA THR G 239 5.35 -50.53 10.26
C THR G 239 5.06 -51.82 9.51
N GLY G 240 4.68 -52.84 10.27
CA GLY G 240 4.44 -54.15 9.68
C GLY G 240 3.16 -54.16 8.87
N LYS G 241 3.24 -54.61 7.60
CA LYS G 241 1.95 -54.98 7.02
C LYS G 241 1.82 -56.49 6.86
N THR G 242 2.73 -57.10 6.12
CA THR G 242 2.62 -58.53 5.84
C THR G 242 2.88 -59.38 7.06
N THR G 243 3.70 -58.91 8.00
CA THR G 243 4.08 -59.75 9.13
C THR G 243 2.97 -59.89 10.15
N ILE G 244 2.07 -58.90 10.25
CA ILE G 244 0.86 -59.10 11.03
C ILE G 244 0.00 -60.17 10.37
N VAL G 245 -0.05 -60.16 9.04
CA VAL G 245 -0.74 -61.22 8.32
C VAL G 245 0.07 -62.52 8.40
N GLU G 246 1.40 -62.43 8.42
CA GLU G 246 2.19 -63.61 8.76
C GLU G 246 1.92 -64.06 10.18
N GLY G 247 1.65 -63.10 11.08
CA GLY G 247 1.26 -63.43 12.43
C GLY G 247 -0.06 -64.16 12.53
N LEU G 248 -0.93 -64.03 11.53
CA LEU G 248 -2.15 -64.83 11.51
C LEU G 248 -1.84 -66.30 11.27
N VAL G 249 -0.88 -66.58 10.40
CA VAL G 249 -0.63 -67.94 9.95
C VAL G 249 -0.06 -68.78 11.08
N TYR G 250 0.86 -68.20 11.85
CA TYR G 250 1.41 -68.89 13.00
C TYR G 250 0.37 -69.13 14.09
N ARG G 251 -0.69 -68.31 14.14
CA ARG G 251 -1.80 -68.61 15.04
C ARG G 251 -2.61 -69.80 14.54
N ILE G 252 -2.59 -70.05 13.24
CA ILE G 252 -3.38 -71.14 12.67
C ILE G 252 -2.67 -72.48 12.87
N GLU G 253 -1.37 -72.54 12.57
CA GLU G 253 -0.64 -73.79 12.66
C GLU G 253 -0.50 -74.25 14.10
N LYS G 254 -0.40 -73.32 15.03
CA LYS G 254 -0.45 -73.71 16.43
C LYS G 254 -1.87 -73.85 16.93
N GLY G 255 -2.87 -73.60 16.09
CA GLY G 255 -4.26 -73.79 16.46
C GLY G 255 -4.82 -72.75 17.40
N ASP G 256 -4.15 -71.62 17.57
CA ASP G 256 -4.63 -70.56 18.46
C ASP G 256 -5.60 -69.63 17.75
N VAL G 257 -6.63 -70.22 17.16
CA VAL G 257 -7.65 -69.51 16.39
C VAL G 257 -9.00 -70.00 16.90
N PRO G 258 -10.07 -69.24 16.68
CA PRO G 258 -11.40 -69.77 17.00
C PRO G 258 -11.78 -70.93 16.09
N LYS G 259 -12.78 -71.69 16.56
CA LYS G 259 -13.18 -72.93 15.90
C LYS G 259 -13.70 -72.69 14.48
N GLU G 260 -14.32 -71.55 14.25
CA GLU G 260 -14.88 -71.24 12.94
C GLU G 260 -13.83 -70.84 11.92
N LEU G 261 -12.61 -70.53 12.35
CA LEU G 261 -11.58 -70.07 11.44
C LEU G 261 -10.41 -71.03 11.35
N GLN G 262 -10.63 -72.30 11.63
CA GLN G 262 -9.52 -73.23 11.66
C GLN G 262 -9.19 -73.72 10.26
N GLY G 263 -7.90 -73.97 10.04
CA GLY G 263 -7.40 -74.55 8.81
C GLY G 263 -7.09 -73.59 7.69
N TYR G 264 -7.88 -72.51 7.54
CA TYR G 264 -7.95 -71.68 6.34
C TYR G 264 -6.59 -71.11 5.93
N THR G 265 -6.24 -71.30 4.66
CA THR G 265 -4.89 -71.02 4.18
C THR G 265 -4.83 -69.66 3.51
N VAL G 266 -3.84 -68.87 3.87
CA VAL G 266 -3.65 -67.55 3.29
C VAL G 266 -3.07 -67.71 1.89
N ILE G 267 -3.61 -66.98 0.94
CA ILE G 267 -3.15 -67.04 -0.44
C ILE G 267 -2.71 -65.63 -0.84
N SER G 268 -1.42 -65.46 -1.05
CA SER G 268 -0.91 -64.19 -1.56
C SER G 268 -1.12 -64.12 -3.07
N LEU G 269 -0.93 -62.93 -3.62
CA LEU G 269 -1.27 -62.64 -5.01
C LEU G 269 -0.13 -61.88 -5.69
N ASN G 270 0.78 -62.60 -6.33
CA ASN G 270 1.94 -62.01 -6.96
C ASN G 270 1.66 -61.64 -8.40
N PHE G 271 2.05 -60.41 -8.77
CA PHE G 271 1.84 -59.88 -10.11
C PHE G 271 2.86 -60.37 -11.12
N ARG G 272 3.61 -61.42 -10.76
CA ARG G 272 4.30 -62.25 -11.73
C ARG G 272 3.33 -62.91 -12.70
N LYS G 273 2.09 -63.17 -12.26
CA LYS G 273 1.13 -63.93 -13.05
C LYS G 273 -0.14 -63.17 -13.44
N PHE G 274 -0.38 -61.97 -12.90
CA PHE G 274 -1.61 -61.27 -13.26
C PHE G 274 -1.50 -60.60 -14.62
N THR G 275 -0.44 -59.83 -14.83
CA THR G 275 -0.28 -59.16 -16.11
C THR G 275 0.23 -60.10 -17.19
N SER G 276 0.94 -61.17 -16.80
CA SER G 276 1.56 -62.05 -17.78
C SER G 276 0.57 -63.01 -18.41
N GLY G 277 -0.55 -63.28 -17.77
CA GLY G 277 -1.55 -64.13 -18.40
C GLY G 277 -2.41 -63.45 -19.44
N THR G 278 -2.23 -62.14 -19.65
CA THR G 278 -3.08 -61.36 -20.55
C THR G 278 -2.74 -61.71 -21.98
N SER G 279 -3.34 -62.81 -22.45
CA SER G 279 -3.25 -63.15 -23.87
C SER G 279 -4.37 -62.52 -24.67
N TYR G 280 -5.54 -62.37 -24.06
CA TYR G 280 -6.66 -61.63 -24.64
C TYR G 280 -7.40 -60.91 -23.52
N ARG G 281 -8.36 -60.08 -23.90
CA ARG G 281 -9.10 -59.30 -22.92
C ARG G 281 -10.04 -60.19 -22.10
N GLY G 282 -10.78 -61.05 -22.78
CA GLY G 282 -11.72 -61.92 -22.07
C GLY G 282 -11.02 -62.97 -21.23
N GLU G 283 -9.85 -63.44 -21.69
CA GLU G 283 -9.14 -64.50 -21.00
C GLU G 283 -8.54 -64.07 -19.68
N PHE G 284 -8.43 -62.76 -19.44
CA PHE G 284 -8.00 -62.27 -18.14
C PHE G 284 -9.04 -62.57 -17.07
N GLU G 285 -10.32 -62.27 -17.36
CA GLU G 285 -11.36 -62.43 -16.36
C GLU G 285 -11.75 -63.89 -16.17
N THR G 286 -11.57 -64.72 -17.21
CA THR G 286 -11.89 -66.14 -17.10
C THR G 286 -11.00 -66.85 -16.11
N ARG G 287 -9.75 -66.39 -15.96
CA ARG G 287 -8.89 -66.91 -14.91
C ARG G 287 -9.46 -66.56 -13.55
N MET G 288 -9.98 -65.34 -13.40
CA MET G 288 -10.68 -64.96 -12.18
C MET G 288 -11.99 -65.73 -12.03
N LYS G 289 -12.68 -66.00 -13.15
CA LYS G 289 -13.92 -66.77 -13.12
C LYS G 289 -13.67 -68.18 -12.62
N ASN G 290 -12.54 -68.77 -13.01
CA ASN G 290 -12.16 -70.07 -12.45
C ASN G 290 -11.83 -69.96 -10.97
N ILE G 291 -11.36 -68.79 -10.55
CA ILE G 291 -11.05 -68.59 -9.14
C ILE G 291 -12.31 -68.32 -8.34
N ILE G 292 -13.11 -67.33 -8.77
CA ILE G 292 -14.21 -66.81 -7.97
C ILE G 292 -15.33 -67.84 -7.80
N LYS G 293 -15.59 -68.64 -8.84
CA LYS G 293 -16.57 -69.73 -8.72
C LYS G 293 -16.10 -70.78 -7.73
N GLU G 294 -14.80 -71.01 -7.67
CA GLU G 294 -14.22 -71.85 -6.63
C GLU G 294 -13.80 -71.04 -5.41
N LEU G 295 -14.22 -69.77 -5.32
CA LEU G 295 -14.10 -69.03 -4.07
C LEU G 295 -15.38 -69.02 -3.25
N LYS G 296 -16.48 -69.50 -3.81
CA LYS G 296 -17.77 -69.49 -3.11
C LYS G 296 -18.23 -70.89 -2.74
N ASN G 297 -18.37 -71.77 -3.72
CA ASN G 297 -18.84 -73.13 -3.50
C ASN G 297 -17.77 -74.05 -2.94
N LYS G 298 -16.57 -73.53 -2.66
CA LYS G 298 -15.51 -74.38 -2.14
C LYS G 298 -15.79 -74.76 -0.70
N LYS G 299 -16.00 -73.76 0.17
CA LYS G 299 -16.27 -73.93 1.60
C LYS G 299 -15.16 -74.72 2.28
N ASN G 300 -13.93 -74.47 1.84
CA ASN G 300 -12.74 -75.15 2.34
C ASN G 300 -11.80 -74.03 2.78
N LYS G 301 -10.53 -74.38 2.97
CA LYS G 301 -9.51 -73.41 3.40
C LYS G 301 -9.32 -72.28 2.40
N ILE G 302 -9.75 -71.07 2.76
CA ILE G 302 -9.75 -69.97 1.82
C ILE G 302 -9.51 -68.62 2.50
N ILE G 303 -8.36 -68.01 2.21
CA ILE G 303 -8.01 -66.67 2.68
C ILE G 303 -7.25 -65.99 1.55
N LEU G 304 -7.75 -64.85 1.09
CA LEU G 304 -7.10 -64.11 0.01
C LEU G 304 -6.26 -62.99 0.59
N PHE G 305 -5.08 -62.79 0.03
CA PHE G 305 -4.19 -61.74 0.52
C PHE G 305 -3.63 -60.91 -0.63
N VAL G 306 -3.60 -59.60 -0.43
CA VAL G 306 -3.01 -58.65 -1.36
C VAL G 306 -1.88 -57.95 -0.64
N ASP G 307 -0.71 -57.86 -1.29
CA ASP G 307 0.38 -57.04 -0.77
C ASP G 307 -0.02 -55.57 -0.71
N GLU G 308 -0.30 -54.97 -1.87
CA GLU G 308 -0.65 -53.57 -1.96
C GLU G 308 -1.82 -53.42 -2.92
N ILE G 309 -2.94 -52.89 -2.41
CA ILE G 309 -4.14 -52.74 -3.21
C ILE G 309 -4.01 -51.60 -4.21
N HIS G 310 -2.98 -50.76 -4.06
CA HIS G 310 -2.75 -49.66 -4.98
C HIS G 310 -2.46 -50.14 -6.40
N LEU G 311 -1.94 -51.36 -6.55
CA LEU G 311 -1.82 -51.95 -7.87
C LEU G 311 -3.14 -52.50 -8.39
N LEU G 312 -4.11 -52.76 -7.50
CA LEU G 312 -5.37 -53.34 -7.95
C LEU G 312 -6.33 -52.27 -8.43
N LEU G 313 -6.71 -51.36 -7.55
CA LEU G 313 -7.77 -50.42 -7.84
C LEU G 313 -7.29 -49.00 -8.06
N GLY G 314 -6.08 -48.67 -7.63
CA GLY G 314 -5.56 -47.34 -7.86
C GLY G 314 -4.95 -47.19 -9.24
N ALA G 315 -3.94 -48.02 -9.53
CA ALA G 315 -3.21 -47.91 -10.78
C ALA G 315 -3.81 -48.83 -11.83
N GLY G 316 -3.68 -48.43 -13.09
CA GLY G 316 -4.13 -49.27 -14.19
C GLY G 316 -5.02 -48.54 -15.16
N LYS G 317 -4.72 -48.71 -16.45
CA LYS G 317 -5.63 -48.31 -17.50
C LYS G 317 -6.89 -49.17 -17.44
N ALA G 318 -8.03 -48.57 -17.84
CA ALA G 318 -9.32 -49.24 -17.73
C ALA G 318 -9.40 -50.49 -18.60
N GLU G 319 -8.67 -50.52 -19.71
CA GLU G 319 -8.54 -51.72 -20.52
C GLU G 319 -7.21 -52.44 -20.31
N GLY G 320 -6.30 -51.86 -19.54
CA GLY G 320 -5.03 -52.48 -19.27
C GLY G 320 -5.03 -53.55 -18.21
N GLY G 321 -6.20 -53.88 -17.64
CA GLY G 321 -6.27 -54.92 -16.65
C GLY G 321 -7.18 -54.57 -15.48
N THR G 322 -6.63 -54.58 -14.27
CA THR G 322 -7.40 -54.26 -13.08
C THR G 322 -7.55 -52.75 -12.96
N ASP G 323 -8.79 -52.27 -12.97
CA ASP G 323 -9.09 -50.85 -12.84
C ASP G 323 -10.09 -50.61 -11.73
N ALA G 324 -10.64 -49.40 -11.65
CA ALA G 324 -11.72 -49.12 -10.70
C ALA G 324 -13.01 -49.84 -11.07
N ALA G 325 -13.17 -50.23 -12.33
CA ALA G 325 -14.30 -51.01 -12.81
C ALA G 325 -14.03 -52.51 -12.76
N ASN G 326 -13.20 -52.95 -11.82
CA ASN G 326 -12.88 -54.37 -11.62
C ASN G 326 -14.14 -55.12 -11.18
N LEU G 327 -14.07 -56.45 -11.28
CA LEU G 327 -15.12 -57.35 -10.82
C LEU G 327 -15.32 -57.31 -9.31
N LEU G 328 -16.32 -58.05 -8.83
CA LEU G 328 -16.60 -58.32 -7.42
C LEU G 328 -16.97 -57.06 -6.64
N LYS G 329 -17.39 -56.00 -7.33
CA LYS G 329 -17.82 -54.81 -6.60
C LYS G 329 -19.13 -55.04 -5.82
N PRO G 330 -20.20 -55.63 -6.39
CA PRO G 330 -21.34 -55.95 -5.53
C PRO G 330 -21.17 -57.26 -4.78
N VAL G 331 -20.21 -58.09 -5.17
CA VAL G 331 -20.10 -59.42 -4.59
C VAL G 331 -19.38 -59.36 -3.25
N LEU G 332 -18.33 -58.54 -3.16
CA LEU G 332 -17.53 -58.48 -1.94
C LEU G 332 -18.27 -57.85 -0.77
N SER G 333 -19.37 -57.15 -1.01
CA SER G 333 -20.23 -56.71 0.09
C SER G 333 -20.87 -57.90 0.80
N LYS G 334 -21.17 -58.95 0.06
CA LYS G 334 -21.69 -60.18 0.63
C LYS G 334 -20.58 -60.94 1.33
N GLY G 335 -20.98 -61.78 2.29
CA GLY G 335 -20.02 -62.55 3.06
C GLY G 335 -19.64 -63.88 2.45
N GLU G 336 -19.40 -63.89 1.15
CA GLU G 336 -19.06 -65.12 0.44
C GLU G 336 -17.59 -65.22 0.08
N ILE G 337 -16.83 -64.12 0.19
CA ILE G 337 -15.41 -64.11 -0.12
C ILE G 337 -14.67 -63.47 1.05
N LYS G 338 -13.57 -64.09 1.49
CA LYS G 338 -12.74 -63.57 2.56
C LYS G 338 -11.40 -63.13 1.99
N LEU G 339 -11.14 -61.82 2.01
CA LEU G 339 -9.84 -61.31 1.60
C LEU G 339 -9.27 -60.45 2.72
N ILE G 340 -7.95 -60.26 2.70
CA ILE G 340 -7.25 -59.37 3.61
C ILE G 340 -6.25 -58.55 2.80
N GLY G 341 -6.33 -57.23 2.89
CA GLY G 341 -5.46 -56.36 2.14
C GLY G 341 -4.64 -55.43 3.03
N ALA G 342 -3.71 -54.71 2.39
CA ALA G 342 -2.80 -53.84 3.12
C ALA G 342 -2.35 -52.70 2.22
N THR G 343 -2.41 -51.47 2.74
CA THR G 343 -1.97 -50.29 2.01
C THR G 343 -1.22 -49.36 2.95
N THR G 344 -0.58 -48.36 2.36
CA THR G 344 -0.02 -47.26 3.09
C THR G 344 -0.97 -46.07 3.03
N ILE G 345 -0.98 -45.26 4.09
CA ILE G 345 -1.94 -44.17 4.23
C ILE G 345 -1.75 -43.14 3.15
N ALA G 346 -0.48 -42.78 2.87
CA ALA G 346 -0.15 -41.60 2.07
C ALA G 346 -0.58 -41.73 0.62
N GLU G 347 -0.87 -42.94 0.15
CA GLU G 347 -1.48 -43.15 -1.15
C GLU G 347 -2.89 -43.69 -1.04
N TYR G 348 -3.35 -44.03 0.16
CA TYR G 348 -4.66 -44.64 0.35
C TYR G 348 -5.80 -43.67 0.05
N ARG G 349 -5.53 -42.36 0.07
CA ARG G 349 -6.52 -41.36 -0.32
C ARG G 349 -6.92 -41.47 -1.79
N LYS G 350 -6.14 -42.18 -2.61
CA LYS G 350 -6.54 -42.45 -3.98
C LYS G 350 -7.79 -43.32 -4.04
N PHE G 351 -7.98 -44.22 -3.08
CA PHE G 351 -9.19 -45.03 -3.06
C PHE G 351 -10.41 -44.21 -2.71
N ILE G 352 -10.24 -43.17 -1.90
CA ILE G 352 -11.29 -42.19 -1.70
C ILE G 352 -11.55 -41.43 -3.00
N GLU G 353 -10.49 -41.07 -3.70
CA GLU G 353 -10.60 -40.25 -4.90
C GLU G 353 -10.66 -41.05 -6.20
N SER G 354 -10.68 -42.38 -6.12
CA SER G 354 -10.89 -43.15 -7.35
C SER G 354 -12.32 -43.03 -7.83
N CYS G 355 -13.26 -43.50 -7.04
CA CYS G 355 -14.68 -43.34 -7.36
C CYS G 355 -15.53 -43.03 -6.14
N SER G 356 -14.94 -42.99 -4.94
CA SER G 356 -15.64 -42.76 -3.66
C SER G 356 -16.76 -43.77 -3.43
N ALA G 357 -16.51 -45.01 -3.84
CA ALA G 357 -17.49 -46.06 -3.66
C ALA G 357 -16.91 -47.32 -3.04
N PHE G 358 -15.59 -47.41 -2.88
CA PHE G 358 -14.97 -48.49 -2.13
C PHE G 358 -14.83 -48.16 -0.65
N GLU G 359 -15.38 -47.02 -0.22
CA GLU G 359 -15.24 -46.57 1.16
C GLU G 359 -15.98 -47.49 2.11
N ARG G 360 -17.26 -47.72 1.84
CA ARG G 360 -18.01 -48.70 2.62
C ARG G 360 -17.74 -50.13 2.20
N ARG G 361 -16.85 -50.36 1.26
CA ARG G 361 -16.58 -51.71 0.79
C ARG G 361 -15.39 -52.33 1.48
N PHE G 362 -14.73 -51.60 2.37
CA PHE G 362 -13.57 -52.10 3.07
C PHE G 362 -13.58 -51.55 4.48
N GLU G 363 -12.83 -52.18 5.37
CA GLU G 363 -12.74 -51.78 6.76
C GLU G 363 -11.34 -51.28 7.03
N LYS G 364 -11.21 -49.97 7.23
CA LYS G 364 -9.91 -49.34 7.42
C LYS G 364 -9.41 -49.71 8.81
N ILE G 365 -8.76 -50.85 8.92
CA ILE G 365 -8.19 -51.24 10.20
C ILE G 365 -6.81 -50.59 10.32
N LEU G 366 -6.69 -49.63 11.23
CA LEU G 366 -5.49 -48.82 11.30
C LEU G 366 -4.37 -49.56 12.01
N VAL G 367 -3.15 -49.31 11.55
CA VAL G 367 -1.96 -49.92 12.10
C VAL G 367 -1.11 -48.83 12.71
N GLU G 368 -1.09 -48.78 14.04
CA GLU G 368 -0.35 -47.79 14.77
C GLU G 368 1.16 -48.07 14.67
N PRO G 369 2.00 -47.06 14.90
CA PRO G 369 3.43 -47.33 15.04
C PRO G 369 3.71 -48.16 16.29
N PRO G 370 4.80 -48.92 16.30
CA PRO G 370 4.95 -49.95 17.33
C PRO G 370 5.52 -49.47 18.66
N SER G 371 5.51 -48.15 18.93
CA SER G 371 5.57 -47.61 20.30
C SER G 371 6.82 -47.99 21.08
N VAL G 372 7.92 -47.28 20.83
CA VAL G 372 9.34 -47.63 21.01
C VAL G 372 9.68 -48.54 22.17
N ASP G 373 9.06 -48.30 23.34
CA ASP G 373 9.28 -49.16 24.49
C ASP G 373 8.80 -50.59 24.24
N MET G 374 7.83 -50.77 23.35
CA MET G 374 7.46 -52.13 22.95
C MET G 374 8.42 -52.69 21.91
N THR G 375 9.08 -51.83 21.14
CA THR G 375 10.04 -52.32 20.16
C THR G 375 11.31 -52.81 20.82
N VAL G 376 11.58 -52.37 22.05
CA VAL G 376 12.63 -52.98 22.86
C VAL G 376 12.34 -54.47 23.03
N LYS G 377 11.07 -54.80 23.28
CA LYS G 377 10.68 -56.19 23.40
C LYS G 377 10.73 -56.89 22.05
N ILE G 378 10.61 -56.16 20.95
CA ILE G 378 10.67 -56.78 19.64
C ILE G 378 12.10 -57.19 19.31
N LEU G 379 13.03 -56.24 19.42
CA LEU G 379 14.41 -56.53 19.04
C LEU G 379 15.08 -57.46 20.02
N ARG G 380 14.63 -57.47 21.27
CA ARG G 380 15.13 -58.47 22.19
C ARG G 380 14.62 -59.86 21.81
N SER G 381 13.42 -59.92 21.24
CA SER G 381 12.88 -61.19 20.75
C SER G 381 13.48 -61.60 19.42
N LEU G 382 14.30 -60.77 18.80
CA LEU G 382 14.89 -61.10 17.51
C LEU G 382 16.39 -61.31 17.58
N LYS G 383 16.95 -61.41 18.79
CA LYS G 383 18.37 -61.72 18.94
C LYS G 383 18.70 -63.09 18.40
N SER G 384 17.77 -64.03 18.52
CA SER G 384 18.01 -65.41 18.13
C SER G 384 18.20 -65.54 16.62
N LYS G 385 17.50 -64.73 15.84
CA LYS G 385 17.60 -64.86 14.39
C LYS G 385 18.94 -64.36 13.87
N TYR G 386 19.56 -63.43 14.57
CA TYR G 386 20.81 -62.85 14.12
C TYR G 386 22.02 -63.47 14.77
N GLU G 387 21.92 -63.84 16.03
CA GLU G 387 23.02 -64.54 16.66
C GLU G 387 23.18 -65.95 16.10
N ASN G 388 22.08 -66.55 15.61
CA ASN G 388 22.23 -67.77 14.83
C ASN G 388 22.68 -67.49 13.41
N PHE G 389 22.52 -66.25 12.94
CA PHE G 389 22.83 -65.97 11.55
C PHE G 389 24.33 -65.93 11.32
N TYR G 390 25.07 -65.29 12.21
CA TYR G 390 26.51 -65.16 12.00
C TYR G 390 27.36 -65.33 13.25
N GLY G 391 26.79 -65.33 14.45
CA GLY G 391 27.46 -65.85 15.63
C GLY G 391 27.79 -64.84 16.71
N ILE G 392 27.90 -63.57 16.37
CA ILE G 392 28.36 -62.58 17.35
C ILE G 392 27.22 -62.22 18.28
N ASN G 393 27.48 -62.30 19.58
CA ASN G 393 26.48 -61.92 20.56
C ASN G 393 26.27 -60.41 20.55
N ILE G 394 25.06 -60.02 20.90
CA ILE G 394 24.66 -58.61 20.96
C ILE G 394 24.26 -58.31 22.39
N THR G 395 24.85 -57.26 22.96
CA THR G 395 24.39 -56.82 24.26
C THR G 395 23.03 -56.17 24.14
N ASP G 396 22.24 -56.29 25.20
CA ASP G 396 20.93 -55.64 25.21
C ASP G 396 21.03 -54.13 25.20
N LYS G 397 22.16 -53.59 25.65
CA LYS G 397 22.35 -52.14 25.63
C LYS G 397 22.42 -51.62 24.20
N ALA G 398 23.03 -52.39 23.31
CA ALA G 398 23.03 -52.04 21.90
C ALA G 398 21.61 -52.11 21.33
N LEU G 399 20.79 -53.02 21.83
CA LEU G 399 19.39 -53.03 21.42
C LEU G 399 18.63 -51.84 21.98
N VAL G 400 18.89 -51.49 23.24
CA VAL G 400 18.29 -50.29 23.81
C VAL G 400 18.82 -49.06 23.10
N ALA G 401 20.08 -49.09 22.67
CA ALA G 401 20.58 -48.03 21.82
C ALA G 401 20.00 -48.11 20.42
N ALA G 402 19.56 -49.29 19.98
CA ALA G 402 19.04 -49.40 18.63
C ALA G 402 17.67 -48.75 18.49
N ALA G 403 16.97 -48.55 19.60
CA ALA G 403 15.69 -47.86 19.54
C ALA G 403 15.83 -46.38 19.83
N LYS G 404 16.72 -46.01 20.75
CA LYS G 404 16.85 -44.61 21.13
C LYS G 404 17.46 -43.77 20.02
N ILE G 405 18.31 -44.36 19.18
CA ILE G 405 18.85 -43.63 18.05
C ILE G 405 17.77 -43.41 17.00
N SER G 406 16.83 -44.35 16.89
CA SER G 406 15.75 -44.22 15.93
C SER G 406 14.79 -43.10 16.26
N ASP G 407 14.76 -42.63 17.50
CA ASP G 407 13.83 -41.57 17.88
C ASP G 407 14.42 -40.19 17.63
N ARG G 408 15.51 -39.88 18.32
CA ARG G 408 16.05 -38.53 18.35
C ARG G 408 16.68 -38.14 17.01
N PHE G 409 17.00 -39.10 16.15
CA PHE G 409 17.93 -38.81 15.06
C PHE G 409 17.34 -39.02 13.67
N ILE G 410 16.79 -40.19 13.35
CA ILE G 410 16.16 -40.37 12.04
C ILE G 410 14.67 -40.11 12.20
N LYS G 411 14.09 -39.34 11.29
CA LYS G 411 12.70 -38.93 11.46
C LYS G 411 11.79 -39.26 10.30
N ASP G 412 12.29 -39.37 9.06
CA ASP G 412 11.36 -39.60 7.97
C ASP G 412 10.92 -41.07 7.89
N ARG G 413 11.84 -42.00 8.10
CA ARG G 413 11.47 -43.39 8.20
C ARG G 413 10.82 -43.67 9.55
N TYR G 414 10.26 -44.85 9.68
CA TYR G 414 9.43 -45.17 10.84
C TYR G 414 10.05 -46.27 11.66
N LEU G 415 9.44 -46.51 12.82
CA LEU G 415 10.14 -47.09 13.97
C LEU G 415 10.71 -48.50 13.75
N PRO G 416 9.93 -49.53 13.36
CA PRO G 416 10.52 -50.88 13.37
C PRO G 416 11.51 -51.11 12.25
N ASP G 417 11.40 -50.38 11.13
CA ASP G 417 12.45 -50.44 10.12
C ASP G 417 13.72 -49.77 10.61
N LYS G 418 13.59 -48.61 11.26
CA LYS G 418 14.75 -47.97 11.87
C LYS G 418 15.31 -48.79 13.01
N ALA G 419 14.46 -49.58 13.65
CA ALA G 419 14.92 -50.47 14.71
C ALA G 419 15.79 -51.58 14.17
N ILE G 420 15.51 -52.06 12.97
CA ILE G 420 16.15 -53.27 12.47
C ILE G 420 17.33 -52.88 11.58
N ASP G 421 17.19 -51.80 10.83
CA ASP G 421 18.23 -51.42 9.89
C ASP G 421 19.47 -50.87 10.57
N LEU G 422 19.36 -50.37 11.80
CA LEU G 422 20.57 -50.08 12.56
C LEU G 422 21.25 -51.36 13.00
N LEU G 423 20.48 -52.39 13.30
CA LEU G 423 21.07 -53.65 13.75
C LEU G 423 21.68 -54.42 12.61
N ASN G 424 21.03 -54.44 11.44
CA ASN G 424 21.55 -55.19 10.30
C ASN G 424 22.88 -54.64 9.84
N LYS G 425 23.05 -53.33 9.96
CA LYS G 425 24.36 -52.77 9.71
C LYS G 425 25.29 -53.07 10.87
N ALA G 426 24.77 -53.04 12.10
CA ALA G 426 25.59 -53.42 13.24
C ALA G 426 25.87 -54.92 13.26
N CYS G 427 25.00 -55.71 12.63
CA CYS G 427 25.37 -57.08 12.31
C CYS G 427 26.60 -57.11 11.43
N SER G 428 26.49 -56.51 10.25
CA SER G 428 27.54 -56.64 9.27
C SER G 428 28.75 -55.78 9.57
N PHE G 429 28.64 -54.87 10.54
CA PHE G 429 29.81 -54.08 10.90
C PHE G 429 30.86 -54.92 11.58
N LEU G 430 30.44 -55.93 12.33
CA LEU G 430 31.38 -56.79 13.01
C LEU G 430 31.57 -58.12 12.32
N GLN G 431 30.76 -58.43 11.30
CA GLN G 431 30.99 -59.63 10.50
C GLN G 431 32.30 -59.52 9.74
N VAL G 432 32.43 -58.46 8.93
CA VAL G 432 33.60 -58.30 8.09
C VAL G 432 34.84 -58.04 8.92
N GLN G 433 34.69 -57.36 10.05
CA GLN G 433 35.86 -56.99 10.84
C GLN G 433 36.44 -58.19 11.58
N LEU G 434 35.59 -59.07 12.12
CA LEU G 434 36.14 -60.21 12.81
C LEU G 434 36.56 -61.31 11.84
N SER G 435 35.70 -61.64 10.88
CA SER G 435 36.03 -62.67 9.91
C SER G 435 37.11 -62.23 8.93
N GLY G 436 37.41 -60.94 8.85
CA GLY G 436 38.53 -60.44 8.08
C GLY G 436 39.46 -59.64 8.96
N LYS G 437 40.11 -58.67 8.35
CA LYS G 437 40.96 -57.75 9.09
C LYS G 437 40.10 -56.68 9.76
N PRO G 438 40.50 -56.19 10.93
CA PRO G 438 39.78 -55.07 11.54
C PRO G 438 40.06 -53.76 10.80
N ARG G 439 39.30 -52.73 11.19
CA ARG G 439 39.21 -51.51 10.37
C ARG G 439 40.53 -50.75 10.33
N ILE G 440 41.20 -50.63 11.48
CA ILE G 440 42.39 -49.78 11.58
C ILE G 440 43.52 -50.31 10.70
N ILE G 441 43.67 -51.63 10.65
CA ILE G 441 44.84 -52.22 10.03
C ILE G 441 44.80 -52.05 8.51
N ASP G 442 43.65 -52.40 7.90
CA ASP G 442 43.51 -52.40 6.44
C ASP G 442 43.65 -51.01 5.86
N VAL G 443 43.16 -49.99 6.57
CA VAL G 443 43.44 -48.61 6.19
C VAL G 443 44.94 -48.35 6.25
N THR G 444 45.54 -48.65 7.39
CA THR G 444 46.96 -48.38 7.56
C THR G 444 47.86 -49.34 6.80
N GLU G 445 47.36 -50.52 6.40
CA GLU G 445 48.15 -51.35 5.50
C GLU G 445 48.32 -50.68 4.15
N ARG G 446 47.29 -49.99 3.69
CA ARG G 446 47.37 -49.32 2.41
C ARG G 446 48.06 -47.99 2.53
N ASP G 447 48.02 -47.37 3.71
CA ASP G 447 48.67 -46.08 3.89
C ASP G 447 50.18 -46.21 3.73
N ILE G 448 50.76 -47.35 4.10
CA ILE G 448 52.11 -47.61 3.68
C ILE G 448 52.17 -47.82 2.18
N GLU G 449 51.29 -48.69 1.66
CA GLU G 449 51.37 -49.09 0.26
C GLU G 449 51.06 -47.95 -0.69
N ARG G 450 50.22 -47.01 -0.28
CA ARG G 450 49.88 -45.94 -1.19
C ARG G 450 50.84 -44.77 -1.06
N LEU G 451 51.31 -44.47 0.15
CA LEU G 451 52.21 -43.33 0.28
C LEU G 451 53.62 -43.68 -0.14
N SER G 452 54.09 -44.90 0.12
CA SER G 452 55.39 -45.29 -0.38
C SER G 452 55.39 -45.48 -1.87
N TYR G 453 54.21 -45.70 -2.47
CA TYR G 453 54.11 -45.60 -3.92
C TYR G 453 54.33 -44.16 -4.37
N GLU G 454 53.90 -43.20 -3.56
CA GLU G 454 54.04 -41.81 -3.96
C GLU G 454 55.48 -41.35 -3.85
N ILE G 455 56.19 -41.81 -2.81
CA ILE G 455 57.61 -41.50 -2.74
C ILE G 455 58.39 -42.37 -3.72
N SER G 456 57.80 -43.47 -4.21
CA SER G 456 58.43 -44.18 -5.32
C SER G 456 58.40 -43.36 -6.60
N THR G 457 57.41 -42.47 -6.73
CA THR G 457 57.50 -41.45 -7.77
C THR G 457 58.51 -40.38 -7.40
N LEU G 458 58.68 -40.11 -6.11
CA LEU G 458 59.57 -39.07 -5.62
C LEU G 458 60.99 -39.55 -5.41
N GLU G 459 61.46 -40.53 -6.19
CA GLU G 459 62.89 -40.82 -6.14
C GLU G 459 63.64 -40.06 -7.23
N LYS G 460 63.03 -39.90 -8.39
CA LYS G 460 63.54 -39.10 -9.49
C LYS G 460 63.36 -37.61 -9.24
N ASP G 461 62.64 -37.25 -8.19
CA ASP G 461 62.13 -35.91 -8.00
C ASP G 461 63.03 -35.07 -7.10
N VAL G 462 64.35 -35.20 -7.30
CA VAL G 462 65.37 -34.41 -6.61
C VAL G 462 65.46 -33.00 -7.16
N ASP G 463 64.54 -32.63 -8.05
CA ASP G 463 64.36 -31.25 -8.47
C ASP G 463 63.86 -30.39 -7.31
N LYS G 464 63.69 -29.10 -7.58
CA LYS G 464 63.59 -28.09 -6.55
C LYS G 464 62.22 -28.02 -5.85
N VAL G 465 61.88 -26.83 -5.35
CA VAL G 465 61.24 -26.46 -4.08
C VAL G 465 60.27 -27.48 -3.48
N SER G 466 59.58 -28.26 -4.29
CA SER G 466 58.66 -29.29 -3.78
C SER G 466 59.32 -30.45 -3.04
N LYS G 467 60.64 -30.37 -2.79
CA LYS G 467 61.35 -31.22 -1.83
C LYS G 467 60.76 -31.19 -0.43
N LYS G 468 59.98 -30.15 -0.10
CA LYS G 468 59.34 -30.05 1.21
C LYS G 468 58.38 -31.20 1.48
N LYS G 469 57.83 -31.81 0.43
CA LYS G 469 56.89 -32.89 0.63
C LYS G 469 57.56 -34.20 1.05
N TYR G 470 58.88 -34.29 0.97
CA TYR G 470 59.57 -35.33 1.73
C TYR G 470 59.45 -35.06 3.22
N ASN G 471 59.57 -33.80 3.62
CA ASN G 471 59.51 -33.43 5.03
C ASN G 471 58.10 -33.49 5.61
N LYS G 472 57.11 -34.05 4.93
CA LYS G 472 55.86 -34.47 5.53
C LYS G 472 55.68 -35.97 5.47
N LEU G 473 55.80 -36.56 4.28
CA LEU G 473 55.43 -37.95 4.09
C LEU G 473 56.42 -38.90 4.74
N ILE G 474 57.70 -38.56 4.69
CA ILE G 474 58.70 -39.36 5.41
C ILE G 474 58.49 -39.24 6.90
N LYS G 475 58.15 -38.03 7.37
CA LYS G 475 57.79 -37.87 8.77
C LYS G 475 56.50 -38.60 9.11
N GLU G 476 55.65 -38.83 8.12
CA GLU G 476 54.49 -39.69 8.37
C GLU G 476 54.89 -41.16 8.40
N PHE G 477 55.94 -41.56 7.68
CA PHE G 477 56.37 -42.95 7.76
C PHE G 477 56.99 -43.24 9.12
N GLU G 478 57.62 -42.23 9.73
CA GLU G 478 57.99 -42.34 11.13
C GLU G 478 56.75 -42.38 12.02
N GLU G 479 55.63 -41.85 11.55
CA GLU G 479 54.41 -41.94 12.34
C GLU G 479 53.59 -43.18 12.02
N LYS G 480 53.43 -43.50 10.73
CA LYS G 480 52.52 -44.59 10.36
C LYS G 480 53.04 -45.95 10.80
N LYS G 481 54.34 -46.18 10.65
CA LYS G 481 54.90 -47.47 11.01
C LYS G 481 54.89 -47.66 12.53
N GLU G 482 55.22 -46.61 13.28
CA GLU G 482 55.29 -46.73 14.73
C GLU G 482 53.92 -46.88 15.36
N GLN G 483 52.88 -46.35 14.72
CA GLN G 483 51.53 -46.64 15.17
C GLN G 483 51.20 -48.10 14.96
N LEU G 484 51.67 -48.69 13.85
CA LEU G 484 51.38 -50.07 13.56
C LEU G 484 52.09 -51.01 14.52
N LYS G 485 53.30 -50.64 14.94
CA LYS G 485 54.01 -51.41 15.96
C LYS G 485 53.28 -51.42 17.28
N LYS G 486 52.43 -50.41 17.52
CA LYS G 486 51.44 -50.53 18.58
C LYS G 486 50.25 -51.38 18.12
N TYR G 487 49.76 -51.13 16.90
CA TYR G 487 48.45 -51.65 16.49
C TYR G 487 48.46 -53.16 16.34
N TYR G 488 49.53 -53.72 15.75
CA TYR G 488 49.64 -55.17 15.65
C TYR G 488 49.76 -55.79 17.03
N GLU G 489 50.52 -55.14 17.92
CA GLU G 489 50.65 -55.67 19.27
C GLU G 489 49.36 -55.51 20.06
N GLU G 490 48.60 -54.44 19.82
CA GLU G 490 47.28 -54.33 20.44
C GLU G 490 46.33 -55.38 19.92
N TYR G 491 46.50 -55.81 18.66
CA TYR G 491 45.74 -56.92 18.15
C TYR G 491 46.14 -58.22 18.83
N VAL G 492 47.38 -58.33 19.26
CA VAL G 492 47.83 -59.51 19.97
C VAL G 492 47.28 -59.54 21.39
N ILE G 493 47.41 -58.41 22.10
CA ILE G 493 47.09 -58.36 23.52
C ILE G 493 45.60 -58.56 23.75
N THR G 494 44.78 -57.87 22.96
CA THR G 494 43.35 -58.16 23.02
C THR G 494 42.99 -59.43 22.28
N GLY G 495 43.89 -59.96 21.46
CA GLY G 495 43.65 -61.28 20.87
C GLY G 495 43.66 -62.37 21.91
N GLU G 496 44.49 -62.22 22.95
CA GLU G 496 44.47 -63.17 24.05
C GLU G 496 43.19 -63.02 24.88
N ARG G 497 42.57 -61.85 24.85
CA ARG G 497 41.28 -61.68 25.51
C ARG G 497 40.19 -62.46 24.79
N LEU G 498 40.37 -62.71 23.49
CA LEU G 498 39.40 -63.53 22.77
C LEU G 498 39.51 -65.00 23.17
N LYS G 499 40.73 -65.50 23.30
CA LYS G 499 40.95 -66.92 23.56
C LYS G 499 40.40 -67.34 24.92
N ARG G 500 40.42 -66.43 25.89
CA ARG G 500 39.79 -66.73 27.17
C ARG G 500 38.28 -66.76 27.05
N LYS G 501 37.71 -65.83 26.26
CA LYS G 501 36.28 -65.85 26.02
C LYS G 501 35.84 -67.04 25.19
N LYS G 502 36.74 -67.63 24.41
CA LYS G 502 36.38 -68.81 23.66
C LYS G 502 36.33 -70.06 24.53
N GLU G 503 36.87 -70.01 25.74
CA GLU G 503 36.93 -71.18 26.60
C GLU G 503 36.08 -71.01 27.86
N ILE G 504 36.32 -69.96 28.63
CA ILE G 504 35.77 -69.89 29.97
C ILE G 504 34.31 -69.42 29.93
N GLU G 505 33.87 -68.83 28.83
CA GLU G 505 32.44 -68.74 28.58
C GLU G 505 31.84 -70.14 28.42
N LYS G 506 32.50 -71.00 27.64
CA LYS G 506 31.99 -72.35 27.45
C LYS G 506 32.12 -73.19 28.70
N LYS G 507 33.12 -72.91 29.53
CA LYS G 507 33.21 -73.57 30.82
C LYS G 507 32.06 -73.17 31.72
N LEU G 508 31.66 -71.91 31.67
CA LEU G 508 30.47 -71.48 32.40
C LEU G 508 29.19 -71.90 31.71
N ASN G 509 29.24 -72.18 30.41
CA ASN G 509 28.06 -72.69 29.74
C ASN G 509 27.89 -74.19 29.97
N ASP G 510 28.99 -74.93 30.07
CA ASP G 510 28.91 -76.35 30.34
C ASP G 510 28.51 -76.61 31.79
N LEU G 511 29.35 -76.19 32.72
CA LEU G 511 29.31 -76.68 34.09
C LEU G 511 28.15 -76.13 34.90
N LYS G 512 27.45 -75.11 34.41
CA LYS G 512 26.24 -74.67 35.11
C LYS G 512 25.05 -75.55 34.76
N GLU G 513 24.96 -75.98 33.50
CA GLU G 513 23.82 -76.77 33.02
C GLU G 513 23.73 -78.13 33.68
N LEU G 514 24.84 -78.66 34.21
CA LEU G 514 24.79 -79.89 34.99
C LEU G 514 24.02 -79.66 36.29
N THR G 515 24.33 -78.57 37.00
CA THR G 515 23.74 -78.29 38.30
C THR G 515 22.37 -77.64 38.23
N GLN G 516 21.89 -77.28 37.05
CA GLN G 516 20.56 -76.70 36.94
C GLN G 516 19.46 -77.75 36.85
N ASN G 517 19.81 -79.03 36.75
CA ASN G 517 18.83 -80.10 36.58
C ASN G 517 19.19 -81.26 37.48
N TYR G 518 18.44 -81.43 38.58
CA TYR G 518 18.43 -82.56 39.50
C TYR G 518 19.72 -82.76 40.28
N VAL G 519 20.73 -81.90 40.09
CA VAL G 519 22.01 -82.04 40.78
C VAL G 519 22.02 -81.03 41.92
N TYR G 520 21.33 -79.90 41.73
CA TYR G 520 21.09 -78.97 42.81
C TYR G 520 20.28 -79.60 43.94
N SER G 521 19.35 -80.50 43.58
CA SER G 521 18.58 -81.23 44.59
C SER G 521 19.43 -82.22 45.35
N ASN G 522 20.57 -82.63 44.79
CA ASN G 522 21.45 -83.60 45.44
C ASN G 522 22.81 -83.03 45.82
N LYS G 523 23.14 -81.81 45.38
CA LYS G 523 24.36 -81.01 45.69
C LYS G 523 25.67 -81.80 45.54
N GLU G 524 25.68 -82.86 44.71
CA GLU G 524 26.72 -83.89 44.79
C GLU G 524 28.14 -83.42 44.47
N PRO G 525 28.38 -82.42 43.63
CA PRO G 525 29.64 -81.68 43.74
C PRO G 525 29.52 -80.58 44.79
N PRO G 526 30.28 -80.67 45.89
CA PRO G 526 30.17 -79.66 46.94
C PRO G 526 31.02 -78.43 46.69
N ILE G 527 32.13 -78.58 45.95
CA ILE G 527 33.05 -77.49 45.67
C ILE G 527 33.23 -77.29 44.17
N GLU G 528 33.43 -78.38 43.43
CA GLU G 528 33.89 -78.28 42.04
C GLU G 528 32.83 -77.70 41.11
N LEU G 529 31.55 -77.79 41.47
CA LEU G 529 30.52 -77.11 40.70
C LEU G 529 29.71 -76.14 41.55
N GLN G 530 30.17 -75.80 42.74
CA GLN G 530 29.47 -74.83 43.57
C GLN G 530 30.30 -73.60 43.89
N ASN G 531 31.58 -73.77 44.22
CA ASN G 531 32.42 -72.62 44.51
C ASN G 531 33.47 -72.35 43.44
N SER G 532 33.82 -73.35 42.63
CA SER G 532 34.71 -73.09 41.51
C SER G 532 34.02 -72.25 40.45
N LEU G 533 32.72 -72.50 40.22
CA LEU G 533 31.98 -71.74 39.22
C LEU G 533 31.75 -70.30 39.65
N LYS G 534 31.61 -70.07 40.96
CA LYS G 534 31.59 -68.70 41.45
C LYS G 534 32.95 -68.03 41.25
N GLU G 535 34.04 -68.78 41.41
CA GLU G 535 35.35 -68.23 41.12
C GLU G 535 35.65 -68.20 39.63
N ALA G 536 34.91 -68.97 38.83
CA ALA G 536 35.07 -68.89 37.37
C ALA G 536 34.37 -67.67 36.81
N GLN G 537 33.27 -67.24 37.42
CA GLN G 537 32.62 -66.00 37.04
C GLN G 537 33.49 -64.79 37.37
N GLN G 538 34.39 -64.93 38.36
CA GLN G 538 35.27 -63.84 38.76
C GLN G 538 36.23 -63.42 37.66
N LYS G 539 36.47 -64.28 36.68
CA LYS G 539 37.13 -63.85 35.47
C LYS G 539 36.24 -62.91 34.67
N TYR G 540 35.00 -63.30 34.43
CA TYR G 540 34.08 -62.43 33.71
C TYR G 540 33.46 -61.36 34.58
N LEU G 541 33.77 -61.34 35.87
CA LEU G 541 33.56 -60.14 36.64
C LEU G 541 34.76 -59.22 36.59
N GLU G 542 35.87 -59.66 36.00
CA GLU G 542 37.04 -58.80 35.83
C GLU G 542 37.45 -58.65 34.37
N LEU G 543 37.69 -59.77 33.67
CA LEU G 543 38.26 -59.72 32.33
C LEU G 543 37.24 -59.21 31.32
N TYR G 544 35.97 -59.47 31.58
CA TYR G 544 34.92 -58.85 30.77
C TYR G 544 34.93 -57.35 30.94
N LYS G 545 35.10 -56.88 32.19
CA LYS G 545 35.16 -55.44 32.44
C LYS G 545 36.38 -54.81 31.79
N GLU G 546 37.48 -55.55 31.68
CA GLU G 546 38.65 -55.04 30.99
C GLU G 546 38.37 -54.83 29.51
N THR G 547 37.61 -55.76 28.91
CA THR G 547 37.16 -55.54 27.54
C THR G 547 36.16 -54.41 27.48
N VAL G 548 35.33 -54.26 28.52
CA VAL G 548 34.46 -53.10 28.60
C VAL G 548 35.27 -51.83 28.79
N ALA G 549 36.26 -51.87 29.67
CA ALA G 549 37.13 -50.71 29.86
C ALA G 549 38.01 -50.45 28.66
N TYR G 550 38.18 -51.43 27.79
CA TYR G 550 38.88 -51.21 26.54
C TYR G 550 38.08 -50.35 25.58
N VAL G 551 36.76 -50.28 25.75
CA VAL G 551 35.91 -49.61 24.77
C VAL G 551 36.11 -48.10 24.82
N GLU G 552 36.17 -47.52 26.01
CA GLU G 552 36.13 -46.07 26.12
C GLU G 552 37.42 -45.40 25.70
N ALA G 553 38.50 -46.15 25.53
CA ALA G 553 39.69 -45.63 24.87
C ALA G 553 39.73 -45.97 23.40
N LYS G 554 38.85 -46.86 22.94
CA LYS G 554 38.91 -47.45 21.62
C LYS G 554 37.52 -47.48 21.00
N THR G 555 36.86 -46.30 20.98
CA THR G 555 35.40 -46.17 20.94
C THR G 555 34.77 -46.89 19.76
N HIS G 556 35.16 -46.55 18.55
CA HIS G 556 34.53 -47.15 17.38
C HIS G 556 35.30 -48.35 16.86
N ASN G 557 36.56 -48.51 17.26
CA ASN G 557 37.39 -49.61 16.83
C ASN G 557 37.92 -50.33 18.05
N ALA G 558 37.48 -51.56 18.27
CA ALA G 558 38.06 -52.37 19.34
C ALA G 558 38.87 -53.57 18.84
N MET G 559 38.60 -54.05 17.63
CA MET G 559 39.44 -54.95 16.84
C MET G 559 39.54 -56.37 17.36
N ASN G 560 39.20 -56.63 18.63
CA ASN G 560 39.06 -57.98 19.15
C ASN G 560 37.91 -57.96 20.14
N VAL G 561 36.67 -57.99 19.64
CA VAL G 561 35.47 -57.98 20.48
C VAL G 561 34.38 -58.76 19.75
N ASP G 562 33.86 -59.80 20.40
CA ASP G 562 32.76 -60.60 19.86
C ASP G 562 31.41 -60.12 20.33
N ALA G 563 31.23 -58.82 20.52
CA ALA G 563 30.01 -58.30 21.15
C ALA G 563 29.66 -56.93 20.59
N VAL G 564 28.44 -56.80 20.09
CA VAL G 564 27.94 -55.49 19.70
C VAL G 564 27.65 -54.68 20.96
N TYR G 565 28.15 -53.45 21.00
CA TYR G 565 27.86 -52.52 22.08
C TYR G 565 27.16 -51.29 21.52
N GLN G 566 26.95 -50.30 22.39
CA GLN G 566 26.29 -49.07 21.99
C GLN G 566 27.12 -48.29 21.00
N GLU G 567 28.44 -48.36 21.11
CA GLU G 567 29.29 -47.59 20.23
C GLU G 567 29.61 -48.31 18.94
N HIS G 568 29.26 -49.58 18.83
CA HIS G 568 29.29 -50.22 17.53
C HIS G 568 28.14 -49.71 16.66
N VAL G 569 27.02 -49.34 17.28
CA VAL G 569 25.89 -48.84 16.52
C VAL G 569 26.05 -47.36 16.22
N SER G 570 26.53 -46.60 17.21
CA SER G 570 26.64 -45.14 17.08
C SER G 570 27.68 -44.73 16.05
N TYR G 571 28.58 -45.62 15.67
CA TYR G 571 29.38 -45.38 14.48
C TYR G 571 28.49 -45.27 13.26
N ILE G 572 27.54 -46.20 13.13
CA ILE G 572 26.84 -46.39 11.87
C ILE G 572 25.86 -45.27 11.62
N TYR G 573 25.33 -44.68 12.69
CA TYR G 573 24.52 -43.47 12.50
C TYR G 573 25.36 -42.34 11.95
N LEU G 574 26.54 -42.12 12.54
CA LEU G 574 27.41 -41.06 12.06
C LEU G 574 28.02 -41.43 10.73
N ARG G 575 28.12 -42.72 10.42
CA ARG G 575 28.51 -43.11 9.07
C ARG G 575 27.39 -42.84 8.08
N ASP G 576 26.14 -43.06 8.49
CA ASP G 576 25.04 -42.93 7.55
C ASP G 576 24.52 -41.51 7.42
N SER G 577 24.38 -40.79 8.54
CA SER G 577 23.75 -39.48 8.51
C SER G 577 24.68 -38.45 7.89
N GLY G 578 24.20 -37.21 7.81
CA GLY G 578 24.95 -36.15 7.15
C GLY G 578 26.14 -35.66 7.94
N MET G 579 27.14 -36.53 8.09
CA MET G 579 28.33 -36.23 8.87
C MET G 579 29.55 -36.46 8.01
N PRO G 580 30.38 -35.46 7.80
CA PRO G 580 31.60 -35.62 7.00
C PRO G 580 32.70 -36.36 7.71
N LEU G 581 33.91 -36.21 7.20
CA LEU G 581 35.14 -36.80 7.73
C LEU G 581 35.45 -36.37 9.16
N GLY G 582 36.60 -36.81 9.68
CA GLY G 582 36.78 -37.10 11.10
C GLY G 582 36.64 -35.91 12.03
N SER G 583 35.39 -35.49 12.16
CA SER G 583 34.94 -34.39 13.00
C SER G 583 34.85 -34.80 14.46
N LEU G 584 34.17 -33.98 15.26
CA LEU G 584 34.16 -34.13 16.72
C LEU G 584 33.50 -35.43 17.16
N SER G 585 32.38 -35.78 16.54
CA SER G 585 31.63 -36.95 16.96
C SER G 585 32.38 -38.23 16.67
N PHE G 586 33.22 -38.24 15.64
CA PHE G 586 34.11 -39.36 15.43
C PHE G 586 35.30 -39.33 16.38
N GLU G 587 35.76 -38.14 16.74
CA GLU G 587 36.85 -38.00 17.72
C GLU G 587 36.26 -37.82 19.12
N SER G 588 35.46 -38.79 19.51
CA SER G 588 34.69 -38.68 20.75
C SER G 588 35.59 -38.81 21.95
N SER G 589 35.17 -38.15 23.04
CA SER G 589 35.84 -38.07 24.34
C SER G 589 37.20 -37.37 24.29
N LYS G 590 37.58 -36.80 23.14
CA LYS G 590 38.76 -35.95 23.06
C LYS G 590 38.38 -34.68 22.30
N GLY G 591 37.41 -34.79 21.39
CA GLY G 591 37.09 -33.68 20.51
C GLY G 591 36.39 -32.53 21.22
N ALA G 592 35.57 -32.84 22.22
CA ALA G 592 34.95 -31.75 22.97
C ALA G 592 35.96 -31.03 23.84
N LEU G 593 37.04 -31.72 24.22
CA LEU G 593 38.15 -31.01 24.86
C LEU G 593 38.86 -30.09 23.87
N LYS G 594 38.97 -30.50 22.61
CA LYS G 594 39.70 -29.74 21.61
C LYS G 594 38.92 -28.58 21.04
N LEU G 595 37.76 -28.25 21.60
CA LEU G 595 37.00 -27.11 21.12
C LEU G 595 37.68 -25.81 21.47
N TYR G 596 37.94 -25.61 22.77
CA TYR G 596 38.40 -24.34 23.28
C TYR G 596 39.78 -23.99 22.77
N ASN G 597 40.63 -24.98 22.55
CA ASN G 597 41.97 -24.71 22.04
C ASN G 597 41.93 -24.37 20.56
N SER G 598 41.08 -25.05 19.79
CA SER G 598 41.03 -24.80 18.36
C SER G 598 40.36 -23.47 18.06
N LEU G 599 39.26 -23.17 18.74
CA LEU G 599 38.54 -21.93 18.46
C LEU G 599 39.25 -20.73 19.04
N SER G 600 40.16 -20.92 19.99
CA SER G 600 41.01 -19.82 20.40
C SER G 600 41.98 -19.43 19.31
N LYS G 601 42.42 -20.39 18.51
CA LYS G 601 43.42 -20.12 17.50
C LYS G 601 42.86 -19.38 16.30
N SER G 602 41.55 -19.44 16.06
CA SER G 602 40.96 -18.56 15.08
C SER G 602 40.60 -17.21 15.69
N ILE G 603 40.17 -17.23 16.96
CA ILE G 603 39.49 -16.10 17.57
C ILE G 603 40.02 -15.94 18.99
N ILE G 604 40.64 -14.80 19.27
CA ILE G 604 41.38 -14.68 20.53
C ILE G 604 40.51 -14.10 21.64
N GLY G 605 39.70 -13.09 21.33
CA GLY G 605 38.94 -12.44 22.36
C GLY G 605 37.77 -13.27 22.88
N ASN G 606 37.31 -12.86 24.06
CA ASN G 606 36.07 -13.32 24.69
C ASN G 606 36.10 -14.83 24.97
N GLU G 607 36.98 -15.18 25.91
CA GLU G 607 37.19 -16.56 26.30
C GLU G 607 35.95 -17.17 26.95
N ASP G 608 35.14 -16.35 27.61
CA ASP G 608 33.92 -16.86 28.24
C ASP G 608 32.92 -17.31 27.20
N ILE G 609 32.85 -16.62 26.07
CA ILE G 609 31.87 -16.95 25.05
C ILE G 609 32.26 -18.24 24.34
N ILE G 610 33.56 -18.42 24.09
CA ILE G 610 34.03 -19.63 23.42
C ILE G 610 33.87 -20.84 24.34
N LYS G 611 33.92 -20.64 25.66
CA LYS G 611 33.53 -21.69 26.58
C LYS G 611 32.04 -22.01 26.43
N SER G 612 31.22 -20.97 26.25
CA SER G 612 29.78 -21.18 26.16
C SER G 612 29.41 -21.87 24.84
N LEU G 613 30.10 -21.52 23.76
CA LEU G 613 29.88 -22.21 22.49
C LEU G 613 30.35 -23.65 22.56
N SER G 614 31.41 -23.91 23.31
CA SER G 614 31.88 -25.27 23.48
C SER G 614 30.86 -26.09 24.27
N ASP G 615 30.29 -25.49 25.31
CA ASP G 615 29.43 -26.23 26.23
C ASP G 615 28.12 -26.66 25.60
N ALA G 616 27.69 -26.01 24.52
CA ALA G 616 26.57 -26.56 23.76
C ALA G 616 26.97 -27.84 23.07
N VAL G 617 28.19 -27.89 22.52
CA VAL G 617 28.66 -29.07 21.81
C VAL G 617 28.92 -30.21 22.79
N VAL G 618 29.37 -29.87 24.00
CA VAL G 618 29.63 -30.86 25.03
C VAL G 618 28.32 -31.51 25.47
N LYS G 619 27.20 -30.80 25.36
CA LYS G 619 25.91 -31.45 25.57
C LYS G 619 25.59 -32.47 24.49
N ALA G 620 26.12 -32.29 23.29
CA ALA G 620 25.76 -33.14 22.17
C ALA G 620 26.64 -34.37 22.05
N ALA G 621 27.96 -34.17 22.10
CA ALA G 621 28.87 -35.29 21.82
C ALA G 621 28.92 -36.26 22.97
N THR G 622 28.60 -35.82 24.18
CA THR G 622 28.51 -36.70 25.33
C THR G 622 27.25 -37.53 25.35
N GLY G 623 26.23 -37.15 24.61
CA GLY G 623 24.95 -37.79 24.78
C GLY G 623 24.29 -37.44 26.09
N MET G 624 24.59 -36.26 26.64
CA MET G 624 23.88 -35.77 27.80
C MET G 624 22.56 -35.16 27.38
N LYS G 625 21.92 -34.40 28.28
CA LYS G 625 20.50 -34.08 28.17
C LYS G 625 20.26 -33.14 27.00
N ASP G 626 19.83 -33.72 25.89
CA ASP G 626 19.34 -33.00 24.73
C ASP G 626 17.90 -33.44 24.47
N PRO G 627 16.94 -32.83 25.12
CA PRO G 627 15.54 -33.03 24.76
C PRO G 627 15.19 -32.25 23.50
N GLU G 628 13.89 -32.09 23.26
CA GLU G 628 13.38 -31.28 22.16
C GLU G 628 13.84 -29.82 22.18
N LYS G 629 14.40 -29.33 23.29
CA LYS G 629 15.07 -28.05 23.28
C LYS G 629 16.27 -28.09 22.33
N PRO G 630 16.38 -27.16 21.40
CA PRO G 630 17.47 -27.21 20.43
C PRO G 630 18.79 -26.80 21.05
N ILE G 631 19.85 -27.41 20.54
CA ILE G 631 21.17 -27.29 21.15
C ILE G 631 21.75 -25.92 20.81
N GLY G 632 22.10 -25.16 21.84
CA GLY G 632 22.89 -23.98 21.62
C GLY G 632 22.18 -22.79 21.01
N THR G 633 21.25 -22.18 21.76
CA THR G 633 20.64 -20.93 21.36
C THR G 633 21.47 -19.80 21.93
N PHE G 634 21.98 -18.92 21.07
CA PHE G 634 22.87 -17.88 21.54
C PHE G 634 22.45 -16.54 20.96
N LEU G 635 22.86 -15.48 21.63
CA LEU G 635 22.66 -14.11 21.20
C LEU G 635 23.98 -13.38 21.25
N PHE G 636 24.39 -12.80 20.14
CA PHE G 636 25.70 -12.17 20.05
C PHE G 636 25.54 -10.68 19.79
N LEU G 637 25.69 -9.89 20.84
CA LEU G 637 25.82 -8.46 20.69
C LEU G 637 27.28 -8.07 20.70
N GLY G 638 27.62 -7.11 19.85
CA GLY G 638 28.96 -6.61 19.77
C GLY G 638 28.98 -5.38 18.91
N PRO G 639 30.07 -4.62 18.96
CA PRO G 639 30.22 -3.47 18.08
C PRO G 639 30.38 -3.89 16.62
N THR G 640 30.27 -2.90 15.74
CA THR G 640 30.35 -3.18 14.32
C THR G 640 31.76 -3.60 13.93
N GLY G 641 31.86 -4.68 13.17
CA GLY G 641 33.15 -5.17 12.72
C GLY G 641 33.62 -6.42 13.41
N VAL G 642 33.42 -6.48 14.73
CA VAL G 642 33.94 -7.56 15.56
C VAL G 642 33.10 -8.83 15.33
N GLY G 643 33.51 -9.92 15.97
CA GLY G 643 33.23 -11.25 15.45
C GLY G 643 31.94 -11.85 15.90
N LYS G 644 30.86 -11.23 15.47
CA LYS G 644 29.55 -11.78 15.80
C LYS G 644 29.23 -12.94 14.84
N THR G 645 29.40 -12.72 13.55
CA THR G 645 29.20 -13.78 12.56
C THR G 645 30.51 -14.26 11.96
N GLU G 646 31.57 -14.40 12.76
CA GLU G 646 32.70 -15.16 12.27
C GLU G 646 32.91 -16.42 13.07
N LEU G 647 32.58 -16.36 14.37
CA LEU G 647 32.52 -17.55 15.22
C LEU G 647 31.70 -18.64 14.57
N ALA G 648 30.51 -18.28 14.12
CA ALA G 648 29.66 -19.20 13.38
C ALA G 648 30.26 -19.60 12.05
N LYS G 649 31.08 -18.75 11.43
CA LYS G 649 31.77 -19.20 10.24
C LYS G 649 32.85 -20.21 10.57
N THR G 650 33.43 -20.11 11.76
CA THR G 650 34.41 -21.12 12.16
C THR G 650 33.77 -22.44 12.53
N LEU G 651 32.49 -22.43 12.91
CA LEU G 651 31.87 -23.68 13.37
C LEU G 651 31.64 -24.66 12.24
N ALA G 652 31.48 -24.18 11.01
CA ALA G 652 31.49 -25.11 9.90
C ALA G 652 32.91 -25.47 9.51
N ILE G 653 33.82 -24.50 9.58
CA ILE G 653 35.19 -24.72 9.15
C ILE G 653 35.94 -25.54 10.18
N GLU G 654 35.94 -25.12 11.44
CA GLU G 654 36.80 -25.72 12.44
C GLU G 654 36.11 -26.75 13.31
N LEU G 655 34.90 -27.18 12.96
CA LEU G 655 34.35 -28.39 13.55
C LEU G 655 34.17 -29.48 12.50
N PHE G 656 33.43 -29.17 11.45
CA PHE G 656 33.03 -30.18 10.49
C PHE G 656 33.98 -30.28 9.31
N ASN G 657 34.84 -29.27 9.12
CA ASN G 657 35.81 -29.19 8.02
C ASN G 657 35.11 -29.30 6.67
N SER G 658 33.96 -28.63 6.55
CA SER G 658 33.12 -28.77 5.37
C SER G 658 32.71 -27.46 4.74
N LYS G 659 32.63 -26.37 5.51
CA LYS G 659 32.32 -24.99 5.09
C LYS G 659 30.91 -24.83 4.53
N ASP G 660 30.10 -25.89 4.49
CA ASP G 660 28.78 -25.85 3.87
C ASP G 660 27.65 -26.00 4.86
N ASN G 661 27.91 -26.52 6.06
CA ASN G 661 26.91 -26.59 7.09
C ASN G 661 26.51 -25.22 7.62
N LEU G 662 27.26 -24.18 7.31
CA LEU G 662 26.79 -22.84 7.59
C LEU G 662 25.60 -22.53 6.69
N ILE G 663 24.59 -21.90 7.26
CA ILE G 663 23.39 -21.56 6.53
C ILE G 663 23.22 -20.05 6.68
N ARG G 664 23.69 -19.31 5.69
CA ARG G 664 23.65 -17.86 5.74
C ARG G 664 22.22 -17.38 5.54
N VAL G 665 21.71 -16.64 6.51
CA VAL G 665 20.34 -16.15 6.50
C VAL G 665 20.40 -14.64 6.60
N ASN G 666 20.16 -13.96 5.48
CA ASN G 666 20.23 -12.51 5.46
C ASN G 666 19.03 -11.90 6.16
N MET G 667 19.18 -11.61 7.45
CA MET G 667 18.07 -11.11 8.25
C MET G 667 17.76 -9.65 7.97
N SER G 668 18.57 -8.96 7.18
CA SER G 668 18.17 -7.67 6.65
C SER G 668 17.14 -7.80 5.54
N GLU G 669 17.01 -8.98 4.94
CA GLU G 669 16.03 -9.21 3.88
C GLU G 669 14.66 -9.56 4.43
N PHE G 670 14.42 -9.38 5.71
CA PHE G 670 13.14 -9.69 6.32
C PHE G 670 12.52 -8.47 6.99
N THR G 671 12.64 -7.31 6.34
CA THR G 671 11.99 -6.11 6.83
C THR G 671 10.49 -6.17 6.62
N GLU G 672 10.04 -6.92 5.62
CA GLU G 672 8.62 -6.97 5.31
C GLU G 672 7.88 -7.86 6.29
N ALA G 673 6.59 -7.57 6.47
CA ALA G 673 5.70 -8.52 7.12
C ALA G 673 5.39 -9.69 6.20
N HIS G 674 5.47 -9.49 4.89
CA HIS G 674 5.22 -10.56 3.95
C HIS G 674 6.35 -11.56 3.88
N SER G 675 7.56 -11.16 4.27
CA SER G 675 8.72 -12.02 4.18
C SER G 675 8.77 -13.10 5.25
N VAL G 676 7.77 -13.15 6.13
CA VAL G 676 7.64 -14.24 7.10
C VAL G 676 7.51 -15.57 6.37
N SER G 677 6.75 -15.59 5.27
CA SER G 677 6.53 -16.80 4.50
C SER G 677 7.75 -17.23 3.69
N LYS G 678 8.87 -16.52 3.76
CA LYS G 678 10.11 -17.07 3.24
C LYS G 678 10.68 -18.14 4.14
N ILE G 679 10.23 -18.23 5.39
CA ILE G 679 10.70 -19.23 6.33
C ILE G 679 9.84 -20.48 6.24
N THR G 680 8.56 -20.35 6.54
CA THR G 680 7.68 -21.50 6.64
C THR G 680 6.96 -21.81 5.35
N GLY G 681 7.15 -21.00 4.32
CA GLY G 681 6.54 -21.28 3.03
C GLY G 681 5.06 -20.96 2.94
N SER G 682 4.59 -20.70 1.74
CA SER G 682 3.17 -20.59 1.49
C SER G 682 2.56 -21.97 1.30
N PRO G 683 1.26 -22.12 1.52
CA PRO G 683 0.61 -23.39 1.21
C PRO G 683 0.71 -23.72 -0.27
N PRO G 684 0.78 -25.02 -0.60
CA PRO G 684 0.93 -25.42 -2.00
C PRO G 684 -0.33 -25.14 -2.80
N GLY G 685 -0.12 -24.62 -4.01
CA GLY G 685 -1.16 -24.03 -4.81
C GLY G 685 -1.13 -22.52 -4.85
N TYR G 686 -0.27 -21.88 -4.05
CA TYR G 686 -0.02 -20.44 -4.10
C TYR G 686 1.27 -20.19 -4.87
N VAL G 687 1.72 -18.93 -4.87
CA VAL G 687 3.06 -18.62 -5.34
C VAL G 687 4.03 -18.97 -4.22
N GLY G 688 5.01 -19.83 -4.53
CA GLY G 688 5.87 -20.37 -3.51
C GLY G 688 5.34 -21.70 -3.00
N PHE G 689 4.90 -22.54 -3.93
CA PHE G 689 4.19 -23.76 -3.57
C PHE G 689 5.14 -24.94 -3.39
N SER G 690 6.19 -25.02 -4.22
CA SER G 690 7.13 -26.13 -4.13
C SER G 690 8.01 -26.01 -2.90
N ASP G 691 8.68 -24.87 -2.76
CA ASP G 691 9.51 -24.61 -1.59
C ASP G 691 8.62 -24.36 -0.39
N SER G 692 8.98 -24.97 0.74
CA SER G 692 8.40 -24.61 2.02
C SER G 692 9.26 -23.62 2.77
N GLY G 693 10.15 -22.92 2.07
CA GLY G 693 11.02 -21.95 2.69
C GLY G 693 12.47 -22.37 2.57
N GLN G 694 13.37 -21.38 2.58
CA GLN G 694 14.80 -21.67 2.47
C GLN G 694 15.32 -22.38 3.70
N LEU G 695 14.74 -22.12 4.86
CA LEU G 695 15.25 -22.72 6.10
C LEU G 695 14.85 -24.19 6.19
N THR G 696 13.54 -24.46 6.15
CA THR G 696 13.03 -25.79 6.45
C THR G 696 13.44 -26.81 5.40
N GLU G 697 13.68 -26.37 4.17
CA GLU G 697 14.29 -27.26 3.19
C GLU G 697 15.74 -27.55 3.54
N ALA G 698 16.46 -26.54 4.04
CA ALA G 698 17.88 -26.72 4.32
C ALA G 698 18.11 -27.59 5.55
N VAL G 699 17.22 -27.51 6.54
CA VAL G 699 17.41 -28.24 7.78
C VAL G 699 17.25 -29.74 7.54
N ARG G 700 16.31 -30.12 6.68
CA ARG G 700 16.14 -31.53 6.32
C ARG G 700 17.35 -32.07 5.57
N GLU G 701 17.99 -31.23 4.78
CA GLU G 701 19.11 -31.71 3.98
C GLU G 701 20.35 -31.90 4.84
N LYS G 702 20.56 -31.04 5.83
CA LYS G 702 21.72 -31.15 6.72
C LYS G 702 21.30 -30.89 8.15
N PRO G 703 20.87 -31.94 8.86
CA PRO G 703 20.38 -31.73 10.24
C PRO G 703 21.47 -31.58 11.30
N HIS G 704 22.73 -31.48 10.91
CA HIS G 704 23.82 -31.26 11.86
C HIS G 704 24.61 -30.06 11.35
N SER G 705 24.18 -28.87 11.73
CA SER G 705 24.63 -27.68 11.04
C SER G 705 24.28 -26.45 11.86
N VAL G 706 25.17 -25.48 11.87
CA VAL G 706 24.91 -24.21 12.55
C VAL G 706 24.08 -23.34 11.63
N VAL G 707 23.29 -22.45 12.23
CA VAL G 707 22.33 -21.65 11.50
C VAL G 707 22.60 -20.19 11.80
N LEU G 708 22.86 -19.39 10.78
CA LEU G 708 23.10 -17.97 10.94
C LEU G 708 21.82 -17.17 11.08
N PHE G 709 21.93 -16.08 11.82
CA PHE G 709 20.96 -15.00 11.76
C PHE G 709 21.75 -13.70 11.84
N ASP G 710 21.72 -12.92 10.75
CA ASP G 710 22.74 -11.89 10.55
C ASP G 710 22.51 -10.67 11.44
N GLU G 711 21.39 -9.98 11.24
CA GLU G 711 21.14 -8.70 11.91
C GLU G 711 19.67 -8.59 12.26
N LEU G 712 19.38 -8.45 13.55
CA LEU G 712 18.01 -8.45 14.02
C LEU G 712 17.38 -7.06 14.08
N GLU G 713 18.18 -5.99 14.04
CA GLU G 713 17.63 -4.65 14.14
C GLU G 713 16.87 -4.25 12.88
N LYS G 714 17.04 -4.98 11.79
CA LYS G 714 16.26 -4.79 10.58
C LYS G 714 15.15 -5.83 10.43
N ALA G 715 15.08 -6.82 11.31
CA ALA G 715 14.08 -7.86 11.18
C ALA G 715 12.70 -7.34 11.56
N HIS G 716 11.71 -7.68 10.74
CA HIS G 716 10.33 -7.33 11.05
C HIS G 716 9.86 -8.10 12.28
N ALA G 717 8.93 -7.50 13.02
CA ALA G 717 8.51 -8.03 14.31
C ALA G 717 7.86 -9.40 14.21
N ASP G 718 7.27 -9.74 13.06
CA ASP G 718 6.61 -11.03 12.92
C ASP G 718 7.58 -12.15 12.60
N VAL G 719 8.74 -11.84 12.00
CA VAL G 719 9.76 -12.85 11.75
C VAL G 719 10.35 -13.31 13.09
N PHE G 720 10.37 -12.42 14.08
CA PHE G 720 10.68 -12.83 15.44
C PHE G 720 9.68 -13.85 15.95
N LYS G 721 8.41 -13.70 15.59
CA LYS G 721 7.35 -14.52 16.17
C LYS G 721 7.44 -15.97 15.71
N VAL G 722 8.01 -16.21 14.52
CA VAL G 722 8.25 -17.59 14.09
C VAL G 722 9.37 -18.20 14.92
N LEU G 723 10.41 -17.41 15.21
CA LEU G 723 11.62 -17.93 15.86
C LEU G 723 11.38 -18.41 17.28
N LEU G 724 10.36 -17.90 17.95
CA LEU G 724 10.07 -18.35 19.31
C LEU G 724 9.49 -19.76 19.34
N GLN G 725 9.08 -20.29 18.19
CA GLN G 725 8.86 -21.73 18.10
C GLN G 725 10.19 -22.45 17.91
N ILE G 726 11.06 -21.91 17.06
CA ILE G 726 12.34 -22.54 16.78
C ILE G 726 13.24 -22.47 18.00
N LEU G 727 13.29 -21.31 18.64
CA LEU G 727 14.05 -21.21 19.88
C LEU G 727 13.30 -21.81 21.05
N GLY G 728 11.98 -21.95 20.94
CA GLY G 728 11.21 -22.61 21.97
C GLY G 728 11.45 -24.10 22.01
N ASP G 729 11.09 -24.79 20.93
CA ASP G 729 11.26 -26.22 20.83
C ASP G 729 11.95 -26.55 19.52
N GLY G 730 12.33 -27.82 19.37
CA GLY G 730 13.02 -28.20 18.14
C GLY G 730 12.12 -28.34 16.94
N TYR G 731 10.80 -28.25 17.14
CA TYR G 731 9.86 -28.54 16.06
C TYR G 731 9.30 -27.27 15.46
N ILE G 732 9.10 -27.31 14.16
CA ILE G 732 8.19 -26.40 13.49
C ILE G 732 7.54 -27.21 12.37
N ASN G 733 6.27 -26.93 12.12
CA ASN G 733 5.63 -27.60 11.01
C ASN G 733 5.84 -26.80 9.73
N ASP G 734 5.49 -27.42 8.62
CA ASP G 734 5.52 -26.77 7.31
C ASP G 734 4.16 -26.90 6.66
N ASN G 735 4.10 -26.56 5.37
CA ASN G 735 2.87 -26.70 4.63
C ASN G 735 2.54 -28.16 4.32
N HIS G 736 3.51 -29.05 4.42
CA HIS G 736 3.22 -30.48 4.52
C HIS G 736 2.81 -30.88 5.92
N ARG G 737 3.07 -30.03 6.91
CA ARG G 737 3.18 -30.42 8.32
C ARG G 737 4.11 -31.63 8.43
N ARG G 738 5.36 -31.34 8.13
CA ARG G 738 6.45 -32.26 8.41
C ARG G 738 7.15 -31.83 9.69
N ASN G 739 7.83 -32.77 10.32
CA ASN G 739 8.56 -32.48 11.53
C ASN G 739 9.96 -31.99 11.18
N ILE G 740 10.17 -30.69 11.31
CA ILE G 740 11.48 -30.09 11.18
C ILE G 740 12.15 -30.19 12.54
N ASP G 741 13.41 -30.64 12.56
CA ASP G 741 14.13 -30.90 13.80
C ASP G 741 15.26 -29.90 13.93
N PHE G 742 15.19 -29.04 14.94
CA PHE G 742 16.28 -28.11 15.22
C PHE G 742 17.20 -28.61 16.31
N SER G 743 17.02 -29.84 16.79
CA SER G 743 18.04 -30.41 17.65
C SER G 743 19.26 -30.71 16.82
N ASN G 744 20.41 -30.72 17.50
CA ASN G 744 21.74 -30.83 16.88
C ASN G 744 22.00 -29.72 15.87
N THR G 745 21.40 -28.55 16.05
CA THR G 745 21.66 -27.38 15.22
C THR G 745 21.92 -26.20 16.15
N ILE G 746 23.15 -25.69 16.14
CA ILE G 746 23.49 -24.55 16.98
C ILE G 746 22.89 -23.31 16.33
N ILE G 747 21.99 -22.64 17.04
CA ILE G 747 21.29 -21.49 16.51
C ILE G 747 21.93 -20.22 17.06
N ILE G 748 22.29 -19.30 16.18
CA ILE G 748 23.12 -18.16 16.52
C ILE G 748 22.43 -16.89 16.06
N MET G 749 22.18 -15.99 16.99
CA MET G 749 21.45 -14.74 16.76
C MET G 749 22.45 -13.61 16.93
N THR G 750 22.66 -12.84 15.86
CA THR G 750 23.53 -11.68 15.92
C THR G 750 22.77 -10.43 15.52
N SER G 751 23.14 -9.31 16.13
CA SER G 751 22.65 -7.99 15.75
C SER G 751 23.62 -6.98 16.35
N ASN G 752 23.52 -5.74 15.89
CA ASN G 752 24.49 -4.76 16.38
C ASN G 752 24.09 -4.20 17.74
N LEU G 753 23.01 -3.40 17.78
CA LEU G 753 22.53 -2.69 18.98
C LEU G 753 23.63 -1.97 19.75
N GLY G 754 24.65 -1.48 19.04
CA GLY G 754 25.87 -1.04 19.65
C GLY G 754 26.06 0.45 19.73
N ALA G 755 25.28 1.20 18.97
CA ALA G 755 25.40 2.65 18.98
C ALA G 755 24.94 3.18 20.33
N GLU G 756 25.49 4.35 20.68
CA GLU G 756 25.25 5.12 21.89
C GLU G 756 25.68 4.46 23.19
N LEU G 757 26.26 3.25 23.15
CA LEU G 757 27.02 2.78 24.31
C LEU G 757 28.36 2.13 23.96
N PHE G 758 28.49 1.47 22.81
CA PHE G 758 29.83 0.97 22.44
C PHE G 758 30.70 2.02 21.83
N LYS G 759 30.32 3.29 21.86
CA LYS G 759 31.03 4.36 21.17
C LYS G 759 32.26 4.76 21.95
N LYS G 760 32.76 5.96 21.65
CA LYS G 760 33.58 6.67 22.62
C LYS G 760 32.85 6.87 23.94
N LYS G 761 31.50 6.92 23.89
CA LYS G 761 30.66 6.67 25.05
C LYS G 761 31.14 5.44 25.81
N LEU G 762 31.52 5.68 27.08
CA LEU G 762 31.88 4.68 28.09
C LEU G 762 33.12 3.86 27.79
N PHE G 763 33.82 4.10 26.67
CA PHE G 763 34.91 3.21 26.29
C PHE G 763 36.09 3.95 25.71
N PHE G 764 36.52 5.03 26.35
CA PHE G 764 37.81 5.58 25.97
C PHE G 764 38.91 4.71 26.57
N ASP G 765 39.99 4.55 25.81
CA ASP G 765 41.23 3.89 26.24
C ASP G 765 40.98 2.48 26.76
N ALA G 766 40.63 1.59 25.83
CA ALA G 766 40.68 0.16 26.15
C ALA G 766 42.10 -0.40 26.08
N ASP G 767 43.12 0.46 26.01
CA ASP G 767 44.52 0.12 26.22
C ASP G 767 44.72 -0.61 27.53
N ASN G 768 44.17 -0.05 28.61
CA ASN G 768 44.38 -0.63 29.94
C ASN G 768 43.60 -1.94 30.08
N SER G 769 42.31 -1.90 29.71
CA SER G 769 41.41 -3.04 29.50
C SER G 769 40.99 -3.77 30.76
N GLY G 770 41.62 -3.48 31.89
CA GLY G 770 41.03 -3.76 33.18
C GLY G 770 41.25 -5.16 33.69
N THR G 771 42.05 -5.31 34.71
CA THR G 771 41.87 -6.55 35.43
C THR G 771 40.74 -6.38 36.45
N PRO G 772 40.68 -5.30 37.30
CA PRO G 772 39.49 -5.18 38.15
C PRO G 772 38.45 -4.18 37.68
N GLU G 773 38.75 -3.35 36.67
CA GLU G 773 37.91 -2.18 36.42
C GLU G 773 37.12 -2.27 35.14
N TYR G 774 37.76 -2.45 33.97
CA TYR G 774 36.99 -2.43 32.73
C TYR G 774 36.11 -3.67 32.57
N LYS G 775 36.29 -4.66 33.44
CA LYS G 775 35.22 -5.61 33.72
C LYS G 775 33.96 -4.90 34.17
N ARG G 776 34.09 -3.96 35.12
CA ARG G 776 32.91 -3.40 35.77
C ARG G 776 32.14 -2.46 34.86
N VAL G 777 32.82 -1.81 33.92
CA VAL G 777 32.09 -1.07 32.89
C VAL G 777 31.32 -2.04 32.02
N MET G 778 31.95 -3.17 31.69
CA MET G 778 31.23 -4.25 31.02
C MET G 778 30.23 -4.93 31.95
N GLU G 779 30.32 -4.70 33.26
CA GLU G 779 29.30 -5.25 34.14
C GLU G 779 28.02 -4.43 34.14
N ASP G 780 28.01 -3.24 33.54
CA ASP G 780 26.74 -2.56 33.30
C ASP G 780 26.41 -2.37 31.84
N VAL G 781 27.41 -2.28 30.97
CA VAL G 781 27.14 -2.22 29.54
C VAL G 781 26.47 -3.50 29.06
N ARG G 782 26.88 -4.63 29.64
CA ARG G 782 26.15 -5.87 29.37
C ARG G 782 24.75 -5.83 29.97
N LEU G 783 24.56 -5.13 31.09
CA LEU G 783 23.21 -4.99 31.62
C LEU G 783 22.37 -4.10 30.75
N SER G 784 22.95 -3.01 30.25
CA SER G 784 22.20 -2.02 29.51
C SER G 784 21.70 -2.53 28.17
N LEU G 785 22.36 -3.55 27.61
CA LEU G 785 21.85 -4.14 26.38
C LEU G 785 20.67 -5.05 26.66
N ILE G 786 20.67 -5.70 27.81
CA ILE G 786 19.57 -6.58 28.17
C ILE G 786 18.33 -5.77 28.52
N LYS G 787 18.52 -4.51 28.94
CA LYS G 787 17.42 -3.54 28.92
C LYS G 787 16.86 -3.40 27.51
N LYS G 788 17.73 -3.16 26.54
CA LYS G 788 17.29 -3.04 25.15
C LYS G 788 16.94 -4.38 24.54
N CYS G 789 17.36 -5.49 25.15
CA CYS G 789 16.90 -6.78 24.67
C CYS G 789 15.42 -6.98 24.97
N LYS G 790 15.01 -6.71 26.20
CA LYS G 790 13.62 -6.94 26.58
C LYS G 790 12.67 -5.95 25.92
N LYS G 791 13.13 -4.76 25.60
CA LYS G 791 12.24 -3.70 25.16
C LYS G 791 12.23 -3.53 23.65
N VAL G 792 13.04 -4.30 22.92
CA VAL G 792 12.99 -4.31 21.46
C VAL G 792 12.52 -5.66 20.94
N PHE G 793 13.01 -6.75 21.52
CA PHE G 793 12.80 -8.06 20.94
C PHE G 793 11.52 -8.74 21.36
N LYS G 794 10.63 -8.06 22.13
CA LYS G 794 9.46 -8.67 22.75
C LYS G 794 9.87 -9.83 23.64
N PRO G 795 10.18 -9.57 24.92
CA PRO G 795 11.20 -10.32 25.68
C PRO G 795 11.06 -11.83 25.86
N GLU G 796 10.23 -12.51 25.07
CA GLU G 796 10.24 -13.98 25.10
C GLU G 796 11.56 -14.55 24.59
N PHE G 797 12.29 -13.81 23.72
CA PHE G 797 13.66 -14.20 23.38
C PHE G 797 14.58 -14.11 24.58
N VAL G 798 14.32 -13.16 25.47
CA VAL G 798 15.06 -13.10 26.72
C VAL G 798 14.75 -14.33 27.58
N ASN G 799 13.57 -14.93 27.38
CA ASN G 799 13.32 -16.22 28.00
C ASN G 799 13.90 -17.39 27.21
N ARG G 800 13.80 -17.40 25.88
CA ARG G 800 14.12 -18.63 25.17
C ARG G 800 15.62 -18.82 24.96
N ILE G 801 16.38 -17.75 24.76
CA ILE G 801 17.79 -17.88 24.43
C ILE G 801 18.58 -18.30 25.67
N ASP G 802 19.50 -19.25 25.48
CA ASP G 802 20.33 -19.71 26.60
C ASP G 802 21.30 -18.63 27.06
N LYS G 803 22.23 -18.25 26.19
CA LYS G 803 23.36 -17.42 26.58
C LYS G 803 23.45 -16.22 25.67
N ILE G 804 23.32 -15.04 26.24
CA ILE G 804 23.50 -13.80 25.50
C ILE G 804 24.98 -13.43 25.60
N GLY G 805 25.69 -13.58 24.50
CA GLY G 805 27.11 -13.25 24.46
C GLY G 805 27.29 -11.81 24.08
N VAL G 806 28.09 -11.09 24.85
CA VAL G 806 28.40 -9.70 24.59
C VAL G 806 29.90 -9.59 24.39
N PHE G 807 30.30 -9.14 23.21
CA PHE G 807 31.72 -9.05 22.90
C PHE G 807 32.34 -7.80 23.50
N GLU G 808 33.58 -7.95 23.95
CA GLU G 808 34.37 -6.81 24.36
C GLU G 808 34.90 -6.09 23.13
N PRO G 809 35.17 -4.79 23.23
CA PRO G 809 35.83 -4.11 22.12
C PRO G 809 37.27 -4.59 21.99
N LEU G 810 37.78 -4.50 20.76
CA LEU G 810 39.07 -5.07 20.45
C LEU G 810 40.18 -4.23 21.05
N ASN G 811 41.15 -4.90 21.66
CA ASN G 811 42.31 -4.22 22.19
C ASN G 811 43.42 -4.23 21.15
N LYS G 812 44.24 -3.18 21.18
CA LYS G 812 45.41 -3.15 20.31
C LYS G 812 46.42 -4.20 20.68
N LYS G 813 46.40 -4.67 21.93
CA LYS G 813 47.19 -5.84 22.30
C LYS G 813 46.67 -7.12 21.69
N ASN G 814 45.40 -7.14 21.27
CA ASN G 814 44.89 -8.34 20.61
C ASN G 814 45.23 -8.34 19.13
N LEU G 815 45.19 -7.17 18.48
CA LEU G 815 45.41 -7.08 17.05
C LEU G 815 46.84 -7.35 16.64
N HIS G 816 47.78 -7.41 17.59
CA HIS G 816 49.13 -7.86 17.27
C HIS G 816 49.12 -9.29 16.74
N LYS G 817 48.17 -10.10 17.20
CA LYS G 817 48.08 -11.45 16.69
C LYS G 817 46.90 -11.67 15.76
N ILE G 818 45.84 -10.87 15.88
CA ILE G 818 44.68 -11.01 15.00
C ILE G 818 45.05 -10.67 13.57
N VAL G 819 45.84 -9.61 13.38
CA VAL G 819 46.43 -9.33 12.08
C VAL G 819 47.40 -10.44 11.70
N ALA G 820 48.17 -10.93 12.67
CA ALA G 820 49.08 -12.03 12.41
C ALA G 820 48.32 -13.33 12.14
N LEU G 821 47.08 -13.45 12.61
CA LEU G 821 46.26 -14.60 12.21
C LEU G 821 45.85 -14.53 10.75
N ARG G 822 45.94 -13.36 10.12
CA ARG G 822 45.59 -13.29 8.71
C ARG G 822 46.72 -13.76 7.81
N PHE G 823 47.97 -13.57 8.25
CA PHE G 823 49.07 -13.94 7.38
C PHE G 823 49.26 -15.45 7.28
N LYS G 824 48.78 -16.20 8.26
CA LYS G 824 48.79 -17.65 8.11
C LYS G 824 47.72 -18.11 7.14
N LYS G 825 46.58 -17.42 7.10
CA LYS G 825 45.60 -17.69 6.05
C LYS G 825 46.06 -17.12 4.72
N LEU G 826 46.90 -16.09 4.75
CA LEU G 826 47.38 -15.48 3.53
C LEU G 826 48.37 -16.39 2.81
N GLU G 827 49.26 -17.03 3.56
CA GLU G 827 50.26 -17.89 2.95
C GLU G 827 49.66 -19.18 2.42
N LYS G 828 48.45 -19.55 2.84
CA LYS G 828 47.76 -20.68 2.21
C LYS G 828 47.45 -20.38 0.75
N ARG G 829 47.24 -19.12 0.41
CA ARG G 829 47.13 -18.74 -0.99
C ARG G 829 48.49 -18.48 -1.62
N LEU G 830 49.57 -18.63 -0.86
CA LEU G 830 50.91 -18.50 -1.40
C LEU G 830 51.77 -19.72 -1.16
N GLU G 831 51.24 -20.76 -0.51
CA GLU G 831 52.00 -21.99 -0.30
C GLU G 831 52.22 -22.75 -1.60
N GLU G 832 51.40 -22.49 -2.61
CA GLU G 832 51.72 -22.90 -3.97
C GLU G 832 53.04 -22.28 -4.41
N LYS G 833 53.18 -20.98 -4.20
CA LYS G 833 54.36 -20.28 -4.69
C LYS G 833 55.52 -20.35 -3.71
N ASN G 834 55.25 -20.77 -2.45
CA ASN G 834 56.24 -20.83 -1.36
C ASN G 834 56.85 -19.45 -1.10
N ILE G 835 56.00 -18.47 -0.82
CA ILE G 835 56.45 -17.25 -0.19
C ILE G 835 56.08 -17.30 1.28
N GLN G 836 57.06 -17.13 2.15
CA GLN G 836 56.83 -17.09 3.59
C GLN G 836 56.97 -15.64 4.04
N VAL G 837 55.93 -15.15 4.72
CA VAL G 837 55.80 -13.73 5.05
C VAL G 837 55.84 -13.58 6.55
N SER G 838 56.69 -12.68 7.03
CA SER G 838 56.80 -12.38 8.45
C SER G 838 56.70 -10.88 8.66
N VAL G 839 56.07 -10.49 9.76
CA VAL G 839 55.74 -9.09 10.04
C VAL G 839 56.26 -8.75 11.42
N SER G 840 57.01 -7.66 11.53
CA SER G 840 57.50 -7.19 12.81
C SER G 840 56.34 -6.67 13.66
N GLU G 841 56.58 -6.63 14.97
CA GLU G 841 55.59 -6.06 15.88
C GLU G 841 55.51 -4.55 15.71
N LYS G 842 56.63 -3.91 15.41
CA LYS G 842 56.62 -2.48 15.11
C LYS G 842 55.90 -2.22 13.82
N ALA G 843 55.94 -3.16 12.88
CA ALA G 843 55.19 -3.03 11.64
C ALA G 843 53.70 -3.09 11.89
N ILE G 844 53.28 -3.93 12.83
CA ILE G 844 51.87 -4.00 13.22
C ILE G 844 51.44 -2.68 13.85
N ASP G 845 52.33 -2.08 14.65
CA ASP G 845 52.06 -0.78 15.25
C ASP G 845 51.95 0.30 14.19
N TYR G 846 52.70 0.17 13.11
CA TYR G 846 52.58 1.09 11.99
C TYR G 846 51.24 0.91 11.28
N ILE G 847 50.68 -0.29 11.35
CA ILE G 847 49.41 -0.55 10.68
C ILE G 847 48.24 -0.08 11.53
N ILE G 848 48.25 -0.43 12.82
CA ILE G 848 47.13 -0.15 13.71
C ILE G 848 46.89 1.35 13.85
N ASP G 849 47.98 2.09 14.06
CA ASP G 849 47.85 3.53 14.22
C ASP G 849 47.50 4.23 12.92
N GLN G 850 47.64 3.55 11.79
CA GLN G 850 47.29 4.13 10.50
C GLN G 850 46.14 3.42 9.82
N SER G 851 45.49 2.48 10.49
CA SER G 851 44.29 1.86 9.94
C SER G 851 43.16 1.65 10.93
N TYR G 852 43.41 1.62 12.23
CA TYR G 852 42.42 1.13 13.18
C TYR G 852 41.84 2.25 14.04
N ASP G 853 40.58 2.10 14.37
CA ASP G 853 39.91 2.85 15.42
C ASP G 853 39.07 1.86 16.21
N PRO G 854 38.65 2.22 17.43
CA PRO G 854 37.71 1.34 18.15
C PRO G 854 36.30 1.33 17.55
N GLU G 855 36.00 2.18 16.58
CA GLU G 855 34.61 2.36 16.18
C GLU G 855 34.23 1.65 14.89
N LEU G 856 35.20 1.21 14.10
CA LEU G 856 34.86 0.49 12.87
C LEU G 856 35.14 -1.00 12.96
N GLY G 857 35.90 -1.44 13.95
CA GLY G 857 36.02 -2.86 14.23
C GLY G 857 36.88 -3.63 13.25
N ALA G 858 38.00 -3.05 12.82
CA ALA G 858 39.13 -3.71 12.18
C ALA G 858 38.85 -4.28 10.79
N ARG G 859 37.64 -4.16 10.25
CA ARG G 859 37.40 -4.56 8.87
C ARG G 859 38.17 -3.73 7.84
N PRO G 860 38.28 -2.39 7.93
CA PRO G 860 39.15 -1.70 6.96
C PRO G 860 40.62 -1.92 7.20
N THR G 861 41.03 -2.32 8.40
CA THR G 861 42.42 -2.69 8.61
C THR G 861 42.77 -3.94 7.83
N LEU G 862 41.79 -4.82 7.67
CA LEU G 862 41.95 -5.98 6.83
C LEU G 862 41.67 -5.66 5.38
N ILE G 863 41.11 -4.49 5.11
CA ILE G 863 41.17 -3.95 3.76
C ILE G 863 42.49 -3.23 3.56
N PHE G 864 43.05 -2.63 4.63
CA PHE G 864 44.34 -1.96 4.54
C PHE G 864 45.45 -2.94 4.17
N ILE G 865 45.35 -4.17 4.65
CA ILE G 865 46.30 -5.18 4.24
C ILE G 865 46.12 -5.49 2.75
N GLU G 866 44.89 -5.81 2.36
CA GLU G 866 44.68 -6.34 1.02
C GLU G 866 44.78 -5.25 -0.04
N SER G 867 44.36 -4.03 0.26
CA SER G 867 44.35 -2.98 -0.75
C SER G 867 45.59 -2.09 -0.71
N VAL G 868 46.47 -2.24 0.28
CA VAL G 868 47.68 -1.43 0.25
C VAL G 868 48.90 -2.33 0.24
N ILE G 869 49.04 -3.19 1.25
CA ILE G 869 50.30 -3.92 1.30
C ILE G 869 50.25 -5.11 0.36
N MET G 870 49.10 -5.77 0.22
CA MET G 870 49.04 -6.97 -0.60
C MET G 870 49.04 -6.66 -2.08
N THR G 871 48.74 -5.43 -2.46
CA THR G 871 48.75 -5.08 -3.87
C THR G 871 50.16 -5.14 -4.44
N LYS G 872 51.15 -4.71 -3.69
CA LYS G 872 52.46 -4.64 -4.31
C LYS G 872 53.34 -5.85 -4.02
N PHE G 873 52.92 -6.79 -3.17
CA PHE G 873 53.59 -8.10 -3.17
C PHE G 873 53.47 -8.76 -4.53
N ALA G 874 52.32 -8.61 -5.17
CA ALA G 874 52.21 -9.08 -6.55
C ALA G 874 52.99 -8.17 -7.49
N ILE G 875 53.11 -6.88 -7.18
CA ILE G 875 53.94 -6.02 -8.02
C ILE G 875 55.41 -6.31 -7.77
N MET G 876 55.75 -6.76 -6.55
CA MET G 876 57.07 -7.33 -6.32
C MET G 876 57.27 -8.62 -7.11
N TYR G 877 56.18 -9.28 -7.53
CA TYR G 877 56.25 -10.51 -8.29
C TYR G 877 56.16 -10.30 -9.80
N LEU G 878 55.47 -9.25 -10.24
CA LEU G 878 55.36 -8.94 -11.66
C LEU G 878 56.73 -8.66 -12.29
N LYS G 879 57.37 -7.58 -11.85
CA LYS G 879 58.80 -7.48 -12.04
C LYS G 879 59.48 -8.54 -11.19
N LYS G 880 60.60 -9.05 -11.68
CA LYS G 880 61.20 -10.24 -11.07
C LYS G 880 62.11 -9.83 -9.91
N GLU G 881 61.46 -9.48 -8.80
CA GLU G 881 62.16 -9.34 -7.53
C GLU G 881 61.78 -10.39 -6.52
N LEU G 882 60.79 -11.22 -6.83
CA LEU G 882 60.43 -12.33 -5.97
C LEU G 882 60.90 -13.63 -6.60
N VAL G 883 61.98 -14.18 -6.06
CA VAL G 883 62.27 -15.59 -6.22
C VAL G 883 61.15 -16.39 -5.56
N ASP G 884 60.87 -17.58 -6.07
CA ASP G 884 59.81 -18.40 -5.50
C ASP G 884 60.16 -18.99 -4.13
N ASP G 885 61.32 -18.68 -3.57
CA ASP G 885 61.59 -18.84 -2.14
C ASP G 885 62.10 -17.50 -1.64
N MET G 886 61.25 -16.71 -1.01
CA MET G 886 61.71 -15.49 -0.36
C MET G 886 61.16 -15.41 1.05
N ASP G 887 62.06 -15.13 2.01
CA ASP G 887 61.67 -14.89 3.40
C ASP G 887 61.31 -13.41 3.50
N VAL G 888 60.04 -13.11 3.32
CA VAL G 888 59.58 -11.73 3.37
C VAL G 888 59.46 -11.29 4.81
N PHE G 889 60.20 -10.25 5.17
CA PHE G 889 60.25 -9.72 6.53
C PHE G 889 59.81 -8.28 6.48
N VAL G 890 58.68 -7.98 7.09
CA VAL G 890 58.08 -6.65 7.04
C VAL G 890 58.51 -5.88 8.28
N ASP G 891 58.93 -4.63 8.09
CA ASP G 891 59.43 -3.81 9.20
C ASP G 891 59.35 -2.35 8.81
N TYR G 892 59.33 -1.48 9.83
CA TYR G 892 59.35 -0.04 9.65
C TYR G 892 60.34 0.59 10.62
N ASN G 893 61.31 1.32 10.08
CA ASN G 893 62.36 1.88 10.92
C ASN G 893 62.09 3.31 11.33
N SER G 894 60.81 3.65 11.53
CA SER G 894 60.35 4.79 12.35
C SER G 894 60.84 6.13 11.81
N LYS G 895 61.05 6.22 10.51
CA LYS G 895 61.28 7.50 9.86
C LYS G 895 60.05 7.98 9.12
N ALA G 896 58.94 7.23 9.23
CA ALA G 896 57.86 7.06 8.23
C ALA G 896 58.38 6.50 6.92
N LYS G 897 59.60 6.00 6.92
CA LYS G 897 60.19 5.25 5.83
C LYS G 897 59.64 3.84 5.94
N ASN G 898 59.74 3.12 4.84
CA ASN G 898 58.69 2.19 4.45
C ASN G 898 59.36 1.02 3.74
N LEU G 899 59.89 0.05 4.48
CA LEU G 899 60.64 -0.99 3.78
C LEU G 899 60.29 -2.44 4.04
N VAL G 900 60.44 -3.23 2.98
CA VAL G 900 60.23 -4.66 3.05
C VAL G 900 61.61 -5.29 2.94
N ILE G 901 61.98 -6.02 3.98
CA ILE G 901 63.26 -6.69 4.07
C ILE G 901 63.09 -8.10 3.54
N ASN G 902 63.88 -8.44 2.52
CA ASN G 902 63.75 -9.70 1.81
C ASN G 902 64.99 -10.56 2.02
N LEU G 903 64.76 -11.84 2.33
CA LEU G 903 65.80 -12.84 2.39
C LEU G 903 65.44 -13.97 1.44
N SER G 904 66.47 -14.60 0.87
CA SER G 904 66.22 -15.72 -0.04
C SER G 904 65.81 -16.97 0.71
N TYR H 189 -39.45 -69.26 -21.72
CA TYR H 189 -38.52 -68.34 -21.10
C TYR H 189 -37.11 -68.96 -21.09
N ILE H 190 -36.09 -68.10 -20.98
CA ILE H 190 -34.68 -68.51 -21.11
C ILE H 190 -34.29 -69.49 -20.00
N GLU H 191 -34.67 -69.16 -18.75
CA GLU H 191 -34.56 -69.93 -17.50
C GLU H 191 -33.11 -69.99 -16.99
N GLN H 192 -32.15 -69.52 -17.81
CA GLN H 192 -30.75 -69.46 -17.40
C GLN H 192 -30.24 -68.04 -17.27
N PHE H 193 -30.82 -67.09 -17.98
CA PHE H 193 -30.35 -65.72 -17.93
C PHE H 193 -30.81 -65.05 -16.65
N GLY H 194 -29.94 -64.18 -16.12
CA GLY H 194 -30.30 -63.41 -14.94
C GLY H 194 -30.20 -64.25 -13.69
N SER H 195 -31.20 -64.11 -12.81
CA SER H 195 -31.18 -64.82 -11.55
C SER H 195 -32.60 -64.98 -11.02
N ASN H 196 -32.81 -66.08 -10.31
CA ASN H 196 -34.09 -66.32 -9.65
C ASN H 196 -34.22 -65.42 -8.43
N MET H 197 -35.45 -64.99 -8.17
CA MET H 197 -35.70 -63.98 -7.16
C MET H 197 -36.66 -64.44 -6.07
N ASN H 198 -37.81 -65.00 -6.46
CA ASN H 198 -38.78 -65.49 -5.49
C ASN H 198 -38.25 -66.72 -4.77
N GLU H 199 -37.35 -67.47 -5.41
CA GLU H 199 -36.81 -68.67 -4.81
C GLU H 199 -35.92 -68.36 -3.61
N LYS H 200 -35.25 -67.20 -3.63
CA LYS H 200 -34.50 -66.78 -2.47
C LYS H 200 -35.42 -66.48 -1.29
N VAL H 201 -36.59 -65.91 -1.57
CA VAL H 201 -37.61 -65.77 -0.55
C VAL H 201 -38.17 -67.14 -0.18
N ARG H 202 -38.32 -68.01 -1.17
CA ARG H 202 -38.72 -69.39 -0.89
C ARG H 202 -37.65 -70.14 -0.10
N ASN H 203 -36.37 -69.81 -0.32
CA ASN H 203 -35.30 -70.42 0.47
C ASN H 203 -35.14 -69.77 1.83
N GLY H 204 -35.66 -68.58 2.03
CA GLY H 204 -35.45 -67.86 3.26
C GLY H 204 -34.33 -66.84 3.23
N LYS H 205 -33.71 -66.61 2.07
CA LYS H 205 -32.60 -65.67 1.99
C LYS H 205 -33.04 -64.23 2.14
N LEU H 206 -34.29 -63.91 1.78
CA LEU H 206 -34.82 -62.56 1.91
C LEU H 206 -36.04 -62.51 2.82
N GLN H 207 -36.16 -63.46 3.73
CA GLN H 207 -37.29 -63.45 4.65
C GLN H 207 -36.95 -62.59 5.86
N GLY H 208 -37.79 -61.59 6.12
CA GLY H 208 -37.53 -60.63 7.17
C GLY H 208 -37.00 -59.31 6.65
N ILE H 209 -37.60 -58.77 5.61
CA ILE H 209 -37.25 -57.45 5.08
C ILE H 209 -38.21 -56.44 5.65
N TYR H 210 -37.69 -55.49 6.41
CA TYR H 210 -38.49 -54.40 6.92
C TYR H 210 -38.78 -53.42 5.81
N GLY H 211 -40.01 -52.89 5.79
CA GLY H 211 -40.49 -52.09 4.69
C GLY H 211 -40.73 -50.64 5.08
N ARG H 212 -41.08 -49.85 4.06
CA ARG H 212 -41.28 -48.42 4.21
C ARG H 212 -42.27 -47.98 3.15
N ASP H 213 -43.54 -47.83 3.56
CA ASP H 213 -44.64 -47.63 2.60
C ASP H 213 -44.55 -46.30 1.88
N GLU H 214 -43.86 -45.31 2.48
CA GLU H 214 -43.75 -44.01 1.84
C GLU H 214 -42.87 -44.05 0.60
N GLU H 215 -41.92 -44.98 0.55
CA GLU H 215 -41.09 -45.17 -0.62
C GLU H 215 -41.56 -46.32 -1.50
N ILE H 216 -42.12 -47.37 -0.90
CA ILE H 216 -42.57 -48.55 -1.65
C ILE H 216 -43.69 -48.17 -2.61
N ARG H 217 -44.72 -47.49 -2.11
CA ARG H 217 -45.81 -47.02 -2.97
C ARG H 217 -45.31 -46.02 -4.00
N ALA H 218 -44.32 -45.21 -3.64
CA ALA H 218 -43.70 -44.30 -4.60
C ALA H 218 -42.96 -45.07 -5.68
N ILE H 219 -42.42 -46.24 -5.35
CA ILE H 219 -41.91 -47.11 -6.40
C ILE H 219 -43.06 -47.76 -7.16
N ILE H 220 -44.13 -48.13 -6.45
CA ILE H 220 -45.30 -48.73 -7.07
C ILE H 220 -45.95 -47.76 -8.05
N GLU H 221 -46.09 -46.49 -7.64
CA GLU H 221 -46.64 -45.48 -8.53
C GLU H 221 -45.72 -45.20 -9.71
N SER H 222 -44.40 -45.28 -9.50
CA SER H 222 -43.48 -45.17 -10.62
C SER H 222 -43.41 -46.45 -11.43
N LEU H 223 -43.93 -47.56 -10.90
CA LEU H 223 -44.21 -48.73 -11.71
C LEU H 223 -45.63 -48.74 -12.23
N LEU H 224 -46.50 -47.91 -11.67
CA LEU H 224 -47.83 -47.65 -12.22
C LEU H 224 -47.85 -46.38 -13.06
N ARG H 225 -46.74 -46.06 -13.72
CA ARG H 225 -46.77 -44.99 -14.69
C ARG H 225 -47.55 -45.42 -15.93
N TYR H 226 -47.88 -44.44 -16.74
CA TYR H 226 -48.68 -44.70 -17.93
C TYR H 226 -47.85 -44.73 -19.20
N ASN H 227 -46.67 -44.11 -19.21
CA ASN H 227 -45.81 -44.14 -20.37
C ASN H 227 -44.44 -44.75 -20.11
N LYS H 228 -43.71 -44.26 -19.10
CA LYS H 228 -42.30 -44.66 -19.00
C LYS H 228 -42.11 -45.93 -18.17
N ASN H 229 -42.78 -46.03 -17.01
CA ASN H 229 -42.54 -47.07 -16.00
C ASN H 229 -41.05 -47.21 -15.67
N SER H 230 -40.37 -46.08 -15.49
CA SER H 230 -38.92 -46.02 -15.36
C SER H 230 -38.53 -45.37 -14.03
N PRO H 231 -38.47 -46.15 -12.94
CA PRO H 231 -37.97 -45.59 -11.68
C PRO H 231 -36.45 -45.63 -11.60
N VAL H 232 -35.88 -44.54 -11.07
CA VAL H 232 -34.45 -44.42 -10.84
C VAL H 232 -34.26 -44.01 -9.39
N LEU H 233 -33.51 -44.81 -8.63
CA LEU H 233 -33.28 -44.51 -7.23
C LEU H 233 -32.09 -43.59 -7.07
N VAL H 234 -32.35 -42.38 -6.57
CA VAL H 234 -31.32 -41.38 -6.32
C VAL H 234 -31.23 -41.20 -4.81
N GLY H 235 -30.02 -41.30 -4.28
CA GLY H 235 -29.85 -41.36 -2.84
C GLY H 235 -28.44 -41.77 -2.48
N ASN H 236 -28.26 -42.01 -1.20
CA ASN H 236 -26.97 -42.29 -0.64
C ASN H 236 -26.70 -43.80 -0.63
N PRO H 237 -25.43 -44.21 -0.69
CA PRO H 237 -25.14 -45.65 -0.61
C PRO H 237 -25.47 -46.25 0.73
N GLY H 238 -25.34 -45.48 1.80
CA GLY H 238 -25.73 -45.95 3.12
C GLY H 238 -27.22 -46.18 3.27
N THR H 239 -28.02 -45.46 2.51
CA THR H 239 -29.47 -45.57 2.57
C THR H 239 -29.92 -46.80 1.78
N GLY H 240 -31.21 -47.10 1.86
CA GLY H 240 -31.75 -48.30 1.23
C GLY H 240 -31.86 -48.21 -0.27
N LYS H 241 -31.07 -49.02 -0.98
CA LYS H 241 -31.14 -49.08 -2.43
C LYS H 241 -31.64 -50.43 -2.93
N THR H 242 -30.94 -51.52 -2.60
CA THR H 242 -31.39 -52.83 -3.04
C THR H 242 -32.47 -53.37 -2.15
N THR H 243 -32.43 -53.06 -0.86
CA THR H 243 -33.29 -53.73 0.10
C THR H 243 -34.72 -53.25 0.05
N ILE H 244 -34.99 -52.10 -0.56
CA ILE H 244 -36.38 -51.78 -0.87
C ILE H 244 -36.80 -52.43 -2.18
N VAL H 245 -35.87 -52.56 -3.12
CA VAL H 245 -36.14 -53.29 -4.35
C VAL H 245 -36.29 -54.78 -4.06
N GLU H 246 -35.36 -55.36 -3.28
CA GLU H 246 -35.49 -56.74 -2.84
C GLU H 246 -36.66 -56.94 -1.90
N GLY H 247 -37.13 -55.86 -1.25
CA GLY H 247 -38.29 -55.97 -0.39
C GLY H 247 -39.56 -56.33 -1.14
N LEU H 248 -39.68 -55.87 -2.39
CA LEU H 248 -40.93 -56.00 -3.14
C LEU H 248 -41.31 -57.45 -3.40
N VAL H 249 -40.31 -58.31 -3.56
CA VAL H 249 -40.57 -59.73 -3.79
C VAL H 249 -40.95 -60.41 -2.48
N TYR H 250 -40.37 -59.95 -1.38
CA TYR H 250 -40.80 -60.38 -0.05
C TYR H 250 -42.22 -59.90 0.25
N ARG H 251 -42.70 -58.89 -0.47
CA ARG H 251 -44.03 -58.32 -0.33
C ARG H 251 -45.01 -58.82 -1.38
N ILE H 252 -44.57 -59.62 -2.35
CA ILE H 252 -45.49 -60.34 -3.21
C ILE H 252 -46.24 -61.40 -2.41
N GLU H 253 -45.52 -62.17 -1.61
CA GLU H 253 -46.13 -63.18 -0.77
C GLU H 253 -46.93 -62.59 0.38
N LYS H 254 -46.66 -61.33 0.76
CA LYS H 254 -47.47 -60.68 1.78
C LYS H 254 -48.83 -60.26 1.25
N GLY H 255 -48.98 -60.13 -0.06
CA GLY H 255 -50.25 -59.74 -0.63
C GLY H 255 -50.55 -58.26 -0.59
N ASP H 256 -49.62 -57.44 -0.13
CA ASP H 256 -49.81 -55.98 -0.15
C ASP H 256 -49.24 -55.37 -1.43
N VAL H 257 -49.66 -55.95 -2.55
CA VAL H 257 -49.35 -55.48 -3.90
C VAL H 257 -50.67 -55.32 -4.63
N PRO H 258 -50.73 -54.45 -5.64
CA PRO H 258 -51.94 -54.40 -6.46
C PRO H 258 -52.06 -55.64 -7.33
N LYS H 259 -53.32 -55.94 -7.71
CA LYS H 259 -53.62 -57.18 -8.42
C LYS H 259 -52.99 -57.23 -9.80
N GLU H 260 -52.85 -56.08 -10.45
CA GLU H 260 -52.25 -56.03 -11.77
C GLU H 260 -50.74 -56.13 -11.76
N LEU H 261 -50.11 -56.07 -10.59
CA LEU H 261 -48.67 -56.19 -10.45
C LEU H 261 -48.27 -57.45 -9.69
N GLN H 262 -48.92 -58.56 -9.99
CA GLN H 262 -48.69 -59.81 -9.29
C GLN H 262 -48.04 -60.84 -10.21
N GLY H 263 -47.29 -61.76 -9.60
CA GLY H 263 -46.60 -62.81 -10.31
C GLY H 263 -45.26 -62.42 -10.89
N TYR H 264 -44.99 -61.13 -11.04
CA TYR H 264 -43.81 -60.65 -11.75
C TYR H 264 -42.53 -60.99 -11.01
N THR H 265 -41.47 -61.25 -11.78
CA THR H 265 -40.20 -61.72 -11.25
C THR H 265 -39.12 -60.69 -11.50
N VAL H 266 -38.42 -60.30 -10.45
CA VAL H 266 -37.28 -59.40 -10.57
C VAL H 266 -36.10 -60.17 -11.12
N ILE H 267 -35.49 -59.64 -12.15
CA ILE H 267 -34.27 -60.23 -12.70
C ILE H 267 -33.12 -59.35 -12.23
N SER H 268 -32.43 -59.77 -11.18
CA SER H 268 -31.22 -59.06 -10.76
C SER H 268 -30.11 -59.31 -11.77
N LEU H 269 -29.35 -58.26 -12.08
CA LEU H 269 -28.49 -58.24 -13.26
C LEU H 269 -27.07 -57.87 -12.88
N ASN H 270 -26.20 -58.86 -12.81
CA ASN H 270 -24.79 -58.63 -12.53
C ASN H 270 -24.09 -58.11 -13.78
N PHE H 271 -23.14 -57.18 -13.59
CA PHE H 271 -22.38 -56.64 -14.70
C PHE H 271 -21.48 -57.68 -15.35
N ARG H 272 -21.10 -58.73 -14.60
CA ARG H 272 -20.39 -59.86 -15.15
C ARG H 272 -21.20 -60.58 -16.22
N LYS H 273 -22.53 -60.50 -16.16
CA LYS H 273 -23.38 -61.12 -17.15
C LYS H 273 -23.49 -60.31 -18.44
N PHE H 274 -23.25 -59.00 -18.39
CA PHE H 274 -23.51 -58.17 -19.57
C PHE H 274 -22.38 -58.24 -20.59
N THR H 275 -21.20 -57.74 -20.21
CA THR H 275 -20.15 -57.41 -21.18
C THR H 275 -18.90 -58.26 -21.03
N SER H 276 -18.88 -59.21 -20.10
CA SER H 276 -17.75 -60.12 -20.03
C SER H 276 -17.77 -61.11 -21.19
N GLY H 277 -18.93 -61.69 -21.47
CA GLY H 277 -19.11 -62.65 -22.53
C GLY H 277 -19.24 -62.08 -23.92
N THR H 278 -18.89 -60.83 -24.13
CA THR H 278 -18.93 -60.19 -25.44
C THR H 278 -17.53 -60.17 -26.04
N SER H 279 -17.46 -60.29 -27.37
CA SER H 279 -16.19 -60.58 -28.03
C SER H 279 -15.89 -59.63 -29.20
N TYR H 280 -16.22 -58.34 -29.02
CA TYR H 280 -15.87 -57.21 -29.92
C TYR H 280 -16.21 -57.47 -31.39
N ARG H 281 -17.25 -58.26 -31.65
CA ARG H 281 -17.55 -58.81 -32.95
C ARG H 281 -19.02 -58.50 -33.25
N GLY H 282 -19.49 -58.87 -34.44
CA GLY H 282 -20.92 -58.96 -34.73
C GLY H 282 -21.68 -60.01 -33.94
N GLU H 283 -20.99 -60.83 -33.15
CA GLU H 283 -21.60 -61.68 -32.14
C GLU H 283 -22.13 -60.88 -30.96
N PHE H 284 -21.79 -59.59 -30.85
CA PHE H 284 -22.28 -58.76 -29.75
C PHE H 284 -23.79 -58.58 -29.82
N GLU H 285 -24.30 -58.09 -30.96
CA GLU H 285 -25.72 -57.78 -31.07
C GLU H 285 -26.57 -59.03 -31.20
N THR H 286 -25.96 -60.20 -31.44
CA THR H 286 -26.68 -61.46 -31.29
C THR H 286 -27.01 -61.73 -29.83
N ARG H 287 -26.23 -61.18 -28.90
CA ARG H 287 -26.55 -61.29 -27.49
C ARG H 287 -27.48 -60.18 -27.02
N MET H 288 -27.48 -59.04 -27.71
CA MET H 288 -28.31 -57.92 -27.26
C MET H 288 -29.79 -58.17 -27.55
N LYS H 289 -30.10 -58.80 -28.68
CA LYS H 289 -31.48 -59.18 -28.95
C LYS H 289 -31.97 -60.30 -28.06
N ASN H 290 -31.05 -61.13 -27.55
CA ASN H 290 -31.42 -62.19 -26.61
C ASN H 290 -31.96 -61.61 -25.31
N ILE H 291 -31.44 -60.45 -24.92
CA ILE H 291 -31.97 -59.76 -23.76
C ILE H 291 -33.13 -58.86 -24.14
N ILE H 292 -32.89 -57.95 -25.09
CA ILE H 292 -33.79 -56.80 -25.26
C ILE H 292 -35.03 -57.20 -26.06
N LYS H 293 -34.84 -57.61 -27.31
CA LYS H 293 -35.97 -57.79 -28.19
C LYS H 293 -36.75 -59.06 -27.94
N GLU H 294 -36.12 -60.09 -27.35
CA GLU H 294 -36.85 -61.30 -27.01
C GLU H 294 -37.78 -61.13 -25.84
N LEU H 295 -37.63 -60.06 -25.05
CA LEU H 295 -38.39 -59.90 -23.83
C LEU H 295 -39.35 -58.72 -23.89
N LYS H 296 -39.64 -58.22 -25.10
CA LYS H 296 -40.63 -57.17 -25.29
C LYS H 296 -41.99 -57.75 -25.70
N ASN H 297 -42.02 -58.44 -26.84
CA ASN H 297 -43.24 -59.08 -27.33
C ASN H 297 -43.57 -60.34 -26.56
N LYS H 298 -42.62 -60.87 -25.79
CA LYS H 298 -42.91 -61.99 -24.90
C LYS H 298 -43.82 -61.53 -23.78
N LYS H 299 -44.93 -62.26 -23.60
CA LYS H 299 -45.93 -61.89 -22.62
C LYS H 299 -45.54 -62.24 -21.20
N ASN H 300 -44.36 -62.83 -20.98
CA ASN H 300 -43.99 -63.31 -19.66
C ASN H 300 -43.76 -62.15 -18.69
N LYS H 301 -43.90 -62.46 -17.41
CA LYS H 301 -43.89 -61.45 -16.37
C LYS H 301 -42.46 -61.02 -16.06
N ILE H 302 -42.18 -59.74 -16.27
CA ILE H 302 -40.81 -59.26 -16.37
C ILE H 302 -40.60 -58.06 -15.45
N ILE H 303 -39.48 -58.09 -14.70
CA ILE H 303 -38.95 -56.93 -13.98
C ILE H 303 -37.43 -56.96 -14.13
N LEU H 304 -36.86 -55.86 -14.62
CA LEU H 304 -35.42 -55.70 -14.70
C LEU H 304 -34.89 -54.97 -13.48
N PHE H 305 -33.57 -54.97 -13.34
CA PHE H 305 -32.92 -54.19 -12.29
C PHE H 305 -31.50 -53.82 -12.72
N VAL H 306 -31.19 -52.54 -12.65
CA VAL H 306 -29.86 -52.04 -12.97
C VAL H 306 -29.14 -51.76 -11.66
N ASP H 307 -27.92 -52.28 -11.53
CA ASP H 307 -27.05 -51.96 -10.40
C ASP H 307 -26.72 -50.47 -10.40
N GLU H 308 -25.98 -50.04 -11.41
CA GLU H 308 -25.64 -48.63 -11.60
C GLU H 308 -25.72 -48.30 -13.08
N ILE H 309 -26.20 -47.11 -13.38
CA ILE H 309 -26.19 -46.65 -14.77
C ILE H 309 -24.79 -46.20 -15.17
N HIS H 310 -24.00 -45.75 -14.20
CA HIS H 310 -22.64 -45.30 -14.48
C HIS H 310 -21.73 -46.45 -14.85
N LEU H 311 -22.01 -47.66 -14.36
CA LEU H 311 -21.25 -48.82 -14.79
C LEU H 311 -21.52 -49.13 -16.26
N LEU H 312 -22.72 -48.84 -16.74
CA LEU H 312 -23.06 -49.08 -18.13
C LEU H 312 -22.44 -48.05 -19.07
N LEU H 313 -21.94 -46.94 -18.53
CA LEU H 313 -21.22 -45.95 -19.30
C LEU H 313 -19.71 -46.14 -19.27
N GLY H 314 -19.20 -46.98 -18.36
CA GLY H 314 -17.77 -47.17 -18.22
C GLY H 314 -17.18 -48.16 -19.22
N ALA H 315 -17.71 -49.38 -19.25
CA ALA H 315 -17.25 -50.41 -20.16
C ALA H 315 -18.25 -50.58 -21.31
N GLY H 316 -17.75 -51.10 -22.42
CA GLY H 316 -18.56 -51.22 -23.61
C GLY H 316 -18.19 -50.18 -24.64
N LYS H 317 -16.93 -49.74 -24.63
CA LYS H 317 -16.45 -48.72 -25.55
C LYS H 317 -15.95 -49.30 -26.87
N ALA H 318 -15.84 -50.52 -27.07
CA ALA H 318 -15.47 -50.99 -28.40
C ALA H 318 -16.29 -50.20 -29.42
N GLU H 319 -15.63 -49.78 -30.50
CA GLU H 319 -16.31 -48.98 -31.50
C GLU H 319 -17.46 -49.74 -32.15
N GLY H 320 -17.22 -50.99 -32.50
CA GLY H 320 -18.26 -51.80 -33.11
C GLY H 320 -19.39 -52.07 -32.15
N GLY H 321 -19.03 -52.40 -30.91
CA GLY H 321 -20.00 -52.71 -29.87
C GLY H 321 -20.94 -51.62 -29.38
N THR H 322 -20.40 -50.42 -29.13
CA THR H 322 -21.21 -49.31 -28.62
C THR H 322 -22.03 -49.70 -27.39
N ASP H 323 -23.32 -49.36 -27.39
CA ASP H 323 -24.20 -49.75 -26.29
C ASP H 323 -23.99 -48.96 -25.01
N ALA H 324 -23.24 -47.86 -25.06
CA ALA H 324 -23.03 -47.01 -23.89
C ALA H 324 -24.17 -45.99 -23.81
N ALA H 325 -25.34 -46.49 -23.41
CA ALA H 325 -26.65 -45.81 -23.28
C ALA H 325 -27.35 -45.56 -24.63
N ASN H 326 -26.79 -46.15 -25.69
CA ASN H 326 -27.30 -46.04 -27.04
C ASN H 326 -28.67 -46.69 -27.23
N LEU H 327 -28.87 -47.86 -26.63
CA LEU H 327 -30.15 -48.52 -26.80
C LEU H 327 -31.13 -48.02 -25.75
N LEU H 328 -32.31 -48.67 -25.69
CA LEU H 328 -33.37 -48.41 -24.72
C LEU H 328 -33.92 -46.99 -24.81
N LYS H 329 -33.76 -46.34 -25.96
CA LYS H 329 -34.27 -44.99 -26.16
C LYS H 329 -35.79 -44.93 -26.36
N PRO H 330 -36.46 -45.81 -27.14
CA PRO H 330 -37.93 -45.81 -27.09
C PRO H 330 -38.49 -46.52 -25.89
N VAL H 331 -37.69 -47.34 -25.21
CA VAL H 331 -38.13 -48.05 -24.01
C VAL H 331 -38.42 -47.08 -22.87
N LEU H 332 -37.71 -45.95 -22.83
CA LEU H 332 -37.98 -44.91 -21.84
C LEU H 332 -39.28 -44.16 -22.08
N SER H 333 -39.97 -44.42 -23.19
CA SER H 333 -41.32 -43.94 -23.39
C SER H 333 -42.34 -45.06 -23.60
N LYS H 334 -41.89 -46.29 -23.80
CA LYS H 334 -42.77 -47.45 -23.87
C LYS H 334 -42.95 -48.08 -22.50
N GLY H 335 -44.03 -48.85 -22.36
CA GLY H 335 -44.35 -49.45 -21.08
C GLY H 335 -44.28 -50.97 -21.08
N GLU H 336 -43.54 -51.55 -22.02
CA GLU H 336 -43.43 -52.99 -22.07
C GLU H 336 -42.36 -53.52 -21.12
N ILE H 337 -41.28 -52.76 -20.94
CA ILE H 337 -40.12 -53.19 -20.18
C ILE H 337 -40.09 -52.45 -18.86
N LYS H 338 -39.96 -53.19 -17.76
CA LYS H 338 -39.94 -52.63 -16.41
C LYS H 338 -38.51 -52.75 -15.87
N LEU H 339 -37.80 -51.62 -15.81
CA LEU H 339 -36.45 -51.57 -15.29
C LEU H 339 -36.41 -50.70 -14.04
N ILE H 340 -35.42 -50.98 -13.18
CA ILE H 340 -35.14 -50.18 -11.99
C ILE H 340 -33.65 -49.94 -11.92
N GLY H 341 -33.25 -48.67 -11.81
CA GLY H 341 -31.87 -48.30 -11.68
C GLY H 341 -31.55 -47.80 -10.26
N ALA H 342 -30.26 -47.62 -10.02
CA ALA H 342 -29.79 -47.12 -8.73
C ALA H 342 -28.49 -46.36 -8.94
N THR H 343 -28.49 -45.08 -8.55
CA THR H 343 -27.31 -44.24 -8.62
C THR H 343 -27.12 -43.50 -7.31
N THR H 344 -25.90 -43.02 -7.10
CA THR H 344 -25.63 -42.11 -6.00
C THR H 344 -25.76 -40.68 -6.50
N ILE H 345 -26.08 -39.78 -5.56
CA ILE H 345 -26.47 -38.40 -5.91
C ILE H 345 -25.31 -37.67 -6.57
N ALA H 346 -24.11 -37.78 -5.98
CA ALA H 346 -22.93 -37.10 -6.51
C ALA H 346 -22.50 -37.63 -7.86
N GLU H 347 -22.82 -38.88 -8.16
CA GLU H 347 -22.62 -39.39 -9.51
C GLU H 347 -23.78 -39.03 -10.43
N TYR H 348 -25.02 -39.10 -9.92
CA TYR H 348 -26.19 -38.81 -10.74
C TYR H 348 -26.26 -37.34 -11.12
N ARG H 349 -25.65 -36.47 -10.31
CA ARG H 349 -25.44 -35.09 -10.72
C ARG H 349 -24.57 -35.03 -11.97
N LYS H 350 -23.53 -35.86 -12.02
CA LYS H 350 -22.67 -35.93 -13.18
C LYS H 350 -23.23 -36.81 -14.29
N PHE H 351 -24.35 -37.49 -14.05
CA PHE H 351 -25.02 -38.17 -15.14
C PHE H 351 -25.86 -37.20 -15.95
N ILE H 352 -26.59 -36.32 -15.27
CA ILE H 352 -27.61 -35.51 -15.93
C ILE H 352 -26.98 -34.33 -16.65
N GLU H 353 -26.31 -33.47 -15.90
CA GLU H 353 -25.87 -32.19 -16.41
C GLU H 353 -24.58 -32.25 -17.21
N SER H 354 -23.99 -33.44 -17.37
CA SER H 354 -22.80 -33.57 -18.21
C SER H 354 -23.14 -33.73 -19.69
N CYS H 355 -24.39 -34.04 -20.02
CA CYS H 355 -24.81 -34.11 -21.42
C CYS H 355 -26.05 -33.25 -21.63
N SER H 356 -26.90 -33.19 -20.60
CA SER H 356 -28.18 -32.45 -20.60
C SER H 356 -29.09 -32.88 -21.76
N ALA H 357 -29.08 -34.19 -22.06
CA ALA H 357 -30.01 -34.79 -23.01
C ALA H 357 -30.93 -35.81 -22.36
N PHE H 358 -30.46 -36.51 -21.33
CA PHE H 358 -31.29 -37.41 -20.55
C PHE H 358 -32.01 -36.72 -19.41
N GLU H 359 -32.18 -35.40 -19.50
CA GLU H 359 -32.73 -34.61 -18.40
C GLU H 359 -34.22 -34.85 -18.24
N ARG H 360 -34.94 -34.98 -19.36
CA ARG H 360 -36.38 -35.18 -19.31
C ARG H 360 -36.78 -36.64 -19.29
N ARG H 361 -35.87 -37.55 -19.66
CA ARG H 361 -36.20 -38.97 -19.71
C ARG H 361 -36.32 -39.55 -18.30
N PHE H 362 -35.22 -39.52 -17.56
CA PHE H 362 -35.19 -40.13 -16.24
C PHE H 362 -35.76 -39.19 -15.20
N GLU H 363 -35.79 -39.66 -13.96
CA GLU H 363 -36.39 -38.93 -12.84
C GLU H 363 -35.48 -38.95 -11.63
N LYS H 364 -35.84 -38.12 -10.65
CA LYS H 364 -35.13 -38.04 -9.38
C LYS H 364 -36.09 -38.55 -8.30
N ILE H 365 -36.13 -39.86 -8.12
CA ILE H 365 -36.92 -40.46 -7.07
C ILE H 365 -36.04 -40.54 -5.84
N LEU H 366 -36.31 -39.68 -4.86
CA LEU H 366 -35.41 -39.46 -3.75
C LEU H 366 -35.46 -40.64 -2.79
N VAL H 367 -34.31 -41.29 -2.60
CA VAL H 367 -34.16 -42.27 -1.54
C VAL H 367 -34.01 -41.52 -0.23
N GLU H 368 -34.88 -41.80 0.72
CA GLU H 368 -35.08 -40.93 1.86
C GLU H 368 -34.12 -41.29 3.01
N PRO H 369 -33.89 -40.38 3.96
CA PRO H 369 -32.98 -40.69 5.10
C PRO H 369 -33.50 -41.80 6.00
N PRO H 370 -32.64 -42.41 6.82
CA PRO H 370 -33.10 -43.52 7.66
C PRO H 370 -33.93 -43.11 8.86
N SER H 371 -33.91 -41.83 9.26
CA SER H 371 -34.75 -41.28 10.34
C SER H 371 -34.51 -41.96 11.68
N VAL H 372 -33.42 -41.59 12.36
CA VAL H 372 -32.76 -42.23 13.50
C VAL H 372 -33.68 -42.88 14.51
N ASP H 373 -34.76 -42.20 14.88
CA ASP H 373 -35.70 -42.75 15.84
C ASP H 373 -36.51 -43.91 15.27
N MET H 374 -36.60 -44.02 13.94
CA MET H 374 -37.21 -45.20 13.33
C MET H 374 -36.19 -46.28 13.00
N THR H 375 -34.90 -45.97 13.06
CA THR H 375 -33.90 -47.02 12.93
C THR H 375 -33.89 -47.94 14.13
N VAL H 376 -34.36 -47.45 15.28
CA VAL H 376 -34.57 -48.31 16.45
C VAL H 376 -35.60 -49.38 16.13
N LYS H 377 -36.60 -49.05 15.32
CA LYS H 377 -37.52 -50.07 14.84
C LYS H 377 -36.83 -51.00 13.83
N ILE H 378 -35.88 -50.48 13.07
CA ILE H 378 -35.27 -51.26 12.00
C ILE H 378 -34.36 -52.34 12.55
N LEU H 379 -33.46 -51.98 13.46
CA LEU H 379 -32.50 -52.94 14.01
C LEU H 379 -33.19 -53.97 14.88
N ARG H 380 -34.17 -53.53 15.66
CA ARG H 380 -34.89 -54.45 16.53
C ARG H 380 -35.69 -55.46 15.73
N SER H 381 -36.13 -55.08 14.54
CA SER H 381 -36.73 -56.04 13.62
C SER H 381 -35.71 -57.01 13.03
N LEU H 382 -34.42 -56.67 13.06
CA LEU H 382 -33.38 -57.50 12.46
C LEU H 382 -32.57 -58.28 13.47
N LYS H 383 -33.02 -58.34 14.72
CA LYS H 383 -32.32 -59.12 15.73
C LYS H 383 -32.43 -60.61 15.46
N SER H 384 -33.51 -61.03 14.82
CA SER H 384 -33.84 -62.44 14.68
C SER H 384 -32.92 -63.16 13.71
N LYS H 385 -32.22 -62.44 12.83
CA LYS H 385 -31.29 -63.11 11.94
C LYS H 385 -30.05 -63.59 12.69
N TYR H 386 -29.71 -62.93 13.79
CA TYR H 386 -28.51 -63.24 14.54
C TYR H 386 -28.78 -64.18 15.70
N GLU H 387 -29.84 -63.89 16.46
CA GLU H 387 -30.17 -64.70 17.63
C GLU H 387 -30.63 -66.09 17.23
N ASN H 388 -31.28 -66.24 16.07
CA ASN H 388 -31.65 -67.57 15.62
C ASN H 388 -30.48 -68.34 15.04
N PHE H 389 -29.37 -67.66 14.73
CA PHE H 389 -28.24 -68.38 14.17
C PHE H 389 -27.47 -69.11 15.26
N TYR H 390 -26.90 -68.36 16.19
CA TYR H 390 -25.98 -68.91 17.18
C TYR H 390 -26.48 -68.75 18.60
N GLY H 391 -27.11 -67.62 18.93
CA GLY H 391 -27.96 -67.55 20.11
C GLY H 391 -27.57 -66.55 21.17
N ILE H 392 -26.52 -65.76 21.01
CA ILE H 392 -26.17 -64.79 22.03
C ILE H 392 -27.12 -63.60 21.93
N ASN H 393 -27.80 -63.32 23.03
CA ASN H 393 -28.80 -62.27 23.04
C ASN H 393 -28.16 -60.90 22.91
N ILE H 394 -28.86 -60.01 22.23
CA ILE H 394 -28.47 -58.61 22.11
C ILE H 394 -29.52 -57.79 22.83
N THR H 395 -29.11 -57.08 23.87
CA THR H 395 -30.04 -56.29 24.66
C THR H 395 -30.53 -55.08 23.86
N ASP H 396 -31.66 -54.53 24.30
CA ASP H 396 -32.15 -53.28 23.71
C ASP H 396 -31.27 -52.10 24.05
N LYS H 397 -30.51 -52.20 25.15
CA LYS H 397 -29.52 -51.18 25.49
C LYS H 397 -28.47 -51.06 24.40
N ALA H 398 -28.09 -52.19 23.79
CA ALA H 398 -27.21 -52.15 22.64
C ALA H 398 -27.89 -51.50 21.45
N LEU H 399 -29.20 -51.71 21.28
CA LEU H 399 -29.92 -51.05 20.21
C LEU H 399 -30.00 -49.54 20.43
N VAL H 400 -30.01 -49.12 21.70
CA VAL H 400 -29.87 -47.70 22.00
C VAL H 400 -28.46 -47.23 21.67
N ALA H 401 -27.47 -48.04 22.03
CA ALA H 401 -26.07 -47.68 21.78
C ALA H 401 -25.75 -47.69 20.30
N ALA H 402 -26.39 -48.58 19.54
CA ALA H 402 -26.17 -48.59 18.09
C ALA H 402 -26.88 -47.46 17.39
N ALA H 403 -27.70 -46.69 18.09
CA ALA H 403 -28.29 -45.50 17.49
C ALA H 403 -27.42 -44.27 17.74
N LYS H 404 -27.17 -43.96 19.02
CA LYS H 404 -26.51 -42.72 19.39
C LYS H 404 -25.05 -42.71 18.96
N ILE H 405 -24.34 -43.82 19.19
CA ILE H 405 -22.92 -43.85 18.89
C ILE H 405 -22.69 -43.95 17.40
N SER H 406 -23.64 -44.54 16.66
CA SER H 406 -23.47 -44.62 15.23
C SER H 406 -23.73 -43.29 14.55
N ASP H 407 -24.72 -42.55 15.02
CA ASP H 407 -25.26 -41.47 14.21
C ASP H 407 -24.83 -40.09 14.65
N ARG H 408 -24.38 -39.93 15.89
CA ARG H 408 -23.85 -38.63 16.29
C ARG H 408 -22.40 -38.48 15.87
N PHE H 409 -21.58 -39.49 16.13
CA PHE H 409 -20.14 -39.38 15.92
C PHE H 409 -19.76 -39.34 14.45
N ILE H 410 -19.98 -40.44 13.74
CA ILE H 410 -19.36 -40.65 12.44
C ILE H 410 -20.21 -39.97 11.37
N LYS H 411 -19.55 -39.31 10.43
CA LYS H 411 -20.24 -38.52 9.43
C LYS H 411 -19.98 -38.94 7.99
N ASP H 412 -18.87 -39.63 7.69
CA ASP H 412 -18.55 -39.92 6.30
C ASP H 412 -19.46 -41.00 5.73
N ARG H 413 -19.65 -42.09 6.47
CA ARG H 413 -20.64 -43.07 6.07
C ARG H 413 -22.02 -42.59 6.52
N TYR H 414 -23.04 -43.16 5.89
CA TYR H 414 -24.38 -42.77 6.25
C TYR H 414 -24.93 -43.68 7.34
N LEU H 415 -26.05 -43.25 7.93
CA LEU H 415 -26.46 -43.73 9.24
C LEU H 415 -26.77 -45.23 9.34
N PRO H 416 -27.71 -45.80 8.56
CA PRO H 416 -28.26 -47.10 8.98
C PRO H 416 -27.32 -48.26 8.77
N ASP H 417 -26.32 -48.12 7.90
CA ASP H 417 -25.30 -49.16 7.80
C ASP H 417 -24.41 -49.17 9.03
N LYS H 418 -24.07 -47.99 9.54
CA LYS H 418 -23.13 -47.86 10.65
C LYS H 418 -23.69 -48.47 11.92
N ALA H 419 -25.01 -48.38 12.11
CA ALA H 419 -25.66 -49.09 13.19
C ALA H 419 -25.52 -50.60 13.01
N ILE H 420 -25.76 -51.09 11.79
CA ILE H 420 -25.62 -52.50 11.48
C ILE H 420 -24.18 -52.95 11.61
N ASP H 421 -23.23 -52.05 11.31
CA ASP H 421 -21.81 -52.37 11.41
C ASP H 421 -21.42 -52.70 12.84
N LEU H 422 -21.69 -51.77 13.76
CA LEU H 422 -21.26 -51.92 15.15
C LEU H 422 -21.93 -53.10 15.84
N LEU H 423 -23.17 -53.41 15.46
CA LEU H 423 -23.82 -54.60 15.99
C LEU H 423 -23.17 -55.86 15.46
N ASN H 424 -22.84 -55.86 14.16
CA ASN H 424 -22.03 -56.94 13.60
C ASN H 424 -20.66 -56.97 14.23
N LYS H 425 -20.11 -55.80 14.52
CA LYS H 425 -18.88 -55.75 15.28
C LYS H 425 -19.10 -56.29 16.69
N ALA H 426 -20.27 -56.01 17.28
CA ALA H 426 -20.59 -56.61 18.56
C ALA H 426 -20.90 -58.10 18.41
N CYS H 427 -21.41 -58.52 17.25
CA CYS H 427 -21.62 -59.94 17.01
C CYS H 427 -20.30 -60.69 16.95
N SER H 428 -19.34 -60.15 16.21
CA SER H 428 -18.04 -60.80 16.08
C SER H 428 -17.24 -60.76 17.36
N PHE H 429 -17.56 -59.84 18.26
CA PHE H 429 -16.71 -59.64 19.42
C PHE H 429 -16.87 -60.75 20.45
N LEU H 430 -18.03 -61.38 20.50
CA LEU H 430 -18.29 -62.33 21.57
C LEU H 430 -18.17 -63.78 21.14
N GLN H 431 -18.31 -64.07 19.85
CA GLN H 431 -18.16 -65.45 19.39
C GLN H 431 -16.74 -65.94 19.55
N VAL H 432 -15.76 -65.05 19.40
CA VAL H 432 -14.37 -65.42 19.60
C VAL H 432 -14.11 -65.75 21.05
N GLN H 433 -14.68 -64.96 21.96
CA GLN H 433 -14.40 -65.13 23.38
C GLN H 433 -15.08 -66.37 23.94
N LEU H 434 -16.34 -66.58 23.59
CA LEU H 434 -17.09 -67.67 24.22
C LEU H 434 -16.74 -69.01 23.61
N SER H 435 -16.56 -69.07 22.28
CA SER H 435 -16.03 -70.26 21.65
C SER H 435 -14.52 -70.19 21.82
N GLY H 436 -14.03 -70.67 22.96
CA GLY H 436 -12.61 -70.64 23.22
C GLY H 436 -12.22 -69.69 24.33
N LYS H 437 -11.13 -68.98 24.14
CA LYS H 437 -10.55 -68.22 25.22
C LYS H 437 -11.15 -66.82 25.31
N PRO H 438 -11.34 -66.30 26.52
CA PRO H 438 -11.73 -64.91 26.69
C PRO H 438 -10.51 -64.02 26.50
N ARG H 439 -10.73 -62.70 26.61
CA ARG H 439 -9.74 -61.74 26.14
C ARG H 439 -8.56 -61.63 27.09
N ILE H 440 -8.84 -61.57 28.39
CA ILE H 440 -7.83 -61.21 29.39
C ILE H 440 -6.73 -62.26 29.47
N ILE H 441 -7.13 -63.53 29.45
CA ILE H 441 -6.24 -64.60 29.84
C ILE H 441 -5.20 -64.86 28.76
N ASP H 442 -5.65 -64.96 27.50
CA ASP H 442 -4.78 -65.23 26.37
C ASP H 442 -3.73 -64.12 26.18
N VAL H 443 -4.11 -62.88 26.47
CA VAL H 443 -3.13 -61.79 26.53
C VAL H 443 -2.09 -62.07 27.59
N THR H 444 -2.54 -62.39 28.79
CA THR H 444 -1.62 -62.68 29.88
C THR H 444 -0.94 -64.05 29.85
N GLU H 445 -1.47 -64.95 29.03
CA GLU H 445 -0.89 -66.28 28.88
C GLU H 445 0.41 -66.25 28.06
N ARG H 446 0.49 -65.26 27.16
CA ARG H 446 1.66 -65.08 26.33
C ARG H 446 2.63 -64.14 27.02
N ASP H 447 2.13 -63.31 27.94
CA ASP H 447 3.03 -62.51 28.74
C ASP H 447 3.78 -63.35 29.76
N ILE H 448 3.26 -64.53 30.09
CA ILE H 448 4.10 -65.57 30.65
C ILE H 448 5.22 -65.90 29.67
N GLU H 449 4.85 -66.13 28.41
CA GLU H 449 5.78 -66.71 27.45
C GLU H 449 6.77 -65.68 26.91
N ARG H 450 6.26 -64.51 26.53
CA ARG H 450 7.08 -63.50 25.84
C ARG H 450 8.17 -62.96 26.75
N LEU H 451 7.82 -62.65 28.00
CA LEU H 451 8.80 -62.10 28.91
C LEU H 451 9.78 -63.17 29.40
N SER H 452 9.31 -64.41 29.54
CA SER H 452 10.24 -65.49 29.81
C SER H 452 11.11 -65.80 28.62
N TYR H 453 10.59 -65.56 27.41
CA TYR H 453 11.43 -65.64 26.23
C TYR H 453 12.50 -64.56 26.24
N GLU H 454 12.21 -63.43 26.86
CA GLU H 454 13.26 -62.45 27.09
C GLU H 454 14.20 -62.89 28.20
N ILE H 455 13.68 -63.55 29.23
CA ILE H 455 14.57 -64.01 30.27
C ILE H 455 15.29 -65.29 29.82
N SER H 456 14.79 -65.95 28.78
CA SER H 456 15.61 -66.94 28.08
C SER H 456 16.82 -66.29 27.42
N THR H 457 16.70 -65.02 27.02
CA THR H 457 17.89 -64.28 26.63
C THR H 457 18.67 -63.80 27.85
N LEU H 458 17.98 -63.48 28.94
CA LEU H 458 18.67 -62.99 30.13
C LEU H 458 19.34 -64.10 30.95
N GLU H 459 19.29 -65.35 30.50
CA GLU H 459 20.10 -66.40 31.12
C GLU H 459 21.58 -66.19 30.88
N LYS H 460 21.95 -65.51 29.80
CA LYS H 460 23.33 -65.21 29.47
C LYS H 460 23.72 -63.80 29.89
N ASP H 461 22.75 -62.97 30.28
CA ASP H 461 22.93 -61.53 30.38
C ASP H 461 23.33 -61.07 31.77
N VAL H 462 24.19 -61.83 32.45
CA VAL H 462 24.64 -61.53 33.80
C VAL H 462 25.62 -60.35 33.85
N ASP H 463 25.86 -59.70 32.72
CA ASP H 463 26.64 -58.48 32.65
C ASP H 463 25.86 -57.32 33.27
N LYS H 464 26.45 -56.12 33.15
CA LYS H 464 26.04 -54.91 33.87
C LYS H 464 24.76 -54.28 33.31
N VAL H 465 24.58 -52.96 33.47
CA VAL H 465 23.38 -52.24 33.95
C VAL H 465 22.05 -52.98 33.85
N SER H 466 21.81 -53.72 32.77
CA SER H 466 20.64 -54.61 32.64
C SER H 466 20.47 -55.64 33.74
N LYS H 467 21.47 -55.79 34.63
CA LYS H 467 21.32 -56.21 36.03
C LYS H 467 20.05 -55.64 36.65
N LYS H 468 19.84 -54.33 36.48
CA LYS H 468 18.63 -53.68 36.98
C LYS H 468 17.37 -54.22 36.32
N LYS H 469 17.45 -54.65 35.06
CA LYS H 469 16.26 -55.08 34.36
C LYS H 469 15.83 -56.48 34.74
N TYR H 470 16.70 -57.26 35.38
CA TYR H 470 16.24 -58.40 36.16
C TYR H 470 15.30 -57.94 37.26
N ASN H 471 15.69 -56.89 37.97
CA ASN H 471 14.94 -56.37 39.09
C ASN H 471 13.73 -55.54 38.66
N LYS H 472 13.34 -55.61 37.40
CA LYS H 472 12.02 -55.17 36.96
C LYS H 472 11.21 -56.34 36.42
N LEU H 473 11.74 -57.06 35.44
CA LEU H 473 10.96 -58.02 34.68
C LEU H 473 10.64 -59.27 35.50
N ILE H 474 11.58 -59.71 36.34
CA ILE H 474 11.30 -60.78 37.28
C ILE H 474 10.28 -60.29 38.31
N LYS H 475 10.40 -59.03 38.72
CA LYS H 475 9.38 -58.45 39.58
C LYS H 475 8.08 -58.20 38.84
N GLU H 476 8.08 -58.23 37.51
CA GLU H 476 6.81 -58.21 36.79
C GLU H 476 6.15 -59.58 36.78
N PHE H 477 6.91 -60.66 36.88
CA PHE H 477 6.32 -62.00 36.97
C PHE H 477 5.49 -62.13 38.24
N GLU H 478 6.03 -61.65 39.36
CA GLU H 478 5.28 -61.57 40.61
C GLU H 478 4.25 -60.46 40.61
N GLU H 479 4.14 -59.70 39.53
CA GLU H 479 2.98 -58.86 39.26
C GLU H 479 2.03 -59.54 38.28
N LYS H 480 2.55 -60.32 37.33
CA LYS H 480 1.67 -61.05 36.41
C LYS H 480 0.98 -62.21 37.11
N LYS H 481 1.76 -63.06 37.79
CA LYS H 481 1.22 -64.32 38.28
C LYS H 481 0.25 -64.15 39.43
N GLU H 482 0.39 -63.07 40.21
CA GLU H 482 -0.63 -62.72 41.19
C GLU H 482 -1.96 -62.45 40.51
N GLN H 483 -1.92 -61.72 39.40
CA GLN H 483 -3.14 -61.46 38.64
C GLN H 483 -3.67 -62.74 38.02
N LEU H 484 -2.77 -63.64 37.60
CA LEU H 484 -3.19 -64.91 37.01
C LEU H 484 -3.95 -65.75 38.01
N LYS H 485 -3.48 -65.80 39.26
CA LYS H 485 -4.20 -66.47 40.33
C LYS H 485 -5.55 -65.81 40.60
N LYS H 486 -5.68 -64.52 40.28
CA LYS H 486 -6.98 -63.88 40.36
C LYS H 486 -7.82 -64.15 39.11
N TYR H 487 -7.18 -64.20 37.94
CA TYR H 487 -7.94 -64.18 36.68
C TYR H 487 -8.64 -65.51 36.43
N TYR H 488 -7.97 -66.61 36.72
CA TYR H 488 -8.61 -67.90 36.50
C TYR H 488 -9.78 -68.04 37.46
N GLU H 489 -9.58 -67.62 38.71
CA GLU H 489 -10.66 -67.70 39.68
C GLU H 489 -11.82 -66.80 39.29
N GLU H 490 -11.55 -65.69 38.61
CA GLU H 490 -12.64 -64.91 38.05
C GLU H 490 -13.29 -65.62 36.88
N TYR H 491 -12.53 -66.45 36.16
CA TYR H 491 -13.14 -67.27 35.12
C TYR H 491 -13.99 -68.38 35.73
N VAL H 492 -13.64 -68.82 36.94
CA VAL H 492 -14.46 -69.79 37.65
C VAL H 492 -15.80 -69.19 38.03
N ILE H 493 -15.76 -68.03 38.70
CA ILE H 493 -16.96 -67.44 39.28
C ILE H 493 -17.93 -66.98 38.20
N THR H 494 -17.41 -66.33 37.16
CA THR H 494 -18.26 -65.97 36.03
C THR H 494 -18.66 -67.21 35.23
N GLY H 495 -17.81 -68.23 35.21
CA GLY H 495 -18.17 -69.47 34.55
C GLY H 495 -19.24 -70.24 35.30
N GLU H 496 -19.20 -70.20 36.64
CA GLU H 496 -20.19 -70.90 37.44
C GLU H 496 -21.55 -70.22 37.39
N ARG H 497 -21.63 -68.96 36.97
CA ARG H 497 -22.92 -68.30 36.81
C ARG H 497 -23.71 -68.89 35.66
N LEU H 498 -23.08 -69.00 34.50
CA LEU H 498 -23.77 -69.48 33.30
C LEU H 498 -24.19 -70.95 33.33
N LYS H 499 -23.46 -71.78 34.09
CA LYS H 499 -23.96 -73.11 34.41
C LYS H 499 -25.23 -73.06 35.25
N ARG H 500 -25.30 -72.12 36.17
CA ARG H 500 -26.48 -71.97 37.02
C ARG H 500 -27.55 -71.19 36.30
N LYS H 501 -27.23 -70.48 35.22
CA LYS H 501 -28.27 -69.81 34.47
C LYS H 501 -29.03 -70.78 33.58
N LYS H 502 -28.28 -71.59 32.82
CA LYS H 502 -28.90 -72.53 31.88
C LYS H 502 -29.72 -73.61 32.59
N GLU H 503 -29.40 -73.89 33.85
CA GLU H 503 -30.27 -74.71 34.69
C GLU H 503 -31.62 -74.06 34.92
N ILE H 504 -31.69 -72.74 34.87
CA ILE H 504 -32.88 -72.02 35.32
C ILE H 504 -33.48 -71.23 34.15
N GLU H 505 -32.64 -70.81 33.20
CA GLU H 505 -33.15 -70.14 32.01
C GLU H 505 -33.94 -71.08 31.12
N LYS H 506 -33.69 -72.39 31.21
CA LYS H 506 -34.55 -73.36 30.54
C LYS H 506 -35.83 -73.57 31.31
N LYS H 507 -35.76 -73.61 32.64
CA LYS H 507 -36.94 -73.90 33.44
C LYS H 507 -37.92 -72.75 33.46
N LEU H 508 -37.44 -71.52 33.30
CA LEU H 508 -38.37 -70.40 33.18
C LEU H 508 -39.09 -70.43 31.85
N ASN H 509 -38.39 -70.79 30.77
CA ASN H 509 -38.97 -70.72 29.44
C ASN H 509 -39.92 -71.88 29.17
N ASP H 510 -39.84 -72.94 29.96
CA ASP H 510 -40.77 -74.06 29.81
C ASP H 510 -42.07 -73.78 30.55
N LEU H 511 -41.98 -73.55 31.87
CA LEU H 511 -43.16 -73.52 32.73
C LEU H 511 -44.05 -72.30 32.48
N LYS H 512 -43.50 -71.25 31.88
CA LYS H 512 -44.34 -70.10 31.51
C LYS H 512 -45.26 -70.47 30.35
N GLU H 513 -44.75 -71.20 29.36
CA GLU H 513 -45.53 -71.50 28.16
C GLU H 513 -46.70 -72.43 28.44
N LEU H 514 -46.64 -73.21 29.52
CA LEU H 514 -47.84 -73.91 29.97
C LEU H 514 -48.89 -72.93 30.46
N THR H 515 -48.45 -71.86 31.13
CA THR H 515 -49.34 -70.85 31.70
C THR H 515 -49.70 -69.74 30.72
N GLN H 516 -49.22 -69.80 29.48
CA GLN H 516 -49.51 -68.71 28.55
C GLN H 516 -50.89 -68.86 27.92
N ASN H 517 -51.25 -70.07 27.50
CA ASN H 517 -52.41 -70.24 26.63
C ASN H 517 -53.31 -71.35 27.14
N TYR H 518 -54.47 -70.97 27.68
CA TYR H 518 -55.68 -71.78 27.83
C TYR H 518 -55.57 -72.95 28.79
N VAL H 519 -54.44 -73.14 29.47
CA VAL H 519 -54.29 -74.25 30.39
C VAL H 519 -54.68 -73.71 31.77
N TYR H 520 -54.47 -72.41 31.98
CA TYR H 520 -54.72 -71.73 33.24
C TYR H 520 -56.19 -71.39 33.47
N SER H 521 -57.11 -72.04 32.76
CA SER H 521 -58.54 -71.75 32.86
C SER H 521 -59.06 -72.00 34.28
N ASN H 522 -58.81 -73.19 34.81
CA ASN H 522 -59.17 -73.52 36.19
C ASN H 522 -57.99 -74.24 36.83
N LYS H 523 -57.05 -73.46 37.37
CA LYS H 523 -55.89 -73.85 38.19
C LYS H 523 -55.11 -75.08 37.72
N GLU H 524 -55.12 -75.38 36.43
CA GLU H 524 -54.44 -76.60 35.98
C GLU H 524 -52.91 -76.43 35.98
N PRO H 525 -52.36 -75.24 35.72
CA PRO H 525 -51.09 -74.86 36.38
C PRO H 525 -51.37 -74.18 37.72
N PRO H 526 -51.48 -74.95 38.83
CA PRO H 526 -51.93 -74.34 40.08
C PRO H 526 -50.96 -73.37 40.73
N ILE H 527 -51.36 -72.89 41.91
CA ILE H 527 -50.63 -71.88 42.66
C ILE H 527 -49.25 -72.37 43.05
N GLU H 528 -49.11 -73.67 43.28
CA GLU H 528 -47.79 -74.27 43.52
C GLU H 528 -46.87 -74.11 42.32
N LEU H 529 -47.38 -74.32 41.11
CA LEU H 529 -46.57 -74.09 39.92
C LEU H 529 -46.42 -72.61 39.60
N GLN H 530 -47.41 -71.80 39.95
CA GLN H 530 -47.30 -70.37 39.70
C GLN H 530 -46.34 -69.70 40.67
N ASN H 531 -46.14 -70.30 41.85
CA ASN H 531 -45.13 -69.79 42.78
C ASN H 531 -43.73 -70.23 42.38
N SER H 532 -43.60 -71.41 41.76
CA SER H 532 -42.30 -71.87 41.30
C SER H 532 -41.78 -71.03 40.14
N LEU H 533 -42.68 -70.41 39.38
CA LEU H 533 -42.28 -69.36 38.45
C LEU H 533 -41.64 -68.21 39.19
N LYS H 534 -42.31 -67.71 40.23
CA LYS H 534 -41.79 -66.60 41.01
C LYS H 534 -40.59 -66.99 41.85
N GLU H 535 -40.41 -68.28 42.14
CA GLU H 535 -39.26 -68.72 42.93
C GLU H 535 -37.96 -68.52 42.18
N ALA H 536 -37.92 -68.97 40.92
CA ALA H 536 -36.70 -68.82 40.12
C ALA H 536 -36.50 -67.39 39.63
N GLN H 537 -37.57 -66.60 39.54
CA GLN H 537 -37.41 -65.20 39.16
C GLN H 537 -36.82 -64.39 40.30
N GLN H 538 -37.23 -64.67 41.53
CA GLN H 538 -36.62 -64.01 42.70
C GLN H 538 -35.17 -64.41 42.90
N LYS H 539 -34.75 -65.55 42.35
CA LYS H 539 -33.33 -65.86 42.32
C LYS H 539 -32.59 -64.97 41.32
N TYR H 540 -33.29 -64.42 40.34
CA TYR H 540 -32.64 -63.59 39.34
C TYR H 540 -33.25 -62.20 39.28
N LEU H 541 -33.98 -61.82 40.32
CA LEU H 541 -34.16 -60.40 40.60
C LEU H 541 -32.85 -59.79 41.07
N GLU H 542 -32.01 -60.57 41.73
CA GLU H 542 -30.73 -60.10 42.26
C GLU H 542 -29.53 -60.61 41.47
N LEU H 543 -29.44 -61.93 41.27
CA LEU H 543 -28.23 -62.52 40.72
C LEU H 543 -28.02 -62.16 39.25
N TYR H 544 -29.11 -61.92 38.52
CA TYR H 544 -28.95 -61.37 37.18
C TYR H 544 -28.48 -59.92 37.24
N LYS H 545 -28.96 -59.17 38.22
CA LYS H 545 -28.49 -57.79 38.34
C LYS H 545 -27.08 -57.71 38.91
N GLU H 546 -26.59 -58.79 39.52
CA GLU H 546 -25.18 -58.86 39.85
C GLU H 546 -24.34 -59.01 38.60
N THR H 547 -24.84 -59.75 37.62
CA THR H 547 -24.17 -59.80 36.32
C THR H 547 -24.31 -58.46 35.61
N VAL H 548 -25.38 -57.72 35.89
CA VAL H 548 -25.43 -56.32 35.48
C VAL H 548 -24.45 -55.50 36.31
N ALA H 549 -24.34 -55.80 37.60
CA ALA H 549 -23.32 -55.14 38.42
C ALA H 549 -21.92 -55.59 38.06
N TYR H 550 -21.79 -56.76 37.41
CA TYR H 550 -20.52 -57.17 36.83
C TYR H 550 -20.10 -56.30 35.66
N VAL H 551 -21.04 -55.58 35.03
CA VAL H 551 -20.75 -54.89 33.78
C VAL H 551 -19.94 -53.62 34.04
N GLU H 552 -20.32 -52.82 35.03
CA GLU H 552 -19.74 -51.49 35.14
C GLU H 552 -18.62 -51.39 36.17
N ALA H 553 -18.80 -51.98 37.35
CA ALA H 553 -17.73 -51.94 38.35
C ALA H 553 -16.52 -52.76 37.89
N LYS H 554 -16.77 -53.84 37.17
CA LYS H 554 -15.74 -54.56 36.43
C LYS H 554 -15.96 -54.18 34.97
N THR H 555 -15.14 -53.27 34.45
CA THR H 555 -15.37 -52.68 33.14
C THR H 555 -15.09 -53.70 32.03
N HIS H 556 -15.07 -53.21 30.78
CA HIS H 556 -15.36 -54.03 29.60
C HIS H 556 -14.24 -55.07 29.40
N ASN H 557 -14.35 -56.10 30.21
CA ASN H 557 -13.45 -57.23 30.32
C ASN H 557 -14.28 -58.48 30.50
N ALA H 558 -15.37 -58.58 29.74
CA ALA H 558 -16.45 -59.54 30.02
C ALA H 558 -15.96 -60.96 29.82
N MET H 559 -15.89 -61.72 30.92
CA MET H 559 -15.25 -63.02 30.89
C MET H 559 -16.21 -64.13 30.51
N ASN H 560 -17.39 -64.17 31.14
CA ASN H 560 -18.42 -65.14 30.78
C ASN H 560 -19.75 -64.39 30.71
N VAL H 561 -20.04 -63.79 29.55
CA VAL H 561 -21.25 -63.01 29.35
C VAL H 561 -21.88 -63.42 28.03
N ASP H 562 -23.15 -63.80 28.08
CA ASP H 562 -23.92 -64.17 26.89
C ASP H 562 -24.84 -63.06 26.42
N ALA H 563 -24.44 -61.80 26.59
CA ALA H 563 -25.32 -60.70 26.25
C ALA H 563 -24.49 -59.52 25.77
N VAL H 564 -25.07 -58.74 24.86
CA VAL H 564 -24.43 -57.56 24.32
C VAL H 564 -24.98 -56.36 25.10
N TYR H 565 -24.15 -55.79 25.95
CA TYR H 565 -24.52 -54.60 26.69
C TYR H 565 -24.01 -53.37 25.96
N GLN H 566 -24.15 -52.20 26.59
CA GLN H 566 -23.67 -50.97 25.99
C GLN H 566 -22.16 -50.87 26.00
N GLU H 567 -21.49 -51.61 26.87
CA GLU H 567 -20.05 -51.67 26.80
C GLU H 567 -19.56 -52.44 25.59
N HIS H 568 -20.36 -53.38 25.09
CA HIS H 568 -19.96 -54.11 23.89
C HIS H 568 -20.13 -53.30 22.62
N VAL H 569 -20.72 -52.12 22.70
CA VAL H 569 -20.78 -51.23 21.55
C VAL H 569 -19.84 -50.04 21.73
N SER H 570 -19.76 -49.52 22.95
CA SER H 570 -18.91 -48.37 23.23
C SER H 570 -17.44 -48.72 23.10
N TYR H 571 -17.07 -49.97 23.38
CA TYR H 571 -15.67 -50.36 23.30
C TYR H 571 -15.22 -50.45 21.86
N ILE H 572 -16.07 -50.96 20.98
CA ILE H 572 -15.64 -51.19 19.61
C ILE H 572 -15.60 -49.87 18.85
N TYR H 573 -16.37 -48.87 19.28
CA TYR H 573 -16.18 -47.53 18.71
C TYR H 573 -14.81 -46.97 19.07
N LEU H 574 -14.34 -47.26 20.29
CA LEU H 574 -13.00 -46.85 20.66
C LEU H 574 -11.95 -47.65 19.90
N ARG H 575 -12.27 -48.87 19.49
CA ARG H 575 -11.37 -49.62 18.62
C ARG H 575 -11.31 -49.00 17.25
N ASP H 576 -12.41 -48.42 16.78
CA ASP H 576 -12.44 -47.82 15.46
C ASP H 576 -11.90 -46.39 15.47
N SER H 577 -12.26 -45.61 16.48
CA SER H 577 -11.69 -44.28 16.63
C SER H 577 -10.23 -44.40 17.05
N GLY H 578 -9.49 -43.31 16.85
CA GLY H 578 -8.06 -43.33 17.05
C GLY H 578 -7.65 -43.37 18.51
N MET H 579 -7.91 -44.49 19.16
CA MET H 579 -7.64 -44.54 20.58
C MET H 579 -6.37 -45.29 20.87
N PRO H 580 -5.62 -44.85 21.86
CA PRO H 580 -4.45 -45.61 22.32
C PRO H 580 -4.82 -46.82 23.13
N LEU H 581 -3.83 -47.40 23.82
CA LEU H 581 -4.05 -48.51 24.73
C LEU H 581 -4.81 -48.06 25.98
N GLY H 582 -4.90 -48.92 26.97
CA GLY H 582 -5.87 -48.78 28.04
C GLY H 582 -5.63 -47.59 28.94
N SER H 583 -5.87 -46.41 28.38
CA SER H 583 -5.72 -45.13 29.06
C SER H 583 -6.90 -44.91 30.00
N LEU H 584 -6.98 -43.71 30.58
CA LEU H 584 -7.93 -43.48 31.65
C LEU H 584 -9.35 -43.34 31.14
N SER H 585 -9.54 -43.14 29.84
CA SER H 585 -10.90 -43.14 29.30
C SER H 585 -11.48 -44.54 29.21
N PHE H 586 -10.62 -45.56 29.02
CA PHE H 586 -11.13 -46.93 28.97
C PHE H 586 -11.53 -47.43 30.34
N GLU H 587 -10.76 -47.11 31.37
CA GLU H 587 -11.05 -47.57 32.72
C GLU H 587 -11.97 -46.55 33.37
N SER H 588 -13.27 -46.77 33.21
CA SER H 588 -14.26 -45.86 33.72
C SER H 588 -14.36 -45.93 35.23
N SER H 589 -14.78 -44.81 35.83
CA SER H 589 -15.10 -44.64 37.24
C SER H 589 -13.93 -44.85 38.21
N LYS H 590 -12.72 -45.03 37.70
CA LYS H 590 -11.54 -45.03 38.54
C LYS H 590 -10.45 -44.11 38.00
N GLY H 591 -10.30 -44.03 36.67
CA GLY H 591 -9.24 -43.21 36.10
C GLY H 591 -9.45 -41.72 36.30
N ALA H 592 -10.71 -41.30 36.45
CA ALA H 592 -10.99 -39.90 36.71
C ALA H 592 -10.58 -39.49 38.12
N LEU H 593 -10.51 -40.43 39.05
CA LEU H 593 -10.21 -40.10 40.43
C LEU H 593 -8.73 -39.78 40.62
N LYS H 594 -7.87 -40.32 39.76
CA LYS H 594 -6.43 -40.15 39.92
C LYS H 594 -5.90 -38.87 39.30
N LEU H 595 -6.74 -38.11 38.61
CA LEU H 595 -6.25 -36.95 37.88
C LEU H 595 -5.79 -35.84 38.81
N TYR H 596 -6.50 -35.65 39.93
CA TYR H 596 -5.99 -34.73 40.94
C TYR H 596 -4.74 -35.29 41.60
N ASN H 597 -4.59 -36.61 41.63
CA ASN H 597 -3.38 -37.19 42.21
C ASN H 597 -2.24 -37.19 41.22
N SER H 598 -2.53 -37.44 39.94
CA SER H 598 -1.44 -37.58 38.97
C SER H 598 -0.93 -36.23 38.49
N LEU H 599 -1.84 -35.30 38.16
CA LEU H 599 -1.42 -34.01 37.63
C LEU H 599 -0.69 -33.17 38.67
N SER H 600 -1.12 -33.25 39.93
CA SER H 600 -0.47 -32.47 40.97
C SER H 600 0.92 -32.99 41.31
N LYS H 601 1.23 -34.23 40.93
CA LYS H 601 2.61 -34.68 40.98
C LYS H 601 3.41 -34.12 39.81
N SER H 602 2.76 -33.96 38.66
CA SER H 602 3.47 -33.49 37.48
C SER H 602 3.56 -31.98 37.41
N ILE H 603 2.46 -31.29 37.69
CA ILE H 603 2.39 -29.83 37.60
C ILE H 603 1.83 -29.30 38.90
N ILE H 604 2.51 -28.32 39.48
CA ILE H 604 2.30 -27.98 40.88
C ILE H 604 1.37 -26.78 41.06
N GLY H 605 1.76 -25.65 40.50
CA GLY H 605 1.03 -24.42 40.73
C GLY H 605 -0.34 -24.42 40.08
N ASN H 606 -1.19 -23.54 40.60
CA ASN H 606 -2.53 -23.26 40.08
C ASN H 606 -3.41 -24.51 40.08
N GLU H 607 -3.68 -24.98 41.30
CA GLU H 607 -4.45 -26.21 41.48
C GLU H 607 -5.91 -26.03 41.06
N ASP H 608 -6.45 -24.83 41.17
CA ASP H 608 -7.86 -24.62 40.89
C ASP H 608 -8.15 -24.67 39.40
N ILE H 609 -7.15 -24.38 38.57
CA ILE H 609 -7.32 -24.51 37.14
C ILE H 609 -7.38 -25.98 36.76
N ILE H 610 -6.59 -26.81 37.44
CA ILE H 610 -6.62 -28.26 37.26
C ILE H 610 -7.98 -28.82 37.64
N LYS H 611 -8.64 -28.22 38.64
CA LYS H 611 -9.99 -28.64 39.02
C LYS H 611 -11.00 -28.40 37.91
N SER H 612 -10.77 -27.40 37.05
CA SER H 612 -11.61 -27.25 35.89
C SER H 612 -11.32 -28.31 34.83
N LEU H 613 -10.06 -28.75 34.74
CA LEU H 613 -9.70 -29.78 33.76
C LEU H 613 -10.24 -31.14 34.16
N SER H 614 -10.08 -31.49 35.43
CA SER H 614 -10.56 -32.79 35.91
C SER H 614 -12.07 -32.89 35.85
N ASP H 615 -12.79 -31.77 35.87
CA ASP H 615 -14.22 -31.83 35.61
C ASP H 615 -14.53 -32.16 34.16
N ALA H 616 -13.71 -31.65 33.23
CA ALA H 616 -13.97 -31.85 31.80
C ALA H 616 -13.77 -33.30 31.40
N VAL H 617 -12.88 -34.00 32.08
CA VAL H 617 -12.69 -35.42 31.80
C VAL H 617 -13.88 -36.22 32.28
N VAL H 618 -14.41 -35.89 33.47
CA VAL H 618 -15.52 -36.63 34.05
C VAL H 618 -16.79 -36.41 33.24
N LYS H 619 -16.95 -35.23 32.65
CA LYS H 619 -18.06 -35.00 31.73
C LYS H 619 -17.91 -35.81 30.45
N ALA H 620 -16.70 -36.24 30.13
CA ALA H 620 -16.47 -37.10 28.97
C ALA H 620 -16.45 -38.57 29.34
N ALA H 621 -15.67 -38.94 30.36
CA ALA H 621 -15.41 -40.35 30.64
C ALA H 621 -16.60 -41.06 31.25
N THR H 622 -17.46 -40.35 31.96
CA THR H 622 -18.60 -40.98 32.61
C THR H 622 -19.89 -40.82 31.83
N GLY H 623 -19.80 -40.53 30.54
CA GLY H 623 -20.98 -40.49 29.69
C GLY H 623 -21.94 -39.36 30.01
N MET H 624 -21.43 -38.24 30.53
CA MET H 624 -22.28 -37.12 30.89
C MET H 624 -22.65 -36.29 29.66
N LYS H 625 -23.14 -35.07 29.89
CA LYS H 625 -23.72 -34.25 28.85
C LYS H 625 -22.69 -33.89 27.78
N ASP H 626 -22.86 -34.47 26.60
CA ASP H 626 -22.02 -34.19 25.44
C ASP H 626 -22.92 -33.60 24.36
N PRO H 627 -23.09 -32.30 24.34
CA PRO H 627 -23.77 -31.66 23.22
C PRO H 627 -22.91 -31.58 21.96
N GLU H 628 -23.38 -30.78 21.00
CA GLU H 628 -22.52 -30.34 19.91
C GLU H 628 -21.31 -29.54 20.40
N LYS H 629 -21.39 -28.93 21.58
CA LYS H 629 -20.29 -28.19 22.16
C LYS H 629 -19.12 -29.12 22.46
N PRO H 630 -17.92 -28.81 21.98
CA PRO H 630 -16.77 -29.69 22.23
C PRO H 630 -16.34 -29.68 23.68
N ILE H 631 -16.01 -30.86 24.18
CA ILE H 631 -15.77 -31.06 25.59
C ILE H 631 -14.41 -30.48 25.97
N GLY H 632 -14.43 -29.47 26.83
CA GLY H 632 -13.21 -28.98 27.42
C GLY H 632 -12.54 -27.85 26.68
N THR H 633 -13.26 -26.76 26.43
CA THR H 633 -12.66 -25.57 25.86
C THR H 633 -12.06 -24.75 26.99
N PHE H 634 -10.84 -24.27 26.80
CA PHE H 634 -10.15 -23.55 27.86
C PHE H 634 -9.26 -22.48 27.27
N LEU H 635 -9.17 -21.35 27.96
CA LEU H 635 -8.19 -20.33 27.68
C LEU H 635 -7.15 -20.32 28.79
N PHE H 636 -5.91 -20.02 28.44
CA PHE H 636 -4.86 -19.94 29.45
C PHE H 636 -4.05 -18.68 29.25
N LEU H 637 -3.93 -17.90 30.32
CA LEU H 637 -3.23 -16.64 30.30
C LEU H 637 -2.21 -16.62 31.44
N GLY H 638 -1.18 -15.80 31.28
CA GLY H 638 -0.18 -15.67 32.30
C GLY H 638 1.11 -15.10 31.75
N PRO H 639 2.10 -14.92 32.62
CA PRO H 639 3.39 -14.44 32.16
C PRO H 639 4.13 -15.52 31.38
N THR H 640 5.10 -15.08 30.59
CA THR H 640 5.88 -15.99 29.78
C THR H 640 6.83 -16.76 30.69
N GLY H 641 6.62 -18.07 30.81
CA GLY H 641 7.46 -18.84 31.70
C GLY H 641 6.69 -19.86 32.52
N VAL H 642 5.39 -19.68 32.66
CA VAL H 642 4.60 -20.58 33.48
C VAL H 642 3.76 -21.48 32.60
N GLY H 643 3.23 -22.54 33.19
CA GLY H 643 2.78 -23.70 32.44
C GLY H 643 1.52 -23.49 31.65
N LYS H 644 1.59 -22.68 30.60
CA LYS H 644 0.45 -22.54 29.72
C LYS H 644 0.38 -23.70 28.75
N THR H 645 1.46 -23.95 28.00
CA THR H 645 1.50 -25.04 27.04
C THR H 645 2.11 -26.31 27.61
N GLU H 646 2.35 -26.35 28.92
CA GLU H 646 2.93 -27.55 29.53
C GLU H 646 1.85 -28.57 29.87
N LEU H 647 0.69 -28.07 30.33
CA LEU H 647 -0.44 -28.89 30.75
C LEU H 647 -0.83 -29.94 29.73
N ALA H 648 -1.01 -29.49 28.48
CA ALA H 648 -1.43 -30.35 27.39
C ALA H 648 -0.40 -31.42 27.10
N LYS H 649 0.88 -31.10 27.27
CA LYS H 649 1.91 -32.13 27.11
C LYS H 649 1.77 -33.19 28.19
N THR H 650 1.44 -32.77 29.41
CA THR H 650 1.18 -33.74 30.46
C THR H 650 -0.18 -34.40 30.31
N LEU H 651 -1.12 -33.75 29.60
CA LEU H 651 -2.40 -34.39 29.35
C LEU H 651 -2.22 -35.61 28.46
N ALA H 652 -1.41 -35.48 27.41
CA ALA H 652 -1.14 -36.63 26.56
C ALA H 652 -0.33 -37.70 27.30
N ILE H 653 0.45 -37.29 28.29
CA ILE H 653 1.13 -38.26 29.15
C ILE H 653 0.13 -38.99 30.04
N GLU H 654 -0.93 -38.32 30.47
CA GLU H 654 -1.81 -38.92 31.46
C GLU H 654 -3.23 -39.18 30.99
N LEU H 655 -3.83 -38.33 30.18
CA LEU H 655 -5.14 -38.67 29.67
C LEU H 655 -5.06 -39.62 28.49
N PHE H 656 -3.89 -39.70 27.85
CA PHE H 656 -3.75 -40.49 26.65
C PHE H 656 -2.49 -41.34 26.59
N ASN H 657 -1.54 -41.14 27.50
CA ASN H 657 -0.45 -42.08 27.81
C ASN H 657 0.52 -42.31 26.66
N SER H 658 0.49 -41.48 25.62
CA SER H 658 1.29 -41.79 24.45
C SER H 658 2.07 -40.62 23.87
N LYS H 659 1.79 -39.38 24.31
CA LYS H 659 2.41 -38.12 23.88
C LYS H 659 2.10 -37.77 22.42
N ASP H 660 1.34 -38.61 21.73
CA ASP H 660 1.09 -38.44 20.31
C ASP H 660 -0.28 -37.86 20.05
N ASN H 661 -1.24 -38.09 20.93
CA ASN H 661 -2.57 -37.51 20.78
C ASN H 661 -2.57 -36.01 20.98
N LEU H 662 -1.50 -35.47 21.57
CA LEU H 662 -1.24 -34.04 21.52
C LEU H 662 -1.11 -33.58 20.07
N ILE H 663 -1.89 -32.58 19.68
CA ILE H 663 -1.80 -32.01 18.35
C ILE H 663 -1.22 -30.62 18.51
N ARG H 664 0.07 -30.50 18.23
CA ARG H 664 0.72 -29.19 18.21
C ARG H 664 0.22 -28.42 17.01
N VAL H 665 -0.55 -27.36 17.23
CA VAL H 665 -0.90 -26.45 16.16
C VAL H 665 -0.16 -25.15 16.46
N ASN H 666 0.94 -24.93 15.76
CA ASN H 666 1.79 -23.78 16.06
C ASN H 666 1.19 -22.54 15.43
N MET H 667 0.87 -21.57 16.27
CA MET H 667 -0.01 -20.48 15.86
C MET H 667 0.71 -19.30 15.21
N SER H 668 2.01 -19.18 15.39
CA SER H 668 2.67 -17.96 14.91
C SER H 668 2.85 -17.94 13.40
N GLU H 669 2.60 -19.05 12.71
CA GLU H 669 2.66 -19.05 11.26
C GLU H 669 1.43 -18.41 10.63
N PHE H 670 0.41 -18.11 11.41
CA PHE H 670 -0.85 -17.61 10.90
C PHE H 670 -0.91 -16.10 10.88
N THR H 671 0.22 -15.44 10.66
CA THR H 671 0.24 -13.99 10.53
C THR H 671 -0.44 -13.52 9.27
N GLU H 672 -0.34 -14.28 8.19
CA GLU H 672 -0.91 -13.86 6.92
C GLU H 672 -2.37 -14.23 6.84
N ALA H 673 -3.20 -13.25 6.47
CA ALA H 673 -4.58 -13.54 6.07
C ALA H 673 -4.64 -14.33 4.78
N HIS H 674 -3.56 -14.29 3.99
CA HIS H 674 -3.36 -15.21 2.89
C HIS H 674 -3.11 -16.64 3.38
N SER H 675 -2.73 -16.83 4.63
CA SER H 675 -2.40 -18.13 5.18
C SER H 675 -3.44 -18.68 6.15
N VAL H 676 -4.58 -18.00 6.31
CA VAL H 676 -5.59 -18.44 7.27
C VAL H 676 -6.28 -19.72 6.81
N SER H 677 -6.16 -20.06 5.53
CA SER H 677 -6.74 -21.28 4.99
C SER H 677 -5.99 -22.54 5.39
N LYS H 678 -4.89 -22.45 6.12
CA LYS H 678 -4.18 -23.65 6.55
C LYS H 678 -4.97 -24.46 7.55
N ILE H 679 -5.89 -23.81 8.27
CA ILE H 679 -6.88 -24.54 9.05
C ILE H 679 -7.76 -25.37 8.13
N THR H 680 -8.47 -24.69 7.24
CA THR H 680 -9.50 -25.34 6.45
C THR H 680 -8.93 -26.12 5.28
N GLY H 681 -7.76 -25.76 4.78
CA GLY H 681 -7.15 -26.47 3.68
C GLY H 681 -7.14 -25.68 2.39
N SER H 682 -7.02 -26.42 1.29
CA SER H 682 -6.93 -25.82 -0.03
C SER H 682 -8.30 -25.87 -0.70
N PRO H 683 -8.93 -24.73 -0.96
CA PRO H 683 -10.23 -24.73 -1.63
C PRO H 683 -10.06 -24.98 -3.12
N PRO H 684 -11.14 -25.28 -3.85
CA PRO H 684 -11.06 -25.32 -5.30
C PRO H 684 -10.71 -23.95 -5.87
N GLY H 685 -10.16 -23.97 -7.07
CA GLY H 685 -9.51 -22.85 -7.70
C GLY H 685 -8.15 -23.28 -8.17
N TYR H 686 -7.27 -22.30 -8.40
CA TYR H 686 -5.92 -22.63 -8.87
C TYR H 686 -5.07 -23.29 -7.80
N VAL H 687 -5.52 -23.29 -6.55
CA VAL H 687 -4.74 -23.92 -5.47
C VAL H 687 -4.90 -25.44 -5.51
N GLY H 688 -6.13 -25.93 -5.51
CA GLY H 688 -6.40 -27.34 -5.72
C GLY H 688 -6.98 -28.01 -4.49
N PHE H 689 -6.91 -29.34 -4.54
CA PHE H 689 -7.48 -30.24 -3.55
C PHE H 689 -6.47 -31.33 -3.25
N SER H 690 -5.24 -30.91 -2.97
CA SER H 690 -4.19 -31.87 -2.61
C SER H 690 -4.50 -32.52 -1.27
N ASP H 691 -4.70 -31.70 -0.24
CA ASP H 691 -5.17 -32.17 1.05
C ASP H 691 -6.39 -31.38 1.42
N SER H 692 -7.39 -32.06 2.00
CA SER H 692 -8.63 -31.40 2.36
C SER H 692 -8.49 -30.49 3.56
N GLY H 693 -7.37 -30.56 4.28
CA GLY H 693 -7.09 -29.68 5.39
C GLY H 693 -5.85 -30.09 6.15
N GLN H 694 -4.99 -29.13 6.50
CA GLN H 694 -3.79 -29.45 7.25
C GLN H 694 -4.09 -29.76 8.71
N LEU H 695 -5.24 -29.32 9.22
CA LEU H 695 -5.67 -29.66 10.57
C LEU H 695 -6.64 -30.83 10.58
N THR H 696 -7.65 -30.78 9.71
CA THR H 696 -8.72 -31.76 9.72
C THR H 696 -8.24 -33.16 9.35
N GLU H 697 -7.14 -33.26 8.61
CA GLU H 697 -6.54 -34.56 8.34
C GLU H 697 -6.04 -35.20 9.63
N ALA H 698 -5.53 -34.39 10.56
CA ALA H 698 -5.08 -34.94 11.83
C ALA H 698 -6.25 -35.34 12.71
N VAL H 699 -7.34 -34.57 12.67
CA VAL H 699 -8.48 -34.85 13.54
C VAL H 699 -9.24 -36.06 13.04
N ARG H 700 -9.19 -36.34 11.73
CA ARG H 700 -9.74 -37.59 11.25
C ARG H 700 -8.90 -38.79 11.67
N GLU H 701 -7.64 -38.57 12.02
CA GLU H 701 -6.84 -39.66 12.58
C GLU H 701 -6.96 -39.73 14.09
N LYS H 702 -7.36 -38.66 14.75
CA LYS H 702 -7.64 -38.76 16.17
C LYS H 702 -8.81 -37.87 16.55
N PRO H 703 -9.95 -38.46 16.91
CA PRO H 703 -11.06 -37.66 17.43
C PRO H 703 -10.99 -37.45 18.92
N HIS H 704 -9.96 -37.99 19.57
CA HIS H 704 -9.79 -37.91 21.02
C HIS H 704 -8.41 -37.34 21.25
N SER H 705 -8.32 -36.02 21.30
CA SER H 705 -7.04 -35.35 21.20
C SER H 705 -7.09 -34.03 21.93
N VAL H 706 -5.99 -33.70 22.57
CA VAL H 706 -5.80 -32.37 23.14
C VAL H 706 -5.20 -31.50 22.06
N VAL H 707 -5.90 -30.43 21.69
CA VAL H 707 -5.56 -29.64 20.53
C VAL H 707 -4.94 -28.34 21.00
N LEU H 708 -3.67 -28.13 20.67
CA LEU H 708 -2.95 -26.94 21.07
C LEU H 708 -3.27 -25.75 20.19
N PHE H 709 -3.17 -24.57 20.79
CA PHE H 709 -3.05 -23.31 20.06
C PHE H 709 -2.06 -22.47 20.85
N ASP H 710 -0.86 -22.30 20.31
CA ASP H 710 0.29 -21.87 21.09
C ASP H 710 0.25 -20.38 21.45
N GLU H 711 0.09 -19.52 20.44
CA GLU H 711 0.28 -18.08 20.60
C GLU H 711 -0.83 -17.34 19.88
N LEU H 712 -1.85 -16.92 20.63
CA LEU H 712 -3.05 -16.39 20.01
C LEU H 712 -2.93 -14.91 19.69
N GLU H 713 -2.20 -14.17 20.51
CA GLU H 713 -1.97 -12.75 20.24
C GLU H 713 -1.14 -12.53 18.98
N LYS H 714 -0.41 -13.55 18.53
CA LYS H 714 0.49 -13.40 17.39
C LYS H 714 -0.12 -13.92 16.10
N ALA H 715 -1.17 -14.72 16.18
CA ALA H 715 -2.04 -14.89 15.04
C ALA H 715 -3.04 -13.74 14.99
N HIS H 716 -3.30 -13.23 13.78
CA HIS H 716 -4.15 -12.05 13.67
C HIS H 716 -5.62 -12.45 13.71
N ALA H 717 -6.48 -11.45 13.60
CA ALA H 717 -7.90 -11.59 13.94
C ALA H 717 -8.69 -12.42 12.95
N ASP H 718 -8.17 -12.69 11.75
CA ASP H 718 -8.91 -13.52 10.82
C ASP H 718 -8.84 -14.99 11.15
N VAL H 719 -7.87 -15.40 11.96
CA VAL H 719 -7.83 -16.76 12.46
C VAL H 719 -8.96 -16.99 13.43
N PHE H 720 -9.28 -15.99 14.24
CA PHE H 720 -10.25 -16.17 15.30
C PHE H 720 -11.68 -16.23 14.79
N LYS H 721 -11.91 -15.71 13.59
CA LYS H 721 -13.21 -15.87 12.95
C LYS H 721 -13.47 -17.32 12.56
N VAL H 722 -12.41 -18.06 12.26
CA VAL H 722 -12.53 -19.51 12.07
C VAL H 722 -12.82 -20.18 13.40
N LEU H 723 -12.19 -19.70 14.48
CA LEU H 723 -12.30 -20.34 15.79
C LEU H 723 -13.65 -20.11 16.44
N LEU H 724 -14.46 -19.18 15.92
CA LEU H 724 -15.81 -19.00 16.44
C LEU H 724 -16.67 -20.20 16.10
N GLN H 725 -16.52 -20.75 14.90
CA GLN H 725 -17.25 -21.96 14.56
C GLN H 725 -16.66 -23.18 15.23
N ILE H 726 -15.36 -23.17 15.51
CA ILE H 726 -14.73 -24.34 16.10
C ILE H 726 -15.09 -24.45 17.57
N LEU H 727 -15.02 -23.35 18.28
CA LEU H 727 -15.39 -23.37 19.69
C LEU H 727 -16.89 -23.35 19.88
N GLY H 728 -17.64 -22.87 18.90
CA GLY H 728 -19.08 -22.84 19.01
C GLY H 728 -19.73 -24.13 18.57
N ASP H 729 -19.23 -24.70 17.48
CA ASP H 729 -19.88 -25.84 16.85
C ASP H 729 -18.87 -26.94 16.60
N GLY H 730 -19.37 -28.14 16.37
CA GLY H 730 -18.51 -29.21 15.90
C GLY H 730 -18.55 -29.26 14.39
N TYR H 731 -19.75 -29.09 13.82
CA TYR H 731 -20.02 -29.36 12.41
C TYR H 731 -19.38 -28.30 11.56
N ILE H 732 -18.18 -28.61 11.05
CA ILE H 732 -17.34 -27.66 10.33
C ILE H 732 -16.99 -28.25 8.99
N ASN H 733 -17.41 -27.59 7.93
CA ASN H 733 -17.18 -28.08 6.58
C ASN H 733 -15.72 -27.90 6.18
N ASP H 734 -15.22 -28.82 5.36
CA ASP H 734 -13.88 -28.72 4.82
C ASP H 734 -13.93 -28.02 3.46
N ASN H 735 -12.85 -28.14 2.71
CA ASN H 735 -12.89 -27.82 1.29
C ASN H 735 -13.34 -29.00 0.45
N HIS H 736 -13.64 -30.13 1.08
CA HIS H 736 -14.57 -31.12 0.58
C HIS H 736 -15.96 -30.94 1.17
N ARG H 737 -16.08 -30.01 2.12
CA ARG H 737 -17.35 -29.61 2.76
C ARG H 737 -17.99 -30.75 3.53
N ARG H 738 -17.18 -31.60 4.15
CA ARG H 738 -17.64 -32.62 5.08
C ARG H 738 -17.45 -32.15 6.51
N ASN H 739 -18.32 -32.62 7.40
CA ASN H 739 -18.25 -32.25 8.81
C ASN H 739 -17.09 -32.96 9.49
N ILE H 740 -16.35 -32.20 10.30
CA ILE H 740 -15.25 -32.75 11.09
C ILE H 740 -15.56 -32.46 12.54
N ASP H 741 -15.86 -33.50 13.30
CA ASP H 741 -16.23 -33.36 14.70
C ASP H 741 -15.04 -32.90 15.52
N PHE H 742 -15.34 -32.19 16.61
CA PHE H 742 -14.35 -31.89 17.63
C PHE H 742 -14.87 -32.22 19.02
N SER H 743 -15.90 -33.06 19.11
CA SER H 743 -16.30 -33.59 20.40
C SER H 743 -15.21 -34.49 20.95
N ASN H 744 -15.14 -34.58 22.28
CA ASN H 744 -14.10 -35.30 23.02
C ASN H 744 -12.71 -34.78 22.69
N THR H 745 -12.60 -33.49 22.39
CA THR H 745 -11.32 -32.84 22.12
C THR H 745 -11.17 -31.66 23.07
N ILE H 746 -10.25 -31.78 24.02
CA ILE H 746 -9.99 -30.69 24.93
C ILE H 746 -9.20 -29.62 24.19
N ILE H 747 -9.87 -28.54 23.82
CA ILE H 747 -9.25 -27.44 23.10
C ILE H 747 -8.62 -26.49 24.11
N ILE H 748 -7.36 -26.12 23.86
CA ILE H 748 -6.56 -25.35 24.81
C ILE H 748 -6.01 -24.13 24.09
N MET H 749 -6.30 -22.96 24.65
CA MET H 749 -6.04 -21.67 24.03
C MET H 749 -5.04 -20.92 24.89
N THR H 750 -3.82 -20.77 24.41
CA THR H 750 -2.77 -20.13 25.17
C THR H 750 -2.29 -18.85 24.49
N SER H 751 -2.17 -17.79 25.27
CA SER H 751 -1.53 -16.55 24.85
C SER H 751 -1.08 -15.83 26.10
N ASN H 752 -0.23 -14.83 25.93
CA ASN H 752 0.37 -14.15 27.07
C ASN H 752 -0.51 -13.02 27.60
N LEU H 753 -0.63 -11.94 26.81
CA LEU H 753 -1.48 -10.76 27.09
C LEU H 753 -1.26 -10.15 28.48
N GLY H 754 -0.06 -10.32 29.03
CA GLY H 754 0.28 -9.83 30.35
C GLY H 754 1.65 -9.19 30.31
N ALA H 755 2.27 -9.27 29.14
CA ALA H 755 3.69 -8.98 29.00
C ALA H 755 3.93 -7.48 28.89
N GLU H 756 4.94 -7.01 29.62
CA GLU H 756 5.45 -5.64 29.61
C GLU H 756 4.39 -4.60 29.96
N LEU H 757 3.36 -4.97 30.72
CA LEU H 757 2.30 -4.04 31.08
C LEU H 757 1.89 -4.06 32.56
N PHE H 758 2.06 -5.18 33.27
CA PHE H 758 1.78 -5.17 34.71
C PHE H 758 3.04 -5.00 35.55
N LYS H 759 3.87 -6.05 35.53
CA LYS H 759 5.29 -6.06 35.88
C LYS H 759 5.66 -5.85 37.34
N LYS H 760 4.79 -5.28 38.16
CA LYS H 760 4.86 -5.62 39.58
C LYS H 760 3.48 -6.00 40.10
N LYS H 761 2.54 -5.06 39.96
CA LYS H 761 1.23 -5.04 40.60
C LYS H 761 1.26 -5.49 42.06
N LEU H 762 2.25 -4.97 42.81
CA LEU H 762 2.55 -5.38 44.20
C LEU H 762 2.78 -6.87 44.34
N PHE H 763 3.21 -7.54 43.26
CA PHE H 763 3.13 -8.99 43.32
C PHE H 763 4.41 -9.70 42.93
N PHE H 764 5.18 -9.16 41.99
CA PHE H 764 6.43 -9.83 41.65
C PHE H 764 7.48 -9.60 42.71
N ASP H 765 7.31 -8.54 43.50
CA ASP H 765 7.85 -8.53 44.86
C ASP H 765 6.79 -8.98 45.85
N ALA H 766 6.32 -10.22 45.67
CA ALA H 766 5.51 -10.85 46.71
C ALA H 766 5.69 -12.36 46.55
N ASP H 767 6.63 -12.92 47.31
CA ASP H 767 6.73 -14.37 47.43
C ASP H 767 5.77 -14.91 48.47
N ASN H 768 5.52 -14.13 49.53
CA ASN H 768 4.43 -14.44 50.44
C ASN H 768 3.09 -14.29 49.74
N SER H 769 2.99 -13.33 48.83
CA SER H 769 1.90 -13.03 47.90
C SER H 769 0.64 -12.50 48.57
N GLY H 770 0.57 -12.48 49.90
CA GLY H 770 -0.58 -11.95 50.56
C GLY H 770 -1.57 -13.08 50.65
N THR H 771 -1.70 -13.69 51.81
CA THR H 771 -2.57 -14.86 51.80
C THR H 771 -4.04 -14.44 51.92
N PRO H 772 -4.47 -13.50 52.78
CA PRO H 772 -5.82 -12.99 52.64
C PRO H 772 -5.94 -11.67 51.90
N GLU H 773 -4.84 -10.98 51.61
CA GLU H 773 -4.93 -9.60 51.16
C GLU H 773 -4.78 -9.46 49.65
N TYR H 774 -3.66 -9.87 49.09
CA TYR H 774 -3.37 -9.55 47.70
C TYR H 774 -3.80 -10.62 46.72
N LYS H 775 -4.49 -11.66 47.20
CA LYS H 775 -5.17 -12.57 46.29
C LYS H 775 -6.31 -11.86 45.58
N ARG H 776 -6.96 -10.92 46.28
CA ARG H 776 -8.00 -10.10 45.66
C ARG H 776 -7.45 -9.15 44.61
N VAL H 777 -6.17 -8.78 44.73
CA VAL H 777 -5.53 -7.98 43.68
C VAL H 777 -5.43 -8.80 42.41
N MET H 778 -4.97 -10.05 42.53
CA MET H 778 -4.84 -10.93 41.37
C MET H 778 -6.19 -11.22 40.73
N GLU H 779 -7.26 -11.24 41.54
CA GLU H 779 -8.59 -11.31 40.99
C GLU H 779 -8.91 -10.07 40.15
N ASP H 780 -8.49 -8.91 40.63
CA ASP H 780 -8.70 -7.70 39.84
C ASP H 780 -7.71 -7.61 38.69
N VAL H 781 -6.57 -8.28 38.82
CA VAL H 781 -5.69 -8.48 37.67
C VAL H 781 -6.37 -9.39 36.66
N ARG H 782 -6.97 -10.47 37.15
CA ARG H 782 -7.65 -11.44 36.30
C ARG H 782 -8.83 -10.82 35.57
N LEU H 783 -9.58 -9.98 36.28
CA LEU H 783 -10.75 -9.33 35.71
C LEU H 783 -10.36 -8.41 34.55
N SER H 784 -9.25 -7.71 34.71
CA SER H 784 -8.77 -6.79 33.69
C SER H 784 -8.43 -7.50 32.37
N LEU H 785 -7.82 -8.68 32.48
CA LEU H 785 -7.45 -9.44 31.28
C LEU H 785 -8.65 -9.79 30.44
N ILE H 786 -9.79 -10.07 31.08
CA ILE H 786 -10.98 -10.46 30.35
C ILE H 786 -11.52 -9.28 29.55
N LYS H 787 -11.34 -8.06 30.08
CA LYS H 787 -11.62 -6.89 29.27
C LYS H 787 -10.62 -6.74 28.13
N LYS H 788 -9.40 -7.23 28.32
CA LYS H 788 -8.43 -7.17 27.23
C LYS H 788 -8.73 -8.22 26.18
N CYS H 789 -9.30 -9.35 26.57
CA CYS H 789 -9.65 -10.37 25.60
C CYS H 789 -10.88 -9.96 24.80
N LYS H 790 -11.85 -9.33 25.45
CA LYS H 790 -13.07 -8.91 24.76
C LYS H 790 -12.80 -7.78 23.79
N LYS H 791 -11.96 -6.81 24.19
CA LYS H 791 -11.69 -5.67 23.33
C LYS H 791 -10.84 -6.02 22.12
N VAL H 792 -10.07 -7.09 22.19
CA VAL H 792 -9.19 -7.50 21.11
C VAL H 792 -9.84 -8.60 20.27
N PHE H 793 -10.34 -9.64 20.91
CA PHE H 793 -10.72 -10.83 20.19
C PHE H 793 -12.19 -10.91 19.85
N LYS H 794 -12.88 -9.75 19.73
CA LYS H 794 -14.28 -9.67 19.31
C LYS H 794 -15.20 -10.48 20.20
N PRO H 795 -15.68 -9.91 21.33
CA PRO H 795 -16.04 -10.66 22.55
C PRO H 795 -16.95 -11.88 22.49
N GLU H 796 -17.49 -12.22 21.30
CA GLU H 796 -18.02 -13.56 21.05
C GLU H 796 -17.04 -14.63 21.47
N PHE H 797 -15.77 -14.45 21.12
CA PHE H 797 -14.74 -15.45 21.35
C PHE H 797 -14.49 -15.69 22.83
N VAL H 798 -14.75 -14.70 23.68
CA VAL H 798 -14.63 -14.92 25.11
C VAL H 798 -15.82 -15.73 25.63
N ASN H 799 -16.97 -15.62 24.96
CA ASN H 799 -18.18 -16.34 25.41
C ASN H 799 -18.02 -17.85 25.29
N ARG H 800 -17.28 -18.31 24.29
CA ARG H 800 -17.21 -19.73 23.99
C ARG H 800 -16.38 -20.50 25.00
N ILE H 801 -15.51 -19.81 25.71
CA ILE H 801 -14.56 -20.47 26.58
C ILE H 801 -15.25 -20.86 27.88
N ASP H 802 -15.11 -22.12 28.25
CA ASP H 802 -15.74 -22.58 29.48
C ASP H 802 -15.00 -22.07 30.72
N LYS H 803 -13.68 -21.92 30.64
CA LYS H 803 -12.92 -21.57 31.83
C LYS H 803 -11.61 -20.92 31.40
N ILE H 804 -11.46 -19.63 31.68
CA ILE H 804 -10.23 -18.91 31.42
C ILE H 804 -9.34 -19.06 32.65
N GLY H 805 -8.29 -19.87 32.53
CA GLY H 805 -7.35 -20.03 33.62
C GLY H 805 -6.24 -19.02 33.50
N VAL H 806 -5.94 -18.35 34.61
CA VAL H 806 -4.85 -17.38 34.66
C VAL H 806 -3.86 -17.86 35.70
N PHE H 807 -2.64 -18.14 35.26
CA PHE H 807 -1.64 -18.72 36.12
C PHE H 807 -0.91 -17.66 36.93
N GLU H 808 -0.65 -17.98 38.20
CA GLU H 808 0.33 -17.23 38.95
C GLU H 808 1.71 -17.47 38.36
N PRO H 809 2.58 -16.48 38.42
CA PRO H 809 4.00 -16.76 38.27
C PRO H 809 4.50 -17.56 39.45
N LEU H 810 5.56 -18.33 39.21
CA LEU H 810 5.96 -19.35 40.15
C LEU H 810 6.61 -18.75 41.39
N ASN H 811 6.26 -19.31 42.54
CA ASN H 811 6.83 -18.86 43.80
C ASN H 811 7.99 -19.77 44.19
N LYS H 812 8.81 -19.28 45.11
CA LYS H 812 9.94 -20.05 45.58
C LYS H 812 9.53 -21.24 46.43
N LYS H 813 8.31 -21.22 46.97
CA LYS H 813 7.76 -22.40 47.63
C LYS H 813 7.48 -23.50 46.62
N ASN H 814 7.03 -23.12 45.42
CA ASN H 814 6.69 -24.11 44.40
C ASN H 814 7.92 -24.72 43.78
N LEU H 815 8.94 -23.90 43.49
CA LEU H 815 10.14 -24.34 42.80
C LEU H 815 10.93 -25.37 43.58
N HIS H 816 10.80 -25.40 44.90
CA HIS H 816 11.49 -26.40 45.71
C HIS H 816 11.01 -27.80 45.40
N LYS H 817 9.84 -27.94 44.80
CA LYS H 817 9.43 -29.20 44.18
C LYS H 817 9.52 -29.18 42.65
N ILE H 818 9.39 -28.02 42.00
CA ILE H 818 9.45 -27.96 40.53
C ILE H 818 10.83 -28.37 40.03
N VAL H 819 11.87 -27.81 40.64
CA VAL H 819 13.24 -28.18 40.31
C VAL H 819 13.48 -29.64 40.62
N ALA H 820 12.88 -30.13 41.71
CA ALA H 820 13.00 -31.54 42.07
C ALA H 820 12.32 -32.44 41.05
N LEU H 821 11.31 -31.94 40.33
CA LEU H 821 10.73 -32.72 39.26
C LEU H 821 11.67 -32.82 38.06
N ARG H 822 12.55 -31.83 37.90
CA ARG H 822 13.38 -31.79 36.70
C ARG H 822 14.47 -32.84 36.74
N PHE H 823 14.99 -33.13 37.92
CA PHE H 823 16.04 -34.12 38.01
C PHE H 823 15.49 -35.53 37.80
N LYS H 824 14.23 -35.76 38.18
CA LYS H 824 13.59 -37.00 37.79
C LYS H 824 13.28 -37.00 36.29
N LYS H 825 13.02 -35.83 35.72
CA LYS H 825 12.95 -35.72 34.27
C LYS H 825 14.33 -35.74 33.63
N LEU H 826 15.37 -35.48 34.42
CA LEU H 826 16.73 -35.54 33.90
C LEU H 826 17.23 -36.98 33.84
N GLU H 827 16.86 -37.78 34.83
CA GLU H 827 17.33 -39.15 34.87
C GLU H 827 16.71 -40.01 33.80
N LYS H 828 15.55 -39.60 33.24
CA LYS H 828 15.03 -40.26 32.06
C LYS H 828 15.94 -40.06 30.85
N ARG H 829 16.66 -38.94 30.81
CA ARG H 829 17.65 -38.72 29.77
C ARG H 829 18.93 -39.49 30.03
N LEU H 830 19.17 -39.90 31.27
CA LEU H 830 20.32 -40.72 31.62
C LEU H 830 19.90 -42.11 32.06
N GLU H 831 18.78 -42.60 31.54
CA GLU H 831 18.22 -43.86 32.03
C GLU H 831 19.05 -45.05 31.59
N GLU H 832 19.37 -45.12 30.30
CA GLU H 832 20.21 -46.20 29.82
C GLU H 832 21.64 -46.06 30.33
N LYS H 833 22.06 -44.83 30.59
CA LYS H 833 23.42 -44.63 31.06
C LYS H 833 23.55 -45.01 32.53
N ASN H 834 22.44 -44.97 33.29
CA ASN H 834 22.36 -45.32 34.72
C ASN H 834 23.32 -44.45 35.55
N ILE H 835 23.10 -43.15 35.50
CA ILE H 835 23.78 -42.24 36.41
C ILE H 835 22.69 -41.45 37.11
N GLN H 836 22.35 -41.86 38.33
CA GLN H 836 21.27 -41.23 39.08
C GLN H 836 21.73 -39.91 39.65
N VAL H 837 20.84 -38.94 39.66
CA VAL H 837 21.17 -37.57 40.07
C VAL H 837 20.23 -37.22 41.22
N SER H 838 20.76 -37.26 42.44
CA SER H 838 20.03 -36.84 43.62
C SER H 838 20.52 -35.48 44.07
N VAL H 839 19.60 -34.65 44.54
CA VAL H 839 19.87 -33.24 44.83
C VAL H 839 19.44 -32.94 46.26
N SER H 840 20.35 -32.36 47.04
CA SER H 840 20.00 -31.94 48.39
C SER H 840 19.07 -30.74 48.36
N GLU H 841 18.31 -30.58 49.44
CA GLU H 841 17.35 -29.48 49.51
C GLU H 841 18.04 -28.14 49.68
N LYS H 842 19.21 -28.13 50.32
CA LYS H 842 20.00 -26.91 50.40
C LYS H 842 20.51 -26.51 49.03
N ALA H 843 20.82 -27.50 48.18
CA ALA H 843 21.29 -27.21 46.83
C ALA H 843 20.17 -26.63 45.97
N ILE H 844 18.92 -26.95 46.29
CA ILE H 844 17.79 -26.45 45.52
C ILE H 844 17.67 -24.95 45.69
N ASP H 845 17.63 -24.47 46.93
CA ASP H 845 17.45 -23.05 47.17
C ASP H 845 18.71 -22.27 46.83
N TYR H 846 19.88 -22.90 46.94
CA TYR H 846 21.12 -22.27 46.51
C TYR H 846 21.12 -22.01 45.01
N ILE H 847 20.44 -22.86 44.25
CA ILE H 847 20.19 -22.56 42.84
C ILE H 847 19.20 -21.42 42.71
N ILE H 848 18.10 -21.48 43.46
CA ILE H 848 17.04 -20.47 43.36
C ILE H 848 17.54 -19.12 43.85
N ASP H 849 18.50 -19.10 44.78
CA ASP H 849 19.19 -17.87 45.11
C ASP H 849 19.93 -17.29 43.91
N GLN H 850 20.48 -18.15 43.06
CA GLN H 850 21.36 -17.72 42.00
C GLN H 850 20.76 -17.88 40.61
N SER H 851 19.47 -18.20 40.52
CA SER H 851 18.86 -18.35 39.20
C SER H 851 17.49 -17.74 39.04
N TYR H 852 16.70 -17.55 40.09
CA TYR H 852 15.28 -17.32 39.89
C TYR H 852 14.97 -15.87 39.53
N ASP H 853 14.07 -15.71 38.58
CA ASP H 853 13.46 -14.41 38.38
C ASP H 853 11.94 -14.52 38.39
N PRO H 854 11.25 -13.65 39.12
CA PRO H 854 9.78 -13.64 39.05
C PRO H 854 9.26 -13.12 37.73
N GLU H 855 9.81 -12.02 37.23
CA GLU H 855 9.31 -11.40 36.01
C GLU H 855 9.61 -12.21 34.76
N LEU H 856 10.48 -13.22 34.85
CA LEU H 856 10.74 -14.12 33.74
C LEU H 856 10.03 -15.45 33.88
N GLY H 857 9.48 -15.77 35.04
CA GLY H 857 8.73 -17.01 35.17
C GLY H 857 9.54 -18.28 35.18
N ALA H 858 10.63 -18.32 35.94
CA ALA H 858 11.41 -19.51 36.27
C ALA H 858 12.01 -20.21 35.05
N ARG H 859 12.21 -19.49 33.95
CA ARG H 859 12.88 -20.14 32.81
C ARG H 859 14.38 -20.32 33.01
N PRO H 860 15.18 -19.31 33.42
CA PRO H 860 16.62 -19.58 33.54
C PRO H 860 16.98 -20.47 34.71
N THR H 861 16.05 -20.69 35.63
CA THR H 861 16.21 -21.77 36.61
C THR H 861 16.40 -23.10 35.91
N LEU H 862 15.62 -23.35 34.87
CA LEU H 862 15.84 -24.54 34.06
C LEU H 862 17.13 -24.44 33.28
N ILE H 863 17.47 -23.24 32.83
CA ILE H 863 18.68 -23.09 32.04
C ILE H 863 19.91 -23.18 32.93
N PHE H 864 19.81 -22.75 34.19
CA PHE H 864 20.91 -22.98 35.11
C PHE H 864 21.09 -24.46 35.39
N ILE H 865 20.00 -25.22 35.38
CA ILE H 865 20.14 -26.67 35.45
C ILE H 865 20.79 -27.20 34.19
N GLU H 866 20.23 -26.86 33.03
CA GLU H 866 20.69 -27.44 31.78
C GLU H 866 22.04 -26.87 31.37
N SER H 867 22.13 -25.55 31.18
CA SER H 867 23.33 -24.99 30.58
C SER H 867 24.53 -24.94 31.50
N VAL H 868 24.38 -25.10 32.82
CA VAL H 868 25.51 -24.96 33.73
C VAL H 868 25.78 -26.26 34.49
N ILE H 869 24.84 -26.71 35.32
CA ILE H 869 25.18 -27.82 36.21
C ILE H 869 25.03 -29.16 35.54
N MET H 870 24.70 -29.20 34.25
CA MET H 870 24.86 -30.43 33.49
C MET H 870 26.23 -30.54 32.85
N THR H 871 26.91 -29.41 32.64
CA THR H 871 28.23 -29.47 32.03
C THR H 871 29.23 -30.13 32.95
N LYS H 872 29.09 -29.90 34.27
CA LYS H 872 29.95 -30.58 35.22
C LYS H 872 29.70 -32.08 35.27
N PHE H 873 28.54 -32.55 34.82
CA PHE H 873 28.42 -33.97 34.52
C PHE H 873 29.20 -34.31 33.26
N ALA H 874 28.92 -33.57 32.18
CA ALA H 874 29.39 -33.94 30.85
C ALA H 874 30.90 -33.83 30.74
N ILE H 875 31.49 -32.78 31.33
CA ILE H 875 32.93 -32.62 31.30
C ILE H 875 33.60 -33.69 32.16
N MET H 876 33.02 -34.00 33.32
CA MET H 876 33.54 -35.09 34.12
C MET H 876 33.15 -36.46 33.58
N TYR H 877 32.32 -36.49 32.54
CA TYR H 877 32.08 -37.71 31.78
C TYR H 877 33.00 -37.82 30.58
N LEU H 878 33.39 -36.69 30.01
CA LEU H 878 34.43 -36.67 28.98
C LEU H 878 35.73 -37.21 29.55
N LYS H 879 36.22 -36.57 30.60
CA LYS H 879 37.31 -37.14 31.37
C LYS H 879 36.78 -38.36 32.13
N LYS H 880 37.69 -39.25 32.50
CA LYS H 880 37.29 -40.59 32.93
C LYS H 880 37.11 -40.64 34.44
N GLU H 881 36.23 -39.77 34.95
CA GLU H 881 35.87 -39.82 36.36
C GLU H 881 34.37 -39.98 36.56
N LEU H 882 33.66 -40.44 35.53
CA LEU H 882 32.30 -40.93 35.70
C LEU H 882 32.24 -42.35 35.15
N VAL H 883 32.22 -43.32 36.08
CA VAL H 883 31.82 -44.67 35.74
C VAL H 883 30.37 -44.62 35.26
N ASP H 884 30.02 -45.54 34.37
CA ASP H 884 28.63 -45.68 33.94
C ASP H 884 27.70 -46.08 35.08
N ASP H 885 28.21 -46.56 36.20
CA ASP H 885 27.36 -46.81 37.36
C ASP H 885 27.86 -45.93 38.51
N MET H 886 27.38 -44.69 38.54
CA MET H 886 27.64 -43.79 39.64
C MET H 886 26.32 -43.28 40.19
N ASP H 887 26.33 -42.94 41.48
CA ASP H 887 25.18 -42.35 42.14
C ASP H 887 25.60 -40.94 42.57
N VAL H 888 25.03 -39.94 41.91
CA VAL H 888 25.50 -38.57 42.08
C VAL H 888 24.59 -37.85 43.06
N PHE H 889 25.21 -37.26 44.07
CA PHE H 889 24.50 -36.46 45.05
C PHE H 889 24.90 -35.00 44.87
N VAL H 890 23.92 -34.13 44.73
CA VAL H 890 24.13 -32.71 44.44
C VAL H 890 23.87 -31.91 45.69
N ASP H 891 24.84 -31.08 46.08
CA ASP H 891 24.79 -30.39 47.36
C ASP H 891 25.77 -29.22 47.31
N TYR H 892 25.52 -28.24 48.18
CA TYR H 892 26.44 -27.13 48.42
C TYR H 892 26.39 -26.79 49.90
N ASN H 893 27.58 -26.64 50.52
CA ASN H 893 27.69 -26.46 51.97
C ASN H 893 27.52 -25.02 52.39
N SER H 894 26.91 -24.18 51.55
CA SER H 894 26.71 -22.74 51.78
C SER H 894 28.03 -22.03 52.03
N LYS H 895 29.10 -22.55 51.45
CA LYS H 895 30.42 -21.95 51.56
C LYS H 895 30.90 -21.40 50.23
N ALA H 896 30.01 -21.31 49.24
CA ALA H 896 30.32 -21.15 47.83
C ALA H 896 31.36 -22.19 47.41
N LYS H 897 30.98 -23.45 47.59
CA LYS H 897 31.97 -24.52 47.60
C LYS H 897 31.41 -25.73 46.86
N ASN H 898 32.27 -26.32 46.03
CA ASN H 898 31.97 -27.56 45.33
C ASN H 898 31.63 -28.69 46.28
N LEU H 899 30.67 -29.51 45.88
CA LEU H 899 30.51 -30.85 46.42
C LEU H 899 30.40 -31.79 45.23
N VAL H 900 31.56 -32.21 44.71
CA VAL H 900 31.60 -33.37 43.84
C VAL H 900 31.32 -34.52 44.79
N ILE H 901 30.07 -34.95 44.82
CA ILE H 901 29.68 -36.08 45.64
C ILE H 901 29.17 -37.14 44.69
N ASN H 902 29.99 -38.17 44.48
CA ASN H 902 29.62 -39.27 43.61
C ASN H 902 29.84 -40.57 44.36
N LEU H 903 28.96 -41.54 44.13
CA LEU H 903 28.95 -42.78 44.88
C LEU H 903 28.87 -43.94 43.91
N SER H 904 29.44 -45.07 44.30
CA SER H 904 29.41 -46.27 43.46
C SER H 904 29.01 -47.49 44.28
N GLY I 27 -16.67 94.12 50.31
CA GLY I 27 -17.33 93.14 49.46
C GLY I 27 -16.41 92.01 49.02
N TYR I 28 -17.00 90.94 48.50
CA TYR I 28 -16.24 89.78 48.06
C TYR I 28 -15.90 89.83 46.58
N GLY I 29 -16.19 90.93 45.90
CA GLY I 29 -15.67 91.12 44.56
C GLY I 29 -14.21 91.54 44.54
N ASP I 30 -13.69 91.93 45.71
CA ASP I 30 -12.27 92.24 45.83
C ASP I 30 -11.42 90.98 45.80
N LEU I 31 -11.89 89.91 46.46
CA LEU I 31 -11.19 88.63 46.41
C LEU I 31 -11.55 87.84 45.17
N ALA I 32 -12.45 88.36 44.33
CA ALA I 32 -12.76 87.72 43.06
C ALA I 32 -11.58 87.82 42.10
N ALA I 33 -10.99 89.01 41.98
CA ALA I 33 -9.91 89.21 41.01
C ALA I 33 -8.59 88.65 41.53
N THR I 34 -8.46 88.50 42.85
CA THR I 34 -7.25 87.89 43.40
C THR I 34 -7.23 86.40 43.10
N SER I 35 -8.39 85.76 43.16
CA SER I 35 -8.48 84.35 42.79
C SER I 35 -8.50 84.20 41.27
N ALA I 36 -8.96 85.23 40.56
CA ALA I 36 -8.95 85.19 39.10
C ALA I 36 -7.52 85.22 38.57
N LEU I 37 -6.79 86.30 38.84
CA LEU I 37 -5.45 86.45 38.28
C LEU I 37 -4.40 85.60 38.99
N THR I 38 -4.80 84.80 39.97
CA THR I 38 -3.93 83.72 40.44
C THR I 38 -3.78 82.66 39.35
N THR I 39 -4.90 82.07 38.92
CA THR I 39 -4.81 80.94 38.01
C THR I 39 -4.72 81.39 36.55
N VAL I 40 -4.95 82.67 36.28
CA VAL I 40 -4.75 83.20 34.94
C VAL I 40 -3.25 83.22 34.60
N ILE I 41 -2.39 83.36 35.61
CA ILE I 41 -0.97 83.49 35.33
C ILE I 41 -0.18 82.27 35.81
N LYS I 42 -0.65 81.60 36.88
CA LYS I 42 0.05 80.42 37.38
C LYS I 42 -0.13 79.24 36.43
N ASP I 43 -1.37 78.91 36.11
CA ASP I 43 -1.66 77.66 35.40
C ASP I 43 -1.23 77.62 33.93
N PRO I 44 -1.19 78.73 33.18
CA PRO I 44 -0.47 78.65 31.89
C PRO I 44 1.02 78.41 32.03
N ILE I 45 1.69 79.16 32.92
CA ILE I 45 3.15 79.06 33.04
C ILE I 45 3.54 77.73 33.66
N SER I 46 2.67 77.16 34.49
CA SER I 46 2.92 75.83 35.05
C SER I 46 2.86 74.75 33.98
N LEU I 47 2.09 74.98 32.92
CA LEU I 47 1.93 73.96 31.89
C LEU I 47 2.91 74.17 30.73
N THR I 48 3.40 75.40 30.56
CA THR I 48 4.45 75.62 29.56
C THR I 48 5.75 74.97 29.98
N ILE I 49 6.04 75.00 31.29
CA ILE I 49 7.31 74.49 31.79
C ILE I 49 7.31 72.96 31.75
N LYS I 50 6.13 72.35 31.89
CA LYS I 50 6.03 70.90 31.80
C LYS I 50 6.30 70.37 30.39
N ASP I 51 6.28 71.27 29.40
CA ASP I 51 6.67 70.87 28.05
C ASP I 51 8.06 71.39 27.68
N ILE I 52 8.42 72.56 28.21
CA ILE I 52 9.75 73.11 27.96
C ILE I 52 10.82 72.28 28.68
N TYR I 53 10.53 71.87 29.91
CA TYR I 53 11.50 71.04 30.63
C TYR I 53 11.53 69.62 30.09
N GLU I 54 10.40 69.12 29.61
CA GLU I 54 10.36 67.73 29.14
C GLU I 54 10.94 67.61 27.73
N HIS I 55 10.48 68.43 26.80
CA HIS I 55 10.89 68.29 25.41
C HIS I 55 12.13 69.11 25.07
N GLY I 56 12.53 70.04 25.92
CA GLY I 56 13.67 70.87 25.61
C GLY I 56 14.80 70.79 26.62
N VAL I 57 14.56 70.14 27.77
CA VAL I 57 15.62 70.02 28.77
C VAL I 57 15.87 68.55 29.12
N LYS I 58 14.81 67.79 29.42
CA LYS I 58 14.94 66.36 29.72
C LYS I 58 15.54 65.57 28.57
N ASN I 59 14.81 65.51 27.46
CA ASN I 59 15.14 64.71 26.28
C ASN I 59 16.48 65.03 25.62
N PRO I 60 16.96 66.28 25.53
CA PRO I 60 18.35 66.45 25.04
C PRO I 60 19.41 66.08 26.07
N PHE I 61 19.14 66.28 27.37
CA PHE I 61 20.17 66.01 28.38
C PHE I 61 20.35 64.51 28.58
N THR I 62 19.30 63.72 28.34
CA THR I 62 19.46 62.27 28.32
C THR I 62 20.22 61.83 27.09
N LYS I 63 19.97 62.47 25.93
CA LYS I 63 20.67 62.11 24.71
C LYS I 63 22.12 62.60 24.72
N ILE I 64 22.49 63.43 25.70
CA ILE I 64 23.90 63.72 25.93
C ILE I 64 24.52 62.66 26.83
N ILE I 65 23.78 62.22 27.86
CA ILE I 65 24.29 61.20 28.78
C ILE I 65 24.43 59.86 28.06
N HIS I 66 23.40 59.45 27.32
CA HIS I 66 23.45 58.13 26.68
C HIS I 66 24.35 58.15 25.45
N LYS I 67 24.73 59.33 24.98
CA LYS I 67 25.84 59.43 24.03
C LYS I 67 27.18 59.31 24.74
N LEU I 68 27.28 59.81 25.99
CA LEU I 68 28.52 59.63 26.75
C LEU I 68 28.70 58.20 27.23
N LYS I 69 27.60 57.47 27.43
CA LYS I 69 27.71 56.06 27.82
C LYS I 69 28.26 55.22 26.68
N LYS I 70 28.12 55.69 25.45
CA LYS I 70 28.81 55.05 24.33
C LYS I 70 30.29 55.48 24.29
N PHE I 71 30.64 56.53 25.04
CA PHE I 71 32.00 57.06 24.96
C PHE I 71 32.84 56.68 26.18
N ILE I 72 32.24 56.66 27.38
CA ILE I 72 32.98 56.16 28.54
C ILE I 72 33.24 54.67 28.42
N ARG I 73 32.23 53.91 28.04
CA ARG I 73 32.42 52.53 27.62
C ARG I 73 32.77 52.53 26.14
N TYR I 74 33.05 51.33 25.62
CA TYR I 74 32.97 51.01 24.19
C TYR I 74 33.98 51.79 23.35
N ARG I 75 35.12 52.19 23.93
CA ARG I 75 36.14 52.89 23.16
C ARG I 75 36.89 51.93 22.25
N LYS I 76 37.22 50.74 22.77
CA LYS I 76 38.02 49.78 22.01
C LYS I 76 37.21 49.17 20.87
N VAL I 77 35.88 49.21 20.99
CA VAL I 77 35.04 48.55 19.99
C VAL I 77 34.83 49.47 18.80
N LEU I 78 34.58 50.75 19.09
CA LEU I 78 34.19 51.67 18.03
C LEU I 78 35.40 52.15 17.23
N ARG I 79 36.62 51.86 17.70
CA ARG I 79 37.80 52.02 16.85
C ARG I 79 37.73 51.04 15.68
N TRP I 80 37.16 49.87 15.92
CA TRP I 80 37.06 48.85 14.89
C TRP I 80 35.74 48.95 14.14
N SER I 81 34.67 49.35 14.83
CA SER I 81 33.34 49.33 14.24
C SER I 81 33.20 50.40 13.16
N ARG I 82 33.65 51.62 13.46
CA ARG I 82 33.67 52.68 12.47
C ARG I 82 34.70 52.36 11.39
N MET I 83 35.70 51.55 11.73
CA MET I 83 36.65 51.07 10.73
C MET I 83 35.98 50.05 9.81
N TRP I 84 34.97 49.33 10.31
CA TRP I 84 34.24 48.42 9.42
C TRP I 84 33.12 49.15 8.70
N TRP I 85 32.52 50.16 9.33
CA TRP I 85 31.33 50.80 8.78
C TRP I 85 31.67 51.62 7.55
N VAL I 86 32.86 52.22 7.55
CA VAL I 86 33.35 52.89 6.35
C VAL I 86 33.54 51.90 5.21
N LEU I 87 33.89 50.64 5.51
CA LEU I 87 34.11 49.70 4.43
C LEU I 87 32.80 49.12 3.89
N LEU I 88 31.70 49.23 4.65
CA LEU I 88 30.40 48.92 4.07
C LEU I 88 29.92 50.05 3.17
N VAL I 89 30.13 51.29 3.62
CA VAL I 89 29.69 52.46 2.87
C VAL I 89 30.46 52.56 1.55
N ARG I 90 31.70 52.06 1.53
CA ARG I 90 32.46 52.05 0.29
C ARG I 90 32.05 50.91 -0.63
N GLU I 91 31.53 49.81 -0.06
CA GLU I 91 31.23 48.65 -0.91
C GLU I 91 29.77 48.61 -1.33
N ILE I 92 28.85 49.06 -0.46
CA ILE I 92 27.45 49.06 -0.82
C ILE I 92 27.17 50.17 -1.84
N VAL I 93 27.82 51.32 -1.66
CA VAL I 93 27.64 52.43 -2.59
C VAL I 93 28.52 52.26 -3.82
N GLY I 94 29.83 52.10 -3.61
CA GLY I 94 30.73 51.95 -4.72
C GLY I 94 31.08 53.25 -5.42
N ASP I 95 31.56 54.23 -4.67
CA ASP I 95 32.11 55.52 -5.10
C ASP I 95 31.09 56.39 -5.81
N ASN I 96 29.82 56.40 -5.40
CA ASN I 96 28.80 57.22 -6.06
C ASN I 96 28.02 57.99 -4.99
N THR I 97 28.35 59.27 -4.87
CA THR I 97 28.47 60.14 -3.66
C THR I 97 27.44 59.75 -2.59
N ILE I 98 27.89 59.49 -1.36
CA ILE I 98 27.08 58.93 -0.30
C ILE I 98 26.30 60.04 0.38
N GLU I 99 25.01 59.83 0.62
CA GLU I 99 24.18 60.77 1.34
C GLU I 99 24.58 60.78 2.80
N LYS I 100 24.95 61.96 3.30
CA LYS I 100 25.58 62.04 4.63
C LYS I 100 24.55 61.93 5.74
N LYS I 101 23.29 62.28 5.47
CA LYS I 101 22.32 62.43 6.54
C LYS I 101 21.83 61.08 7.05
N THR I 102 21.60 60.13 6.14
CA THR I 102 21.12 58.82 6.56
C THR I 102 22.22 57.78 6.57
N GLU I 103 23.46 58.19 6.29
CA GLU I 103 24.59 57.34 6.59
C GLU I 103 24.89 57.36 8.08
N LYS I 104 24.63 58.49 8.73
CA LYS I 104 24.80 58.56 10.18
C LYS I 104 23.58 58.00 10.91
N ALA I 105 22.44 57.92 10.23
CA ALA I 105 21.26 57.31 10.84
C ALA I 105 21.37 55.79 10.84
N LEU I 106 22.09 55.23 9.86
CA LEU I 106 22.32 53.79 9.87
C LEU I 106 23.64 53.45 10.55
N ARG I 107 24.48 54.46 10.81
CA ARG I 107 25.66 54.24 11.64
C ARG I 107 25.27 53.94 13.07
N GLU I 108 24.14 54.50 13.52
CA GLU I 108 23.64 54.22 14.86
C GLU I 108 23.11 52.81 14.98
N ILE I 109 22.53 52.27 13.89
CA ILE I 109 22.07 50.90 13.89
C ILE I 109 23.26 49.95 13.75
N TRP I 110 24.31 50.42 13.06
CA TRP I 110 25.55 49.65 13.02
C TRP I 110 26.26 49.65 14.37
N ASP I 111 26.16 50.76 15.12
CA ASP I 111 26.76 50.79 16.45
C ASP I 111 25.97 49.94 17.44
N GLN I 112 24.69 49.69 17.17
CA GLN I 112 23.92 48.83 18.05
C GLN I 112 24.22 47.35 17.80
N CYS I 113 24.67 46.98 16.60
CA CYS I 113 25.14 45.62 16.36
C CYS I 113 26.42 45.35 17.12
N THR I 114 27.31 46.34 17.19
CA THR I 114 28.62 46.13 17.81
C THR I 114 28.51 46.04 19.32
N ILE I 115 27.64 46.86 19.91
CA ILE I 115 27.39 46.78 21.35
C ILE I 115 26.74 45.45 21.70
N ALA I 116 25.89 44.94 20.81
CA ALA I 116 25.23 43.67 21.06
C ALA I 116 26.18 42.48 20.90
N VAL I 117 27.19 42.62 20.03
CA VAL I 117 28.16 41.54 19.85
C VAL I 117 29.22 41.58 20.95
N TYR I 118 29.75 42.77 21.22
CA TYR I 118 30.81 42.94 22.21
C TYR I 118 30.38 42.57 23.61
N ASN I 119 29.09 42.73 23.92
CA ASN I 119 28.58 42.28 25.22
C ASN I 119 28.47 40.76 25.27
N ASN I 120 28.58 40.08 24.14
CA ASN I 120 28.47 38.63 24.10
C ASN I 120 29.81 37.95 23.92
N THR I 121 30.93 38.68 24.04
CA THR I 121 32.25 38.12 23.82
C THR I 121 33.06 38.16 25.10
N LEU I 122 33.87 37.12 25.31
CA LEU I 122 34.87 37.17 26.36
C LEU I 122 36.25 37.45 25.77
N ASN I 123 36.45 37.11 24.50
CA ASN I 123 37.68 37.44 23.80
C ASN I 123 37.78 38.94 23.56
N ALA I 124 39.00 39.47 23.59
CA ALA I 124 39.21 40.88 23.34
C ALA I 124 38.98 41.20 21.87
N VAL I 125 38.72 42.47 21.59
CA VAL I 125 38.51 42.89 20.20
C VAL I 125 39.85 42.94 19.48
N GLU I 126 40.90 43.33 20.20
CA GLU I 126 42.23 43.42 19.62
C GLU I 126 42.79 42.04 19.29
N SER I 127 42.41 41.03 20.07
CA SER I 127 42.99 39.70 19.91
C SER I 127 42.51 39.03 18.64
N LYS I 128 41.20 38.90 18.49
CA LYS I 128 40.60 38.09 17.42
C LYS I 128 39.51 38.89 16.71
N PRO I 129 39.88 39.67 15.69
CA PRO I 129 38.90 40.59 15.10
C PRO I 129 37.94 39.94 14.10
N LEU I 130 38.35 38.87 13.40
CA LEU I 130 37.41 38.26 12.46
C LEU I 130 36.33 37.42 13.13
N LEU I 131 36.44 37.18 14.43
CA LEU I 131 35.30 36.66 15.16
C LEU I 131 34.20 37.71 15.22
N PHE I 132 34.58 38.97 15.38
CA PHE I 132 33.60 40.04 15.54
C PHE I 132 32.87 40.36 14.24
N LEU I 133 33.54 40.25 13.11
CA LEU I 133 32.85 40.50 11.84
C LEU I 133 31.88 39.37 11.50
N HIS I 134 32.11 38.17 12.04
CA HIS I 134 31.08 37.15 11.91
C HIS I 134 29.95 37.40 12.89
N GLY I 135 30.15 38.30 13.86
CA GLY I 135 29.06 38.72 14.70
C GLY I 135 28.39 39.93 14.11
N ILE I 136 29.18 40.97 13.85
CA ILE I 136 28.62 42.28 13.59
C ILE I 136 27.97 42.33 12.21
N LEU I 137 28.55 41.64 11.23
CA LEU I 137 27.92 41.58 9.92
C LEU I 137 26.71 40.66 9.93
N ASN I 138 26.79 39.54 10.67
CA ASN I 138 25.64 38.63 10.76
C ASN I 138 24.48 39.26 11.53
N GLU I 139 24.79 40.07 12.53
CA GLU I 139 23.72 40.71 13.27
C GLU I 139 23.10 41.87 12.50
N CYS I 140 23.90 42.73 11.89
CA CYS I 140 23.32 43.77 11.04
C CYS I 140 22.79 43.22 9.71
N ARG I 141 23.16 42.00 9.32
CA ARG I 141 22.38 41.32 8.28
C ARG I 141 20.95 41.11 8.77
N ASN I 142 20.81 40.73 10.04
CA ASN I 142 19.50 40.51 10.60
C ASN I 142 18.89 41.77 11.17
N ASN I 143 19.71 42.71 11.65
CA ASN I 143 19.17 43.94 12.24
C ASN I 143 18.58 44.84 11.18
N PHE I 144 19.25 44.95 10.03
CA PHE I 144 18.67 45.73 8.94
C PHE I 144 17.52 44.99 8.27
N ALA I 145 17.46 43.67 8.35
CA ALA I 145 16.37 42.94 7.73
C ALA I 145 15.08 42.94 8.55
N THR I 146 15.12 43.42 9.79
CA THR I 146 13.91 43.46 10.61
C THR I 146 13.31 44.86 10.67
N LYS I 147 14.03 45.87 10.22
CA LYS I 147 13.48 47.22 10.22
C LYS I 147 13.46 47.88 8.86
N LEU I 148 14.49 47.70 8.02
CA LEU I 148 14.52 48.33 6.70
C LEU I 148 13.60 47.51 5.82
N ARG I 149 12.48 48.10 5.40
CA ARG I 149 11.53 47.34 4.58
C ARG I 149 12.04 47.15 3.17
N GLN I 150 12.40 48.24 2.50
CA GLN I 150 12.77 48.19 1.10
C GLN I 150 14.11 48.85 0.90
N ASP I 151 15.07 48.09 0.38
CA ASP I 151 16.45 48.52 0.22
C ASP I 151 16.79 48.59 -1.26
N PRO I 152 16.56 49.72 -1.94
CA PRO I 152 17.00 49.78 -3.34
C PRO I 152 18.49 49.99 -3.49
N SER I 153 19.18 50.37 -2.41
CA SER I 153 20.63 50.27 -2.35
C SER I 153 21.09 48.88 -1.93
N LEU I 154 20.14 48.00 -1.57
CA LEU I 154 20.37 46.59 -1.23
C LEU I 154 21.31 46.44 -0.02
N ILE I 155 20.92 47.00 1.12
CA ILE I 155 21.81 46.94 2.29
C ILE I 155 21.82 45.53 2.86
N VAL I 156 20.64 44.90 2.96
CA VAL I 156 20.58 43.53 3.47
C VAL I 156 21.15 42.56 2.45
N ALA I 157 20.88 42.81 1.17
CA ALA I 157 21.23 41.84 0.12
C ALA I 157 22.73 41.82 -0.16
N LYS I 158 23.43 42.91 0.14
CA LYS I 158 24.87 42.94 -0.08
C LYS I 158 25.62 42.43 1.13
N ILE I 159 25.09 42.67 2.33
CA ILE I 159 25.67 42.10 3.56
C ILE I 159 25.48 40.59 3.58
N ASP I 160 24.47 40.09 2.86
CA ASP I 160 24.34 38.65 2.58
C ASP I 160 25.59 38.10 1.92
N GLN I 161 26.02 38.71 0.82
CA GLN I 161 27.09 38.10 0.02
C GLN I 161 28.46 38.64 0.38
N ILE I 162 28.53 39.57 1.34
CA ILE I 162 29.82 39.80 1.99
C ILE I 162 30.10 38.66 2.94
N ILE I 163 29.07 38.12 3.58
CA ILE I 163 29.21 36.99 4.48
C ILE I 163 29.26 35.68 3.69
N LYS I 164 28.30 35.48 2.78
CA LYS I 164 28.17 34.21 2.09
C LYS I 164 29.19 34.01 0.98
N SER I 165 30.04 35.00 0.71
CA SER I 165 31.19 34.81 -0.17
C SER I 165 32.49 35.23 0.49
N GLN I 166 32.44 35.64 1.76
CA GLN I 166 33.56 35.89 2.65
C GLN I 166 34.50 36.98 2.14
N ILE I 167 33.97 38.10 1.68
CA ILE I 167 34.78 39.23 1.23
C ILE I 167 35.41 39.95 2.42
N TYR I 168 34.88 39.71 3.62
CA TYR I 168 35.35 40.39 4.83
C TYR I 168 36.71 39.87 5.33
N ARG I 169 37.37 39.01 4.56
CA ARG I 169 38.79 38.72 4.67
C ARG I 169 39.62 40.00 4.57
N PHE I 170 39.46 40.71 3.45
CA PHE I 170 40.33 41.83 3.09
C PHE I 170 40.08 43.05 3.96
N TRP I 171 38.94 43.06 4.62
CA TRP I 171 38.61 44.03 5.66
C TRP I 171 39.62 43.97 6.79
N VAL I 172 40.19 42.79 7.03
CA VAL I 172 41.38 42.69 7.86
C VAL I 172 42.61 42.56 6.98
N SER I 173 43.43 43.59 6.94
CA SER I 173 44.68 43.56 6.20
C SER I 173 45.72 44.29 7.03
N GLU I 174 46.89 44.47 6.43
CA GLU I 174 47.96 45.25 7.07
C GLU I 174 47.58 46.71 7.40
N PRO I 175 46.93 47.49 6.51
CA PRO I 175 46.61 48.86 6.95
C PRO I 175 45.41 48.93 7.87
N TYR I 176 44.54 47.92 7.86
CA TYR I 176 43.32 48.00 8.65
C TYR I 176 43.56 47.57 10.08
N LEU I 177 44.62 46.80 10.33
CA LEU I 177 44.97 46.43 11.69
C LEU I 177 45.79 47.49 12.38
N LYS I 178 46.48 48.35 11.62
CA LYS I 178 47.28 49.42 12.22
C LYS I 178 46.37 50.49 12.81
N ILE I 179 45.33 50.88 12.08
CA ILE I 179 44.40 51.89 12.57
C ILE I 179 43.50 51.29 13.65
N GLY I 180 43.21 50.00 13.53
CA GLY I 180 42.47 49.28 14.55
C GLY I 180 43.18 49.16 15.88
N ARG I 181 44.52 49.00 15.85
CA ARG I 181 45.25 48.87 17.10
C ARG I 181 45.65 50.24 17.65
N SER I 182 45.48 51.29 16.85
CA SER I 182 45.97 52.61 17.21
C SER I 182 45.10 53.26 18.28
N HIS I 183 45.71 54.13 19.07
CA HIS I 183 45.00 54.85 20.12
C HIS I 183 44.42 56.14 19.51
N THR I 184 43.39 55.98 18.70
CA THR I 184 42.68 57.12 18.14
C THR I 184 41.21 57.01 18.57
N LEU I 185 40.61 58.16 18.89
CA LEU I 185 39.19 58.18 19.21
C LEU I 185 38.37 57.85 17.97
N TYR I 186 37.21 57.24 18.18
CA TYR I 186 36.42 56.74 17.06
C TYR I 186 35.76 57.87 16.27
N THR I 187 35.62 59.05 16.86
CA THR I 187 35.05 60.17 16.14
C THR I 187 36.04 60.73 15.13
N HIS I 188 37.33 60.47 15.33
CA HIS I 188 38.35 60.91 14.38
C HIS I 188 38.50 59.98 13.20
N ILE I 189 37.89 58.79 13.23
CA ILE I 189 37.94 57.87 12.11
C ILE I 189 36.93 58.34 11.07
N THR I 190 37.44 58.93 9.99
CA THR I 190 36.65 59.45 8.90
C THR I 190 36.88 58.56 7.68
N PRO I 191 36.06 58.65 6.63
CA PRO I 191 36.40 57.92 5.38
C PRO I 191 37.65 58.45 4.69
N ASP I 192 38.12 59.65 5.04
CA ASP I 192 39.41 60.09 4.53
C ASP I 192 40.55 59.34 5.20
N ALA I 193 40.39 58.96 6.47
CA ALA I 193 41.47 58.33 7.21
C ALA I 193 41.54 56.82 7.01
N VAL I 194 40.55 56.23 6.36
CA VAL I 194 40.51 54.78 6.13
C VAL I 194 41.05 54.53 4.72
N PRO I 195 42.06 53.66 4.57
CA PRO I 195 42.59 53.39 3.23
C PRO I 195 41.65 52.49 2.44
N GLN I 196 41.59 52.74 1.14
CA GLN I 196 40.64 52.03 0.29
C GLN I 196 41.16 50.64 -0.04
N LEU I 197 40.22 49.70 -0.15
CA LEU I 197 40.50 48.35 -0.62
C LEU I 197 40.93 48.39 -2.07
N PRO I 198 41.79 47.47 -2.51
CA PRO I 198 42.10 47.37 -3.93
C PRO I 198 40.91 46.82 -4.70
N LYS I 199 40.97 46.97 -6.03
CA LYS I 199 39.80 46.69 -6.86
C LYS I 199 39.49 45.21 -6.97
N GLU I 200 40.38 44.32 -6.53
CA GLU I 200 40.06 42.90 -6.50
C GLU I 200 39.15 42.53 -5.34
N CYS I 201 38.99 43.43 -4.36
CA CYS I 201 38.41 43.07 -3.07
C CYS I 201 37.04 43.66 -2.81
N THR I 202 36.36 44.19 -3.83
CA THR I 202 35.09 44.87 -3.63
C THR I 202 33.93 44.05 -4.19
N LEU I 203 32.71 44.48 -3.88
CA LEU I 203 31.52 43.86 -4.46
C LEU I 203 31.33 44.23 -5.92
N LYS I 204 31.88 45.37 -6.36
CA LYS I 204 31.74 45.79 -7.74
C LYS I 204 32.49 44.85 -8.68
N HIS I 205 33.62 44.33 -8.21
CA HIS I 205 34.36 43.35 -9.01
C HIS I 205 33.70 41.98 -8.94
N LEU I 206 33.35 41.54 -7.73
CA LEU I 206 32.92 40.15 -7.53
C LEU I 206 31.53 39.90 -8.11
N SER I 207 30.68 40.93 -8.16
CA SER I 207 29.39 40.76 -8.81
C SER I 207 29.53 40.79 -10.33
N SER I 208 30.44 41.63 -10.84
CA SER I 208 30.66 41.67 -12.28
C SER I 208 31.44 40.45 -12.77
N TYR I 209 32.21 39.83 -11.88
CA TYR I 209 32.96 38.64 -12.25
C TYR I 209 32.05 37.43 -12.38
N MET I 210 30.90 37.45 -11.69
CA MET I 210 29.95 36.36 -11.84
C MET I 210 29.21 36.45 -13.17
N GLU I 211 28.97 37.66 -13.67
CA GLU I 211 28.38 37.79 -15.00
C GLU I 211 29.41 37.49 -16.08
N GLU I 212 30.70 37.53 -15.74
CA GLU I 212 31.71 37.01 -16.65
C GLU I 212 31.69 35.48 -16.68
N LYS I 213 31.19 34.87 -15.59
CA LYS I 213 31.02 33.42 -15.61
C LYS I 213 29.59 33.02 -15.99
N LEU I 214 28.61 33.43 -15.18
CA LEU I 214 27.28 32.80 -15.26
C LEU I 214 26.50 33.23 -16.48
N LYS I 215 26.74 34.44 -17.00
CA LYS I 215 26.13 34.81 -18.28
C LYS I 215 26.85 34.12 -19.43
N SER I 216 28.17 33.90 -19.29
CA SER I 216 28.91 33.19 -20.31
C SER I 216 28.63 31.69 -20.26
N MET I 217 28.58 31.09 -19.08
CA MET I 217 28.37 29.64 -19.06
C MET I 217 27.00 29.25 -19.64
N GLU I 218 25.97 29.97 -19.23
CA GLU I 218 24.59 29.74 -19.65
C GLU I 218 24.14 30.05 -21.09
N SER I 219 24.67 31.12 -21.67
CA SER I 219 24.18 31.61 -22.96
C SER I 219 24.72 30.80 -24.13
N LYS I 220 25.76 29.99 -23.91
CA LYS I 220 26.26 29.12 -24.95
C LYS I 220 25.73 27.70 -24.83
N LYS I 221 24.60 27.51 -24.18
CA LYS I 221 23.75 26.37 -24.49
C LYS I 221 23.05 26.66 -25.81
N ASN I 222 22.79 25.61 -26.59
CA ASN I 222 22.28 25.70 -27.95
C ASN I 222 23.14 26.65 -28.79
N ILE I 223 24.38 26.21 -29.00
CA ILE I 223 25.27 26.92 -29.90
C ILE I 223 24.69 26.90 -31.30
N GLU I 224 24.66 28.06 -31.93
CA GLU I 224 23.96 28.22 -33.19
C GLU I 224 24.63 27.43 -34.30
N SER I 225 23.81 26.86 -35.18
CA SER I 225 24.29 26.02 -36.26
C SER I 225 24.57 26.90 -37.47
N GLY I 226 25.82 26.89 -37.93
CA GLY I 226 26.22 27.66 -39.09
C GLY I 226 26.67 29.06 -38.78
N LYS I 227 26.35 29.59 -37.59
CA LYS I 227 26.76 30.94 -37.24
C LYS I 227 28.24 31.04 -36.96
N TYR I 228 28.88 29.91 -36.65
CA TYR I 228 30.33 29.84 -36.49
C TYR I 228 30.86 29.04 -37.68
N GLU I 229 31.13 29.75 -38.77
CA GLU I 229 31.56 29.12 -40.02
C GLU I 229 33.02 29.45 -40.28
N PHE I 230 33.64 28.63 -41.12
CA PHE I 230 35.08 28.71 -41.31
C PHE I 230 35.42 29.04 -42.76
N ASP I 231 36.64 29.52 -42.95
CA ASP I 231 37.17 29.76 -44.27
C ASP I 231 38.12 28.62 -44.60
N VAL I 232 37.68 27.73 -45.49
CA VAL I 232 38.48 26.61 -45.96
C VAL I 232 39.60 27.21 -46.80
N ASP I 233 40.81 27.16 -46.27
CA ASP I 233 41.96 27.81 -46.90
C ASP I 233 42.98 26.75 -47.28
N SER I 234 42.79 26.16 -48.46
CA SER I 234 43.67 25.13 -48.99
C SER I 234 44.85 25.81 -49.67
N SER I 235 46.05 25.49 -49.22
CA SER I 235 47.25 26.05 -49.82
C SER I 235 47.60 25.30 -51.10
N TYR J 189 -36.55 -50.40 -50.94
CA TYR J 189 -36.93 -49.75 -49.69
C TYR J 189 -38.28 -50.28 -49.21
N ILE J 190 -38.24 -51.19 -48.25
CA ILE J 190 -39.44 -51.88 -47.80
C ILE J 190 -40.03 -51.23 -46.54
N GLU J 191 -39.16 -50.70 -45.68
CA GLU J 191 -39.42 -49.78 -44.56
C GLU J 191 -40.10 -50.49 -43.36
N GLN J 192 -40.50 -51.75 -43.52
CA GLN J 192 -41.08 -52.48 -42.40
C GLN J 192 -39.96 -53.07 -41.54
N PHE J 193 -40.32 -53.99 -40.62
CA PHE J 193 -39.41 -54.69 -39.72
C PHE J 193 -38.67 -53.70 -38.82
N GLY J 194 -39.45 -53.06 -37.96
CA GLY J 194 -38.87 -52.22 -36.92
C GLY J 194 -39.28 -50.76 -36.92
N SER J 195 -40.02 -50.32 -37.94
CA SER J 195 -40.40 -48.92 -38.03
C SER J 195 -41.70 -48.77 -38.80
N ASN J 196 -42.37 -47.65 -38.57
CA ASN J 196 -43.67 -47.35 -39.16
C ASN J 196 -43.58 -46.19 -40.14
N MET J 197 -44.45 -46.23 -41.16
CA MET J 197 -44.41 -45.29 -42.28
C MET J 197 -45.40 -44.13 -42.12
N ASN J 198 -46.69 -44.43 -42.08
CA ASN J 198 -47.70 -43.43 -41.78
C ASN J 198 -48.74 -44.00 -40.83
N GLU J 199 -48.58 -45.24 -40.40
CA GLU J 199 -49.55 -45.95 -39.57
C GLU J 199 -49.58 -45.44 -38.13
N LYS J 200 -48.74 -44.47 -37.77
CA LYS J 200 -48.87 -43.82 -36.48
C LYS J 200 -49.91 -42.70 -36.53
N VAL J 201 -50.01 -42.03 -37.68
CA VAL J 201 -51.04 -41.02 -37.85
C VAL J 201 -52.36 -41.66 -38.27
N ARG J 202 -52.30 -42.74 -39.06
CA ARG J 202 -53.50 -43.37 -39.61
C ARG J 202 -54.36 -44.06 -38.56
N ASN J 203 -53.80 -44.42 -37.41
CA ASN J 203 -54.58 -45.13 -36.40
C ASN J 203 -55.56 -44.24 -35.67
N GLY J 204 -55.37 -42.92 -35.71
CA GLY J 204 -56.25 -42.05 -34.96
C GLY J 204 -56.04 -42.09 -33.47
N LYS J 205 -54.84 -42.46 -33.01
CA LYS J 205 -54.49 -42.38 -31.61
C LYS J 205 -53.84 -41.04 -31.26
N LEU J 206 -53.52 -40.22 -32.26
CA LEU J 206 -53.00 -38.88 -32.06
C LEU J 206 -54.08 -37.81 -32.20
N GLN J 207 -55.31 -38.14 -31.85
CA GLN J 207 -56.41 -37.19 -32.02
C GLN J 207 -56.44 -36.19 -30.87
N GLY J 208 -56.69 -34.93 -31.23
CA GLY J 208 -56.80 -33.85 -30.27
C GLY J 208 -55.52 -33.02 -30.23
N ILE J 209 -55.52 -31.92 -30.98
CA ILE J 209 -54.41 -30.98 -31.03
C ILE J 209 -55.01 -29.60 -30.93
N TYR J 210 -54.49 -28.76 -30.03
CA TYR J 210 -54.98 -27.40 -29.93
C TYR J 210 -54.58 -26.61 -31.17
N GLY J 211 -55.55 -25.89 -31.73
CA GLY J 211 -55.31 -25.07 -32.89
C GLY J 211 -54.82 -23.68 -32.54
N ARG J 212 -53.58 -23.59 -32.09
CA ARG J 212 -52.96 -22.28 -31.91
C ARG J 212 -52.62 -21.73 -33.29
N ASP J 213 -53.55 -20.99 -33.88
CA ASP J 213 -53.44 -20.60 -35.28
C ASP J 213 -52.40 -19.52 -35.51
N GLU J 214 -52.02 -18.77 -34.47
CA GLU J 214 -51.03 -17.72 -34.63
C GLU J 214 -49.61 -18.25 -34.80
N GLU J 215 -49.38 -19.54 -34.54
CA GLU J 215 -48.04 -20.12 -34.55
C GLU J 215 -47.78 -21.03 -35.74
N ILE J 216 -48.78 -21.81 -36.16
CA ILE J 216 -48.57 -22.76 -37.26
C ILE J 216 -48.48 -22.02 -38.60
N ARG J 217 -49.14 -20.86 -38.72
CA ARG J 217 -49.15 -20.11 -39.98
C ARG J 217 -47.78 -19.54 -40.36
N ALA J 218 -46.86 -19.41 -39.41
CA ALA J 218 -45.52 -18.95 -39.75
C ALA J 218 -44.69 -20.04 -40.42
N ILE J 219 -45.05 -21.30 -40.24
CA ILE J 219 -44.33 -22.41 -40.85
C ILE J 219 -44.86 -22.70 -42.25
N ILE J 220 -46.17 -22.54 -42.46
CA ILE J 220 -46.79 -22.82 -43.75
C ILE J 220 -46.34 -21.83 -44.81
N GLU J 221 -45.99 -20.60 -44.41
CA GLU J 221 -45.52 -19.60 -45.37
C GLU J 221 -44.16 -19.96 -45.96
N SER J 222 -43.29 -20.61 -45.19
CA SER J 222 -41.93 -20.89 -45.65
C SER J 222 -41.88 -22.05 -46.63
N LEU J 223 -42.90 -22.92 -46.63
CA LEU J 223 -42.94 -24.05 -47.55
C LEU J 223 -43.52 -23.68 -48.91
N LEU J 224 -44.20 -22.54 -49.01
CA LEU J 224 -44.85 -22.14 -50.25
C LEU J 224 -43.90 -21.42 -51.22
N ARG J 225 -42.70 -21.06 -50.79
CA ARG J 225 -41.75 -20.38 -51.64
C ARG J 225 -41.15 -21.34 -52.67
N TYR J 226 -40.40 -20.76 -53.61
CA TYR J 226 -39.58 -21.51 -54.55
C TYR J 226 -38.10 -21.50 -54.18
N ASN J 227 -37.75 -20.93 -53.02
CA ASN J 227 -36.37 -20.69 -52.64
C ASN J 227 -35.70 -21.95 -52.11
N LYS J 228 -34.56 -21.77 -51.43
CA LYS J 228 -33.85 -22.91 -50.87
C LYS J 228 -34.65 -23.57 -49.74
N ASN J 229 -35.41 -22.78 -48.97
CA ASN J 229 -36.42 -23.22 -48.01
C ASN J 229 -35.84 -24.16 -46.95
N SER J 230 -34.97 -23.59 -46.12
CA SER J 230 -34.39 -24.26 -44.95
C SER J 230 -34.76 -23.52 -43.67
N PRO J 231 -35.95 -23.76 -43.11
CA PRO J 231 -36.28 -23.18 -41.81
C PRO J 231 -35.91 -24.12 -40.68
N VAL J 232 -35.56 -23.52 -39.54
CA VAL J 232 -35.15 -24.25 -38.35
C VAL J 232 -35.99 -23.77 -37.18
N LEU J 233 -36.60 -24.72 -36.47
CA LEU J 233 -37.25 -24.40 -35.20
C LEU J 233 -36.20 -24.03 -34.17
N VAL J 234 -36.33 -22.85 -33.59
CA VAL J 234 -35.40 -22.35 -32.57
C VAL J 234 -36.16 -22.30 -31.26
N GLY J 235 -35.72 -23.10 -30.28
CA GLY J 235 -36.39 -23.09 -28.99
C GLY J 235 -35.81 -24.12 -28.04
N ASN J 236 -36.61 -24.45 -27.04
CA ASN J 236 -36.21 -25.36 -25.98
C ASN J 236 -36.06 -26.79 -26.52
N PRO J 237 -35.29 -27.64 -25.84
CA PRO J 237 -35.25 -29.06 -26.24
C PRO J 237 -36.57 -29.78 -26.03
N GLY J 238 -37.40 -29.33 -25.10
CA GLY J 238 -38.73 -29.85 -24.93
C GLY J 238 -39.74 -29.38 -25.95
N THR J 239 -39.33 -28.49 -26.86
CA THR J 239 -40.15 -28.02 -27.97
C THR J 239 -39.35 -28.04 -29.27
N GLY J 240 -38.45 -29.01 -29.42
CA GLY J 240 -37.50 -28.95 -30.52
C GLY J 240 -37.28 -30.22 -31.31
N LYS J 241 -38.33 -31.03 -31.47
CA LYS J 241 -38.28 -32.35 -32.12
C LYS J 241 -39.59 -32.56 -32.86
N THR J 242 -40.00 -33.81 -33.06
CA THR J 242 -41.12 -34.19 -33.93
C THR J 242 -42.50 -33.71 -33.50
N THR J 243 -42.57 -32.85 -32.49
CA THR J 243 -43.78 -32.28 -31.92
C THR J 243 -44.64 -31.56 -32.95
N ILE J 244 -44.09 -30.52 -33.58
CA ILE J 244 -44.82 -29.77 -34.60
C ILE J 244 -44.92 -30.58 -35.88
N VAL J 245 -43.96 -31.48 -36.10
CA VAL J 245 -43.83 -32.20 -37.37
C VAL J 245 -44.98 -33.19 -37.55
N GLU J 246 -45.31 -33.93 -36.50
CA GLU J 246 -46.38 -34.92 -36.60
C GLU J 246 -47.76 -34.27 -36.61
N GLY J 247 -47.88 -33.08 -36.03
CA GLY J 247 -49.13 -32.35 -36.11
C GLY J 247 -49.44 -31.81 -37.50
N LEU J 248 -48.41 -31.64 -38.33
CA LEU J 248 -48.63 -31.19 -39.70
C LEU J 248 -49.02 -32.34 -40.62
N VAL J 249 -48.51 -33.55 -40.37
CA VAL J 249 -48.93 -34.72 -41.13
C VAL J 249 -50.36 -35.10 -40.77
N TYR J 250 -50.76 -34.83 -39.52
CA TYR J 250 -52.11 -35.12 -39.04
C TYR J 250 -53.17 -34.29 -39.74
N ARG J 251 -52.82 -33.13 -40.30
CA ARG J 251 -53.76 -32.30 -41.03
C ARG J 251 -54.02 -32.79 -42.46
N ILE J 252 -53.30 -33.80 -42.92
CA ILE J 252 -53.51 -34.31 -44.28
C ILE J 252 -54.80 -35.11 -44.36
N GLU J 253 -55.15 -35.83 -43.29
CA GLU J 253 -56.38 -36.61 -43.27
C GLU J 253 -57.63 -35.73 -43.23
N LYS J 254 -57.54 -34.57 -42.59
CA LYS J 254 -58.68 -33.67 -42.49
C LYS J 254 -59.01 -32.99 -43.81
N GLY J 255 -58.04 -32.88 -44.72
CA GLY J 255 -58.25 -32.26 -46.01
C GLY J 255 -57.91 -30.78 -46.08
N ASP J 256 -57.57 -30.14 -44.97
CA ASP J 256 -57.26 -28.72 -44.95
C ASP J 256 -55.76 -28.49 -45.13
N VAL J 257 -55.28 -28.87 -46.31
CA VAL J 257 -53.88 -28.72 -46.67
C VAL J 257 -53.76 -27.71 -47.79
N PRO J 258 -52.62 -27.05 -47.98
CA PRO J 258 -52.45 -26.22 -49.18
C PRO J 258 -52.32 -27.07 -50.43
N LYS J 259 -52.45 -26.41 -51.58
CA LYS J 259 -52.43 -27.12 -52.85
C LYS J 259 -51.05 -27.68 -53.19
N GLU J 260 -49.99 -27.06 -52.65
CA GLU J 260 -48.64 -27.48 -52.97
C GLU J 260 -48.07 -28.51 -52.01
N LEU J 261 -48.81 -28.89 -50.97
CA LEU J 261 -48.35 -29.86 -49.98
C LEU J 261 -49.34 -31.03 -49.84
N GLN J 262 -49.87 -31.50 -50.97
CA GLN J 262 -50.96 -32.48 -50.96
C GLN J 262 -50.40 -33.90 -51.00
N GLY J 263 -50.86 -34.71 -50.05
CA GLY J 263 -50.61 -36.14 -50.04
C GLY J 263 -49.19 -36.56 -49.73
N TYR J 264 -48.27 -35.62 -49.51
CA TYR J 264 -46.88 -35.95 -49.25
C TYR J 264 -46.74 -36.65 -47.91
N THR J 265 -45.82 -37.62 -47.85
CA THR J 265 -45.72 -38.54 -46.72
C THR J 265 -44.31 -38.48 -46.12
N VAL J 266 -44.13 -39.21 -45.03
CA VAL J 266 -42.93 -39.16 -44.21
C VAL J 266 -42.00 -40.29 -44.62
N ILE J 267 -40.75 -39.95 -44.93
CA ILE J 267 -39.71 -40.94 -45.15
C ILE J 267 -39.01 -41.20 -43.83
N SER J 268 -38.98 -42.46 -43.41
CA SER J 268 -38.38 -42.82 -42.14
C SER J 268 -36.86 -42.74 -42.21
N LEU J 269 -36.25 -42.31 -41.10
CA LEU J 269 -34.80 -42.14 -41.00
C LEU J 269 -34.14 -43.27 -40.22
N ASN J 270 -34.65 -43.58 -39.03
CA ASN J 270 -34.31 -44.77 -38.24
C ASN J 270 -32.83 -44.81 -37.86
N PHE J 271 -32.46 -43.87 -37.00
CA PHE J 271 -31.10 -43.79 -36.45
C PHE J 271 -30.75 -44.93 -35.43
N ARG J 272 -31.60 -45.95 -35.27
CA ARG J 272 -31.24 -47.17 -34.55
C ARG J 272 -30.66 -48.23 -35.48
N LYS J 273 -31.12 -48.29 -36.73
CA LYS J 273 -30.69 -49.34 -37.65
C LYS J 273 -29.39 -49.02 -38.36
N PHE J 274 -28.67 -47.97 -37.98
CA PHE J 274 -27.32 -47.75 -38.47
C PHE J 274 -26.27 -48.53 -37.69
N THR J 275 -26.68 -49.25 -36.64
CA THR J 275 -25.71 -49.98 -35.82
C THR J 275 -25.18 -51.23 -36.49
N SER J 276 -25.84 -51.71 -37.57
CA SER J 276 -25.36 -52.89 -38.26
C SER J 276 -24.41 -52.56 -39.41
N GLY J 277 -24.37 -51.31 -39.86
CA GLY J 277 -23.50 -50.91 -40.94
C GLY J 277 -22.25 -50.18 -40.49
N THR J 278 -21.72 -50.56 -39.33
CA THR J 278 -20.50 -49.99 -38.78
C THR J 278 -19.44 -51.06 -38.58
N SER J 279 -19.35 -52.00 -39.52
CA SER J 279 -18.40 -53.12 -39.43
C SER J 279 -17.04 -52.69 -39.98
N TYR J 280 -16.18 -53.67 -40.25
CA TYR J 280 -14.85 -53.40 -40.80
C TYR J 280 -14.94 -52.78 -42.19
N ARG J 281 -15.89 -53.24 -43.01
CA ARG J 281 -16.08 -52.73 -44.36
C ARG J 281 -17.22 -51.71 -44.37
N GLY J 282 -17.06 -50.67 -45.19
CA GLY J 282 -18.04 -49.60 -45.29
C GLY J 282 -19.37 -50.02 -45.89
N GLU J 283 -20.43 -49.94 -45.08
CA GLU J 283 -21.79 -50.18 -45.53
C GLU J 283 -22.70 -48.98 -45.33
N PHE J 284 -22.16 -47.85 -44.83
CA PHE J 284 -22.96 -46.66 -44.60
C PHE J 284 -23.16 -45.85 -45.87
N GLU J 285 -22.21 -45.93 -46.81
CA GLU J 285 -22.32 -45.18 -48.06
C GLU J 285 -23.37 -45.78 -49.00
N THR J 286 -23.70 -47.07 -48.83
CA THR J 286 -24.77 -47.66 -49.63
C THR J 286 -26.15 -47.28 -49.10
N ARG J 287 -26.25 -46.97 -47.81
CA ARG J 287 -27.53 -46.60 -47.22
C ARG J 287 -27.89 -45.14 -47.52
N MET J 288 -26.90 -44.29 -47.74
CA MET J 288 -27.16 -42.88 -48.01
C MET J 288 -27.68 -42.68 -49.42
N LYS J 289 -27.16 -43.45 -50.38
CA LYS J 289 -27.51 -43.24 -51.79
C LYS J 289 -28.94 -43.63 -52.11
N ASN J 290 -29.57 -44.47 -51.28
CA ASN J 290 -30.98 -44.78 -51.42
C ASN J 290 -31.88 -43.68 -50.86
N ILE J 291 -31.30 -42.65 -50.24
CA ILE J 291 -32.06 -41.57 -49.63
C ILE J 291 -31.83 -40.24 -50.36
N ILE J 292 -30.58 -39.95 -50.72
CA ILE J 292 -30.22 -38.65 -51.28
C ILE J 292 -30.83 -38.46 -52.66
N LYS J 293 -30.72 -39.47 -53.52
CA LYS J 293 -31.08 -39.32 -54.93
C LYS J 293 -32.58 -39.26 -55.16
N GLU J 294 -33.38 -39.71 -54.19
CA GLU J 294 -34.83 -39.73 -54.32
C GLU J 294 -35.49 -38.42 -53.90
N LEU J 295 -34.71 -37.35 -53.72
CA LEU J 295 -35.22 -36.14 -53.12
C LEU J 295 -34.89 -34.85 -53.88
N LYS J 296 -33.89 -34.87 -54.76
CA LYS J 296 -33.44 -33.65 -55.42
C LYS J 296 -34.43 -33.20 -56.49
N ASN J 297 -34.65 -34.03 -57.51
CA ASN J 297 -35.62 -33.71 -58.55
C ASN J 297 -36.49 -34.93 -58.87
N LYS J 298 -36.80 -35.75 -57.86
CA LYS J 298 -37.50 -37.00 -58.04
C LYS J 298 -39.02 -36.83 -57.94
N LYS J 299 -39.48 -35.70 -57.35
CA LYS J 299 -40.87 -35.21 -57.27
C LYS J 299 -41.71 -36.03 -56.28
N ASN J 300 -41.15 -37.11 -55.74
CA ASN J 300 -41.93 -37.99 -54.88
C ASN J 300 -42.17 -37.36 -53.50
N LYS J 301 -42.82 -38.13 -52.62
CA LYS J 301 -43.36 -37.60 -51.39
C LYS J 301 -42.26 -37.32 -50.37
N ILE J 302 -42.21 -36.07 -49.91
CA ILE J 302 -41.02 -35.54 -49.26
C ILE J 302 -41.38 -34.77 -47.97
N ILE J 303 -41.27 -35.47 -46.84
CA ILE J 303 -41.38 -34.85 -45.52
C ILE J 303 -40.18 -35.34 -44.71
N LEU J 304 -39.26 -34.43 -44.42
CA LEU J 304 -37.98 -34.77 -43.77
C LEU J 304 -37.70 -33.88 -42.57
N PHE J 305 -38.02 -34.36 -41.37
CA PHE J 305 -37.50 -33.74 -40.17
C PHE J 305 -36.35 -34.56 -39.62
N VAL J 306 -35.17 -33.95 -39.56
CA VAL J 306 -34.01 -34.61 -38.98
C VAL J 306 -34.16 -34.61 -37.48
N ASP J 307 -34.10 -35.80 -36.87
CA ASP J 307 -34.28 -35.93 -35.43
C ASP J 307 -33.07 -35.42 -34.67
N GLU J 308 -31.90 -36.03 -34.91
CA GLU J 308 -30.67 -35.67 -34.22
C GLU J 308 -29.55 -35.58 -35.23
N ILE J 309 -28.89 -34.42 -35.29
CA ILE J 309 -27.72 -34.25 -36.14
C ILE J 309 -26.47 -34.81 -35.43
N HIS J 310 -26.59 -35.12 -34.13
CA HIS J 310 -25.50 -35.71 -33.38
C HIS J 310 -25.10 -37.08 -33.93
N LEU J 311 -26.08 -37.91 -34.27
CA LEU J 311 -25.79 -39.28 -34.69
C LEU J 311 -25.26 -39.37 -36.11
N LEU J 312 -25.24 -38.27 -36.87
CA LEU J 312 -24.51 -38.25 -38.13
C LEU J 312 -23.02 -38.00 -37.91
N LEU J 313 -22.63 -37.46 -36.75
CA LEU J 313 -21.21 -37.31 -36.45
C LEU J 313 -20.58 -38.66 -36.09
N GLY J 314 -21.37 -39.62 -35.63
CA GLY J 314 -20.84 -40.85 -35.08
C GLY J 314 -20.95 -42.07 -35.97
N ALA J 315 -21.99 -42.15 -36.78
CA ALA J 315 -22.15 -43.28 -37.68
C ALA J 315 -21.30 -43.07 -38.93
N GLY J 316 -21.01 -44.17 -39.62
CA GLY J 316 -20.27 -44.09 -40.86
C GLY J 316 -18.78 -44.24 -40.72
N LYS J 317 -18.33 -45.24 -39.95
CA LYS J 317 -16.91 -45.55 -39.83
C LYS J 317 -16.46 -46.23 -41.12
N ALA J 318 -15.88 -45.44 -42.02
CA ALA J 318 -15.47 -45.93 -43.32
C ALA J 318 -14.02 -45.57 -43.56
N GLU J 319 -13.50 -45.95 -44.73
CA GLU J 319 -12.11 -45.69 -45.07
C GLU J 319 -11.89 -44.27 -45.59
N GLY J 320 -12.95 -43.58 -46.02
CA GLY J 320 -12.78 -42.27 -46.63
C GLY J 320 -13.69 -41.18 -46.10
N GLY J 321 -14.59 -41.54 -45.19
CA GLY J 321 -15.49 -40.55 -44.62
C GLY J 321 -14.80 -39.66 -43.61
N THR J 322 -15.54 -38.66 -43.15
CA THR J 322 -15.07 -37.70 -42.16
C THR J 322 -15.95 -37.78 -40.92
N ASP J 323 -15.55 -37.02 -39.89
CA ASP J 323 -16.39 -36.90 -38.71
C ASP J 323 -17.60 -36.01 -38.98
N ALA J 324 -17.42 -34.98 -39.78
CA ALA J 324 -18.54 -34.13 -40.18
C ALA J 324 -19.29 -34.75 -41.35
N ALA J 325 -20.48 -34.22 -41.63
CA ALA J 325 -21.36 -34.83 -42.63
C ALA J 325 -21.01 -34.40 -44.05
N ASN J 326 -20.58 -33.14 -44.22
CA ASN J 326 -20.07 -32.48 -45.43
C ASN J 326 -21.16 -32.21 -46.47
N LEU J 327 -22.37 -32.73 -46.23
CA LEU J 327 -23.36 -32.87 -47.28
C LEU J 327 -24.41 -31.77 -47.27
N LEU J 328 -24.69 -31.18 -46.11
CA LEU J 328 -25.81 -30.25 -45.99
C LEU J 328 -25.54 -28.93 -46.68
N LYS J 329 -24.29 -28.45 -46.65
CA LYS J 329 -23.89 -27.16 -47.18
C LYS J 329 -24.05 -27.03 -48.70
N PRO J 330 -23.81 -28.06 -49.53
CA PRO J 330 -24.28 -27.95 -50.93
C PRO J 330 -25.79 -28.05 -51.08
N VAL J 331 -26.45 -28.83 -50.21
CA VAL J 331 -27.91 -29.01 -50.32
C VAL J 331 -28.64 -27.74 -49.93
N LEU J 332 -28.08 -26.95 -49.00
CA LEU J 332 -28.70 -25.66 -48.64
C LEU J 332 -28.65 -24.66 -49.79
N SER J 333 -27.64 -24.74 -50.65
CA SER J 333 -27.44 -23.71 -51.66
C SER J 333 -28.47 -23.82 -52.78
N LYS J 334 -28.51 -24.95 -53.47
CA LYS J 334 -29.46 -25.16 -54.55
C LYS J 334 -30.78 -25.70 -53.99
N GLY J 335 -31.85 -25.48 -54.74
CA GLY J 335 -33.16 -25.90 -54.29
C GLY J 335 -33.46 -27.35 -54.61
N GLU J 336 -32.65 -28.27 -54.08
CA GLU J 336 -32.78 -29.68 -54.45
C GLU J 336 -33.67 -30.45 -53.47
N ILE J 337 -33.26 -30.55 -52.21
CA ILE J 337 -33.91 -31.43 -51.25
C ILE J 337 -34.64 -30.58 -50.23
N LYS J 338 -35.95 -30.80 -50.10
CA LYS J 338 -36.74 -30.10 -49.11
C LYS J 338 -36.47 -30.70 -47.74
N LEU J 339 -36.01 -29.86 -46.81
CA LEU J 339 -35.62 -30.31 -45.47
C LEU J 339 -36.41 -29.54 -44.42
N ILE J 340 -36.51 -30.15 -43.24
CA ILE J 340 -37.07 -29.52 -42.05
C ILE J 340 -36.13 -29.89 -40.89
N GLY J 341 -35.78 -28.91 -40.05
CA GLY J 341 -34.86 -29.17 -38.97
C GLY J 341 -35.19 -28.36 -37.74
N ALA J 342 -34.42 -28.61 -36.67
CA ALA J 342 -34.57 -27.91 -35.40
C ALA J 342 -33.28 -27.98 -34.61
N THR J 343 -32.89 -26.84 -34.03
CA THR J 343 -31.73 -26.76 -33.15
C THR J 343 -32.19 -26.37 -31.76
N THR J 344 -31.73 -27.11 -30.75
CA THR J 344 -32.09 -26.83 -29.37
C THR J 344 -31.03 -25.94 -28.74
N ILE J 345 -31.19 -25.67 -27.44
CA ILE J 345 -30.20 -24.87 -26.72
C ILE J 345 -28.94 -25.69 -26.49
N ALA J 346 -29.07 -27.01 -26.33
CA ALA J 346 -27.89 -27.86 -26.18
C ALA J 346 -27.14 -28.01 -27.51
N GLU J 347 -27.86 -28.00 -28.63
CA GLU J 347 -27.23 -27.99 -29.94
C GLU J 347 -26.80 -26.60 -30.38
N TYR J 348 -27.19 -25.57 -29.62
CA TYR J 348 -26.91 -24.19 -30.01
C TYR J 348 -25.43 -23.84 -29.85
N ARG J 349 -24.75 -24.48 -28.90
CA ARG J 349 -23.34 -24.20 -28.66
C ARG J 349 -22.40 -25.03 -29.53
N LYS J 350 -22.79 -26.24 -29.90
CA LYS J 350 -21.92 -27.13 -30.65
C LYS J 350 -22.09 -27.01 -32.16
N PHE J 351 -23.28 -26.63 -32.62
CA PHE J 351 -23.52 -26.47 -34.06
C PHE J 351 -23.53 -25.00 -34.47
N ILE J 352 -24.34 -24.18 -33.79
CA ILE J 352 -24.52 -22.80 -34.21
C ILE J 352 -23.35 -21.91 -33.76
N GLU J 353 -22.91 -22.06 -32.51
CA GLU J 353 -21.82 -21.22 -32.01
C GLU J 353 -20.47 -21.62 -32.61
N SER J 354 -20.30 -22.90 -32.94
CA SER J 354 -18.99 -23.36 -33.41
C SER J 354 -18.78 -23.09 -34.90
N CYS J 355 -19.85 -22.97 -35.68
CA CYS J 355 -19.67 -22.77 -37.12
C CYS J 355 -19.46 -21.30 -37.46
N SER J 356 -20.37 -20.44 -36.98
CA SER J 356 -20.38 -18.98 -37.22
C SER J 356 -20.45 -18.63 -38.71
N ALA J 357 -21.03 -19.53 -39.51
CA ALA J 357 -21.26 -19.30 -40.92
C ALA J 357 -22.62 -19.78 -41.39
N PHE J 358 -23.43 -20.35 -40.50
CA PHE J 358 -24.73 -20.90 -40.84
C PHE J 358 -25.89 -20.23 -40.11
N GLU J 359 -25.60 -19.30 -39.20
CA GLU J 359 -26.67 -18.63 -38.45
C GLU J 359 -27.49 -17.72 -39.36
N ARG J 360 -26.83 -17.00 -40.27
CA ARG J 360 -27.54 -16.23 -41.28
C ARG J 360 -28.07 -17.10 -42.41
N ARG J 361 -27.63 -18.36 -42.50
CA ARG J 361 -28.10 -19.28 -43.53
C ARG J 361 -29.43 -19.91 -43.15
N PHE J 362 -29.50 -20.52 -41.97
CA PHE J 362 -30.71 -21.19 -41.53
C PHE J 362 -31.73 -20.15 -41.06
N GLU J 363 -32.96 -20.27 -41.56
CA GLU J 363 -34.03 -19.40 -41.14
C GLU J 363 -34.48 -19.76 -39.73
N LYS J 364 -34.91 -18.75 -38.98
CA LYS J 364 -35.27 -18.91 -37.58
C LYS J 364 -36.77 -18.94 -37.42
N ILE J 365 -37.27 -19.95 -36.72
CA ILE J 365 -38.67 -20.01 -36.28
C ILE J 365 -38.66 -20.17 -34.77
N LEU J 366 -39.01 -19.10 -34.07
CA LEU J 366 -39.02 -19.11 -32.61
C LEU J 366 -40.20 -19.92 -32.09
N VAL J 367 -39.96 -20.76 -31.10
CA VAL J 367 -41.03 -21.46 -30.39
C VAL J 367 -41.22 -20.78 -29.05
N GLU J 368 -42.35 -20.12 -28.88
CA GLU J 368 -42.68 -19.44 -27.65
C GLU J 368 -43.26 -20.43 -26.64
N PRO J 369 -43.16 -20.13 -25.34
CA PRO J 369 -43.86 -20.95 -24.35
C PRO J 369 -45.36 -20.73 -24.45
N PRO J 370 -46.18 -21.71 -24.05
CA PRO J 370 -47.63 -21.53 -24.12
C PRO J 370 -48.19 -20.51 -23.14
N SER J 371 -47.45 -20.17 -22.06
CA SER J 371 -47.84 -19.21 -21.03
C SER J 371 -49.19 -19.61 -20.41
N VAL J 372 -49.14 -20.71 -19.67
CA VAL J 372 -50.28 -21.48 -19.18
C VAL J 372 -51.29 -20.63 -18.43
N ASP J 373 -52.48 -20.52 -19.02
CA ASP J 373 -53.59 -19.78 -18.41
C ASP J 373 -54.84 -20.35 -19.08
N MET J 374 -55.58 -21.18 -18.33
CA MET J 374 -56.78 -21.89 -18.78
C MET J 374 -56.46 -22.75 -20.00
N THR J 375 -55.63 -23.76 -19.74
CA THR J 375 -55.17 -24.70 -20.76
C THR J 375 -55.63 -26.13 -20.48
N VAL J 376 -56.78 -26.28 -19.82
CA VAL J 376 -57.31 -27.61 -19.53
C VAL J 376 -57.77 -28.29 -20.81
N LYS J 377 -58.31 -27.51 -21.75
CA LYS J 377 -58.71 -28.08 -23.04
C LYS J 377 -57.52 -28.48 -23.89
N ILE J 378 -56.34 -27.92 -23.64
CA ILE J 378 -55.12 -28.47 -24.22
C ILE J 378 -54.81 -29.81 -23.58
N LEU J 379 -55.06 -29.94 -22.28
CA LEU J 379 -54.84 -31.19 -21.58
C LEU J 379 -56.02 -32.16 -21.70
N ARG J 380 -57.18 -31.68 -22.17
CA ARG J 380 -58.37 -32.52 -22.22
C ARG J 380 -58.24 -33.60 -23.29
N SER J 381 -57.44 -33.36 -24.32
CA SER J 381 -57.24 -34.35 -25.38
C SER J 381 -56.50 -35.58 -24.88
N LEU J 382 -55.74 -35.46 -23.80
CA LEU J 382 -55.11 -36.63 -23.20
C LEU J 382 -56.03 -37.39 -22.27
N LYS J 383 -57.12 -36.76 -21.80
CA LYS J 383 -58.02 -37.41 -20.87
C LYS J 383 -58.79 -38.55 -21.53
N SER J 384 -59.06 -38.43 -22.84
CA SER J 384 -59.73 -39.50 -23.55
C SER J 384 -58.80 -40.68 -23.81
N LYS J 385 -57.49 -40.49 -23.69
CA LYS J 385 -56.55 -41.57 -23.95
C LYS J 385 -56.50 -42.57 -22.80
N TYR J 386 -56.32 -42.08 -21.57
CA TYR J 386 -56.01 -42.96 -20.46
C TYR J 386 -57.19 -43.26 -19.56
N GLU J 387 -58.10 -42.30 -19.33
CA GLU J 387 -59.21 -42.49 -18.41
C GLU J 387 -60.20 -43.55 -18.89
N ASN J 388 -60.23 -43.85 -20.18
CA ASN J 388 -61.07 -44.94 -20.66
C ASN J 388 -60.54 -46.30 -20.25
N PHE J 389 -59.24 -46.40 -19.95
CA PHE J 389 -58.67 -47.69 -19.58
C PHE J 389 -59.03 -48.10 -18.15
N TYR J 390 -59.20 -47.13 -17.25
CA TYR J 390 -59.38 -47.49 -15.84
C TYR J 390 -60.64 -46.89 -15.22
N GLY J 391 -61.05 -45.69 -15.63
CA GLY J 391 -62.37 -45.18 -15.33
C GLY J 391 -62.43 -43.97 -14.40
N ILE J 392 -61.42 -43.78 -13.54
CA ILE J 392 -61.49 -42.72 -12.52
C ILE J 392 -61.24 -41.37 -13.19
N ASN J 393 -62.25 -40.53 -13.19
CA ASN J 393 -62.13 -39.21 -13.81
C ASN J 393 -61.49 -38.24 -12.84
N ILE J 394 -61.19 -37.05 -13.35
CA ILE J 394 -60.55 -35.98 -12.58
C ILE J 394 -61.45 -34.76 -12.63
N THR J 395 -61.73 -34.19 -11.44
CA THR J 395 -62.49 -32.95 -11.35
C THR J 395 -61.73 -31.81 -12.01
N ASP J 396 -62.49 -30.79 -12.45
CA ASP J 396 -61.90 -29.64 -13.10
C ASP J 396 -61.11 -28.77 -12.14
N LYS J 397 -61.36 -28.89 -10.84
CA LYS J 397 -60.53 -28.22 -9.83
C LYS J 397 -59.10 -28.73 -9.88
N ALA J 398 -58.93 -30.05 -9.89
CA ALA J 398 -57.60 -30.65 -9.94
C ALA J 398 -56.95 -30.51 -11.30
N LEU J 399 -57.74 -30.30 -12.37
CA LEU J 399 -57.16 -30.14 -13.70
C LEU J 399 -56.40 -28.82 -13.82
N VAL J 400 -56.93 -27.74 -13.24
CA VAL J 400 -56.18 -26.50 -13.19
C VAL J 400 -55.10 -26.60 -12.13
N ALA J 401 -55.36 -27.36 -11.05
CA ALA J 401 -54.41 -27.47 -9.95
C ALA J 401 -53.16 -28.24 -10.34
N ALA J 402 -53.19 -29.00 -11.43
CA ALA J 402 -51.96 -29.58 -11.95
C ALA J 402 -51.08 -28.53 -12.59
N ALA J 403 -51.66 -27.41 -13.03
CA ALA J 403 -50.89 -26.29 -13.52
C ALA J 403 -50.65 -25.21 -12.48
N LYS J 404 -51.50 -25.16 -11.44
CA LYS J 404 -51.30 -24.21 -10.34
C LYS J 404 -50.03 -24.52 -9.56
N ILE J 405 -49.75 -25.79 -9.34
CA ILE J 405 -48.60 -26.21 -8.54
C ILE J 405 -47.34 -26.34 -9.39
N SER J 406 -47.49 -26.77 -10.65
CA SER J 406 -46.34 -26.99 -11.51
C SER J 406 -45.66 -25.68 -11.88
N ASP J 407 -46.44 -24.63 -12.13
CA ASP J 407 -45.84 -23.36 -12.51
C ASP J 407 -45.37 -22.56 -11.30
N ARG J 408 -46.02 -22.75 -10.14
CA ARG J 408 -45.60 -22.05 -8.93
C ARG J 408 -44.28 -22.60 -8.42
N PHE J 409 -44.11 -23.92 -8.46
CA PHE J 409 -43.00 -24.56 -7.76
C PHE J 409 -41.90 -25.04 -8.68
N ILE J 410 -42.21 -25.73 -9.76
CA ILE J 410 -41.17 -26.28 -10.63
C ILE J 410 -40.64 -25.18 -11.53
N LYS J 411 -39.33 -25.05 -11.61
CA LYS J 411 -38.67 -23.91 -12.23
C LYS J 411 -37.81 -24.27 -13.43
N ASP J 412 -36.92 -25.27 -13.32
CA ASP J 412 -35.93 -25.46 -14.36
C ASP J 412 -36.51 -26.11 -15.61
N ARG J 413 -37.39 -27.10 -15.44
CA ARG J 413 -38.08 -27.66 -16.59
C ARG J 413 -39.23 -26.73 -16.99
N TYR J 414 -39.56 -26.75 -18.28
CA TYR J 414 -40.42 -25.73 -18.86
C TYR J 414 -41.87 -26.20 -18.92
N LEU J 415 -42.71 -25.35 -19.52
CA LEU J 415 -44.16 -25.55 -19.51
C LEU J 415 -44.68 -26.86 -20.12
N PRO J 416 -44.11 -27.44 -21.20
CA PRO J 416 -44.56 -28.79 -21.57
C PRO J 416 -44.08 -29.88 -20.62
N ASP J 417 -43.06 -29.61 -19.81
CA ASP J 417 -42.54 -30.65 -18.92
C ASP J 417 -43.27 -30.67 -17.58
N LYS J 418 -43.81 -29.53 -17.14
CA LYS J 418 -44.24 -29.39 -15.77
C LYS J 418 -45.64 -29.97 -15.54
N ALA J 419 -46.66 -29.41 -16.20
CA ALA J 419 -48.03 -29.80 -15.89
C ALA J 419 -48.42 -31.12 -16.53
N ILE J 420 -47.76 -31.51 -17.61
CA ILE J 420 -48.25 -32.62 -18.42
C ILE J 420 -47.89 -33.97 -17.79
N ASP J 421 -46.65 -34.12 -17.32
CA ASP J 421 -46.23 -35.39 -16.72
C ASP J 421 -46.92 -35.69 -15.41
N LEU J 422 -47.46 -34.68 -14.72
CA LEU J 422 -48.16 -34.87 -13.46
C LEU J 422 -49.48 -35.60 -13.63
N LEU J 423 -50.00 -35.69 -14.85
CA LEU J 423 -51.30 -36.30 -15.08
C LEU J 423 -51.25 -37.81 -14.92
N ASN J 424 -50.10 -38.42 -15.21
CA ASN J 424 -49.99 -39.87 -15.10
C ASN J 424 -49.89 -40.33 -13.66
N LYS J 425 -49.37 -39.48 -12.76
CA LYS J 425 -49.14 -39.91 -11.39
C LYS J 425 -50.42 -39.90 -10.57
N ALA J 426 -51.27 -38.90 -10.77
CA ALA J 426 -52.34 -38.59 -9.83
C ALA J 426 -53.44 -39.64 -9.80
N CYS J 427 -53.57 -40.44 -10.85
CA CYS J 427 -54.67 -41.41 -10.89
C CYS J 427 -54.28 -42.72 -10.24
N SER J 428 -53.01 -43.11 -10.38
CA SER J 428 -52.55 -44.39 -9.83
C SER J 428 -52.50 -44.38 -8.31
N PHE J 429 -52.55 -43.20 -7.69
CA PHE J 429 -52.66 -43.12 -6.24
C PHE J 429 -53.98 -43.70 -5.75
N LEU J 430 -55.05 -43.49 -6.51
CA LEU J 430 -56.37 -43.88 -6.03
C LEU J 430 -56.68 -45.35 -6.25
N GLN J 431 -56.08 -45.98 -7.27
CA GLN J 431 -56.37 -47.39 -7.55
C GLN J 431 -55.81 -48.30 -6.47
N VAL J 432 -54.77 -47.85 -5.76
CA VAL J 432 -54.13 -48.67 -4.74
C VAL J 432 -55.10 -48.89 -3.58
N GLN J 433 -55.84 -47.85 -3.20
CA GLN J 433 -56.84 -48.01 -2.17
C GLN J 433 -58.04 -48.70 -2.78
N LEU J 434 -58.26 -48.51 -4.09
CA LEU J 434 -59.40 -49.08 -4.78
C LEU J 434 -59.38 -50.58 -5.20
N SER J 435 -58.34 -50.93 -5.96
CA SER J 435 -58.06 -52.33 -6.27
C SER J 435 -57.55 -53.15 -5.09
N GLY J 436 -58.48 -53.73 -4.35
CA GLY J 436 -58.12 -54.51 -3.18
C GLY J 436 -58.54 -53.85 -1.88
N LYS J 437 -57.55 -53.40 -1.12
CA LYS J 437 -57.80 -52.78 0.19
C LYS J 437 -57.40 -51.32 0.22
N PRO J 438 -57.94 -50.56 1.19
CA PRO J 438 -57.69 -49.12 1.33
C PRO J 438 -56.36 -48.74 2.00
N ARG J 439 -56.21 -47.46 2.35
CA ARG J 439 -55.01 -46.95 2.98
C ARG J 439 -54.91 -47.37 4.45
N ILE J 440 -56.04 -47.36 5.14
CA ILE J 440 -56.07 -47.73 6.55
C ILE J 440 -55.70 -49.20 6.73
N ILE J 441 -56.42 -50.07 6.03
CA ILE J 441 -56.15 -51.51 6.12
C ILE J 441 -54.71 -51.79 5.74
N ASP J 442 -54.23 -51.14 4.69
CA ASP J 442 -52.84 -51.32 4.29
C ASP J 442 -51.90 -50.93 5.43
N VAL J 443 -51.94 -49.65 5.85
CA VAL J 443 -50.89 -49.10 6.71
C VAL J 443 -51.01 -49.64 8.13
N THR J 444 -52.22 -49.61 8.69
CA THR J 444 -52.40 -49.83 10.11
C THR J 444 -52.18 -51.28 10.53
N GLU J 445 -52.26 -52.22 9.57
CA GLU J 445 -52.03 -53.63 9.89
C GLU J 445 -50.58 -53.90 10.29
N ARG J 446 -49.66 -53.06 9.83
CA ARG J 446 -48.26 -53.28 10.18
C ARG J 446 -48.00 -52.90 11.62
N ASP J 447 -48.67 -51.85 12.09
CA ASP J 447 -48.52 -51.44 13.47
C ASP J 447 -49.23 -52.40 14.42
N ILE J 448 -50.12 -53.24 13.91
CA ILE J 448 -50.47 -54.46 14.63
C ILE J 448 -49.26 -55.39 14.66
N GLU J 449 -48.68 -55.66 13.50
CA GLU J 449 -47.72 -56.75 13.34
C GLU J 449 -46.31 -56.36 13.77
N ARG J 450 -45.79 -55.28 13.21
CA ARG J 450 -44.35 -55.00 13.28
C ARG J 450 -43.94 -54.59 14.70
N LEU J 451 -44.81 -53.90 15.42
CA LEU J 451 -44.52 -53.58 16.80
C LEU J 451 -44.62 -54.82 17.67
N SER J 452 -45.62 -55.67 17.41
CA SER J 452 -45.72 -56.94 18.12
C SER J 452 -44.63 -57.91 17.72
N TYR J 453 -44.01 -57.70 16.55
CA TYR J 453 -42.84 -58.48 16.18
C TYR J 453 -41.68 -58.21 17.12
N GLU J 454 -41.62 -57.01 17.69
CA GLU J 454 -40.51 -56.62 18.55
C GLU J 454 -40.71 -57.03 20.00
N ILE J 455 -41.93 -56.87 20.52
CA ILE J 455 -42.17 -57.09 21.94
C ILE J 455 -42.14 -58.58 22.26
N SER J 456 -42.43 -59.42 21.26
CA SER J 456 -42.56 -60.86 21.47
C SER J 456 -41.25 -61.51 21.88
N THR J 457 -40.12 -60.99 21.38
CA THR J 457 -38.82 -61.52 21.78
C THR J 457 -38.42 -61.07 23.17
N LEU J 458 -39.09 -60.06 23.73
CA LEU J 458 -38.66 -59.43 24.99
C LEU J 458 -39.15 -60.29 26.15
N GLU J 459 -38.39 -61.35 26.43
CA GLU J 459 -38.81 -62.33 27.43
C GLU J 459 -38.43 -61.89 28.83
N LYS J 460 -37.13 -61.78 29.11
CA LYS J 460 -36.64 -61.53 30.46
C LYS J 460 -36.06 -60.13 30.52
N ASP J 461 -36.84 -59.18 31.02
CA ASP J 461 -36.47 -57.78 31.07
C ASP J 461 -36.65 -57.21 32.46
N VAL J 462 -36.04 -57.88 33.45
CA VAL J 462 -35.86 -57.28 34.76
C VAL J 462 -34.89 -56.11 34.77
N ASP J 463 -34.21 -55.86 33.65
CA ASP J 463 -33.40 -54.67 33.46
C ASP J 463 -34.25 -53.40 33.52
N LYS J 464 -33.56 -52.25 33.58
CA LYS J 464 -34.14 -50.94 33.81
C LYS J 464 -34.77 -50.36 32.54
N VAL J 465 -34.73 -49.03 32.40
CA VAL J 465 -35.62 -48.09 31.70
C VAL J 465 -36.27 -48.57 30.40
N SER J 466 -35.73 -49.61 29.74
CA SER J 466 -36.45 -50.29 28.67
C SER J 466 -37.78 -50.90 29.15
N LYS J 467 -37.98 -51.07 30.46
CA LYS J 467 -39.31 -51.27 31.04
C LYS J 467 -40.30 -50.21 30.58
N LYS J 468 -39.88 -48.94 30.51
CA LYS J 468 -40.78 -47.85 30.13
C LYS J 468 -41.20 -47.96 28.66
N LYS J 469 -40.42 -48.63 27.83
CA LYS J 469 -40.82 -48.83 26.45
C LYS J 469 -41.93 -49.86 26.29
N TYR J 470 -42.12 -50.75 27.26
CA TYR J 470 -43.37 -51.49 27.35
C TYR J 470 -44.54 -50.53 27.51
N ASN J 471 -44.44 -49.65 28.49
CA ASN J 471 -45.38 -48.60 28.85
C ASN J 471 -45.52 -47.53 27.77
N LYS J 472 -44.84 -47.64 26.64
CA LYS J 472 -45.17 -46.90 25.44
C LYS J 472 -45.71 -47.81 24.35
N LEU J 473 -44.97 -48.86 23.99
CA LEU J 473 -45.30 -49.64 22.81
C LEU J 473 -46.56 -50.49 23.02
N ILE J 474 -46.75 -51.03 24.22
CA ILE J 474 -48.01 -51.69 24.52
C ILE J 474 -49.13 -50.67 24.62
N LYS J 475 -48.83 -49.48 25.13
CA LYS J 475 -49.81 -48.41 25.11
C LYS J 475 -49.96 -47.78 23.73
N GLU J 476 -49.04 -48.06 22.80
CA GLU J 476 -49.30 -47.71 21.41
C GLU J 476 -50.29 -48.65 20.76
N PHE J 477 -50.34 -49.91 21.22
CA PHE J 477 -51.40 -50.82 20.77
C PHE J 477 -52.76 -50.29 21.16
N GLU J 478 -52.90 -49.86 22.43
CA GLU J 478 -54.11 -49.18 22.87
C GLU J 478 -54.33 -47.88 22.12
N GLU J 479 -53.24 -47.21 21.70
CA GLU J 479 -53.38 -46.07 20.82
C GLU J 479 -53.85 -46.50 19.44
N LYS J 480 -53.36 -47.64 18.93
CA LYS J 480 -53.81 -48.08 17.61
C LYS J 480 -55.18 -48.73 17.67
N LYS J 481 -55.37 -49.73 18.56
CA LYS J 481 -56.56 -50.56 18.51
C LYS J 481 -57.84 -49.83 18.94
N GLU J 482 -57.71 -48.73 19.68
CA GLU J 482 -58.88 -47.87 19.86
C GLU J 482 -59.21 -47.17 18.56
N GLN J 483 -58.18 -46.71 17.82
CA GLN J 483 -58.42 -46.08 16.54
C GLN J 483 -58.81 -47.10 15.48
N LEU J 484 -58.32 -48.34 15.62
CA LEU J 484 -58.62 -49.39 14.63
C LEU J 484 -60.11 -49.69 14.57
N LYS J 485 -60.77 -49.72 15.74
CA LYS J 485 -62.22 -49.92 15.78
C LYS J 485 -62.94 -48.77 15.09
N LYS J 486 -62.39 -47.56 15.26
CA LYS J 486 -62.84 -46.31 14.62
C LYS J 486 -62.62 -46.00 13.11
N TYR J 487 -61.38 -46.23 12.65
CA TYR J 487 -60.99 -46.04 11.27
C TYR J 487 -61.91 -46.88 10.39
N TYR J 488 -62.41 -47.98 10.94
CA TYR J 488 -63.30 -48.85 10.21
C TYR J 488 -64.58 -48.11 9.84
N GLU J 489 -65.09 -47.32 10.78
CA GLU J 489 -66.28 -46.51 10.52
C GLU J 489 -65.97 -45.50 9.43
N GLU J 490 -64.78 -44.88 9.52
CA GLU J 490 -64.34 -43.91 8.52
C GLU J 490 -64.18 -44.62 7.19
N TYR J 491 -63.60 -45.82 7.24
CA TYR J 491 -63.42 -46.65 6.06
C TYR J 491 -64.79 -47.03 5.50
N VAL J 492 -65.73 -47.36 6.39
CA VAL J 492 -67.09 -47.69 6.01
C VAL J 492 -67.76 -46.48 5.36
N ILE J 493 -67.50 -45.30 5.91
CA ILE J 493 -68.09 -44.07 5.37
C ILE J 493 -67.60 -43.85 3.94
N THR J 494 -66.32 -44.09 3.72
CA THR J 494 -65.73 -43.99 2.38
C THR J 494 -66.33 -45.09 1.48
N GLY J 495 -66.54 -46.27 2.07
CA GLY J 495 -67.09 -47.43 1.39
C GLY J 495 -68.56 -47.62 1.03
N GLU J 496 -69.51 -47.38 1.94
CA GLU J 496 -70.91 -47.65 1.57
C GLU J 496 -71.36 -46.81 0.38
N ARG J 497 -70.74 -45.63 0.25
CA ARG J 497 -71.09 -44.63 -0.73
C ARG J 497 -70.99 -45.14 -2.15
N LEU J 498 -70.30 -46.26 -2.33
CA LEU J 498 -70.15 -46.82 -3.66
C LEU J 498 -71.52 -47.14 -4.25
N LYS J 499 -72.47 -47.62 -3.45
CA LYS J 499 -73.79 -47.92 -4.03
C LYS J 499 -74.68 -46.64 -4.09
N ARG J 500 -74.26 -45.65 -3.33
CA ARG J 500 -74.82 -44.31 -3.47
C ARG J 500 -74.06 -43.70 -4.64
N LYS J 501 -72.78 -44.07 -4.79
CA LYS J 501 -71.96 -43.55 -5.88
C LYS J 501 -72.17 -44.28 -7.20
N LYS J 502 -72.89 -45.39 -7.17
CA LYS J 502 -73.11 -46.16 -8.38
C LYS J 502 -74.58 -46.40 -8.69
N GLU J 503 -75.35 -46.94 -7.73
CA GLU J 503 -76.76 -47.27 -8.01
C GLU J 503 -77.61 -46.03 -8.21
N ILE J 504 -77.17 -44.87 -7.75
CA ILE J 504 -77.87 -43.63 -8.06
C ILE J 504 -77.54 -43.16 -9.47
N GLU J 505 -76.28 -43.29 -9.91
CA GLU J 505 -75.97 -42.97 -11.30
C GLU J 505 -76.30 -44.10 -12.26
N LYS J 506 -76.68 -45.28 -11.76
CA LYS J 506 -77.19 -46.35 -12.62
C LYS J 506 -78.70 -46.25 -12.86
N LYS J 507 -79.41 -45.49 -12.02
CA LYS J 507 -80.85 -45.30 -12.17
C LYS J 507 -81.21 -43.91 -12.68
N LEU J 508 -80.46 -42.89 -12.30
CA LEU J 508 -80.75 -41.53 -12.74
C LEU J 508 -79.93 -41.12 -13.94
N ASN J 509 -78.63 -41.43 -13.95
CA ASN J 509 -77.76 -40.98 -15.02
C ASN J 509 -77.71 -41.94 -16.19
N ASP J 510 -78.26 -43.14 -16.05
CA ASP J 510 -78.43 -44.00 -17.21
C ASP J 510 -79.55 -43.49 -18.10
N LEU J 511 -80.69 -43.14 -17.50
CA LEU J 511 -81.89 -42.79 -18.24
C LEU J 511 -81.80 -41.43 -18.92
N LYS J 512 -80.79 -40.62 -18.61
CA LYS J 512 -80.61 -39.35 -19.30
C LYS J 512 -80.16 -39.56 -20.74
N GLU J 513 -79.16 -40.42 -20.95
CA GLU J 513 -78.59 -40.60 -22.27
C GLU J 513 -79.53 -41.33 -23.22
N LEU J 514 -80.44 -42.13 -22.67
CA LEU J 514 -81.45 -42.79 -23.50
C LEU J 514 -82.50 -41.81 -23.99
N THR J 515 -82.67 -40.67 -23.32
CA THR J 515 -83.65 -39.68 -23.76
C THR J 515 -83.18 -38.83 -24.94
N GLN J 516 -81.92 -38.93 -25.34
CA GLN J 516 -81.38 -38.08 -26.38
C GLN J 516 -81.73 -38.53 -27.79
N ASN J 517 -82.40 -39.67 -27.95
CA ASN J 517 -82.75 -40.21 -29.25
C ASN J 517 -84.14 -40.81 -29.20
N TYR J 518 -85.03 -40.31 -30.07
CA TYR J 518 -86.38 -40.82 -30.30
C TYR J 518 -87.26 -40.77 -29.04
N VAL J 519 -86.96 -39.86 -28.11
CA VAL J 519 -87.66 -39.77 -26.83
C VAL J 519 -88.20 -38.38 -26.59
N TYR J 520 -87.36 -37.35 -26.69
CA TYR J 520 -87.81 -35.98 -26.49
C TYR J 520 -88.62 -35.45 -27.67
N SER J 521 -88.66 -36.19 -28.78
CA SER J 521 -89.46 -35.76 -29.93
C SER J 521 -90.96 -35.88 -29.66
N ASN J 522 -91.36 -36.77 -28.74
CA ASN J 522 -92.76 -36.98 -28.46
C ASN J 522 -93.11 -37.06 -26.98
N LYS J 523 -92.13 -36.87 -26.09
CA LYS J 523 -92.22 -37.08 -24.62
C LYS J 523 -93.01 -38.33 -24.24
N GLU J 524 -92.67 -39.43 -24.91
CA GLU J 524 -93.28 -40.74 -24.60
C GLU J 524 -93.09 -41.22 -23.16
N PRO J 525 -91.97 -41.03 -22.46
CA PRO J 525 -91.97 -41.34 -21.03
C PRO J 525 -92.80 -40.36 -20.24
N PRO J 526 -93.53 -40.83 -19.22
CA PRO J 526 -94.31 -39.93 -18.38
C PRO J 526 -93.46 -39.12 -17.41
N ILE J 527 -94.13 -38.43 -16.50
CA ILE J 527 -93.47 -37.57 -15.51
C ILE J 527 -92.61 -38.39 -14.56
N GLU J 528 -92.94 -39.67 -14.36
CA GLU J 528 -92.18 -40.54 -13.47
C GLU J 528 -90.75 -40.77 -13.98
N LEU J 529 -90.60 -40.87 -15.30
CA LEU J 529 -89.26 -40.95 -15.88
C LEU J 529 -88.66 -39.57 -16.14
N GLN J 530 -89.49 -38.52 -16.17
CA GLN J 530 -88.98 -37.16 -16.19
C GLN J 530 -88.62 -36.66 -14.80
N ASN J 531 -88.94 -37.42 -13.75
CA ASN J 531 -88.40 -37.19 -12.44
C ASN J 531 -86.95 -37.63 -12.32
N SER J 532 -86.44 -38.39 -13.30
CA SER J 532 -85.04 -38.77 -13.31
C SER J 532 -84.12 -37.57 -13.52
N LEU J 533 -84.63 -36.50 -14.13
CA LEU J 533 -83.87 -35.27 -14.24
C LEU J 533 -83.83 -34.52 -12.92
N LYS J 534 -84.98 -34.42 -12.23
CA LYS J 534 -85.05 -33.66 -10.99
C LYS J 534 -84.37 -34.38 -9.83
N GLU J 535 -84.58 -35.70 -9.71
CA GLU J 535 -83.91 -36.49 -8.68
C GLU J 535 -82.40 -36.54 -8.86
N ALA J 536 -81.91 -36.29 -10.08
CA ALA J 536 -80.48 -36.13 -10.33
C ALA J 536 -79.95 -34.79 -9.86
N GLN J 537 -80.79 -33.94 -9.27
CA GLN J 537 -80.36 -32.79 -8.50
C GLN J 537 -80.87 -32.86 -7.07
N GLN J 538 -81.48 -33.97 -6.67
CA GLN J 538 -82.02 -34.18 -5.33
C GLN J 538 -81.18 -35.14 -4.50
N LYS J 539 -80.92 -36.34 -5.01
CA LYS J 539 -80.13 -37.30 -4.27
C LYS J 539 -78.65 -36.95 -4.27
N TYR J 540 -78.20 -36.17 -5.24
CA TYR J 540 -76.81 -35.72 -5.31
C TYR J 540 -76.52 -34.55 -4.38
N LEU J 541 -77.54 -34.04 -3.67
CA LEU J 541 -77.33 -32.95 -2.73
C LEU J 541 -76.47 -33.37 -1.54
N GLU J 542 -76.53 -34.65 -1.18
CA GLU J 542 -75.67 -35.17 -0.13
C GLU J 542 -74.44 -35.89 -0.68
N LEU J 543 -74.38 -36.14 -1.99
CA LEU J 543 -73.31 -36.97 -2.53
C LEU J 543 -72.04 -36.17 -2.78
N TYR J 544 -72.08 -35.23 -3.71
CA TYR J 544 -70.85 -34.53 -4.05
C TYR J 544 -70.59 -33.30 -3.19
N LYS J 545 -71.59 -32.85 -2.43
CA LYS J 545 -71.35 -31.68 -1.58
C LYS J 545 -70.60 -32.06 -0.31
N GLU J 546 -70.87 -33.25 0.23
CA GLU J 546 -70.22 -33.65 1.48
C GLU J 546 -68.82 -34.17 1.26
N THR J 547 -68.57 -34.85 0.14
CA THR J 547 -67.28 -35.49 -0.09
C THR J 547 -66.18 -34.49 -0.37
N VAL J 548 -66.52 -33.31 -0.92
CA VAL J 548 -65.53 -32.24 -1.07
C VAL J 548 -65.10 -31.76 0.32
N ALA J 549 -66.08 -31.47 1.18
CA ALA J 549 -65.78 -31.04 2.54
C ALA J 549 -65.33 -32.18 3.42
N TYR J 550 -65.48 -33.41 2.95
CA TYR J 550 -65.01 -34.51 3.74
C TYR J 550 -63.49 -34.47 3.77
N VAL J 551 -62.87 -34.09 2.65
CA VAL J 551 -61.42 -34.08 2.48
C VAL J 551 -60.74 -33.29 3.62
N GLU J 552 -61.41 -32.25 4.12
CA GLU J 552 -60.89 -31.50 5.25
C GLU J 552 -61.29 -32.10 6.59
N ALA J 553 -62.45 -32.74 6.67
CA ALA J 553 -62.80 -33.50 7.87
C ALA J 553 -61.95 -34.73 8.15
N LYS J 554 -61.35 -35.29 7.10
CA LYS J 554 -60.43 -36.39 7.16
C LYS J 554 -59.78 -36.48 5.78
N THR J 555 -58.45 -36.50 5.74
CA THR J 555 -57.68 -36.24 4.53
C THR J 555 -57.60 -37.40 3.55
N HIS J 556 -56.50 -37.47 2.80
CA HIS J 556 -56.26 -38.43 1.71
C HIS J 556 -56.38 -39.91 2.04
N ASN J 557 -56.65 -40.24 3.31
CA ASN J 557 -57.21 -41.51 3.74
C ASN J 557 -58.57 -41.82 3.16
N ALA J 558 -59.20 -40.81 2.60
CA ALA J 558 -60.47 -40.98 1.96
C ALA J 558 -60.25 -41.97 0.83
N MET J 559 -60.54 -43.24 1.13
CA MET J 559 -60.45 -44.34 0.16
C MET J 559 -61.76 -44.40 -0.64
N ASN J 560 -61.88 -45.30 -1.62
CA ASN J 560 -63.10 -45.38 -2.47
C ASN J 560 -63.43 -44.06 -3.22
N VAL J 561 -62.93 -42.92 -2.73
CA VAL J 561 -63.02 -41.65 -3.45
C VAL J 561 -62.61 -41.86 -4.89
N ASP J 562 -63.49 -41.50 -5.82
CA ASP J 562 -63.30 -41.73 -7.25
C ASP J 562 -62.98 -40.45 -8.00
N ALA J 563 -62.43 -39.44 -7.32
CA ALA J 563 -62.20 -38.15 -7.96
C ALA J 563 -61.01 -37.46 -7.31
N VAL J 564 -60.12 -36.95 -8.14
CA VAL J 564 -58.94 -36.23 -7.67
C VAL J 564 -59.35 -34.79 -7.34
N TYR J 565 -59.00 -34.34 -6.14
CA TYR J 565 -59.20 -32.96 -5.74
C TYR J 565 -57.89 -32.19 -5.89
N GLN J 566 -57.90 -30.92 -5.50
CA GLN J 566 -56.72 -30.08 -5.65
C GLN J 566 -55.62 -30.50 -4.69
N GLU J 567 -55.99 -31.03 -3.53
CA GLU J 567 -54.99 -31.41 -2.54
C GLU J 567 -54.28 -32.69 -2.94
N HIS J 568 -54.93 -33.54 -3.74
CA HIS J 568 -54.36 -34.81 -4.17
C HIS J 568 -53.23 -34.62 -5.17
N VAL J 569 -53.18 -33.49 -5.86
CA VAL J 569 -52.01 -33.15 -6.66
C VAL J 569 -50.88 -32.71 -5.76
N SER J 570 -51.18 -31.89 -4.75
CA SER J 570 -50.17 -31.42 -3.82
C SER J 570 -49.70 -32.51 -2.87
N TYR J 571 -50.57 -33.48 -2.57
CA TYR J 571 -50.20 -34.55 -1.66
C TYR J 571 -49.16 -35.46 -2.27
N ILE J 572 -49.21 -35.67 -3.58
CA ILE J 572 -48.14 -36.39 -4.26
C ILE J 572 -46.90 -35.52 -4.34
N TYR J 573 -47.08 -34.20 -4.42
CA TYR J 573 -45.94 -33.28 -4.41
C TYR J 573 -45.25 -33.24 -3.05
N LEU J 574 -45.97 -33.56 -1.97
CA LEU J 574 -45.35 -33.67 -0.66
C LEU J 574 -44.33 -34.79 -0.60
N ARG J 575 -44.54 -35.86 -1.36
CA ARG J 575 -43.57 -36.95 -1.43
C ARG J 575 -42.52 -36.73 -2.51
N ASP J 576 -42.77 -35.85 -3.47
CA ASP J 576 -41.87 -35.67 -4.61
C ASP J 576 -40.75 -34.70 -4.32
N SER J 577 -41.06 -33.51 -3.83
CA SER J 577 -40.05 -32.52 -3.49
C SER J 577 -39.56 -32.77 -2.07
N GLY J 578 -38.82 -31.80 -1.51
CA GLY J 578 -38.28 -31.97 -0.18
C GLY J 578 -39.20 -31.53 0.94
N MET J 579 -40.48 -31.86 0.81
CA MET J 579 -41.45 -31.45 1.80
C MET J 579 -41.32 -32.28 3.08
N PRO J 580 -41.59 -31.68 4.25
CA PRO J 580 -41.45 -32.42 5.51
C PRO J 580 -42.59 -33.39 5.76
N LEU J 581 -42.64 -33.93 6.98
CA LEU J 581 -43.85 -34.61 7.43
C LEU J 581 -45.02 -33.63 7.62
N GLY J 582 -44.75 -32.33 7.72
CA GLY J 582 -45.81 -31.35 7.70
C GLY J 582 -45.58 -30.18 8.63
N SER J 583 -45.82 -28.96 8.14
CA SER J 583 -45.77 -27.78 9.00
C SER J 583 -47.02 -26.93 8.82
N LEU J 584 -47.53 -26.86 7.58
CA LEU J 584 -48.66 -26.00 7.23
C LEU J 584 -49.84 -26.75 6.64
N SER J 585 -49.58 -27.73 5.77
CA SER J 585 -50.67 -28.41 5.09
C SER J 585 -51.45 -29.31 6.02
N PHE J 586 -50.77 -29.92 7.00
CA PHE J 586 -51.45 -30.74 7.98
C PHE J 586 -51.97 -29.91 9.15
N GLU J 587 -51.52 -28.67 9.29
CA GLU J 587 -52.18 -27.70 10.15
C GLU J 587 -53.22 -26.98 9.29
N SER J 588 -54.31 -27.69 9.02
CA SER J 588 -55.32 -27.20 8.11
C SER J 588 -56.21 -26.16 8.79
N SER J 589 -56.99 -25.46 7.97
CA SER J 589 -57.88 -24.36 8.38
C SER J 589 -57.11 -23.27 9.14
N LYS J 590 -56.16 -22.65 8.43
CA LYS J 590 -55.30 -21.57 8.93
C LYS J 590 -54.52 -22.00 10.18
N GLY J 591 -53.82 -23.12 10.07
CA GLY J 591 -53.07 -23.60 11.21
C GLY J 591 -51.71 -22.97 11.41
N ALA J 592 -51.38 -21.95 10.64
CA ALA J 592 -50.13 -21.22 10.83
C ALA J 592 -50.16 -20.29 12.03
N LEU J 593 -51.34 -20.03 12.59
CA LEU J 593 -51.41 -19.25 13.83
C LEU J 593 -50.91 -20.05 15.02
N LYS J 594 -50.93 -21.37 14.94
CA LYS J 594 -50.47 -22.24 16.02
C LYS J 594 -48.99 -22.54 15.93
N LEU J 595 -48.27 -21.87 15.03
CA LEU J 595 -46.82 -21.98 15.00
C LEU J 595 -46.17 -21.35 16.23
N TYR J 596 -46.83 -20.36 16.85
CA TYR J 596 -46.25 -19.68 17.99
C TYR J 596 -46.18 -20.58 19.21
N ASN J 597 -47.12 -21.51 19.35
CA ASN J 597 -47.00 -22.53 20.39
C ASN J 597 -45.82 -23.44 20.13
N SER J 598 -45.52 -23.70 18.86
CA SER J 598 -44.37 -24.53 18.52
C SER J 598 -43.06 -23.75 18.70
N LEU J 599 -43.11 -22.43 18.53
CA LEU J 599 -41.90 -21.64 18.64
C LEU J 599 -41.64 -21.16 20.06
N SER J 600 -42.69 -20.94 20.85
CA SER J 600 -42.51 -20.51 22.24
C SER J 600 -41.94 -21.62 23.12
N LYS J 601 -42.02 -22.87 22.68
CA LYS J 601 -41.38 -23.95 23.41
C LYS J 601 -39.86 -23.80 23.36
N SER J 602 -39.33 -23.43 22.19
CA SER J 602 -37.89 -23.32 22.03
C SER J 602 -37.40 -21.91 22.30
N ILE J 603 -38.08 -20.90 21.76
CA ILE J 603 -37.63 -19.51 21.78
C ILE J 603 -38.75 -18.69 22.41
N ILE J 604 -38.50 -18.19 23.62
CA ILE J 604 -39.57 -17.62 24.43
C ILE J 604 -39.76 -16.14 24.12
N GLY J 605 -38.72 -15.34 24.36
CA GLY J 605 -38.85 -13.90 24.26
C GLY J 605 -38.90 -13.40 22.84
N ASN J 606 -39.52 -12.22 22.70
CA ASN J 606 -39.54 -11.41 21.47
C ASN J 606 -40.20 -12.16 20.31
N GLU J 607 -41.47 -12.49 20.52
CA GLU J 607 -42.28 -13.11 19.47
C GLU J 607 -42.68 -12.14 18.38
N ASP J 608 -42.60 -10.84 18.66
CA ASP J 608 -43.14 -9.82 17.76
C ASP J 608 -42.33 -9.72 16.47
N ILE J 609 -41.02 -9.96 16.54
CA ILE J 609 -40.21 -10.03 15.33
C ILE J 609 -40.46 -11.34 14.62
N ILE J 610 -40.71 -12.41 15.39
CA ILE J 610 -41.05 -13.71 14.84
C ILE J 610 -42.41 -13.69 14.17
N LYS J 611 -43.27 -12.74 14.55
CA LYS J 611 -44.54 -12.52 13.85
C LYS J 611 -44.32 -12.14 12.40
N SER J 612 -43.28 -11.33 12.13
CA SER J 612 -42.89 -11.10 10.75
C SER J 612 -42.21 -12.32 10.15
N LEU J 613 -41.56 -13.13 10.99
CA LEU J 613 -40.84 -14.29 10.49
C LEU J 613 -41.79 -15.42 10.14
N SER J 614 -42.79 -15.67 10.99
CA SER J 614 -43.67 -16.82 10.81
C SER J 614 -44.60 -16.63 9.62
N ASP J 615 -45.06 -15.41 9.39
CA ASP J 615 -46.11 -15.17 8.42
C ASP J 615 -45.58 -15.03 6.99
N ALA J 616 -44.27 -14.87 6.81
CA ALA J 616 -43.71 -14.88 5.46
C ALA J 616 -43.74 -16.27 4.85
N VAL J 617 -43.78 -17.31 5.69
CA VAL J 617 -43.96 -18.67 5.21
C VAL J 617 -45.40 -18.87 4.72
N VAL J 618 -46.34 -18.08 5.25
CA VAL J 618 -47.76 -18.31 4.99
C VAL J 618 -48.13 -17.90 3.56
N LYS J 619 -47.75 -16.70 3.16
CA LYS J 619 -48.18 -16.15 1.88
C LYS J 619 -47.44 -16.71 0.68
N ALA J 620 -46.55 -17.68 0.88
CA ALA J 620 -45.75 -18.27 -0.19
C ALA J 620 -45.89 -19.78 -0.27
N ALA J 621 -46.02 -20.46 0.87
CA ALA J 621 -46.05 -21.91 0.87
C ALA J 621 -47.46 -22.49 0.91
N THR J 622 -48.46 -21.69 1.26
CA THR J 622 -49.83 -22.20 1.38
C THR J 622 -50.61 -22.14 0.08
N GLY J 623 -49.93 -22.21 -1.06
CA GLY J 623 -50.60 -22.16 -2.34
C GLY J 623 -51.03 -20.78 -2.78
N MET J 624 -50.56 -19.74 -2.09
CA MET J 624 -50.86 -18.37 -2.49
C MET J 624 -49.89 -17.94 -3.58
N LYS J 625 -49.86 -16.64 -3.87
CA LYS J 625 -48.99 -16.12 -4.91
C LYS J 625 -47.58 -15.93 -4.37
N ASP J 626 -46.65 -16.73 -4.89
CA ASP J 626 -45.24 -16.62 -4.54
C ASP J 626 -44.48 -16.27 -5.81
N PRO J 627 -43.79 -15.14 -5.85
CA PRO J 627 -42.92 -14.84 -7.00
C PRO J 627 -41.61 -15.61 -6.95
N GLU J 628 -40.69 -15.26 -7.84
CA GLU J 628 -39.39 -15.93 -7.95
C GLU J 628 -38.41 -15.57 -6.85
N LYS J 629 -38.77 -14.67 -5.94
CA LYS J 629 -37.95 -14.41 -4.78
C LYS J 629 -37.93 -15.62 -3.84
N PRO J 630 -36.82 -15.89 -3.18
CA PRO J 630 -36.81 -16.91 -2.13
C PRO J 630 -37.65 -16.46 -0.95
N ILE J 631 -38.22 -17.44 -0.25
CA ILE J 631 -39.18 -17.15 0.81
C ILE J 631 -38.44 -16.61 2.02
N GLY J 632 -38.72 -15.37 2.38
CA GLY J 632 -38.25 -14.84 3.64
C GLY J 632 -36.79 -14.44 3.70
N THR J 633 -36.42 -13.45 2.89
CA THR J 633 -35.09 -12.85 2.99
C THR J 633 -35.07 -11.94 4.21
N PHE J 634 -34.58 -12.46 5.32
CA PHE J 634 -34.58 -11.73 6.58
C PHE J 634 -33.15 -11.48 7.06
N LEU J 635 -32.93 -10.32 7.66
CA LEU J 635 -31.68 -10.01 8.34
C LEU J 635 -31.83 -10.29 9.83
N PHE J 636 -30.72 -10.66 10.47
CA PHE J 636 -30.76 -11.16 11.84
C PHE J 636 -29.65 -10.53 12.69
N LEU J 637 -29.58 -9.21 12.68
CA LEU J 637 -28.64 -8.50 13.57
C LEU J 637 -29.04 -8.69 15.03
N GLY J 638 -28.05 -8.75 15.90
CA GLY J 638 -28.30 -8.89 17.31
C GLY J 638 -27.03 -8.96 18.14
N PRO J 639 -27.18 -8.89 19.47
CA PRO J 639 -26.01 -9.00 20.35
C PRO J 639 -25.50 -10.42 20.47
N THR J 640 -24.49 -10.60 21.29
CA THR J 640 -23.84 -11.91 21.44
C THR J 640 -24.53 -12.67 22.56
N GLY J 641 -25.10 -13.83 22.23
CA GLY J 641 -25.69 -14.71 23.22
C GLY J 641 -27.19 -14.90 23.11
N VAL J 642 -27.91 -14.00 22.45
CA VAL J 642 -29.37 -14.11 22.33
C VAL J 642 -29.70 -15.16 21.28
N GLY J 643 -30.98 -15.56 21.18
CA GLY J 643 -31.36 -16.54 20.17
C GLY J 643 -31.28 -16.07 18.73
N LYS J 644 -30.05 -15.88 18.25
CA LYS J 644 -29.84 -15.48 16.85
C LYS J 644 -29.95 -16.69 15.92
N THR J 645 -29.07 -17.68 16.10
CA THR J 645 -28.93 -18.76 15.15
C THR J 645 -29.68 -20.02 15.57
N GLU J 646 -30.34 -20.01 16.72
CA GLU J 646 -31.17 -21.14 17.11
C GLU J 646 -32.43 -21.19 16.25
N LEU J 647 -32.83 -20.04 15.71
CA LEU J 647 -33.91 -19.97 14.72
C LEU J 647 -33.67 -20.92 13.58
N ALA J 648 -32.45 -20.89 13.03
CA ALA J 648 -32.01 -21.84 12.02
C ALA J 648 -32.13 -23.27 12.49
N LYS J 649 -31.76 -23.52 13.75
CA LYS J 649 -31.89 -24.85 14.32
C LYS J 649 -33.36 -25.22 14.50
N THR J 650 -34.18 -24.27 14.93
CA THR J 650 -35.59 -24.57 15.12
C THR J 650 -36.40 -24.50 13.84
N LEU J 651 -35.86 -23.91 12.77
CA LEU J 651 -36.53 -24.05 11.47
C LEU J 651 -36.46 -25.48 10.99
N ALA J 652 -35.26 -26.05 10.91
CA ALA J 652 -35.08 -27.36 10.32
C ALA J 652 -35.63 -28.47 11.22
N ILE J 653 -35.52 -28.32 12.53
CA ILE J 653 -35.98 -29.39 13.42
C ILE J 653 -37.49 -29.30 13.66
N GLU J 654 -38.01 -28.11 13.96
CA GLU J 654 -39.42 -28.03 14.32
C GLU J 654 -40.34 -27.82 13.12
N LEU J 655 -39.86 -27.15 12.08
CA LEU J 655 -40.70 -26.86 10.93
C LEU J 655 -40.28 -27.60 9.68
N PHE J 656 -39.31 -28.51 9.79
CA PHE J 656 -39.02 -29.42 8.69
C PHE J 656 -38.75 -30.85 9.16
N ASN J 657 -38.54 -31.08 10.46
CA ASN J 657 -38.33 -32.41 11.06
C ASN J 657 -37.11 -33.12 10.47
N SER J 658 -35.98 -32.43 10.48
CA SER J 658 -34.67 -32.99 10.14
C SER J 658 -33.61 -32.03 10.61
N LYS J 659 -32.60 -32.54 11.32
CA LYS J 659 -31.41 -31.73 11.55
C LYS J 659 -30.63 -31.52 10.26
N ASP J 660 -30.76 -32.44 9.31
CA ASP J 660 -30.00 -32.41 8.08
C ASP J 660 -30.49 -31.36 7.09
N ASN J 661 -31.66 -30.77 7.31
CA ASN J 661 -32.10 -29.67 6.45
C ASN J 661 -31.35 -28.39 6.78
N LEU J 662 -30.65 -28.33 7.91
CA LEU J 662 -29.89 -27.17 8.34
C LEU J 662 -28.60 -27.12 7.55
N ILE J 663 -28.64 -26.49 6.38
CA ILE J 663 -27.46 -26.42 5.51
C ILE J 663 -26.51 -25.37 6.08
N ARG J 664 -25.42 -25.84 6.69
CA ARG J 664 -24.39 -24.97 7.23
C ARG J 664 -23.53 -24.46 6.08
N VAL J 665 -23.84 -23.27 5.59
CA VAL J 665 -22.93 -22.57 4.70
C VAL J 665 -22.11 -21.64 5.58
N ASN J 666 -20.93 -22.11 5.95
CA ASN J 666 -20.07 -21.44 6.90
C ASN J 666 -19.41 -20.24 6.22
N MET J 667 -19.83 -19.04 6.62
CA MET J 667 -19.36 -17.86 5.92
C MET J 667 -17.91 -17.53 6.28
N SER J 668 -17.46 -17.97 7.44
CA SER J 668 -16.14 -17.60 7.97
C SER J 668 -14.97 -18.18 7.18
N GLU J 669 -15.22 -19.10 6.26
CA GLU J 669 -14.16 -19.71 5.48
C GLU J 669 -13.96 -19.06 4.13
N PHE J 670 -14.78 -18.09 3.75
CA PHE J 670 -14.71 -17.47 2.45
C PHE J 670 -13.73 -16.30 2.39
N THR J 671 -12.77 -16.24 3.31
CA THR J 671 -11.92 -15.06 3.42
C THR J 671 -10.94 -14.92 2.26
N GLU J 672 -10.61 -16.02 1.59
CA GLU J 672 -9.74 -15.94 0.43
C GLU J 672 -10.47 -15.32 -0.76
N ALA J 673 -9.69 -14.75 -1.67
CA ALA J 673 -10.29 -14.15 -2.86
C ALA J 673 -10.80 -15.21 -3.81
N HIS J 674 -10.10 -16.32 -3.93
CA HIS J 674 -10.51 -17.43 -4.77
C HIS J 674 -11.42 -18.42 -4.05
N SER J 675 -11.98 -18.02 -2.91
CA SER J 675 -12.94 -18.84 -2.19
C SER J 675 -14.34 -18.82 -2.81
N VAL J 676 -14.53 -17.98 -3.84
CA VAL J 676 -15.77 -17.99 -4.62
C VAL J 676 -15.91 -19.33 -5.34
N SER J 677 -14.80 -19.94 -5.73
CA SER J 677 -14.77 -21.23 -6.40
C SER J 677 -15.27 -22.39 -5.55
N LYS J 678 -15.52 -22.18 -4.25
CA LYS J 678 -16.26 -23.15 -3.46
C LYS J 678 -17.74 -23.16 -3.79
N ILE J 679 -18.22 -22.17 -4.53
CA ILE J 679 -19.61 -22.08 -4.95
C ILE J 679 -19.76 -22.33 -6.44
N THR J 680 -18.93 -21.68 -7.24
CA THR J 680 -19.02 -21.78 -8.69
C THR J 680 -18.22 -22.93 -9.28
N GLY J 681 -17.14 -23.36 -8.64
CA GLY J 681 -16.42 -24.53 -9.08
C GLY J 681 -15.03 -24.22 -9.59
N SER J 682 -14.26 -25.29 -9.75
CA SER J 682 -12.91 -25.19 -10.29
C SER J 682 -12.98 -24.76 -11.74
N PRO J 683 -11.99 -23.99 -12.21
CA PRO J 683 -11.88 -23.72 -13.63
C PRO J 683 -11.57 -24.99 -14.39
N PRO J 684 -12.23 -25.22 -15.53
CA PRO J 684 -11.97 -26.44 -16.30
C PRO J 684 -10.58 -26.42 -16.92
N GLY J 685 -9.97 -27.59 -16.97
CA GLY J 685 -8.58 -27.71 -17.33
C GLY J 685 -7.65 -27.90 -16.15
N TYR J 686 -8.18 -27.92 -14.93
CA TYR J 686 -7.43 -28.13 -13.71
C TYR J 686 -8.08 -29.31 -12.98
N VAL J 687 -7.41 -29.77 -11.92
CA VAL J 687 -7.97 -30.76 -10.99
C VAL J 687 -9.29 -30.25 -10.43
N GLY J 688 -10.34 -31.04 -10.63
CA GLY J 688 -11.68 -30.61 -10.29
C GLY J 688 -12.69 -30.94 -11.36
N PHE J 689 -13.30 -29.89 -11.94
CA PHE J 689 -14.23 -29.87 -13.08
C PHE J 689 -15.61 -30.41 -12.72
N SER J 690 -15.74 -31.01 -11.54
CA SER J 690 -17.01 -31.49 -11.02
C SER J 690 -17.24 -30.88 -9.65
N ASP J 691 -18.51 -30.87 -9.23
CA ASP J 691 -18.95 -30.53 -7.88
C ASP J 691 -18.53 -29.11 -7.49
N SER J 692 -19.21 -28.15 -8.12
CA SER J 692 -18.99 -26.73 -7.86
C SER J 692 -19.10 -26.37 -6.40
N GLY J 693 -20.08 -26.97 -5.72
CA GLY J 693 -20.17 -26.84 -4.29
C GLY J 693 -21.24 -27.76 -3.77
N GLN J 694 -20.92 -28.53 -2.74
CA GLN J 694 -21.96 -29.22 -2.00
C GLN J 694 -22.73 -28.25 -1.12
N LEU J 695 -22.18 -27.05 -0.89
CA LEU J 695 -22.97 -25.93 -0.41
C LEU J 695 -24.02 -25.52 -1.44
N THR J 696 -23.75 -25.75 -2.71
CA THR J 696 -24.74 -25.52 -3.76
C THR J 696 -25.52 -26.77 -4.13
N GLU J 697 -24.88 -27.94 -4.04
CA GLU J 697 -25.56 -29.18 -4.43
C GLU J 697 -26.63 -29.57 -3.43
N ALA J 698 -26.42 -29.30 -2.14
CA ALA J 698 -27.42 -29.61 -1.13
C ALA J 698 -28.68 -28.77 -1.26
N VAL J 699 -28.58 -27.61 -1.93
CA VAL J 699 -29.76 -26.86 -2.29
C VAL J 699 -30.62 -27.67 -3.26
N ARG J 700 -29.98 -28.29 -4.26
CA ARG J 700 -30.74 -29.06 -5.23
C ARG J 700 -31.11 -30.44 -4.70
N GLU J 701 -30.35 -30.96 -3.73
CA GLU J 701 -30.75 -32.20 -3.08
C GLU J 701 -32.00 -31.97 -2.23
N LYS J 702 -32.01 -30.89 -1.45
CA LYS J 702 -33.12 -30.57 -0.56
C LYS J 702 -33.50 -29.11 -0.74
N PRO J 703 -34.45 -28.82 -1.63
CA PRO J 703 -34.84 -27.41 -1.84
C PRO J 703 -35.58 -26.80 -0.67
N HIS J 704 -36.53 -27.51 -0.07
CA HIS J 704 -37.30 -27.00 1.06
C HIS J 704 -36.49 -27.15 2.35
N SER J 705 -35.41 -26.40 2.41
CA SER J 705 -34.46 -26.44 3.51
C SER J 705 -34.13 -25.00 3.88
N VAL J 706 -33.17 -24.83 4.77
CA VAL J 706 -32.78 -23.51 5.25
C VAL J 706 -31.33 -23.25 4.86
N VAL J 707 -31.04 -21.99 4.52
CA VAL J 707 -29.77 -21.58 3.96
C VAL J 707 -29.14 -20.57 4.91
N LEU J 708 -27.86 -20.78 5.24
CA LEU J 708 -27.23 -20.05 6.32
C LEU J 708 -26.12 -19.13 5.86
N PHE J 709 -25.93 -18.06 6.63
CA PHE J 709 -24.82 -17.14 6.49
C PHE J 709 -24.46 -16.70 7.90
N ASP J 710 -23.33 -17.22 8.42
CA ASP J 710 -23.02 -17.10 9.84
C ASP J 710 -22.59 -15.68 10.20
N GLU J 711 -21.77 -15.06 9.36
CA GLU J 711 -21.21 -13.75 9.62
C GLU J 711 -21.34 -12.90 8.37
N LEU J 712 -21.37 -11.58 8.54
CA LEU J 712 -21.57 -10.70 7.39
C LEU J 712 -20.45 -9.69 7.19
N GLU J 713 -20.05 -8.98 8.25
CA GLU J 713 -18.89 -8.10 8.13
C GLU J 713 -17.59 -8.88 8.07
N LYS J 714 -17.62 -10.14 8.49
CA LYS J 714 -16.44 -10.97 8.63
C LYS J 714 -16.15 -11.81 7.40
N ALA J 715 -16.51 -11.31 6.22
CA ALA J 715 -16.31 -12.02 4.98
C ALA J 715 -15.28 -11.32 4.11
N HIS J 716 -15.00 -11.92 2.96
CA HIS J 716 -14.26 -11.26 1.91
C HIS J 716 -15.22 -10.57 0.96
N ALA J 717 -14.76 -9.49 0.35
CA ALA J 717 -15.65 -8.61 -0.41
C ALA J 717 -16.10 -9.25 -1.72
N ASP J 718 -15.34 -10.20 -2.26
CA ASP J 718 -15.67 -10.74 -3.57
C ASP J 718 -16.83 -11.73 -3.50
N VAL J 719 -17.05 -12.35 -2.35
CA VAL J 719 -18.08 -13.39 -2.24
C VAL J 719 -19.46 -12.76 -2.18
N PHE J 720 -19.55 -11.46 -1.89
CA PHE J 720 -20.82 -10.74 -1.95
C PHE J 720 -21.39 -10.67 -3.37
N LYS J 721 -20.56 -10.89 -4.39
CA LYS J 721 -21.06 -11.02 -5.76
C LYS J 721 -22.00 -12.20 -5.92
N VAL J 722 -21.75 -13.28 -5.18
CA VAL J 722 -22.65 -14.44 -5.20
C VAL J 722 -23.99 -14.08 -4.59
N LEU J 723 -23.98 -13.22 -3.55
CA LEU J 723 -25.21 -12.79 -2.91
C LEU J 723 -26.09 -11.96 -3.82
N LEU J 724 -25.51 -11.30 -4.83
CA LEU J 724 -26.32 -10.64 -5.84
C LEU J 724 -27.05 -11.65 -6.72
N GLN J 725 -26.45 -12.82 -6.95
CA GLN J 725 -27.04 -13.81 -7.83
C GLN J 725 -27.84 -14.87 -7.08
N ILE J 726 -28.28 -14.56 -5.86
CA ILE J 726 -29.15 -15.45 -5.10
C ILE J 726 -30.50 -14.79 -4.81
N LEU J 727 -30.46 -13.52 -4.38
CA LEU J 727 -31.67 -12.86 -3.91
C LEU J 727 -32.59 -12.48 -5.07
N GLY J 728 -32.04 -11.91 -6.13
CA GLY J 728 -32.82 -11.56 -7.29
C GLY J 728 -32.72 -12.53 -8.45
N ASP J 729 -32.19 -13.73 -8.22
CA ASP J 729 -31.72 -14.62 -9.27
C ASP J 729 -31.94 -16.08 -8.86
N GLY J 730 -31.11 -16.97 -9.41
CA GLY J 730 -31.34 -18.39 -9.26
C GLY J 730 -30.92 -19.13 -10.51
N TYR J 731 -30.27 -18.42 -11.43
CA TYR J 731 -29.80 -19.03 -12.67
C TYR J 731 -28.29 -18.86 -12.81
N ILE J 732 -27.56 -19.21 -11.74
CA ILE J 732 -26.12 -19.01 -11.69
C ILE J 732 -25.42 -19.97 -12.63
N ASN J 733 -24.65 -19.43 -13.56
CA ASN J 733 -23.82 -20.22 -14.46
C ASN J 733 -22.50 -20.57 -13.76
N ASP J 734 -22.13 -21.84 -13.78
CA ASP J 734 -20.88 -22.30 -13.21
C ASP J 734 -19.85 -22.51 -14.31
N ASN J 735 -18.70 -23.10 -13.95
CA ASN J 735 -17.79 -23.64 -14.95
C ASN J 735 -18.37 -24.89 -15.61
N HIS J 736 -19.38 -25.48 -15.00
CA HIS J 736 -20.11 -26.63 -15.53
C HIS J 736 -21.45 -26.23 -16.13
N ARG J 737 -21.82 -24.94 -16.02
CA ARG J 737 -22.97 -24.31 -16.66
C ARG J 737 -24.31 -24.89 -16.22
N ARG J 738 -24.37 -25.53 -15.06
CA ARG J 738 -25.63 -25.97 -14.50
C ARG J 738 -26.44 -24.77 -14.00
N ASN J 739 -27.68 -25.04 -13.62
CA ASN J 739 -28.48 -24.05 -12.92
C ASN J 739 -28.58 -24.43 -11.45
N ILE J 740 -28.65 -23.41 -10.60
CA ILE J 740 -28.79 -23.59 -9.15
C ILE J 740 -29.94 -22.70 -8.71
N ASP J 741 -31.12 -23.28 -8.55
CA ASP J 741 -32.32 -22.55 -8.16
C ASP J 741 -32.35 -22.40 -6.65
N PHE J 742 -32.65 -21.19 -6.18
CA PHE J 742 -32.73 -20.90 -4.76
C PHE J 742 -34.17 -20.68 -4.30
N SER J 743 -35.13 -21.33 -4.95
CA SER J 743 -36.50 -21.22 -4.52
C SER J 743 -36.73 -21.99 -3.23
N ASN J 744 -37.72 -21.53 -2.45
CA ASN J 744 -38.15 -22.14 -1.19
C ASN J 744 -37.02 -22.21 -0.17
N THR J 745 -36.23 -21.14 -0.09
CA THR J 745 -35.10 -21.08 0.82
C THR J 745 -35.26 -19.88 1.74
N ILE J 746 -35.14 -20.12 3.04
CA ILE J 746 -35.13 -19.05 4.03
C ILE J 746 -33.68 -18.71 4.31
N ILE J 747 -33.29 -17.49 3.92
CA ILE J 747 -31.90 -17.06 3.99
C ILE J 747 -31.69 -16.29 5.29
N ILE J 748 -30.70 -16.70 6.06
CA ILE J 748 -30.48 -16.20 7.41
C ILE J 748 -29.14 -15.46 7.45
N MET J 749 -29.19 -14.20 7.84
CA MET J 749 -28.09 -13.25 7.71
C MET J 749 -27.78 -12.70 9.10
N THR J 750 -26.85 -13.35 9.79
CA THR J 750 -26.48 -12.95 11.15
C THR J 750 -25.12 -12.27 11.13
N SER J 751 -25.03 -11.18 11.89
CA SER J 751 -23.77 -10.60 12.33
C SER J 751 -24.09 -9.78 13.57
N ASN J 752 -23.05 -9.33 14.27
CA ASN J 752 -23.32 -8.72 15.57
C ASN J 752 -23.74 -7.27 15.48
N LEU J 753 -22.79 -6.38 15.15
CA LEU J 753 -22.87 -4.93 15.33
C LEU J 753 -23.32 -4.48 16.71
N GLY J 754 -23.18 -5.33 17.73
CA GLY J 754 -23.87 -5.09 18.97
C GLY J 754 -23.20 -4.04 19.82
N ALA J 755 -21.88 -4.12 19.94
CA ALA J 755 -21.11 -3.14 20.67
C ALA J 755 -21.15 -1.78 19.98
N GLU J 756 -20.72 -0.76 20.72
CA GLU J 756 -20.76 0.68 20.43
C GLU J 756 -22.19 1.24 20.38
N LEU J 757 -23.21 0.42 20.60
CA LEU J 757 -24.57 0.89 20.88
C LEU J 757 -25.10 0.20 22.13
N PHE J 758 -24.75 -1.07 22.29
CA PHE J 758 -25.18 -1.83 23.48
C PHE J 758 -24.18 -1.56 24.60
N LYS J 759 -24.18 -0.30 25.02
CA LYS J 759 -23.52 0.13 26.25
C LYS J 759 -24.49 -0.14 27.38
N LYS J 760 -24.27 0.44 28.55
CA LYS J 760 -25.12 0.12 29.69
C LYS J 760 -26.54 0.70 29.61
N LYS J 761 -26.90 1.43 28.56
CA LYS J 761 -28.24 1.98 28.62
C LYS J 761 -29.22 0.83 28.67
N LEU J 762 -29.06 -0.12 27.77
CA LEU J 762 -29.86 -1.33 27.76
C LEU J 762 -29.47 -2.27 28.90
N PHE J 763 -28.17 -2.33 29.14
CA PHE J 763 -27.52 -3.23 30.10
C PHE J 763 -27.78 -3.17 31.61
N PHE J 764 -27.85 -1.99 32.23
CA PHE J 764 -28.02 -2.02 33.70
C PHE J 764 -29.49 -2.20 34.23
N ASP J 765 -30.36 -1.81 33.33
CA ASP J 765 -31.79 -2.12 33.41
C ASP J 765 -32.02 -3.20 32.36
N ALA J 766 -31.51 -4.39 32.64
CA ALA J 766 -31.83 -5.57 31.86
C ALA J 766 -32.91 -6.42 32.52
N ASP J 767 -33.21 -6.16 33.80
CA ASP J 767 -34.19 -6.96 34.54
C ASP J 767 -35.60 -6.77 33.99
N ASN J 768 -36.12 -5.54 34.08
CA ASN J 768 -37.45 -5.28 33.55
C ASN J 768 -37.41 -5.00 32.05
N SER J 769 -36.53 -4.10 31.63
CA SER J 769 -36.28 -3.67 30.25
C SER J 769 -37.51 -3.08 29.56
N GLY J 770 -38.57 -2.74 30.29
CA GLY J 770 -39.51 -1.74 29.86
C GLY J 770 -40.60 -2.18 28.91
N THR J 771 -41.85 -2.09 29.35
CA THR J 771 -42.96 -2.09 28.41
C THR J 771 -43.23 -0.68 27.86
N PRO J 772 -43.38 0.42 28.70
CA PRO J 772 -43.59 1.72 28.05
C PRO J 772 -42.32 2.38 27.51
N GLU J 773 -41.23 2.33 28.27
CA GLU J 773 -40.12 3.24 28.04
C GLU J 773 -39.01 2.67 27.17
N TYR J 774 -38.42 1.55 27.55
CA TYR J 774 -37.21 1.06 26.90
C TYR J 774 -37.46 0.49 25.52
N LYS J 775 -38.72 0.22 25.15
CA LYS J 775 -39.05 -0.18 23.80
C LYS J 775 -38.70 0.97 22.89
N ARG J 776 -39.04 2.19 23.30
CA ARG J 776 -38.62 3.37 22.56
C ARG J 776 -37.10 3.50 22.48
N VAL J 777 -36.45 3.28 23.63
CA VAL J 777 -35.00 3.15 23.65
C VAL J 777 -34.35 2.08 22.78
N MET J 778 -35.01 0.94 22.65
CA MET J 778 -34.52 -0.09 21.75
C MET J 778 -34.81 0.21 20.28
N GLU J 779 -35.94 0.84 19.99
CA GLU J 779 -36.26 1.14 18.61
C GLU J 779 -35.34 2.23 18.11
N ASP J 780 -34.96 3.17 18.97
CA ASP J 780 -33.96 4.16 18.62
C ASP J 780 -32.61 3.51 18.34
N VAL J 781 -32.24 2.51 19.13
CA VAL J 781 -31.04 1.74 18.82
C VAL J 781 -31.28 0.89 17.57
N ARG J 782 -32.50 0.36 17.42
CA ARG J 782 -32.84 -0.43 16.24
C ARG J 782 -32.82 0.40 14.97
N LEU J 783 -33.24 1.67 15.07
CA LEU J 783 -33.08 2.59 13.95
C LEU J 783 -31.62 2.81 13.63
N SER J 784 -30.77 2.92 14.67
CA SER J 784 -29.35 3.21 14.44
C SER J 784 -28.60 1.97 13.97
N LEU J 785 -29.17 0.78 14.12
CA LEU J 785 -28.58 -0.40 13.48
C LEU J 785 -28.89 -0.45 11.99
N ILE J 786 -30.08 0.03 11.61
CA ILE J 786 -30.37 0.29 10.20
C ILE J 786 -29.42 1.36 9.66
N LYS J 787 -29.10 2.35 10.50
CA LYS J 787 -28.08 3.34 10.15
C LYS J 787 -26.72 2.69 9.98
N LYS J 788 -26.44 1.64 10.75
CA LYS J 788 -25.22 0.87 10.50
C LYS J 788 -25.34 0.04 9.23
N CYS J 789 -26.56 -0.37 8.86
CA CYS J 789 -26.72 -1.10 7.60
C CYS J 789 -26.51 -0.20 6.41
N LYS J 790 -26.93 1.05 6.50
CA LYS J 790 -26.73 1.99 5.40
C LYS J 790 -25.28 2.43 5.29
N LYS J 791 -24.67 2.79 6.41
CA LYS J 791 -23.34 3.39 6.39
C LYS J 791 -22.24 2.36 6.11
N VAL J 792 -22.47 1.10 6.43
CA VAL J 792 -21.47 0.05 6.24
C VAL J 792 -21.93 -0.99 5.23
N PHE J 793 -23.13 -1.52 5.43
CA PHE J 793 -23.50 -2.79 4.80
C PHE J 793 -24.27 -2.62 3.51
N LYS J 794 -23.67 -1.84 2.57
CA LYS J 794 -23.94 -1.86 1.14
C LYS J 794 -25.43 -1.74 0.82
N PRO J 795 -26.02 -0.53 0.90
CA PRO J 795 -27.48 -0.39 1.06
C PRO J 795 -28.37 -0.93 -0.07
N GLU J 796 -27.75 -1.45 -1.14
CA GLU J 796 -28.49 -2.21 -2.14
C GLU J 796 -29.04 -3.49 -1.55
N PHE J 797 -28.31 -4.12 -0.63
CA PHE J 797 -28.79 -5.32 0.03
C PHE J 797 -29.90 -5.01 1.03
N VAL J 798 -29.96 -3.79 1.55
CA VAL J 798 -31.09 -3.37 2.38
C VAL J 798 -32.37 -3.36 1.54
N ASN J 799 -32.24 -2.96 0.27
CA ASN J 799 -33.35 -3.10 -0.67
C ASN J 799 -33.64 -4.56 -1.01
N ARG J 800 -32.66 -5.45 -0.83
CA ARG J 800 -32.92 -6.87 -1.04
C ARG J 800 -33.57 -7.51 0.19
N ILE J 801 -33.21 -7.04 1.39
CA ILE J 801 -33.82 -7.57 2.61
C ILE J 801 -35.24 -7.04 2.72
N ASP J 802 -36.18 -7.95 3.05
CA ASP J 802 -37.55 -7.52 3.26
C ASP J 802 -37.76 -6.98 4.67
N LYS J 803 -37.31 -7.70 5.69
CA LYS J 803 -37.47 -7.27 7.06
C LYS J 803 -36.15 -7.46 7.81
N ILE J 804 -35.77 -6.44 8.57
CA ILE J 804 -34.55 -6.42 9.34
C ILE J 804 -34.92 -6.69 10.80
N GLY J 805 -34.56 -7.87 11.30
CA GLY J 805 -34.81 -8.21 12.68
C GLY J 805 -33.63 -7.84 13.55
N VAL J 806 -33.94 -7.24 14.71
CA VAL J 806 -32.94 -6.83 15.68
C VAL J 806 -33.28 -7.48 17.00
N PHE J 807 -32.45 -8.42 17.43
CA PHE J 807 -32.67 -9.14 18.68
C PHE J 807 -32.61 -8.27 19.92
N GLU J 808 -33.46 -8.60 20.89
CA GLU J 808 -33.52 -7.89 22.16
C GLU J 808 -32.91 -8.79 23.23
N PRO J 809 -32.02 -8.23 24.06
CA PRO J 809 -31.35 -9.08 25.06
C PRO J 809 -32.35 -9.79 25.96
N LEU J 810 -31.82 -10.74 26.72
CA LEU J 810 -32.65 -11.59 27.54
C LEU J 810 -32.97 -10.92 28.87
N ASN J 811 -34.24 -10.98 29.26
CA ASN J 811 -34.66 -10.49 30.55
C ASN J 811 -34.28 -11.49 31.64
N LYS J 812 -34.18 -10.98 32.87
CA LYS J 812 -33.98 -11.88 34.00
C LYS J 812 -35.24 -12.67 34.30
N LYS J 813 -36.40 -12.15 33.92
CA LYS J 813 -37.64 -12.90 34.07
C LYS J 813 -37.75 -14.02 33.04
N ASN J 814 -37.14 -13.85 31.87
CA ASN J 814 -37.14 -14.91 30.88
C ASN J 814 -36.26 -16.07 31.31
N LEU J 815 -35.22 -15.79 32.09
CA LEU J 815 -34.29 -16.84 32.52
C LEU J 815 -34.87 -17.75 33.58
N HIS J 816 -36.05 -17.43 34.13
CA HIS J 816 -36.73 -18.42 34.95
C HIS J 816 -37.24 -19.58 34.12
N LYS J 817 -37.42 -19.38 32.82
CA LYS J 817 -37.94 -20.39 31.93
C LYS J 817 -36.93 -20.93 30.93
N ILE J 818 -36.02 -20.08 30.43
CA ILE J 818 -35.03 -20.51 29.42
C ILE J 818 -34.08 -21.54 30.02
N VAL J 819 -33.73 -21.35 31.29
CA VAL J 819 -32.84 -22.29 31.97
C VAL J 819 -33.53 -23.63 32.19
N ALA J 820 -34.80 -23.60 32.59
CA ALA J 820 -35.53 -24.84 32.84
C ALA J 820 -35.80 -25.64 31.56
N LEU J 821 -35.76 -24.99 30.40
CA LEU J 821 -35.85 -25.71 29.13
C LEU J 821 -34.66 -26.64 28.95
N ARG J 822 -33.51 -26.26 29.47
CA ARG J 822 -32.32 -27.09 29.32
C ARG J 822 -32.36 -28.31 30.22
N PHE J 823 -33.10 -28.24 31.33
CA PHE J 823 -33.22 -29.41 32.20
C PHE J 823 -34.13 -30.46 31.59
N LYS J 824 -35.09 -30.05 30.76
CA LYS J 824 -35.78 -31.01 29.91
C LYS J 824 -34.81 -31.60 28.89
N LYS J 825 -33.93 -30.76 28.35
CA LYS J 825 -32.89 -31.25 27.46
C LYS J 825 -31.79 -32.01 28.20
N LEU J 826 -31.65 -31.78 29.50
CA LEU J 826 -30.67 -32.54 30.28
C LEU J 826 -31.10 -33.98 30.45
N GLU J 827 -32.35 -34.19 30.86
CA GLU J 827 -32.84 -35.54 31.10
C GLU J 827 -33.04 -36.32 29.81
N LYS J 828 -33.04 -35.65 28.67
CA LYS J 828 -32.93 -36.34 27.40
C LYS J 828 -31.51 -36.85 27.15
N ARG J 829 -30.51 -36.31 27.86
CA ARG J 829 -29.15 -36.80 27.70
C ARG J 829 -28.78 -37.83 28.73
N LEU J 830 -29.34 -37.74 29.94
CA LEU J 830 -29.18 -38.77 30.95
C LEU J 830 -30.37 -39.72 30.98
N GLU J 831 -31.04 -39.87 29.84
CA GLU J 831 -32.21 -40.73 29.75
C GLU J 831 -31.84 -42.20 29.85
N GLU J 832 -30.61 -42.56 29.49
CA GLU J 832 -30.19 -43.94 29.63
C GLU J 832 -30.04 -44.30 31.10
N LYS J 833 -29.46 -43.40 31.89
CA LYS J 833 -29.07 -43.78 33.23
C LYS J 833 -30.25 -43.79 34.20
N ASN J 834 -31.43 -43.31 33.74
CA ASN J 834 -32.69 -43.34 34.48
C ASN J 834 -32.56 -42.58 35.80
N ILE J 835 -32.12 -41.33 35.70
CA ILE J 835 -32.09 -40.41 36.83
C ILE J 835 -33.17 -39.36 36.60
N GLN J 836 -34.04 -39.18 37.60
CA GLN J 836 -35.06 -38.13 37.56
C GLN J 836 -34.64 -37.04 38.53
N VAL J 837 -34.19 -35.91 37.99
CA VAL J 837 -33.76 -34.78 38.80
C VAL J 837 -34.89 -33.76 38.87
N SER J 838 -35.34 -33.48 40.08
CA SER J 838 -36.19 -32.33 40.34
C SER J 838 -35.31 -31.22 40.90
N VAL J 839 -35.63 -29.98 40.51
CA VAL J 839 -34.81 -28.81 40.86
C VAL J 839 -35.73 -27.79 41.50
N SER J 840 -35.33 -27.31 42.69
CA SER J 840 -36.04 -26.20 43.30
C SER J 840 -35.80 -24.93 42.48
N GLU J 841 -36.82 -24.08 42.42
CA GLU J 841 -36.62 -22.77 41.80
C GLU J 841 -36.00 -21.77 42.77
N LYS J 842 -35.65 -22.21 43.98
CA LYS J 842 -34.62 -21.55 44.76
C LYS J 842 -33.30 -21.49 44.01
N ALA J 843 -33.04 -22.48 43.14
CA ALA J 843 -31.84 -22.45 42.32
C ALA J 843 -31.99 -21.52 41.13
N ILE J 844 -33.19 -21.42 40.55
CA ILE J 844 -33.33 -20.70 39.30
C ILE J 844 -33.27 -19.19 39.53
N ASP J 845 -33.76 -18.72 40.69
CA ASP J 845 -33.43 -17.37 41.15
C ASP J 845 -31.92 -17.21 41.29
N TYR J 846 -31.27 -18.24 41.80
CA TYR J 846 -29.89 -18.19 42.23
C TYR J 846 -28.93 -18.29 41.06
N ILE J 847 -29.38 -18.88 39.95
CA ILE J 847 -28.60 -18.87 38.72
C ILE J 847 -28.51 -17.46 38.17
N ILE J 848 -29.65 -16.77 38.08
CA ILE J 848 -29.75 -15.46 37.47
C ILE J 848 -28.94 -14.44 38.26
N ASP J 849 -28.97 -14.55 39.58
CA ASP J 849 -28.20 -13.66 40.44
C ASP J 849 -26.70 -13.93 40.38
N GLN J 850 -26.27 -15.07 39.83
CA GLN J 850 -24.87 -15.45 39.95
C GLN J 850 -24.18 -15.88 38.66
N SER J 851 -24.88 -15.99 37.54
CA SER J 851 -24.21 -16.30 36.28
C SER J 851 -24.59 -15.36 35.16
N TYR J 852 -25.62 -14.57 35.33
CA TYR J 852 -26.06 -13.63 34.30
C TYR J 852 -25.38 -12.29 34.49
N ASP J 853 -24.45 -11.98 33.59
CA ASP J 853 -24.18 -10.58 33.33
C ASP J 853 -25.06 -10.21 32.14
N PRO J 854 -25.47 -8.95 32.06
CA PRO J 854 -26.26 -8.53 30.90
C PRO J 854 -25.43 -8.41 29.63
N GLU J 855 -24.10 -8.29 29.77
CA GLU J 855 -23.27 -7.89 28.65
C GLU J 855 -23.09 -9.02 27.65
N LEU J 856 -23.09 -10.26 28.11
CA LEU J 856 -22.66 -11.39 27.29
C LEU J 856 -23.79 -12.26 26.78
N GLY J 857 -25.04 -11.91 27.05
CA GLY J 857 -26.17 -12.64 26.48
C GLY J 857 -26.40 -14.04 27.00
N ALA J 858 -26.10 -14.28 28.28
CA ALA J 858 -26.46 -15.48 29.05
C ALA J 858 -25.85 -16.77 28.49
N ARG J 859 -24.77 -16.68 27.74
CA ARG J 859 -24.04 -17.91 27.42
C ARG J 859 -23.32 -18.52 28.64
N PRO J 860 -22.63 -17.77 29.52
CA PRO J 860 -22.04 -18.44 30.70
C PRO J 860 -23.06 -18.93 31.71
N THR J 861 -24.32 -18.49 31.62
CA THR J 861 -25.37 -19.08 32.44
C THR J 861 -25.55 -20.56 32.11
N LEU J 862 -25.45 -20.90 30.82
CA LEU J 862 -25.54 -22.28 30.40
C LEU J 862 -24.30 -23.06 30.82
N ILE J 863 -23.15 -22.39 30.90
CA ILE J 863 -21.95 -23.01 31.41
C ILE J 863 -22.08 -23.28 32.90
N PHE J 864 -22.80 -22.40 33.61
CA PHE J 864 -23.11 -22.62 35.02
C PHE J 864 -24.04 -23.82 35.21
N ILE J 865 -24.80 -24.21 34.18
CA ILE J 865 -25.54 -25.45 34.25
C ILE J 865 -24.60 -26.64 34.10
N GLU J 866 -23.80 -26.65 33.04
CA GLU J 866 -23.01 -27.84 32.73
C GLU J 866 -21.78 -27.93 33.63
N SER J 867 -20.97 -26.88 33.65
CA SER J 867 -19.70 -26.96 34.35
C SER J 867 -19.83 -26.88 35.87
N VAL J 868 -21.01 -26.58 36.40
CA VAL J 868 -21.12 -26.41 37.84
C VAL J 868 -22.08 -27.43 38.45
N ILE J 869 -23.34 -27.41 38.05
CA ILE J 869 -24.33 -28.22 38.76
C ILE J 869 -24.50 -29.58 38.10
N MET J 870 -23.54 -29.96 37.25
CA MET J 870 -23.50 -31.32 36.73
C MET J 870 -22.25 -32.07 37.14
N THR J 871 -21.20 -31.37 37.56
CA THR J 871 -20.02 -32.03 38.08
C THR J 871 -20.33 -32.73 39.39
N LYS J 872 -21.16 -32.10 40.23
CA LYS J 872 -21.35 -32.56 41.60
C LYS J 872 -22.15 -33.86 41.66
N PHE J 873 -22.81 -34.23 40.57
CA PHE J 873 -23.41 -35.55 40.49
C PHE J 873 -22.49 -36.57 39.86
N ALA J 874 -21.75 -36.15 38.83
CA ALA J 874 -20.85 -37.07 38.16
C ALA J 874 -19.67 -37.44 39.05
N ILE J 875 -19.22 -36.52 39.91
CA ILE J 875 -18.22 -36.87 40.91
C ILE J 875 -18.84 -37.80 41.95
N MET J 876 -20.08 -37.53 42.35
CA MET J 876 -20.79 -38.48 43.20
C MET J 876 -21.27 -39.69 42.42
N TYR J 877 -21.18 -39.68 41.10
CA TYR J 877 -21.35 -40.90 40.33
C TYR J 877 -20.07 -41.71 40.29
N LEU J 878 -18.91 -41.04 40.34
CA LEU J 878 -17.64 -41.74 40.47
C LEU J 878 -17.58 -42.52 41.76
N LYS J 879 -18.08 -41.94 42.84
CA LYS J 879 -18.22 -42.65 44.11
C LYS J 879 -19.51 -43.45 44.02
N LYS J 880 -19.39 -44.71 43.61
CA LYS J 880 -20.57 -45.56 43.38
C LYS J 880 -21.14 -46.06 44.71
N GLU J 881 -21.75 -45.13 45.43
CA GLU J 881 -22.72 -45.44 46.46
C GLU J 881 -24.10 -44.96 46.07
N LEU J 882 -24.23 -44.35 44.90
CA LEU J 882 -25.50 -43.82 44.39
C LEU J 882 -25.99 -44.74 43.28
N VAL J 883 -27.05 -45.49 43.58
CA VAL J 883 -27.78 -46.23 42.56
C VAL J 883 -28.42 -45.23 41.60
N ASP J 884 -28.43 -45.57 40.31
CA ASP J 884 -28.86 -44.60 39.31
C ASP J 884 -30.37 -44.41 39.30
N ASP J 885 -31.13 -45.41 39.75
CA ASP J 885 -32.59 -45.36 39.66
C ASP J 885 -33.20 -44.69 40.89
N MET J 886 -32.69 -43.50 41.19
CA MET J 886 -33.07 -42.79 42.40
C MET J 886 -33.47 -41.37 42.03
N ASP J 887 -34.48 -40.85 42.71
CA ASP J 887 -34.93 -39.49 42.47
C ASP J 887 -33.92 -38.50 43.04
N VAL J 888 -33.91 -37.29 42.48
CA VAL J 888 -32.91 -36.28 42.82
C VAL J 888 -33.59 -34.93 42.98
N PHE J 889 -33.38 -34.30 44.13
CA PHE J 889 -34.01 -33.02 44.46
C PHE J 889 -32.92 -32.06 44.89
N VAL J 890 -32.74 -30.99 44.14
CA VAL J 890 -31.80 -29.95 44.55
C VAL J 890 -32.56 -28.92 45.38
N ASP J 891 -31.94 -28.48 46.49
CA ASP J 891 -32.57 -27.52 47.38
C ASP J 891 -31.49 -26.63 47.98
N TYR J 892 -31.88 -25.41 48.37
CA TYR J 892 -31.02 -24.50 49.10
C TYR J 892 -31.63 -24.23 50.45
N ASN J 893 -30.78 -24.13 51.48
CA ASN J 893 -31.25 -23.83 52.83
C ASN J 893 -31.79 -22.42 52.96
N SER J 894 -31.38 -21.52 52.05
CA SER J 894 -31.24 -20.06 52.17
C SER J 894 -30.15 -19.68 53.17
N LYS J 895 -29.41 -20.65 53.70
CA LYS J 895 -28.14 -20.44 54.39
C LYS J 895 -26.96 -20.57 53.44
N ALA J 896 -27.19 -20.33 52.15
CA ALA J 896 -26.23 -20.37 51.05
C ALA J 896 -25.56 -21.73 50.87
N LYS J 897 -26.16 -22.80 51.36
CA LYS J 897 -25.59 -24.13 51.23
C LYS J 897 -26.54 -25.01 50.44
N ASN J 898 -26.01 -25.63 49.38
CA ASN J 898 -26.80 -26.49 48.51
C ASN J 898 -27.16 -27.77 49.23
N LEU J 899 -28.36 -28.28 48.94
CA LEU J 899 -28.82 -29.59 49.39
C LEU J 899 -29.07 -30.39 48.12
N VAL J 900 -28.38 -31.51 47.97
CA VAL J 900 -28.88 -32.53 47.05
C VAL J 900 -29.70 -33.50 47.88
N ILE J 901 -31.00 -33.49 47.66
CA ILE J 901 -31.92 -34.39 48.34
C ILE J 901 -32.26 -35.50 47.35
N ASN J 902 -32.35 -36.72 47.85
CA ASN J 902 -32.67 -37.85 47.01
C ASN J 902 -33.82 -38.63 47.62
N LEU J 903 -34.64 -39.20 46.75
CA LEU J 903 -35.79 -39.97 47.20
C LEU J 903 -35.77 -41.30 46.46
N SER J 904 -36.38 -42.31 47.10
CA SER J 904 -36.32 -43.67 46.62
C SER J 904 -37.08 -43.89 45.32
N GLY K 27 -2.53 98.78 43.15
CA GLY K 27 -2.85 98.03 41.94
C GLY K 27 -2.52 96.56 42.05
N TYR K 28 -3.06 95.77 41.12
CA TYR K 28 -2.84 94.33 41.11
C TYR K 28 -1.67 93.92 40.24
N GLY K 29 -0.90 94.86 39.70
CA GLY K 29 0.35 94.53 39.06
C GLY K 29 1.46 94.25 40.06
N ASP K 30 1.23 94.61 41.33
CA ASP K 30 2.18 94.28 42.38
C ASP K 30 2.14 92.80 42.72
N LEU K 31 0.95 92.21 42.75
CA LEU K 31 0.82 90.78 42.98
C LEU K 31 1.01 89.97 41.70
N ALA K 32 1.22 90.66 40.57
CA ALA K 32 1.55 89.97 39.33
C ALA K 32 2.93 89.33 39.40
N ALA K 33 3.92 90.09 39.86
CA ALA K 33 5.29 89.60 39.87
C ALA K 33 5.54 88.64 41.02
N THR K 34 4.73 88.73 42.08
CA THR K 34 4.85 87.78 43.18
C THR K 34 4.35 86.40 42.75
N SER K 35 3.29 86.36 41.96
CA SER K 35 2.83 85.09 41.40
C SER K 35 3.71 84.65 40.24
N ALA K 36 4.34 85.61 39.56
CA ALA K 36 5.25 85.27 38.47
C ALA K 36 6.48 84.55 39.00
N LEU K 37 7.28 85.24 39.84
CA LEU K 37 8.53 84.67 40.31
C LEU K 37 8.34 83.61 41.40
N THR K 38 7.10 83.29 41.75
CA THR K 38 6.86 82.06 42.50
C THR K 38 7.14 80.85 41.64
N THR K 39 6.45 80.72 40.51
CA THR K 39 6.56 79.50 39.71
C THR K 39 7.75 79.55 38.75
N VAL K 40 8.36 80.73 38.58
CA VAL K 40 9.59 80.82 37.79
C VAL K 40 10.73 80.12 38.50
N ILE K 41 10.70 80.07 39.84
CA ILE K 41 11.83 79.51 40.57
C ILE K 41 11.44 78.19 41.27
N LYS K 42 10.18 78.04 41.66
CA LYS K 42 9.76 76.80 42.31
C LYS K 42 9.69 75.64 41.32
N ASP K 43 8.95 75.83 40.22
CA ASP K 43 8.65 74.72 39.32
C ASP K 43 9.83 74.19 38.50
N PRO K 44 10.85 74.98 38.12
CA PRO K 44 12.07 74.34 37.62
C PRO K 44 12.81 73.51 38.65
N ILE K 45 13.00 74.05 39.86
CA ILE K 45 13.79 73.35 40.88
C ILE K 45 13.02 72.15 41.41
N SER K 46 11.70 72.20 41.37
CA SER K 46 10.89 71.04 41.75
C SER K 46 11.03 69.90 40.77
N LEU K 47 11.33 70.22 39.51
CA LEU K 47 11.41 69.18 38.48
C LEU K 47 12.84 68.71 38.28
N THR K 48 13.83 69.53 38.66
CA THR K 48 15.21 69.06 38.62
C THR K 48 15.45 68.00 39.69
N ILE K 49 14.83 68.17 40.85
CA ILE K 49 15.07 67.27 41.97
C ILE K 49 14.39 65.93 41.73
N LYS K 50 13.28 65.94 40.97
CA LYS K 50 12.59 64.70 40.62
C LYS K 50 13.42 63.83 39.67
N ASP K 51 14.45 64.40 39.03
CA ASP K 51 15.36 63.60 38.22
C ASP K 51 16.70 63.39 38.94
N ILE K 52 17.13 64.36 39.74
CA ILE K 52 18.37 64.21 40.49
C ILE K 52 18.20 63.17 41.60
N TYR K 53 17.05 63.18 42.28
CA TYR K 53 16.82 62.19 43.31
C TYR K 53 16.53 60.82 42.72
N GLU K 54 15.89 60.78 41.55
CA GLU K 54 15.53 59.48 40.97
C GLU K 54 16.72 58.83 40.28
N HIS K 55 17.40 59.56 39.40
CA HIS K 55 18.47 58.96 38.62
C HIS K 55 19.83 59.06 39.28
N GLY K 56 19.97 59.89 40.32
CA GLY K 56 21.26 60.04 40.95
C GLY K 56 21.29 59.70 42.42
N VAL K 57 20.12 59.46 43.03
CA VAL K 57 20.09 59.11 44.44
C VAL K 57 19.36 57.78 44.65
N LYS K 58 18.15 57.64 44.08
CA LYS K 58 17.38 56.38 44.18
C LYS K 58 18.12 55.20 43.59
N ASN K 59 18.34 55.24 42.28
CA ASN K 59 18.91 54.16 41.50
C ASN K 59 20.32 53.71 41.92
N PRO K 60 21.26 54.58 42.34
CA PRO K 60 22.49 54.02 42.91
C PRO K 60 22.34 53.44 44.30
N PHE K 61 21.45 54.00 45.13
CA PHE K 61 21.32 53.52 46.51
C PHE K 61 20.62 52.17 46.55
N THR K 62 19.76 51.90 45.58
CA THR K 62 19.19 50.56 45.46
C THR K 62 20.26 49.57 44.97
N LYS K 63 21.11 50.02 44.04
CA LYS K 63 22.15 49.13 43.53
C LYS K 63 23.28 48.93 44.54
N ILE K 64 23.27 49.70 45.64
CA ILE K 64 24.14 49.38 46.76
C ILE K 64 23.47 48.36 47.67
N ILE K 65 22.15 48.52 47.90
CA ILE K 65 21.42 47.59 48.76
C ILE K 65 21.34 46.21 48.13
N HIS K 66 20.99 46.15 46.84
CA HIS K 66 20.82 44.85 46.21
C HIS K 66 22.16 44.21 45.87
N LYS K 67 23.24 44.98 45.95
CA LYS K 67 24.57 44.38 45.98
C LYS K 67 24.91 43.84 47.35
N LEU K 68 24.42 44.48 48.42
CA LEU K 68 24.63 43.95 49.76
C LEU K 68 23.77 42.72 50.03
N LYS K 69 22.62 42.60 49.36
CA LYS K 69 21.79 41.41 49.52
C LYS K 69 22.46 40.18 48.90
N LYS K 70 23.37 40.40 47.95
CA LYS K 70 24.22 39.31 47.48
C LYS K 70 25.35 39.04 48.46
N PHE K 71 25.59 39.96 49.41
CA PHE K 71 26.73 39.80 50.30
C PHE K 71 26.31 39.36 51.71
N ILE K 72 25.17 39.84 52.20
CA ILE K 72 24.67 39.35 53.48
C ILE K 72 24.23 37.89 53.34
N ARG K 73 23.46 37.59 52.30
CA ARG K 73 23.23 36.22 51.90
C ARG K 73 24.38 35.75 51.01
N TYR K 74 24.33 34.47 50.64
CA TYR K 74 25.04 33.93 49.48
C TYR K 74 26.56 34.00 49.61
N ARG K 75 27.07 33.96 50.85
CA ARG K 75 28.52 33.98 51.04
C ARG K 75 29.12 32.61 50.69
N LYS K 76 28.46 31.54 51.13
CA LYS K 76 28.99 30.19 50.94
C LYS K 76 28.92 29.78 49.47
N VAL K 77 28.03 30.40 48.70
CA VAL K 77 27.84 30.00 47.31
C VAL K 77 28.89 30.65 46.43
N LEU K 78 29.15 31.93 46.67
CA LEU K 78 30.00 32.70 45.76
C LEU K 78 31.47 32.42 46.01
N ARG K 79 31.81 31.74 47.11
CA ARG K 79 33.15 31.18 47.26
C ARG K 79 33.39 30.11 46.20
N TRP K 80 32.33 29.39 45.84
CA TRP K 80 32.46 28.33 44.85
C TRP K 80 32.15 28.83 43.46
N SER K 81 31.24 29.80 43.34
CA SER K 81 30.78 30.24 42.02
C SER K 81 31.86 31.01 41.29
N ARG K 82 32.51 31.95 41.99
CA ARG K 82 33.64 32.65 41.42
C ARG K 82 34.82 31.70 41.23
N MET K 83 34.85 30.62 42.01
CA MET K 83 35.85 29.59 41.81
C MET K 83 35.56 28.80 40.53
N TRP K 84 34.27 28.71 40.15
CA TRP K 84 33.96 28.05 38.89
C TRP K 84 34.06 29.02 37.71
N TRP K 85 33.74 30.30 37.96
CA TRP K 85 33.65 31.26 36.86
C TRP K 85 35.01 31.59 36.28
N VAL K 86 36.03 31.59 37.14
CA VAL K 86 37.40 31.72 36.67
C VAL K 86 37.78 30.52 35.79
N LEU K 87 37.23 29.33 36.06
CA LEU K 87 37.62 28.18 35.25
C LEU K 87 36.88 28.15 33.92
N LEU K 88 35.76 28.87 33.79
CA LEU K 88 35.18 29.06 32.46
C LEU K 88 35.96 30.07 31.66
N VAL K 89 36.38 31.16 32.31
CA VAL K 89 37.13 32.22 31.63
C VAL K 89 38.49 31.69 31.16
N ARG K 90 39.03 30.70 31.87
CA ARG K 90 40.29 30.10 31.44
C ARG K 90 40.09 29.10 30.31
N GLU K 91 38.90 28.48 30.24
CA GLU K 91 38.71 27.43 29.24
C GLU K 91 38.05 27.94 27.97
N ILE K 92 37.13 28.91 28.10
CA ILE K 92 36.49 29.46 26.92
C ILE K 92 37.48 30.34 26.15
N VAL K 93 38.29 31.10 26.87
CA VAL K 93 39.28 31.96 26.21
C VAL K 93 40.53 31.17 25.85
N GLY K 94 41.13 30.50 26.82
CA GLY K 94 42.34 29.74 26.56
C GLY K 94 43.59 30.59 26.45
N ASP K 95 43.87 31.39 27.48
CA ASP K 95 45.07 32.18 27.70
C ASP K 95 45.29 33.25 26.62
N ASN K 96 44.24 33.89 26.11
CA ASN K 96 44.40 34.92 25.08
C ASN K 96 43.59 36.16 25.49
N THR K 97 44.32 37.16 25.98
CA THR K 97 44.02 38.12 27.09
C THR K 97 42.52 38.44 27.16
N ILE K 98 41.92 38.28 28.34
CA ILE K 98 40.47 38.36 28.52
C ILE K 98 40.08 39.82 28.69
N GLU K 99 39.02 40.24 28.00
CA GLU K 99 38.48 41.58 28.13
C GLU K 99 37.81 41.72 29.49
N LYS K 100 38.27 42.69 30.28
CA LYS K 100 37.87 42.77 31.68
C LYS K 100 36.48 43.35 31.85
N LYS K 101 36.03 44.15 30.87
CA LYS K 101 34.80 44.93 31.06
C LYS K 101 33.57 44.06 30.93
N THR K 102 33.56 43.14 29.96
CA THR K 102 32.38 42.30 29.77
C THR K 102 32.58 40.91 30.33
N GLU K 103 33.72 40.67 30.99
CA GLU K 103 33.85 39.49 31.82
C GLU K 103 33.10 39.68 33.14
N LYS K 104 33.04 40.92 33.62
CA LYS K 104 32.26 41.21 34.82
C LYS K 104 30.79 41.40 34.50
N ALA K 105 30.48 41.69 33.23
CA ALA K 105 29.08 41.80 32.83
C ALA K 105 28.44 40.42 32.68
N LEU K 106 29.24 39.42 32.34
CA LEU K 106 28.73 38.06 32.28
C LEU K 106 28.96 37.32 33.59
N ARG K 107 29.78 37.88 34.48
CA ARG K 107 29.90 37.35 35.83
C ARG K 107 28.60 37.56 36.60
N GLU K 108 27.87 38.64 36.28
CA GLU K 108 26.60 38.89 36.93
C GLU K 108 25.53 37.91 36.46
N ILE K 109 25.61 37.48 35.19
CA ILE K 109 24.70 36.46 34.70
C ILE K 109 25.09 35.10 35.22
N TRP K 110 26.39 34.89 35.46
CA TRP K 110 26.84 33.67 36.12
C TRP K 110 26.43 33.66 37.58
N ASP K 111 26.39 34.81 38.24
CA ASP K 111 25.94 34.85 39.62
C ASP K 111 24.43 34.65 39.74
N GLN K 112 23.70 34.94 38.66
CA GLN K 112 22.26 34.71 38.69
C GLN K 112 21.92 33.24 38.49
N CYS K 113 22.80 32.46 37.83
CA CYS K 113 22.61 31.02 37.75
C CYS K 113 22.81 30.37 39.10
N THR K 114 23.77 30.86 39.89
CA THR K 114 24.10 30.24 41.16
C THR K 114 23.04 30.53 42.20
N ILE K 115 22.50 31.75 42.21
CA ILE K 115 21.40 32.08 43.11
C ILE K 115 20.16 31.27 42.76
N ALA K 116 19.96 31.01 41.46
CA ALA K 116 18.79 30.24 41.04
C ALA K 116 18.95 28.76 41.36
N VAL K 117 20.19 28.25 41.38
CA VAL K 117 20.40 26.84 41.71
C VAL K 117 20.39 26.64 43.23
N TYR K 118 21.10 27.51 43.96
CA TYR K 118 21.22 27.39 45.40
C TYR K 118 19.89 27.56 46.12
N ASN K 119 18.96 28.33 45.53
CA ASN K 119 17.63 28.42 46.10
C ASN K 119 16.82 27.16 45.85
N ASN K 120 17.29 26.27 44.98
CA ASN K 120 16.58 25.05 44.66
C ASN K 120 17.21 23.82 45.30
N THR K 121 18.17 24.00 46.21
CA THR K 121 18.86 22.88 46.83
C THR K 121 18.58 22.83 48.32
N LEU K 122 18.47 21.61 48.85
CA LEU K 122 18.46 21.43 50.29
C LEU K 122 19.83 20.96 50.78
N ASN K 123 20.60 20.30 49.90
CA ASN K 123 21.96 19.92 50.23
C ASN K 123 22.85 21.14 50.33
N ALA K 124 23.84 21.06 51.23
CA ALA K 124 24.78 22.16 51.38
C ALA K 124 25.71 22.23 50.19
N VAL K 125 26.32 23.40 49.99
CA VAL K 125 27.26 23.58 48.89
C VAL K 125 28.57 22.88 49.22
N GLU K 126 28.96 22.92 50.50
CA GLU K 126 30.20 22.29 50.94
C GLU K 126 30.12 20.77 50.85
N SER K 127 28.92 20.21 51.04
CA SER K 127 28.77 18.76 51.10
C SER K 127 28.96 18.12 49.73
N LYS K 128 28.18 18.55 48.75
CA LYS K 128 28.10 17.88 47.45
C LYS K 128 28.25 18.92 46.34
N PRO K 129 29.47 19.22 45.93
CA PRO K 129 29.66 20.34 44.98
C PRO K 129 29.40 19.97 43.52
N LEU K 130 29.60 18.72 43.11
CA LEU K 130 29.33 18.40 41.71
C LEU K 130 27.85 18.27 41.38
N LEU K 131 26.98 18.29 42.39
CA LEU K 131 25.57 18.48 42.11
C LEU K 131 25.33 19.89 41.60
N PHE K 132 26.05 20.87 42.16
CA PHE K 132 25.83 22.27 41.80
C PHE K 132 26.34 22.59 40.41
N LEU K 133 27.43 21.97 39.98
CA LEU K 133 27.92 22.23 38.62
C LEU K 133 27.00 21.59 37.58
N HIS K 134 26.26 20.56 37.94
CA HIS K 134 25.21 20.08 37.03
C HIS K 134 24.00 21.01 37.07
N GLY K 135 23.94 21.89 38.05
CA GLY K 135 22.92 22.91 38.04
C GLY K 135 23.43 24.15 37.34
N ILE K 136 24.56 24.66 37.82
CA ILE K 136 25.00 26.00 37.45
C ILE K 136 25.49 26.05 36.00
N LEU K 137 26.15 24.97 35.55
CA LEU K 137 26.55 24.93 34.14
C LEU K 137 25.36 24.66 33.24
N ASN K 138 24.43 23.80 33.67
CA ASN K 138 23.24 23.52 32.86
C ASN K 138 22.33 24.73 32.78
N GLU K 139 22.26 25.53 33.84
CA GLU K 139 21.42 26.71 33.80
C GLU K 139 22.04 27.83 32.99
N CYS K 140 23.34 28.11 33.17
CA CYS K 140 23.98 29.08 32.32
C CYS K 140 24.24 28.57 30.90
N ARG K 141 24.16 27.25 30.68
CA ARG K 141 24.01 26.79 29.30
C ARG K 141 22.72 27.33 28.71
N ASN K 142 21.65 27.32 29.50
CA ASN K 142 20.36 27.82 29.03
C ASN K 142 20.21 29.31 29.26
N ASN K 143 20.86 29.88 30.29
CA ASN K 143 20.71 31.30 30.56
C ASN K 143 21.44 32.13 29.52
N PHE K 144 22.63 31.69 29.11
CA PHE K 144 23.31 32.40 28.03
C PHE K 144 22.68 32.12 26.67
N ALA K 145 21.98 31.01 26.50
CA ALA K 145 21.36 30.72 25.22
C ALA K 145 20.04 31.45 25.00
N THR K 146 19.50 32.12 26.02
CA THR K 146 18.25 32.85 25.86
C THR K 146 18.47 34.34 25.72
N LYS K 147 19.69 34.82 25.99
CA LYS K 147 19.96 36.25 25.85
C LYS K 147 21.12 36.55 24.91
N LEU K 148 22.20 35.77 24.93
CA LEU K 148 23.35 36.03 24.06
C LEU K 148 22.94 35.53 22.67
N ARG K 149 22.79 36.45 21.72
CA ARG K 149 22.36 36.04 20.38
C ARG K 149 23.49 35.35 19.64
N GLN K 150 24.63 36.02 19.52
CA GLN K 150 25.73 35.52 18.71
C GLN K 150 27.00 35.46 19.53
N ASP K 151 27.57 34.27 19.65
CA ASP K 151 28.73 34.01 20.49
C ASP K 151 29.91 33.62 19.62
N PRO K 152 30.71 34.56 19.12
CA PRO K 152 31.90 34.14 18.37
C PRO K 152 33.01 33.64 19.26
N SER K 153 32.94 33.89 20.57
CA SER K 153 33.77 33.18 21.53
C SER K 153 33.14 31.86 21.95
N LEU K 154 31.92 31.57 21.46
CA LEU K 154 31.19 30.31 21.66
C LEU K 154 30.96 30.02 23.14
N ILE K 155 30.25 30.91 23.83
CA ILE K 155 30.03 30.72 25.26
C ILE K 155 29.03 29.60 25.50
N VAL K 156 27.94 29.57 24.72
CA VAL K 156 26.94 28.51 24.85
C VAL K 156 27.50 27.20 24.32
N ALA K 157 28.26 27.27 23.22
CA ALA K 157 28.69 26.06 22.52
C ALA K 157 29.78 25.32 23.29
N LYS K 158 30.54 26.03 24.13
CA LYS K 158 31.59 25.38 24.90
C LYS K 158 31.06 24.86 26.22
N ILE K 159 30.08 25.56 26.80
CA ILE K 159 29.40 25.06 28.02
C ILE K 159 28.56 23.83 27.69
N ASP K 160 28.16 23.67 26.41
CA ASP K 160 27.61 22.42 25.92
C ASP K 160 28.64 21.30 26.09
N GLN K 161 29.86 21.54 25.63
CA GLN K 161 30.83 20.45 25.61
C GLN K 161 31.66 20.24 26.90
N ILE K 162 31.55 21.21 27.81
CA ILE K 162 31.92 20.91 29.19
C ILE K 162 30.97 19.98 29.92
N ILE K 163 29.67 20.08 29.64
CA ILE K 163 28.67 19.22 30.24
C ILE K 163 28.59 17.89 29.49
N LYS K 164 28.49 17.95 28.16
CA LYS K 164 28.25 16.74 27.38
C LYS K 164 29.50 15.90 27.18
N SER K 165 30.65 16.34 27.67
CA SER K 165 31.83 15.49 27.73
C SER K 165 32.42 15.42 29.13
N GLN K 166 31.78 16.07 30.10
CA GLN K 166 32.03 15.98 31.54
C GLN K 166 33.44 16.41 31.92
N ILE K 167 33.93 17.54 31.40
CA ILE K 167 35.24 18.08 31.76
C ILE K 167 35.20 18.68 33.15
N TYR K 168 34.01 18.95 33.68
CA TYR K 168 33.85 19.58 34.99
C TYR K 168 34.14 18.65 36.16
N ARG K 169 34.64 17.44 35.88
CA ARG K 169 35.33 16.59 36.85
C ARG K 169 36.49 17.32 37.50
N PHE K 170 37.42 17.78 36.66
CA PHE K 170 38.71 18.30 37.12
C PHE K 170 38.57 19.66 37.79
N TRP K 171 37.44 20.30 37.55
CA TRP K 171 37.03 21.51 38.25
C TRP K 171 36.93 21.25 39.74
N VAL K 172 36.59 20.02 40.12
CA VAL K 172 36.75 19.58 41.50
C VAL K 172 38.02 18.75 41.61
N SER K 173 39.02 19.29 42.26
CA SER K 173 40.26 18.56 42.53
C SER K 173 40.71 18.91 43.93
N GLU K 174 41.91 18.44 44.27
CA GLU K 174 42.52 18.80 45.55
C GLU K 174 42.76 20.29 45.75
N PRO K 175 43.28 21.08 44.79
CA PRO K 175 43.43 22.51 45.12
C PRO K 175 42.13 23.29 45.03
N TYR K 176 41.13 22.78 44.32
CA TYR K 176 39.91 23.54 44.12
C TYR K 176 38.95 23.36 45.28
N LEU K 177 39.11 22.28 46.05
CA LEU K 177 38.28 22.08 47.23
C LEU K 177 38.86 22.79 48.45
N LYS K 178 40.17 23.08 48.44
CA LYS K 178 40.77 23.79 49.55
C LYS K 178 40.34 25.25 49.58
N ILE K 179 40.32 25.89 48.41
CA ILE K 179 39.90 27.29 48.33
C ILE K 179 38.38 27.38 48.47
N GLY K 180 37.67 26.36 48.00
CA GLY K 180 36.24 26.26 48.17
C GLY K 180 35.79 26.12 49.62
N ARG K 181 36.56 25.39 50.43
CA ARG K 181 36.17 25.22 51.83
C ARG K 181 36.71 26.35 52.69
N SER K 182 37.59 27.18 52.13
CA SER K 182 38.28 28.19 52.92
C SER K 182 37.37 29.35 53.25
N HIS K 183 37.64 30.02 54.36
CA HIS K 183 36.88 31.19 54.80
C HIS K 183 37.48 32.44 54.16
N THR K 184 37.29 32.58 52.86
CA THR K 184 37.71 33.78 52.15
C THR K 184 36.49 34.41 51.51
N LEU K 185 36.44 35.74 51.51
CA LEU K 185 35.36 36.45 50.84
C LEU K 185 35.48 36.27 49.33
N TYR K 186 34.35 36.28 48.64
CA TYR K 186 34.34 35.96 47.22
C TYR K 186 34.94 37.06 46.37
N THR K 187 35.02 38.28 46.90
CA THR K 187 35.64 39.37 46.15
C THR K 187 37.16 39.22 46.13
N HIS K 188 37.71 38.46 47.08
CA HIS K 188 39.15 38.21 47.10
C HIS K 188 39.56 37.08 46.16
N ILE K 189 38.61 36.32 45.61
CA ILE K 189 38.92 35.25 44.67
C ILE K 189 39.17 35.90 43.31
N THR K 190 40.43 35.97 42.93
CA THR K 190 40.88 36.54 41.67
C THR K 190 41.38 35.41 40.79
N PRO K 191 41.57 35.62 39.47
CA PRO K 191 42.24 34.57 38.67
C PRO K 191 43.69 34.35 39.03
N ASP K 192 44.32 35.27 39.77
CA ASP K 192 45.65 34.99 40.30
C ASP K 192 45.60 33.97 41.43
N ALA K 193 44.52 33.97 42.22
CA ALA K 193 44.43 33.10 43.38
C ALA K 193 43.91 31.71 43.05
N VAL K 194 43.42 31.48 41.83
CA VAL K 194 42.88 30.20 41.42
C VAL K 194 43.99 29.43 40.68
N PRO K 195 44.31 28.21 41.10
CA PRO K 195 45.36 27.46 40.39
C PRO K 195 44.87 26.92 39.07
N GLN K 196 45.76 26.91 38.08
CA GLN K 196 45.38 26.52 36.74
C GLN K 196 45.26 24.99 36.62
N LEU K 197 44.32 24.57 35.79
CA LEU K 197 44.18 23.16 35.43
C LEU K 197 45.38 22.71 34.62
N PRO K 198 45.76 21.44 34.73
CA PRO K 198 46.81 20.92 33.84
C PRO K 198 46.30 20.81 32.42
N LYS K 199 47.24 20.63 31.49
CA LYS K 199 46.91 20.72 30.06
C LYS K 199 46.10 19.54 29.56
N GLU K 200 45.97 18.48 30.34
CA GLU K 200 45.10 17.37 29.95
C GLU K 200 43.62 17.69 30.17
N CYS K 201 43.32 18.75 30.93
CA CYS K 201 41.98 18.95 31.46
C CYS K 201 41.24 20.12 30.85
N THR K 202 41.69 20.67 29.74
CA THR K 202 41.09 21.86 29.16
C THR K 202 40.34 21.54 27.87
N LEU K 203 39.59 22.52 27.37
CA LEU K 203 38.93 22.38 26.07
C LEU K 203 39.91 22.48 24.92
N LYS K 204 41.04 23.15 25.11
CA LYS K 204 42.03 23.28 24.04
C LYS K 204 42.65 21.94 23.70
N HIS K 205 42.82 21.08 24.70
CA HIS K 205 43.34 19.74 24.44
C HIS K 205 42.25 18.85 23.87
N LEU K 206 41.07 18.86 24.48
CA LEU K 206 40.03 17.88 24.14
C LEU K 206 39.41 18.15 22.77
N SER K 207 39.39 19.41 22.33
CA SER K 207 38.92 19.68 20.98
C SER K 207 39.98 19.34 19.95
N SER K 208 41.26 19.56 20.28
CA SER K 208 42.33 19.22 19.34
C SER K 208 42.56 17.71 19.31
N TYR K 209 42.19 17.01 20.38
CA TYR K 209 42.35 15.56 20.41
C TYR K 209 41.30 14.87 19.55
N MET K 210 40.16 15.53 19.32
CA MET K 210 39.15 14.97 18.44
C MET K 210 39.56 15.10 16.98
N GLU K 211 40.30 16.15 16.63
CA GLU K 211 40.83 16.24 15.28
C GLU K 211 42.03 15.32 15.08
N GLU K 212 42.62 14.85 16.18
CA GLU K 212 43.59 13.77 16.08
C GLU K 212 42.88 12.44 15.83
N LYS K 213 41.61 12.34 16.21
CA LYS K 213 40.84 11.15 15.89
C LYS K 213 40.01 11.33 14.61
N LEU K 214 38.97 12.14 14.73
CA LEU K 214 38.03 12.33 13.64
C LEU K 214 38.67 12.59 12.29
N LYS K 215 39.53 13.60 12.21
CA LYS K 215 40.13 13.95 10.92
C LYS K 215 40.98 12.79 10.43
N SER K 216 41.67 12.13 11.35
CA SER K 216 42.44 10.94 11.00
C SER K 216 41.51 9.81 10.58
N MET K 217 40.41 9.66 11.30
CA MET K 217 39.42 8.59 11.06
C MET K 217 38.67 8.60 9.72
N GLU K 218 38.25 9.78 9.29
CA GLU K 218 37.54 9.91 8.02
C GLU K 218 38.35 9.32 6.87
N SER K 219 39.68 9.30 7.01
CA SER K 219 40.53 8.76 5.97
C SER K 219 40.73 7.25 6.16
N LYS K 220 40.16 6.69 7.22
CA LYS K 220 40.24 5.24 7.38
C LYS K 220 39.32 4.53 6.41
N LYS K 221 38.24 5.16 5.98
CA LYS K 221 37.65 4.78 4.72
C LYS K 221 38.48 5.32 3.57
N ASN K 222 38.60 4.51 2.52
CA ASN K 222 39.27 4.86 1.27
C ASN K 222 40.74 5.22 1.51
N ILE K 223 41.46 4.25 2.07
CA ILE K 223 42.89 4.39 2.30
C ILE K 223 43.59 4.46 0.94
N GLU K 224 44.55 5.36 0.83
CA GLU K 224 45.08 5.73 -0.48
C GLU K 224 45.96 4.64 -1.07
N SER K 225 45.67 4.30 -2.31
CA SER K 225 46.55 3.45 -3.11
C SER K 225 47.71 4.31 -3.59
N GLY K 226 48.92 3.89 -3.29
CA GLY K 226 50.11 4.56 -3.77
C GLY K 226 50.73 5.54 -2.80
N LYS K 227 50.00 5.99 -1.79
CA LYS K 227 50.57 6.92 -0.81
C LYS K 227 51.55 6.23 0.11
N TYR K 228 51.43 4.92 0.31
CA TYR K 228 52.33 4.15 1.13
C TYR K 228 53.11 3.22 0.21
N GLU K 229 54.33 3.60 -0.14
CA GLU K 229 55.11 2.86 -1.12
C GLU K 229 56.34 2.27 -0.44
N PHE K 230 56.65 1.02 -0.80
CA PHE K 230 57.54 0.18 -0.01
C PHE K 230 58.94 0.23 -0.58
N ASP K 231 59.93 0.10 0.32
CA ASP K 231 61.31 0.04 -0.12
C ASP K 231 61.72 -1.42 -0.28
N VAL K 232 62.32 -1.72 -1.42
CA VAL K 232 62.77 -3.08 -1.76
C VAL K 232 64.14 -3.26 -1.12
N ASP K 233 64.23 -4.13 -0.12
CA ASP K 233 65.52 -4.47 0.48
C ASP K 233 65.73 -5.98 0.38
N SER K 234 66.23 -6.42 -0.77
CA SER K 234 66.69 -7.79 -0.92
C SER K 234 68.11 -7.87 -0.40
N SER K 235 68.41 -8.91 0.36
CA SER K 235 69.73 -9.07 0.93
C SER K 235 70.77 -9.43 -0.12
N UNK L 1 1.81 -18.79 -19.43
CA UNK L 1 1.79 -17.34 -19.50
C UNK L 1 1.48 -16.77 -18.12
N UNK L 2 1.85 -15.51 -17.89
CA UNK L 2 1.59 -14.87 -16.62
C UNK L 2 1.18 -13.42 -16.83
N UNK L 3 0.68 -12.81 -15.77
CA UNK L 3 0.27 -11.41 -15.77
C UNK L 3 0.65 -10.79 -14.45
N UNK L 4 0.31 -9.51 -14.28
CA UNK L 4 0.74 -8.77 -13.11
C UNK L 4 -0.23 -7.63 -12.79
N UNK L 5 -0.54 -7.48 -11.51
CA UNK L 5 -1.50 -6.50 -11.06
C UNK L 5 -0.80 -5.35 -10.35
N UNK L 6 -1.38 -4.16 -10.47
CA UNK L 6 -0.87 -2.97 -9.80
C UNK L 6 -1.96 -2.32 -8.96
N GLY M 27 12.01 95.36 45.94
CA GLY M 27 12.23 94.58 44.73
C GLY M 27 11.70 93.17 44.84
N TYR M 28 11.58 92.50 43.69
CA TYR M 28 11.07 91.14 43.64
C TYR M 28 12.17 90.09 43.70
N GLY M 29 13.42 90.49 43.92
CA GLY M 29 14.46 89.52 44.21
C GLY M 29 14.41 89.03 45.64
N ASP M 30 13.64 89.71 46.49
CA ASP M 30 13.43 89.25 47.85
C ASP M 30 12.51 88.03 47.89
N LEU M 31 11.47 88.03 47.05
CA LEU M 31 10.60 86.86 46.96
C LEU M 31 11.16 85.80 46.02
N ALA M 32 12.32 86.07 45.42
CA ALA M 32 12.99 85.06 44.61
C ALA M 32 13.52 83.93 45.47
N ALA M 33 14.21 84.28 46.56
CA ALA M 33 14.84 83.28 47.40
C ALA M 33 13.84 82.57 48.29
N THR M 34 12.69 83.22 48.56
CA THR M 34 11.65 82.57 49.34
C THR M 34 10.99 81.46 48.53
N SER M 35 10.79 81.71 47.24
CA SER M 35 10.27 80.67 46.36
C SER M 35 11.36 79.67 46.00
N ALA M 36 12.62 80.09 46.03
CA ALA M 36 13.73 79.17 45.76
C ALA M 36 13.86 78.14 46.87
N LEU M 37 14.13 78.59 48.10
CA LEU M 37 14.37 77.66 49.20
C LEU M 37 13.10 77.05 49.75
N THR M 38 11.94 77.35 49.17
CA THR M 38 10.75 76.54 49.41
C THR M 38 10.93 75.16 48.80
N THR M 39 11.14 75.10 47.48
CA THR M 39 11.16 73.81 46.80
C THR M 39 12.54 73.15 46.86
N VAL M 40 13.56 73.89 47.29
CA VAL M 40 14.87 73.28 47.51
C VAL M 40 14.83 72.33 48.70
N ILE M 41 13.94 72.59 49.67
CA ILE M 41 13.95 71.77 50.87
C ILE M 41 12.66 70.93 50.97
N LYS M 42 11.55 71.42 50.42
CA LYS M 42 10.31 70.64 50.48
C LYS M 42 10.36 69.44 49.54
N ASP M 43 10.68 69.67 48.28
CA ASP M 43 10.55 68.64 47.25
C ASP M 43 11.57 67.49 47.34
N PRO M 44 12.82 67.68 47.82
CA PRO M 44 13.62 66.48 48.16
C PRO M 44 13.05 65.67 49.31
N ILE M 45 12.66 66.33 50.40
CA ILE M 45 12.20 65.60 51.59
C ILE M 45 10.83 64.96 51.34
N SER M 46 10.04 65.57 50.44
CA SER M 46 8.76 64.98 50.06
C SER M 46 8.95 63.69 49.26
N LEU M 47 10.08 63.58 48.55
CA LEU M 47 10.31 62.41 47.71
C LEU M 47 11.11 61.35 48.43
N THR M 48 11.88 61.73 49.46
CA THR M 48 12.56 60.73 50.27
C THR M 48 11.56 59.92 51.09
N ILE M 49 10.52 60.58 51.58
CA ILE M 49 9.55 59.93 52.46
C ILE M 49 8.67 58.99 51.65
N LYS M 50 8.45 59.30 50.37
CA LYS M 50 7.67 58.41 49.51
C LYS M 50 8.40 57.09 49.21
N ASP M 51 9.70 57.03 49.49
CA ASP M 51 10.42 55.77 49.37
C ASP M 51 10.72 55.18 50.74
N ILE M 52 10.94 56.03 51.75
CA ILE M 52 11.18 55.52 53.10
C ILE M 52 9.90 54.92 53.68
N TYR M 53 8.76 55.56 53.45
CA TYR M 53 7.51 55.00 53.94
C TYR M 53 7.07 53.79 53.13
N GLU M 54 7.39 53.77 51.83
CA GLU M 54 6.94 52.66 51.00
C GLU M 54 7.82 51.43 51.18
N HIS M 55 9.13 51.60 51.06
CA HIS M 55 10.03 50.46 51.09
C HIS M 55 10.53 50.12 52.49
N GLY M 56 10.34 51.01 53.45
CA GLY M 56 10.83 50.73 54.79
C GLY M 56 9.76 50.73 55.87
N VAL M 57 8.54 51.15 55.53
CA VAL M 57 7.46 51.14 56.52
C VAL M 57 6.27 50.33 56.02
N LYS M 58 5.80 50.60 54.79
CA LYS M 58 4.69 49.84 54.21
C LYS M 58 4.98 48.35 54.09
N ASN M 59 5.96 48.02 53.27
CA ASN M 59 6.32 46.64 52.91
C ASN M 59 6.74 45.75 54.09
N PRO M 60 7.46 46.21 55.12
CA PRO M 60 7.64 45.32 56.28
C PRO M 60 6.40 45.18 57.14
N PHE M 61 5.57 46.23 57.27
CA PHE M 61 4.41 46.15 58.15
C PHE M 61 3.33 45.26 57.54
N THR M 62 3.26 45.18 56.22
CA THR M 62 2.38 44.21 55.59
C THR M 62 2.91 42.79 55.79
N LYS M 63 4.23 42.62 55.72
CA LYS M 63 4.81 41.29 55.89
C LYS M 63 4.80 40.86 57.36
N ILE M 64 4.45 41.77 58.27
CA ILE M 64 4.16 41.37 59.64
C ILE M 64 2.69 40.96 59.75
N ILE M 65 1.79 41.69 59.09
CA ILE M 65 0.36 41.37 59.13
C ILE M 65 0.08 40.04 58.43
N HIS M 66 0.64 39.87 57.23
CA HIS M 66 0.33 38.65 56.47
C HIS M 66 1.10 37.46 57.01
N LYS M 67 2.10 37.70 57.87
CA LYS M 67 2.65 36.62 58.69
C LYS M 67 1.74 36.29 59.87
N LEU M 68 1.05 37.29 60.43
CA LEU M 68 0.10 37.02 61.50
C LEU M 68 -1.16 36.35 60.98
N LYS M 69 -1.53 36.59 59.71
CA LYS M 69 -2.69 35.93 59.14
C LYS M 69 -2.43 34.44 58.96
N LYS M 70 -1.16 34.04 58.88
CA LYS M 70 -0.83 32.62 58.93
C LYS M 70 -0.85 32.11 60.37
N PHE M 71 -0.88 33.03 61.35
CA PHE M 71 -0.79 32.59 62.74
C PHE M 71 -2.13 32.68 63.46
N ILE M 72 -2.95 33.70 63.16
CA ILE M 72 -4.30 33.74 63.71
C ILE M 72 -5.15 32.62 63.13
N ARG M 73 -5.11 32.44 61.82
CA ARG M 73 -5.63 31.25 61.19
C ARG M 73 -4.57 30.17 61.22
N TYR M 74 -4.94 28.98 60.74
CA TYR M 74 -4.01 27.96 60.26
C TYR M 74 -3.10 27.40 61.37
N ARG M 75 -3.56 27.42 62.61
CA ARG M 75 -2.77 26.86 63.70
C ARG M 75 -2.80 25.34 63.66
N LYS M 76 -3.98 24.76 63.41
CA LYS M 76 -4.13 23.31 63.44
C LYS M 76 -3.44 22.66 62.25
N VAL M 77 -3.23 23.42 61.19
CA VAL M 77 -2.66 22.86 59.96
C VAL M 77 -1.15 22.80 60.06
N LEU M 78 -0.56 23.87 60.58
CA LEU M 78 0.89 23.98 60.55
C LEU M 78 1.54 23.17 61.66
N ARG M 79 0.75 22.67 62.61
CA ARG M 79 1.26 21.65 63.53
C ARG M 79 1.59 20.38 62.76
N TRP M 80 0.82 20.10 61.71
CA TRP M 80 1.03 18.90 60.92
C TRP M 80 1.95 19.18 59.73
N SER M 81 1.88 20.38 59.18
CA SER M 81 2.62 20.69 57.95
C SER M 81 4.12 20.76 58.20
N ARG M 82 4.51 21.46 59.27
CA ARG M 82 5.91 21.49 59.67
C ARG M 82 6.34 20.11 60.17
N MET M 83 5.38 19.31 60.64
CA MET M 83 5.66 17.93 61.00
C MET M 83 5.92 17.10 59.76
N TRP M 84 5.32 17.46 58.63
CA TRP M 84 5.62 16.75 57.38
C TRP M 84 6.85 17.32 56.71
N TRP M 85 7.08 18.63 56.84
CA TRP M 85 8.14 19.28 56.09
C TRP M 85 9.52 18.86 56.59
N VAL M 86 9.62 18.62 57.89
CA VAL M 86 10.84 18.06 58.45
C VAL M 86 11.09 16.65 57.88
N LEU M 87 10.04 15.90 57.58
CA LEU M 87 10.26 14.55 57.08
C LEU M 87 10.62 14.54 55.59
N LEU M 88 10.32 15.63 54.86
CA LEU M 88 10.87 15.76 53.51
C LEU M 88 12.34 16.14 53.55
N VAL M 89 12.69 17.06 54.44
CA VAL M 89 14.06 17.54 54.56
C VAL M 89 14.97 16.40 55.03
N ARG M 90 14.43 15.45 55.79
CA ARG M 90 15.22 14.31 56.20
C ARG M 90 15.34 13.26 55.10
N GLU M 91 14.36 13.19 54.20
CA GLU M 91 14.38 12.13 53.19
C GLU M 91 15.00 12.60 51.88
N ILE M 92 14.79 13.86 51.51
CA ILE M 92 15.37 14.37 50.27
C ILE M 92 16.87 14.56 50.44
N VAL M 93 17.28 15.04 51.62
CA VAL M 93 18.70 15.25 51.88
C VAL M 93 19.37 13.95 52.32
N GLY M 94 18.83 13.31 53.35
CA GLY M 94 19.41 12.08 53.84
C GLY M 94 20.65 12.27 54.69
N ASP M 95 20.55 13.08 55.73
CA ASP M 95 21.54 13.32 56.78
C ASP M 95 22.84 13.94 56.27
N ASN M 96 22.79 14.83 55.29
CA ASN M 96 24.00 15.45 54.74
C ASN M 96 23.79 16.97 54.69
N THR M 97 24.40 17.66 55.66
CA THR M 97 23.96 18.86 56.42
C THR M 97 23.11 19.79 55.54
N ILE M 98 21.92 20.16 56.01
CA ILE M 98 20.92 20.87 55.21
C ILE M 98 21.22 22.37 55.27
N GLU M 99 21.18 23.03 54.11
CA GLU M 99 21.38 24.47 54.04
C GLU M 99 20.16 25.17 54.64
N LYS M 100 20.39 25.99 55.65
CA LYS M 100 19.29 26.53 56.46
C LYS M 100 18.57 27.67 55.73
N LYS M 101 19.26 28.35 54.82
CA LYS M 101 18.72 29.59 54.27
C LYS M 101 17.63 29.32 53.24
N THR M 102 17.82 28.31 52.40
CA THR M 102 16.82 28.02 51.38
C THR M 102 15.95 26.83 51.76
N GLU M 103 16.15 26.29 52.96
CA GLU M 103 15.17 25.37 53.51
C GLU M 103 13.96 26.13 54.03
N LYS M 104 14.19 27.35 54.51
CA LYS M 104 13.08 28.19 54.94
C LYS M 104 12.44 28.91 53.77
N ALA M 105 13.15 29.02 52.65
CA ALA M 105 12.57 29.63 51.45
C ALA M 105 11.65 28.66 50.75
N LEU M 106 11.91 27.35 50.89
CA LEU M 106 11.01 26.36 50.34
C LEU M 106 9.99 25.90 51.37
N ARG M 107 10.21 26.24 52.64
CA ARG M 107 9.19 26.01 53.66
C ARG M 107 7.98 26.90 53.42
N GLU M 108 8.21 28.09 52.85
CA GLU M 108 7.11 28.99 52.53
C GLU M 108 6.29 28.46 51.36
N ILE M 109 6.94 27.78 50.42
CA ILE M 109 6.20 27.16 49.31
C ILE M 109 5.51 25.90 49.79
N TRP M 110 6.09 25.23 50.79
CA TRP M 110 5.40 24.11 51.42
C TRP M 110 4.21 24.58 52.23
N ASP M 111 4.31 25.75 52.85
CA ASP M 111 3.16 26.27 53.60
C ASP M 111 2.06 26.76 52.67
N GLN M 112 2.40 27.10 51.43
CA GLN M 112 1.36 27.49 50.49
C GLN M 112 0.61 26.30 49.92
N CYS M 113 1.24 25.11 49.90
CA CYS M 113 0.50 23.90 49.54
C CYS M 113 -0.52 23.53 50.60
N THR M 114 -0.17 23.74 51.87
CA THR M 114 -1.05 23.32 52.96
C THR M 114 -2.25 24.24 53.08
N ILE M 115 -2.04 25.54 52.90
CA ILE M 115 -3.15 26.49 52.89
C ILE M 115 -4.07 26.22 51.72
N ALA M 116 -3.51 25.80 50.58
CA ALA M 116 -4.32 25.52 49.41
C ALA M 116 -5.10 24.22 49.56
N VAL M 117 -4.56 23.26 50.32
CA VAL M 117 -5.28 21.99 50.52
C VAL M 117 -6.33 22.15 51.62
N TYR M 118 -5.94 22.77 52.74
CA TYR M 118 -6.83 22.92 53.89
C TYR M 118 -8.04 23.79 53.57
N ASN M 119 -7.91 24.73 52.63
CA ASN M 119 -9.07 25.49 52.20
C ASN M 119 -10.00 24.67 51.32
N ASN M 120 -9.55 23.51 50.86
CA ASN M 120 -10.36 22.66 50.01
C ASN M 120 -10.92 21.44 50.74
N THR M 121 -10.81 21.39 52.07
CA THR M 121 -11.26 20.25 52.84
C THR M 121 -12.40 20.64 53.76
N LEU M 122 -13.35 19.73 53.93
CA LEU M 122 -14.35 19.87 54.97
C LEU M 122 -14.01 18.99 56.17
N ASN M 123 -13.27 17.91 55.93
CA ASN M 123 -12.79 17.06 57.01
C ASN M 123 -11.74 17.78 57.83
N ALA M 124 -11.71 17.49 59.14
CA ALA M 124 -10.71 18.10 60.00
C ALA M 124 -9.34 17.51 59.73
N VAL M 125 -8.30 18.25 60.12
CA VAL M 125 -6.94 17.76 59.93
C VAL M 125 -6.63 16.67 60.95
N GLU M 126 -7.18 16.82 62.16
CA GLU M 126 -6.96 15.83 63.21
C GLU M 126 -7.64 14.51 62.90
N SER M 127 -8.77 14.57 62.19
CA SER M 127 -9.56 13.36 61.96
C SER M 127 -8.88 12.43 60.98
N LYS M 128 -8.56 12.92 59.78
CA LYS M 128 -8.09 12.09 58.67
C LYS M 128 -6.84 12.70 58.07
N PRO M 129 -5.65 12.36 58.60
CA PRO M 129 -4.44 13.06 58.16
C PRO M 129 -3.85 12.55 56.85
N LEU M 130 -4.03 11.27 56.51
CA LEU M 130 -3.47 10.80 55.24
C LEU M 130 -4.26 11.24 54.01
N LEU M 131 -5.43 11.83 54.22
CA LEU M 131 -6.06 12.53 53.11
C LEU M 131 -5.26 13.77 52.75
N PHE M 132 -4.71 14.45 53.76
CA PHE M 132 -3.99 15.70 53.53
C PHE M 132 -2.64 15.47 52.85
N LEU M 133 -1.95 14.36 53.17
CA LEU M 133 -0.69 14.10 52.50
C LEU M 133 -0.89 13.70 51.04
N HIS M 134 -2.07 13.18 50.70
CA HIS M 134 -2.37 13.01 49.28
C HIS M 134 -2.74 14.34 48.64
N GLY M 135 -3.00 15.36 49.45
CA GLY M 135 -3.16 16.68 48.91
C GLY M 135 -1.83 17.41 48.88
N ILE M 136 -1.19 17.49 50.03
CA ILE M 136 -0.08 18.42 50.21
C ILE M 136 1.16 17.93 49.45
N LEU M 137 1.37 16.61 49.40
CA LEU M 137 2.49 16.10 48.62
C LEU M 137 2.18 16.17 47.12
N ASN M 138 0.94 15.89 46.74
CA ASN M 138 0.56 15.98 45.32
C ASN M 138 0.59 17.42 44.82
N GLU M 139 0.24 18.37 45.68
CA GLU M 139 0.28 19.76 45.24
C GLU M 139 1.69 20.31 45.19
N CYS M 140 2.51 20.04 46.21
CA CYS M 140 3.91 20.45 46.12
C CYS M 140 4.72 19.58 45.17
N ARG M 141 4.21 18.41 44.76
CA ARG M 141 4.77 17.76 43.58
C ARG M 141 4.58 18.65 42.36
N ASN M 142 3.40 19.27 42.26
CA ASN M 142 3.11 20.15 41.15
C ASN M 142 3.56 21.58 41.41
N ASN M 143 3.56 22.03 42.66
CA ASN M 143 3.95 23.40 42.96
C ASN M 143 5.45 23.61 42.76
N PHE M 144 6.26 22.62 43.17
CA PHE M 144 7.69 22.74 42.90
C PHE M 144 8.01 22.47 41.44
N ALA M 145 7.18 21.74 40.72
CA ALA M 145 7.46 21.47 39.31
C ALA M 145 7.10 22.62 38.39
N THR M 146 6.40 23.65 38.88
CA THR M 146 6.05 24.79 38.04
C THR M 146 6.95 25.99 38.27
N LYS M 147 7.77 25.96 39.33
CA LYS M 147 8.68 27.06 39.58
C LYS M 147 10.14 26.65 39.67
N LEU M 148 10.46 25.51 40.29
CA LEU M 148 11.85 25.07 40.42
C LEU M 148 12.24 24.51 39.06
N ARG M 149 13.16 25.17 38.36
CA ARG M 149 13.54 24.71 37.03
C ARG M 149 14.41 23.46 37.12
N GLN M 150 15.50 23.55 37.86
CA GLN M 150 16.48 22.47 37.91
C GLN M 150 16.74 22.06 39.34
N ASP M 151 16.49 20.79 39.63
CA ASP M 151 16.58 20.27 41.00
C ASP M 151 17.68 19.23 41.06
N PRO M 152 18.93 19.61 41.34
CA PRO M 152 19.97 18.59 41.49
C PRO M 152 19.88 17.86 42.82
N SER M 153 19.13 18.40 43.78
CA SER M 153 18.73 17.63 44.95
C SER M 153 17.47 16.82 44.68
N LEU M 154 16.87 16.97 43.49
CA LEU M 154 15.71 16.21 43.00
C LEU M 154 14.50 16.37 43.92
N ILE M 155 14.02 17.61 44.09
CA ILE M 155 12.89 17.83 44.99
C ILE M 155 11.61 17.31 44.36
N VAL M 156 11.40 17.59 43.07
CA VAL M 156 10.21 17.11 42.39
C VAL M 156 10.29 15.59 42.18
N ALA M 157 11.50 15.11 41.86
CA ALA M 157 11.66 13.70 41.47
C ALA M 157 11.54 12.76 42.65
N LYS M 158 11.80 13.25 43.86
CA LYS M 158 11.69 12.40 45.05
C LYS M 158 10.28 12.44 45.61
N ILE M 159 9.61 13.60 45.51
CA ILE M 159 8.21 13.70 45.91
C ILE M 159 7.32 12.89 44.96
N ASP M 160 7.79 12.65 43.72
CA ASP M 160 7.19 11.68 42.83
C ASP M 160 7.10 10.29 43.47
N GLN M 161 8.23 9.78 43.95
CA GLN M 161 8.26 8.38 44.38
C GLN M 161 8.01 8.24 45.87
N ILE M 162 7.81 9.34 46.58
CA ILE M 162 7.17 9.23 47.89
C ILE M 162 5.69 8.97 47.69
N ILE M 163 5.10 9.54 46.66
CA ILE M 163 3.68 9.33 46.35
C ILE M 163 3.51 8.04 45.57
N LYS M 164 4.30 7.85 44.50
CA LYS M 164 4.09 6.72 43.61
C LYS M 164 4.63 5.40 44.16
N SER M 165 5.24 5.41 45.34
CA SER M 165 5.56 4.18 46.04
C SER M 165 5.03 4.17 47.47
N GLN M 166 4.30 5.22 47.86
CA GLN M 166 3.53 5.35 49.08
C GLN M 166 4.37 5.21 50.34
N ILE M 167 5.52 5.89 50.41
CA ILE M 167 6.36 5.89 51.61
C ILE M 167 5.74 6.74 52.71
N TYR M 168 4.77 7.59 52.35
CA TYR M 168 4.14 8.49 53.31
C TYR M 168 3.16 7.80 54.26
N ARG M 169 3.11 6.46 54.22
CA ARG M 169 2.55 5.64 55.28
C ARG M 169 3.20 5.93 56.62
N PHE M 170 4.54 5.76 56.66
CA PHE M 170 5.30 5.78 57.91
C PHE M 170 5.40 7.17 58.49
N TRP M 171 5.13 8.17 57.66
CA TRP M 171 4.99 9.56 58.07
C TRP M 171 3.85 9.69 59.09
N VAL M 172 2.84 8.83 58.99
CA VAL M 172 1.88 8.67 60.07
C VAL M 172 2.24 7.42 60.87
N SER M 173 2.71 7.63 62.09
CA SER M 173 2.98 6.51 62.99
C SER M 173 2.55 6.93 64.38
N GLU M 174 2.88 6.09 65.35
CA GLU M 174 2.63 6.42 66.76
C GLU M 174 3.33 7.68 67.26
N PRO M 175 4.62 7.96 66.98
CA PRO M 175 5.17 9.22 67.51
C PRO M 175 4.75 10.43 66.70
N TYR M 176 4.33 10.24 65.45
CA TYR M 176 4.03 11.40 64.60
C TYR M 176 2.61 11.89 64.82
N LEU M 177 1.74 11.03 65.36
CA LEU M 177 0.38 11.46 65.68
C LEU M 177 0.31 12.10 67.05
N LYS M 178 1.28 11.81 67.93
CA LYS M 178 1.28 12.42 69.26
C LYS M 178 1.65 13.89 69.18
N ILE M 179 2.66 14.21 68.38
CA ILE M 179 3.09 15.61 68.23
C ILE M 179 2.08 16.35 67.35
N GLY M 180 1.46 15.65 66.41
CA GLY M 180 0.40 16.20 65.59
C GLY M 180 -0.84 16.58 66.37
N ARG M 181 -1.20 15.78 67.38
CA ARG M 181 -2.40 16.09 68.14
C ARG M 181 -2.10 17.05 69.29
N SER M 182 -0.81 17.30 69.55
CA SER M 182 -0.42 18.07 70.72
C SER M 182 -0.67 19.55 70.52
N HIS M 183 -0.89 20.26 71.62
CA HIS M 183 -1.11 21.70 71.60
C HIS M 183 0.23 22.41 71.67
N THR M 184 0.99 22.35 70.59
CA THR M 184 2.25 23.07 70.50
C THR M 184 2.16 24.00 69.30
N LEU M 185 2.74 25.19 69.44
CA LEU M 185 2.80 26.12 68.32
C LEU M 185 3.74 25.59 67.26
N TYR M 186 3.47 25.94 66.00
CA TYR M 186 4.20 25.35 64.89
C TYR M 186 5.62 25.89 64.79
N THR M 187 5.89 27.05 65.39
CA THR M 187 7.25 27.57 65.38
C THR M 187 8.15 26.80 66.33
N HIS M 188 7.56 26.11 67.30
CA HIS M 188 8.34 25.28 68.22
C HIS M 188 8.68 23.92 67.64
N ILE M 189 8.07 23.53 66.53
CA ILE M 189 8.38 22.25 65.88
C ILE M 189 9.68 22.42 65.11
N THR M 190 10.75 21.87 65.65
CA THR M 190 12.09 21.91 65.08
C THR M 190 12.44 20.53 64.58
N PRO M 191 13.49 20.35 63.76
CA PRO M 191 13.95 18.97 63.46
C PRO M 191 14.53 18.24 64.65
N ASP M 192 14.88 18.95 65.73
CA ASP M 192 15.26 18.25 66.96
C ASP M 192 14.05 17.62 67.64
N ALA M 193 12.88 18.23 67.52
CA ALA M 193 11.69 17.76 68.22
C ALA M 193 10.94 16.69 67.45
N VAL M 194 11.30 16.42 66.20
CA VAL M 194 10.64 15.43 65.37
C VAL M 194 11.44 14.14 65.45
N PRO M 195 10.83 13.01 65.81
CA PRO M 195 11.60 11.76 65.87
C PRO M 195 11.88 11.21 64.48
N GLN M 196 13.04 10.60 64.33
CA GLN M 196 13.47 10.13 63.02
C GLN M 196 12.79 8.82 62.67
N LEU M 197 12.51 8.66 61.37
CA LEU M 197 12.01 7.40 60.83
C LEU M 197 13.08 6.33 60.95
N PRO M 198 12.67 5.07 61.12
CA PRO M 198 13.65 3.98 61.07
C PRO M 198 14.18 3.78 59.65
N LYS M 199 15.28 3.03 59.55
CA LYS M 199 16.01 2.95 58.29
C LYS M 199 15.28 2.15 57.22
N GLU M 200 14.22 1.43 57.59
CA GLU M 200 13.41 0.74 56.58
C GLU M 200 12.50 1.68 55.83
N CYS M 201 12.30 2.90 56.33
CA CYS M 201 11.21 3.76 55.89
C CYS M 201 11.65 4.98 55.10
N THR M 202 12.90 5.02 54.63
CA THR M 202 13.42 6.21 53.96
C THR M 202 13.61 5.96 52.47
N LEU M 203 13.89 7.04 51.73
CA LEU M 203 14.23 6.91 50.31
C LEU M 203 15.61 6.33 50.10
N LYS M 204 16.51 6.50 51.07
CA LYS M 204 17.86 5.97 50.93
C LYS M 204 17.86 4.45 50.90
N HIS M 205 16.95 3.84 51.66
CA HIS M 205 16.83 2.38 51.62
C HIS M 205 16.11 1.93 50.37
N LEU M 206 14.97 2.57 50.05
CA LEU M 206 14.09 2.07 49.01
C LEU M 206 14.68 2.27 47.62
N SER M 207 15.52 3.30 47.43
CA SER M 207 16.19 3.46 46.15
C SER M 207 17.36 2.48 46.02
N SER M 208 18.05 2.21 47.12
CA SER M 208 19.16 1.25 47.09
C SER M 208 18.64 -0.18 47.01
N TYR M 209 17.42 -0.41 47.48
CA TYR M 209 16.84 -1.75 47.43
C TYR M 209 16.41 -2.09 46.01
N MET M 210 16.13 -1.08 45.18
CA MET M 210 15.80 -1.35 43.79
C MET M 210 17.03 -1.72 42.98
N GLU M 211 18.20 -1.18 43.33
CA GLU M 211 19.42 -1.62 42.68
C GLU M 211 19.88 -2.98 43.20
N GLU M 212 19.35 -3.40 44.35
CA GLU M 212 19.53 -4.78 44.77
C GLU M 212 18.64 -5.71 43.94
N LYS M 213 17.56 -5.17 43.39
CA LYS M 213 16.73 -5.97 42.49
C LYS M 213 17.09 -5.73 41.02
N LEU M 214 16.92 -4.48 40.55
CA LEU M 214 16.88 -4.23 39.11
C LEU M 214 18.26 -4.32 38.47
N LYS M 215 19.33 -4.03 39.20
CA LYS M 215 20.67 -4.27 38.68
C LYS M 215 20.99 -5.76 38.71
N SER M 216 20.66 -6.35 39.86
CA SER M 216 20.83 -7.77 40.16
C SER M 216 19.89 -8.64 39.34
N MET M 217 18.67 -8.15 39.13
CA MET M 217 17.67 -8.89 38.38
C MET M 217 18.18 -9.16 36.99
N GLU M 218 18.83 -8.18 36.40
CA GLU M 218 19.40 -8.38 35.07
C GLU M 218 20.76 -9.04 35.10
N SER M 219 21.49 -8.97 36.22
CA SER M 219 22.80 -9.60 36.30
C SER M 219 22.71 -11.03 36.79
N LYS M 220 21.51 -11.60 36.82
CA LYS M 220 21.39 -13.05 36.87
C LYS M 220 20.26 -13.55 36.01
N LYS M 221 19.75 -12.72 35.09
CA LYS M 221 18.87 -13.22 34.04
C LYS M 221 19.72 -13.46 32.81
N ASN M 222 19.67 -14.70 32.29
CA ASN M 222 20.35 -15.17 31.09
C ASN M 222 21.86 -14.99 31.15
N ILE M 223 22.45 -14.93 32.34
CA ILE M 223 23.89 -14.74 32.45
C ILE M 223 24.41 -15.55 33.62
N GLU M 224 25.10 -16.65 33.33
CA GLU M 224 25.46 -17.56 34.41
C GLU M 224 26.78 -18.30 34.18
N SER M 225 27.73 -17.68 33.49
CA SER M 225 29.05 -18.28 33.36
C SER M 225 30.04 -17.71 34.35
N GLY M 226 30.01 -16.41 34.57
CA GLY M 226 30.93 -15.81 35.53
C GLY M 226 30.49 -16.07 36.95
N LYS M 227 31.50 -16.27 37.82
CA LYS M 227 31.40 -16.52 39.28
C LYS M 227 30.39 -17.61 39.64
N TYR M 228 30.36 -18.69 38.86
CA TYR M 228 29.75 -19.94 39.32
C TYR M 228 30.79 -21.05 39.39
N GLU M 229 31.98 -20.70 39.87
CA GLU M 229 33.11 -21.58 40.14
C GLU M 229 33.02 -22.05 41.60
N PHE M 230 33.69 -23.16 41.90
CA PHE M 230 33.32 -23.99 43.04
C PHE M 230 34.46 -24.96 43.34
N ASP M 231 34.85 -25.04 44.62
CA ASP M 231 36.16 -25.55 45.05
C ASP M 231 36.07 -26.92 45.74
N VAL M 232 36.86 -27.91 45.22
CA VAL M 232 36.54 -29.34 45.09
C VAL M 232 36.27 -30.05 46.43
N ASP M 233 35.41 -31.08 46.35
CA ASP M 233 35.20 -32.12 47.37
C ASP M 233 35.45 -33.50 46.76
N SER M 234 35.90 -34.44 47.60
CA SER M 234 36.30 -35.78 47.17
C SER M 234 35.09 -36.70 47.02
N SER M 235 35.33 -37.92 46.56
CA SER M 235 34.26 -38.88 46.30
C SER M 235 34.79 -40.30 46.42
N GLU M 236 34.22 -41.09 47.32
CA GLU M 236 34.63 -42.47 47.52
C GLU M 236 33.46 -43.43 47.36
N ALA N 648 49.71 -0.76 50.16
CA ALA N 648 49.89 -0.19 51.49
C ALA N 648 51.25 0.45 51.64
N VAL N 669 49.63 0.17 45.55
CA VAL N 669 49.20 0.57 46.88
C VAL N 669 47.69 0.70 46.93
N LYS N 670 47.15 1.52 46.02
CA LYS N 670 45.71 1.77 45.99
C LYS N 670 44.95 0.57 45.45
N ASP N 671 45.49 -0.10 44.43
CA ASP N 671 44.85 -1.30 43.91
C ASP N 671 45.09 -2.49 44.82
N ILE N 672 46.13 -2.42 45.66
CA ILE N 672 46.40 -3.45 46.65
C ILE N 672 45.32 -3.48 47.72
N LYS N 673 44.80 -2.30 48.07
CA LYS N 673 43.82 -2.20 49.15
C LYS N 673 42.45 -2.73 48.71
N LYS N 674 42.15 -2.69 47.41
CA LYS N 674 40.83 -3.12 46.96
C LYS N 674 40.66 -4.63 47.03
N LEU N 675 41.77 -5.38 47.09
CA LEU N 675 41.69 -6.83 47.14
C LEU N 675 41.87 -7.35 48.57
N ILE N 676 42.79 -6.73 49.32
CA ILE N 676 43.19 -7.30 50.61
C ILE N 676 42.25 -6.83 51.73
N GLU N 677 41.78 -5.58 51.66
CA GLU N 677 40.99 -5.03 52.76
C GLU N 677 39.59 -5.63 52.80
N GLU N 678 39.16 -6.27 51.71
CA GLU N 678 37.95 -7.08 51.78
C GLU N 678 38.21 -8.42 52.46
N GLY N 679 39.45 -8.90 52.37
CA GLY N 679 39.77 -10.19 52.94
C GLY N 679 40.46 -10.11 54.29
N ILE N 680 41.49 -9.27 54.40
CA ILE N 680 42.39 -9.32 55.55
C ILE N 680 42.34 -8.04 56.36
N LEU N 681 42.68 -6.92 55.74
CA LEU N 681 42.94 -5.68 56.48
C LEU N 681 41.64 -4.99 56.86
N ASP N 682 41.54 -4.59 58.12
CA ASP N 682 40.47 -3.73 58.57
C ASP N 682 40.83 -2.27 58.29
N TYR N 683 39.80 -1.42 58.23
CA TYR N 683 40.05 0.00 57.99
C TYR N 683 40.61 0.70 59.22
N GLU N 684 40.52 0.07 60.39
CA GLU N 684 40.93 0.70 61.64
C GLU N 684 42.43 0.86 61.72
N ASP N 685 43.20 -0.07 61.14
CA ASP N 685 44.64 0.02 61.11
C ASP N 685 45.07 0.52 59.73
N LEU N 686 44.93 1.82 59.51
CA LEU N 686 45.38 2.49 58.30
C LEU N 686 45.82 3.90 58.68
N THR N 687 46.91 4.35 58.08
CA THR N 687 47.48 5.64 58.46
C THR N 687 46.76 6.78 57.74
N GLU N 688 47.13 8.01 58.12
CA GLU N 688 46.51 9.20 57.53
C GLU N 688 46.92 9.39 56.07
N ASN N 689 48.14 8.98 55.70
CA ASN N 689 48.54 9.01 54.31
C ASN N 689 47.97 7.85 53.50
N GLU N 690 47.37 6.88 54.16
CA GLU N 690 46.74 5.76 53.46
C GLU N 690 45.24 5.94 53.31
N LEU N 691 44.58 6.60 54.26
CA LEU N 691 43.14 6.85 54.14
C LEU N 691 42.86 7.93 53.11
N ARG N 692 43.73 8.94 53.02
CA ARG N 692 43.46 10.06 52.12
C ARG N 692 43.69 9.66 50.67
N LYS N 693 44.55 8.66 50.43
CA LYS N 693 44.86 8.28 49.06
C LYS N 693 43.84 7.28 48.52
N LEU N 694 43.14 6.58 49.41
CA LEU N 694 42.03 5.74 48.98
C LEU N 694 40.80 6.58 48.68
N ALA N 695 40.74 7.77 49.28
CA ALA N 695 39.67 8.72 48.96
C ALA N 695 40.06 9.62 47.80
N LYS N 696 41.34 9.65 47.43
CA LYS N 696 41.78 10.31 46.21
C LYS N 696 41.15 9.65 44.99
N PRO N 697 40.94 10.39 43.90
CA PRO N 697 40.37 9.78 42.70
C PRO N 697 41.34 8.80 42.03
N ASP N 698 40.77 7.86 41.29
CA ASP N 698 41.52 6.74 40.72
C ASP N 698 42.23 7.18 39.45
N ASP N 699 42.84 6.23 38.75
CA ASP N 699 43.52 6.53 37.49
C ASP N 699 42.56 6.57 36.30
N ASN N 700 41.30 6.16 36.50
CA ASN N 700 40.29 6.43 35.49
C ASN N 700 39.93 7.90 35.47
N PHE N 701 40.03 8.56 36.62
CA PHE N 701 40.11 10.00 36.67
C PHE N 701 41.46 10.44 36.09
N TYR N 702 41.48 11.62 35.45
CA TYR N 702 42.51 12.14 34.56
C TYR N 702 42.69 11.31 33.29
N GLU N 703 41.78 10.38 33.03
CA GLU N 703 41.73 9.75 31.71
C GLU N 703 40.67 10.44 30.87
N LEU N 704 41.03 10.79 29.64
CA LEU N 704 40.17 11.63 28.82
C LEU N 704 39.05 10.81 28.21
N SER N 705 37.81 11.25 28.40
CA SER N 705 36.62 10.51 27.99
C SER N 705 35.57 11.44 27.43
N PRO N 706 35.40 11.47 26.10
CA PRO N 706 34.29 12.20 25.50
C PRO N 706 33.02 11.36 25.45
N TYR N 707 32.01 11.92 24.77
CA TYR N 707 30.77 11.25 24.38
C TYR N 707 29.95 10.72 25.56
N ALA N 708 29.40 11.61 26.37
CA ALA N 708 28.46 11.21 27.41
C ALA N 708 27.14 10.75 26.78
N SER N 709 26.47 9.84 27.47
CA SER N 709 25.25 9.21 26.98
C SER N 709 24.04 9.94 27.56
N ASP N 710 23.24 10.53 26.67
CA ASP N 710 22.08 11.31 27.11
C ASP N 710 20.95 10.40 27.56
N GLU N 711 20.22 10.85 28.57
CA GLU N 711 19.06 10.18 29.12
C GLU N 711 18.08 11.26 29.55
N LYS N 712 16.87 10.85 29.97
CA LYS N 712 15.90 11.80 30.51
C LYS N 712 16.42 12.38 31.82
N ASP N 713 16.74 13.68 31.80
CA ASP N 713 17.27 14.38 32.95
C ASP N 713 16.12 14.61 33.93
N LEU N 714 16.13 13.89 35.04
CA LEU N 714 15.14 14.13 36.08
C LEU N 714 15.46 15.37 36.90
N SER N 715 16.67 15.92 36.74
CA SER N 715 17.03 17.14 37.43
C SER N 715 16.26 18.34 36.88
N LEU N 716 16.25 18.50 35.57
CA LEU N 716 15.60 19.66 34.96
C LEU N 716 14.13 19.37 34.72
N ASN N 717 13.28 20.33 35.06
CA ASN N 717 11.84 20.21 34.94
C ASN N 717 11.39 20.99 33.71
N GLU N 718 10.92 20.28 32.69
CA GLU N 718 10.48 20.95 31.47
C GLU N 718 9.15 21.66 31.67
N THR N 719 8.39 21.24 32.69
CA THR N 719 7.10 21.86 32.98
C THR N 719 7.20 23.08 33.86
N SER N 720 8.41 23.64 34.04
CA SER N 720 8.57 24.74 34.98
C SER N 720 8.29 26.07 34.32
N GLY N 721 8.19 27.10 35.16
CA GLY N 721 7.85 28.43 34.69
C GLY N 721 8.51 29.48 35.54
N LEU N 722 8.08 30.71 35.35
CA LEU N 722 8.71 31.84 35.99
C LEU N 722 7.84 32.37 37.12
N THR N 723 8.50 33.00 38.10
CA THR N 723 7.81 33.65 39.21
C THR N 723 6.99 34.82 38.69
N ASN N 724 5.67 34.76 38.87
CA ASN N 724 4.79 35.71 38.19
C ASN N 724 4.76 37.05 38.91
N GLU N 725 5.02 37.05 40.22
CA GLU N 725 5.13 38.14 41.18
C GLU N 725 3.74 38.74 41.51
N GLN N 726 2.67 38.35 40.79
CA GLN N 726 1.32 38.67 41.26
C GLN N 726 0.69 37.46 41.93
N LEU N 727 1.19 36.26 41.62
CA LEU N 727 0.86 35.09 42.42
C LEU N 727 1.59 35.14 43.74
N LYS N 728 2.89 35.49 43.70
CA LYS N 728 3.71 35.55 44.90
C LYS N 728 3.23 36.65 45.85
N ASN N 729 2.61 37.70 45.31
CA ASN N 729 1.98 38.70 46.15
C ASN N 729 0.67 38.18 46.72
N PHE N 730 -0.14 37.52 45.91
CA PHE N 730 -1.46 37.07 46.37
C PHE N 730 -1.35 35.85 47.26
N LEU N 731 -0.39 34.98 46.98
CA LEU N 731 -0.14 33.86 47.89
C LEU N 731 0.66 34.29 49.11
N GLY N 732 1.32 35.45 49.04
CA GLY N 732 1.99 35.97 50.23
C GLY N 732 1.00 36.46 51.27
N GLN N 733 -0.06 37.13 50.83
CA GLN N 733 -1.16 37.44 51.74
C GLN N 733 -2.02 36.22 52.06
N ASN N 734 -1.68 35.51 53.13
CA ASN N 734 -2.15 34.16 53.48
C ASN N 734 -3.66 34.21 53.74
N GLY N 735 -4.41 33.25 53.25
CA GLY N 735 -5.83 33.22 53.54
C GLY N 735 -6.74 33.01 52.35
N THR N 736 -7.63 32.02 52.48
CA THR N 736 -8.76 31.64 51.60
C THR N 736 -8.43 31.74 50.10
N TYR N 737 -7.30 31.14 49.76
CA TYR N 737 -7.02 30.79 48.37
C TYR N 737 -6.96 29.28 48.25
N HIS N 738 -7.30 28.77 47.06
CA HIS N 738 -7.60 27.35 46.91
C HIS N 738 -6.63 26.62 46.00
N MET N 739 -5.81 27.32 45.23
CA MET N 739 -4.74 26.68 44.46
C MET N 739 -3.50 27.57 44.53
N SER N 740 -2.36 26.93 44.72
CA SER N 740 -1.13 27.65 45.04
C SER N 740 -0.07 27.57 43.96
N TYR N 741 -0.44 27.36 42.71
CA TYR N 741 0.50 27.39 41.60
C TYR N 741 -0.21 27.79 40.32
N ASP N 742 0.45 27.58 39.18
CA ASP N 742 -0.03 28.21 37.95
C ASP N 742 -0.83 27.23 37.10
N SER N 743 -0.36 25.99 36.99
CA SER N 743 -1.05 24.85 36.35
C SER N 743 -1.29 25.06 34.86
N LYS N 744 -0.58 25.97 34.23
CA LYS N 744 -0.73 26.17 32.78
C LYS N 744 0.27 25.28 32.04
N SER N 745 1.49 25.23 32.54
CA SER N 745 2.54 24.48 31.86
C SER N 745 2.50 23.00 32.24
N ILE N 746 1.96 22.71 33.42
CA ILE N 746 1.76 21.34 33.87
C ILE N 746 0.62 20.60 33.13
N ASP N 747 -0.51 21.28 32.94
CA ASP N 747 -1.67 20.70 32.25
C ASP N 747 -1.33 20.42 30.81
N TYR N 748 -0.67 21.40 30.20
CA TYR N 748 -0.16 21.33 28.84
C TYR N 748 0.78 20.15 28.67
N ALA N 749 1.52 19.81 29.72
CA ALA N 749 2.43 18.68 29.64
C ALA N 749 1.67 17.36 29.70
N LYS N 750 0.64 17.29 30.54
CA LYS N 750 -0.12 16.05 30.68
C LYS N 750 -0.92 15.75 29.42
N GLN N 751 -1.33 16.79 28.70
CA GLN N 751 -2.02 16.60 27.43
C GLN N 751 -1.11 15.95 26.40
N LYS N 752 0.19 16.27 26.42
CA LYS N 752 1.13 15.68 25.47
C LYS N 752 1.30 14.18 25.71
N LYS N 753 1.36 13.78 26.97
CA LYS N 753 1.47 12.35 27.27
C LYS N 753 0.20 11.59 26.91
N SER N 754 -0.93 12.27 26.85
CA SER N 754 -2.15 11.63 26.40
C SER N 754 -2.20 11.50 24.89
N GLU N 755 -1.40 12.28 24.17
CA GLU N 755 -1.48 12.32 22.71
C GLU N 755 -0.35 11.61 22.00
N LYS N 756 0.78 11.35 22.67
CA LYS N 756 1.91 10.72 22.02
C LYS N 756 1.67 9.25 21.70
N LYS N 757 0.92 8.54 22.55
CA LYS N 757 0.82 7.08 22.55
C LYS N 757 2.22 6.45 22.57
N GLU N 758 2.97 6.79 23.61
CA GLU N 758 4.22 6.11 23.91
C GLU N 758 4.15 5.44 25.28
N ASP N 759 4.04 4.12 25.30
CA ASP N 759 3.70 3.42 26.53
C ASP N 759 4.70 2.31 26.83
N GLN N 760 5.22 1.67 25.78
CA GLN N 760 5.77 0.32 25.84
C GLN N 760 7.04 0.23 26.70
N GLN N 761 7.86 1.28 26.72
CA GLN N 761 9.00 1.31 27.63
C GLN N 761 8.88 2.47 28.62
N GLU N 762 8.00 3.43 28.36
CA GLU N 762 7.82 4.56 29.27
C GLU N 762 7.08 4.11 30.54
N ASP N 763 6.41 2.96 30.47
CA ASP N 763 5.93 2.26 31.66
C ASP N 763 7.06 1.78 32.57
N ASP N 764 8.29 1.70 32.05
CA ASP N 764 9.46 1.43 32.89
C ASP N 764 10.30 2.67 33.16
N ASP N 765 10.23 3.68 32.28
CA ASP N 765 11.15 4.81 32.35
C ASP N 765 10.85 5.70 33.56
N GLY N 766 9.58 5.94 33.86
CA GLY N 766 9.23 6.65 35.07
C GLY N 766 9.37 5.81 36.32
N PHE N 767 9.48 4.49 36.15
CA PHE N 767 9.38 3.57 37.28
C PHE N 767 10.68 2.84 37.59
N TYR N 768 11.56 2.71 36.62
CA TYR N 768 12.91 2.24 36.94
C TYR N 768 13.88 3.38 37.17
N ASP N 769 13.96 4.30 36.21
CA ASP N 769 15.17 5.05 35.96
C ASP N 769 15.46 6.07 37.06
N ALA N 770 14.44 6.46 37.80
CA ALA N 770 14.65 7.39 38.90
C ALA N 770 15.45 6.76 40.03
N TYR N 771 15.28 5.46 40.27
CA TYR N 771 15.99 4.84 41.38
C TYR N 771 17.48 5.01 41.13
N LYS N 772 17.89 4.86 39.88
CA LYS N 772 19.28 5.03 39.49
C LYS N 772 19.80 6.46 39.71
N GLN N 773 18.96 7.46 39.43
CA GLN N 773 19.39 8.84 39.54
C GLN N 773 19.08 9.41 40.92
N ILE N 774 18.12 8.82 41.62
CA ILE N 774 17.79 9.29 42.97
C ILE N 774 18.85 8.83 43.96
N LYS N 775 19.34 7.60 43.82
CA LYS N 775 20.42 7.12 44.67
C LYS N 775 21.72 7.86 44.38
N ASN N 776 21.93 8.29 43.13
CA ASN N 776 23.13 9.04 42.81
C ASN N 776 23.10 10.44 43.41
N SER N 777 21.91 10.95 43.74
CA SER N 777 21.79 12.21 44.45
C SER N 777 22.27 12.12 45.89
N TYR N 778 22.30 10.92 46.48
CA TYR N 778 22.83 10.78 47.82
C TYR N 778 24.33 10.55 47.82
N ASP N 779 24.94 10.48 46.65
CA ASP N 779 26.37 10.28 46.52
C ASP N 779 27.07 11.45 45.86
N GLY N 780 26.36 12.54 45.58
CA GLY N 780 26.95 13.68 44.90
C GLY N 780 27.08 13.52 43.41
N ILE N 781 26.42 12.53 42.82
CA ILE N 781 26.60 12.22 41.41
C ILE N 781 25.38 12.69 40.64
N PRO N 782 25.53 13.52 39.61
CA PRO N 782 24.38 13.88 38.78
C PRO N 782 23.97 12.75 37.84
N ASN N 783 23.05 13.10 36.94
CA ASN N 783 22.25 12.15 36.15
C ASN N 783 23.07 11.22 35.26
N ASN N 784 23.75 11.78 34.27
CA ASN N 784 24.48 10.98 33.29
C ASN N 784 25.96 10.92 33.60
N PHE N 785 26.32 11.04 34.87
CA PHE N 785 27.72 11.20 35.23
C PHE N 785 28.33 9.85 35.56
N ASN N 786 29.06 9.28 34.60
CA ASN N 786 29.68 7.97 34.73
C ASN N 786 31.05 8.02 35.38
N HIS N 787 31.37 9.11 36.09
CA HIS N 787 32.70 9.30 36.64
C HIS N 787 32.65 9.59 38.14
N GLU N 788 33.78 10.02 38.69
CA GLU N 788 33.92 10.12 40.13
C GLU N 788 33.55 11.51 40.63
N ALA N 789 32.71 11.55 41.67
CA ALA N 789 32.19 12.79 42.21
C ALA N 789 32.39 12.82 43.72
N PRO N 790 32.75 13.96 44.30
CA PRO N 790 33.10 13.99 45.72
C PRO N 790 31.87 14.01 46.61
N GLN N 791 32.14 13.89 47.91
CA GLN N 791 31.11 13.88 48.94
C GLN N 791 31.80 14.18 50.26
N LEU N 792 31.44 15.30 50.88
CA LEU N 792 32.06 15.74 52.12
C LEU N 792 31.54 14.90 53.27
N ILE N 793 32.45 14.21 53.95
CA ILE N 793 32.14 13.43 55.14
C ILE N 793 33.00 13.95 56.27
N GLY N 794 32.37 14.62 57.22
CA GLY N 794 33.13 15.25 58.28
C GLY N 794 33.85 16.48 57.77
N ASN N 795 35.16 16.38 57.62
CA ASN N 795 35.97 17.46 57.05
C ASN N 795 36.74 17.02 55.81
N ASN N 796 36.47 15.83 55.29
CA ASN N 796 37.21 15.27 54.17
C ASN N 796 36.27 14.90 53.04
N TYR N 797 36.77 14.99 51.81
CA TYR N 797 35.99 14.61 50.64
C TYR N 797 36.30 13.19 50.21
N VAL N 798 35.25 12.47 49.81
CA VAL N 798 35.36 11.10 49.32
C VAL N 798 34.77 11.06 47.92
N PHE N 799 35.60 10.71 46.94
CA PHE N 799 35.15 10.63 45.55
C PHE N 799 34.50 9.27 45.28
N THR N 800 33.19 9.27 45.09
CA THR N 800 32.42 8.06 44.86
C THR N 800 32.05 7.97 43.38
N SER N 801 31.62 6.78 42.97
CA SER N 801 31.37 6.52 41.55
C SER N 801 29.99 5.91 41.40
N ILE N 802 29.60 5.69 40.14
CA ILE N 802 28.47 4.81 39.86
C ILE N 802 28.82 3.39 40.25
N TYR N 803 30.04 2.96 39.91
CA TYR N 803 30.45 1.58 40.14
C TYR N 803 31.17 1.45 41.47
N ASP N 804 32.23 2.22 41.68
CA ASP N 804 32.98 2.22 42.92
C ASP N 804 32.24 3.12 43.91
N THR N 805 31.32 2.53 44.65
CA THR N 805 30.50 3.31 45.58
C THR N 805 31.29 3.75 46.81
N LYS N 806 32.32 2.96 47.17
CA LYS N 806 33.17 3.18 48.34
C LYS N 806 32.35 3.27 49.63
N GLU N 807 31.39 2.36 49.79
CA GLU N 807 30.44 2.44 50.90
C GLU N 807 31.10 2.10 52.24
N ASN N 808 32.11 1.24 52.21
CA ASN N 808 32.76 0.83 53.44
C ASN N 808 33.65 1.94 54.00
N LEU N 809 34.17 2.80 53.13
CA LEU N 809 34.87 3.99 53.61
C LEU N 809 33.90 4.98 54.24
N ILE N 810 32.67 5.06 53.71
CA ILE N 810 31.70 6.02 54.22
C ILE N 810 31.20 5.59 55.59
N LYS N 811 31.00 4.28 55.78
CA LYS N 811 30.60 3.77 57.09
C LYS N 811 31.73 3.90 58.11
N PHE N 812 32.98 3.88 57.64
CA PHE N 812 34.10 3.97 58.55
C PHE N 812 34.36 5.42 58.96
N LEU N 813 34.27 6.34 58.01
CA LEU N 813 34.60 7.74 58.31
C LEU N 813 33.50 8.43 59.09
N LYS N 814 32.26 7.98 58.94
CA LYS N 814 31.17 8.54 59.73
C LYS N 814 31.22 8.05 61.17
N LYS N 815 31.48 6.76 61.36
CA LYS N 815 31.42 6.19 62.70
C LYS N 815 32.67 6.48 63.50
N ASN N 816 33.85 6.26 62.93
CA ASN N 816 35.09 6.39 63.70
C ASN N 816 35.50 7.86 63.83
N SER N 817 35.41 8.61 62.73
CA SER N 817 35.89 10.00 62.72
C SER N 817 34.78 11.00 63.01
N GLU N 818 33.80 10.64 63.82
CA GLU N 818 32.78 11.59 64.25
C GLU N 818 33.39 12.65 65.17
N TYR N 819 34.12 12.21 66.18
CA TYR N 819 34.84 13.10 67.10
C TYR N 819 36.34 12.96 66.91
N ASP N 820 36.75 12.32 65.81
CA ASP N 820 38.15 12.12 65.49
C ASP N 820 38.44 12.74 64.13
N LEU N 821 39.72 13.04 63.89
CA LEU N 821 40.14 13.71 62.67
C LEU N 821 41.27 12.92 62.03
N TYR N 822 41.03 12.37 60.84
CA TYR N 822 42.04 11.71 60.04
C TYR N 822 41.96 12.25 58.61
N ASP N 823 42.98 13.00 58.21
CA ASP N 823 43.00 13.58 56.87
C ASP N 823 43.36 12.53 55.82
N ALA O 648 64.02 31.98 1.69
CA ALA O 648 64.74 32.76 2.69
C ALA O 648 65.41 33.98 2.07
N VAL O 669 60.57 32.04 -1.50
CA VAL O 669 61.00 32.40 -0.16
C VAL O 669 60.03 31.84 0.87
N LYS O 670 58.74 32.16 0.70
CA LYS O 670 57.72 31.73 1.63
C LYS O 670 57.43 30.23 1.48
N ASP O 671 57.39 29.74 0.24
CA ASP O 671 57.18 28.32 0.02
C ASP O 671 58.44 27.52 0.32
N ILE O 672 59.60 28.20 0.29
CA ILE O 672 60.87 27.56 0.64
C ILE O 672 60.90 27.21 2.12
N LYS O 673 60.28 28.06 2.95
CA LYS O 673 60.32 27.86 4.40
C LYS O 673 59.43 26.71 4.83
N LYS O 674 58.39 26.41 4.07
CA LYS O 674 57.46 25.36 4.48
C LYS O 674 58.06 23.96 4.34
N LEU O 675 59.12 23.83 3.52
CA LEU O 675 59.75 22.53 3.34
C LEU O 675 61.01 22.38 4.17
N ILE O 676 61.80 23.45 4.28
CA ILE O 676 63.13 23.34 4.87
C ILE O 676 63.07 23.49 6.38
N GLU O 677 62.17 24.36 6.89
CA GLU O 677 62.15 24.65 8.32
C GLU O 677 61.58 23.48 9.12
N GLU O 678 60.88 22.56 8.45
CA GLU O 678 60.52 21.31 9.11
C GLU O 678 61.72 20.37 9.18
N GLY O 679 62.65 20.50 8.22
CA GLY O 679 63.78 19.60 8.19
C GLY O 679 65.05 20.20 8.78
N ILE O 680 65.39 21.42 8.38
CA ILE O 680 66.72 21.96 8.65
C ILE O 680 66.66 23.19 9.54
N LEU O 681 65.96 24.23 9.08
CA LEU O 681 66.06 25.54 9.72
C LEU O 681 65.20 25.61 10.98
N ASP O 682 65.79 26.11 12.06
CA ASP O 682 65.03 26.45 13.25
C ASP O 682 64.43 27.84 13.10
N TYR O 683 63.38 28.11 13.88
CA TYR O 683 62.75 29.43 13.84
C TYR O 683 63.60 30.49 14.53
N GLU O 684 64.58 30.06 15.33
CA GLU O 684 65.36 31.00 16.13
C GLU O 684 66.28 31.85 15.26
N ASP O 685 66.78 31.29 14.17
CA ASP O 685 67.63 32.02 13.24
C ASP O 685 66.78 32.45 12.03
N LEU O 686 65.98 33.49 12.23
CA LEU O 686 65.18 34.09 11.17
C LEU O 686 65.08 35.59 11.45
N THR O 687 65.17 36.40 10.41
CA THR O 687 65.20 37.84 10.59
C THR O 687 63.79 38.40 10.73
N GLU O 688 63.73 39.71 11.03
CA GLU O 688 62.45 40.37 11.22
C GLU O 688 61.67 40.50 9.92
N ASN O 689 62.37 40.64 8.79
CA ASN O 689 61.68 40.64 7.51
C ASN O 689 61.33 39.24 7.03
N GLU O 690 61.81 38.20 7.71
CA GLU O 690 61.45 36.83 7.36
C GLU O 690 60.33 36.29 8.24
N LEU O 691 60.27 36.70 9.49
CA LEU O 691 59.18 36.25 10.37
C LEU O 691 57.86 36.90 9.99
N ARG O 692 57.90 38.18 9.58
CA ARG O 692 56.66 38.90 9.31
C ARG O 692 56.03 38.43 8.00
N LYS O 693 56.85 37.91 7.07
CA LYS O 693 56.32 37.50 5.78
C LYS O 693 55.77 36.08 5.83
N LEU O 694 56.23 35.29 6.79
CA LEU O 694 55.62 33.98 7.00
C LEU O 694 54.30 34.11 7.74
N ALA O 695 54.13 35.21 8.47
CA ALA O 695 52.84 35.50 9.09
C ALA O 695 51.93 36.29 8.17
N LYS O 696 52.48 36.84 7.07
CA LYS O 696 51.67 37.44 6.02
C LYS O 696 50.78 36.37 5.37
N PRO O 697 49.62 36.76 4.85
CA PRO O 697 48.75 35.79 4.18
C PRO O 697 49.35 35.28 2.88
N ASP O 698 48.92 34.07 2.50
CA ASP O 698 49.52 33.35 1.38
C ASP O 698 48.93 33.87 0.06
N ASP O 699 49.29 33.19 -1.04
CA ASP O 699 48.76 33.58 -2.34
C ASP O 699 47.37 33.00 -2.61
N ASN O 700 46.89 32.08 -1.75
CA ASN O 700 45.48 31.70 -1.81
C ASN O 700 44.61 32.83 -1.29
N PHE O 701 45.14 33.63 -0.37
CA PHE O 701 44.57 34.94 -0.09
C PHE O 701 44.85 35.84 -1.29
N TYR O 702 43.92 36.79 -1.55
CA TYR O 702 43.77 37.58 -2.77
C TYR O 702 43.42 36.74 -3.99
N GLU O 703 43.08 35.47 -3.80
CA GLU O 703 42.48 34.69 -4.87
C GLU O 703 40.97 34.68 -4.68
N LEU O 704 40.24 34.96 -5.76
CA LEU O 704 38.81 35.19 -5.66
C LEU O 704 38.08 33.86 -5.56
N SER O 705 37.24 33.70 -4.54
CA SER O 705 36.56 32.44 -4.25
C SER O 705 35.12 32.70 -3.80
N PRO O 706 34.16 32.44 -4.68
CA PRO O 706 32.75 32.48 -4.28
C PRO O 706 32.30 31.15 -3.68
N TYR O 707 30.98 31.08 -3.43
CA TYR O 707 30.25 29.86 -3.07
C TYR O 707 30.73 29.20 -1.78
N ALA O 708 30.53 29.86 -0.63
CA ALA O 708 30.80 29.24 0.65
C ALA O 708 29.77 28.14 0.93
N SER O 709 30.21 27.13 1.69
CA SER O 709 29.40 25.95 1.97
C SER O 709 28.70 26.13 3.31
N ASP O 710 27.37 26.14 3.29
CA ASP O 710 26.60 26.36 4.50
C ASP O 710 26.58 25.12 5.38
N GLU O 711 26.59 25.34 6.69
CA GLU O 711 26.54 24.31 7.70
C GLU O 711 25.72 24.87 8.86
N LYS O 712 25.42 24.02 9.85
CA LYS O 712 24.74 24.48 11.05
C LYS O 712 25.65 25.43 11.82
N ASP O 713 25.27 26.71 11.86
CA ASP O 713 26.05 27.74 12.53
C ASP O 713 25.85 27.57 14.04
N LEU O 714 26.91 27.11 14.71
CA LEU O 714 26.86 27.04 16.16
C LEU O 714 27.04 28.39 16.82
N SER O 715 27.45 29.39 16.04
CA SER O 715 27.59 30.74 16.58
C SER O 715 26.22 31.35 16.90
N LEU O 716 25.28 31.29 15.95
CA LEU O 716 23.98 31.91 16.14
C LEU O 716 23.04 30.94 16.85
N ASN O 717 22.31 31.47 17.83
CA ASN O 717 21.39 30.68 18.64
C ASN O 717 19.97 30.96 18.17
N GLU O 718 19.34 29.97 17.56
CA GLU O 718 17.97 30.16 17.06
C GLU O 718 16.97 30.21 18.21
N THR O 719 17.33 29.65 19.36
CA THR O 719 16.45 29.64 20.52
C THR O 719 16.56 30.91 21.36
N SER O 720 17.17 31.97 20.84
CA SER O 720 17.41 33.14 21.65
C SER O 720 16.21 34.08 21.61
N GLY O 721 16.24 35.07 22.51
CA GLY O 721 15.14 36.00 22.64
C GLY O 721 15.65 37.36 23.06
N LEU O 722 14.71 38.21 23.45
CA LEU O 722 15.02 39.60 23.74
C LEU O 722 14.99 39.84 25.25
N THR O 723 15.76 40.84 25.69
CA THR O 723 15.76 41.25 27.09
C THR O 723 14.39 41.83 27.44
N ASN O 724 13.72 41.20 28.40
CA ASN O 724 12.32 41.52 28.66
C ASN O 724 12.17 42.79 29.49
N GLU O 725 13.18 43.11 30.29
CA GLU O 725 13.40 44.27 31.16
C GLU O 725 12.48 44.20 32.41
N GLN O 726 11.53 43.27 32.48
CA GLN O 726 10.85 43.00 33.74
C GLN O 726 11.43 41.75 34.40
N LEU O 727 12.05 40.88 33.61
CA LEU O 727 12.88 39.83 34.19
C LEU O 727 14.18 40.42 34.71
N LYS O 728 14.80 41.31 33.93
CA LYS O 728 16.06 41.93 34.32
C LYS O 728 15.90 42.81 35.55
N ASN O 729 14.70 43.36 35.75
CA ASN O 729 14.41 44.09 36.97
C ASN O 729 14.20 43.13 38.14
N PHE O 730 13.46 42.04 37.91
CA PHE O 730 13.14 41.12 38.99
C PHE O 730 14.32 40.23 39.35
N LEU O 731 15.12 39.86 38.35
CA LEU O 731 16.35 39.14 38.65
C LEU O 731 17.45 40.07 39.14
N GLY O 732 17.32 41.37 38.90
CA GLY O 732 18.27 42.32 39.46
C GLY O 732 18.11 42.45 40.96
N GLN O 733 16.87 42.48 41.44
CA GLN O 733 16.64 42.40 42.88
C GLN O 733 16.85 40.98 43.42
N ASN O 734 18.07 40.70 43.86
CA ASN O 734 18.60 39.35 44.15
C ASN O 734 17.81 38.74 45.31
N GLY O 735 17.44 37.47 45.24
CA GLY O 735 16.76 36.84 46.34
C GLY O 735 15.52 36.06 45.99
N THR O 736 15.48 34.80 46.47
CA THR O 736 14.37 33.82 46.45
C THR O 736 13.56 33.82 45.14
N TYR O 737 14.30 33.76 44.04
CA TYR O 737 13.73 33.37 42.76
C TYR O 737 14.36 32.05 42.33
N HIS O 738 13.59 31.28 41.57
CA HIS O 738 13.93 29.88 41.35
C HIS O 738 14.27 29.54 39.91
N MET O 739 13.98 30.41 38.95
CA MET O 739 14.41 30.22 37.58
C MET O 739 14.84 31.56 37.01
N SER O 740 15.96 31.57 36.30
CA SER O 740 16.62 32.81 35.90
C SER O 740 16.61 33.07 34.41
N TYR O 741 15.65 32.52 33.66
CA TYR O 741 15.51 32.79 32.24
C TYR O 741 14.06 32.62 31.83
N ASP O 742 13.82 32.58 30.52
CA ASP O 742 12.45 32.72 30.04
C ASP O 742 11.84 31.36 29.72
N SER O 743 12.61 30.46 29.09
CA SER O 743 12.26 29.06 28.82
C SER O 743 11.05 28.90 27.90
N LYS O 744 10.67 29.93 27.15
CA LYS O 744 9.57 29.81 26.22
C LYS O 744 10.09 29.37 24.86
N SER O 745 11.20 29.96 24.44
CA SER O 745 11.74 29.67 23.12
C SER O 745 12.62 28.43 23.13
N ILE O 746 13.07 28.02 24.32
CA ILE O 746 14.00 26.89 24.38
C ILE O 746 13.24 25.59 24.64
N ASP O 747 12.00 25.70 25.10
CA ASP O 747 11.12 24.53 25.12
C ASP O 747 10.50 24.32 23.75
N TYR O 748 10.24 25.42 23.06
CA TYR O 748 9.62 25.35 21.73
C TYR O 748 10.55 24.61 20.79
N ALA O 749 11.83 24.91 20.93
CA ALA O 749 12.87 24.30 20.13
C ALA O 749 12.97 22.80 20.39
N LYS O 750 12.81 22.40 21.65
CA LYS O 750 12.96 20.98 21.98
C LYS O 750 11.78 20.17 21.46
N GLN O 751 10.61 20.78 21.40
CA GLN O 751 9.43 20.11 20.84
C GLN O 751 9.62 19.82 19.35
N LYS O 752 10.31 20.70 18.63
CA LYS O 752 10.54 20.48 17.21
C LYS O 752 11.45 19.29 16.97
N LYS O 753 12.48 19.13 17.79
CA LYS O 753 13.37 17.98 17.64
C LYS O 753 12.68 16.68 18.02
N SER O 754 11.63 16.74 18.82
CA SER O 754 10.84 15.55 19.12
C SER O 754 9.90 15.20 17.99
N GLU O 755 9.60 16.15 17.11
CA GLU O 755 8.59 15.94 16.08
C GLU O 755 9.15 15.73 14.69
N LYS O 756 10.40 16.13 14.43
CA LYS O 756 10.97 16.00 13.10
C LYS O 756 11.24 14.56 12.70
N LYS O 757 11.63 13.71 13.66
CA LYS O 757 12.21 12.39 13.43
C LYS O 757 13.37 12.48 12.44
N GLU O 758 14.37 13.28 12.81
CA GLU O 758 15.65 13.30 12.11
C GLU O 758 16.77 12.87 13.04
N ASP O 759 17.30 11.68 12.85
CA ASP O 759 18.18 11.08 13.84
C ASP O 759 19.49 10.61 13.21
N GLN O 760 19.42 10.14 11.96
CA GLN O 760 20.40 9.22 11.38
C GLN O 760 21.78 9.85 11.21
N GLN O 761 21.85 11.14 10.92
CA GLN O 761 23.13 11.83 10.90
C GLN O 761 23.19 12.94 11.95
N GLU O 762 22.05 13.34 12.52
CA GLU O 762 22.03 14.37 13.54
C GLU O 762 22.59 13.82 14.86
N ASP O 763 22.63 12.51 15.00
CA ASP O 763 23.40 11.83 16.04
C ASP O 763 24.91 12.07 15.91
N ASP O 764 25.41 12.49 14.77
CA ASP O 764 26.87 12.65 14.69
C ASP O 764 27.48 13.81 13.93
N ASP O 765 26.72 14.40 13.01
CA ASP O 765 27.25 15.53 12.25
C ASP O 765 27.51 16.71 13.19
N GLY O 766 26.58 16.92 14.13
CA GLY O 766 26.70 17.96 15.12
C GLY O 766 27.88 17.71 16.05
N PHE O 767 28.05 16.46 16.47
CA PHE O 767 29.12 16.13 17.40
C PHE O 767 30.49 16.44 16.85
N TYR O 768 30.76 16.06 15.61
CA TYR O 768 32.04 16.37 15.02
C TYR O 768 32.18 17.87 14.84
N ASP O 769 31.08 18.49 14.41
CA ASP O 769 31.07 19.92 14.15
C ASP O 769 31.35 20.75 15.39
N ALA O 770 30.79 20.36 16.52
CA ALA O 770 31.00 21.13 17.74
C ALA O 770 32.47 21.16 18.10
N TYR O 771 33.13 20.01 17.99
CA TYR O 771 34.55 19.94 18.29
C TYR O 771 35.35 20.76 17.29
N LYS O 772 34.94 20.69 16.03
CA LYS O 772 35.62 21.41 14.97
C LYS O 772 35.52 22.93 15.15
N GLN O 773 34.33 23.45 14.89
CA GLN O 773 34.06 24.89 14.98
C GLN O 773 34.51 25.45 16.32
N ILE O 774 34.63 24.60 17.34
CA ILE O 774 35.10 25.06 18.64
C ILE O 774 36.60 25.30 18.62
N LYS O 775 37.35 24.42 17.96
CA LYS O 775 38.79 24.63 17.80
C LYS O 775 39.09 25.83 16.91
N ASN O 776 38.22 26.12 15.94
CA ASN O 776 38.42 27.27 15.08
C ASN O 776 38.18 28.58 15.84
N SER O 777 37.43 28.52 16.94
CA SER O 777 37.27 29.69 17.79
C SER O 777 38.54 30.05 18.54
N TYR O 778 39.46 29.10 18.71
CA TYR O 778 40.72 29.41 19.36
C TYR O 778 41.76 29.92 18.36
N ASP O 779 41.40 29.95 17.08
CA ASP O 779 42.31 30.41 16.03
C ASP O 779 41.79 31.65 15.33
N GLY O 780 40.68 32.23 15.79
CA GLY O 780 40.11 33.40 15.14
C GLY O 780 39.30 33.09 13.92
N ILE O 781 38.94 31.83 13.69
CA ILE O 781 38.28 31.42 12.47
C ILE O 781 36.81 31.15 12.77
N PRO O 782 35.88 31.79 12.07
CA PRO O 782 34.46 31.46 12.25
C PRO O 782 34.09 30.13 11.59
N ASN O 783 32.77 29.88 11.57
CA ASN O 783 32.20 28.57 11.31
C ASN O 783 32.53 28.00 9.93
N ASN O 784 32.07 28.64 8.87
CA ASN O 784 32.23 28.12 7.52
C ASN O 784 33.38 28.79 6.79
N PHE O 785 34.38 29.27 7.54
CA PHE O 785 35.41 30.10 6.94
C PHE O 785 36.60 29.24 6.53
N ASN O 786 36.68 28.93 5.24
CA ASN O 786 37.72 28.09 4.69
C ASN O 786 38.98 28.86 4.31
N HIS O 787 39.16 30.07 4.85
CA HIS O 787 40.27 30.93 4.46
C HIS O 787 41.07 31.39 5.66
N GLU O 788 41.94 32.37 5.43
CA GLU O 788 42.93 32.73 6.45
C GLU O 788 42.41 33.86 7.33
N ALA O 789 42.54 33.68 8.64
CA ALA O 789 42.02 34.60 9.63
C ALA O 789 43.11 34.96 10.63
N PRO O 790 43.21 36.21 11.07
CA PRO O 790 44.33 36.61 11.90
C PRO O 790 44.15 36.21 13.36
N GLN O 791 45.20 36.41 14.14
CA GLN O 791 45.24 36.11 15.55
C GLN O 791 46.39 36.88 16.17
N LEU O 792 46.08 37.79 17.07
CA LEU O 792 47.08 38.65 17.68
C LEU O 792 47.87 37.86 18.71
N ILE O 793 49.17 37.78 18.50
CA ILE O 793 50.09 37.12 19.42
C ILE O 793 51.14 38.16 19.83
N GLY O 794 51.06 38.61 21.08
CA GLY O 794 51.96 39.67 21.51
C GLY O 794 51.53 40.99 20.93
N ASN O 795 52.29 41.48 19.95
CA ASN O 795 51.95 42.70 19.22
C ASN O 795 51.82 42.48 17.73
N ASN O 796 51.83 41.23 17.28
CA ASN O 796 51.80 40.92 15.85
C ASN O 796 50.65 39.98 15.54
N TYR O 797 50.14 40.09 14.32
CA TYR O 797 49.05 39.24 13.87
C TYR O 797 49.59 38.06 13.06
N VAL O 798 48.99 36.90 13.29
CA VAL O 798 49.34 35.68 12.58
C VAL O 798 48.09 35.15 11.89
N PHE O 799 48.12 35.06 10.57
CA PHE O 799 46.98 34.58 9.81
C PHE O 799 47.00 33.05 9.75
N THR O 800 46.05 32.42 10.43
CA THR O 800 45.96 30.97 10.51
C THR O 800 44.81 30.49 9.63
N SER O 801 44.80 29.19 9.34
CA SER O 801 43.84 28.63 8.41
C SER O 801 43.14 27.44 9.04
N ILE O 802 42.18 26.89 8.31
CA ILE O 802 41.69 25.55 8.63
C ILE O 802 42.77 24.53 8.41
N TYR O 803 43.51 24.66 7.31
CA TYR O 803 44.52 23.68 6.94
C TYR O 803 45.89 24.09 7.45
N ASP O 804 46.34 25.28 7.08
CA ASP O 804 47.61 25.82 7.53
C ASP O 804 47.41 26.42 8.92
N THR O 805 47.57 25.60 9.95
CA THR O 805 47.31 26.05 11.31
C THR O 805 48.42 26.98 11.81
N LYS O 806 49.63 26.82 11.27
CA LYS O 806 50.83 27.58 11.65
C LYS O 806 51.11 27.49 13.15
N GLU O 807 51.02 26.27 13.69
CA GLU O 807 51.11 26.08 15.14
C GLU O 807 52.53 26.29 15.65
N ASN O 808 53.53 25.99 14.81
CA ASN O 808 54.91 26.12 15.24
C ASN O 808 55.34 27.58 15.31
N LEU O 809 54.72 28.45 14.50
CA LEU O 809 54.93 29.88 14.66
C LEU O 809 54.31 30.41 15.94
N ILE O 810 53.17 29.84 16.34
CA ILE O 810 52.48 30.30 17.53
C ILE O 810 53.25 29.91 18.79
N LYS O 811 53.82 28.70 18.79
CA LYS O 811 54.63 28.27 19.93
C LYS O 811 55.94 29.05 19.99
N PHE O 812 56.43 29.53 18.84
CA PHE O 812 57.68 30.28 18.83
C PHE O 812 57.47 31.72 19.25
N LEU O 813 56.38 32.35 18.80
CA LEU O 813 56.18 33.76 19.07
C LEU O 813 55.70 33.99 20.51
N LYS O 814 55.04 33.00 21.10
CA LYS O 814 54.61 33.13 22.49
C LYS O 814 55.79 32.93 23.43
N LYS O 815 56.65 31.95 23.14
CA LYS O 815 57.73 31.63 24.06
C LYS O 815 58.90 32.59 23.93
N ASN O 816 59.36 32.83 22.70
CA ASN O 816 60.57 33.63 22.53
C ASN O 816 60.27 35.12 22.64
N SER O 817 59.17 35.59 22.04
CA SER O 817 58.85 37.00 22.01
C SER O 817 57.91 37.43 23.12
N GLU O 818 57.99 36.79 24.29
CA GLU O 818 57.21 37.22 25.44
C GLU O 818 57.71 38.56 25.96
N TYR O 819 59.02 38.67 26.16
CA TYR O 819 59.67 39.92 26.56
C TYR O 819 60.54 40.46 25.43
N ASP O 820 60.37 39.91 24.24
CA ASP O 820 61.12 40.33 23.06
C ASP O 820 60.15 40.79 21.99
N LEU O 821 60.66 41.60 21.06
CA LEU O 821 59.83 42.19 20.01
C LEU O 821 60.47 41.92 18.65
N TYR O 822 59.78 41.14 17.82
CA TYR O 822 60.19 40.91 16.44
C TYR O 822 58.98 41.12 15.54
N ASP O 823 59.02 42.19 14.74
CA ASP O 823 57.91 42.50 13.85
C ASP O 823 57.91 41.58 12.63
N ALA P 648 27.52 60.20 -36.61
CA ALA P 648 28.30 61.35 -36.17
C ALA P 648 27.79 62.64 -36.81
N VAL P 669 23.23 58.26 -36.78
CA VAL P 669 24.23 58.97 -35.99
C VAL P 669 24.53 58.17 -34.71
N LYS P 670 23.47 57.87 -33.97
CA LYS P 670 23.63 57.15 -32.70
C LYS P 670 23.96 55.68 -32.94
N ASP P 671 23.33 55.05 -33.93
CA ASP P 671 23.66 53.67 -34.26
C ASP P 671 24.99 53.58 -35.01
N ILE P 672 25.41 54.69 -35.62
CA ILE P 672 26.70 54.74 -36.30
C ILE P 672 27.84 54.66 -35.28
N LYS P 673 27.64 55.24 -34.10
CA LYS P 673 28.70 55.29 -33.09
C LYS P 673 28.90 53.93 -32.44
N LYS P 674 27.87 53.09 -32.40
CA LYS P 674 28.00 51.80 -31.72
C LYS P 674 28.88 50.83 -32.50
N LEU P 675 29.07 51.06 -33.79
CA LEU P 675 29.88 50.16 -34.61
C LEU P 675 31.29 50.72 -34.81
N ILE P 676 31.40 52.03 -35.02
CA ILE P 676 32.67 52.61 -35.45
C ILE P 676 33.56 52.94 -34.24
N GLU P 677 32.96 53.37 -33.12
CA GLU P 677 33.77 53.81 -31.99
C GLU P 677 34.41 52.64 -31.26
N GLU P 678 33.93 51.42 -31.50
CA GLU P 678 34.66 50.25 -31.04
C GLU P 678 35.85 49.96 -31.95
N GLY P 679 35.76 50.35 -33.22
CA GLY P 679 36.84 50.06 -34.15
C GLY P 679 37.76 51.24 -34.39
N ILE P 680 37.20 52.42 -34.66
CA ILE P 680 37.99 53.53 -35.20
C ILE P 680 38.01 54.71 -34.23
N LEU P 681 36.83 55.26 -33.93
CA LEU P 681 36.76 56.54 -33.24
C LEU P 681 37.00 56.40 -31.75
N ASP P 682 37.88 57.25 -31.22
CA ASP P 682 38.03 57.38 -29.78
C ASP P 682 36.97 58.32 -29.23
N TYR P 683 36.70 58.20 -27.92
CA TYR P 683 35.72 59.07 -27.29
C TYR P 683 36.26 60.49 -27.09
N GLU P 684 37.59 60.66 -27.21
CA GLU P 684 38.20 61.95 -26.92
C GLU P 684 37.85 62.99 -27.98
N ASP P 685 37.70 62.57 -29.23
CA ASP P 685 37.31 63.47 -30.31
C ASP P 685 35.81 63.30 -30.57
N LEU P 686 34.99 63.89 -29.71
CA LEU P 686 33.54 63.91 -29.86
C LEU P 686 33.03 65.22 -29.28
N THR P 687 32.08 65.84 -29.96
CA THR P 687 31.61 67.15 -29.55
C THR P 687 30.57 67.04 -28.43
N GLU P 688 30.17 68.20 -27.91
CA GLU P 688 29.22 68.24 -26.80
C GLU P 688 27.82 67.83 -27.26
N ASN P 689 27.46 68.10 -28.51
CA ASN P 689 26.18 67.62 -29.04
C ASN P 689 26.25 66.16 -29.45
N GLU P 690 27.43 65.55 -29.47
CA GLU P 690 27.55 64.13 -29.77
C GLU P 690 27.66 63.27 -28.52
N LEU P 691 28.26 63.79 -27.45
CA LEU P 691 28.33 63.03 -26.21
C LEU P 691 26.99 62.96 -25.51
N ARG P 692 26.21 64.05 -25.59
CA ARG P 692 24.94 64.08 -24.85
C ARG P 692 23.89 63.21 -25.53
N LYS P 693 24.01 62.99 -26.84
CA LYS P 693 23.01 62.21 -27.55
C LYS P 693 23.30 60.73 -27.46
N LEU P 694 24.54 60.35 -27.19
CA LEU P 694 24.86 58.96 -26.92
C LEU P 694 24.46 58.58 -25.50
N ALA P 695 24.36 59.58 -24.63
CA ALA P 695 23.83 59.35 -23.28
C ALA P 695 22.31 59.51 -23.23
N LYS P 696 21.72 60.09 -24.28
CA LYS P 696 20.28 60.10 -24.42
C LYS P 696 19.74 58.68 -24.56
N PRO P 697 18.49 58.43 -24.13
CA PRO P 697 17.93 57.08 -24.27
C PRO P 697 17.67 56.72 -25.73
N ASP P 698 17.66 55.41 -25.99
CA ASP P 698 17.61 54.88 -27.35
C ASP P 698 16.16 54.89 -27.86
N ASP P 699 15.95 54.31 -29.04
CA ASP P 699 14.60 54.22 -29.59
C ASP P 699 13.81 53.05 -29.03
N ASN P 700 14.44 52.16 -28.27
CA ASN P 700 13.68 51.18 -27.49
C ASN P 700 12.99 51.86 -26.32
N PHE P 701 13.59 52.93 -25.81
CA PHE P 701 12.87 53.88 -24.98
C PHE P 701 11.88 54.63 -25.86
N TYR P 702 10.74 55.02 -25.27
CA TYR P 702 9.50 55.48 -25.91
C TYR P 702 8.84 54.41 -26.77
N GLU P 703 9.29 53.16 -26.69
CA GLU P 703 8.53 52.05 -27.25
C GLU P 703 7.71 51.39 -26.16
N LEU P 704 6.43 51.16 -26.44
CA LEU P 704 5.50 50.74 -25.40
C LEU P 704 5.66 49.25 -25.14
N SER P 705 5.87 48.88 -23.87
CA SER P 705 6.17 47.50 -23.48
C SER P 705 5.44 47.14 -22.19
N PRO P 706 4.31 46.45 -22.29
CA PRO P 706 3.69 46.04 -21.03
C PRO P 706 4.18 44.64 -20.65
N TYR P 707 3.65 44.12 -19.55
CA TYR P 707 3.96 42.76 -19.04
C TYR P 707 5.40 42.42 -18.59
N ALA P 708 5.82 43.04 -17.49
CA ALA P 708 7.08 42.78 -16.83
C ALA P 708 7.09 41.39 -16.19
N SER P 709 8.27 40.80 -16.11
CA SER P 709 8.46 39.44 -15.63
C SER P 709 8.82 39.47 -14.14
N ASP P 710 7.95 38.88 -13.31
CA ASP P 710 8.17 38.90 -11.88
C ASP P 710 9.26 37.92 -11.47
N GLU P 711 10.02 38.30 -10.45
CA GLU P 711 11.08 37.48 -9.87
C GLU P 711 11.09 37.78 -8.37
N LYS P 712 11.91 37.04 -7.62
CA LYS P 712 12.07 37.33 -6.20
C LYS P 712 12.75 38.68 -6.01
N ASP P 713 11.99 39.64 -5.48
CA ASP P 713 12.49 41.00 -5.26
C ASP P 713 13.42 40.98 -4.06
N LEU P 714 14.71 41.13 -4.31
CA LEU P 714 15.66 41.24 -3.22
C LEU P 714 15.64 42.62 -2.58
N SER P 715 14.97 43.58 -3.21
CA SER P 715 14.83 44.90 -2.62
C SER P 715 13.92 44.88 -1.39
N LEU P 716 12.74 44.28 -1.51
CA LEU P 716 11.78 44.27 -0.41
C LEU P 716 12.06 43.09 0.52
N ASN P 717 12.03 43.36 1.82
CA ASN P 717 12.31 42.36 2.84
C ASN P 717 10.99 41.92 3.45
N GLU P 718 10.60 40.66 3.20
CA GLU P 718 9.34 40.16 3.74
C GLU P 718 9.43 39.92 5.23
N THR P 719 10.66 39.75 5.75
CA THR P 719 10.87 39.51 7.17
C THR P 719 10.94 40.79 7.98
N SER P 720 10.54 41.92 7.42
CA SER P 720 10.72 43.18 8.12
C SER P 720 9.55 43.48 9.04
N GLY P 721 9.73 44.48 9.89
CA GLY P 721 8.74 44.83 10.88
C GLY P 721 8.76 46.32 11.14
N LEU P 722 8.07 46.70 12.20
CA LEU P 722 7.87 48.11 12.50
C LEU P 722 8.73 48.52 13.70
N THR P 723 9.08 49.80 13.74
CA THR P 723 9.82 50.37 14.86
C THR P 723 8.95 50.32 16.11
N ASN P 724 9.42 49.60 17.13
CA ASN P 724 8.56 49.29 18.28
C ASN P 724 8.48 50.46 19.24
N GLU P 725 9.50 51.31 19.27
CA GLU P 725 9.72 52.55 20.02
C GLU P 725 9.98 52.26 21.52
N GLN P 726 9.83 51.01 21.98
CA GLN P 726 10.34 50.65 23.29
C GLN P 726 11.66 49.90 23.17
N LEU P 727 11.90 49.29 22.00
CA LEU P 727 13.24 48.83 21.69
C LEU P 727 14.15 49.99 21.37
N LYS P 728 13.65 50.95 20.58
CA LYS P 728 14.44 52.11 20.19
C LYS P 728 14.77 52.99 21.40
N ASN P 729 13.92 52.97 22.42
CA ASN P 729 14.23 53.65 23.66
C ASN P 729 15.27 52.87 24.46
N PHE P 730 15.10 51.55 24.55
CA PHE P 730 16.00 50.74 25.38
C PHE P 730 17.35 50.54 24.70
N LEU P 731 17.36 50.43 23.37
CA LEU P 731 18.62 50.38 22.66
C LEU P 731 19.25 51.77 22.52
N GLY P 732 18.45 52.83 22.70
CA GLY P 732 19.02 54.16 22.70
C GLY P 732 19.85 54.42 23.95
N GLN P 733 19.38 53.97 25.10
CA GLN P 733 20.21 53.99 26.29
C GLN P 733 21.29 52.90 26.27
N ASN P 734 22.46 53.26 25.77
CA ASN P 734 23.55 52.34 25.37
C ASN P 734 24.06 51.62 26.61
N GLY P 735 24.32 50.32 26.53
CA GLY P 735 24.88 49.61 27.67
C GLY P 735 24.19 48.32 28.04
N THR P 736 25.01 47.26 28.15
CA THR P 736 24.72 45.90 28.65
C THR P 736 23.35 45.36 28.19
N TYR P 737 23.13 45.48 26.89
CA TYR P 737 22.10 44.70 26.21
C TYR P 737 22.76 43.75 25.23
N HIS P 738 22.11 42.61 24.99
CA HIS P 738 22.77 41.50 24.32
C HIS P 738 22.19 41.15 22.96
N MET P 739 21.00 41.66 22.62
CA MET P 739 20.47 41.49 21.28
C MET P 739 19.81 42.80 20.86
N SER P 740 20.04 43.19 19.62
CA SER P 740 19.67 44.53 19.17
C SER P 740 18.58 44.54 18.10
N TYR P 741 17.73 43.52 18.05
CA TYR P 741 16.60 43.51 17.13
C TYR P 741 15.49 42.66 17.72
N ASP P 742 14.50 42.32 16.88
CA ASP P 742 13.26 41.77 17.42
C ASP P 742 13.24 40.24 17.30
N SER P 743 13.69 39.71 16.15
CA SER P 743 13.89 38.28 15.89
C SER P 743 12.59 37.47 15.94
N LYS P 744 11.44 38.11 15.84
CA LYS P 744 10.18 37.37 15.82
C LYS P 744 9.80 37.03 14.38
N SER P 745 9.98 37.99 13.48
CA SER P 745 9.57 37.79 12.10
C SER P 745 10.66 37.09 11.31
N ILE P 746 11.89 37.08 11.82
CA ILE P 746 13.00 36.52 11.05
C ILE P 746 13.24 35.07 11.45
N ASP P 747 12.71 34.68 12.61
CA ASP P 747 12.67 33.25 12.94
C ASP P 747 11.47 32.59 12.28
N TYR P 748 10.41 33.36 12.09
CA TYR P 748 9.21 32.84 11.45
C TYR P 748 9.55 32.43 10.03
N ALA P 749 10.35 33.27 9.39
CA ALA P 749 10.79 33.05 8.02
C ALA P 749 11.68 31.82 7.84
N LYS P 750 12.58 31.58 8.80
CA LYS P 750 13.49 30.45 8.67
C LYS P 750 12.78 29.12 8.87
N GLN P 751 11.73 29.12 9.69
CA GLN P 751 10.92 27.93 9.88
C GLN P 751 10.20 27.53 8.60
N LYS P 752 9.78 28.50 7.79
CA LYS P 752 9.10 28.20 6.54
C LYS P 752 10.03 27.53 5.54
N LYS P 753 11.28 27.98 5.48
CA LYS P 753 12.23 27.36 4.57
C LYS P 753 12.61 25.95 5.03
N SER P 754 12.44 25.66 6.31
CA SER P 754 12.67 24.30 6.79
C SER P 754 11.48 23.38 6.47
N GLU P 755 10.32 23.95 6.19
CA GLU P 755 9.11 23.16 6.03
C GLU P 755 8.64 23.03 4.59
N LYS P 756 9.09 23.90 3.69
CA LYS P 756 8.63 23.86 2.30
C LYS P 756 9.17 22.65 1.54
N LYS P 757 10.40 22.22 1.84
CA LYS P 757 11.19 21.28 1.03
C LYS P 757 11.23 21.75 -0.43
N GLU P 758 11.75 22.95 -0.62
CA GLU P 758 12.09 23.45 -1.95
C GLU P 758 13.57 23.73 -2.06
N ASP P 759 14.30 22.88 -2.78
CA ASP P 759 15.75 22.90 -2.72
C ASP P 759 16.36 23.00 -4.11
N GLN P 760 15.72 22.36 -5.09
CA GLN P 760 16.35 21.91 -6.33
C GLN P 760 16.82 23.06 -7.21
N GLN P 761 16.12 24.19 -7.20
CA GLN P 761 16.61 25.37 -7.89
C GLN P 761 16.86 26.53 -6.93
N GLU P 762 16.34 26.44 -5.70
CA GLU P 762 16.55 27.50 -4.71
C GLU P 762 17.99 27.47 -4.20
N ASP P 763 18.68 26.34 -4.39
CA ASP P 763 20.13 26.25 -4.23
C ASP P 763 20.88 27.13 -5.24
N ASP P 764 20.23 27.54 -6.32
CA ASP P 764 20.82 28.51 -7.24
C ASP P 764 20.22 29.90 -7.08
N ASP P 765 18.99 30.00 -6.59
CA ASP P 765 18.26 31.28 -6.59
C ASP P 765 18.87 32.27 -5.61
N GLY P 766 19.25 31.81 -4.42
CA GLY P 766 19.97 32.67 -3.51
C GLY P 766 21.42 32.91 -3.90
N PHE P 767 21.94 32.10 -4.82
CA PHE P 767 23.37 32.08 -5.09
C PHE P 767 23.72 32.58 -6.49
N TYR P 768 22.79 32.52 -7.42
CA TYR P 768 23.01 33.20 -8.69
C TYR P 768 22.40 34.59 -8.73
N ASP P 769 21.12 34.68 -8.39
CA ASP P 769 20.26 35.74 -8.91
C ASP P 769 20.59 37.09 -8.32
N ALA P 770 21.23 37.12 -7.16
CA ALA P 770 21.60 38.39 -6.57
C ALA P 770 22.70 39.08 -7.37
N TYR P 771 23.60 38.33 -7.97
CA TYR P 771 24.68 38.95 -8.71
C TYR P 771 24.05 39.81 -9.79
N LYS P 772 22.98 39.29 -10.37
CA LYS P 772 22.23 40.00 -11.40
C LYS P 772 21.57 41.28 -10.88
N GLN P 773 21.05 41.24 -9.65
CA GLN P 773 20.33 42.40 -9.11
C GLN P 773 21.26 43.29 -8.30
N ILE P 774 22.35 42.73 -7.79
CA ILE P 774 23.29 43.53 -7.02
C ILE P 774 24.13 44.41 -7.94
N LYS P 775 24.54 43.87 -9.09
CA LYS P 775 25.26 44.68 -10.08
C LYS P 775 24.36 45.76 -10.69
N ASN P 776 23.05 45.47 -10.80
CA ASN P 776 22.13 46.47 -11.33
C ASN P 776 21.93 47.62 -10.35
N SER P 777 22.18 47.39 -9.07
CA SER P 777 22.15 48.46 -8.09
C SER P 777 23.30 49.45 -8.27
N TYR P 778 24.39 49.05 -8.91
CA TYR P 778 25.48 49.99 -9.17
C TYR P 778 25.26 50.75 -10.48
N ASP P 779 24.19 50.44 -11.20
CA ASP P 779 23.88 51.11 -12.45
C ASP P 779 22.57 51.88 -12.39
N GLY P 780 21.93 51.97 -11.23
CA GLY P 780 20.66 52.65 -11.12
C GLY P 780 19.47 51.84 -11.57
N ILE P 781 19.63 50.54 -11.76
CA ILE P 781 18.58 49.71 -12.34
C ILE P 781 17.97 48.86 -11.23
N PRO P 782 16.66 48.91 -11.03
CA PRO P 782 16.03 48.00 -10.07
C PRO P 782 15.92 46.57 -10.59
N ASN P 783 15.19 45.77 -9.82
CA ASN P 783 15.20 44.31 -9.91
C ASN P 783 14.77 43.76 -11.27
N ASN P 784 13.50 43.96 -11.63
CA ASN P 784 12.94 43.40 -12.85
C ASN P 784 12.92 44.40 -13.99
N PHE P 785 13.82 45.36 -13.97
CA PHE P 785 13.74 46.48 -14.90
C PHE P 785 14.58 46.20 -16.14
N ASN P 786 13.91 45.78 -17.21
CA ASN P 786 14.57 45.42 -18.46
C ASN P 786 14.78 46.61 -19.38
N HIS P 787 14.73 47.84 -18.85
CA HIS P 787 14.81 49.04 -19.67
C HIS P 787 15.91 49.98 -19.20
N GLU P 788 15.90 51.20 -19.71
CA GLU P 788 17.03 52.10 -19.51
C GLU P 788 16.81 52.99 -18.30
N ALA P 789 17.83 53.07 -17.44
CA ALA P 789 17.74 53.79 -16.18
C ALA P 789 18.94 54.73 -16.06
N PRO P 790 18.76 55.95 -15.54
CA PRO P 790 19.85 56.92 -15.55
C PRO P 790 20.84 56.68 -14.43
N GLN P 791 21.93 57.45 -14.48
CA GLN P 791 23.00 57.39 -13.52
C GLN P 791 23.81 58.67 -13.64
N LEU P 792 23.82 59.46 -12.57
CA LEU P 792 24.48 60.76 -12.57
C LEU P 792 25.98 60.55 -12.48
N ILE P 793 26.71 61.04 -13.48
CA ILE P 793 28.16 61.01 -13.51
C ILE P 793 28.65 62.43 -13.65
N GLY P 794 29.22 62.98 -12.60
CA GLY P 794 29.62 64.37 -12.63
C GLY P 794 28.41 65.27 -12.52
N ASN P 795 28.04 65.90 -13.62
CA ASN P 795 26.85 66.73 -13.69
C ASN P 795 25.88 66.26 -14.77
N ASN P 796 26.12 65.11 -15.38
CA ASN P 796 25.30 64.62 -16.48
C ASN P 796 24.77 63.23 -16.17
N TYR P 797 23.61 62.93 -16.73
CA TYR P 797 22.99 61.63 -16.55
C TYR P 797 23.29 60.71 -17.73
N VAL P 798 23.56 59.45 -17.43
CA VAL P 798 23.83 58.43 -18.43
C VAL P 798 22.82 57.30 -18.24
N PHE P 799 22.01 57.06 -19.27
CA PHE P 799 21.00 56.01 -19.20
C PHE P 799 21.61 54.67 -19.58
N THR P 800 21.73 53.78 -18.59
CA THR P 800 22.33 52.47 -18.77
C THR P 800 21.24 51.42 -18.80
N SER P 801 21.59 50.22 -19.27
CA SER P 801 20.61 49.17 -19.47
C SER P 801 21.09 47.89 -18.79
N ILE P 802 20.24 46.86 -18.84
CA ILE P 802 20.70 45.51 -18.55
C ILE P 802 21.68 45.06 -19.63
N TYR P 803 21.36 45.35 -20.88
CA TYR P 803 22.17 44.88 -22.00
C TYR P 803 23.20 45.93 -22.42
N ASP P 804 22.73 47.14 -22.73
CA ASP P 804 23.60 48.24 -23.09
C ASP P 804 24.13 48.87 -21.81
N THR P 805 25.25 48.36 -21.31
CA THR P 805 25.79 48.84 -20.03
C THR P 805 26.41 50.22 -20.17
N LYS P 806 26.89 50.55 -21.38
CA LYS P 806 27.58 51.81 -21.70
C LYS P 806 28.77 52.06 -20.79
N GLU P 807 29.58 51.02 -20.58
CA GLU P 807 30.66 51.10 -19.60
C GLU P 807 31.79 51.99 -20.09
N ASN P 808 32.01 52.05 -21.39
CA ASN P 808 33.10 52.85 -21.94
C ASN P 808 32.80 54.33 -21.85
N LEU P 809 31.52 54.71 -21.88
CA LEU P 809 31.15 56.10 -21.61
C LEU P 809 31.38 56.46 -20.15
N ILE P 810 31.16 55.50 -19.25
CA ILE P 810 31.30 55.77 -17.83
C ILE P 810 32.78 55.94 -17.46
N LYS P 811 33.65 55.13 -18.06
CA LYS P 811 35.08 55.28 -17.83
C LYS P 811 35.62 56.56 -18.46
N PHE P 812 34.97 57.03 -19.52
CA PHE P 812 35.44 58.26 -20.18
C PHE P 812 34.97 59.50 -19.43
N LEU P 813 33.73 59.50 -18.95
CA LEU P 813 33.18 60.70 -18.32
C LEU P 813 33.71 60.88 -16.90
N LYS P 814 34.09 59.79 -16.25
CA LYS P 814 34.70 59.91 -14.91
C LYS P 814 36.13 60.40 -15.00
N LYS P 815 36.89 59.87 -15.97
CA LYS P 815 38.32 60.20 -16.03
C LYS P 815 38.56 61.55 -16.69
N ASN P 816 37.94 61.82 -17.84
CA ASN P 816 38.25 63.04 -18.58
C ASN P 816 37.51 64.23 -17.98
N SER P 817 36.23 64.06 -17.65
CA SER P 817 35.41 65.17 -17.19
C SER P 817 35.36 65.28 -15.67
N GLU P 818 36.45 64.90 -14.98
CA GLU P 818 36.53 65.10 -13.53
C GLU P 818 36.62 66.59 -13.19
N TYR P 819 37.53 67.30 -13.85
CA TYR P 819 37.67 68.74 -13.72
C TYR P 819 37.26 69.46 -15.00
N ASP P 820 36.60 68.73 -15.89
CA ASP P 820 36.13 69.27 -17.16
C ASP P 820 34.61 69.09 -17.25
N LEU P 821 33.99 69.91 -18.09
CA LEU P 821 32.54 69.91 -18.23
C LEU P 821 32.17 69.76 -19.69
N TYR P 822 31.52 68.66 -20.04
CA TYR P 822 30.96 68.45 -21.37
C TYR P 822 29.53 67.96 -21.24
N ASP P 823 28.58 68.80 -21.63
CA ASP P 823 27.17 68.46 -21.54
C ASP P 823 26.77 67.48 -22.63
N GLY Q 27 -18.34 84.77 63.67
CA GLY Q 27 -18.87 83.49 63.25
C GLY Q 27 -18.10 82.87 62.11
N TYR Q 28 -18.33 81.57 61.88
CA TYR Q 28 -17.64 80.84 60.83
C TYR Q 28 -18.41 80.82 59.51
N GLY Q 29 -19.51 81.56 59.41
CA GLY Q 29 -20.14 81.77 58.13
C GLY Q 29 -19.42 82.80 57.28
N ASP Q 30 -18.52 83.56 57.90
CA ASP Q 30 -17.68 84.49 57.15
C ASP Q 30 -16.62 83.77 56.34
N LEU Q 31 -16.03 82.71 56.90
CA LEU Q 31 -15.07 81.91 56.16
C LEU Q 31 -15.75 80.86 55.29
N ALA Q 32 -17.08 80.80 55.34
CA ALA Q 32 -17.83 79.91 54.46
C ALA Q 32 -17.75 80.39 53.02
N ALA Q 33 -17.99 81.68 52.80
CA ALA Q 33 -18.03 82.22 51.44
C ALA Q 33 -16.63 82.40 50.87
N THR Q 34 -15.62 82.53 51.74
CA THR Q 34 -14.25 82.63 51.26
C THR Q 34 -13.78 81.29 50.71
N SER Q 35 -14.18 80.20 51.37
CA SER Q 35 -13.87 78.87 50.86
C SER Q 35 -14.80 78.51 49.71
N ALA Q 36 -16.00 79.09 49.68
CA ALA Q 36 -16.93 78.85 48.57
C ALA Q 36 -16.40 79.45 47.27
N LEU Q 37 -16.23 80.77 47.24
CA LEU Q 37 -15.82 81.45 46.01
C LEU Q 37 -14.34 81.28 45.70
N THR Q 38 -13.60 80.53 46.52
CA THR Q 38 -12.29 80.06 46.09
C THR Q 38 -12.44 79.04 44.97
N THR Q 39 -13.15 77.95 45.22
CA THR Q 39 -13.21 76.86 44.25
C THR Q 39 -14.28 77.09 43.20
N VAL Q 40 -15.17 78.06 43.41
CA VAL Q 40 -16.14 78.43 42.39
C VAL Q 40 -15.43 79.08 41.20
N ILE Q 41 -14.31 79.75 41.44
CA ILE Q 41 -13.66 80.47 40.35
C ILE Q 41 -12.33 79.83 39.97
N LYS Q 42 -11.63 79.19 40.92
CA LYS Q 42 -10.36 78.55 40.60
C LYS Q 42 -10.57 77.30 39.76
N ASP Q 43 -11.41 76.38 40.24
CA ASP Q 43 -11.52 75.05 39.64
C ASP Q 43 -12.18 75.00 38.26
N PRO Q 44 -13.13 75.88 37.90
CA PRO Q 44 -13.48 75.96 36.47
C PRO Q 44 -12.36 76.46 35.59
N ILE Q 45 -11.68 77.54 35.98
CA ILE Q 45 -10.66 78.15 35.13
C ILE Q 45 -9.42 77.24 35.06
N SER Q 46 -9.19 76.47 36.12
CA SER Q 46 -8.09 75.50 36.10
C SER Q 46 -8.34 74.37 35.11
N LEU Q 47 -9.62 74.06 34.86
CA LEU Q 47 -9.95 72.95 33.98
C LEU Q 47 -10.18 73.41 32.55
N THR Q 48 -10.52 74.69 32.36
CA THR Q 48 -10.61 75.22 31.00
C THR Q 48 -9.24 75.30 30.35
N ILE Q 49 -8.23 75.66 31.15
CA ILE Q 49 -6.89 75.87 30.61
C ILE Q 49 -6.24 74.52 30.27
N LYS Q 50 -6.63 73.47 31.00
CA LYS Q 50 -6.11 72.12 30.70
C LYS Q 50 -6.63 71.59 29.37
N ASP Q 51 -7.68 72.21 28.81
CA ASP Q 51 -8.14 71.84 27.47
C ASP Q 51 -7.74 72.89 26.43
N ILE Q 52 -7.68 74.16 26.84
CA ILE Q 52 -7.25 75.22 25.93
C ILE Q 52 -5.76 75.08 25.62
N TYR Q 53 -4.96 74.76 26.63
CA TYR Q 53 -3.52 74.60 26.38
C TYR Q 53 -3.24 73.29 25.66
N GLU Q 54 -4.04 72.25 25.92
CA GLU Q 54 -3.78 70.96 25.30
C GLU Q 54 -4.27 70.91 23.87
N HIS Q 55 -5.52 71.28 23.63
CA HIS Q 55 -6.10 71.14 22.31
C HIS Q 55 -5.90 72.38 21.44
N GLY Q 56 -5.51 73.50 22.01
CA GLY Q 56 -5.36 74.71 21.23
C GLY Q 56 -3.96 75.30 21.26
N VAL Q 57 -3.09 74.80 22.12
CA VAL Q 57 -1.72 75.32 22.17
C VAL Q 57 -0.71 74.20 21.97
N LYS Q 58 -0.84 73.08 22.71
CA LYS Q 58 0.07 71.93 22.56
C LYS Q 58 0.04 71.34 21.15
N ASN Q 59 -1.12 70.80 20.78
CA ASN Q 59 -1.32 70.08 19.53
C ASN Q 59 -1.06 70.88 18.25
N PRO Q 60 -1.37 72.18 18.14
CA PRO Q 60 -0.89 72.90 16.93
C PRO Q 60 0.60 73.20 16.95
N PHE Q 61 1.19 73.45 18.13
CA PHE Q 61 2.61 73.83 18.17
C PHE Q 61 3.50 72.62 17.90
N THR Q 62 3.03 71.42 18.23
CA THR Q 62 3.74 70.22 17.81
C THR Q 62 3.61 70.00 16.30
N LYS Q 63 2.43 70.28 15.75
CA LYS Q 63 2.24 70.10 14.31
C LYS Q 63 2.92 71.20 13.51
N ILE Q 64 3.44 72.24 14.18
CA ILE Q 64 4.33 73.18 13.52
C ILE Q 64 5.77 72.65 13.57
N ILE Q 65 6.16 72.09 14.71
CA ILE Q 65 7.52 71.55 14.86
C ILE Q 65 7.73 70.34 13.97
N HIS Q 66 6.78 69.41 13.98
CA HIS Q 66 6.97 68.19 13.20
C HIS Q 66 6.72 68.43 11.72
N LYS Q 67 6.14 69.57 11.36
CA LYS Q 67 6.18 70.03 9.99
C LYS Q 67 7.53 70.64 9.64
N LEU Q 68 8.19 71.31 10.60
CA LEU Q 68 9.52 71.83 10.35
C LEU Q 68 10.57 70.73 10.30
N LYS Q 69 10.33 69.61 11.00
CA LYS Q 69 11.27 68.49 10.92
C LYS Q 69 11.24 67.83 9.56
N LYS Q 70 10.15 68.00 8.82
CA LYS Q 70 10.13 67.60 7.42
C LYS Q 70 10.82 68.64 6.54
N PHE Q 71 11.08 69.83 7.09
CA PHE Q 71 11.65 70.91 6.28
C PHE Q 71 13.13 71.14 6.58
N ILE Q 72 13.54 71.02 7.84
CA ILE Q 72 14.98 71.10 8.15
C ILE Q 72 15.71 69.90 7.58
N ARG Q 73 15.17 68.70 7.79
CA ARG Q 73 15.61 67.52 7.06
C ARG Q 73 14.86 67.46 5.74
N TYR Q 74 15.23 66.46 4.92
CA TYR Q 74 14.39 65.94 3.83
C TYR Q 74 14.13 66.97 2.73
N ARG Q 75 15.05 67.92 2.54
CA ARG Q 75 14.88 68.89 1.46
C ARG Q 75 15.17 68.26 0.11
N LYS Q 76 16.22 67.45 0.04
CA LYS Q 76 16.65 66.86 -1.23
C LYS Q 76 15.68 65.79 -1.70
N VAL Q 77 14.90 65.22 -0.77
CA VAL Q 77 14.02 64.12 -1.11
C VAL Q 77 12.72 64.66 -1.67
N LEU Q 78 12.18 65.71 -1.05
CA LEU Q 78 10.86 66.18 -1.39
C LEU Q 78 10.88 67.04 -2.65
N ARG Q 79 12.07 67.42 -3.14
CA ARG Q 79 12.18 67.97 -4.48
C ARG Q 79 11.81 66.91 -5.51
N TRP Q 80 12.12 65.66 -5.21
CA TRP Q 80 11.83 64.56 -6.13
C TRP Q 80 10.48 63.94 -5.84
N SER Q 81 10.08 63.90 -4.56
CA SER Q 81 8.87 63.19 -4.17
C SER Q 81 7.62 63.90 -4.66
N ARG Q 82 7.57 65.23 -4.46
CA ARG Q 82 6.48 66.02 -5.00
C ARG Q 82 6.56 66.05 -6.52
N MET Q 83 7.76 65.85 -7.07
CA MET Q 83 7.91 65.72 -8.52
C MET Q 83 7.33 64.38 -8.99
N TRP Q 84 7.33 63.36 -8.13
CA TRP Q 84 6.71 62.10 -8.52
C TRP Q 84 5.21 62.12 -8.20
N TRP Q 85 4.82 62.82 -7.13
CA TRP Q 85 3.44 62.75 -6.66
C TRP Q 85 2.50 63.45 -7.63
N VAL Q 86 2.98 64.52 -8.25
CA VAL Q 86 2.22 65.17 -9.31
C VAL Q 86 2.02 64.22 -10.49
N LEU Q 87 2.98 63.32 -10.75
CA LEU Q 87 2.83 62.43 -11.90
C LEU Q 87 1.91 61.25 -11.58
N LEU Q 88 1.67 60.95 -10.30
CA LEU Q 88 0.61 60.01 -9.97
C LEU Q 88 -0.76 60.64 -10.10
N VAL Q 89 -0.88 61.89 -9.65
CA VAL Q 89 -2.15 62.60 -9.68
C VAL Q 89 -2.56 62.85 -11.14
N ARG Q 90 -1.59 62.97 -12.04
CA ARG Q 90 -1.92 63.14 -13.45
C ARG Q 90 -2.28 61.80 -14.12
N GLU Q 91 -1.75 60.69 -13.59
CA GLU Q 91 -1.98 59.41 -14.27
C GLU Q 91 -3.15 58.65 -13.66
N ILE Q 92 -3.35 58.74 -12.35
CA ILE Q 92 -4.48 58.05 -11.73
C ILE Q 92 -5.78 58.75 -12.08
N VAL Q 93 -5.76 60.09 -12.12
CA VAL Q 93 -6.96 60.84 -12.47
C VAL Q 93 -7.14 60.92 -13.97
N GLY Q 94 -6.11 61.40 -14.68
CA GLY Q 94 -6.20 61.53 -16.12
C GLY Q 94 -7.01 62.71 -16.59
N ASP Q 95 -6.64 63.91 -16.12
CA ASP Q 95 -7.14 65.22 -16.53
C ASP Q 95 -8.62 65.42 -16.24
N ASN Q 96 -9.16 64.91 -15.13
CA ASN Q 96 -10.57 65.06 -14.79
C ASN Q 96 -10.70 65.53 -13.35
N THR Q 97 -10.97 66.83 -13.21
CA THR Q 97 -10.50 67.82 -12.20
C THR Q 97 -10.26 67.16 -10.83
N ILE Q 98 -9.07 67.33 -10.24
CA ILE Q 98 -8.65 66.60 -9.06
C ILE Q 98 -9.17 67.33 -7.83
N GLU Q 99 -9.72 66.57 -6.88
CA GLU Q 99 -10.20 67.13 -5.62
C GLU Q 99 -9.00 67.54 -4.78
N LYS Q 100 -8.95 68.82 -4.40
CA LYS Q 100 -7.74 69.37 -3.79
C LYS Q 100 -7.60 68.96 -2.33
N LYS Q 101 -8.71 68.66 -1.67
CA LYS Q 101 -8.69 68.49 -0.22
C LYS Q 101 -8.07 67.16 0.19
N THR Q 102 -8.40 66.10 -0.55
CA THR Q 102 -7.86 64.78 -0.19
C THR Q 102 -6.71 64.38 -1.09
N GLU Q 103 -6.30 65.27 -2.00
CA GLU Q 103 -5.03 65.09 -2.68
C GLU Q 103 -3.88 65.45 -1.75
N LYS Q 104 -4.11 66.41 -0.86
CA LYS Q 104 -3.09 66.77 0.13
C LYS Q 104 -3.13 65.83 1.32
N ALA Q 105 -4.26 65.13 1.52
CA ALA Q 105 -4.34 64.15 2.59
C ALA Q 105 -3.61 62.86 2.22
N LEU Q 106 -3.54 62.56 0.92
CA LEU Q 106 -2.78 61.41 0.47
C LEU Q 106 -1.36 61.81 0.08
N ARG Q 107 -1.10 63.11 -0.05
CA ARG Q 107 0.26 63.59 -0.23
C ARG Q 107 1.08 63.36 1.03
N GLU Q 108 0.42 63.39 2.19
CA GLU Q 108 1.11 63.12 3.45
C GLU Q 108 1.47 61.65 3.58
N ILE Q 109 0.63 60.76 3.03
CA ILE Q 109 0.94 59.34 3.03
C ILE Q 109 2.00 59.04 1.97
N TRP Q 110 2.02 59.83 0.89
CA TRP Q 110 3.09 59.72 -0.08
C TRP Q 110 4.41 60.25 0.49
N ASP Q 111 4.35 61.26 1.34
CA ASP Q 111 5.57 61.76 1.95
C ASP Q 111 6.10 60.81 3.02
N GLN Q 112 5.23 59.96 3.57
CA GLN Q 112 5.69 58.97 4.54
C GLN Q 112 6.36 57.78 3.86
N CYS Q 113 6.01 57.50 2.59
CA CYS Q 113 6.74 56.48 1.85
C CYS Q 113 8.16 56.94 1.53
N THR Q 114 8.33 58.23 1.24
CA THR Q 114 9.63 58.74 0.82
C THR Q 114 10.59 58.83 2.00
N ILE Q 115 10.09 59.24 3.17
CA ILE Q 115 10.89 59.26 4.38
C ILE Q 115 11.30 57.85 4.78
N ALA Q 116 10.41 56.88 4.54
CA ALA Q 116 10.71 55.49 4.89
C ALA Q 116 11.72 54.88 3.92
N VAL Q 117 11.72 55.32 2.66
CA VAL Q 117 12.68 54.79 1.69
C VAL Q 117 14.03 55.48 1.84
N TYR Q 118 14.02 56.81 1.96
CA TYR Q 118 15.26 57.58 2.05
C TYR Q 118 16.05 57.27 3.30
N ASN Q 119 15.38 56.87 4.39
CA ASN Q 119 16.10 56.42 5.57
C ASN Q 119 16.73 55.05 5.38
N ASN Q 120 16.36 54.34 4.32
CA ASN Q 120 16.89 53.01 4.06
C ASN Q 120 17.91 53.00 2.93
N THR Q 121 18.36 54.16 2.47
CA THR Q 121 19.30 54.25 1.36
C THR Q 121 20.62 54.85 1.81
N LEU Q 122 21.70 54.34 1.24
CA LEU Q 122 22.99 54.99 1.39
C LEU Q 122 23.34 55.78 0.13
N ASN Q 123 22.79 55.39 -1.01
CA ASN Q 123 22.96 56.15 -2.25
C ASN Q 123 22.22 57.47 -2.17
N ALA Q 124 22.77 58.50 -2.81
CA ALA Q 124 22.12 59.79 -2.84
C ALA Q 124 20.88 59.75 -3.72
N VAL Q 125 19.98 60.71 -3.50
CA VAL Q 125 18.78 60.78 -4.32
C VAL Q 125 19.12 61.33 -5.70
N GLU Q 126 20.07 62.27 -5.75
CA GLU Q 126 20.49 62.87 -7.01
C GLU Q 126 21.21 61.87 -7.89
N SER Q 127 21.93 60.92 -7.28
CA SER Q 127 22.76 59.99 -8.04
C SER Q 127 21.92 59.00 -8.81
N LYS Q 128 21.06 58.26 -8.13
CA LYS Q 128 20.35 57.12 -8.71
C LYS Q 128 18.87 57.23 -8.38
N PRO Q 129 18.09 57.93 -9.22
CA PRO Q 129 16.70 58.19 -8.85
C PRO Q 129 15.74 57.05 -9.13
N LEU Q 130 16.00 56.19 -10.12
CA LEU Q 130 15.06 55.09 -10.36
C LEU Q 130 15.19 53.95 -9.35
N LEU Q 131 16.21 53.98 -8.50
CA LEU Q 131 16.19 53.11 -7.34
C LEU Q 131 15.09 53.53 -6.38
N PHE Q 132 14.89 54.85 -6.25
CA PHE Q 132 13.92 55.35 -5.28
C PHE Q 132 12.49 55.10 -5.72
N LEU Q 133 12.20 55.15 -7.02
CA LEU Q 133 10.85 54.87 -7.47
C LEU Q 133 10.52 53.39 -7.34
N HIS Q 134 11.53 52.51 -7.34
CA HIS Q 134 11.25 51.13 -6.99
C HIS Q 134 11.07 50.97 -5.49
N GLY Q 135 11.43 51.99 -4.71
CA GLY Q 135 11.12 51.99 -3.31
C GLY Q 135 9.79 52.66 -3.07
N ILE Q 136 9.67 53.89 -3.54
CA ILE Q 136 8.56 54.75 -3.12
C ILE Q 136 7.24 54.29 -3.73
N LEU Q 137 7.28 53.80 -4.97
CA LEU Q 137 6.05 53.28 -5.56
C LEU Q 137 5.71 51.91 -4.97
N ASN Q 138 6.72 51.08 -4.71
CA ASN Q 138 6.46 49.77 -4.10
C ASN Q 138 5.96 49.90 -2.67
N GLU Q 139 6.45 50.90 -1.94
CA GLU Q 139 5.98 51.08 -0.59
C GLU Q 139 4.60 51.70 -0.51
N CYS Q 140 4.33 52.72 -1.31
CA CYS Q 140 2.96 53.24 -1.37
C CYS Q 140 2.01 52.33 -2.13
N ARG Q 141 2.51 51.37 -2.91
CA ARG Q 141 1.65 50.27 -3.32
C ARG Q 141 1.16 49.50 -2.11
N ASN Q 142 2.06 49.28 -1.15
CA ASN Q 142 1.71 48.57 0.06
C ASN Q 142 1.15 49.49 1.13
N ASN Q 143 1.57 50.76 1.16
CA ASN Q 143 1.08 51.67 2.20
C ASN Q 143 -0.37 52.04 1.96
N PHE Q 144 -0.74 52.27 0.71
CA PHE Q 144 -2.15 52.53 0.43
C PHE Q 144 -2.99 51.26 0.50
N ALA Q 145 -2.40 50.08 0.33
CA ALA Q 145 -3.17 48.85 0.40
C ALA Q 145 -3.44 48.39 1.82
N THR Q 146 -2.81 49.00 2.82
CA THR Q 146 -3.05 48.60 4.21
C THR Q 146 -4.00 49.56 4.93
N LYS Q 147 -4.28 50.71 4.34
CA LYS Q 147 -5.20 51.64 4.97
C LYS Q 147 -6.39 52.02 4.09
N LEU Q 148 -6.21 52.21 2.79
CA LEU Q 148 -7.32 52.58 1.91
C LEU Q 148 -8.11 51.31 1.68
N ARG Q 149 -9.34 51.25 2.19
CA ARG Q 149 -10.14 50.04 2.02
C ARG Q 149 -10.65 49.90 0.61
N GLN Q 150 -11.34 50.92 0.11
CA GLN Q 150 -12.01 50.84 -1.18
C GLN Q 150 -11.57 52.01 -2.05
N ASP Q 151 -10.99 51.70 -3.20
CA ASP Q 151 -10.42 52.69 -4.10
C ASP Q 151 -11.19 52.69 -5.40
N PRO Q 152 -12.27 53.47 -5.54
CA PRO Q 152 -12.93 53.53 -6.83
C PRO Q 152 -12.19 54.37 -7.85
N SER Q 153 -11.23 55.18 -7.41
CA SER Q 153 -10.24 55.76 -8.30
C SER Q 153 -9.08 54.83 -8.56
N LEU Q 154 -9.06 53.66 -7.89
CA LEU Q 154 -8.07 52.58 -8.06
C LEU Q 154 -6.64 53.06 -7.79
N ILE Q 155 -6.38 53.54 -6.57
CA ILE Q 155 -5.05 54.05 -6.28
C ILE Q 155 -4.05 52.90 -6.15
N VAL Q 156 -4.45 51.84 -5.46
CA VAL Q 156 -3.56 50.68 -5.32
C VAL Q 156 -3.45 49.94 -6.64
N ALA Q 157 -4.56 49.84 -7.38
CA ALA Q 157 -4.60 49.01 -8.58
C ALA Q 157 -3.84 49.63 -9.74
N LYS Q 158 -3.68 50.96 -9.74
CA LYS Q 158 -2.93 51.62 -10.81
C LYS Q 158 -1.45 51.69 -10.48
N ILE Q 159 -1.11 51.83 -9.20
CA ILE Q 159 0.29 51.78 -8.77
C ILE Q 159 0.85 50.37 -8.94
N ASP Q 160 -0.04 49.35 -8.95
CA ASP Q 160 0.32 48.01 -9.37
C ASP Q 160 0.92 47.99 -10.78
N GLN Q 161 0.20 48.56 -11.74
CA GLN Q 161 0.61 48.40 -13.14
C GLN Q 161 1.47 49.57 -13.62
N ILE Q 162 1.73 50.54 -12.76
CA ILE Q 162 2.85 51.44 -13.04
C ILE Q 162 4.15 50.70 -12.75
N ILE Q 163 4.15 49.84 -11.74
CA ILE Q 163 5.32 49.05 -11.39
C ILE Q 163 5.41 47.81 -12.27
N LYS Q 164 4.30 47.07 -12.39
CA LYS Q 164 4.33 45.79 -13.09
C LYS Q 164 4.32 45.92 -14.61
N SER Q 165 4.25 47.14 -15.13
CA SER Q 165 4.48 47.37 -16.55
C SER Q 165 5.54 48.43 -16.80
N GLN Q 166 6.15 48.95 -15.74
CA GLN Q 166 7.32 49.82 -15.73
C GLN Q 166 7.11 51.13 -16.48
N ILE Q 167 5.98 51.81 -16.25
CA ILE Q 167 5.70 53.10 -16.88
C ILE Q 167 6.56 54.19 -16.23
N TYR Q 168 7.11 53.92 -15.05
CA TYR Q 168 7.90 54.90 -14.32
C TYR Q 168 9.30 55.15 -14.90
N ARG Q 169 9.58 54.57 -16.07
CA ARG Q 169 10.66 55.00 -16.95
C ARG Q 169 10.57 56.47 -17.29
N PHE Q 170 9.43 56.86 -17.87
CA PHE Q 170 9.25 58.19 -18.46
C PHE Q 170 9.13 59.27 -17.40
N TRP Q 171 8.85 58.85 -16.18
CA TRP Q 171 8.88 59.70 -14.99
C TRP Q 171 10.28 60.28 -14.80
N VAL Q 172 11.31 59.54 -15.23
CA VAL Q 172 12.64 60.11 -15.39
C VAL Q 172 12.88 60.44 -16.85
N SER Q 173 12.91 61.73 -17.18
CA SER Q 173 13.24 62.15 -18.53
C SER Q 173 14.11 63.39 -18.42
N GLU Q 174 14.37 64.01 -19.58
CA GLU Q 174 15.11 65.27 -19.60
C GLU Q 174 14.45 66.41 -18.83
N PRO Q 175 13.14 66.68 -18.91
CA PRO Q 175 12.62 67.80 -18.10
C PRO Q 175 12.43 67.44 -16.63
N TYR Q 176 12.33 66.16 -16.31
CA TYR Q 176 12.05 65.78 -14.93
C TYR Q 176 13.32 65.72 -14.09
N LEU Q 177 14.47 65.58 -14.75
CA LEU Q 177 15.74 65.60 -14.02
C LEU Q 177 16.24 67.01 -13.81
N LYS Q 178 15.79 67.96 -14.65
CA LYS Q 178 16.21 69.35 -14.47
C LYS Q 178 15.57 69.98 -13.24
N ILE Q 179 14.28 69.72 -13.05
CA ILE Q 179 13.58 70.26 -11.88
C ILE Q 179 13.98 69.47 -10.63
N GLY Q 180 14.28 68.19 -10.80
CA GLY Q 180 14.80 67.37 -9.71
C GLY Q 180 16.16 67.79 -9.21
N ARG Q 181 17.04 68.25 -10.10
CA ARG Q 181 18.37 68.67 -9.66
C ARG Q 181 18.37 70.13 -9.23
N SER Q 182 17.29 70.85 -9.49
CA SER Q 182 17.27 72.29 -9.27
C SER Q 182 17.14 72.61 -7.78
N HIS Q 183 17.65 73.76 -7.39
CA HIS Q 183 17.58 74.24 -6.01
C HIS Q 183 16.27 75.00 -5.84
N THR Q 184 15.15 74.28 -5.82
CA THR Q 184 13.85 74.87 -5.54
C THR Q 184 13.28 74.17 -4.33
N LEU Q 185 12.60 74.93 -3.47
CA LEU Q 185 11.91 74.35 -2.33
C LEU Q 185 10.74 73.51 -2.80
N TYR Q 186 10.40 72.47 -2.04
CA TYR Q 186 9.41 71.51 -2.48
C TYR Q 186 8.00 72.07 -2.41
N THR Q 187 7.78 73.13 -1.64
CA THR Q 187 6.47 73.76 -1.59
C THR Q 187 6.19 74.55 -2.86
N HIS Q 188 7.24 74.94 -3.57
CA HIS Q 188 7.07 75.66 -4.83
C HIS Q 188 6.79 74.73 -6.01
N ILE Q 189 6.95 73.43 -5.84
CA ILE Q 189 6.65 72.47 -6.90
C ILE Q 189 5.14 72.27 -6.93
N THR Q 190 4.50 72.87 -7.93
CA THR Q 190 3.07 72.80 -8.14
C THR Q 190 2.81 71.94 -9.38
N PRO Q 191 1.58 71.49 -9.64
CA PRO Q 191 1.31 70.83 -10.92
C PRO Q 191 1.40 71.77 -12.13
N ASP Q 192 1.40 73.08 -11.92
CA ASP Q 192 1.69 73.99 -13.02
C ASP Q 192 3.16 73.95 -13.40
N ALA Q 193 4.04 73.73 -12.43
CA ALA Q 193 5.47 73.79 -12.69
C ALA Q 193 6.04 72.46 -13.19
N VAL Q 194 5.25 71.39 -13.18
CA VAL Q 194 5.71 70.07 -13.62
C VAL Q 194 5.24 69.89 -15.07
N PRO Q 195 6.15 69.57 -16.00
CA PRO Q 195 5.74 69.38 -17.39
C PRO Q 195 5.02 68.05 -17.57
N GLN Q 196 4.02 68.05 -18.45
CA GLN Q 196 3.20 66.86 -18.63
C GLN Q 196 3.91 65.83 -19.49
N LEU Q 197 3.65 64.56 -19.18
CA LEU Q 197 4.12 63.45 -19.99
C LEU Q 197 3.41 63.46 -21.34
N PRO Q 198 4.08 63.00 -22.39
CA PRO Q 198 3.39 62.83 -23.67
C PRO Q 198 2.38 61.70 -23.61
N LYS Q 199 1.49 61.66 -24.61
CA LYS Q 199 0.34 60.76 -24.55
C LYS Q 199 0.71 59.30 -24.73
N GLU Q 200 1.95 59.00 -25.15
CA GLU Q 200 2.39 57.61 -25.22
C GLU Q 200 2.72 57.03 -23.85
N CYS Q 201 2.88 57.89 -22.84
CA CYS Q 201 3.51 57.50 -21.58
C CYS Q 201 2.56 57.43 -20.40
N THR Q 202 1.25 57.43 -20.62
CA THR Q 202 0.30 57.47 -19.52
C THR Q 202 -0.43 56.14 -19.38
N LEU Q 203 -1.18 56.01 -18.29
CA LEU Q 203 -2.03 54.84 -18.09
C LEU Q 203 -3.26 54.86 -18.99
N LYS Q 204 -3.70 56.05 -19.42
CA LYS Q 204 -4.87 56.14 -20.29
C LYS Q 204 -4.59 55.52 -21.66
N HIS Q 205 -3.36 55.66 -22.13
CA HIS Q 205 -3.00 55.02 -23.39
C HIS Q 205 -2.77 53.53 -23.20
N LEU Q 206 -2.01 53.16 -22.17
CA LEU Q 206 -1.54 51.78 -22.04
C LEU Q 206 -2.68 50.83 -21.64
N SER Q 207 -3.69 51.33 -20.93
CA SER Q 207 -4.85 50.49 -20.64
C SER Q 207 -5.75 50.37 -21.85
N SER Q 208 -5.88 51.45 -22.64
CA SER Q 208 -6.70 51.38 -23.84
C SER Q 208 -5.77 50.66 -24.80
N TYR Q 209 -4.46 50.72 -24.55
CA TYR Q 209 -3.52 49.92 -25.35
C TYR Q 209 -3.79 48.34 -25.47
N MET Q 210 -4.11 47.82 -24.29
CA MET Q 210 -4.51 46.43 -24.10
C MET Q 210 -5.87 46.04 -24.74
N GLU Q 211 -6.92 46.88 -24.64
CA GLU Q 211 -8.20 46.53 -25.23
C GLU Q 211 -8.13 46.59 -26.75
N GLU Q 212 -7.12 47.26 -27.30
CA GLU Q 212 -6.86 47.14 -28.73
C GLU Q 212 -6.26 45.78 -29.11
N LYS Q 213 -5.72 45.09 -28.11
CA LYS Q 213 -5.10 43.78 -28.35
C LYS Q 213 -5.69 42.57 -27.63
N LEU Q 214 -6.33 42.76 -26.48
CA LEU Q 214 -6.88 41.62 -25.75
C LEU Q 214 -8.36 41.45 -26.08
N LYS Q 215 -9.07 42.54 -26.38
CA LYS Q 215 -10.43 42.42 -26.87
C LYS Q 215 -10.44 41.97 -28.33
N SER Q 216 -9.45 42.40 -29.10
CA SER Q 216 -9.33 41.96 -30.48
C SER Q 216 -8.90 40.52 -30.69
N MET Q 217 -7.94 40.04 -29.91
CA MET Q 217 -7.59 38.63 -30.01
C MET Q 217 -8.63 37.66 -29.38
N GLU Q 218 -9.24 38.12 -28.28
CA GLU Q 218 -10.26 37.37 -27.54
C GLU Q 218 -11.59 37.16 -28.28
N SER Q 219 -12.12 38.24 -28.87
CA SER Q 219 -13.38 38.23 -29.59
C SER Q 219 -13.36 37.31 -30.80
N LYS Q 220 -12.19 36.84 -31.23
CA LYS Q 220 -12.11 35.88 -32.32
C LYS Q 220 -11.97 34.46 -31.84
N LYS Q 221 -12.54 34.15 -30.68
CA LYS Q 221 -12.96 32.80 -30.37
C LYS Q 221 -14.26 32.49 -31.12
N ASN Q 222 -14.85 31.33 -30.79
CA ASN Q 222 -15.81 30.59 -31.62
C ASN Q 222 -16.98 31.40 -32.16
N ILE Q 223 -17.52 30.90 -33.26
CA ILE Q 223 -18.00 31.69 -34.38
C ILE Q 223 -19.49 31.42 -34.55
N GLU Q 224 -20.15 32.15 -35.45
CA GLU Q 224 -21.49 31.70 -35.81
C GLU Q 224 -21.43 30.65 -36.89
N SER Q 225 -20.35 30.68 -37.69
CA SER Q 225 -20.06 29.86 -38.87
C SER Q 225 -21.03 30.10 -40.02
N GLY Q 226 -21.99 31.01 -39.87
CA GLY Q 226 -22.91 31.40 -40.90
C GLY Q 226 -23.03 32.90 -40.89
N LYS Q 227 -22.35 33.51 -39.91
CA LYS Q 227 -22.04 34.94 -39.97
C LYS Q 227 -21.29 35.26 -41.24
N TYR Q 228 -20.31 34.42 -41.57
CA TYR Q 228 -19.55 34.57 -42.80
C TYR Q 228 -20.32 33.97 -43.96
N GLU Q 229 -19.76 34.15 -45.15
CA GLU Q 229 -20.46 33.89 -46.40
C GLU Q 229 -19.47 34.02 -47.54
N PHE Q 230 -19.88 33.60 -48.71
CA PHE Q 230 -19.39 34.20 -49.94
C PHE Q 230 -20.51 34.32 -50.93
N ASP Q 231 -20.46 35.38 -51.73
CA ASP Q 231 -21.21 35.39 -52.98
C ASP Q 231 -20.50 34.51 -53.98
N VAL Q 232 -21.27 33.88 -54.86
CA VAL Q 232 -20.72 33.12 -55.96
C VAL Q 232 -20.73 34.01 -57.19
N ASP Q 233 -19.69 33.90 -58.02
CA ASP Q 233 -19.60 34.61 -59.28
C ASP Q 233 -19.33 33.58 -60.36
N SER Q 234 -20.38 33.22 -61.10
CA SER Q 234 -20.29 32.21 -62.14
C SER Q 234 -20.53 32.85 -63.49
N SER Q 235 -19.94 32.27 -64.52
CA SER Q 235 -20.12 32.74 -65.89
C SER Q 235 -21.28 32.00 -66.55
N ALA R 648 -32.71 63.56 -36.30
CA ALA R 648 -32.41 64.98 -36.20
C ALA R 648 -33.69 65.81 -36.08
N VAL R 669 -34.68 59.88 -34.13
CA VAL R 669 -33.82 61.05 -34.01
C VAL R 669 -32.47 60.65 -33.43
N LYS R 670 -32.51 60.01 -32.26
CA LYS R 670 -31.29 59.61 -31.57
C LYS R 670 -30.61 58.45 -32.28
N ASP R 671 -31.38 57.48 -32.77
CA ASP R 671 -30.81 56.36 -33.51
C ASP R 671 -30.43 56.80 -34.93
N ILE R 672 -31.03 57.88 -35.42
CA ILE R 672 -30.69 58.43 -36.72
C ILE R 672 -29.28 59.00 -36.70
N LYS R 673 -28.88 59.59 -35.57
CA LYS R 673 -27.58 60.24 -35.47
C LYS R 673 -26.44 59.23 -35.40
N LYS R 674 -26.71 58.03 -34.91
CA LYS R 674 -25.63 57.05 -34.76
C LYS R 674 -25.19 56.48 -36.10
N LEU R 675 -26.01 56.61 -37.14
CA LEU R 675 -25.65 56.07 -38.45
C LEU R 675 -25.13 57.18 -39.38
N ILE R 676 -25.76 58.36 -39.31
CA ILE R 676 -25.49 59.39 -40.31
C ILE R 676 -24.28 60.24 -39.90
N GLU R 677 -24.12 60.50 -38.60
CA GLU R 677 -23.05 61.40 -38.17
C GLU R 677 -21.68 60.76 -38.29
N GLU R 678 -21.62 59.44 -38.42
CA GLU R 678 -20.37 58.79 -38.80
C GLU R 678 -20.08 58.97 -40.28
N GLY R 679 -21.14 59.12 -41.09
CA GLY R 679 -20.95 59.22 -42.53
C GLY R 679 -21.03 60.65 -43.04
N ILE R 680 -22.05 61.39 -42.63
CA ILE R 680 -22.38 62.65 -43.28
C ILE R 680 -22.24 63.84 -42.32
N LEU R 681 -23.01 63.82 -41.24
CA LEU R 681 -23.16 65.01 -40.41
C LEU R 681 -21.96 65.20 -39.48
N ASP R 682 -21.43 66.41 -39.44
CA ASP R 682 -20.44 66.78 -38.45
C ASP R 682 -21.15 67.20 -37.16
N TYR R 683 -20.41 67.15 -36.05
CA TYR R 683 -20.99 67.55 -34.77
C TYR R 683 -21.11 69.07 -34.66
N GLU R 684 -20.43 69.81 -35.54
CA GLU R 684 -20.41 71.27 -35.44
C GLU R 684 -21.75 71.88 -35.78
N ASP R 685 -22.49 71.27 -36.70
CA ASP R 685 -23.83 71.74 -37.07
C ASP R 685 -24.86 70.87 -36.36
N LEU R 686 -25.06 71.13 -35.06
CA LEU R 686 -26.07 70.47 -34.26
C LEU R 686 -26.57 71.47 -33.23
N THR R 687 -27.88 71.48 -33.00
CA THR R 687 -28.47 72.47 -32.11
C THR R 687 -28.33 72.05 -30.64
N GLU R 688 -28.73 72.96 -29.76
CA GLU R 688 -28.63 72.70 -28.33
C GLU R 688 -29.62 71.64 -27.86
N ASN R 689 -30.79 71.56 -28.51
CA ASN R 689 -31.73 70.49 -28.21
C ASN R 689 -31.33 69.16 -28.86
N GLU R 690 -30.35 69.17 -29.75
CA GLU R 690 -29.87 67.94 -30.38
C GLU R 690 -28.62 67.39 -29.69
N LEU R 691 -27.77 68.27 -29.16
CA LEU R 691 -26.58 67.79 -28.45
C LEU R 691 -26.94 67.21 -27.09
N ARG R 692 -27.94 67.80 -26.41
CA ARG R 692 -28.27 67.36 -25.07
C ARG R 692 -28.99 66.01 -25.10
N LYS R 693 -29.69 65.71 -26.20
CA LYS R 693 -30.45 64.47 -26.26
C LYS R 693 -29.58 63.29 -26.70
N LEU R 694 -28.46 63.58 -27.36
CA LEU R 694 -27.50 62.52 -27.66
C LEU R 694 -26.66 62.20 -26.42
N ALA R 695 -26.58 63.15 -25.49
CA ALA R 695 -25.93 62.89 -24.22
C ALA R 695 -26.92 62.35 -23.19
N LYS R 696 -28.22 62.45 -23.47
CA LYS R 696 -29.24 61.78 -22.66
C LYS R 696 -29.04 60.27 -22.73
N PRO R 697 -29.44 59.54 -21.68
CA PRO R 697 -29.32 58.07 -21.72
C PRO R 697 -30.28 57.43 -22.72
N ASP R 698 -29.90 56.25 -23.19
CA ASP R 698 -30.59 55.58 -24.29
C ASP R 698 -31.85 54.86 -23.75
N ASP R 699 -32.50 54.09 -24.61
CA ASP R 699 -33.67 53.34 -24.20
C ASP R 699 -33.31 52.02 -23.52
N ASN R 700 -32.03 51.62 -23.56
CA ASN R 700 -31.59 50.52 -22.71
C ASN R 700 -31.54 50.95 -21.26
N PHE R 701 -31.28 52.23 -21.02
CA PHE R 701 -31.59 52.84 -19.73
C PHE R 701 -33.11 52.94 -19.61
N TYR R 702 -33.60 52.83 -18.37
CA TYR R 702 -34.99 52.59 -17.97
C TYR R 702 -35.52 51.22 -18.42
N GLU R 703 -34.64 50.35 -18.90
CA GLU R 703 -35.03 48.95 -19.09
C GLU R 703 -34.54 48.15 -17.90
N LEU R 704 -35.43 47.33 -17.35
CA LEU R 704 -35.16 46.66 -16.09
C LEU R 704 -34.25 45.46 -16.31
N SER R 705 -33.14 45.40 -15.57
CA SER R 705 -32.12 44.38 -15.77
C SER R 705 -31.58 43.90 -14.43
N PRO R 706 -31.93 42.68 -14.02
CA PRO R 706 -31.40 42.15 -12.77
C PRO R 706 -30.19 41.27 -13.09
N TYR R 707 -29.65 40.62 -12.06
CA TYR R 707 -28.52 39.69 -12.18
C TYR R 707 -27.18 40.17 -12.75
N ALA R 708 -26.52 41.07 -12.05
CA ALA R 708 -25.18 41.53 -12.41
C ALA R 708 -24.18 40.38 -12.24
N SER R 709 -23.13 40.43 -13.05
CA SER R 709 -22.12 39.37 -13.10
C SER R 709 -20.94 39.75 -12.22
N ASP R 710 -20.69 38.95 -11.18
CA ASP R 710 -19.62 39.26 -10.24
C ASP R 710 -18.26 38.94 -10.84
N GLU R 711 -17.27 39.75 -10.48
CA GLU R 711 -15.89 39.61 -10.89
C GLU R 711 -15.03 40.07 -9.73
N LYS R 712 -13.72 39.89 -9.83
CA LYS R 712 -12.80 40.41 -8.82
C LYS R 712 -12.83 41.93 -8.81
N ASP R 713 -13.36 42.50 -7.74
CA ASP R 713 -13.49 43.95 -7.59
C ASP R 713 -12.11 44.52 -7.29
N LEU R 714 -11.52 45.21 -8.27
CA LEU R 714 -10.26 45.88 -8.02
C LEU R 714 -10.44 47.16 -7.23
N SER R 715 -11.68 47.63 -7.07
CA SER R 715 -11.94 48.81 -6.25
C SER R 715 -11.69 48.53 -4.77
N LEU R 716 -12.26 47.45 -4.25
CA LEU R 716 -12.14 47.14 -2.84
C LEU R 716 -10.86 46.35 -2.57
N ASN R 717 -10.14 46.76 -1.52
CA ASN R 717 -8.87 46.14 -1.15
C ASN R 717 -9.12 45.22 0.04
N GLU R 718 -8.99 43.91 -0.17
CA GLU R 718 -9.22 42.97 0.92
C GLU R 718 -8.08 42.99 1.92
N THR R 719 -6.90 43.47 1.50
CA THR R 719 -5.74 43.54 2.38
C THR R 719 -5.69 44.82 3.20
N SER R 720 -6.80 45.56 3.29
CA SER R 720 -6.77 46.84 3.96
C SER R 720 -7.03 46.68 5.46
N GLY R 721 -6.78 47.76 6.19
CA GLY R 721 -6.90 47.75 7.62
C GLY R 721 -7.35 49.10 8.13
N LEU R 722 -7.25 49.26 9.44
CA LEU R 722 -7.77 50.44 10.09
C LEU R 722 -6.63 51.36 10.53
N THR R 723 -6.93 52.66 10.62
CA THR R 723 -5.97 53.64 11.11
C THR R 723 -5.67 53.36 12.58
N ASN R 724 -4.41 53.07 12.89
CA ASN R 724 -4.07 52.57 14.21
C ASN R 724 -3.98 53.69 15.23
N GLU R 725 -3.68 54.90 14.78
CA GLU R 725 -3.58 56.19 15.48
C GLU R 725 -2.31 56.25 16.37
N GLN R 726 -1.59 55.15 16.55
CA GLN R 726 -0.25 55.24 17.12
C GLN R 726 0.81 55.17 16.03
N LEU R 727 0.46 54.59 14.88
CA LEU R 727 1.30 54.74 13.70
C LEU R 727 1.17 56.15 13.14
N LYS R 728 -0.07 56.65 13.07
CA LYS R 728 -0.33 57.99 12.54
C LYS R 728 0.30 59.07 13.42
N ASN R 729 0.43 58.79 14.71
CA ASN R 729 1.16 59.70 15.58
C ASN R 729 2.66 59.60 15.35
N PHE R 730 3.18 58.37 15.24
CA PHE R 730 4.62 58.18 15.11
C PHE R 730 5.11 58.53 13.71
N LEU R 731 4.30 58.26 12.70
CA LEU R 731 4.64 58.71 11.36
C LEU R 731 4.35 60.19 11.16
N GLY R 732 3.53 60.78 12.02
CA GLY R 732 3.32 62.22 11.96
C GLY R 732 4.54 62.99 12.41
N GLN R 733 5.19 62.52 13.48
CA GLN R 733 6.49 63.08 13.84
C GLN R 733 7.61 62.62 12.91
N ASN R 734 7.87 63.39 11.88
CA ASN R 734 8.67 63.04 10.69
C ASN R 734 10.12 62.80 11.14
N GLY R 735 10.78 61.76 10.64
CA GLY R 735 12.17 61.55 10.98
C GLY R 735 12.52 60.14 11.40
N THR R 736 13.57 59.60 10.75
CA THR R 736 14.28 58.33 11.00
C THR R 736 13.35 57.17 11.41
N TYR R 737 12.31 57.00 10.61
CA TYR R 737 11.55 55.76 10.59
C TYR R 737 11.73 55.10 9.23
N HIS R 738 11.64 53.77 9.22
CA HIS R 738 12.10 53.00 8.07
C HIS R 738 10.99 52.25 7.35
N MET R 739 9.81 52.11 7.94
CA MET R 739 8.67 51.54 7.25
C MET R 739 7.43 52.33 7.64
N SER R 740 6.60 52.63 6.65
CA SER R 740 5.50 53.57 6.84
C SER R 740 4.11 52.94 6.73
N TYR R 741 3.98 51.65 7.01
CA TYR R 741 2.68 51.00 7.04
C TYR R 741 2.72 49.82 7.99
N ASP R 742 1.69 48.97 7.92
CA ASP R 742 1.51 47.98 8.98
C ASP R 742 2.06 46.62 8.58
N SER R 743 1.82 46.20 7.33
CA SER R 743 2.38 45.00 6.70
C SER R 743 1.95 43.69 7.38
N LYS R 744 0.88 43.72 8.17
CA LYS R 744 0.39 42.49 8.78
C LYS R 744 -0.63 41.83 7.89
N SER R 745 -1.52 42.64 7.31
CA SER R 745 -2.59 42.10 6.49
C SER R 745 -2.13 41.86 5.06
N ILE R 746 -1.02 42.50 4.66
CA ILE R 746 -0.61 42.40 3.27
C ILE R 746 0.43 41.29 3.10
N ASP R 747 1.03 40.86 4.21
CA ASP R 747 1.82 39.62 4.18
C ASP R 747 0.91 38.41 4.32
N TYR R 748 -0.16 38.56 5.07
CA TYR R 748 -1.12 37.47 5.26
C TYR R 748 -1.66 37.17 3.89
N ALA R 749 -1.92 38.23 3.14
CA ALA R 749 -2.40 38.14 1.79
C ALA R 749 -1.37 37.46 0.90
N LYS R 750 -0.07 37.72 1.12
CA LYS R 750 0.88 37.12 0.20
C LYS R 750 1.12 35.65 0.53
N GLN R 751 1.01 35.29 1.81
CA GLN R 751 1.14 33.90 2.21
C GLN R 751 0.01 33.05 1.63
N LYS R 752 -1.19 33.62 1.50
CA LYS R 752 -2.32 32.87 0.96
C LYS R 752 -2.11 32.56 -0.51
N LYS R 753 -1.57 33.51 -1.27
CA LYS R 753 -1.30 33.26 -2.68
C LYS R 753 -0.18 32.26 -2.87
N SER R 754 0.69 32.09 -1.88
CA SER R 754 1.71 31.06 -1.97
C SER R 754 1.15 29.68 -1.63
N GLU R 755 -0.01 29.63 -0.97
CA GLU R 755 -0.53 28.35 -0.49
C GLU R 755 -1.73 27.84 -1.29
N LYS R 756 -2.40 28.68 -2.05
CA LYS R 756 -3.58 28.25 -2.81
C LYS R 756 -3.24 27.32 -3.96
N LYS R 757 -2.09 27.54 -4.62
CA LYS R 757 -1.74 26.95 -5.91
C LYS R 757 -2.87 27.19 -6.91
N GLU R 758 -3.17 28.46 -7.15
CA GLU R 758 -4.05 28.86 -8.24
C GLU R 758 -3.29 29.76 -9.21
N ASP R 759 -2.96 29.24 -10.39
CA ASP R 759 -2.02 29.92 -11.26
C ASP R 759 -2.60 30.09 -12.66
N GLN R 760 -3.38 29.11 -13.11
CA GLN R 760 -3.61 28.83 -14.52
C GLN R 760 -4.37 29.93 -15.25
N GLN R 761 -5.28 30.62 -14.55
CA GLN R 761 -5.93 31.80 -15.13
C GLN R 761 -5.62 33.05 -14.33
N GLU R 762 -5.10 32.91 -13.11
CA GLU R 762 -4.77 34.07 -12.30
C GLU R 762 -3.51 34.76 -12.82
N ASP R 763 -2.74 34.05 -13.65
CA ASP R 763 -1.69 34.64 -14.46
C ASP R 763 -2.24 35.62 -15.51
N ASP R 764 -3.54 35.53 -15.82
CA ASP R 764 -4.18 36.54 -16.66
C ASP R 764 -5.03 37.52 -15.88
N ASP R 765 -5.52 37.12 -14.69
CA ASP R 765 -6.50 37.91 -13.97
C ASP R 765 -5.90 39.20 -13.42
N GLY R 766 -4.69 39.13 -12.88
CA GLY R 766 -3.99 40.34 -12.48
C GLY R 766 -3.46 41.15 -13.64
N PHE R 767 -3.39 40.54 -14.83
CA PHE R 767 -2.67 41.12 -15.95
C PHE R 767 -3.57 41.54 -17.10
N TYR R 768 -4.76 40.94 -17.21
CA TYR R 768 -5.74 41.46 -18.15
C TYR R 768 -6.72 42.41 -17.50
N ASP R 769 -7.33 41.97 -16.41
CA ASP R 769 -8.66 42.44 -16.04
C ASP R 769 -8.63 43.87 -15.51
N ALA R 770 -7.48 44.33 -15.05
CA ALA R 770 -7.40 45.71 -14.59
C ALA R 770 -7.53 46.70 -15.74
N TYR R 771 -7.02 46.36 -16.91
CA TYR R 771 -7.09 47.29 -18.02
C TYR R 771 -8.55 47.61 -18.33
N LYS R 772 -9.40 46.58 -18.27
CA LYS R 772 -10.83 46.75 -18.52
C LYS R 772 -11.49 47.65 -17.47
N GLN R 773 -11.09 47.49 -16.21
CA GLN R 773 -11.68 48.26 -15.11
C GLN R 773 -10.94 49.57 -14.89
N ILE R 774 -9.68 49.65 -15.33
CA ILE R 774 -8.93 50.89 -15.17
C ILE R 774 -9.38 51.91 -16.19
N LYS R 775 -9.65 51.48 -17.43
CA LYS R 775 -10.19 52.38 -18.44
C LYS R 775 -11.60 52.84 -18.10
N ASN R 776 -12.38 51.99 -17.42
CA ASN R 776 -13.73 52.37 -17.01
C ASN R 776 -13.70 53.41 -15.91
N SER R 777 -12.60 53.50 -15.17
CA SER R 777 -12.43 54.56 -14.19
C SER R 777 -12.25 55.93 -14.83
N TYR R 778 -11.83 55.99 -16.09
CA TYR R 778 -11.71 57.28 -16.77
C TYR R 778 -13.02 57.67 -17.43
N ASP R 779 -14.02 56.82 -17.35
CA ASP R 779 -15.33 57.10 -17.96
C ASP R 779 -16.44 57.19 -16.92
N GLY R 780 -16.11 57.12 -15.63
CA GLY R 780 -17.12 57.15 -14.60
C GLY R 780 -17.83 55.84 -14.37
N ILE R 781 -17.30 54.75 -14.88
CA ILE R 781 -17.97 53.47 -14.83
C ILE R 781 -17.27 52.58 -13.81
N PRO R 782 -17.99 52.05 -12.82
CA PRO R 782 -17.38 51.09 -11.89
C PRO R 782 -17.18 49.72 -12.52
N ASN R 783 -16.78 48.77 -11.66
CA ASN R 783 -16.23 47.48 -12.06
C ASN R 783 -17.15 46.62 -12.91
N ASN R 784 -18.27 46.19 -12.34
CA ASN R 784 -19.17 45.27 -13.02
C ASN R 784 -20.37 45.99 -13.62
N PHE R 785 -20.20 47.25 -13.98
CA PHE R 785 -21.32 48.07 -14.38
C PHE R 785 -21.48 48.04 -15.89
N ASN R 786 -22.43 47.23 -16.36
CA ASN R 786 -22.68 47.05 -17.78
C ASN R 786 -23.66 48.08 -18.34
N HIS R 787 -23.85 49.19 -17.66
CA HIS R 787 -24.85 50.18 -18.06
C HIS R 787 -24.25 51.57 -18.20
N GLU R 788 -25.11 52.58 -18.31
CA GLU R 788 -24.66 53.90 -18.67
C GLU R 788 -24.38 54.75 -17.44
N ALA R 789 -23.21 55.40 -17.42
CA ALA R 789 -22.75 56.16 -16.28
C ALA R 789 -22.31 57.55 -16.75
N PRO R 790 -22.60 58.61 -15.98
CA PRO R 790 -22.34 59.95 -16.47
C PRO R 790 -20.89 60.35 -16.32
N GLN R 791 -20.56 61.52 -16.87
CA GLN R 791 -19.23 62.08 -16.85
C GLN R 791 -19.36 63.56 -17.16
N LEU R 792 -18.98 64.41 -16.21
CA LEU R 792 -19.12 65.85 -16.35
C LEU R 792 -18.02 66.36 -17.27
N ILE R 793 -18.44 66.99 -18.36
CA ILE R 793 -17.53 67.61 -19.32
C ILE R 793 -17.93 69.08 -19.42
N GLY R 794 -17.09 69.95 -18.88
CA GLY R 794 -17.47 71.36 -18.86
C GLY R 794 -18.53 71.62 -17.81
N ASN R 795 -19.75 71.85 -18.27
CA ASN R 795 -20.90 72.03 -17.39
C ASN R 795 -22.02 71.04 -17.68
N ASN R 796 -21.77 70.04 -18.54
CA ASN R 796 -22.80 69.10 -18.94
C ASN R 796 -22.34 67.67 -18.68
N TYR R 797 -23.30 66.80 -18.42
CA TYR R 797 -23.02 65.40 -18.19
C TYR R 797 -23.23 64.58 -19.45
N VAL R 798 -22.32 63.62 -19.66
CA VAL R 798 -22.37 62.71 -20.80
C VAL R 798 -22.40 61.29 -20.27
N PHE R 799 -23.48 60.58 -20.57
CA PHE R 799 -23.63 59.20 -20.11
C PHE R 799 -22.92 58.24 -21.06
N THR R 800 -21.83 57.66 -20.60
CA THR R 800 -21.01 56.74 -21.39
C THR R 800 -21.26 55.32 -20.95
N SER R 801 -20.84 54.36 -21.78
CA SER R 801 -21.14 52.96 -21.54
C SER R 801 -19.86 52.15 -21.61
N ILE R 802 -19.99 50.86 -21.34
CA ILE R 802 -18.94 49.91 -21.70
C ILE R 802 -18.83 49.82 -23.21
N TYR R 803 -19.98 49.77 -23.89
CA TYR R 803 -20.00 49.57 -25.34
C TYR R 803 -20.08 50.91 -26.06
N ASP R 804 -21.09 51.72 -25.74
CA ASP R 804 -21.24 53.05 -26.33
C ASP R 804 -20.34 54.01 -25.56
N THR R 805 -19.09 54.13 -26.01
CA THR R 805 -18.14 54.96 -25.30
C THR R 805 -18.42 56.45 -25.50
N LYS R 806 -19.05 56.79 -26.63
CA LYS R 806 -19.36 58.17 -27.03
C LYS R 806 -18.12 59.06 -27.05
N GLU R 807 -17.02 58.55 -27.62
CA GLU R 807 -15.75 59.24 -27.56
C GLU R 807 -15.73 60.48 -28.44
N ASN R 808 -16.48 60.45 -29.56
CA ASN R 808 -16.49 61.59 -30.47
C ASN R 808 -17.26 62.77 -29.89
N LEU R 809 -18.23 62.50 -29.03
CA LEU R 809 -18.87 63.60 -28.29
C LEU R 809 -17.93 64.21 -27.27
N ILE R 810 -17.07 63.39 -26.67
CA ILE R 810 -16.16 63.88 -25.64
C ILE R 810 -15.07 64.74 -26.26
N LYS R 811 -14.58 64.35 -27.44
CA LYS R 811 -13.59 65.17 -28.14
C LYS R 811 -14.21 66.45 -28.66
N PHE R 812 -15.51 66.45 -28.95
CA PHE R 812 -16.17 67.64 -29.47
C PHE R 812 -16.49 68.62 -28.35
N LEU R 813 -16.96 68.12 -27.20
CA LEU R 813 -17.40 69.01 -26.14
C LEU R 813 -16.22 69.60 -25.38
N LYS R 814 -15.08 68.90 -25.36
CA LYS R 814 -13.90 69.45 -24.73
C LYS R 814 -13.26 70.53 -25.59
N LYS R 815 -13.19 70.29 -26.90
CA LYS R 815 -12.47 71.21 -27.78
C LYS R 815 -13.32 72.43 -28.13
N ASN R 816 -14.57 72.22 -28.54
CA ASN R 816 -15.38 73.34 -29.01
C ASN R 816 -15.96 74.13 -27.85
N SER R 817 -16.47 73.45 -26.83
CA SER R 817 -17.16 74.10 -25.73
C SER R 817 -16.23 74.39 -24.54
N GLU R 818 -14.94 74.65 -24.80
CA GLU R 818 -14.03 75.04 -23.73
C GLU R 818 -14.39 76.43 -23.21
N TYR R 819 -14.56 77.39 -24.12
CA TYR R 819 -14.98 78.74 -23.80
C TYR R 819 -16.38 79.01 -24.35
N ASP R 820 -17.07 77.95 -24.75
CA ASP R 820 -18.42 78.04 -25.28
C ASP R 820 -19.36 77.18 -24.43
N LEU R 821 -20.64 77.50 -24.48
CA LEU R 821 -21.65 76.82 -23.67
C LEU R 821 -22.78 76.33 -24.56
N TYR R 822 -22.95 75.02 -24.64
CA TYR R 822 -24.06 74.40 -25.34
C TYR R 822 -24.67 73.34 -24.44
N ASP R 823 -25.89 73.60 -23.95
CA ASP R 823 -26.55 72.66 -23.06
C ASP R 823 -27.11 71.47 -23.83
N GLY S 27 -6.76 78.74 72.89
CA GLY S 27 -6.83 77.32 72.67
C GLY S 27 -6.81 76.94 71.19
N TYR S 28 -6.56 75.67 70.90
CA TYR S 28 -6.50 75.19 69.53
C TYR S 28 -7.83 74.63 69.04
N GLY S 29 -8.89 74.78 69.82
CA GLY S 29 -10.22 74.48 69.29
C GLY S 29 -10.75 75.60 68.41
N ASP S 30 -10.11 76.77 68.45
CA ASP S 30 -10.47 77.86 67.56
C ASP S 30 -10.02 77.58 66.13
N LEU S 31 -8.83 77.00 65.97
CA LEU S 31 -8.37 76.61 64.63
C LEU S 31 -8.91 75.26 64.22
N ALA S 32 -9.69 74.60 65.09
CA ALA S 32 -10.36 73.36 64.71
C ALA S 32 -11.44 73.62 63.68
N ALA S 33 -12.29 74.62 63.94
CA ALA S 33 -13.42 74.87 63.05
C ALA S 33 -12.99 75.59 61.78
N THR S 34 -11.85 76.28 61.81
CA THR S 34 -11.34 76.91 60.61
C THR S 34 -10.83 75.86 59.62
N SER S 35 -10.19 74.81 60.15
CA SER S 35 -9.77 73.71 59.31
C SER S 35 -10.94 72.80 58.96
N ALA S 36 -11.97 72.78 59.82
CA ALA S 36 -13.16 72.00 59.54
C ALA S 36 -13.93 72.58 58.35
N LEU S 37 -14.41 73.82 58.49
CA LEU S 37 -15.25 74.41 57.44
C LEU S 37 -14.45 74.88 56.24
N THR S 38 -13.12 74.68 56.23
CA THR S 38 -12.37 74.79 54.99
C THR S 38 -12.77 73.66 54.04
N THR S 39 -12.59 72.42 54.46
CA THR S 39 -12.79 71.29 53.55
C THR S 39 -14.24 70.85 53.49
N VAL S 40 -15.08 71.35 54.41
CA VAL S 40 -16.51 71.09 54.34
C VAL S 40 -17.12 71.81 53.14
N ILE S 41 -16.54 72.93 52.73
CA ILE S 41 -17.15 73.71 51.66
C ILE S 41 -16.28 73.69 50.39
N LYS S 42 -14.95 73.58 50.54
CA LYS S 42 -14.09 73.53 49.36
C LYS S 42 -14.23 72.22 48.61
N ASP S 43 -14.04 71.10 49.32
CA ASP S 43 -13.94 69.79 48.67
C ASP S 43 -15.24 69.25 48.05
N PRO S 44 -16.44 69.55 48.57
CA PRO S 44 -17.63 69.25 47.73
C PRO S 44 -17.71 70.07 46.46
N ILE S 45 -17.49 71.39 46.54
CA ILE S 45 -17.66 72.26 45.38
C ILE S 45 -16.54 72.02 44.37
N SER S 46 -15.38 71.57 44.85
CA SER S 46 -14.29 71.23 43.95
C SER S 46 -14.61 69.97 43.15
N LEU S 47 -15.43 69.09 43.71
CA LEU S 47 -15.74 67.83 43.03
C LEU S 47 -17.01 67.93 42.19
N THR S 48 -17.90 68.88 42.53
CA THR S 48 -19.07 69.11 41.68
C THR S 48 -18.66 69.70 40.34
N ILE S 49 -17.66 70.58 40.37
CA ILE S 49 -17.25 71.30 39.15
C ILE S 49 -16.50 70.35 38.22
N LYS S 50 -15.81 69.35 38.80
CA LYS S 50 -15.12 68.35 37.98
C LYS S 50 -16.09 67.46 37.21
N ASP S 51 -17.37 67.46 37.58
CA ASP S 51 -18.36 66.73 36.79
C ASP S 51 -19.23 67.69 35.99
N ILE S 52 -19.47 68.89 36.51
CA ILE S 52 -20.25 69.88 35.76
C ILE S 52 -19.46 70.39 34.56
N TYR S 53 -18.16 70.63 34.75
CA TYR S 53 -17.34 71.08 33.61
C TYR S 53 -17.08 69.95 32.63
N GLU S 54 -16.97 68.71 33.12
CA GLU S 54 -16.65 67.60 32.23
C GLU S 54 -17.87 67.13 31.46
N HIS S 55 -18.98 66.86 32.16
CA HIS S 55 -20.14 66.29 31.51
C HIS S 55 -21.12 67.34 30.99
N GLY S 56 -20.97 68.59 31.40
CA GLY S 56 -21.90 69.61 30.96
C GLY S 56 -21.26 70.76 30.21
N VAL S 57 -19.92 70.84 30.20
CA VAL S 57 -19.26 71.92 29.48
C VAL S 57 -18.27 71.36 28.46
N LYS S 58 -17.40 70.42 28.86
CA LYS S 58 -16.44 69.80 27.94
C LYS S 58 -17.12 69.07 26.80
N ASN S 59 -17.85 68.01 27.14
CA ASN S 59 -18.49 67.10 26.19
C ASN S 59 -19.50 67.74 25.24
N PRO S 60 -20.33 68.74 25.61
CA PRO S 60 -21.11 69.41 24.54
C PRO S 60 -20.29 70.35 23.68
N PHE S 61 -19.26 71.00 24.23
CA PHE S 61 -18.50 71.97 23.44
C PHE S 61 -17.61 71.28 22.43
N THR S 62 -17.18 70.05 22.73
CA THR S 62 -16.48 69.25 21.72
C THR S 62 -17.45 68.79 20.64
N LYS S 63 -18.68 68.43 21.03
CA LYS S 63 -19.65 67.97 20.05
C LYS S 63 -20.21 69.14 19.24
N ILE S 64 -19.90 70.38 19.62
CA ILE S 64 -20.17 71.51 18.75
C ILE S 64 -19.00 71.71 17.77
N ILE S 65 -17.77 71.55 18.26
CA ILE S 65 -16.59 71.71 17.40
C ILE S 65 -16.52 70.60 16.36
N HIS S 66 -16.72 69.36 16.77
CA HIS S 66 -16.58 68.25 15.83
C HIS S 66 -17.80 68.14 14.93
N LYS S 67 -18.89 68.84 15.27
CA LYS S 67 -19.96 69.06 14.30
C LYS S 67 -19.60 70.17 13.31
N LEU S 68 -18.84 71.17 13.74
CA LEU S 68 -18.39 72.20 12.82
C LEU S 68 -17.30 71.69 11.89
N LYS S 69 -16.51 70.70 12.33
CA LYS S 69 -15.49 70.13 11.47
C LYS S 69 -16.12 69.33 10.33
N LYS S 70 -17.35 68.88 10.51
CA LYS S 70 -18.10 68.33 9.39
C LYS S 70 -18.67 69.44 8.51
N PHE S 71 -18.67 70.68 8.99
CA PHE S 71 -19.30 71.76 8.25
C PHE S 71 -18.28 72.67 7.57
N ILE S 72 -17.14 72.93 8.23
CA ILE S 72 -16.07 73.69 7.57
C ILE S 72 -15.47 72.87 6.44
N ARG S 73 -15.16 71.62 6.69
CA ARG S 73 -14.86 70.66 5.63
C ARG S 73 -16.17 70.09 5.11
N TYR S 74 -16.04 69.26 4.06
CA TYR S 74 -17.05 68.27 3.69
C TYR S 74 -18.37 68.90 3.23
N ARG S 75 -18.32 70.11 2.69
CA ARG S 75 -19.54 70.74 2.19
C ARG S 75 -19.97 70.13 0.87
N LYS S 76 -19.00 69.88 -0.02
CA LYS S 76 -19.32 69.36 -1.35
C LYS S 76 -19.78 67.91 -1.29
N VAL S 77 -19.41 67.21 -0.23
CA VAL S 77 -19.72 65.78 -0.14
C VAL S 77 -21.13 65.59 0.37
N LEU S 78 -21.50 66.37 1.39
CA LEU S 78 -22.77 66.14 2.06
C LEU S 78 -23.94 66.72 1.29
N ARG S 79 -23.67 67.52 0.25
CA ARG S 79 -24.70 67.86 -0.72
C ARG S 79 -25.16 66.61 -1.46
N TRP S 80 -24.23 65.69 -1.69
CA TRP S 80 -24.55 64.47 -2.41
C TRP S 80 -24.94 63.35 -1.46
N SER S 81 -24.35 63.32 -0.26
CA SER S 81 -24.54 62.20 0.65
C SER S 81 -25.95 62.20 1.22
N ARG S 82 -26.42 63.37 1.68
CA ARG S 82 -27.80 63.51 2.12
C ARG S 82 -28.76 63.35 0.95
N MET S 83 -28.28 63.64 -0.27
CA MET S 83 -29.06 63.37 -1.47
C MET S 83 -29.16 61.87 -1.72
N TRP S 84 -28.16 61.10 -1.29
CA TRP S 84 -28.27 59.65 -1.44
C TRP S 84 -29.01 59.04 -0.25
N TRP S 85 -28.86 59.63 0.93
CA TRP S 85 -29.39 59.02 2.15
C TRP S 85 -30.91 59.07 2.18
N VAL S 86 -31.48 60.14 1.61
CA VAL S 86 -32.91 60.22 1.43
C VAL S 86 -33.41 59.12 0.49
N LEU S 87 -32.58 58.72 -0.50
CA LEU S 87 -33.05 57.71 -1.43
C LEU S 87 -32.91 56.30 -0.86
N LEU S 88 -32.10 56.12 0.19
CA LEU S 88 -32.15 54.84 0.92
C LEU S 88 -33.37 54.78 1.82
N VAL S 89 -33.68 55.88 2.49
CA VAL S 89 -34.81 55.94 3.41
C VAL S 89 -36.12 55.76 2.64
N ARG S 90 -36.14 56.18 1.37
CA ARG S 90 -37.34 55.97 0.55
C ARG S 90 -37.42 54.54 0.03
N GLU S 91 -36.28 53.87 -0.15
CA GLU S 91 -36.33 52.54 -0.75
C GLU S 91 -36.34 51.43 0.28
N ILE S 92 -35.65 51.62 1.40
CA ILE S 92 -35.66 50.59 2.44
C ILE S 92 -37.01 50.57 3.15
N VAL S 93 -37.59 51.75 3.38
CA VAL S 93 -38.88 51.82 4.03
C VAL S 93 -40.02 51.59 3.03
N GLY S 94 -40.04 52.37 1.96
CA GLY S 94 -41.09 52.24 0.96
C GLY S 94 -42.41 52.86 1.37
N ASP S 95 -42.38 54.14 1.72
CA ASP S 95 -43.51 55.02 2.00
C ASP S 95 -44.34 54.57 3.20
N ASN S 96 -43.73 54.03 4.26
CA ASN S 96 -44.48 53.58 5.44
C ASN S 96 -43.82 54.15 6.69
N THR S 97 -44.45 55.19 7.23
CA THR S 97 -43.91 56.43 7.89
C THR S 97 -42.59 56.14 8.62
N ILE S 98 -41.54 56.91 8.33
CA ILE S 98 -40.20 56.64 8.80
C ILE S 98 -40.03 57.22 10.20
N GLU S 99 -39.45 56.44 11.11
CA GLU S 99 -39.16 56.90 12.46
C GLU S 99 -38.03 57.92 12.41
N LYS S 100 -38.30 59.12 12.92
CA LYS S 100 -37.38 60.25 12.72
C LYS S 100 -36.17 60.16 13.64
N LYS S 101 -36.31 59.48 14.78
CA LYS S 101 -35.28 59.55 15.81
C LYS S 101 -34.07 58.71 15.46
N THR S 102 -34.28 57.52 14.89
CA THR S 102 -33.16 56.66 14.56
C THR S 102 -32.85 56.69 13.07
N GLU S 103 -33.56 57.52 12.32
CA GLU S 103 -33.12 57.84 10.96
C GLU S 103 -31.96 58.82 11.00
N LYS S 104 -31.94 59.69 12.01
CA LYS S 104 -30.81 60.60 12.18
C LYS S 104 -29.65 59.92 12.90
N ALA S 105 -29.94 58.83 13.61
CA ALA S 105 -28.86 58.09 14.28
C ALA S 105 -28.11 57.23 13.27
N LEU S 106 -28.78 56.80 12.20
CA LEU S 106 -28.10 56.06 11.15
C LEU S 106 -27.63 57.00 10.04
N ARG S 107 -28.11 58.25 10.04
CA ARG S 107 -27.56 59.25 9.13
C ARG S 107 -26.13 59.59 9.51
N GLU S 108 -25.80 59.50 10.80
CA GLU S 108 -24.44 59.75 11.25
C GLU S 108 -23.51 58.63 10.82
N ILE S 109 -24.02 57.40 10.76
CA ILE S 109 -23.20 56.29 10.27
C ILE S 109 -23.11 56.35 8.76
N TRP S 110 -24.14 56.89 8.10
CA TRP S 110 -24.04 57.14 6.67
C TRP S 110 -23.07 58.28 6.36
N ASP S 111 -22.99 59.27 7.25
CA ASP S 111 -22.02 60.34 7.02
C ASP S 111 -20.60 59.89 7.29
N GLN S 112 -20.42 58.84 8.08
CA GLN S 112 -19.09 58.32 8.31
C GLN S 112 -18.60 57.47 7.14
N CYS S 113 -19.52 56.88 6.36
CA CYS S 113 -19.11 56.21 5.13
C CYS S 113 -18.62 57.19 4.10
N THR S 114 -19.26 58.37 4.02
CA THR S 114 -18.92 59.35 3.00
C THR S 114 -17.59 60.02 3.28
N ILE S 115 -17.33 60.32 4.56
CA ILE S 115 -16.04 60.88 4.95
C ILE S 115 -14.93 59.87 4.71
N ALA S 116 -15.22 58.59 4.90
CA ALA S 116 -14.22 57.55 4.69
C ALA S 116 -13.95 57.32 3.20
N VAL S 117 -14.96 57.53 2.36
CA VAL S 117 -14.76 57.36 0.91
C VAL S 117 -14.10 58.59 0.31
N TYR S 118 -14.60 59.77 0.67
CA TYR S 118 -14.10 61.03 0.12
C TYR S 118 -12.65 61.30 0.48
N ASN S 119 -12.19 60.79 1.62
CA ASN S 119 -10.78 60.89 1.97
C ASN S 119 -9.93 59.94 1.15
N ASN S 120 -10.54 58.99 0.45
CA ASN S 120 -9.82 58.02 -0.35
C ASN S 120 -9.90 58.31 -1.85
N THR S 121 -10.41 59.47 -2.24
CA THR S 121 -10.59 59.81 -3.65
C THR S 121 -9.72 60.99 -4.03
N LEU S 122 -9.19 60.95 -5.24
CA LEU S 122 -8.55 62.13 -5.81
C LEU S 122 -9.49 62.80 -6.81
N ASN S 123 -10.42 62.04 -7.39
CA ASN S 123 -11.43 62.61 -8.27
C ASN S 123 -12.41 63.45 -7.47
N ALA S 124 -12.92 64.50 -8.10
CA ALA S 124 -13.90 65.35 -7.44
C ALA S 124 -15.24 64.65 -7.33
N VAL S 125 -16.07 65.11 -6.39
CA VAL S 125 -17.39 64.52 -6.23
C VAL S 125 -18.31 64.95 -7.37
N GLU S 126 -18.14 66.20 -7.82
CA GLU S 126 -18.95 66.74 -8.90
C GLU S 126 -18.64 66.05 -10.23
N SER S 127 -17.39 65.63 -10.41
CA SER S 127 -16.96 65.09 -11.69
C SER S 127 -17.57 63.71 -11.95
N LYS S 128 -17.35 62.77 -11.03
CA LYS S 128 -17.69 61.37 -11.24
C LYS S 128 -18.46 60.84 -10.04
N PRO S 129 -19.78 60.99 -10.03
CA PRO S 129 -20.54 60.64 -8.81
C PRO S 129 -20.83 59.17 -8.64
N LEU S 130 -20.95 58.39 -9.72
CA LEU S 130 -21.22 56.96 -9.54
C LEU S 130 -20.00 56.16 -9.09
N LEU S 131 -18.82 56.76 -9.10
CA LEU S 131 -17.70 56.15 -8.39
C LEU S 131 -17.95 56.17 -6.90
N PHE S 132 -18.55 57.26 -6.40
CA PHE S 132 -18.75 57.40 -4.96
C PHE S 132 -19.83 56.48 -4.43
N LEU S 133 -20.88 56.21 -5.22
CA LEU S 133 -21.90 55.29 -4.75
C LEU S 133 -21.40 53.85 -4.74
N HIS S 134 -20.38 53.54 -5.55
CA HIS S 134 -19.74 52.24 -5.40
C HIS S 134 -18.81 52.24 -4.20
N GLY S 135 -18.52 53.41 -3.64
CA GLY S 135 -17.79 53.46 -2.39
C GLY S 135 -18.76 53.49 -1.23
N ILE S 136 -19.68 54.46 -1.26
CA ILE S 136 -20.46 54.79 -0.07
C ILE S 136 -21.49 53.70 0.21
N LEU S 137 -22.07 53.10 -0.83
CA LEU S 137 -22.99 52.00 -0.60
C LEU S 137 -22.25 50.73 -0.22
N ASN S 138 -21.09 50.49 -0.83
CA ASN S 138 -20.29 49.30 -0.48
C ASN S 138 -19.73 49.40 0.93
N GLU S 139 -19.38 50.61 1.37
CA GLU S 139 -18.86 50.75 2.72
C GLU S 139 -19.96 50.68 3.76
N CYS S 140 -21.08 51.34 3.56
CA CYS S 140 -22.20 51.18 4.49
C CYS S 140 -22.91 49.84 4.34
N ARG S 141 -22.68 49.11 3.24
CA ARG S 141 -23.02 47.69 3.25
C ARG S 141 -22.21 46.97 4.31
N ASN S 142 -20.93 47.32 4.41
CA ASN S 142 -20.06 46.70 5.40
C ASN S 142 -20.11 47.42 6.74
N ASN S 143 -20.37 48.73 6.75
CA ASN S 143 -20.38 49.46 8.02
C ASN S 143 -21.62 49.11 8.83
N PHE S 144 -22.77 48.96 8.19
CA PHE S 144 -23.94 48.51 8.92
C PHE S 144 -23.88 47.02 9.25
N ALA S 145 -23.12 46.23 8.50
CA ALA S 145 -23.03 44.81 8.80
C ALA S 145 -22.07 44.48 9.94
N THR S 146 -21.29 45.46 10.42
CA THR S 146 -20.38 45.19 11.52
C THR S 146 -20.90 45.71 12.85
N LYS S 147 -21.96 46.51 12.82
CA LYS S 147 -22.52 47.01 14.07
C LYS S 147 -24.00 46.68 14.24
N LEU S 148 -24.82 46.74 13.19
CA LEU S 148 -26.25 46.45 13.33
C LEU S 148 -26.35 44.93 13.39
N ARG S 149 -26.77 44.40 14.54
CA ARG S 149 -26.86 42.95 14.68
C ARG S 149 -28.04 42.40 13.92
N GLN S 150 -29.24 42.92 14.19
CA GLN S 150 -30.45 42.36 13.63
C GLN S 150 -31.25 43.46 12.94
N ASP S 151 -31.51 43.28 11.65
CA ASP S 151 -32.15 44.28 10.82
C ASP S 151 -33.48 43.75 10.34
N PRO S 152 -34.58 43.94 11.08
CA PRO S 152 -35.87 43.50 10.54
C PRO S 152 -36.41 44.43 9.48
N SER S 153 -35.87 45.63 9.37
CA SER S 153 -36.09 46.47 8.19
C SER S 153 -35.12 46.12 7.07
N LEU S 154 -34.17 45.21 7.33
CA LEU S 154 -33.20 44.67 6.36
C LEU S 154 -32.34 45.77 5.75
N ILE S 155 -31.59 46.50 6.58
CA ILE S 155 -30.76 47.59 6.07
C ILE S 155 -29.57 47.04 5.30
N VAL S 156 -28.91 46.03 5.84
CA VAL S 156 -27.77 45.42 5.16
C VAL S 156 -28.24 44.62 3.95
N ALA S 157 -29.38 43.94 4.08
CA ALA S 157 -29.83 43.01 3.04
C ALA S 157 -30.37 43.74 1.82
N LYS S 158 -30.83 44.98 1.99
CA LYS S 158 -31.35 45.73 0.85
C LYS S 158 -30.23 46.52 0.16
N ILE S 159 -29.24 46.98 0.94
CA ILE S 159 -28.06 47.62 0.36
C ILE S 159 -27.22 46.60 -0.40
N ASP S 160 -27.35 45.32 -0.06
CA ASP S 160 -26.82 44.23 -0.88
C ASP S 160 -27.35 44.28 -2.30
N GLN S 161 -28.68 44.32 -2.46
CA GLN S 161 -29.26 44.17 -3.78
C GLN S 161 -29.54 45.51 -4.45
N ILE S 162 -29.23 46.62 -3.78
CA ILE S 162 -29.08 47.86 -4.53
C ILE S 162 -27.76 47.84 -5.28
N ILE S 163 -26.73 47.23 -4.70
CA ILE S 163 -25.43 47.11 -5.34
C ILE S 163 -25.44 45.93 -6.30
N LYS S 164 -25.89 44.75 -5.84
CA LYS S 164 -25.77 43.54 -6.64
C LYS S 164 -26.82 43.44 -7.74
N SER S 165 -27.73 44.40 -7.84
CA SER S 165 -28.61 44.50 -9.00
C SER S 165 -28.55 45.88 -9.64
N GLN S 166 -27.70 46.77 -9.13
CA GLN S 166 -27.32 48.07 -9.69
C GLN S 166 -28.51 49.01 -9.85
N ILE S 167 -29.37 49.14 -8.83
CA ILE S 167 -30.49 50.06 -8.86
C ILE S 167 -30.00 51.50 -8.70
N TYR S 168 -28.76 51.67 -8.22
CA TYR S 168 -28.21 53.01 -7.98
C TYR S 168 -27.82 53.76 -9.25
N ARG S 169 -28.16 53.22 -10.42
CA ARG S 169 -28.23 53.95 -11.68
C ARG S 169 -29.14 55.16 -11.57
N PHE S 170 -30.41 54.91 -11.20
CA PHE S 170 -31.47 55.91 -11.26
C PHE S 170 -31.31 56.96 -10.18
N TRP S 171 -30.52 56.64 -9.17
CA TRP S 171 -30.08 57.58 -8.14
C TRP S 171 -29.33 58.74 -8.77
N VAL S 172 -28.65 58.50 -9.89
CA VAL S 172 -28.16 59.58 -10.72
C VAL S 172 -29.10 59.76 -11.91
N SER S 173 -29.83 60.86 -11.91
CA SER S 173 -30.69 61.19 -13.04
C SER S 173 -30.60 62.69 -13.27
N GLU S 174 -31.45 63.19 -14.17
CA GLU S 174 -31.54 64.62 -14.40
C GLU S 174 -31.94 65.45 -13.17
N PRO S 175 -32.94 65.08 -12.35
CA PRO S 175 -33.21 65.96 -11.19
C PRO S 175 -32.22 65.77 -10.05
N TYR S 176 -31.53 64.63 -10.00
CA TYR S 176 -30.64 64.37 -8.87
C TYR S 176 -29.28 65.00 -9.06
N LEU S 177 -28.92 65.31 -10.31
CA LEU S 177 -27.66 66.00 -10.57
C LEU S 177 -27.82 67.51 -10.45
N LYS S 178 -29.04 68.02 -10.59
CA LYS S 178 -29.26 69.46 -10.45
C LYS S 178 -29.12 69.90 -9.01
N ILE S 179 -29.71 69.12 -8.08
CA ILE S 179 -29.61 69.45 -6.66
C ILE S 179 -28.22 69.12 -6.14
N GLY S 180 -27.59 68.10 -6.72
CA GLY S 180 -26.21 67.76 -6.40
C GLY S 180 -25.20 68.82 -6.80
N ARG S 181 -25.43 69.49 -7.94
CA ARG S 181 -24.48 70.51 -8.36
C ARG S 181 -24.81 71.87 -7.75
N SER S 182 -25.98 71.98 -7.11
CA SER S 182 -26.46 73.27 -6.64
C SER S 182 -25.72 73.71 -5.39
N HIS S 183 -25.64 75.02 -5.19
CA HIS S 183 -24.99 75.59 -4.02
C HIS S 183 -26.01 75.71 -2.89
N THR S 184 -26.41 74.57 -2.32
CA THR S 184 -27.29 74.54 -1.17
C THR S 184 -26.56 73.84 -0.04
N LEU S 185 -26.76 74.33 1.18
CA LEU S 185 -26.19 73.68 2.35
C LEU S 185 -26.89 72.34 2.57
N TYR S 186 -26.15 71.39 3.14
CA TYR S 186 -26.66 70.02 3.25
C TYR S 186 -27.75 69.89 4.31
N THR S 187 -27.83 70.84 5.23
CA THR S 187 -28.89 70.81 6.24
C THR S 187 -30.23 71.20 5.63
N HIS S 188 -30.20 71.93 4.51
CA HIS S 188 -31.43 72.30 3.82
C HIS S 188 -31.97 71.18 2.94
N ILE S 189 -31.21 70.12 2.70
CA ILE S 189 -31.67 69.00 1.90
C ILE S 189 -32.57 68.13 2.79
N THR S 190 -33.87 68.23 2.57
CA THR S 190 -34.88 67.50 3.30
C THR S 190 -35.48 66.44 2.37
N PRO S 191 -36.22 65.45 2.88
CA PRO S 191 -36.96 64.57 1.96
C PRO S 191 -38.07 65.26 1.18
N ASP S 192 -38.50 66.45 1.61
CA ASP S 192 -39.43 67.22 0.79
C ASP S 192 -38.74 67.80 -0.44
N ALA S 193 -37.46 68.14 -0.32
CA ALA S 193 -36.74 68.79 -1.41
C ALA S 193 -36.15 67.81 -2.41
N VAL S 194 -36.17 66.51 -2.12
CA VAL S 194 -35.62 65.49 -3.00
C VAL S 194 -36.77 64.92 -3.83
N PRO S 195 -36.67 64.91 -5.15
CA PRO S 195 -37.75 64.35 -5.98
C PRO S 195 -37.75 62.83 -5.92
N GLN S 196 -38.96 62.25 -5.94
CA GLN S 196 -39.08 60.81 -5.79
C GLN S 196 -38.75 60.10 -7.10
N LEU S 197 -38.17 58.91 -6.96
CA LEU S 197 -37.93 58.03 -8.08
C LEU S 197 -39.26 57.53 -8.64
N PRO S 198 -39.32 57.26 -9.94
CA PRO S 198 -40.52 56.62 -10.50
C PRO S 198 -40.63 55.18 -10.03
N LYS S 199 -41.81 54.60 -10.22
CA LYS S 199 -42.12 53.30 -9.63
C LYS S 199 -41.38 52.15 -10.30
N GLU S 200 -40.75 52.38 -11.45
CA GLU S 200 -39.93 51.34 -12.06
C GLU S 200 -38.58 51.19 -11.38
N CYS S 201 -38.19 52.15 -10.55
CA CYS S 201 -36.81 52.27 -10.09
C CYS S 201 -36.60 51.96 -8.62
N THR S 202 -37.58 51.34 -7.95
CA THR S 202 -37.48 51.10 -6.53
C THR S 202 -37.27 49.62 -6.21
N LEU S 203 -36.98 49.33 -4.95
CA LEU S 203 -36.89 47.93 -4.51
C LEU S 203 -38.25 47.27 -4.39
N LYS S 204 -39.31 48.06 -4.20
CA LYS S 204 -40.66 47.50 -4.08
C LYS S 204 -41.11 46.88 -5.39
N HIS S 205 -40.70 47.49 -6.51
CA HIS S 205 -41.02 46.91 -7.81
C HIS S 205 -40.12 45.72 -8.12
N LEU S 206 -38.81 45.88 -7.90
CA LEU S 206 -37.84 44.89 -8.38
C LEU S 206 -37.89 43.61 -7.55
N SER S 207 -38.29 43.70 -6.28
CA SER S 207 -38.47 42.48 -5.50
C SER S 207 -39.77 41.79 -5.85
N SER S 208 -40.82 42.56 -6.14
CA SER S 208 -42.09 41.96 -6.53
C SER S 208 -42.04 41.42 -7.95
N TYR S 209 -41.14 41.98 -8.77
CA TYR S 209 -41.00 41.51 -10.15
C TYR S 209 -40.30 40.16 -10.20
N MET S 210 -39.49 39.86 -9.18
CA MET S 210 -38.84 38.54 -9.12
C MET S 210 -39.82 37.45 -8.72
N GLU S 211 -40.82 37.79 -7.90
CA GLU S 211 -41.86 36.82 -7.60
C GLU S 211 -42.83 36.67 -8.76
N GLU S 212 -42.84 37.64 -9.68
CA GLU S 212 -43.56 37.45 -10.93
C GLU S 212 -42.75 36.52 -11.83
N LYS S 213 -41.46 36.40 -11.55
CA LYS S 213 -40.56 35.56 -12.35
C LYS S 213 -40.06 34.24 -11.76
N LEU S 214 -39.79 34.19 -10.46
CA LEU S 214 -39.28 32.94 -9.87
C LEU S 214 -40.36 32.10 -9.18
N LYS S 215 -41.46 32.73 -8.73
CA LYS S 215 -42.58 31.95 -8.23
C LYS S 215 -43.33 31.34 -9.40
N SER S 216 -43.39 32.06 -10.52
CA SER S 216 -44.04 31.53 -11.72
C SER S 216 -43.17 30.49 -12.41
N MET S 217 -41.86 30.71 -12.43
CA MET S 217 -40.94 29.77 -13.06
C MET S 217 -40.52 28.67 -12.08
N ALA T 648 -70.98 38.55 2.96
CA ALA T 648 -71.36 39.94 3.13
C ALA T 648 -72.43 40.09 4.20
N VAL T 669 -69.21 34.73 5.07
CA VAL T 669 -69.11 36.17 4.85
C VAL T 669 -67.72 36.52 4.36
N LYS T 670 -66.71 36.11 5.11
CA LYS T 670 -65.32 36.42 4.78
C LYS T 670 -64.85 35.62 3.58
N ASP T 671 -65.23 34.34 3.51
CA ASP T 671 -64.87 33.52 2.37
C ASP T 671 -65.73 33.86 1.16
N ILE T 672 -66.89 34.46 1.40
CA ILE T 672 -67.77 34.92 0.32
C ILE T 672 -67.12 36.06 -0.45
N LYS T 673 -66.40 36.92 0.28
CA LYS T 673 -65.80 38.11 -0.35
C LYS T 673 -64.61 37.75 -1.22
N LYS T 674 -63.93 36.64 -0.93
CA LYS T 674 -62.74 36.30 -1.70
C LYS T 674 -63.09 35.81 -3.10
N LEU T 675 -64.33 35.39 -3.33
CA LEU T 675 -64.73 34.90 -4.65
C LEU T 675 -65.48 35.96 -5.44
N ILE T 676 -66.34 36.72 -4.75
CA ILE T 676 -67.27 37.61 -5.46
C ILE T 676 -66.63 38.96 -5.74
N GLU T 677 -65.78 39.45 -4.82
CA GLU T 677 -65.23 40.80 -4.98
C GLU T 677 -64.17 40.85 -6.07
N GLU T 678 -63.65 39.70 -6.48
CA GLU T 678 -62.83 39.65 -7.68
C GLU T 678 -63.69 39.72 -8.95
N GLY T 679 -64.94 39.24 -8.85
CA GLY T 679 -65.80 39.21 -10.01
C GLY T 679 -66.80 40.35 -10.05
N ILE T 680 -67.50 40.59 -8.94
CA ILE T 680 -68.68 41.46 -8.97
C ILE T 680 -68.48 42.69 -8.10
N LEU T 681 -68.25 42.49 -6.80
CA LEU T 681 -68.32 43.59 -5.85
C LEU T 681 -67.04 44.43 -5.88
N ASP T 682 -67.22 45.74 -5.93
CA ASP T 682 -66.12 46.68 -5.73
C ASP T 682 -65.90 46.91 -4.24
N TYR T 683 -64.70 47.36 -3.89
CA TYR T 683 -64.40 47.64 -2.49
C TYR T 683 -65.07 48.92 -2.02
N GLU T 684 -65.54 49.75 -2.95
CA GLU T 684 -66.09 51.06 -2.59
C GLU T 684 -67.42 50.93 -1.86
N ASP T 685 -68.22 49.92 -2.21
CA ASP T 685 -69.49 49.67 -1.55
C ASP T 685 -69.31 48.54 -0.53
N LEU T 686 -68.69 48.86 0.61
CA LEU T 686 -68.52 47.94 1.72
C LEU T 686 -68.60 48.74 3.00
N THR T 687 -69.26 48.18 4.00
CA THR T 687 -69.49 48.92 5.25
C THR T 687 -68.27 48.81 6.17
N GLU T 688 -68.34 49.57 7.27
CA GLU T 688 -67.23 49.60 8.22
C GLU T 688 -67.10 48.28 8.98
N ASN T 689 -68.20 47.58 9.21
CA ASN T 689 -68.13 46.25 9.81
C ASN T 689 -67.74 45.18 8.81
N GLU T 690 -67.71 45.50 7.51
CA GLU T 690 -67.27 44.56 6.49
C GLU T 690 -65.81 44.74 6.11
N LEU T 691 -65.31 45.97 6.14
CA LEU T 691 -63.91 46.21 5.82
C LEU T 691 -62.99 45.74 6.95
N ARG T 692 -63.44 45.90 8.20
CA ARG T 692 -62.57 45.55 9.32
C ARG T 692 -62.47 44.04 9.49
N LYS T 693 -63.48 43.29 9.04
CA LYS T 693 -63.46 41.84 9.22
C LYS T 693 -62.69 41.16 8.10
N LEU T 694 -62.54 41.82 6.96
CA LEU T 694 -61.68 41.29 5.91
C LEU T 694 -60.22 41.56 6.24
N ALA T 695 -59.97 42.58 7.07
CA ALA T 695 -58.62 42.83 7.57
C ALA T 695 -58.34 42.05 8.85
N LYS T 696 -59.37 41.50 9.47
CA LYS T 696 -59.19 40.57 10.59
C LYS T 696 -58.45 39.31 10.10
N PRO T 697 -57.71 38.65 10.99
CA PRO T 697 -57.02 37.42 10.58
C PRO T 697 -57.99 36.28 10.31
N ASP T 698 -57.55 35.33 9.48
CA ASP T 698 -58.40 34.28 8.96
C ASP T 698 -58.52 33.15 10.01
N ASP T 699 -59.16 32.05 9.61
CA ASP T 699 -59.29 30.91 10.51
C ASP T 699 -58.05 30.02 10.51
N ASN T 700 -57.11 30.25 9.59
CA ASN T 700 -55.81 29.61 9.72
C ASN T 700 -55.01 30.22 10.87
N PHE T 701 -55.26 31.50 11.14
CA PHE T 701 -54.88 32.08 12.42
C PHE T 701 -55.79 31.49 13.49
N TYR T 702 -55.25 31.35 14.71
CA TYR T 702 -55.75 30.56 15.84
C TYR T 702 -55.79 29.06 15.56
N GLU T 703 -55.17 28.62 14.46
CA GLU T 703 -54.93 27.20 14.28
C GLU T 703 -53.50 26.88 14.69
N LEU T 704 -53.35 25.84 15.50
CA LEU T 704 -52.06 25.56 16.13
C LEU T 704 -51.11 24.89 15.14
N SER T 705 -49.93 25.46 14.98
CA SER T 705 -48.96 24.99 13.97
C SER T 705 -47.55 25.03 14.54
N PRO T 706 -46.99 23.86 14.88
CA PRO T 706 -45.58 23.79 15.25
C PRO T 706 -44.68 23.64 14.03
N TYR T 707 -43.39 23.41 14.30
CA TYR T 707 -42.36 23.02 13.33
C TYR T 707 -42.13 24.03 12.21
N ALA T 708 -41.62 25.22 12.54
CA ALA T 708 -41.21 26.16 11.52
C ALA T 708 -39.99 25.64 10.77
N SER T 709 -39.87 26.04 9.51
CA SER T 709 -38.82 25.57 8.62
C SER T 709 -37.67 26.57 8.61
N ASP T 710 -36.50 26.14 9.06
CA ASP T 710 -35.35 27.03 9.15
C ASP T 710 -34.74 27.30 7.77
N GLU T 711 -34.26 28.52 7.59
CA GLU T 711 -33.59 28.96 6.37
C GLU T 711 -32.49 29.93 6.80
N LYS T 712 -31.66 30.36 5.85
CA LYS T 712 -30.66 31.38 6.13
C LYS T 712 -31.34 32.70 6.47
N ASP T 713 -31.21 33.12 7.73
CA ASP T 713 -31.83 34.35 8.21
C ASP T 713 -31.02 35.52 7.67
N LEU T 714 -31.59 36.25 6.72
CA LEU T 714 -30.93 37.46 6.25
C LEU T 714 -31.09 38.62 7.22
N SER T 715 -31.96 38.47 8.21
CA SER T 715 -32.11 39.52 9.23
C SER T 715 -30.88 39.60 10.12
N LEU T 716 -30.42 38.46 10.64
CA LEU T 716 -29.29 38.47 11.57
C LEU T 716 -27.98 38.39 10.79
N ASN T 717 -27.02 39.22 11.20
CA ASN T 717 -25.73 39.32 10.55
C ASN T 717 -24.70 38.58 11.41
N GLU T 718 -24.19 37.46 10.90
CA GLU T 718 -23.22 36.69 11.66
C GLU T 718 -21.86 37.38 11.69
N THR T 719 -21.61 38.27 10.73
CA THR T 719 -20.35 39.00 10.67
C THR T 719 -20.34 40.25 11.52
N SER T 720 -21.29 40.41 12.42
CA SER T 720 -21.39 41.65 13.18
C SER T 720 -20.52 41.61 14.42
N GLY T 721 -20.36 42.78 15.04
CA GLY T 721 -19.50 42.91 16.19
C GLY T 721 -20.04 43.97 17.12
N LEU T 722 -19.19 44.35 18.07
CA LEU T 722 -19.61 45.25 19.14
C LEU T 722 -19.01 46.64 18.93
N THR T 723 -19.70 47.65 19.44
CA THR T 723 -19.22 49.03 19.41
C THR T 723 -17.95 49.14 20.26
N ASN T 724 -16.83 49.50 19.63
CA ASN T 724 -15.54 49.40 20.30
C ASN T 724 -15.31 50.57 21.25
N GLU T 725 -15.95 51.72 20.97
CA GLU T 725 -15.99 52.99 21.69
C GLU T 725 -14.65 53.75 21.56
N GLN T 726 -13.61 53.15 21.01
CA GLN T 726 -12.43 53.93 20.61
C GLN T 726 -12.45 54.18 19.11
N LEU T 727 -13.15 53.35 18.35
CA LEU T 727 -13.47 53.69 16.97
C LEU T 727 -14.53 54.78 16.92
N LYS T 728 -15.56 54.66 17.76
CA LYS T 728 -16.65 55.63 17.80
C LYS T 728 -16.16 56.99 18.29
N ASN T 729 -15.11 57.00 19.10
CA ASN T 729 -14.49 58.26 19.49
C ASN T 729 -13.66 58.82 18.35
N PHE T 730 -12.88 57.96 17.68
CA PHE T 730 -11.97 58.44 16.64
C PHE T 730 -12.72 58.77 15.36
N LEU T 731 -13.77 58.01 15.06
CA LEU T 731 -14.61 58.36 13.93
C LEU T 731 -15.57 59.50 14.26
N GLY T 732 -15.79 59.77 15.55
CA GLY T 732 -16.59 60.92 15.93
C GLY T 732 -15.86 62.22 15.66
N GLN T 733 -14.56 62.27 15.95
CA GLN T 733 -13.75 63.40 15.51
C GLN T 733 -13.46 63.37 14.02
N ASN T 734 -14.32 64.02 13.23
CA ASN T 734 -14.42 63.91 11.77
C ASN T 734 -13.11 64.43 11.14
N GLY T 735 -12.58 63.75 10.13
CA GLY T 735 -11.40 64.24 9.46
C GLY T 735 -10.29 63.23 9.26
N THR T 736 -9.84 63.13 8.01
CA THR T 736 -8.67 62.40 7.49
C THR T 736 -8.48 61.01 8.14
N TYR T 737 -9.58 60.27 8.16
CA TYR T 737 -9.53 58.83 8.37
C TYR T 737 -10.01 58.13 7.11
N HIS T 738 -9.50 56.92 6.87
CA HIS T 738 -9.62 56.29 5.58
C HIS T 738 -10.45 55.01 5.58
N MET T 739 -10.74 54.44 6.75
CA MET T 739 -11.66 53.31 6.83
C MET T 739 -12.52 53.50 8.07
N SER T 740 -13.81 53.23 7.93
CA SER T 740 -14.79 53.58 8.95
C SER T 740 -15.45 52.38 9.62
N TYR T 741 -14.79 51.23 9.65
CA TYR T 741 -15.31 50.08 10.36
C TYR T 741 -14.14 49.19 10.80
N ASP T 742 -14.45 47.97 11.22
CA ASP T 742 -13.46 47.17 11.93
C ASP T 742 -12.78 46.16 11.00
N SER T 743 -13.57 45.51 10.13
CA SER T 743 -13.10 44.62 9.05
C SER T 743 -12.36 43.38 9.57
N LYS T 744 -12.30 43.21 10.89
CA LYS T 744 -11.62 42.03 11.41
C LYS T 744 -12.43 40.76 11.18
N SER T 745 -13.70 40.84 11.54
CA SER T 745 -14.66 39.76 11.39
C SER T 745 -15.10 39.43 9.97
N ILE T 746 -15.28 40.49 9.18
CA ILE T 746 -15.81 40.38 7.83
C ILE T 746 -14.78 39.82 6.86
N ASP T 747 -13.48 39.95 7.15
CA ASP T 747 -12.51 39.19 6.40
C ASP T 747 -12.51 37.74 6.84
N TYR T 748 -12.76 37.51 8.13
CA TYR T 748 -12.83 36.15 8.66
C TYR T 748 -14.00 35.38 8.06
N ALA T 749 -15.10 36.08 7.76
CA ALA T 749 -16.25 35.42 7.16
C ALA T 749 -16.00 35.10 5.71
N LYS T 750 -15.35 36.02 4.99
CA LYS T 750 -15.09 35.81 3.56
C LYS T 750 -14.09 34.69 3.34
N GLN T 751 -13.18 34.50 4.29
CA GLN T 751 -12.24 33.39 4.21
C GLN T 751 -12.93 32.05 4.31
N LYS T 752 -14.01 31.97 5.10
CA LYS T 752 -14.75 30.72 5.24
C LYS T 752 -15.45 30.34 3.95
N LYS T 753 -16.01 31.31 3.24
CA LYS T 753 -16.66 31.02 1.97
C LYS T 753 -15.65 30.63 0.90
N SER T 754 -14.39 31.02 1.06
CA SER T 754 -13.36 30.58 0.14
C SER T 754 -12.90 29.16 0.44
N GLU T 755 -13.16 28.67 1.65
CA GLU T 755 -12.62 27.38 2.07
C GLU T 755 -13.65 26.27 2.12
N LYS T 756 -14.94 26.59 2.16
CA LYS T 756 -15.97 25.55 2.24
C LYS T 756 -16.11 24.74 0.97
N LYS T 757 -15.93 25.37 -0.19
CA LYS T 757 -16.29 24.83 -1.50
C LYS T 757 -17.76 24.37 -1.49
N GLU T 758 -18.65 25.32 -1.20
CA GLU T 758 -20.08 25.12 -1.38
C GLU T 758 -20.63 26.10 -2.38
N ASP T 759 -20.96 25.64 -3.58
CA ASP T 759 -21.25 26.55 -4.69
C ASP T 759 -22.59 26.23 -5.33
N GLN T 760 -22.94 24.94 -5.37
CA GLN T 760 -23.88 24.38 -6.34
C GLN T 760 -25.31 24.90 -6.16
N GLN T 761 -25.71 25.17 -4.93
CA GLN T 761 -27.00 25.83 -4.69
C GLN T 761 -26.84 27.19 -4.03
N GLU T 762 -25.66 27.48 -3.47
CA GLU T 762 -25.42 28.76 -2.82
C GLU T 762 -25.29 29.86 -3.87
N ASP T 763 -25.03 29.49 -5.13
CA ASP T 763 -25.18 30.37 -6.27
C ASP T 763 -26.63 30.83 -6.50
N ASP T 764 -27.59 30.12 -5.92
CA ASP T 764 -28.98 30.57 -5.93
C ASP T 764 -29.42 31.14 -4.59
N ASP T 765 -28.79 30.73 -3.49
CA ASP T 765 -29.28 31.08 -2.16
C ASP T 765 -29.10 32.56 -1.85
N GLY T 766 -27.96 33.14 -2.24
CA GLY T 766 -27.80 34.57 -2.12
C GLY T 766 -28.57 35.36 -3.15
N PHE T 767 -29.03 34.70 -4.21
CA PHE T 767 -29.57 35.38 -5.37
C PHE T 767 -31.06 35.16 -5.56
N TYR T 768 -31.54 33.97 -5.21
CA TYR T 768 -32.95 33.61 -5.42
C TYR T 768 -33.84 33.62 -4.19
N ASP T 769 -33.33 33.03 -3.11
CA ASP T 769 -34.05 32.95 -1.84
C ASP T 769 -34.29 34.33 -1.25
N ALA T 770 -33.30 35.19 -1.42
CA ALA T 770 -33.34 36.55 -0.90
C ALA T 770 -34.44 37.48 -1.40
N TYR T 771 -34.83 37.44 -2.68
CA TYR T 771 -35.83 38.43 -3.06
C TYR T 771 -37.12 38.20 -2.30
N LYS T 772 -37.33 36.97 -1.81
CA LYS T 772 -38.56 36.65 -1.10
C LYS T 772 -38.60 37.30 0.27
N GLN T 773 -37.46 37.29 0.99
CA GLN T 773 -37.45 37.86 2.33
C GLN T 773 -37.41 39.37 2.31
N ILE T 774 -36.94 39.95 1.20
CA ILE T 774 -36.91 41.40 1.08
C ILE T 774 -38.31 41.96 0.83
N LYS T 775 -39.09 41.26 -0.01
CA LYS T 775 -40.47 41.67 -0.25
C LYS T 775 -41.33 41.47 1.00
N ASN T 776 -41.00 40.46 1.82
CA ASN T 776 -41.76 40.25 3.05
C ASN T 776 -41.48 41.32 4.08
N SER T 777 -40.34 42.02 3.95
CA SER T 777 -40.06 43.17 4.80
C SER T 777 -40.96 44.36 4.49
N TYR T 778 -41.54 44.43 3.29
CA TYR T 778 -42.46 45.51 2.98
C TYR T 778 -43.89 45.16 3.38
N ASP T 779 -44.10 43.95 3.91
CA ASP T 779 -45.41 43.52 4.34
C ASP T 779 -45.48 43.24 5.84
N GLY T 780 -44.41 43.52 6.57
CA GLY T 780 -44.39 43.23 7.99
C GLY T 780 -44.10 41.80 8.34
N ILE T 781 -43.64 41.01 7.40
CA ILE T 781 -43.47 39.58 7.60
C ILE T 781 -41.98 39.27 7.74
N PRO T 782 -41.56 38.62 8.82
CA PRO T 782 -40.16 38.20 8.92
C PRO T 782 -39.85 37.00 8.05
N ASN T 783 -38.63 36.47 8.24
CA ASN T 783 -37.98 35.53 7.33
C ASN T 783 -38.74 34.24 7.11
N ASN T 784 -38.87 33.42 8.15
CA ASN T 784 -39.48 32.11 8.03
C ASN T 784 -40.93 32.10 8.47
N PHE T 785 -41.60 33.24 8.36
CA PHE T 785 -42.92 33.38 8.95
C PHE T 785 -44.00 33.06 7.92
N ASN T 786 -44.54 31.85 7.99
CA ASN T 786 -45.54 31.37 7.05
C ASN T 786 -46.96 31.74 7.46
N HIS T 787 -47.12 32.73 8.33
CA HIS T 787 -48.43 33.08 8.86
C HIS T 787 -48.75 34.55 8.66
N GLU T 788 -49.79 35.02 9.33
CA GLU T 788 -50.32 36.34 9.05
C GLU T 788 -49.71 37.39 9.97
N ALA T 789 -49.26 38.49 9.37
CA ALA T 789 -48.56 39.55 10.09
C ALA T 789 -49.20 40.89 9.75
N PRO T 790 -49.35 41.79 10.73
CA PRO T 790 -50.08 43.03 10.47
C PRO T 790 -49.24 44.06 9.75
N GLN T 791 -49.90 45.15 9.37
CA GLN T 791 -49.30 46.26 8.66
C GLN T 791 -50.22 47.46 8.80
N LEU T 792 -49.74 48.51 9.47
CA LEU T 792 -50.54 49.69 9.73
C LEU T 792 -50.69 50.51 8.46
N ILE T 793 -51.92 50.71 8.03
CA ILE T 793 -52.24 51.54 6.88
C ILE T 793 -53.20 52.62 7.35
N GLY T 794 -52.71 53.85 7.41
CA GLY T 794 -53.53 54.92 7.96
C GLY T 794 -53.63 54.81 9.46
N ASN T 795 -54.80 54.38 9.94
CA ASN T 795 -55.02 54.14 11.36
C ASN T 795 -55.47 52.72 11.64
N ASN T 796 -55.44 51.84 10.65
CA ASN T 796 -55.94 50.48 10.79
C ASN T 796 -54.87 49.48 10.41
N TYR T 797 -54.93 48.31 11.04
CA TYR T 797 -53.98 47.24 10.75
C TYR T 797 -54.57 46.25 9.75
N VAL T 798 -53.73 45.79 8.83
CA VAL T 798 -54.10 44.81 7.83
C VAL T 798 -53.16 43.62 7.95
N PHE T 799 -53.72 42.45 8.26
CA PHE T 799 -52.92 41.24 8.41
C PHE T 799 -52.67 40.60 7.05
N THR T 800 -51.43 40.65 6.59
CA THR T 800 -51.04 40.11 5.29
C THR T 800 -50.29 38.80 5.49
N SER T 801 -50.16 38.04 4.41
CA SER T 801 -49.58 36.71 4.49
C SER T 801 -48.48 36.57 3.45
N ILE T 802 -47.82 35.42 3.48
CA ILE T 802 -46.99 35.02 2.35
C ILE T 802 -47.86 34.76 1.13
N TYR T 803 -48.99 34.09 1.35
CA TYR T 803 -49.86 33.70 0.24
C TYR T 803 -50.96 34.73 0.02
N ASP T 804 -51.74 35.02 1.05
CA ASP T 804 -52.79 36.03 1.00
C ASP T 804 -52.14 37.40 1.20
N THR T 805 -51.71 38.01 0.10
CA THR T 805 -51.01 39.29 0.19
C THR T 805 -51.97 40.43 0.53
N LYS T 806 -53.25 40.28 0.15
CA LYS T 806 -54.29 41.28 0.34
C LYS T 806 -53.92 42.63 -0.28
N GLU T 807 -53.39 42.60 -1.51
CA GLU T 807 -52.84 43.80 -2.13
C GLU T 807 -53.94 44.77 -2.54
N ASN T 808 -55.12 44.23 -2.90
CA ASN T 808 -56.21 45.10 -3.35
C ASN T 808 -56.83 45.87 -2.19
N LEU T 809 -56.77 45.31 -0.98
CA LEU T 809 -57.17 46.08 0.20
C LEU T 809 -56.18 47.20 0.49
N ILE T 810 -54.89 46.96 0.23
CA ILE T 810 -53.87 47.95 0.53
C ILE T 810 -53.97 49.13 -0.45
N LYS T 811 -54.26 48.84 -1.72
CA LYS T 811 -54.44 49.90 -2.71
C LYS T 811 -55.73 50.68 -2.44
N PHE T 812 -56.72 50.03 -1.83
CA PHE T 812 -57.99 50.70 -1.56
C PHE T 812 -57.89 51.57 -0.32
N LEU T 813 -57.23 51.09 0.73
CA LEU T 813 -57.19 51.82 1.99
C LEU T 813 -56.22 52.99 1.93
N LYS T 814 -55.20 52.89 1.08
CA LYS T 814 -54.28 54.02 0.92
C LYS T 814 -54.92 55.13 0.09
N LYS T 815 -55.61 54.76 -0.99
CA LYS T 815 -56.14 55.76 -1.90
C LYS T 815 -57.42 56.40 -1.37
N ASN T 816 -58.38 55.58 -0.94
CA ASN T 816 -59.68 56.12 -0.55
C ASN T 816 -59.64 56.72 0.86
N SER T 817 -58.99 56.03 1.80
CA SER T 817 -58.98 56.46 3.19
C SER T 817 -57.77 57.30 3.54
N GLU T 818 -57.24 58.07 2.60
CA GLU T 818 -56.15 59.01 2.90
C GLU T 818 -56.64 60.13 3.80
N TYR T 819 -57.75 60.77 3.42
CA TYR T 819 -58.40 61.81 4.21
C TYR T 819 -59.74 61.32 4.75
N ASP T 820 -59.97 60.01 4.66
CA ASP T 820 -61.21 59.40 5.14
C ASP T 820 -60.86 58.34 6.19
N LEU T 821 -61.84 58.02 7.02
CA LEU T 821 -61.64 57.09 8.13
C LEU T 821 -62.72 56.02 8.07
N TYR T 822 -62.30 54.77 7.85
CA TYR T 822 -63.18 53.61 7.91
C TYR T 822 -62.51 52.53 8.75
N ASP T 823 -63.07 52.28 9.94
CA ASP T 823 -62.51 51.28 10.83
C ASP T 823 -62.84 49.87 10.36
N GLY U 27 9.79 78.82 70.29
CA GLY U 27 10.22 77.50 69.86
C GLY U 27 9.43 76.98 68.68
N TYR U 28 9.94 75.93 68.04
CA TYR U 28 9.29 75.33 66.88
C TYR U 28 8.38 74.18 67.24
N GLY U 29 8.16 73.91 68.53
CA GLY U 29 7.12 72.98 68.93
C GLY U 29 5.74 73.58 68.85
N ASP U 30 5.66 74.91 68.72
CA ASP U 30 4.39 75.58 68.52
C ASP U 30 3.84 75.33 67.11
N LEU U 31 4.72 75.34 66.11
CA LEU U 31 4.30 75.03 64.75
C LEU U 31 4.27 73.53 64.49
N ALA U 32 4.65 72.73 65.49
CA ALA U 32 4.53 71.28 65.37
C ALA U 32 3.06 70.85 65.36
N ALA U 33 2.27 71.38 66.30
CA ALA U 33 0.88 70.96 66.43
C ALA U 33 0.01 71.60 65.36
N THR U 34 0.44 72.73 64.80
CA THR U 34 -0.32 73.35 63.72
C THR U 34 -0.19 72.53 62.44
N SER U 35 1.00 71.97 62.21
CA SER U 35 1.19 71.08 61.07
C SER U 35 0.63 69.70 61.38
N ALA U 36 0.57 69.33 62.66
CA ALA U 36 -0.02 68.05 63.04
C ALA U 36 -1.52 68.03 62.78
N LEU U 37 -2.27 68.92 63.45
CA LEU U 37 -3.72 68.91 63.33
C LEU U 37 -4.23 69.53 62.03
N THR U 38 -3.32 69.95 61.14
CA THR U 38 -3.73 70.21 59.76
C THR U 38 -4.11 68.90 59.07
N THR U 39 -3.18 67.96 59.00
CA THR U 39 -3.41 66.74 58.22
C THR U 39 -4.16 65.69 59.02
N VAL U 40 -4.29 65.88 60.33
CA VAL U 40 -5.11 64.98 61.13
C VAL U 40 -6.59 65.15 60.78
N ILE U 41 -6.98 66.35 60.35
CA ILE U 41 -8.40 66.60 60.11
C ILE U 41 -8.68 66.79 58.61
N LYS U 42 -7.72 67.33 57.86
CA LYS U 42 -7.93 67.52 56.42
C LYS U 42 -7.93 66.19 55.67
N ASP U 43 -6.88 65.40 55.85
CA ASP U 43 -6.69 64.21 55.03
C ASP U 43 -7.66 63.05 55.27
N PRO U 44 -8.20 62.83 56.48
CA PRO U 44 -9.35 61.90 56.56
C PRO U 44 -10.59 62.40 55.84
N ILE U 45 -10.96 63.67 56.05
CA ILE U 45 -12.21 64.19 55.47
C ILE U 45 -12.07 64.33 53.96
N SER U 46 -10.85 64.56 53.48
CA SER U 46 -10.61 64.62 52.04
C SER U 46 -10.79 63.26 51.39
N LEU U 47 -10.57 62.19 52.15
CA LEU U 47 -10.66 60.85 51.57
C LEU U 47 -12.03 60.23 51.79
N THR U 48 -12.77 60.71 52.80
CA THR U 48 -14.15 60.25 52.96
C THR U 48 -15.03 60.77 51.84
N ILE U 49 -14.78 62.01 51.41
CA ILE U 49 -15.63 62.64 50.40
C ILE U 49 -15.36 62.03 49.02
N LYS U 50 -14.14 61.54 48.81
CA LYS U 50 -13.81 60.87 47.54
C LYS U 50 -14.52 59.53 47.39
N ASP U 51 -15.08 59.00 48.49
CA ASP U 51 -15.89 57.79 48.39
C ASP U 51 -17.38 58.12 48.55
N ILE U 52 -17.70 59.14 49.34
CA ILE U 52 -19.10 59.54 49.49
C ILE U 52 -19.62 60.18 48.21
N TYR U 53 -18.79 61.01 47.56
CA TYR U 53 -19.23 61.61 46.31
C TYR U 53 -19.21 60.60 45.17
N GLU U 54 -18.30 59.64 45.20
CA GLU U 54 -18.20 58.68 44.11
C GLU U 54 -19.26 57.60 44.22
N HIS U 55 -19.37 56.96 45.37
CA HIS U 55 -20.27 55.83 45.52
C HIS U 55 -21.67 56.23 45.97
N GLY U 56 -21.86 57.46 46.45
CA GLY U 56 -23.16 57.86 46.92
C GLY U 56 -23.74 59.06 46.21
N VAL U 57 -22.96 59.73 45.37
CA VAL U 57 -23.48 60.88 44.63
C VAL U 57 -23.31 60.69 43.13
N LYS U 58 -22.09 60.33 42.68
CA LYS U 58 -21.83 60.09 41.26
C LYS U 58 -22.68 58.97 40.69
N ASN U 59 -22.47 57.77 41.18
CA ASN U 59 -23.09 56.54 40.69
C ASN U 59 -24.63 56.50 40.76
N PRO U 60 -25.31 57.04 41.77
CA PRO U 60 -26.78 57.12 41.63
C PRO U 60 -27.25 58.20 40.66
N PHE U 61 -26.53 59.33 40.56
CA PHE U 61 -27.00 60.41 39.69
C PHE U 61 -26.81 60.06 38.22
N THR U 62 -25.82 59.23 37.92
CA THR U 62 -25.70 58.71 36.56
C THR U 62 -26.81 57.70 36.28
N LYS U 63 -27.16 56.87 37.27
CA LYS U 63 -28.21 55.89 37.06
C LYS U 63 -29.60 56.53 37.06
N ILE U 64 -29.69 57.82 37.42
CA ILE U 64 -30.92 58.57 37.17
C ILE U 64 -30.92 59.13 35.75
N ILE U 65 -29.76 59.63 35.30
CA ILE U 65 -29.66 60.19 33.95
C ILE U 65 -29.84 59.10 32.89
N HIS U 66 -29.14 57.98 33.06
CA HIS U 66 -29.20 56.93 32.04
C HIS U 66 -30.51 56.15 32.13
N LYS U 67 -31.25 56.31 33.22
CA LYS U 67 -32.65 55.88 33.24
C LYS U 67 -33.55 56.87 32.50
N LEU U 68 -33.23 58.17 32.55
CA LEU U 68 -34.00 59.14 31.80
C LEU U 68 -33.71 59.06 30.31
N LYS U 69 -32.50 58.62 29.93
CA LYS U 69 -32.20 58.45 28.51
C LYS U 69 -32.99 57.31 27.90
N LYS U 70 -33.45 56.37 28.73
CA LYS U 70 -34.40 55.38 28.26
C LYS U 70 -35.81 55.96 28.20
N PHE U 71 -36.03 57.12 28.82
CA PHE U 71 -37.38 57.68 28.89
C PHE U 71 -37.57 58.85 27.95
N ILE U 72 -36.55 59.70 27.76
CA ILE U 72 -36.64 60.76 26.76
C ILE U 72 -36.67 60.15 25.36
N ARG U 73 -35.77 59.22 25.08
CA ARG U 73 -35.87 58.38 23.91
C ARG U 73 -36.77 57.21 24.22
N TYR U 74 -37.02 56.38 23.19
CA TYR U 74 -37.46 54.99 23.34
C TYR U 74 -38.86 54.88 23.98
N ARG U 75 -39.70 55.89 23.81
CA ARG U 75 -41.05 55.81 24.35
C ARG U 75 -41.92 54.89 23.51
N LYS U 76 -41.79 54.98 22.19
CA LYS U 76 -42.64 54.19 21.29
C LYS U 76 -42.26 52.72 21.32
N VAL U 77 -41.03 52.42 21.72
CA VAL U 77 -40.55 51.04 21.69
C VAL U 77 -41.01 50.30 22.92
N LEU U 78 -40.91 50.96 24.08
CA LEU U 78 -41.16 50.27 25.34
C LEU U 78 -42.65 50.13 25.63
N ARG U 79 -43.50 50.82 24.86
CA ARG U 79 -44.93 50.50 24.87
C ARG U 79 -45.16 49.09 24.35
N TRP U 80 -44.33 48.67 23.40
CA TRP U 80 -44.47 47.36 22.80
C TRP U 80 -43.61 46.33 23.51
N SER U 81 -42.45 46.75 24.02
CA SER U 81 -41.48 45.81 24.59
C SER U 81 -41.98 45.24 25.91
N ARG U 82 -42.48 46.11 26.78
CA ARG U 82 -43.10 45.66 28.02
C ARG U 82 -44.40 44.93 27.73
N MET U 83 -45.02 45.22 26.58
CA MET U 83 -46.17 44.46 26.13
C MET U 83 -45.76 43.06 25.70
N TRP U 84 -44.52 42.90 25.21
CA TRP U 84 -44.06 41.56 24.87
C TRP U 84 -43.48 40.86 26.09
N TRP U 85 -42.86 41.61 27.01
CA TRP U 85 -42.14 41.00 28.12
C TRP U 85 -43.08 40.35 29.11
N VAL U 86 -44.26 40.96 29.28
CA VAL U 86 -45.30 40.33 30.08
C VAL U 86 -45.75 39.01 29.45
N LEU U 87 -45.72 38.91 28.12
CA LEU U 87 -46.18 37.67 27.50
C LEU U 87 -45.11 36.58 27.55
N LEU U 88 -43.84 36.94 27.77
CA LEU U 88 -42.85 35.90 28.07
C LEU U 88 -42.99 35.42 29.50
N VAL U 89 -43.21 36.34 30.43
CA VAL U 89 -43.34 36.00 31.84
C VAL U 89 -44.58 35.13 32.06
N ARG U 90 -45.60 35.31 31.23
CA ARG U 90 -46.78 34.46 31.34
C ARG U 90 -46.57 33.09 30.71
N GLU U 91 -45.69 33.00 29.71
CA GLU U 91 -45.55 31.73 29.00
C GLU U 91 -44.40 30.89 29.55
N ILE U 92 -43.31 31.54 29.97
CA ILE U 92 -42.19 30.78 30.54
C ILE U 92 -42.55 30.24 31.92
N VAL U 93 -43.27 31.04 32.70
CA VAL U 93 -43.67 30.61 34.03
C VAL U 93 -44.93 29.75 33.96
N GLY U 94 -45.99 30.27 33.34
CA GLY U 94 -47.23 29.53 33.24
C GLY U 94 -48.05 29.52 34.51
N ASP U 95 -48.36 30.72 35.04
CA ASP U 95 -49.26 31.01 36.15
C ASP U 95 -48.79 30.40 37.47
N ASN U 96 -47.49 30.35 37.76
CA ASN U 96 -46.98 29.79 39.00
C ASN U 96 -45.99 30.77 39.63
N THR U 97 -46.48 31.47 40.66
CA THR U 97 -46.24 32.89 41.06
C THR U 97 -44.82 33.36 40.71
N ILE U 98 -44.69 34.47 39.99
CA ILE U 98 -43.43 34.92 39.42
C ILE U 98 -42.67 35.70 40.47
N GLU U 99 -41.37 35.42 40.61
CA GLU U 99 -40.50 36.15 41.52
C GLU U 99 -40.27 37.55 40.98
N LYS U 100 -40.63 38.56 41.79
CA LYS U 100 -40.67 39.92 41.29
C LYS U 100 -39.28 40.54 41.18
N LYS U 101 -38.34 40.04 41.97
CA LYS U 101 -37.04 40.73 42.10
C LYS U 101 -36.16 40.49 40.88
N THR U 102 -36.16 39.27 40.36
CA THR U 102 -35.32 38.99 39.21
C THR U 102 -36.11 38.94 37.91
N GLU U 103 -37.41 39.24 37.98
CA GLU U 103 -38.16 39.52 36.76
C GLU U 103 -37.83 40.92 36.27
N LYS U 104 -37.53 41.84 37.17
CA LYS U 104 -37.11 43.18 36.77
C LYS U 104 -35.63 43.21 36.43
N ALA U 105 -34.87 42.23 36.91
CA ALA U 105 -33.45 42.16 36.56
C ALA U 105 -33.26 41.62 35.15
N LEU U 106 -34.20 40.78 34.70
CA LEU U 106 -34.16 40.29 33.32
C LEU U 106 -34.99 41.17 32.41
N ARG U 107 -35.83 42.04 32.97
CA ARG U 107 -36.52 43.05 32.17
C ARG U 107 -35.54 44.06 31.61
N GLU U 108 -34.45 44.31 32.34
CA GLU U 108 -33.41 45.22 31.85
C GLU U 108 -32.64 44.60 30.70
N ILE U 109 -32.44 43.28 30.73
CA ILE U 109 -31.79 42.61 29.60
C ILE U 109 -32.75 42.49 28.43
N TRP U 110 -34.05 42.40 28.72
CA TRP U 110 -35.04 42.46 27.65
C TRP U 110 -35.13 43.85 27.05
N ASP U 111 -34.94 44.89 27.86
CA ASP U 111 -34.95 46.24 27.31
C ASP U 111 -33.69 46.53 26.50
N GLN U 112 -32.60 45.80 26.75
CA GLN U 112 -31.40 45.99 25.96
C GLN U 112 -31.50 45.31 24.61
N CYS U 113 -32.32 44.26 24.49
CA CYS U 113 -32.59 43.67 23.17
C CYS U 113 -33.40 44.63 22.30
N THR U 114 -34.34 45.35 22.91
CA THR U 114 -35.23 46.22 22.13
C THR U 114 -34.50 47.46 21.64
N ILE U 115 -33.64 48.02 22.48
CA ILE U 115 -32.82 49.17 22.08
C ILE U 115 -31.86 48.75 20.97
N ALA U 116 -31.36 47.52 21.03
CA ALA U 116 -30.43 47.04 20.01
C ALA U 116 -31.15 46.74 18.69
N VAL U 117 -32.42 46.35 18.75
CA VAL U 117 -33.16 46.07 17.52
C VAL U 117 -33.68 47.38 16.92
N TYR U 118 -34.27 48.24 17.75
CA TYR U 118 -34.87 49.49 17.28
C TYR U 118 -33.83 50.44 16.69
N ASN U 119 -32.59 50.37 17.14
CA ASN U 119 -31.53 51.16 16.52
C ASN U 119 -31.12 50.59 15.16
N ASN U 120 -31.56 49.38 14.83
CA ASN U 120 -31.22 48.75 13.57
C ASN U 120 -32.37 48.75 12.58
N THR U 121 -33.45 49.48 12.86
CA THR U 121 -34.62 49.49 12.00
C THR U 121 -34.84 50.88 11.42
N LEU U 122 -35.30 50.90 10.17
CA LEU U 122 -35.79 52.14 9.59
C LEU U 122 -37.32 52.16 9.60
N ASN U 123 -37.95 50.99 9.59
CA ASN U 123 -39.39 50.90 9.70
C ASN U 123 -39.84 51.31 11.10
N ALA U 124 -41.02 51.91 11.18
CA ALA U 124 -41.56 52.30 12.48
C ALA U 124 -42.01 51.07 13.26
N VAL U 125 -42.11 51.23 14.58
CA VAL U 125 -42.57 50.13 15.42
C VAL U 125 -44.07 49.93 15.25
N GLU U 126 -44.79 51.04 15.08
CA GLU U 126 -46.25 50.99 14.90
C GLU U 126 -46.62 50.34 13.58
N SER U 127 -45.79 50.51 12.56
CA SER U 127 -46.13 50.04 11.22
C SER U 127 -46.08 48.53 11.13
N LYS U 128 -44.94 47.93 11.46
CA LYS U 128 -44.68 46.51 11.23
C LYS U 128 -44.14 45.87 12.49
N PRO U 129 -45.02 45.39 13.38
CA PRO U 129 -44.54 44.93 14.69
C PRO U 129 -43.97 43.51 14.68
N LEU U 130 -44.41 42.62 13.79
CA LEU U 130 -43.85 41.27 13.81
C LEU U 130 -42.46 41.19 13.19
N LEU U 131 -41.99 42.27 12.56
CA LEU U 131 -40.57 42.34 12.24
C LEU U 131 -39.75 42.46 13.51
N PHE U 132 -40.26 43.21 14.49
CA PHE U 132 -39.51 43.45 15.72
C PHE U 132 -39.43 42.21 16.60
N LEU U 133 -40.47 41.40 16.63
CA LEU U 133 -40.41 40.18 17.43
C LEU U 133 -39.47 39.15 16.81
N HIS U 134 -39.24 39.23 15.51
CA HIS U 134 -38.18 38.40 14.93
C HIS U 134 -36.81 39.00 15.23
N GLY U 135 -36.78 40.25 15.70
CA GLY U 135 -35.53 40.80 16.18
C GLY U 135 -35.38 40.55 17.66
N ILE U 136 -36.39 40.97 18.42
CA ILE U 136 -36.23 41.07 19.87
C ILE U 136 -36.21 39.68 20.51
N LEU U 137 -37.01 38.75 19.98
CA LEU U 137 -36.95 37.39 20.50
C LEU U 137 -35.68 36.67 20.05
N ASN U 138 -35.26 36.90 18.79
CA ASN U 138 -34.03 36.28 18.30
C ASN U 138 -32.80 36.83 19.01
N GLU U 139 -32.81 38.10 19.37
CA GLU U 139 -31.67 38.66 20.06
C GLU U 139 -31.63 38.24 21.53
N CYS U 140 -32.76 38.29 22.23
CA CYS U 140 -32.77 37.77 23.59
C CYS U 140 -32.73 36.24 23.65
N ARG U 141 -32.99 35.55 22.53
CA ARG U 141 -32.58 34.15 22.46
C ARG U 141 -31.07 34.04 22.58
N ASN U 142 -30.36 34.94 21.92
CA ASN U 142 -28.92 34.94 21.96
C ASN U 142 -28.37 35.74 23.13
N ASN U 143 -29.09 36.77 23.59
CA ASN U 143 -28.58 37.59 24.69
C ASN U 143 -28.65 36.83 26.01
N PHE U 144 -29.73 36.08 26.23
CA PHE U 144 -29.78 35.26 27.42
C PHE U 144 -28.89 34.03 27.32
N ALA U 145 -28.56 33.58 26.11
CA ALA U 145 -27.70 32.41 25.97
C ALA U 145 -26.23 32.73 26.14
N THR U 146 -25.84 34.00 26.20
CA THR U 146 -24.44 34.35 26.37
C THR U 146 -24.11 34.75 27.81
N LYS U 147 -25.13 34.98 28.63
CA LYS U 147 -24.88 35.32 30.02
C LYS U 147 -25.54 34.39 31.02
N LEU U 148 -26.76 33.92 30.77
CA LEU U 148 -27.44 33.02 31.72
C LEU U 148 -26.80 31.66 31.52
N ARG U 149 -26.08 31.17 32.52
CA ARG U 149 -25.42 29.87 32.37
C ARG U 149 -26.42 28.73 32.45
N GLN U 150 -27.20 28.68 33.51
CA GLN U 150 -28.08 27.55 33.76
C GLN U 150 -29.49 28.05 34.00
N ASP U 151 -30.42 27.60 33.16
CA ASP U 151 -31.80 28.06 33.17
C ASP U 151 -32.72 26.91 33.55
N PRO U 152 -32.99 26.68 34.83
CA PRO U 152 -33.95 25.62 35.17
C PRO U 152 -35.39 26.04 34.92
N SER U 153 -35.65 27.34 34.75
CA SER U 153 -36.91 27.80 34.18
C SER U 153 -36.89 27.78 32.67
N LEU U 154 -35.74 27.45 32.06
CA LEU U 154 -35.56 27.28 30.61
C LEU U 154 -35.89 28.56 29.84
N ILE U 155 -35.19 29.65 30.13
CA ILE U 155 -35.49 30.91 29.46
C ILE U 155 -35.02 30.87 28.02
N VAL U 156 -33.81 30.35 27.79
CA VAL U 156 -33.29 30.25 26.42
C VAL U 156 -34.04 29.16 25.66
N ALA U 157 -34.36 28.06 26.34
CA ALA U 157 -34.91 26.90 25.66
C ALA U 157 -36.38 27.10 25.25
N LYS U 158 -37.08 28.00 25.93
CA LYS U 158 -38.47 28.27 25.58
C LYS U 158 -38.57 29.37 24.52
N ILE U 159 -37.64 30.34 24.56
CA ILE U 159 -37.57 31.36 23.52
C ILE U 159 -37.11 30.75 22.21
N ASP U 160 -36.41 29.61 22.27
CA ASP U 160 -36.15 28.78 21.09
C ASP U 160 -37.44 28.37 20.38
N GLN U 161 -38.38 27.78 21.13
CA GLN U 161 -39.55 27.19 20.47
C GLN U 161 -40.73 28.14 20.44
N ILE U 162 -40.58 29.35 20.97
CA ILE U 162 -41.51 30.40 20.60
C ILE U 162 -41.18 30.89 19.20
N ILE U 163 -39.90 30.90 18.85
CA ILE U 163 -39.47 31.30 17.52
C ILE U 163 -39.59 30.13 16.54
N LYS U 164 -39.05 28.96 16.93
CA LYS U 164 -38.98 27.84 16.01
C LYS U 164 -40.31 27.10 15.84
N SER U 165 -41.35 27.52 16.55
CA SER U 165 -42.70 27.04 16.27
C SER U 165 -43.68 28.18 16.05
N GLN U 166 -43.20 29.42 16.07
CA GLN U 166 -43.90 30.64 15.70
C GLN U 166 -45.14 30.90 16.53
N ILE U 167 -45.05 30.78 17.86
CA ILE U 167 -46.18 31.07 18.75
C ILE U 167 -46.39 32.58 18.86
N TYR U 168 -45.38 33.37 18.47
CA TYR U 168 -45.46 34.82 18.58
C TYR U 168 -46.37 35.48 17.55
N ARG U 169 -47.11 34.68 16.78
CA ARG U 169 -48.29 35.11 16.05
C ARG U 169 -49.31 35.77 16.96
N PHE U 170 -49.75 35.03 17.99
CA PHE U 170 -50.88 35.41 18.83
C PHE U 170 -50.52 36.55 19.76
N TRP U 171 -49.23 36.78 19.94
CA TRP U 171 -48.70 37.95 20.62
C TRP U 171 -49.14 39.23 19.92
N VAL U 172 -49.34 39.16 18.60
CA VAL U 172 -50.06 40.22 17.91
C VAL U 172 -51.50 39.78 17.66
N SER U 173 -52.43 40.40 18.36
CA SER U 173 -53.84 40.14 18.14
C SER U 173 -54.57 41.46 18.23
N GLU U 174 -55.90 41.38 18.21
CA GLU U 174 -56.74 42.57 18.41
C GLU U 174 -56.53 43.28 19.75
N PRO U 175 -56.45 42.62 20.91
CA PRO U 175 -56.23 43.42 22.12
C PRO U 175 -54.80 43.87 22.31
N TYR U 176 -53.85 43.21 21.66
CA TYR U 176 -52.44 43.55 21.88
C TYR U 176 -52.00 44.71 21.01
N LEU U 177 -52.73 44.96 19.91
CA LEU U 177 -52.41 46.10 19.06
C LEU U 177 -53.08 47.36 19.57
N LYS U 178 -54.15 47.24 20.35
CA LYS U 178 -54.82 48.42 20.90
C LYS U 178 -53.97 49.07 21.98
N ILE U 179 -53.39 48.25 22.87
CA ILE U 179 -52.55 48.79 23.93
C ILE U 179 -51.20 49.22 23.36
N GLY U 180 -50.75 48.53 22.32
CA GLY U 180 -49.54 48.91 21.61
C GLY U 180 -49.63 50.24 20.89
N ARG U 181 -50.80 50.56 20.33
CA ARG U 181 -50.94 51.83 19.62
C ARG U 181 -51.34 52.95 20.59
N SER U 182 -51.69 52.60 21.82
CA SER U 182 -52.23 53.59 22.75
C SER U 182 -51.13 54.49 23.30
N HIS U 183 -51.52 55.71 23.67
CA HIS U 183 -50.60 56.68 24.25
C HIS U 183 -50.54 56.47 25.76
N THR U 184 -49.91 55.37 26.18
CA THR U 184 -49.69 55.11 27.60
C THR U 184 -48.21 54.99 27.83
N LEU U 185 -47.74 55.50 28.96
CA LEU U 185 -46.34 55.36 29.33
C LEU U 185 -46.04 53.90 29.65
N TYR U 186 -44.81 53.48 29.40
CA TYR U 186 -44.46 52.07 29.52
C TYR U 186 -44.39 51.61 30.97
N THR U 187 -44.23 52.53 31.91
CA THR U 187 -44.22 52.16 33.31
C THR U 187 -45.61 51.81 33.81
N HIS U 188 -46.64 52.29 33.11
CA HIS U 188 -48.02 51.95 33.47
C HIS U 188 -48.46 50.60 32.92
N ILE U 189 -47.68 49.98 32.03
CA ILE U 189 -48.01 48.67 31.49
C ILE U 189 -47.60 47.64 32.54
N THR U 190 -48.60 47.09 33.22
CA THR U 190 -48.43 46.08 34.26
C THR U 190 -48.96 44.76 33.72
N PRO U 191 -48.66 43.62 34.37
CA PRO U 191 -49.34 42.38 33.96
C PRO U 191 -50.83 42.36 34.25
N ASP U 192 -51.33 43.27 35.09
CA ASP U 192 -52.78 43.40 35.24
C ASP U 192 -53.40 44.05 34.01
N ALA U 193 -52.68 44.96 33.35
CA ALA U 193 -53.23 45.69 32.22
C ALA U 193 -53.10 44.96 30.90
N VAL U 194 -52.37 43.85 30.85
CA VAL U 194 -52.16 43.08 29.64
C VAL U 194 -53.17 41.94 29.63
N PRO U 195 -53.98 41.79 28.58
CA PRO U 195 -54.94 40.68 28.55
C PRO U 195 -54.25 39.36 28.27
N GLN U 196 -54.76 38.30 28.89
CA GLN U 196 -54.12 37.00 28.78
C GLN U 196 -54.47 36.34 27.45
N LEU U 197 -53.50 35.59 26.93
CA LEU U 197 -53.71 34.76 25.75
C LEU U 197 -54.68 33.63 26.08
N PRO U 198 -55.46 33.18 25.10
CA PRO U 198 -56.29 32.00 25.32
C PRO U 198 -55.43 30.74 25.42
N LYS U 199 -56.04 29.66 25.92
CA LYS U 199 -55.29 28.47 26.27
C LYS U 199 -54.76 27.70 25.06
N GLU U 200 -55.23 28.03 23.86
CA GLU U 200 -54.67 27.41 22.66
C GLU U 200 -53.33 27.98 22.28
N CYS U 201 -52.95 29.14 22.85
CA CYS U 201 -51.86 29.94 22.33
C CYS U 201 -50.63 29.96 23.23
N THR U 202 -50.52 29.08 24.21
CA THR U 202 -49.42 29.11 25.15
C THR U 202 -48.46 27.95 24.94
N LEU U 203 -47.31 28.01 25.63
CA LEU U 203 -46.36 26.90 25.61
C LEU U 203 -46.85 25.70 26.42
N LYS U 204 -47.72 25.94 27.41
CA LYS U 204 -48.23 24.85 28.23
C LYS U 204 -49.11 23.90 27.40
N HIS U 205 -49.85 24.46 26.44
CA HIS U 205 -50.65 23.62 25.56
C HIS U 205 -49.78 22.95 24.51
N LEU U 206 -48.90 23.72 23.88
CA LEU U 206 -48.19 23.23 22.71
C LEU U 206 -47.12 22.20 23.07
N SER U 207 -46.56 22.28 24.28
CA SER U 207 -45.64 21.24 24.72
C SER U 207 -46.38 19.99 25.15
N SER U 208 -47.56 20.15 25.76
CA SER U 208 -48.34 18.97 26.15
C SER U 208 -49.02 18.33 24.95
N TYR U 209 -49.24 19.11 23.88
CA TYR U 209 -49.85 18.56 22.68
C TYR U 209 -48.85 17.69 21.90
N MET U 210 -47.56 17.94 22.08
CA MET U 210 -46.55 17.11 21.44
C MET U 210 -46.44 15.75 22.13
N GLU U 211 -46.65 15.71 23.44
CA GLU U 211 -46.69 14.42 24.13
C GLU U 211 -47.99 13.68 23.85
N GLU U 212 -49.01 14.40 23.38
CA GLU U 212 -50.19 13.72 22.87
C GLU U 212 -49.91 13.11 21.50
N LYS U 213 -48.91 13.65 20.78
CA LYS U 213 -48.49 13.03 19.53
C LYS U 213 -47.30 12.11 19.72
N LEU U 214 -46.16 12.65 20.16
CA LEU U 214 -44.89 11.94 20.03
C LEU U 214 -44.76 10.78 21.02
N LYS U 215 -45.40 10.88 22.19
CA LYS U 215 -45.44 9.73 23.08
C LYS U 215 -46.43 8.67 22.56
N SER U 216 -47.50 9.13 21.92
CA SER U 216 -48.46 8.19 21.33
C SER U 216 -47.92 7.58 20.05
N MET U 217 -47.21 8.37 19.25
CA MET U 217 -46.65 7.88 17.99
C MET U 217 -45.28 7.25 18.22
N ALA V 648 -58.90 4.68 51.43
CA ALA V 648 -59.63 5.76 52.08
C ALA V 648 -59.67 5.57 53.59
N VAL V 669 -54.79 2.43 51.08
CA VAL V 669 -55.48 3.72 51.16
C VAL V 669 -55.09 4.58 49.97
N LYS V 670 -53.79 4.79 49.80
CA LYS V 670 -53.29 5.64 48.73
C LYS V 670 -53.43 4.96 47.37
N ASP V 671 -53.15 3.66 47.30
CA ASP V 671 -53.33 2.93 46.05
C ASP V 671 -54.80 2.66 45.78
N ILE V 672 -55.64 2.70 46.83
CA ILE V 672 -57.07 2.54 46.67
C ILE V 672 -57.67 3.74 45.93
N LYS V 673 -57.11 4.93 46.17
CA LYS V 673 -57.65 6.14 45.57
C LYS V 673 -57.34 6.24 44.08
N LYS V 674 -56.24 5.61 43.64
CA LYS V 674 -55.85 5.74 42.24
C LYS V 674 -56.78 4.94 41.32
N LEU V 675 -57.52 3.98 41.86
CA LEU V 675 -58.42 3.17 41.05
C LEU V 675 -59.87 3.65 41.16
N ILE V 676 -60.28 4.03 42.37
CA ILE V 676 -61.69 4.29 42.62
C ILE V 676 -62.06 5.73 42.27
N GLU V 677 -61.15 6.67 42.52
CA GLU V 677 -61.49 8.09 42.32
C GLU V 677 -61.57 8.45 40.84
N GLU V 678 -61.02 7.61 39.97
CA GLU V 678 -61.28 7.76 38.54
C GLU V 678 -62.66 7.25 38.17
N GLY V 679 -63.16 6.28 38.94
CA GLY V 679 -64.45 5.69 38.62
C GLY V 679 -65.59 6.23 39.46
N ILE V 680 -65.40 6.30 40.78
CA ILE V 680 -66.52 6.52 41.70
C ILE V 680 -66.36 7.82 42.46
N LEU V 681 -65.29 7.94 43.24
CA LEU V 681 -65.17 9.02 44.21
C LEU V 681 -64.77 10.33 43.56
N ASP V 682 -65.47 11.40 43.89
CA ASP V 682 -65.05 12.74 43.52
C ASP V 682 -64.05 13.27 44.54
N TYR V 683 -63.27 14.26 44.12
CA TYR V 683 -62.28 14.85 45.03
C TYR V 683 -62.94 15.74 46.07
N GLU V 684 -64.20 16.13 45.85
CA GLU V 684 -64.86 17.08 46.73
C GLU V 684 -65.17 16.47 48.09
N ASP V 685 -65.46 15.17 48.13
CA ASP V 685 -65.71 14.47 49.39
C ASP V 685 -64.45 13.72 49.79
N LEU V 686 -63.46 14.44 50.32
CA LEU V 686 -62.23 13.87 50.84
C LEU V 686 -61.78 14.73 52.00
N THR V 687 -61.30 14.09 53.06
CA THR V 687 -60.95 14.81 54.27
C THR V 687 -59.55 15.42 54.16
N GLU V 688 -59.19 16.21 55.18
CA GLU V 688 -57.89 16.87 55.18
C GLU V 688 -56.75 15.89 55.38
N ASN V 689 -56.98 14.80 56.12
CA ASN V 689 -55.98 13.76 56.26
C ASN V 689 -55.93 12.84 55.04
N GLU V 690 -56.88 12.95 54.12
CA GLU V 690 -56.87 12.16 52.90
C GLU V 690 -56.30 12.93 51.72
N LEU V 691 -56.50 14.25 51.68
CA LEU V 691 -55.93 15.05 50.58
C LEU V 691 -54.42 15.20 50.75
N ARG V 692 -53.94 15.32 51.98
CA ARG V 692 -52.52 15.58 52.20
C ARG V 692 -51.70 14.33 51.95
N LYS V 693 -52.30 13.14 52.10
CA LYS V 693 -51.55 11.91 51.93
C LYS V 693 -51.50 11.48 50.47
N LEU V 694 -52.45 11.97 49.67
CA LEU V 694 -52.37 11.73 48.23
C LEU V 694 -51.36 12.68 47.59
N ALA V 695 -51.10 13.81 48.27
CA ALA V 695 -50.04 14.71 47.82
C ALA V 695 -48.70 14.35 48.43
N LYS V 696 -48.69 13.48 49.45
CA LYS V 696 -47.45 12.92 49.97
C LYS V 696 -46.77 12.07 48.89
N PRO V 697 -45.44 11.95 48.93
CA PRO V 697 -44.76 11.12 47.94
C PRO V 697 -45.04 9.63 48.12
N ASP V 698 -44.90 8.89 47.03
CA ASP V 698 -45.32 7.50 46.98
C ASP V 698 -44.23 6.60 47.60
N ASP V 699 -44.41 5.28 47.49
CA ASP V 699 -43.41 4.36 48.01
C ASP V 699 -42.26 4.13 47.03
N ASN V 700 -42.37 4.63 45.80
CA ASN V 700 -41.20 4.67 44.93
C ASN V 700 -40.22 5.74 45.40
N PHE V 701 -40.74 6.79 46.02
CA PHE V 701 -39.92 7.66 46.85
C PHE V 701 -39.53 6.90 48.10
N TYR V 702 -38.33 7.20 48.63
CA TYR V 702 -37.57 6.44 49.63
C TYR V 702 -37.13 5.06 49.14
N GLU V 703 -37.28 4.79 47.84
CA GLU V 703 -36.63 3.62 47.26
C GLU V 703 -35.34 4.05 46.59
N LEU V 704 -34.27 3.32 46.88
CA LEU V 704 -32.94 3.76 46.47
C LEU V 704 -32.71 3.44 45.01
N SER V 705 -32.32 4.46 44.23
CA SER V 705 -32.17 4.34 42.78
C SER V 705 -30.94 5.09 42.30
N PRO V 706 -29.87 4.37 41.96
CA PRO V 706 -28.71 4.99 41.31
C PRO V 706 -28.89 5.09 39.81
N TYR V 707 -27.80 5.51 39.14
CA TYR V 707 -27.63 5.49 37.69
C TYR V 707 -28.66 6.31 36.92
N ALA V 708 -28.64 7.63 37.06
CA ALA V 708 -29.45 8.50 36.24
C ALA V 708 -28.96 8.49 34.80
N SER V 709 -29.88 8.71 33.86
CA SER V 709 -29.60 8.63 32.43
C SER V 709 -29.33 10.04 31.91
N ASP V 710 -28.11 10.25 31.40
CA ASP V 710 -27.72 11.57 30.92
C ASP V 710 -28.36 11.87 29.56
N GLU V 711 -28.70 13.14 29.36
CA GLU V 711 -29.28 13.64 28.12
C GLU V 711 -28.73 15.06 27.94
N LYS V 712 -29.02 15.67 26.79
CA LYS V 712 -28.64 17.07 26.57
C LYS V 712 -29.42 17.96 27.52
N ASP V 713 -28.69 18.58 28.46
CA ASP V 713 -29.29 19.45 29.46
C ASP V 713 -29.63 20.77 28.78
N LEU V 714 -30.93 21.02 28.59
CA LEU V 714 -31.36 22.30 28.06
C LEU V 714 -31.32 23.39 29.12
N SER V 715 -31.13 23.03 30.39
CA SER V 715 -31.02 24.02 31.44
C SER V 715 -29.70 24.79 31.34
N LEU V 716 -28.58 24.08 31.20
CA LEU V 716 -27.28 24.72 31.17
C LEU V 716 -26.94 25.14 29.74
N ASN V 717 -26.44 26.37 29.61
CA ASN V 717 -26.09 26.94 28.32
C ASN V 717 -24.58 26.87 28.15
N GLU V 718 -24.12 26.04 27.21
CA GLU V 718 -22.67 25.91 27.00
C GLU V 718 -22.11 27.14 26.30
N THR V 719 -22.96 27.90 25.61
CA THR V 719 -22.54 29.09 24.89
C THR V 719 -22.50 30.33 25.78
N SER V 720 -22.57 30.18 27.10
CA SER V 720 -22.67 31.33 27.97
C SER V 720 -21.30 31.87 28.32
N GLY V 721 -21.30 33.06 28.92
CA GLY V 721 -20.07 33.75 29.25
C GLY V 721 -20.26 34.57 30.50
N LEU V 722 -19.26 35.42 30.75
CA LEU V 722 -19.22 36.18 31.98
C LEU V 722 -19.58 37.64 31.72
N THR V 723 -20.11 38.30 32.76
CA THR V 723 -20.42 39.72 32.69
C THR V 723 -19.11 40.51 32.55
N ASN V 724 -18.99 41.25 31.45
CA ASN V 724 -17.71 41.84 31.10
C ASN V 724 -17.46 43.12 31.88
N GLU V 725 -18.53 43.80 32.32
CA GLU V 725 -18.63 45.01 33.14
C GLU V 725 -18.21 46.26 32.35
N GLN V 726 -17.65 46.12 31.13
CA GLN V 726 -17.51 47.28 30.26
C GLN V 726 -18.61 47.28 29.21
N LEU V 727 -19.19 46.11 28.93
CA LEU V 727 -20.44 46.06 28.18
C LEU V 727 -21.60 46.54 29.04
N LYS V 728 -21.64 46.08 30.29
CA LYS V 728 -22.71 46.45 31.22
C LYS V 728 -22.67 47.94 31.53
N ASN V 729 -21.49 48.55 31.48
CA ASN V 729 -21.39 49.99 31.63
C ASN V 729 -21.86 50.70 30.35
N PHE V 730 -21.44 50.19 29.19
CA PHE V 730 -21.77 50.87 27.93
C PHE V 730 -23.21 50.63 27.53
N LEU V 731 -23.73 49.44 27.82
CA LEU V 731 -25.15 49.20 27.59
C LEU V 731 -26.01 49.82 28.69
N GLY V 732 -25.43 50.15 29.84
CA GLY V 732 -26.17 50.86 30.86
C GLY V 732 -26.45 52.29 30.46
N GLN V 733 -25.48 52.96 29.84
CA GLN V 733 -25.74 54.26 29.25
C GLN V 733 -26.52 54.15 27.94
N ASN V 734 -27.85 54.22 28.04
CA ASN V 734 -28.82 53.85 27.00
C ASN V 734 -28.64 54.80 25.80
N GLY V 735 -28.68 54.29 24.57
CA GLY V 735 -28.60 55.17 23.42
C GLY V 735 -27.60 54.76 22.36
N THR V 736 -28.09 54.69 21.12
CA THR V 736 -27.39 54.48 19.83
C THR V 736 -26.26 53.45 19.91
N TYR V 737 -26.60 52.31 20.49
CA TYR V 737 -25.81 51.09 20.31
C TYR V 737 -26.64 50.08 19.55
N HIS V 738 -25.95 49.21 18.80
CA HIS V 738 -26.61 48.41 17.79
C HIS V 738 -26.57 46.91 18.07
N MET V 739 -25.75 46.45 18.99
CA MET V 739 -25.78 45.04 19.42
C MET V 739 -25.59 45.00 20.92
N SER V 740 -26.37 44.16 21.59
CA SER V 740 -26.46 44.19 23.04
C SER V 740 -25.92 42.93 23.72
N TYR V 741 -24.99 42.22 23.08
CA TYR V 741 -24.35 41.07 23.70
C TYR V 741 -22.96 40.88 23.11
N ASP V 742 -22.36 39.73 23.37
CA ASP V 742 -20.93 39.58 23.10
C ASP V 742 -20.68 38.87 21.77
N SER V 743 -21.45 37.81 21.50
CA SER V 743 -21.49 37.07 20.22
C SER V 743 -20.16 36.39 19.88
N LYS V 744 -19.28 36.20 20.86
CA LYS V 744 -18.03 35.50 20.59
C LYS V 744 -18.21 34.02 20.83
N SER V 745 -18.91 33.67 21.92
CA SER V 745 -19.07 32.27 22.28
C SER V 745 -20.24 31.64 21.53
N ILE V 746 -21.14 32.46 21.00
CA ILE V 746 -22.34 31.92 20.37
C ILE V 746 -22.14 31.77 18.87
N ASP V 747 -21.12 32.44 18.32
CA ASP V 747 -20.69 32.15 16.97
C ASP V 747 -19.76 30.95 16.94
N TYR V 748 -19.02 30.76 18.03
CA TYR V 748 -18.13 29.63 18.15
C TYR V 748 -19.00 28.37 18.18
N ALA V 749 -20.10 28.45 18.91
CA ALA V 749 -21.04 27.36 19.06
C ALA V 749 -21.72 26.99 17.75
N LYS V 750 -22.10 27.99 16.96
CA LYS V 750 -22.77 27.74 15.70
C LYS V 750 -21.81 27.19 14.66
N GLN V 751 -20.54 27.57 14.75
CA GLN V 751 -19.52 27.03 13.86
C GLN V 751 -19.32 25.54 14.09
N LYS V 752 -19.44 25.08 15.33
CA LYS V 752 -19.28 23.66 15.62
C LYS V 752 -20.38 22.83 15.01
N LYS V 753 -21.62 23.33 15.05
CA LYS V 753 -22.72 22.60 14.44
C LYS V 753 -22.63 22.59 12.92
N SER V 754 -21.91 23.53 12.34
CA SER V 754 -21.67 23.50 10.90
C SER V 754 -20.57 22.52 10.53
N GLU V 755 -19.75 22.11 11.50
CA GLU V 755 -18.58 21.30 11.19
C GLU V 755 -18.71 19.85 11.63
N LYS V 756 -19.64 19.54 12.54
CA LYS V 756 -19.77 18.17 13.03
C LYS V 756 -20.35 17.22 11.98
N LYS V 757 -21.26 17.71 11.13
CA LYS V 757 -22.11 16.89 10.26
C LYS V 757 -22.82 15.81 11.09
N GLU V 758 -23.59 16.26 12.07
CA GLU V 758 -24.51 15.40 12.80
C GLU V 758 -25.94 15.88 12.62
N ASP V 759 -26.72 15.16 11.83
CA ASP V 759 -28.01 15.67 11.39
C ASP V 759 -29.13 14.68 11.68
N GLN V 760 -28.83 13.39 11.58
CA GLN V 760 -29.82 12.33 11.33
C GLN V 760 -30.81 12.16 12.47
N GLN V 761 -30.38 12.36 13.71
CA GLN V 761 -31.31 12.37 14.83
C GLN V 761 -31.35 13.73 15.52
N GLU V 762 -30.39 14.60 15.26
CA GLU V 762 -30.36 15.92 15.87
C GLU V 762 -31.44 16.81 15.25
N ASP V 763 -31.93 16.43 14.07
CA ASP V 763 -33.15 16.99 13.50
C ASP V 763 -34.40 16.69 14.34
N ASP V 764 -34.32 15.69 15.22
CA ASP V 764 -35.39 15.45 16.19
C ASP V 764 -35.04 15.93 17.59
N ASP V 765 -33.75 16.01 17.93
CA ASP V 765 -33.33 16.26 19.30
C ASP V 765 -33.67 17.68 19.74
N GLY V 766 -33.45 18.66 18.86
CA GLY V 766 -33.88 20.01 19.17
C GLY V 766 -35.38 20.21 19.05
N PHE V 767 -36.07 19.27 18.41
CA PHE V 767 -37.47 19.47 18.02
C PHE V 767 -38.43 18.55 18.77
N TYR V 768 -37.93 17.43 19.26
CA TYR V 768 -38.74 16.49 20.02
C TYR V 768 -38.33 16.49 21.50
N ASP V 769 -37.03 16.55 21.74
CA ASP V 769 -36.45 16.53 23.08
C ASP V 769 -36.81 17.74 23.96
N ALA V 770 -36.85 18.92 23.34
CA ALA V 770 -37.12 20.17 24.04
C ALA V 770 -38.50 20.20 24.70
N TYR V 771 -39.50 19.63 24.02
CA TYR V 771 -40.87 19.64 24.53
C TYR V 771 -41.06 18.93 25.87
N LYS V 772 -40.39 17.80 26.08
CA LYS V 772 -40.56 17.06 27.32
C LYS V 772 -39.96 17.82 28.49
N GLN V 773 -38.78 18.43 28.31
CA GLN V 773 -38.14 19.13 29.40
C GLN V 773 -38.79 20.48 29.66
N ILE V 774 -39.47 21.04 28.67
CA ILE V 774 -40.15 22.31 28.86
C ILE V 774 -41.42 22.12 29.67
N LYS V 775 -42.16 21.04 29.40
CA LYS V 775 -43.35 20.74 30.19
C LYS V 775 -42.98 20.35 31.63
N ASN V 776 -41.80 19.74 31.82
CA ASN V 776 -41.38 19.39 33.17
C ASN V 776 -41.00 20.63 33.97
N SER V 777 -40.67 21.72 33.30
CA SER V 777 -40.44 22.99 33.99
C SER V 777 -41.71 23.59 34.57
N TYR V 778 -42.88 23.20 34.06
CA TYR V 778 -44.12 23.69 34.64
C TYR V 778 -44.60 22.81 35.77
N ASP V 779 -43.87 21.73 36.06
CA ASP V 779 -44.22 20.81 37.13
C ASP V 779 -43.17 20.76 38.22
N GLY V 780 -42.13 21.60 38.15
CA GLY V 780 -41.08 21.57 39.13
C GLY V 780 -40.05 20.48 38.92
N ILE V 781 -40.04 19.85 37.76
CA ILE V 781 -39.18 18.70 37.50
C ILE V 781 -38.03 19.12 36.60
N PRO V 782 -36.78 18.91 36.99
CA PRO V 782 -35.67 19.18 36.09
C PRO V 782 -35.53 18.14 35.00
N ASN V 783 -34.41 18.25 34.26
CA ASN V 783 -34.20 17.59 32.98
C ASN V 783 -34.26 16.07 33.03
N ASN V 784 -33.31 15.45 33.73
CA ASN V 784 -33.22 14.00 33.75
C ASN V 784 -33.82 13.40 35.01
N PHE V 785 -34.80 14.08 35.59
CA PHE V 785 -35.30 13.70 36.90
C PHE V 785 -36.51 12.79 36.75
N ASN V 786 -36.27 11.48 36.90
CA ASN V 786 -37.29 10.46 36.75
C ASN V 786 -38.07 10.21 38.04
N HIS V 787 -38.04 11.14 38.99
CA HIS V 787 -38.66 10.93 40.28
C HIS V 787 -39.62 12.06 40.65
N GLU V 788 -40.03 12.10 41.91
CA GLU V 788 -41.12 12.97 42.31
C GLU V 788 -40.59 14.30 42.80
N ALA V 789 -41.17 15.39 42.30
CA ALA V 789 -40.72 16.74 42.60
C ALA V 789 -41.91 17.59 43.03
N PRO V 790 -41.75 18.46 44.03
CA PRO V 790 -42.91 19.18 44.56
C PRO V 790 -43.31 20.36 43.70
N GLN V 791 -44.44 20.96 44.06
CA GLN V 791 -44.99 22.11 43.38
C GLN V 791 -45.99 22.77 44.32
N LEU V 792 -45.71 24.00 44.71
CA LEU V 792 -46.54 24.73 45.67
C LEU V 792 -47.81 25.19 44.97
N ILE V 793 -48.95 24.74 45.49
CA ILE V 793 -50.26 25.15 45.01
C ILE V 793 -51.01 25.75 46.18
N GLY V 794 -51.20 27.06 46.17
CA GLY V 794 -51.82 27.70 47.32
C GLY V 794 -50.84 27.78 48.47
N ASN V 795 -51.08 26.96 49.49
CA ASN V 795 -50.18 26.85 50.63
C ASN V 795 -49.66 25.45 50.84
N ASN V 796 -49.92 24.53 49.91
CA ASN V 796 -49.55 23.13 50.06
C ASN V 796 -48.70 22.68 48.88
N TYR V 797 -47.82 21.72 49.15
CA TYR V 797 -46.96 21.17 48.12
C TYR V 797 -47.56 19.88 47.55
N VAL V 798 -47.44 19.72 46.24
CA VAL V 798 -47.91 18.54 45.53
C VAL V 798 -46.73 17.93 44.78
N PHE V 799 -46.38 16.70 45.12
CA PHE V 799 -45.26 16.02 44.48
C PHE V 799 -45.72 15.37 43.19
N THR V 800 -45.27 15.90 42.06
CA THR V 800 -45.65 15.41 40.75
C THR V 800 -44.48 14.63 40.14
N SER V 801 -44.78 13.86 39.10
CA SER V 801 -43.79 12.96 38.52
C SER V 801 -43.72 13.18 37.02
N ILE V 802 -42.80 12.47 36.38
CA ILE V 802 -42.85 12.33 34.92
C ILE V 802 -44.08 11.53 34.53
N TYR V 803 -44.36 10.45 35.27
CA TYR V 803 -45.46 9.56 34.93
C TYR V 803 -46.73 9.94 35.68
N ASP V 804 -46.65 10.00 37.00
CA ASP V 804 -47.78 10.40 37.84
C ASP V 804 -47.84 11.92 37.85
N THR V 805 -48.55 12.50 36.88
CA THR V 805 -48.61 13.95 36.77
C THR V 805 -49.47 14.57 37.85
N LYS V 806 -50.45 13.81 38.36
CA LYS V 806 -51.42 14.24 39.37
C LYS V 806 -52.16 15.50 38.95
N GLU V 807 -52.61 15.53 37.70
CA GLU V 807 -53.20 16.75 37.13
C GLU V 807 -54.57 17.04 37.72
N ASN V 808 -55.31 15.99 38.10
CA ASN V 808 -56.65 16.18 38.64
C ASN V 808 -56.61 16.75 40.05
N LEU V 809 -55.53 16.47 40.80
CA LEU V 809 -55.34 17.14 42.09
C LEU V 809 -55.03 18.61 41.90
N ILE V 810 -54.30 18.95 40.84
CA ILE V 810 -53.89 20.33 40.60
C ILE V 810 -55.10 21.17 40.18
N LYS V 811 -55.98 20.60 39.36
CA LYS V 811 -57.20 21.30 38.97
C LYS V 811 -58.16 21.44 40.15
N PHE V 812 -58.09 20.51 41.10
CA PHE V 812 -59.00 20.57 42.25
C PHE V 812 -58.49 21.57 43.28
N LEU V 813 -57.18 21.59 43.53
CA LEU V 813 -56.66 22.45 44.60
C LEU V 813 -56.59 23.90 44.17
N LYS V 814 -56.48 24.16 42.86
CA LYS V 814 -56.49 25.54 42.39
C LYS V 814 -57.91 26.10 42.40
N LYS V 815 -58.89 25.30 41.98
CA LYS V 815 -60.25 25.82 41.85
C LYS V 815 -60.97 25.87 43.18
N ASN V 816 -60.93 24.78 43.96
CA ASN V 816 -61.72 24.72 45.18
C ASN V 816 -61.03 25.48 46.32
N SER V 817 -59.72 25.31 46.47
CA SER V 817 -58.99 25.89 47.58
C SER V 817 -58.36 27.23 47.24
N GLU V 818 -58.98 28.01 46.35
CA GLU V 818 -58.51 29.37 46.07
C GLU V 818 -58.71 30.28 47.28
N TYR V 819 -59.92 30.27 47.83
CA TYR V 819 -60.26 31.01 49.04
C TYR V 819 -60.53 30.05 50.19
N ASP V 820 -60.17 28.79 50.02
CA ASP V 820 -60.36 27.76 51.03
C ASP V 820 -59.00 27.15 51.38
N LEU V 821 -58.93 26.54 52.57
CA LEU V 821 -57.68 25.98 53.06
C LEU V 821 -57.92 24.54 53.50
N TYR V 822 -57.28 23.60 52.80
CA TYR V 822 -57.29 22.19 53.18
C TYR V 822 -55.86 21.66 53.16
N ASP V 823 -55.33 21.37 54.34
CA ASP V 823 -53.95 20.88 54.44
C ASP V 823 -53.87 19.41 54.02
N GLY W 27 17.88 86.58 58.54
CA GLY W 27 18.43 85.56 57.67
C GLY W 27 17.40 84.56 57.19
N TYR W 28 17.76 83.79 56.17
CA TYR W 28 16.85 82.80 55.60
C TYR W 28 17.02 81.43 56.20
N GLY W 29 17.85 81.28 57.24
CA GLY W 29 17.86 80.05 58.00
C GLY W 29 16.69 79.93 58.95
N ASP W 30 15.98 81.03 59.17
CA ASP W 30 14.77 81.00 59.98
C ASP W 30 13.62 80.34 59.23
N LEU W 31 13.51 80.61 57.92
CA LEU W 31 12.49 79.94 57.12
C LEU W 31 12.96 78.57 56.63
N ALA W 32 14.19 78.19 56.97
CA ALA W 32 14.67 76.85 56.66
C ALA W 32 13.93 75.80 57.49
N ALA W 33 13.83 76.03 58.80
CA ALA W 33 13.23 75.05 59.68
C ALA W 33 11.71 75.04 59.58
N THR W 34 11.12 76.16 59.13
CA THR W 34 9.68 76.20 58.93
C THR W 34 9.28 75.35 57.73
N SER W 35 10.11 75.38 56.68
CA SER W 35 9.87 74.51 55.53
C SER W 35 10.32 73.09 55.83
N ALA W 36 11.28 72.93 56.74
CA ALA W 36 11.71 71.58 57.13
C ALA W 36 10.62 70.85 57.88
N LEU W 37 10.21 71.38 59.04
CA LEU W 37 9.24 70.68 59.88
C LEU W 37 7.81 70.80 59.35
N THR W 38 7.60 71.46 58.21
CA THR W 38 6.35 71.31 57.50
C THR W 38 6.22 69.89 56.95
N THR W 39 7.16 69.47 56.10
CA THR W 39 7.03 68.19 55.43
C THR W 39 7.54 67.03 56.27
N VAL W 40 8.24 67.33 57.37
CA VAL W 40 8.64 66.28 58.30
C VAL W 40 7.42 65.71 59.01
N ILE W 41 6.38 66.51 59.19
CA ILE W 41 5.23 66.04 59.96
C ILE W 41 3.99 65.87 59.07
N LYS W 42 3.86 66.66 58.01
CA LYS W 42 2.71 66.53 57.12
C LYS W 42 2.80 65.25 56.28
N ASP W 43 3.91 65.07 55.58
CA ASP W 43 4.01 63.99 54.59
C ASP W 43 4.07 62.58 55.15
N PRO W 44 4.62 62.31 56.35
CA PRO W 44 4.36 60.98 56.95
C PRO W 44 2.90 60.75 57.30
N ILE W 45 2.26 61.71 57.96
CA ILE W 45 0.88 61.51 58.43
C ILE W 45 -0.09 61.48 57.26
N SER W 46 0.26 62.17 56.16
CA SER W 46 -0.56 62.13 54.95
C SER W 46 -0.50 60.75 54.31
N LEU W 47 0.60 60.03 54.50
CA LEU W 47 0.74 58.73 53.84
C LEU W 47 0.29 57.60 54.75
N THR W 48 0.29 57.81 56.07
CA THR W 48 -0.25 56.80 56.97
C THR W 48 -1.76 56.69 56.81
N ILE W 49 -2.42 57.83 56.59
CA ILE W 49 -3.89 57.85 56.50
C ILE W 49 -4.35 57.23 55.19
N LYS W 50 -3.52 57.34 54.14
CA LYS W 50 -3.85 56.72 52.86
C LYS W 50 -3.82 55.19 52.92
N ASP W 51 -3.21 54.63 53.97
CA ASP W 51 -3.26 53.19 54.17
C ASP W 51 -4.21 52.81 55.29
N ILE W 52 -4.34 53.67 56.30
CA ILE W 52 -5.28 53.41 57.39
C ILE W 52 -6.72 53.54 56.90
N TYR W 53 -6.99 54.56 56.06
CA TYR W 53 -8.35 54.70 55.53
C TYR W 53 -8.64 53.66 54.47
N GLU W 54 -7.63 53.25 53.70
CA GLU W 54 -7.88 52.28 52.63
C GLU W 54 -7.99 50.87 53.16
N HIS W 55 -7.03 50.42 53.96
CA HIS W 55 -7.01 49.03 54.40
C HIS W 55 -7.75 48.81 55.70
N GLY W 56 -8.09 49.87 56.44
CA GLY W 56 -8.75 49.70 57.70
C GLY W 56 -10.11 50.38 57.79
N VAL W 57 -10.46 51.20 56.82
CA VAL W 57 -11.76 51.86 56.84
C VAL W 57 -12.55 51.56 55.57
N LYS W 58 -11.93 51.74 54.39
CA LYS W 58 -12.60 51.44 53.12
C LYS W 58 -13.02 49.98 53.00
N ASN W 59 -12.04 49.10 52.98
CA ASN W 59 -12.21 47.67 52.75
C ASN W 59 -13.10 46.93 53.77
N PRO W 60 -13.11 47.24 55.07
CA PRO W 60 -14.14 46.61 55.92
C PRO W 60 -15.54 47.21 55.72
N PHE W 61 -15.64 48.51 55.42
CA PHE W 61 -16.97 49.13 55.31
C PHE W 61 -17.66 48.69 54.02
N THR W 62 -16.89 48.37 52.98
CA THR W 62 -17.47 47.77 51.80
C THR W 62 -17.91 46.34 52.07
N LYS W 63 -17.12 45.60 52.86
CA LYS W 63 -17.48 44.22 53.18
C LYS W 63 -18.63 44.14 54.19
N ILE W 64 -19.01 45.28 54.77
CA ILE W 64 -20.25 45.34 55.53
C ILE W 64 -21.42 45.63 54.60
N ILE W 65 -21.22 46.53 53.63
CA ILE W 65 -22.28 46.87 52.68
C ILE W 65 -22.60 45.68 51.78
N HIS W 66 -21.58 45.04 51.23
CA HIS W 66 -21.83 43.95 50.28
C HIS W 66 -22.24 42.68 51.01
N LYS W 67 -22.07 42.64 52.33
CA LYS W 67 -22.73 41.62 53.14
C LYS W 67 -24.20 41.97 53.37
N LEU W 68 -24.53 43.25 53.49
CA LEU W 68 -25.92 43.65 53.61
C LEU W 68 -26.68 43.50 52.31
N LYS W 69 -25.99 43.60 51.16
CA LYS W 69 -26.65 43.40 49.88
C LYS W 69 -27.05 41.94 49.69
N LYS W 70 -26.39 41.03 50.40
CA LYS W 70 -26.85 39.65 50.45
C LYS W 70 -28.02 39.51 51.42
N PHE W 71 -28.26 40.53 52.27
CA PHE W 71 -29.29 40.39 53.30
C PHE W 71 -30.53 41.20 52.96
N ILE W 72 -30.39 42.39 52.36
CA ILE W 72 -31.57 43.11 51.89
C ILE W 72 -32.23 42.38 50.73
N ARG W 73 -31.45 41.93 49.77
CA ARG W 73 -31.91 40.98 48.77
C ARG W 73 -31.76 39.58 49.34
N TYR W 74 -32.22 38.60 48.56
CA TYR W 74 -31.79 37.20 48.67
C TYR W 74 -32.19 36.55 49.99
N ARG W 75 -33.27 37.03 50.62
CA ARG W 75 -33.73 36.41 51.86
C ARG W 75 -34.40 35.08 51.59
N LYS W 76 -35.24 35.03 50.55
CA LYS W 76 -36.01 33.82 50.25
C LYS W 76 -35.12 32.71 49.73
N VAL W 77 -33.96 33.06 49.18
CA VAL W 77 -33.09 32.07 48.57
C VAL W 77 -32.24 31.39 49.62
N LEU W 78 -31.71 32.19 50.55
CA LEU W 78 -30.74 31.66 51.50
C LEU W 78 -31.41 30.89 52.63
N ARG W 79 -32.75 30.99 52.74
CA ARG W 79 -33.48 30.05 53.59
C ARG W 79 -33.36 28.64 53.06
N TRP W 80 -33.28 28.51 51.73
CA TRP W 80 -33.19 27.20 51.10
C TRP W 80 -31.74 26.80 50.87
N SER W 81 -30.88 27.78 50.60
CA SER W 81 -29.50 27.49 50.21
C SER W 81 -28.70 26.95 51.39
N ARG W 82 -28.82 27.61 52.54
CA ARG W 82 -28.19 27.11 53.76
C ARG W 82 -28.88 25.82 54.20
N MET W 83 -30.13 25.63 53.81
CA MET W 83 -30.82 24.37 54.06
C MET W 83 -30.24 23.26 53.18
N TRP W 84 -29.72 23.63 52.00
CA TRP W 84 -29.08 22.62 51.17
C TRP W 84 -27.61 22.45 51.55
N TRP W 85 -26.97 23.52 52.00
CA TRP W 85 -25.52 23.48 52.23
C TRP W 85 -25.18 22.62 53.45
N VAL W 86 -26.06 22.64 54.44
CA VAL W 86 -25.91 21.73 55.57
C VAL W 86 -26.03 20.27 55.11
N LEU W 87 -26.84 19.99 54.07
CA LEU W 87 -26.99 18.61 53.65
C LEU W 87 -25.81 18.15 52.78
N LEU W 88 -25.04 19.08 52.21
CA LEU W 88 -23.78 18.68 51.59
C LEU W 88 -22.73 18.39 52.64
N VAL W 89 -22.66 19.24 53.66
CA VAL W 89 -21.66 19.08 54.71
C VAL W 89 -21.91 17.79 55.50
N ARG W 90 -23.16 17.35 55.56
CA ARG W 90 -23.45 16.08 56.22
C ARG W 90 -23.15 14.88 55.32
N GLU W 91 -23.22 15.07 54.00
CA GLU W 91 -23.04 13.92 53.11
C GLU W 91 -21.61 13.79 52.61
N ILE W 92 -20.93 14.92 52.38
CA ILE W 92 -19.54 14.85 51.92
C ILE W 92 -18.64 14.42 53.07
N VAL W 93 -18.92 14.90 54.27
CA VAL W 93 -18.11 14.52 55.43
C VAL W 93 -18.56 13.18 55.99
N GLY W 94 -19.85 13.07 56.32
CA GLY W 94 -20.36 11.83 56.87
C GLY W 94 -20.04 11.64 58.34
N ASP W 95 -20.41 12.61 59.17
CA ASP W 95 -20.36 12.61 60.63
C ASP W 95 -18.94 12.49 61.19
N ASN W 96 -17.93 13.09 60.57
CA ASN W 96 -16.55 13.01 61.05
C ASN W 96 -15.95 14.41 61.11
N THR W 97 -15.89 14.96 62.32
CA THR W 97 -16.11 16.36 62.76
C THR W 97 -15.65 17.36 61.70
N ILE W 98 -16.52 18.30 61.31
CA ILE W 98 -16.30 19.19 60.18
C ILE W 98 -15.47 20.38 60.64
N GLU W 99 -14.46 20.75 59.87
CA GLU W 99 -13.64 21.92 60.15
C GLU W 99 -14.47 23.17 59.90
N LYS W 100 -14.59 24.01 60.92
CA LYS W 100 -15.54 25.12 60.87
C LYS W 100 -15.01 26.28 60.05
N LYS W 101 -13.69 26.40 59.92
CA LYS W 101 -13.11 27.60 59.34
C LYS W 101 -13.25 27.63 57.82
N THR W 102 -13.06 26.49 57.18
CA THR W 102 -13.16 26.45 55.72
C THR W 102 -14.48 25.86 55.25
N GLU W 103 -15.37 25.54 56.19
CA GLU W 103 -16.76 25.26 55.83
C GLU W 103 -17.49 26.57 55.54
N LYS W 104 -17.09 27.64 56.22
CA LYS W 104 -17.69 28.95 55.94
C LYS W 104 -17.01 29.62 54.75
N ALA W 105 -15.79 29.18 54.42
CA ALA W 105 -15.11 29.71 53.24
C ALA W 105 -15.69 29.12 51.96
N LEU W 106 -16.20 27.89 52.04
CA LEU W 106 -16.86 27.29 50.89
C LEU W 106 -18.36 27.54 50.92
N ARG W 107 -18.89 28.00 52.06
CA ARG W 107 -20.27 28.44 52.12
C ARG W 107 -20.47 29.70 51.29
N GLU W 108 -19.42 30.52 51.18
CA GLU W 108 -19.49 31.73 50.36
C GLU W 108 -19.48 31.37 48.88
N ILE W 109 -18.79 30.31 48.50
CA ILE W 109 -18.81 29.85 47.11
C ILE W 109 -20.13 29.14 46.83
N TRP W 110 -20.71 28.51 47.85
CA TRP W 110 -22.04 27.95 47.69
C TRP W 110 -23.10 29.04 47.59
N ASP W 111 -22.89 30.16 48.29
CA ASP W 111 -23.85 31.26 48.17
C ASP W 111 -23.73 31.98 46.84
N GLN W 112 -22.58 31.87 46.18
CA GLN W 112 -22.43 32.47 44.86
C GLN W 112 -23.08 31.63 43.78
N CYS W 113 -23.21 30.31 43.99
CA CYS W 113 -23.98 29.49 43.06
C CYS W 113 -25.46 29.82 43.13
N THR W 114 -25.97 30.11 44.33
CA THR W 114 -27.40 30.35 44.50
C THR W 114 -27.81 31.70 43.94
N ILE W 115 -26.96 32.72 44.13
CA ILE W 115 -27.22 34.03 43.54
C ILE W 115 -27.17 33.95 42.02
N ALA W 116 -26.28 33.11 41.49
CA ALA W 116 -26.17 32.97 40.05
C ALA W 116 -27.34 32.20 39.46
N VAL W 117 -27.92 31.27 40.23
CA VAL W 117 -29.07 30.52 39.73
C VAL W 117 -30.35 31.33 39.88
N TYR W 118 -30.54 31.93 41.05
CA TYR W 118 -31.76 32.69 41.34
C TYR W 118 -31.92 33.91 40.45
N ASN W 119 -30.81 34.48 39.98
CA ASN W 119 -30.91 35.57 39.01
C ASN W 119 -31.29 35.06 37.62
N ASN W 120 -31.26 33.76 37.41
CA ASN W 120 -31.60 33.18 36.12
C ASN W 120 -32.96 32.51 36.11
N THR W 121 -33.77 32.68 37.16
CA THR W 121 -35.06 32.04 37.27
C THR W 121 -36.18 33.06 37.27
N LEU W 122 -37.28 32.70 36.64
CA LEU W 122 -38.51 33.47 36.78
C LEU W 122 -39.46 32.79 37.75
N ASN W 123 -39.34 31.48 37.90
CA ASN W 123 -40.12 30.75 38.89
C ASN W 123 -39.67 31.10 40.29
N ALA W 124 -40.61 31.10 41.23
CA ALA W 124 -40.27 31.38 42.61
C ALA W 124 -39.50 30.21 43.23
N VAL W 125 -38.78 30.49 44.31
CA VAL W 125 -38.03 29.44 44.99
C VAL W 125 -38.99 28.56 45.78
N GLU W 126 -40.03 29.16 46.34
CA GLU W 126 -41.02 28.43 47.13
C GLU W 126 -41.84 27.49 46.25
N SER W 127 -42.06 27.88 44.99
CA SER W 127 -42.95 27.12 44.11
C SER W 127 -42.32 25.79 43.70
N LYS W 128 -41.14 25.85 43.10
CA LYS W 128 -40.51 24.69 42.46
C LYS W 128 -39.08 24.56 42.93
N PRO W 129 -38.83 23.86 44.04
CA PRO W 129 -37.48 23.86 44.61
C PRO W 129 -36.51 22.89 43.95
N LEU W 130 -36.99 21.77 43.39
CA LEU W 130 -36.04 20.86 42.75
C LEU W 130 -35.54 21.34 41.39
N LEU W 131 -36.14 22.40 40.85
CA LEU W 131 -35.49 23.07 39.73
C LEU W 131 -34.21 23.73 40.17
N PHE W 132 -34.20 24.30 41.39
CA PHE W 132 -33.05 25.04 41.87
C PHE W 132 -31.89 24.12 42.22
N LEU W 133 -32.16 22.92 42.73
CA LEU W 133 -31.06 22.01 43.03
C LEU W 133 -30.44 21.44 41.76
N HIS W 134 -31.18 21.43 40.65
CA HIS W 134 -30.55 21.11 39.37
C HIS W 134 -29.76 22.30 38.86
N GLY W 135 -29.97 23.48 39.44
CA GLY W 135 -29.12 24.61 39.13
C GLY W 135 -27.96 24.67 40.08
N ILE W 136 -28.26 24.69 41.38
CA ILE W 136 -27.26 25.06 42.36
C ILE W 136 -26.24 23.95 42.55
N LEU W 137 -26.66 22.68 42.46
CA LEU W 137 -25.70 21.59 42.53
C LEU W 137 -24.91 21.48 41.23
N ASN W 138 -25.56 21.70 40.08
CA ASN W 138 -24.85 21.64 38.80
C ASN W 138 -23.86 22.79 38.66
N GLU W 139 -24.19 23.96 39.21
CA GLU W 139 -23.26 25.07 39.11
C GLU W 139 -22.10 24.94 40.09
N CYS W 140 -22.36 24.56 41.34
CA CYS W 140 -21.26 24.30 42.25
C CYS W 140 -20.53 22.99 41.94
N ARG W 141 -21.12 22.09 41.13
CA ARG W 141 -20.30 21.05 40.53
C ARG W 141 -19.25 21.65 39.63
N ASN W 142 -19.63 22.68 38.88
CA ASN W 142 -18.70 23.35 37.99
C ASN W 142 -17.94 24.48 38.69
N ASN W 143 -18.54 25.12 39.70
CA ASN W 143 -17.86 26.22 40.37
C ASN W 143 -16.71 25.72 41.23
N PHE W 144 -16.91 24.60 41.92
CA PHE W 144 -15.81 24.03 42.67
C PHE W 144 -14.79 23.34 41.76
N ALA W 145 -15.18 22.91 40.56
CA ALA W 145 -14.23 22.27 39.67
C ALA W 145 -13.34 23.26 38.92
N THR W 146 -13.62 24.55 39.00
CA THR W 146 -12.79 25.54 38.30
C THR W 146 -11.82 26.24 39.26
N LYS W 147 -12.02 26.08 40.56
CA LYS W 147 -11.10 26.71 41.50
C LYS W 147 -10.44 25.73 42.46
N LEU W 148 -11.17 24.72 42.96
CA LEU W 148 -10.58 23.76 43.90
C LEU W 148 -9.73 22.82 43.06
N ARG W 149 -8.41 22.87 43.25
CA ARG W 149 -7.53 22.02 42.45
C ARG W 149 -7.61 20.57 42.89
N GLN W 150 -7.38 20.32 44.18
CA GLN W 150 -7.28 18.97 44.68
C GLN W 150 -8.22 18.79 45.86
N ASP W 151 -9.14 17.84 45.73
CA ASP W 151 -10.19 17.62 46.71
C ASP W 151 -10.01 16.24 47.33
N PRO W 152 -9.24 16.10 48.41
CA PRO W 152 -9.16 14.79 49.05
C PRO W 152 -10.39 14.46 49.87
N SER W 153 -11.23 15.45 50.18
CA SER W 153 -12.58 15.19 50.66
C SER W 153 -13.56 14.96 49.52
N LEU W 154 -13.09 15.11 48.26
CA LEU W 154 -13.85 14.84 47.03
C LEU W 154 -15.11 15.69 46.93
N ILE W 155 -14.97 17.01 46.94
CA ILE W 155 -16.13 17.88 46.90
C ILE W 155 -16.77 17.85 45.52
N VAL W 156 -15.95 17.92 44.47
CA VAL W 156 -16.47 17.88 43.10
C VAL W 156 -16.97 16.47 42.79
N ALA W 157 -16.24 15.46 43.26
CA ALA W 157 -16.52 14.07 42.87
C ALA W 157 -17.79 13.54 43.53
N LYS W 158 -18.18 14.10 44.67
CA LYS W 158 -19.39 13.64 45.35
C LYS W 158 -20.61 14.41 44.86
N ILE W 159 -20.43 15.69 44.50
CA ILE W 159 -21.51 16.47 43.90
C ILE W 159 -21.81 15.95 42.50
N ASP W 160 -20.85 15.28 41.86
CA ASP W 160 -21.09 14.50 40.65
C ASP W 160 -22.18 13.46 40.85
N GLN W 161 -22.02 12.61 41.88
CA GLN W 161 -22.91 11.46 42.01
C GLN W 161 -24.08 11.75 42.94
N ILE W 162 -24.17 12.95 43.49
CA ILE W 162 -25.45 13.39 44.03
C ILE W 162 -26.36 13.76 42.88
N ILE W 163 -25.81 14.31 41.80
CA ILE W 163 -26.58 14.67 40.62
C ILE W 163 -26.77 13.45 39.73
N LYS W 164 -25.68 12.73 39.44
CA LYS W 164 -25.76 11.63 38.47
C LYS W 164 -26.37 10.36 39.03
N SER W 165 -26.74 10.34 40.31
CA SER W 165 -27.55 9.26 40.86
C SER W 165 -28.79 9.78 41.56
N GLN W 166 -29.03 11.10 41.53
CA GLN W 166 -30.23 11.79 41.96
C GLN W 166 -30.58 11.57 43.42
N ILE W 167 -29.60 11.70 44.32
CA ILE W 167 -29.84 11.56 45.76
C ILE W 167 -30.55 12.80 46.29
N TYR W 168 -30.53 13.90 45.52
CA TYR W 168 -31.13 15.15 45.96
C TYR W 168 -32.66 15.17 45.91
N ARG W 169 -33.27 14.01 45.65
CA ARG W 169 -34.67 13.74 45.94
C ARG W 169 -34.99 13.98 47.41
N PHE W 170 -34.27 13.28 48.29
CA PHE W 170 -34.59 13.22 49.71
C PHE W 170 -34.25 14.52 50.42
N TRP W 171 -33.44 15.34 49.78
CA TRP W 171 -33.16 16.71 50.19
C TRP W 171 -34.45 17.52 50.23
N VAL W 172 -35.41 17.18 49.36
CA VAL W 172 -36.77 17.67 49.52
C VAL W 172 -37.63 16.59 50.15
N SER W 173 -38.03 16.81 51.39
CA SER W 173 -38.93 15.90 52.08
C SER W 173 -39.90 16.74 52.89
N GLU W 174 -40.69 16.05 53.70
CA GLU W 174 -41.61 16.73 54.62
C GLU W 174 -40.91 17.65 55.64
N PRO W 175 -39.81 17.27 56.32
CA PRO W 175 -39.24 18.26 57.26
C PRO W 175 -38.43 19.34 56.57
N TYR W 176 -37.97 19.11 55.34
CA TYR W 176 -37.09 20.07 54.68
C TYR W 176 -37.90 21.16 53.99
N LEU W 177 -39.17 20.89 53.69
CA LEU W 177 -40.02 21.92 53.11
C LEU W 177 -40.65 22.80 54.17
N LYS W 178 -40.75 22.30 55.41
CA LYS W 178 -41.32 23.10 56.49
C LYS W 178 -40.37 24.22 56.89
N ILE W 179 -39.08 23.90 57.01
CA ILE W 179 -38.09 24.92 57.37
C ILE W 179 -37.81 25.83 56.18
N GLY W 180 -37.91 25.28 54.97
CA GLY W 180 -37.80 26.06 53.76
C GLY W 180 -38.90 27.09 53.57
N ARG W 181 -40.13 26.75 53.96
CA ARG W 181 -41.23 27.70 53.80
C ARG W 181 -41.32 28.64 54.99
N SER W 182 -40.59 28.36 56.06
CA SER W 182 -40.74 29.09 57.30
C SER W 182 -40.09 30.47 57.20
N HIS W 183 -40.62 31.42 57.99
CA HIS W 183 -40.09 32.77 58.03
C HIS W 183 -38.98 32.82 59.08
N THR W 184 -37.84 32.22 58.76
CA THR W 184 -36.67 32.29 59.62
C THR W 184 -35.54 32.91 58.81
N LEU W 185 -34.73 33.75 59.47
CA LEU W 185 -33.55 34.30 58.82
C LEU W 185 -32.54 33.21 58.57
N TYR W 186 -31.74 33.38 57.51
CA TYR W 186 -30.84 32.31 57.08
C TYR W 186 -29.65 32.15 58.01
N THR W 187 -29.34 33.17 58.81
CA THR W 187 -28.25 33.05 59.77
C THR W 187 -28.65 32.18 60.95
N HIS W 188 -29.96 32.02 61.19
CA HIS W 188 -30.43 31.15 62.25
C HIS W 188 -30.47 29.68 61.84
N ILE W 189 -30.31 29.37 60.56
CA ILE W 189 -30.28 27.99 60.09
C ILE W 189 -28.91 27.42 60.39
N THR W 190 -28.84 26.58 61.42
CA THR W 190 -27.62 25.93 61.88
C THR W 190 -27.72 24.45 61.54
N PRO W 191 -26.62 23.68 61.58
CA PRO W 191 -26.77 22.22 61.45
C PRO W 191 -27.51 21.57 62.61
N ASP W 192 -27.65 22.25 63.75
CA ASP W 192 -28.52 21.73 64.79
C ASP W 192 -29.99 21.83 64.42
N ALA W 193 -30.36 22.86 63.65
CA ALA W 193 -31.76 23.09 63.33
C ALA W 193 -32.23 22.32 62.10
N VAL W 194 -31.32 21.68 61.38
CA VAL W 194 -31.65 20.92 60.17
C VAL W 194 -31.79 19.45 60.56
N PRO W 195 -32.91 18.79 60.27
CA PRO W 195 -33.04 17.39 60.63
C PRO W 195 -32.23 16.50 59.70
N GLN W 196 -31.68 15.43 60.27
CA GLN W 196 -30.80 14.56 59.51
C GLN W 196 -31.59 13.63 58.60
N LEU W 197 -31.00 13.34 57.44
CA LEU W 197 -31.54 12.35 56.52
C LEU W 197 -31.43 10.97 57.14
N PRO W 198 -32.37 10.08 56.81
CA PRO W 198 -32.22 8.67 57.26
C PRO W 198 -31.08 7.99 56.53
N LYS W 199 -30.67 6.84 57.06
CA LYS W 199 -29.45 6.19 56.59
C LYS W 199 -29.59 5.58 55.20
N GLU W 200 -30.81 5.48 54.66
CA GLU W 200 -30.97 5.01 53.29
C GLU W 200 -30.63 6.09 52.28
N CYS W 201 -30.53 7.35 52.70
CA CYS W 201 -30.54 8.49 51.79
C CYS W 201 -29.19 9.20 51.67
N THR W 202 -28.10 8.61 52.15
CA THR W 202 -26.82 9.29 52.17
C THR W 202 -25.86 8.68 51.14
N LEU W 203 -24.73 9.35 50.95
CA LEU W 203 -23.66 8.81 50.10
C LEU W 203 -22.92 7.66 50.76
N LYS W 204 -22.92 7.61 52.10
CA LYS W 204 -22.22 6.53 52.80
C LYS W 204 -22.90 5.19 52.55
N HIS W 205 -24.22 5.20 52.43
CA HIS W 205 -24.94 3.97 52.10
C HIS W 205 -24.79 3.63 50.63
N LEU W 206 -25.00 4.62 49.75
CA LEU W 206 -25.10 4.34 48.32
C LEU W 206 -23.76 3.98 47.71
N SER W 207 -22.66 4.49 48.27
CA SER W 207 -21.35 4.06 47.79
C SER W 207 -20.99 2.69 48.31
N SER W 208 -21.38 2.37 49.55
CA SER W 208 -21.11 1.04 50.09
C SER W 208 -22.03 0.00 49.49
N TYR W 209 -23.20 0.45 49.05
CA TYR W 209 -24.17 -0.46 48.45
C TYR W 209 -23.88 -0.71 46.99
N MET W 210 -23.43 0.32 46.30
CA MET W 210 -23.10 0.20 44.89
C MET W 210 -21.89 -0.69 44.66
N GLU W 211 -20.95 -0.64 45.59
CA GLU W 211 -19.75 -1.47 45.50
C GLU W 211 -20.21 -2.91 45.61
N GLU W 212 -21.14 -3.16 46.53
CA GLU W 212 -21.62 -4.53 46.73
C GLU W 212 -22.22 -5.12 45.46
N LYS W 213 -23.06 -4.34 44.78
CA LYS W 213 -23.67 -4.81 43.54
C LYS W 213 -22.61 -4.94 42.45
N LEU W 214 -21.67 -4.00 42.47
CA LEU W 214 -20.56 -3.97 41.52
C LEU W 214 -19.67 -5.18 41.77
N LYS W 215 -19.52 -5.54 43.03
CA LYS W 215 -18.68 -6.68 43.43
C LYS W 215 -19.19 -7.98 42.80
N SER W 216 -20.51 -8.15 42.76
CA SER W 216 -21.09 -9.36 42.17
C SER W 216 -20.71 -9.46 40.69
N MET W 217 -20.74 -8.33 39.98
CA MET W 217 -20.39 -8.29 38.57
C MET W 217 -19.01 -8.92 38.37
N GLU W 218 -18.03 -8.43 39.12
CA GLU W 218 -16.68 -8.97 39.11
C GLU W 218 -16.70 -10.49 39.26
N SER W 219 -17.52 -11.00 40.18
CA SER W 219 -17.64 -12.43 40.41
C SER W 219 -18.67 -13.09 39.50
N LYS W 220 -19.34 -12.33 38.62
CA LYS W 220 -20.04 -12.97 37.51
C LYS W 220 -19.07 -13.69 36.59
N LYS W 221 -17.94 -13.06 36.30
CA LYS W 221 -16.90 -13.75 35.56
C LYS W 221 -16.26 -14.82 36.43
N ASN W 222 -15.46 -15.67 35.77
CA ASN W 222 -15.31 -17.10 36.04
C ASN W 222 -15.32 -17.56 37.49
N ILE W 223 -16.14 -18.57 37.77
CA ILE W 223 -16.27 -19.18 39.08
C ILE W 223 -15.31 -20.38 39.12
N GLU W 224 -14.70 -20.61 40.27
CA GLU W 224 -13.54 -21.50 40.33
C GLU W 224 -13.89 -22.92 40.77
N SER W 225 -14.58 -23.10 41.88
CA SER W 225 -14.94 -24.43 42.37
C SER W 225 -16.40 -24.71 42.16
N GLY W 226 -17.12 -23.79 41.54
CA GLY W 226 -18.55 -23.91 41.40
C GLY W 226 -19.23 -23.86 42.74
N LYS W 227 -19.22 -22.68 43.39
CA LYS W 227 -19.86 -22.30 44.65
C LYS W 227 -19.68 -23.30 45.80
N TYR W 228 -18.58 -24.04 45.75
CA TYR W 228 -17.88 -24.78 46.81
C TYR W 228 -18.53 -26.06 47.35
N GLU W 229 -19.83 -26.29 47.18
CA GLU W 229 -20.38 -27.36 48.01
C GLU W 229 -21.80 -27.74 47.58
N PHE W 230 -22.15 -29.00 47.85
CA PHE W 230 -23.49 -29.56 47.94
C PHE W 230 -23.68 -30.17 49.33
N ASP W 231 -24.92 -30.57 49.65
CA ASP W 231 -25.16 -31.49 50.75
C ASP W 231 -25.74 -32.77 50.19
N VAL W 232 -25.87 -33.79 51.04
CA VAL W 232 -26.48 -35.04 50.63
C VAL W 232 -27.57 -35.41 51.64
N ASP W 233 -28.69 -35.89 51.12
CA ASP W 233 -29.90 -36.08 51.92
C ASP W 233 -30.57 -37.39 51.53
N SER W 234 -31.85 -37.49 51.89
CA SER W 234 -32.56 -38.66 52.45
C SER W 234 -32.19 -39.99 51.80
N SER W 235 -32.51 -40.23 50.53
CA SER W 235 -32.40 -41.61 50.01
C SER W 235 -32.03 -41.69 48.54
N ALA X 648 -5.28 -12.79 72.54
CA ALA X 648 -5.76 -12.08 73.72
C ALA X 648 -4.70 -12.07 74.82
N VAL X 669 -1.98 -12.94 69.19
CA VAL X 669 -2.91 -12.12 69.96
C VAL X 669 -3.81 -11.34 69.01
N LYS X 670 -3.20 -10.59 68.10
CA LYS X 670 -3.95 -9.76 67.17
C LYS X 670 -4.64 -10.59 66.10
N ASP X 671 -3.97 -11.63 65.60
CA ASP X 671 -4.58 -12.52 64.63
C ASP X 671 -5.57 -13.46 65.31
N ILE X 672 -5.43 -13.67 66.61
CA ILE X 672 -6.35 -14.48 67.39
C ILE X 672 -7.71 -13.80 67.47
N LYS X 673 -7.72 -12.47 67.55
CA LYS X 673 -8.96 -11.72 67.72
C LYS X 673 -9.78 -11.69 66.44
N LYS X 674 -9.13 -11.81 65.28
CA LYS X 674 -9.85 -11.71 64.02
C LYS X 674 -10.70 -12.94 63.75
N LEU X 675 -10.40 -14.06 64.42
CA LEU X 675 -11.17 -15.29 64.20
C LEU X 675 -12.19 -15.51 65.31
N ILE X 676 -11.82 -15.20 66.55
CA ILE X 676 -12.64 -15.59 67.70
C ILE X 676 -13.71 -14.53 67.98
N GLU X 677 -13.38 -13.25 67.79
CA GLU X 677 -14.31 -12.18 68.16
C GLU X 677 -15.49 -12.10 67.20
N GLU X 678 -15.36 -12.71 66.01
CA GLU X 678 -16.53 -12.87 65.15
C GLU X 678 -17.41 -14.01 65.66
N GLY X 679 -16.82 -14.99 66.33
CA GLY X 679 -17.58 -16.14 66.79
C GLY X 679 -17.97 -16.06 68.25
N ILE X 680 -17.02 -15.75 69.12
CA ILE X 680 -17.21 -15.94 70.56
C ILE X 680 -17.15 -14.61 71.31
N LEU X 681 -16.01 -13.92 71.23
CA LEU X 681 -15.76 -12.78 72.11
C LEU X 681 -16.50 -11.54 71.65
N ASP X 682 -17.16 -10.87 72.56
CA ASP X 682 -17.71 -9.55 72.31
C ASP X 682 -16.64 -8.50 72.55
N TYR X 683 -16.84 -7.33 71.95
CA TYR X 683 -15.87 -6.23 72.13
C TYR X 683 -15.98 -5.61 73.51
N GLU X 684 -17.08 -5.87 74.23
CA GLU X 684 -17.32 -5.22 75.51
C GLU X 684 -16.36 -5.71 76.59
N ASP X 685 -15.96 -6.97 76.52
CA ASP X 685 -14.99 -7.53 77.46
C ASP X 685 -13.62 -7.58 76.79
N LEU X 686 -12.97 -6.42 76.71
CA LEU X 686 -11.62 -6.30 76.19
C LEU X 686 -10.93 -5.18 76.97
N THR X 687 -9.66 -5.37 77.30
CA THR X 687 -8.96 -4.42 78.14
C THR X 687 -8.40 -3.27 77.28
N GLU X 688 -7.85 -2.27 77.98
CA GLU X 688 -7.32 -1.09 77.30
C GLU X 688 -6.06 -1.41 76.51
N ASN X 689 -5.26 -2.38 76.98
CA ASN X 689 -4.10 -2.83 76.21
C ASN X 689 -4.48 -3.77 75.08
N GLU X 690 -5.73 -4.24 75.04
CA GLU X 690 -6.19 -5.09 73.95
C GLU X 690 -6.94 -4.31 72.88
N LEU X 691 -7.64 -3.24 73.25
CA LEU X 691 -8.34 -2.43 72.25
C LEU X 691 -7.36 -1.58 71.44
N ARG X 692 -6.30 -1.10 72.09
CA ARG X 692 -5.37 -0.19 71.41
C ARG X 692 -4.50 -0.96 70.42
N LYS X 693 -4.28 -2.25 70.67
CA LYS X 693 -3.40 -3.02 69.80
C LYS X 693 -4.15 -3.58 68.60
N LEU X 694 -5.47 -3.68 68.70
CA LEU X 694 -6.27 -4.04 67.53
C LEU X 694 -6.46 -2.83 66.63
N ALA X 695 -6.34 -1.63 67.20
CA ALA X 695 -6.35 -0.42 66.40
C ALA X 695 -4.95 -0.04 65.91
N LYS X 696 -3.91 -0.66 66.48
CA LYS X 696 -2.56 -0.53 65.94
C LYS X 696 -2.49 -1.12 64.54
N PRO X 697 -1.59 -0.61 63.69
CA PRO X 697 -1.45 -1.16 62.34
C PRO X 697 -0.89 -2.58 62.34
N ASP X 698 -1.21 -3.32 61.29
CA ASP X 698 -0.91 -4.73 61.21
C ASP X 698 0.55 -4.94 60.78
N ASP X 699 0.93 -6.20 60.53
CA ASP X 699 2.28 -6.49 60.09
C ASP X 699 2.46 -6.30 58.58
N ASN X 700 1.37 -6.07 57.85
CA ASN X 700 1.51 -5.62 56.46
C ASN X 700 1.98 -4.18 56.43
N PHE X 701 1.62 -3.40 57.44
CA PHE X 701 2.31 -2.15 57.72
C PHE X 701 3.70 -2.48 58.25
N TYR X 702 4.67 -1.60 57.93
CA TYR X 702 6.12 -1.79 58.03
C TYR X 702 6.64 -2.87 57.09
N GLU X 703 5.82 -3.34 56.16
CA GLU X 703 6.33 -4.16 55.07
C GLU X 703 6.52 -3.28 53.84
N LEU X 704 7.68 -3.41 53.21
CA LEU X 704 8.06 -2.47 52.16
C LEU X 704 7.37 -2.84 50.86
N SER X 705 6.69 -1.86 50.26
CA SER X 705 5.87 -2.10 49.06
C SER X 705 6.01 -0.94 48.09
N PRO X 706 6.76 -1.14 47.00
CA PRO X 706 6.78 -0.15 45.92
C PRO X 706 5.64 -0.35 44.93
N TYR X 707 5.71 0.43 43.84
CA TYR X 707 4.87 0.30 42.65
C TYR X 707 3.37 0.45 42.91
N ALA X 708 2.93 1.65 43.29
CA ALA X 708 1.50 1.92 43.38
C ALA X 708 0.87 1.96 41.99
N SER X 709 -0.40 1.60 41.94
CA SER X 709 -1.14 1.47 40.69
C SER X 709 -1.91 2.76 40.42
N ASP X 710 -1.57 3.43 39.32
CA ASP X 710 -2.20 4.70 39.00
C ASP X 710 -3.62 4.50 38.46
N GLU X 711 -4.50 5.43 38.80
CA GLU X 711 -5.88 5.45 38.36
C GLU X 711 -6.26 6.92 38.18
N LYS X 712 -7.46 7.18 37.65
CA LYS X 712 -7.96 8.54 37.54
C LYS X 712 -8.20 9.11 38.94
N ASP X 713 -7.39 10.11 39.31
CA ASP X 713 -7.47 10.75 40.62
C ASP X 713 -8.69 11.65 40.62
N LEU X 714 -9.72 11.26 41.35
CA LEU X 714 -10.88 12.13 41.50
C LEU X 714 -10.63 13.24 42.49
N SER X 715 -9.52 13.17 43.25
CA SER X 715 -9.17 14.24 44.17
C SER X 715 -8.74 15.50 43.42
N LEU X 716 -7.83 15.37 42.45
CA LEU X 716 -7.32 16.52 41.74
C LEU X 716 -8.22 16.85 40.56
N ASN X 717 -8.51 18.14 40.39
CA ASN X 717 -9.39 18.63 39.35
C ASN X 717 -8.52 19.24 38.24
N GLU X 718 -8.50 18.60 37.08
CA GLU X 718 -7.68 19.11 35.98
C GLU X 718 -8.31 20.35 35.36
N THR X 719 -9.61 20.54 35.55
CA THR X 719 -10.32 21.69 35.01
C THR X 719 -10.24 22.91 35.92
N SER X 720 -9.36 22.92 36.90
CA SER X 720 -9.33 24.00 37.86
C SER X 720 -8.47 25.16 37.38
N GLY X 721 -8.58 26.28 38.08
CA GLY X 721 -7.89 27.49 37.68
C GLY X 721 -7.53 28.30 38.90
N LEU X 722 -7.11 29.54 38.64
CA LEU X 722 -6.58 30.39 39.69
C LEU X 722 -7.60 31.48 40.05
N THR X 723 -7.52 31.95 41.29
CA THR X 723 -8.35 33.06 41.74
C THR X 723 -7.98 34.32 40.99
N ASN X 724 -8.93 34.88 40.25
CA ASN X 724 -8.62 35.95 39.29
C ASN X 724 -8.47 37.29 39.99
N GLU X 725 -9.14 37.45 41.14
CA GLU X 725 -9.17 38.58 42.08
C GLU X 725 -9.97 39.77 41.49
N GLN X 726 -10.35 39.74 40.21
CA GLN X 726 -11.33 40.70 39.72
C GLN X 726 -12.72 40.07 39.64
N LEU X 727 -12.77 38.73 39.56
CA LEU X 727 -14.03 38.02 39.77
C LEU X 727 -14.38 38.03 41.25
N LYS X 728 -13.39 37.78 42.11
CA LYS X 728 -13.60 37.74 43.55
C LYS X 728 -14.00 39.12 44.09
N ASN X 729 -13.55 40.18 43.43
CA ASN X 729 -14.00 41.51 43.78
C ASN X 729 -15.43 41.75 43.29
N PHE X 730 -15.73 41.35 42.04
CA PHE X 730 -17.03 41.62 41.46
C PHE X 730 -18.10 40.70 42.03
N LEU X 731 -17.73 39.45 42.33
CA LEU X 731 -18.68 38.57 43.02
C LEU X 731 -18.75 38.87 44.50
N GLY X 732 -17.76 39.58 45.06
CA GLY X 732 -17.85 40.01 46.44
C GLY X 732 -18.90 41.09 46.63
N GLN X 733 -18.97 42.03 45.70
CA GLN X 733 -20.08 42.98 45.71
C GLN X 733 -21.38 42.35 45.21
N ASN X 734 -22.18 41.82 46.13
CA ASN X 734 -23.31 40.92 45.90
C ASN X 734 -24.39 41.68 45.11
N GLY X 735 -25.00 41.05 44.11
CA GLY X 735 -26.07 41.70 43.40
C GLY X 735 -25.98 41.65 41.89
N THR X 736 -27.07 41.19 41.27
CA THR X 736 -27.40 41.17 39.82
C THR X 736 -26.20 40.79 38.93
N TYR X 737 -25.55 39.70 39.34
CA TYR X 737 -24.67 38.96 38.45
C TYR X 737 -25.26 37.59 38.17
N HIS X 738 -24.96 37.04 37.00
CA HIS X 738 -25.69 35.89 36.50
C HIS X 738 -24.86 34.62 36.36
N MET X 739 -23.53 34.72 36.42
CA MET X 739 -22.69 33.54 36.45
C MET X 739 -21.55 33.79 37.44
N SER X 740 -21.26 32.78 38.25
CA SER X 740 -20.37 32.95 39.38
C SER X 740 -19.05 32.18 39.27
N TYR X 741 -18.59 31.89 38.06
CA TYR X 741 -17.29 31.26 37.86
C TYR X 741 -16.74 31.64 36.51
N ASP X 742 -15.70 30.93 36.06
CA ASP X 742 -14.93 31.42 34.93
C ASP X 742 -15.34 30.73 33.63
N SER X 743 -15.56 29.40 33.69
CA SER X 743 -16.11 28.58 32.60
C SER X 743 -15.22 28.52 31.36
N LYS X 744 -13.95 28.89 31.48
CA LYS X 744 -13.05 28.80 30.34
C LYS X 744 -12.38 27.44 30.32
N SER X 745 -11.94 26.97 31.49
CA SER X 745 -11.22 25.71 31.56
C SER X 745 -12.18 24.53 31.62
N ILE X 746 -13.44 24.77 31.97
CA ILE X 746 -14.37 23.66 32.15
C ILE X 746 -15.17 23.42 30.88
N ASP X 747 -15.18 24.41 29.97
CA ASP X 747 -15.68 24.17 28.62
C ASP X 747 -14.60 23.52 27.75
N TYR X 748 -13.36 23.90 28.01
CA TYR X 748 -12.22 23.40 27.24
C TYR X 748 -12.03 21.90 27.41
N ALA X 749 -12.18 21.43 28.63
CA ALA X 749 -12.05 20.03 28.95
C ALA X 749 -13.11 19.20 28.25
N LYS X 750 -14.32 19.74 28.18
CA LYS X 750 -15.44 19.01 27.57
C LYS X 750 -15.23 18.82 26.08
N GLN X 751 -14.55 19.75 25.44
CA GLN X 751 -14.23 19.60 24.03
C GLN X 751 -13.29 18.43 23.78
N LYS X 752 -12.37 18.17 24.72
CA LYS X 752 -11.44 17.05 24.56
C LYS X 752 -12.16 15.72 24.63
N LYS X 753 -13.14 15.59 25.53
CA LYS X 753 -13.90 14.35 25.62
C LYS X 753 -14.79 14.15 24.40
N SER X 754 -15.13 15.22 23.69
CA SER X 754 -15.88 15.07 22.44
C SER X 754 -14.97 14.65 21.30
N GLU X 755 -13.66 14.84 21.43
CA GLU X 755 -12.75 14.61 20.31
C GLU X 755 -11.90 13.36 20.45
N LYS X 756 -11.77 12.81 21.66
CA LYS X 756 -10.95 11.62 21.85
C LYS X 756 -11.54 10.36 21.24
N LYS X 757 -12.87 10.23 21.25
CA LYS X 757 -13.59 8.99 20.97
C LYS X 757 -13.04 7.85 21.83
N GLU X 758 -13.10 8.05 23.14
CA GLU X 758 -12.84 6.98 24.10
C GLU X 758 -14.07 6.71 24.95
N ASP X 759 -14.74 5.60 24.70
CA ASP X 759 -16.07 5.38 25.26
C ASP X 759 -16.15 4.05 25.99
N GLN X 760 -15.45 3.04 25.48
CA GLN X 760 -15.76 1.63 25.69
C GLN X 760 -15.58 1.19 27.15
N GLN X 761 -14.62 1.78 27.86
CA GLN X 761 -14.50 1.52 29.29
C GLN X 761 -14.69 2.80 30.11
N GLU X 762 -14.65 3.96 29.47
CA GLU X 762 -14.84 5.22 30.17
C GLU X 762 -16.31 5.41 30.54
N ASP X 763 -17.19 4.67 29.89
CA ASP X 763 -18.58 4.50 30.31
C ASP X 763 -18.70 3.79 31.67
N ASP X 764 -17.64 3.10 32.10
CA ASP X 764 -17.61 2.55 33.45
C ASP X 764 -16.71 3.34 34.39
N ASP X 765 -15.72 4.06 33.86
CA ASP X 765 -14.70 4.69 34.69
C ASP X 765 -15.26 5.85 35.50
N GLY X 766 -16.13 6.67 34.90
CA GLY X 766 -16.82 7.70 35.65
C GLY X 766 -17.92 7.16 36.53
N PHE X 767 -18.34 5.92 36.30
CA PHE X 767 -19.55 5.39 36.91
C PHE X 767 -19.28 4.27 37.90
N TYR X 768 -18.16 3.57 37.76
CA TYR X 768 -17.77 2.65 38.82
C TYR X 768 -16.81 3.29 39.81
N ASP X 769 -15.81 3.97 39.28
CA ASP X 769 -14.71 4.55 40.07
C ASP X 769 -15.07 5.55 41.18
N ALA X 770 -16.09 6.38 40.94
CA ALA X 770 -16.48 7.36 41.95
C ALA X 770 -16.91 6.71 43.27
N TYR X 771 -17.61 5.59 43.19
CA TYR X 771 -18.10 4.88 44.38
C TYR X 771 -17.02 4.34 45.33
N LYS X 772 -15.93 3.78 44.80
CA LYS X 772 -14.90 3.23 45.67
C LYS X 772 -14.08 4.33 46.33
N GLN X 773 -13.72 5.37 45.57
CA GLN X 773 -12.89 6.42 46.12
C GLN X 773 -13.70 7.35 47.03
N ILE X 774 -15.02 7.41 46.83
CA ILE X 774 -15.85 8.24 47.68
C ILE X 774 -16.03 7.61 49.06
N LYS X 775 -16.21 6.28 49.09
CA LYS X 775 -16.30 5.58 50.37
C LYS X 775 -14.97 5.60 51.12
N ASN X 776 -13.86 5.62 50.39
CA ASN X 776 -12.55 5.68 51.03
C ASN X 776 -12.30 7.06 51.66
N SER X 777 -13.01 8.08 51.18
CA SER X 777 -12.95 9.39 51.82
C SER X 777 -13.61 9.42 53.19
N TYR X 778 -14.51 8.48 53.48
CA TYR X 778 -15.12 8.42 54.79
C TYR X 778 -14.29 7.58 55.76
N ASP X 779 -13.19 7.00 55.26
CA ASP X 779 -12.31 6.18 56.08
C ASP X 779 -10.92 6.75 56.21
N GLY X 780 -10.68 7.95 55.68
CA GLY X 780 -9.36 8.54 55.73
C GLY X 780 -8.40 8.02 54.68
N ILE X 781 -8.90 7.31 53.67
CA ILE X 781 -8.04 6.66 52.70
C ILE X 781 -8.09 7.44 51.40
N PRO X 782 -6.97 7.86 50.84
CA PRO X 782 -6.98 8.50 49.53
C PRO X 782 -7.17 7.48 48.40
N ASN X 783 -7.00 7.99 47.17
CA ASN X 783 -7.44 7.34 45.94
C ASN X 783 -6.80 5.98 45.69
N ASN X 784 -5.49 5.96 45.48
CA ASN X 784 -4.79 4.72 45.12
C ASN X 784 -4.09 4.10 46.31
N PHE X 785 -4.61 4.32 47.50
CA PHE X 785 -3.91 3.94 48.71
C PHE X 785 -4.36 2.56 49.16
N ASN X 786 -3.57 1.55 48.85
CA ASN X 786 -3.88 0.16 49.17
C ASN X 786 -3.42 -0.25 50.56
N HIS X 787 -3.16 0.71 51.44
CA HIS X 787 -2.60 0.43 52.76
C HIS X 787 -3.44 1.03 53.87
N GLU X 788 -2.89 1.04 55.09
CA GLU X 788 -3.67 1.38 56.26
C GLU X 788 -3.57 2.86 56.59
N ALA X 789 -4.73 3.49 56.80
CA ALA X 789 -4.82 4.91 57.04
C ALA X 789 -5.63 5.18 58.29
N PRO X 790 -5.25 6.15 59.12
CA PRO X 790 -5.93 6.33 60.41
C PRO X 790 -7.24 7.07 60.28
N GLN X 791 -7.96 7.14 61.39
CA GLN X 791 -9.24 7.80 61.49
C GLN X 791 -9.52 8.05 62.96
N LEU X 792 -9.61 9.32 63.34
CA LEU X 792 -9.80 9.70 64.72
C LEU X 792 -11.24 9.45 65.13
N ILE X 793 -11.43 8.60 66.13
CA ILE X 793 -12.74 8.31 66.69
C ILE X 793 -12.69 8.64 68.17
N GLY X 794 -13.36 9.72 68.57
CA GLY X 794 -13.27 10.16 69.94
C GLY X 794 -11.93 10.82 70.21
N ASN X 795 -11.06 10.13 70.93
CA ASN X 795 -9.70 10.60 71.18
C ASN X 795 -8.65 9.61 70.71
N ASN X 796 -9.04 8.56 69.98
CA ASN X 796 -8.13 7.52 69.56
C ASN X 796 -8.18 7.36 68.05
N TYR X 797 -7.05 6.94 67.48
CA TYR X 797 -6.96 6.70 66.04
C TYR X 797 -7.15 5.23 65.73
N VAL X 798 -7.88 4.97 64.64
CA VAL X 798 -8.14 3.61 64.16
C VAL X 798 -7.63 3.52 62.73
N PHE X 799 -6.67 2.65 62.49
CA PHE X 799 -6.11 2.48 61.16
C PHE X 799 -6.97 1.51 60.35
N THR X 800 -7.66 2.03 59.34
CA THR X 800 -8.55 1.25 58.50
C THR X 800 -7.89 1.02 57.15
N SER X 801 -8.43 0.06 56.40
CA SER X 801 -7.82 -0.36 55.15
C SER X 801 -8.86 -0.33 54.04
N ILE X 802 -8.40 -0.62 52.82
CA ILE X 802 -9.33 -0.97 51.75
C ILE X 802 -10.02 -2.29 52.07
N TYR X 803 -9.26 -3.25 52.56
CA TYR X 803 -9.79 -4.59 52.81
C TYR X 803 -10.24 -4.73 54.25
N ASP X 804 -9.36 -4.47 55.20
CA ASP X 804 -9.68 -4.52 56.62
C ASP X 804 -10.35 -3.20 57.00
N THR X 805 -11.68 -3.15 56.86
CA THR X 805 -12.39 -1.91 57.12
C THR X 805 -12.49 -1.61 58.60
N LYS X 806 -12.43 -2.66 59.45
CA LYS X 806 -12.56 -2.59 60.90
C LYS X 806 -13.83 -1.86 61.34
N GLU X 807 -14.95 -2.21 60.70
CA GLU X 807 -16.21 -1.49 60.91
C GLU X 807 -16.79 -1.77 62.29
N ASN X 808 -16.56 -2.98 62.81
CA ASN X 808 -17.13 -3.35 64.10
C ASN X 808 -16.42 -2.64 65.24
N LEU X 809 -15.14 -2.30 65.05
CA LEU X 809 -14.45 -1.45 66.03
C LEU X 809 -15.00 -0.04 66.02
N ILE X 810 -15.38 0.45 64.83
CA ILE X 810 -15.87 1.82 64.70
C ILE X 810 -17.25 1.96 65.34
N LYS X 811 -18.10 0.94 65.16
CA LYS X 811 -19.41 0.96 65.80
C LYS X 811 -19.30 0.79 67.31
N PHE X 812 -18.24 0.13 67.77
CA PHE X 812 -18.07 -0.07 69.21
C PHE X 812 -17.50 1.17 69.89
N LEU X 813 -16.53 1.82 69.24
CA LEU X 813 -15.85 2.96 69.88
C LEU X 813 -16.72 4.21 69.83
N LYS X 814 -17.60 4.31 68.85
CA LYS X 814 -18.51 5.46 68.80
C LYS X 814 -19.63 5.32 69.84
N LYS X 815 -20.18 4.12 69.96
CA LYS X 815 -21.33 3.93 70.84
C LYS X 815 -20.93 3.82 72.31
N ASN X 816 -19.94 2.99 72.62
CA ASN X 816 -19.59 2.75 74.02
C ASN X 816 -18.74 3.87 74.58
N SER X 817 -17.75 4.34 73.82
CA SER X 817 -16.81 5.33 74.31
C SER X 817 -17.21 6.76 73.95
N GLU X 818 -18.50 7.04 73.86
CA GLU X 818 -18.96 8.41 73.64
C GLU X 818 -18.68 9.28 74.85
N TYR X 819 -19.07 8.80 76.04
CA TYR X 819 -18.79 9.46 77.30
C TYR X 819 -17.80 8.65 78.12
N ASP X 820 -17.16 7.67 77.50
CA ASP X 820 -16.17 6.82 78.14
C ASP X 820 -14.85 6.94 77.41
N LEU X 821 -13.77 6.59 78.10
CA LEU X 821 -12.41 6.73 77.57
C LEU X 821 -11.68 5.41 77.73
N TYR X 822 -11.33 4.78 76.61
CA TYR X 822 -10.50 3.59 76.58
C TYR X 822 -9.41 3.77 75.55
N ASP X 823 -8.17 3.91 76.01
CA ASP X 823 -7.03 4.12 75.13
C ASP X 823 -6.64 2.82 74.43
N UNK Y 1 -77.25 58.50 -1.85
CA UNK Y 1 -78.07 57.49 -1.20
C UNK Y 1 -78.61 56.49 -2.23
N UNK Y 2 -79.14 57.00 -3.33
CA UNK Y 2 -79.69 56.16 -4.39
C UNK Y 2 -78.65 55.18 -4.92
N UNK Y 3 -77.45 55.70 -5.19
CA UNK Y 3 -76.36 54.88 -5.71
C UNK Y 3 -76.04 53.73 -4.75
N UNK Y 4 -75.92 54.06 -3.47
CA UNK Y 4 -75.61 53.06 -2.45
C UNK Y 4 -76.66 51.94 -2.44
N UNK Y 5 -77.93 52.33 -2.46
CA UNK Y 5 -79.02 51.36 -2.45
C UNK Y 5 -78.92 50.41 -3.64
N UNK Y 6 -78.69 50.96 -4.82
CA UNK Y 6 -78.57 50.15 -6.05
C UNK Y 6 -77.45 49.12 -5.88
N UNK Y 7 -76.33 49.63 -5.40
CA UNK Y 7 -75.12 48.82 -5.17
C UNK Y 7 -75.44 47.66 -4.22
N UNK Y 8 -76.12 48.03 -3.14
CA UNK Y 8 -76.53 47.09 -2.09
C UNK Y 8 -77.39 45.96 -2.70
N UNK Y 9 -78.34 46.40 -3.51
CA UNK Y 9 -79.28 45.51 -4.20
C UNK Y 9 -78.50 44.51 -5.06
N UNK Y 10 -77.55 45.06 -5.80
CA UNK Y 10 -76.69 44.28 -6.70
C UNK Y 10 -75.95 43.19 -5.91
N UNK Y 11 -75.40 43.63 -4.80
CA UNK Y 11 -74.63 42.76 -3.89
C UNK Y 11 -75.51 41.60 -3.42
N UNK Y 12 -76.71 41.97 -3.02
CA UNK Y 12 -77.71 41.00 -2.53
C UNK Y 12 -78.00 39.95 -3.60
N UNK Y 13 -78.19 40.44 -4.81
CA UNK Y 13 -78.48 39.61 -5.98
C UNK Y 13 -77.35 38.61 -6.20
N UNK Y 14 -76.14 39.13 -6.13
CA UNK Y 14 -74.92 38.35 -6.30
C UNK Y 14 -74.87 37.21 -5.27
N UNK Y 15 -75.15 37.59 -4.04
CA UNK Y 15 -75.17 36.67 -2.90
C UNK Y 15 -76.16 35.53 -3.16
N UNK Y 16 -77.33 35.93 -3.61
CA UNK Y 16 -78.43 35.01 -3.92
C UNK Y 16 -77.97 33.99 -4.97
N UNK Y 17 -77.35 34.53 -6.00
CA UNK Y 17 -76.83 33.74 -7.13
C UNK Y 17 -75.84 32.70 -6.62
N UNK Y 18 -74.95 33.17 -5.78
CA UNK Y 18 -73.90 32.33 -5.16
C UNK Y 18 -74.54 31.17 -4.40
N UNK Y 19 -75.55 31.53 -3.62
CA UNK Y 19 -76.30 30.56 -2.80
C UNK Y 19 -76.91 29.48 -3.69
N UNK Y 20 -77.52 29.96 -4.76
CA UNK Y 20 -78.18 29.08 -5.75
C UNK Y 20 -77.16 28.08 -6.33
N UNK Y 21 -76.01 28.63 -6.68
CA UNK Y 21 -74.90 27.85 -7.25
C UNK Y 21 -74.49 26.75 -6.28
N UNK Y 22 -74.34 27.15 -5.04
CA UNK Y 22 -73.95 26.25 -3.94
C UNK Y 22 -74.94 25.09 -3.83
N UNK Y 23 -76.22 25.47 -3.85
CA UNK Y 23 -77.34 24.53 -3.75
C UNK Y 23 -77.24 23.49 -4.88
N UNK Y 24 -77.01 24.02 -6.07
CA UNK Y 24 -76.90 23.22 -7.30
C UNK Y 24 -75.77 22.19 -7.13
N UNK Y 25 -74.66 22.69 -6.65
CA UNK Y 25 -73.45 21.89 -6.42
C UNK Y 25 -73.77 20.73 -5.46
N UNK Y 26 -74.54 21.04 -4.43
CA UNK Y 26 -75.00 20.02 -3.48
C UNK Y 26 -75.93 19.00 -4.16
N UNK Y 27 -76.81 19.46 -5.05
CA UNK Y 27 -77.75 18.57 -5.74
C UNK Y 27 -77.06 17.51 -6.58
N UNK Y 28 -76.05 17.92 -7.35
CA UNK Y 28 -75.26 16.99 -8.13
C UNK Y 28 -74.29 16.15 -7.24
N UNK Y 29 -73.71 16.70 -6.16
CA UNK Y 29 -72.78 15.91 -5.31
C UNK Y 29 -73.38 14.65 -4.64
N UNK Y 30 -74.55 14.78 -3.99
CA UNK Y 30 -75.31 13.65 -3.49
C UNK Y 30 -75.79 12.73 -4.64
N UNK Y 31 -76.16 13.27 -5.80
CA UNK Y 31 -76.61 12.40 -6.91
C UNK Y 31 -75.51 11.41 -7.38
N UNK Y 32 -74.29 11.91 -7.52
CA UNK Y 32 -73.17 11.08 -7.94
C UNK Y 32 -72.93 9.98 -6.92
N UNK Y 33 -73.05 10.33 -5.64
CA UNK Y 33 -72.85 9.38 -4.56
C UNK Y 33 -73.88 8.25 -4.61
N UNK Y 34 -75.12 8.61 -4.91
CA UNK Y 34 -76.20 7.62 -5.00
C UNK Y 34 -75.90 6.63 -6.11
N UNK Y 35 -75.41 7.14 -7.24
CA UNK Y 35 -75.06 6.31 -8.39
C UNK Y 35 -73.92 5.35 -8.09
N UNK Y 36 -72.90 5.84 -7.39
CA UNK Y 36 -71.76 5.01 -7.00
C UNK Y 36 -72.21 3.85 -6.11
N UNK Z 1 -25.91 82.02 -43.62
CA UNK Z 1 -26.02 81.29 -44.87
C UNK Z 1 -25.39 79.91 -44.76
N UNK Z 2 -24.20 79.84 -44.19
CA UNK Z 2 -23.49 78.58 -44.02
C UNK Z 2 -24.31 77.60 -43.20
N UNK Z 3 -24.86 78.08 -42.08
CA UNK Z 3 -25.67 77.24 -41.21
C UNK Z 3 -26.86 76.64 -41.97
N UNK Z 4 -27.56 77.49 -42.71
CA UNK Z 4 -28.73 77.04 -43.48
C UNK Z 4 -28.32 75.92 -44.45
N UNK Z 5 -27.22 76.18 -45.14
CA UNK Z 5 -26.66 75.24 -46.13
C UNK Z 5 -26.35 73.90 -45.45
N UNK Z 6 -25.71 74.00 -44.30
CA UNK Z 6 -25.33 72.84 -43.49
C UNK Z 6 -26.57 72.01 -43.14
N UNK Z 7 -27.58 72.73 -42.69
CA UNK Z 7 -28.87 72.14 -42.30
C UNK Z 7 -29.47 71.36 -43.47
N UNK Z 8 -29.45 72.01 -44.62
CA UNK Z 8 -29.97 71.45 -45.87
C UNK Z 8 -29.25 70.14 -46.20
N UNK Z 9 -27.95 70.20 -46.08
CA UNK Z 9 -27.06 69.06 -46.36
C UNK Z 9 -27.45 67.88 -45.45
N UNK Z 10 -27.61 68.21 -44.18
CA UNK Z 10 -27.98 67.24 -43.14
C UNK Z 10 -29.29 66.55 -43.51
N UNK Z 11 -30.25 67.38 -43.91
CA UNK Z 11 -31.59 66.93 -44.31
C UNK Z 11 -31.48 65.94 -45.47
N UNK Z 12 -30.67 66.33 -46.43
CA UNK Z 12 -30.42 65.53 -47.64
C UNK Z 12 -29.88 64.15 -47.25
N UNK Z 13 -28.90 64.20 -46.36
CA UNK Z 13 -28.24 62.99 -45.85
C UNK Z 13 -29.26 62.05 -45.21
N UNK Z 14 -30.09 62.65 -44.39
CA UNK Z 14 -31.16 61.94 -43.67
C UNK Z 14 -32.08 61.23 -44.66
N UNK Z 15 -32.46 61.99 -45.68
CA UNK Z 15 -33.35 61.51 -46.75
C UNK Z 15 -32.73 60.28 -47.43
N UNK Z 16 -31.45 60.43 -47.73
CA UNK Z 16 -30.66 59.37 -48.39
C UNK Z 16 -30.69 58.10 -47.54
N UNK Z 17 -30.45 58.30 -46.26
CA UNK Z 17 -30.43 57.22 -45.27
C UNK Z 17 -31.77 56.48 -45.27
N UNK Z 18 -32.85 57.24 -45.26
CA UNK Z 18 -34.19 56.67 -45.26
C UNK Z 18 -34.46 55.86 -46.54
N UNK Z 19 -34.00 56.39 -47.67
CA UNK Z 19 -34.18 55.71 -48.95
C UNK Z 19 -33.43 54.39 -48.91
N UNK Z 20 -32.24 54.42 -48.32
CA UNK Z 20 -31.40 53.22 -48.18
C UNK Z 20 -32.12 52.16 -47.35
N UNK Z 21 -32.67 52.63 -46.24
CA UNK Z 21 -33.41 51.78 -45.30
C UNK Z 21 -34.59 51.10 -46.02
N UNK Z 22 -35.30 51.92 -46.77
CA UNK Z 22 -36.47 51.47 -47.55
C UNK Z 22 -36.07 50.36 -48.51
N UNK Z 23 -34.97 50.62 -49.19
CA UNK Z 23 -34.40 49.68 -50.18
C UNK Z 23 -34.10 48.34 -49.51
N UNK Z 24 -33.46 48.39 -48.35
CA UNK Z 24 -33.12 47.19 -47.60
C UNK Z 24 -34.36 46.36 -47.29
N UNK Z 25 -35.17 46.82 -46.36
CA UNK Z 25 -36.31 46.02 -45.95
C UNK Z 25 -37.11 45.59 -47.19
N UNK Z 26 -37.21 46.46 -48.19
CA UNK Z 26 -37.94 46.08 -49.40
C UNK Z 26 -37.33 44.85 -50.12
N UNK Z 27 -36.01 44.84 -50.27
CA UNK Z 27 -35.34 43.72 -50.91
C UNK Z 27 -35.53 42.45 -50.10
N UNK Z 28 -35.52 42.60 -48.78
CA UNK Z 28 -35.66 41.47 -47.86
C UNK Z 28 -36.98 40.76 -48.08
N UNK Z 29 -38.03 41.54 -48.32
CA UNK Z 29 -39.34 40.98 -48.56
C UNK Z 29 -39.28 40.08 -49.80
N UNK Z 30 -38.53 40.53 -50.81
CA UNK Z 30 -38.40 39.75 -52.04
C UNK Z 30 -37.73 38.41 -51.79
N UNK Z 31 -36.68 38.40 -50.97
CA UNK Z 31 -35.98 37.17 -50.64
C UNK Z 31 -36.90 36.17 -49.93
N UNK Z 32 -51.95 -4.34 -61.16
CA UNK Z 32 -50.68 -4.98 -61.53
C UNK Z 32 -49.86 -4.19 -62.55
N UNK Z 33 -48.60 -3.93 -62.18
CA UNK Z 33 -47.67 -3.21 -63.05
C UNK Z 33 -46.49 -4.14 -63.31
N UNK Z 34 -46.14 -4.35 -64.57
CA UNK Z 34 -45.04 -5.27 -64.82
C UNK Z 34 -44.09 -4.98 -65.97
N UNK Z 35 -42.85 -5.40 -65.77
CA UNK Z 35 -41.79 -5.31 -66.76
C UNK Z 35 -41.56 -6.71 -67.37
N UNK Z 36 -42.52 -7.61 -67.13
CA UNK Z 36 -42.54 -9.02 -67.51
C UNK Z 36 -41.33 -9.65 -68.19
N UNK Z 37 -41.46 -9.96 -69.48
CA UNK Z 37 -40.36 -10.59 -70.19
C UNK Z 37 -39.80 -9.83 -71.38
N UNK Z 38 -38.48 -9.64 -71.35
CA UNK Z 38 -37.75 -9.01 -72.44
C UNK Z 38 -38.55 -7.82 -72.93
N UNK Z 39 -39.19 -7.12 -72.00
CA UNK Z 39 -40.00 -5.97 -72.39
C UNK Z 39 -39.11 -4.77 -72.71
N UNK Z 40 -38.17 -4.55 -71.80
CA UNK Z 40 -37.19 -3.45 -71.90
C UNK Z 40 -36.40 -3.57 -73.21
N UNK Z 41 -35.92 -4.78 -73.49
CA UNK Z 41 -35.15 -5.02 -74.69
C UNK Z 41 -35.97 -4.73 -75.94
N UNK Z 42 -37.23 -5.17 -75.92
CA UNK Z 42 -38.10 -4.94 -77.06
C UNK Z 42 -38.33 -3.45 -77.26
N UNK Z 43 -38.53 -2.72 -76.15
CA UNK Z 43 -38.75 -1.28 -76.22
C UNK Z 43 -37.53 -0.55 -76.76
N UNK Z 44 -36.35 -0.95 -76.30
CA UNK Z 44 -35.11 -0.33 -76.75
C UNK Z 44 -34.91 -0.57 -78.24
N UNK Z 45 -35.20 -1.79 -78.68
CA UNK Z 45 -35.06 -2.16 -80.08
C UNK Z 45 -35.99 -1.34 -80.97
N UNK Z 46 -37.25 -1.23 -80.54
CA UNK Z 46 -38.24 -0.48 -81.30
C UNK Z 46 -37.87 1.00 -81.38
N UNK Z 47 -37.36 1.54 -80.27
CA UNK Z 47 -36.96 2.94 -80.22
C UNK Z 47 -35.98 3.28 -81.33
N UNK AA 1 -19.29 -9.64 89.24
CA UNK AA 1 -19.68 -10.93 88.70
C UNK AA 1 -19.56 -10.95 87.18
N UNK AA 2 -20.07 -9.91 86.54
CA UNK AA 2 -20.03 -9.79 85.08
C UNK AA 2 -18.60 -9.84 84.58
N UNK AA 3 -17.71 -9.08 85.21
CA UNK AA 3 -16.30 -9.03 84.82
C UNK AA 3 -15.69 -10.43 84.90
N UNK AA 4 -15.97 -11.08 86.01
CA UNK AA 4 -15.50 -12.44 86.28
C UNK AA 4 -15.96 -13.39 85.19
N UNK AA 5 -17.24 -13.28 84.88
CA UNK AA 5 -17.89 -14.09 83.85
C UNK AA 5 -17.19 -13.92 82.51
N UNK AA 6 -16.94 -12.66 82.19
CA UNK AA 6 -16.26 -12.26 80.94
C UNK AA 6 -14.89 -12.92 80.86
N UNK AA 7 -14.18 -12.83 81.97
CA UNK AA 7 -12.83 -13.40 82.11
C UNK AA 7 -12.86 -14.91 81.83
N UNK AA 8 -13.83 -15.54 82.46
CA UNK AA 8 -14.05 -16.99 82.32
C UNK AA 8 -14.26 -17.36 80.86
N UNK AA 9 -15.11 -16.58 80.22
CA UNK AA 9 -15.46 -16.77 78.80
C UNK AA 9 -14.20 -16.68 77.94
N UNK AA 10 -13.41 -15.66 78.23
CA UNK AA 10 -12.15 -15.41 77.53
C UNK AA 10 -11.22 -16.61 77.64
N UNK AA 11 -11.12 -17.10 78.88
CA UNK AA 11 -10.29 -18.26 79.21
C UNK AA 11 -10.71 -19.47 78.39
N UNK AA 12 -12.02 -19.67 78.36
CA UNK AA 12 -12.65 -20.78 77.62
C UNK AA 12 -12.26 -20.70 76.14
N UNK AA 13 -12.40 -19.50 75.61
CA UNK AA 13 -12.09 -19.20 74.20
C UNK AA 13 -10.63 -19.57 73.90
N UNK AA 14 -9.77 -19.14 74.80
CA UNK AA 14 -8.32 -19.39 74.71
C UNK AA 14 -8.05 -20.88 74.64
N UNK AA 15 -8.71 -21.59 75.54
CA UNK AA 15 -8.59 -23.05 75.66
C UNK AA 15 -8.98 -23.72 74.33
N UNK AA 16 -10.10 -23.25 73.82
CA UNK AA 16 -10.66 -23.75 72.55
C UNK AA 16 -9.64 -23.57 71.42
N UNK AA 17 -9.08 -22.38 71.39
CA UNK AA 17 -8.08 -21.99 70.39
C UNK AA 17 -6.88 -22.95 70.46
N UNK AA 18 -6.43 -23.18 71.68
CA UNK AA 18 -5.29 -24.06 71.97
C UNK AA 18 -5.57 -25.46 71.42
N UNK AA 19 -6.77 -25.93 71.72
CA UNK AA 19 -7.24 -27.25 71.30
C UNK AA 19 -7.19 -27.37 69.77
N UNK AA 20 -7.70 -26.32 69.13
CA UNK AA 20 -7.74 -26.23 67.67
C UNK AA 20 -6.32 -26.35 67.10
N UNK AA 21 -5.43 -25.59 67.71
CA UNK AA 21 -4.02 -25.55 67.32
C UNK AA 21 -3.42 -26.95 67.39
N UNK AA 22 -3.70 -27.60 68.50
CA UNK AA 22 -3.22 -28.97 68.79
C UNK AA 22 -3.68 -29.91 67.68
N UNK AA 23 -4.95 -29.81 67.31
CA UNK AA 23 -5.51 -30.67 66.28
C UNK AA 23 -4.78 -30.47 64.95
N UNK AA 24 -4.48 -29.22 64.63
CA UNK AA 24 -3.79 -28.90 63.38
C UNK AA 24 -2.39 -29.53 63.36
N UNK AA 25 -1.70 -29.46 64.50
CA UNK AA 25 -0.35 -30.00 64.62
C UNK AA 25 -0.35 -31.52 64.43
N UNK AA 26 -1.35 -32.20 64.99
CA UNK AA 26 -1.42 -33.64 64.85
C UNK AA 26 -1.60 -34.00 63.38
N UNK AA 27 -2.43 -33.24 62.69
CA UNK AA 27 -2.68 -33.46 61.26
C UNK AA 27 -1.43 -33.23 60.42
N UNK AA 28 -0.66 -32.20 60.77
CA UNK AA 28 0.55 -31.87 60.04
C UNK AA 28 1.60 -32.97 60.09
N UNK AA 29 1.84 -33.48 61.30
CA UNK AA 29 2.79 -34.57 61.53
C UNK AA 29 2.35 -35.90 60.91
N UNK AA 30 1.06 -36.20 61.05
CA UNK AA 30 0.50 -37.47 60.54
C UNK AA 30 0.61 -37.60 59.03
N UNK AA 31 0.31 -36.52 58.31
CA UNK AA 31 0.39 -36.52 56.86
C UNK AA 31 1.82 -36.77 56.44
N UNK AA 32 2.76 -36.18 57.19
CA UNK AA 32 4.18 -36.33 56.91
C UNK AA 32 4.63 -37.78 57.05
N UNK AA 33 4.09 -38.47 58.07
CA UNK AA 33 4.43 -39.87 58.28
C UNK AA 33 3.96 -40.72 57.10
N UNK AA 34 2.76 -40.43 56.60
CA UNK AA 34 2.19 -41.16 55.48
C UNK AA 34 3.02 -40.98 54.21
N UNK AA 35 3.48 -39.77 53.98
CA UNK AA 35 4.29 -39.46 52.80
C UNK AA 35 5.62 -40.20 52.85
N UNK AA 36 8.67 -69.94 36.98
CA UNK AA 36 7.55 -70.87 37.10
C UNK AA 36 6.27 -70.14 37.45
N UNK AA 37 5.67 -69.48 36.45
CA UNK AA 37 4.44 -68.74 36.64
C UNK AA 37 3.22 -69.60 36.31
N UNK AA 38 3.50 -70.84 35.93
CA UNK AA 38 2.54 -71.86 35.50
C UNK AA 38 1.14 -71.82 36.09
N UNK AA 39 0.34 -70.86 35.64
CA UNK AA 39 -1.04 -70.73 36.10
C UNK AA 39 -2.05 -71.04 34.99
N UNK AA 40 -1.58 -71.62 33.89
CA UNK AA 40 -2.48 -71.88 32.76
C UNK AA 40 -3.23 -73.21 32.76
N UNK AA 41 -4.52 -73.08 33.01
CA UNK AA 41 -5.49 -74.15 33.05
C UNK AA 41 -5.63 -74.77 31.67
N UNK AA 42 -5.51 -73.88 30.67
CA UNK AA 42 -5.63 -74.07 29.20
C UNK AA 42 -7.08 -74.07 28.72
N UNK AA 43 -7.31 -74.39 27.45
CA UNK AA 43 -8.66 -74.33 26.92
C UNK AA 43 -9.65 -75.28 27.60
N UNK AA 44 -10.77 -74.67 28.02
CA UNK AA 44 -11.95 -75.29 28.64
C UNK AA 44 -11.80 -75.75 30.10
N UNK AA 45 -10.62 -75.56 30.69
CA UNK AA 45 -10.42 -75.96 32.08
C UNK AA 45 -11.24 -75.14 33.07
N UNK AA 46 -11.27 -73.82 32.88
CA UNK AA 46 -12.10 -72.98 33.76
C UNK AA 46 -13.53 -73.53 33.82
N UNK AA 47 -14.08 -73.84 32.64
CA UNK AA 47 -15.44 -74.35 32.58
C UNK AA 47 -15.56 -75.68 33.31
N UNK AA 48 -14.56 -76.54 33.14
CA UNK AA 48 -14.56 -77.83 33.80
C UNK AA 48 -14.50 -77.65 35.31
N UNK AA 49 -13.67 -76.71 35.77
CA UNK AA 49 -13.53 -76.44 37.18
C UNK AA 49 -14.82 -75.91 37.79
N UNK AA 50 -15.47 -74.99 37.07
CA UNK AA 50 -16.72 -74.40 37.54
C UNK AA 50 -17.79 -75.49 37.64
N UNK AA 51 -17.84 -76.36 36.64
CA UNK AA 51 -18.82 -77.44 36.61
C UNK AA 51 -18.63 -78.39 37.80
N UNK AA 52 -17.38 -78.78 38.03
CA UNK AA 52 -17.05 -79.69 39.12
C UNK AA 52 -17.39 -79.07 40.47
N UNK AA 53 -17.10 -77.78 40.61
CA UNK AA 53 -17.38 -77.06 41.86
C UNK AA 53 -18.84 -77.22 42.27
N UNK BA 1 -76.24 13.92 54.47
CA UNK BA 1 -76.28 13.41 53.10
C UNK BA 1 -74.88 13.08 52.59
N UNK BA 2 -73.95 14.01 52.81
CA UNK BA 2 -72.57 13.81 52.37
C UNK BA 2 -71.98 12.55 52.98
N UNK BA 3 -72.16 12.38 54.28
CA UNK BA 3 -71.64 11.21 54.99
C UNK BA 3 -72.17 9.92 54.38
N UNK BA 4 -73.48 9.87 54.14
CA UNK BA 4 -74.12 8.69 53.56
C UNK BA 4 -73.50 8.35 52.21
N UNK BA 5 -73.33 9.35 51.36
CA UNK BA 5 -72.76 9.14 50.02
C UNK BA 5 -71.36 8.53 50.15
N UNK BA 6 -70.59 9.13 51.05
CA UNK BA 6 -69.21 8.70 51.32
C UNK BA 6 -69.20 7.23 51.76
N UNK BA 7 -70.10 6.93 52.67
CA UNK BA 7 -70.26 5.58 53.23
C UNK BA 7 -70.55 4.58 52.10
N UNK BA 8 -71.47 4.99 51.24
CA UNK BA 8 -71.89 4.18 50.10
C UNK BA 8 -70.68 3.87 49.20
N UNK BA 9 -69.93 4.92 48.94
CA UNK BA 9 -68.72 4.84 48.11
C UNK BA 9 -67.73 3.83 48.70
N UNK BA 10 -67.54 3.95 50.00
CA UNK BA 10 -66.64 3.09 50.76
C UNK BA 10 -67.07 1.61 50.60
N UNK BA 11 -68.36 1.42 50.76
CA UNK BA 11 -68.99 0.09 50.65
C UNK BA 11 -68.70 -0.52 49.27
N UNK BA 12 -68.90 0.32 48.27
CA UNK BA 12 -68.69 -0.05 46.87
C UNK BA 12 -67.24 -0.50 46.65
N UNK BA 13 -66.35 0.31 47.20
CA UNK BA 13 -64.91 0.06 47.12
C UNK BA 13 -64.57 -1.31 47.72
N UNK BA 14 -65.14 -1.53 48.89
CA UNK BA 14 -64.95 -2.78 49.64
C UNK BA 14 -65.39 -3.98 48.79
N UNK BA 15 -66.57 -3.81 48.20
CA UNK BA 15 -67.18 -4.84 47.34
C UNK BA 15 -66.24 -5.17 46.18
N UNK BA 16 -65.73 -4.12 45.57
CA UNK BA 16 -64.80 -4.22 44.44
C UNK BA 16 -63.56 -5.03 44.84
N UNK BA 17 -63.04 -4.67 46.00
CA UNK BA 17 -61.85 -5.32 46.57
C UNK BA 17 -62.10 -6.82 46.74
N UNK BA 18 -63.26 -7.11 47.31
CA UNK BA 18 -63.70 -8.49 47.55
C UNK BA 18 -63.73 -9.28 46.25
N UNK BA 19 -64.32 -8.64 45.25
CA UNK BA 19 -64.46 -9.23 43.91
C UNK BA 19 -63.07 -9.57 43.34
N UNK BA 20 -62.18 -8.61 43.48
CA UNK BA 20 -60.79 -8.74 43.02
C UNK BA 20 -60.12 -9.95 43.68
N UNK BA 21 -60.32 -10.03 44.97
CA UNK BA 21 -59.76 -11.11 45.80
C UNK BA 21 -60.25 -12.47 45.29
N UNK BA 22 -61.54 -12.50 45.05
CA UNK BA 22 -62.22 -13.71 44.55
C UNK BA 22 -61.61 -14.15 43.22
N UNK BA 23 -61.43 -13.17 42.36
CA UNK BA 23 -60.85 -13.38 41.03
C UNK BA 23 -59.45 -13.98 41.15
N UNK BA 24 -58.65 -13.43 42.05
CA UNK BA 24 -57.30 -13.91 42.27
C UNK BA 24 -57.29 -15.36 42.74
N UNK BA 25 -58.24 -15.68 43.62
CA UNK BA 25 -58.34 -17.04 44.15
C UNK BA 25 -58.65 -18.03 43.03
N UNK BA 26 -59.50 -17.62 42.10
CA UNK BA 26 -59.88 -18.47 40.97
C UNK BA 26 -58.69 -18.73 40.07
N UNK BA 27 -57.90 -17.69 39.82
CA UNK BA 27 -56.71 -17.80 38.98
C UNK BA 27 -55.65 -18.71 39.61
N UNK BA 28 -55.46 -18.60 40.93
CA UNK BA 28 -54.48 -19.41 41.64
C UNK BA 28 -54.83 -20.89 41.58
N UNK BA 29 -56.11 -21.19 41.73
CA UNK BA 29 -56.60 -22.56 41.67
C UNK BA 29 -56.36 -23.18 40.29
N UNK BA 30 -57.12 -22.73 39.30
CA UNK BA 30 -57.00 -23.35 38.00
C UNK BA 30 -55.53 -23.40 37.60
N UNK BA 31 -54.76 -22.40 37.98
CA UNK BA 31 -53.33 -22.43 37.67
C UNK BA 31 -52.64 -23.64 38.32
N UNK BA 32 -52.98 -23.92 39.58
CA UNK BA 32 -52.41 -25.03 40.31
C UNK BA 32 -52.77 -26.36 39.65
N UNK BA 33 -54.01 -26.45 39.16
CA UNK BA 33 -54.49 -27.65 38.51
C UNK BA 33 -53.70 -27.96 37.24
N UNK BA 34 -53.35 -26.93 36.50
CA UNK BA 34 -52.58 -27.10 35.26
C UNK BA 34 -51.22 -27.73 35.56
N UNK BA 35 -50.59 -27.29 36.64
CA UNK BA 35 -49.29 -27.81 37.04
C UNK BA 35 -49.38 -29.30 37.38
N UNK BA 36 -50.20 -47.87 32.45
CA UNK BA 36 -49.72 -49.23 32.66
C UNK BA 36 -50.61 -50.24 31.94
N UNK BA 37 -49.98 -51.15 31.21
CA UNK BA 37 -50.72 -52.17 30.46
C UNK BA 37 -50.37 -53.57 30.96
N UNK BA 38 -51.39 -54.37 31.24
CA UNK BA 38 -51.20 -55.73 31.72
C UNK BA 38 -50.71 -56.65 30.61
N UNK BA 39 -51.46 -56.70 29.51
CA UNK BA 39 -51.11 -57.53 28.38
C UNK BA 39 -51.24 -56.74 27.08
N UNK BA 40 -50.49 -57.13 26.06
CA UNK BA 40 -50.65 -56.53 24.74
C UNK BA 40 -51.09 -57.70 23.85
N UNK BA 41 -52.28 -57.55 23.26
CA UNK BA 41 -52.90 -58.48 22.30
C UNK BA 41 -53.40 -57.67 21.08
N UNK BA 42 -53.52 -58.30 19.90
CA UNK BA 42 -53.96 -57.57 18.68
C UNK BA 42 -55.35 -57.85 18.06
N UNK BA 43 -55.48 -58.94 17.30
CA UNK BA 43 -56.75 -59.34 16.65
C UNK BA 43 -57.49 -58.35 15.71
N UNK BA 44 -56.80 -57.87 14.67
CA UNK BA 44 -57.43 -56.90 13.78
C UNK BA 44 -58.73 -57.52 13.33
N UNK BA 45 -59.79 -56.73 13.36
CA UNK BA 45 -61.12 -57.24 13.02
C UNK BA 45 -61.45 -57.71 11.58
N UNK BA 46 -60.96 -56.98 10.59
CA UNK BA 46 -61.28 -57.25 9.18
C UNK BA 46 -60.01 -57.43 8.33
N UNK BA 47 -60.01 -58.48 7.51
CA UNK BA 47 -58.85 -58.76 6.67
C UNK BA 47 -58.99 -58.24 5.24
N UNK BA 48 -59.07 -59.16 4.29
CA UNK BA 48 -59.16 -58.79 2.87
C UNK BA 48 -60.50 -59.05 2.20
N UNK BA 49 -60.79 -58.18 1.21
CA UNK BA 49 -61.94 -58.13 0.31
C UNK BA 49 -63.08 -57.78 1.22
N UNK BA 50 -62.81 -56.92 2.18
CA UNK BA 50 -63.84 -56.54 3.16
C UNK BA 50 -64.61 -55.26 2.81
N UNK BA 51 -63.89 -54.25 2.35
CA UNK BA 51 -64.49 -52.97 1.99
C UNK BA 51 -65.70 -53.12 1.08
N UNK BA 52 -65.54 -53.92 0.04
CA UNK BA 52 -66.60 -54.16 -0.93
C UNK BA 52 -67.75 -54.92 -0.29
N UNK BA 53 -67.43 -55.91 0.53
CA UNK BA 53 -68.45 -56.69 1.20
C UNK BA 53 -69.26 -55.81 2.15
N UNK BA 54 -68.55 -54.94 2.87
CA UNK BA 54 -69.20 -54.03 3.81
C UNK BA 54 -70.13 -53.05 3.11
N UNK BA 55 -69.66 -52.51 1.98
CA UNK BA 55 -70.46 -51.56 1.21
C UNK BA 55 -71.71 -52.25 0.68
N UNK BA 56 -71.56 -53.48 0.20
CA UNK BA 56 -72.67 -54.24 -0.34
C UNK BA 56 -73.72 -54.52 0.73
N UNK BA 57 -73.27 -54.96 1.90
CA UNK BA 57 -74.16 -55.25 3.01
C UNK BA 57 -74.91 -54.01 3.47
N UNK BA 58 -74.20 -52.89 3.52
CA UNK BA 58 -74.79 -51.62 3.94
C UNK BA 58 -76.03 -51.29 3.12
PG AGS CA . 26.09 -23.28 -39.76
S1G AGS CA . 24.53 -22.22 -39.30
O2G AGS CA . 26.26 -24.44 -38.75
O3G AGS CA . 25.93 -23.89 -41.18
PB AGS CA . 28.60 -23.21 -40.42
O1B AGS CA . 29.92 -22.80 -39.67
O2B AGS CA . 28.34 -24.64 -40.37
O3B AGS CA . 27.41 -22.44 -39.76
PA AGS CA . 29.35 -21.40 -42.16
O1A AGS CA . 28.96 -20.59 -40.92
O2A AGS CA . 30.77 -21.60 -42.50
O3A AGS CA . 28.70 -22.77 -41.92
O5' AGS CA . 28.65 -20.85 -43.44
C5' AGS CA . 29.19 -21.26 -44.70
C4' AGS CA . 29.81 -20.07 -45.36
O4' AGS CA . 30.79 -19.47 -44.49
C3' AGS CA . 30.52 -20.38 -46.67
O3' AGS CA . 30.21 -19.41 -47.66
C2' AGS CA . 32.00 -20.33 -46.28
O2' AGS CA . 32.82 -19.94 -47.39
C1' AGS CA . 31.98 -19.25 -45.21
N9 AGS CA . 33.10 -19.30 -44.28
C8 AGS CA . 33.02 -19.53 -42.93
N7 AGS CA . 34.18 -19.50 -42.32
C5 AGS CA . 35.09 -19.25 -43.34
C6 AGS CA . 36.49 -19.11 -43.35
N6 AGS CA . 37.26 -19.21 -42.26
N1 AGS CA . 37.09 -18.85 -44.53
C2 AGS CA . 36.32 -18.75 -45.63
N3 AGS CA . 35.00 -18.87 -45.73
C4 AGS CA . 34.44 -19.11 -44.55
PG AGS DA . -0.20 -14.17 -50.16
S1G AGS DA . -1.17 -13.74 -48.54
O2G AGS DA . 1.15 -14.85 -49.81
O3G AGS DA . -1.01 -15.14 -51.05
PB AGS DA . 0.61 -13.26 -52.46
O1B AGS DA . 1.65 -12.17 -52.90
O2B AGS DA . 1.18 -14.61 -52.45
O3B AGS DA . 0.11 -12.90 -51.02
PA AGS DA . -1.07 -11.85 -53.87
O1A AGS DA . -0.76 -10.98 -52.65
O2A AGS DA . -0.48 -11.55 -55.18
O3A AGS DA . -0.61 -13.25 -53.43
O5' AGS DA . -2.60 -12.01 -54.10
C5' AGS DA . -3.03 -12.48 -55.37
C4' AGS DA . -3.74 -11.37 -56.09
O4' AGS DA . -2.88 -10.21 -56.17
C3' AGS DA . -4.15 -11.70 -57.51
O3' AGS DA . -5.48 -11.25 -57.77
C2' AGS DA . -3.13 -10.96 -58.36
O2' AGS DA . -3.67 -10.59 -59.63
C1' AGS DA . -2.88 -9.74 -57.50
N9 AGS DA . -1.60 -9.07 -57.75
C8 AGS DA . -0.58 -8.93 -56.84
N7 AGS DA . 0.46 -8.29 -57.32
C5 AGS DA . 0.08 -7.97 -58.62
C6 AGS DA . 0.75 -7.28 -59.65
N6 AGS DA . 1.97 -6.76 -59.53
N1 AGS DA . 0.10 -7.13 -60.82
C2 AGS DA . -1.13 -7.65 -60.94
N3 AGS DA . -1.86 -8.31 -60.04
C4 AGS DA . -1.18 -8.44 -58.90
PG AGS EA . -26.25 15.01 -19.45
S1G AGS EA . -25.15 15.87 -17.91
O2G AGS EA . -25.62 13.57 -19.81
O3G AGS EA . -26.21 15.89 -20.64
PB AGS EA . -28.85 16.02 -19.12
O1B AGS EA . -29.65 16.10 -17.85
O2B AGS EA . -28.11 17.24 -19.63
O3B AGS EA . -27.78 14.82 -18.96
PA AGS EA . -29.22 14.58 -21.50
O1A AGS EA . -28.44 15.48 -22.42
O2A AGS EA . -28.57 13.36 -20.90
O3A AGS EA . -29.80 15.48 -20.30
O5' AGS EA . -30.56 14.12 -22.26
C5' AGS EA . -31.47 15.09 -22.77
C4' AGS EA . -32.89 14.71 -22.34
O4' AGS EA . -33.68 15.90 -22.18
C3' AGS EA . -33.57 13.83 -23.38
O3' AGS EA . -33.90 12.57 -22.81
C2' AGS EA . -34.81 14.61 -23.84
O2' AGS EA . -36.03 13.91 -23.58
C1' AGS EA . -34.79 15.93 -23.08
N9 AGS EA . -34.66 17.05 -24.03
C8 AGS EA . -34.16 18.28 -23.73
N7 AGS EA . -34.17 19.08 -24.83
C5 AGS EA . -34.67 18.37 -25.85
C6 AGS EA . -34.95 18.61 -27.29
N6 AGS EA . -34.68 19.81 -27.85
N1 AGS EA . -35.47 17.59 -28.01
C2 AGS EA . -35.73 16.40 -27.46
N3 AGS EA . -35.50 16.11 -26.16
C4 AGS EA . -34.99 17.03 -25.32
PG AGS FA . 1.11 19.23 -31.52
S1G AGS FA . 0.89 19.69 -29.64
O2G AGS FA . 1.17 17.70 -31.71
O3G AGS FA . 2.40 19.90 -32.07
PB AGS FA . 0.09 21.27 -32.83
O1B AGS FA . 1.13 21.97 -32.03
O2B AGS FA . -1.32 21.83 -32.78
O3B AGS FA . -0.07 19.80 -32.31
PA AGS FA . 1.28 20.23 -35.11
O1A AGS FA . 2.75 20.62 -34.94
O2A AGS FA . 0.92 18.86 -34.76
O3A AGS FA . 0.45 21.33 -34.36
O5' AGS FA . 0.78 20.45 -36.57
C5' AGS FA . 0.60 21.80 -36.97
C4' AGS FA . -0.78 22.04 -37.48
O4' AGS FA . -0.88 23.41 -37.94
C3' AGS FA . -1.20 21.22 -38.70
O3' AGS FA . -2.62 21.10 -38.76
C2' AGS FA . -0.64 22.03 -39.85
O2' AGS FA . -1.46 21.96 -41.01
C1' AGS FA . -0.55 23.45 -39.31
N9 AGS FA . 0.73 24.14 -39.44
C8 AGS FA . 1.37 24.77 -38.42
N7 AGS FA . 2.51 25.32 -38.74
C5 AGS FA . 2.62 25.06 -40.09
C6 AGS FA . 3.61 25.38 -41.04
N6 AGS FA . 4.71 26.07 -40.75
N1 AGS FA . 3.42 24.96 -42.31
C2 AGS FA . 2.31 24.28 -42.60
N3 AGS FA . 1.32 23.91 -41.80
C4 AGS FA . 1.55 24.29 -40.54
PG AGS GA . 29.48 -40.99 -14.65
S1G AGS GA . 28.72 -39.31 -15.20
O2G AGS GA . 28.38 -41.92 -14.08
O3G AGS GA . 30.13 -41.71 -15.87
PB AGS GA . 31.42 -42.13 -13.35
O1B AGS GA . 31.82 -42.20 -11.84
O2B AGS GA . 30.63 -43.28 -13.79
O3B AGS GA . 30.58 -40.82 -13.57
PA AGS GA . 33.83 -41.16 -13.66
O1A AGS GA . 33.06 -40.05 -12.92
O2A AGS GA . 34.79 -42.01 -12.95
O3A AGS GA . 32.71 -42.05 -14.23
O5' AGS GA . 34.56 -40.60 -14.92
C5' AGS GA . 35.57 -41.41 -15.49
C4' AGS GA . 36.91 -40.74 -15.27
O4' AGS GA . 37.11 -40.48 -13.87
C3' AGS GA . 38.10 -41.56 -15.75
O3' AGS GA . 39.03 -40.73 -16.45
C2' AGS GA . 38.70 -42.08 -14.45
O2' AGS GA . 40.11 -42.28 -14.56
C1' AGS GA . 38.39 -40.93 -13.50
N9 AGS GA . 38.35 -41.29 -12.08
C8 AGS GA . 37.27 -41.22 -11.25
N7 AGS GA . 37.51 -41.59 -10.02
C5 AGS GA . 38.85 -41.94 -10.04
C6 AGS GA . 39.73 -42.41 -9.05
N6 AGS GA . 39.36 -42.65 -7.79
N1 AGS GA . 41.00 -42.66 -9.40
C2 AGS GA . 41.38 -42.43 -10.66
N3 AGS GA . 40.66 -41.97 -11.68
C4 AGS GA . 39.39 -41.75 -11.31
PG AGS HA . 27.17 8.85 -17.74
S1G AGS HA . 25.92 9.68 -16.52
O2G AGS HA . 26.71 7.43 -18.16
O3G AGS HA . 28.58 8.78 -17.10
PB AGS HA . 28.37 10.87 -18.96
O1B AGS HA . 28.70 11.18 -17.53
O2B AGS HA . 27.76 11.98 -19.79
O3B AGS HA . 27.29 9.73 -19.01
PA AGS HA . 30.22 9.04 -19.91
O1A AGS HA . 31.10 8.77 -18.69
O2A AGS HA . 29.18 8.03 -20.19
O3A AGS HA . 29.67 10.49 -19.74
O5' AGS HA . 31.05 9.19 -21.22
C5' AGS HA . 31.80 10.37 -21.34
C4' AGS HA . 31.46 11.10 -22.62
O4' AGS HA . 32.31 12.27 -22.71
C3' AGS HA . 31.73 10.34 -23.90
O3' AGS HA . 30.90 10.84 -24.96
C2' AGS HA . 33.21 10.61 -24.14
O2' AGS HA . 33.52 10.71 -25.53
C1' AGS HA . 33.48 11.93 -23.43
N9 AGS HA . 34.59 11.96 -22.49
C8 AGS HA . 34.50 12.43 -21.20
N7 AGS HA . 35.61 12.37 -20.53
C5 AGS HA . 36.51 11.85 -21.43
C6 AGS HA . 37.89 11.54 -21.33
N6 AGS HA . 38.60 11.73 -20.22
N1 AGS HA . 38.49 11.02 -22.42
C2 AGS HA . 37.78 10.86 -23.53
N3 AGS HA . 36.49 11.10 -23.75
C4 AGS HA . 35.90 11.56 -22.63
PG AGS IA . 5.59 -53.05 3.49
S1G AGS IA . 6.34 -51.34 2.94
O2G AGS IA . 4.19 -53.25 2.86
O3G AGS IA . 6.51 -54.21 3.03
PB AGS IA . 5.16 -54.63 5.51
O1B AGS IA . 4.22 -54.55 6.77
O2B AGS IA . 4.57 -55.37 4.40
O3B AGS IA . 5.45 -53.15 5.04
PA AGS IA . 7.08 -54.91 7.28
O1A AGS IA . 6.61 -53.45 7.44
O2A AGS IA . 6.69 -55.93 8.25
O3A AGS IA . 6.51 -55.30 5.89
O5' AGS IA . 8.61 -54.99 7.11
C5' AGS IA . 9.22 -56.27 7.30
C4' AGS IA . 10.05 -56.22 8.55
O4' AGS IA . 9.24 -55.80 9.67
C3' AGS IA . 10.67 -57.56 8.95
O3' AGS IA . 12.02 -57.39 9.34
C2' AGS IA . 9.79 -58.02 10.12
O2' AGS IA . 10.53 -58.83 11.02
C1' AGS IA . 9.44 -56.68 10.75
N9 AGS IA . 8.23 -56.70 11.56
C8 AGS IA . 7.09 -55.98 11.32
N7 AGS IA . 6.14 -56.17 12.22
C5 AGS IA . 6.71 -57.06 13.12
C6 AGS IA . 6.23 -57.66 14.30
N6 AGS IA . 5.01 -57.45 14.80
N1 AGS IA . 7.06 -58.51 14.95
C2 AGS IA . 8.27 -58.74 14.45
N3 AGS IA . 8.83 -58.23 13.36
C4 AGS IA . 8.00 -57.40 12.73
PG AGS JA . 28.36 -9.10 10.57
S1G AGS JA . 27.15 -7.57 10.64
O2G AGS JA . 27.79 -10.22 9.67
O3G AGS JA . 28.60 -9.64 12.01
PB AGS JA . 30.75 -8.11 11.10
O1B AGS JA . 30.01 -7.69 12.33
O2B AGS JA . 31.52 -7.04 10.36
O3B AGS JA . 29.72 -8.64 10.04
PA AGS JA . 31.62 -10.72 11.43
O1A AGS JA . 31.07 -11.09 12.81
O2A AGS JA . 30.85 -11.21 10.28
O3A AGS JA . 31.84 -9.17 11.46
O5' AGS JA . 33.07 -11.22 11.22
C5' AGS JA . 34.07 -10.54 11.95
C4' AGS JA . 35.14 -10.01 11.03
O4' AGS JA . 36.16 -9.39 11.83
C3' AGS JA . 35.89 -11.06 10.23
O3' AGS JA . 36.46 -10.49 9.04
C2' AGS JA . 36.96 -11.53 11.20
O2' AGS JA . 38.19 -11.86 10.55
C1' AGS JA . 37.15 -10.34 12.16
N9 AGS JA . 37.06 -10.63 13.59
C8 AGS JA . 36.28 -9.91 14.45
N7 AGS JA . 36.34 -10.31 15.69
C5 AGS JA . 37.24 -11.35 15.65
C6 AGS JA . 37.76 -12.21 16.65
N6 AGS JA . 37.40 -12.13 17.93
N1 AGS JA . 38.65 -13.16 16.27
C2 AGS JA . 39.02 -13.21 14.99
N3 AGS JA . 38.60 -12.47 13.96
C4 AGS JA . 37.68 -11.58 14.35
PG AGS KA . -25.49 -50.45 -1.38
S1G AGS KA . -23.88 -49.39 -1.18
O2G AGS KA . -25.76 -50.71 -2.88
O3G AGS KA . -25.34 -51.82 -0.64
PB AGS KA . -27.97 -50.54 -0.44
O1B AGS KA . -28.98 -49.51 0.07
O2B AGS KA . -28.39 -51.36 -1.59
O3B AGS KA . -26.69 -49.70 -0.79
PA AGS KA . -28.34 -50.98 2.10
O1A AGS KA . -27.99 -49.50 2.22
O2A AGS KA . -29.78 -51.28 2.12
O3A AGS KA . -27.70 -51.47 0.77
O5' AGS KA . -27.63 -51.88 3.16
C5' AGS KA . -28.01 -53.25 3.30
C4' AGS KA . -28.51 -53.39 4.70
O4' AGS KA . -29.35 -52.26 5.02
C3' AGS KA . -29.35 -54.65 4.97
O3' AGS KA . -28.89 -55.32 6.13
C2' AGS KA . -30.77 -54.11 5.16
O2' AGS KA . -31.47 -54.87 6.13
C1' AGS KA . -30.51 -52.70 5.68
N9 AGS KA . -31.58 -51.75 5.39
C8 AGS KA . -31.47 -50.62 4.61
N7 AGS KA . -32.59 -49.93 4.52
C5 AGS KA . -33.49 -50.66 5.29
C6 AGS KA . -34.84 -50.46 5.60
N6 AGS KA . -35.57 -49.43 5.15
N1 AGS KA . -35.44 -51.36 6.39
C2 AGS KA . -34.73 -52.41 6.84
N3 AGS KA . -33.44 -52.70 6.62
C4 AGS KA . -32.88 -51.77 5.83
PG AGS LA . 4.65 -20.98 26.26
S1G AGS LA . 4.66 -19.18 25.53
O2G AGS LA . 4.62 -22.05 25.13
O3G AGS LA . 3.41 -21.15 27.19
PB AGS LA . 5.73 -21.00 28.67
O1B AGS LA . 4.86 -19.84 28.95
O2B AGS LA . 7.15 -20.83 29.20
O3B AGS LA . 5.91 -21.19 27.13
PA AGS LA . 5.17 -23.77 28.92
O1A AGS LA . 3.78 -24.25 29.31
O2A AGS LA . 5.51 -23.94 27.50
O3A AGS LA . 5.22 -22.28 29.44
O5' AGS LA . 6.29 -24.46 29.77
C5' AGS LA . 6.41 -24.08 31.14
C4' AGS LA . 7.83 -24.37 31.57
O4' AGS LA . 8.01 -23.92 32.92
C3' AGS LA . 8.24 -25.83 31.55
O3' AGS LA . 9.61 -25.98 31.18
C2' AGS LA . 7.99 -26.30 32.99
O2' AGS LA . 9.06 -27.11 33.47
C1' AGS LA . 7.92 -25.01 33.81
N9 AGS LA . 6.70 -24.85 34.60
C8 AGS LA . 5.83 -23.79 34.52
N7 AGS LA . 4.81 -23.87 35.34
C5 AGS LA . 5.02 -25.06 36.00
C6 AGS LA . 4.30 -25.71 37.02
N6 AGS LA . 3.17 -25.24 37.54
N1 AGS LA . 4.79 -26.89 37.49
C2 AGS LA . 5.93 -27.35 36.97
N3 AGS LA . 6.70 -26.82 36.01
C4 AGS LA . 6.19 -25.66 35.58
PG AGS MA . -38.28 -35.78 -27.71
S1G AGS MA . -38.02 -36.35 -25.87
O2G AGS MA . -37.10 -36.32 -28.59
O3G AGS MA . -39.64 -36.34 -28.26
PB AGS MA . -39.22 -33.59 -28.94
O1B AGS MA . -39.08 -32.06 -28.87
O2B AGS MA . -38.87 -34.14 -30.28
O3B AGS MA . -38.32 -34.22 -27.82
PA AGS MA . -41.31 -32.77 -27.63
O1A AGS MA . -40.10 -32.25 -26.87
O2A AGS MA . -42.03 -31.84 -28.52
O3A AGS MA . -40.71 -33.89 -28.54
O5' AGS MA . -42.30 -33.42 -26.58
C5' AGS MA . -43.47 -34.11 -26.97
C4' AGS MA . -44.69 -33.27 -26.66
O4' AGS MA . -44.39 -31.86 -26.78
C3' AGS MA . -45.89 -33.56 -27.56
O3' AGS MA . -47.05 -33.87 -26.78
C2' AGS MA . -46.07 -32.27 -28.35
O2' AGS MA . -47.45 -32.04 -28.60
C1' AGS MA . -45.49 -31.23 -27.40
N9 AGS MA . -45.01 -29.98 -28.02
C8 AGS MA . -43.78 -29.41 -27.84
N7 AGS MA . -43.60 -28.30 -28.50
C5 AGS MA . -44.81 -28.10 -29.14
C6 AGS MA . -45.27 -27.08 -29.99
N6 AGS MA . -44.54 -26.02 -30.36
N1 AGS MA . -46.54 -27.17 -30.47
C2 AGS MA . -47.28 -28.22 -30.10
N3 AGS MA . -46.95 -29.24 -29.30
C4 AGS MA . -45.70 -29.12 -28.85
PG AGS NA . -24.69 -17.68 17.78
S1G AGS NA . -23.25 -16.39 17.60
O2G AGS NA . -24.49 -18.87 16.79
O3G AGS NA . -26.06 -17.01 17.44
PB AGS NA . -25.88 -17.49 20.12
O1B AGS NA . -25.54 -16.06 20.25
O2B AGS NA . -25.98 -18.28 21.43
O3B AGS NA . -24.78 -18.19 19.24
PA AGS NA . -27.93 -19.06 19.29
O1A AGS NA . -29.26 -18.77 18.61
O2A AGS NA . -27.04 -19.98 18.57
O3A AGS NA . -27.27 -17.65 19.41
O5' AGS NA . -28.07 -19.57 20.80
C5' AGS NA . -29.35 -19.92 21.37
C4' AGS NA . -29.15 -20.27 22.84
O4' AGS NA . -29.40 -19.13 23.66
C3' AGS NA . -30.07 -21.35 23.38
O3' AGS NA . -29.46 -22.05 24.45
C2' AGS NA . -31.30 -20.56 23.85
O2' AGS NA . -31.84 -21.06 25.07
C1' AGS NA . -30.75 -19.15 24.11
N9 AGS NA . -31.45 -18.09 23.42
C8 AGS NA . -30.85 -17.15 22.64
N7 AGS NA . -31.67 -16.27 22.10
C5 AGS NA . -32.91 -16.65 22.60
C6 AGS NA . -34.21 -16.12 22.42
N6 AGS NA . -34.47 -15.06 21.67
N1 AGS NA . -35.23 -16.74 23.05
C2 AGS NA . -34.96 -17.81 23.81
N3 AGS NA . -33.79 -18.38 24.06
C4 AGS NA . -32.79 -17.76 23.41
#